data_8ESW
#
_entry.id   8ESW
#
_cell.length_a   1.00
_cell.length_b   1.00
_cell.length_c   1.00
_cell.angle_alpha   90.00
_cell.angle_beta   90.00
_cell.angle_gamma   90.00
#
_symmetry.space_group_name_H-M   'P 1'
#
loop_
_entity.id
_entity.type
_entity.pdbx_description
1 polymer 'NADH dehydrogenase [ubiquinone] 1 alpha subcomplex subunit 12'
2 polymer 'NADH dehydrogenase [ubiquinone] iron-sulfur protein 6, mitochondrial'
3 polymer 'NADH-ubiquinone oxidoreductase 75 kDa subunit, mitochondrial'
4 polymer 'NADH dehydrogenase [ubiquinone] iron-sulfur protein 3, mitochondrial'
5 polymer 'NADH dehydrogenase (Ubiquinone) 24 kDa subunit, isoform A'
6 polymer LD31474p
7 polymer 'NADH dehydrogenase (ubiquinone) 23 kDa subunit'
8 polymer 'NADH-ubiquinone oxidoreductase chain 3'
9 polymer 'NADH-ubiquinone oxidoreductase chain 1'
10 polymer 'NADH-ubiquinone oxidoreductase chain 4'
11 polymer 'NADH-ubiquinone oxidoreductase chain 5'
12 polymer 'NADH dehydrogenase [ubiquinone] 1 alpha subcomplex subunit 8'
13 polymer 'NADH dehydrogenase [ubiquinone] 1 alpha subcomplex subunit 1'
14 polymer 'NADH dehydrogenase [ubiquinone] 1 alpha subcomplex subunit 13'
15 polymer 'NADH dehydrogenase [ubiquinone] iron-sulfur protein 5'
16 polymer 'NADH dehydrogenase [ubiquinone] 1 alpha subcomplex subunit 11'
17 polymer 'NADH dehydrogenase [ubiquinone] 1 beta subcomplex subunit 10'
18 polymer 'NADH dehydrogenase [ubiquinone] 1 beta subcomplex subunit 6'
19 polymer 'NADH dehydrogenase [ubiquinone] 1 beta subcomplex subunit 4'
20 polymer 'NADH dehydrogenase [ubiquinone] 1 beta subcomplex subunit 7'
21 polymer 'NADH dehydrogenase [ubiquinone] 1 beta subcomplex subunit 5, mitochondrial'
22 polymer 'NADH dehydrogenase [ubiquinone] 1 beta subcomplex subunit 9'
23 polymer 'NADH dehydrogenase [ubiquinone] 1 beta subcomplex subunit 11, mitochondrial'
24 polymer 'NADH dehydrogenase [ubiquinone] 1 beta subcomplex subunit 8, mitochondrial'
25 polymer 'NADH dehydrogenase [ubiquinone] 1 beta subcomplex subunit 3'
26 polymer 'Acyl carrier protein, mitochondrial'
27 polymer 'NADH dehydrogenase [ubiquinone] 1 subunit C2'
28 polymer 'NADH dehydrogenase [ubiquinone] 1 beta subcomplex subunit 1'
29 polymer 'NADH dehydrogenase [ubiquinone] iron-sulfur protein 4, mitochondrial'
30 polymer 'NADH dehydrogenase (Ubiquinone) 39 kDa subunit, isoform A'
31 polymer GEO11417p1
32 polymer 'Complex I-49kD'
33 polymer 'NADH dehydrogenase [ubiquinone] flavoprotein 3'
34 polymer 'NADH dehydrogenase [ubiquinone] flavoprotein 1, mitochondrial'
35 polymer 'NADH-ubiquinone oxidoreductase chain 2'
36 polymer 'NADH-ubiquinone oxidoreductase chain 4L'
37 polymer 'NADH-ubiquinone oxidoreductase chain 6'
38 polymer 'NADH dehydrogenase [ubiquinone] 1 alpha subcomplex subunit 7'
39 polymer 'NADH dehydrogenase (Ubiquinone) 13 kDa B subunit'
40 polymer RH45008p
41 polymer 'NADH dehydrogenase [ubiquinone] 1 alpha subcomplex subunit 6'
42 polymer 'NADH dehydrogenase [ubiquinone] 1 alpha subcomplex subunit 10, mitochondrial'
43 non-polymer CARDIOLIPIN
44 non-polymer 'ZINC ION'
45 non-polymer 'IRON/SULFUR CLUSTER'
46 non-polymer 'FE2/S2 (INORGANIC) CLUSTER'
47 non-polymer 1,2-DIACYL-SN-GLYCERO-3-PHOSPHOCHOLINE
48 non-polymer 1,2-Distearoyl-sn-glycerophosphoethanolamine
49 non-polymer 'S-[2-({N-[(2S)-2-hydroxy-3,3-dimethyl-4-(phosphonooxy)butanoyl]-beta-alanyl}amino)ethyl] tetradecanethioate'
50 non-polymer 'NADPH DIHYDRO-NICOTINAMIDE-ADENINE-DINUCLEOTIDE PHOSPHATE'
51 non-polymer 'FLAVIN MONONUCLEOTIDE'
52 non-polymer "2'-DEOXYGUANOSINE-5'-TRIPHOSPHATE"
#
loop_
_entity_poly.entity_id
_entity_poly.type
_entity_poly.pdbx_seq_one_letter_code
_entity_poly.pdbx_strand_id
1 'polypeptide(L)'
;MAKFLGINRLTKLFQMVREAGGLKQAYLKLYRNDDLKIGTLVGIDKYGNKYFENPYYFYGRNRWIEFAPHVNMDYDGSMI
PAEWYGWMHYKTDLPPIRDGCRPKYKWIADHSENLSGTKEAYYPYSTTPNKVEAWEPKAKKQ
;
AN
2 'polypeptide(L)'
;MASKQLVNNLSKLGLPRQNWMSPLASVRHSSCRGDIEKVTHTGQVFDKEDYRNARFVNAKRYVNENWGIKLIEEVPPKEC
TERVVFCDGGDGPLGHPKVYINLDKPGNHICGYCGLRFVKKDDHHH
;
S6
3 'polypeptide(L)'
;MIRAPLVKALGALGSPTHQMASRAVRTSAMVAQTPAKAPEKIEVFVDDIPVQVVPGTTVLQAAAQIGVEIPRFCYHERLA
VAGNCRMCLVEVEKSPKPVAACAMPVMKGWRIKTNSDLTRKAREGVMEFLLMNHPLDCPICDQGGECDLQDQAMAFGSDR
SRFTDINYTGKRAVEDKDIGPLVKTIMTRCIHCTRCVRFASEIAGVDDLGTTGRGNDMQIGTYVEKLFLTELSGNVIDLC
PVGALTNKPYSFVARPWEIRKVSSIDVLDAVGSNIVVSTRTNEVLRILPRENEDVNEEWLADKSRFACDGLKRQRLVAPM
VRMPNGELQAVEWEGALIAVAKAIKAAGGQIAGISGQLADLEAQVALKDLLNRLGSEVVATEQGFIAGGTDNRANYLLNS
TIAGLEEADAVLLVGTNPRYEAPLVNTRLRKAYVHNELQIASIGPKIDLSYDHENLGADAALVKDVCSGAHAFSKVLEGA
KKPAIIIGADLLERADGAAIHATVAEYCKKLKKPNWNPFNVLQTNAAQVGALDVGYKAGAQTAVKAQPKVLFLLNADAGK
VTREQLPKDCFVVYIGSHGDNGASIADAVLPGAAYTEKQGIYVNTEGRPQQTLPGVSPPGMAREDWKILRALSEVVGKPL
PYDNLDELRNRLEDVAPHLTRLGQLEPAGDAGAAGTISKSIGGGAIDIKLKELRDYFMTDAISRASPTMAKCISAVNKQQ
RENEAKQSVAI
;
S1
4 'polypeptide(L)'
;MAALIRNLGARAAVAALSAKHVVPAAGSTALRMASTTPVEPKKADKPTVRQPDAVARSHLSDFGRYVAECLPKYVQKVQL
TAGDELEVLIAPEGVVPVLQFLKDHHQAQFTNLVDIAGVDVPCRKNRFEVVYNLLSLRYNSRIRVKTYTDELTPLDSACE
VHKAANWYEREIWDMYGVFFANHPDLRRILTDYGFEGHPQRRDFPLSGYVELRYDDEKKRVVCEPLELAQEFRKFDLSAP
WEQFPNFRNANPPAEVVPPQAPAKK
;
S3
5 'polypeptide(L)'
;MLTNCASKTLAAVRANIRAIATSSARASDNLFVHRDTPEDNPNIPFEFTAENKKRVEAILSIYPEGHKRGAMIPLLDLAQ
RQYGWLPISAMHKVAEILQLPNMRVYEVATFYTMFMRKPTGKYHIQVCTTTPCWLRGSDDILETCKKQLGIGVGDTTKDR
KFTISEVECLGACVNAPMVAINDDYYEDLTSKDMQDILNDLKADKISPPGPRNGRFASEPKGEPTSLSEEPKGPGFGLQA
GL
;
V2
6 'polypeptide(L)'
;MLRSAMMSSTLSRALQKATQTPNASISALPALNLALVRQQQTLPVAEVAQNLPKKGYSPFGTKQSSVAEWSLARLDDLLN
WGRKGSIWPLTFGLACCAVEMMHIAAPRYDMDRYGVVFRASPRQADVIIVAGTLTNKMAPALRKVYDQMPEPRWVISMGS
CANGGGYYHYSYSVVRGCDRIIPVDIYVPGCPPTAEALMYGVLQLQKKVKRMKTLQMWYRK
;
S7
7 'polypeptide(L)'
;MSLTMRIFTASRNGQRLFGSHGARLLAAQRAEPKDIVEVPKGYVYVNNKELSMEFADITDRAASTMFFGELLRGFAVTLA
HIFKEPATINYPFEKGPLSPRFRGEHALRRYPSGEERCIACKLCEAICPAQAITIEAEERADGSRRTTRYDIDMTKCIYC
GFCQEACPVDAIVEGPNFEFSTETHEELLYNKEKLLCNGDKWESEIASNLQADHLYR
;
S8
8 'polypeptide(L)'
;MFSIIFIALLILLITTIVMFLASILSKKALIDREKSSPFECGFDPKSSSRLPFSLRFFLITIIFLIFDVEIALILPMIII
MKYSNIMIWTITSIIFILILLIGLYHEWNQGMLNWSN
;
3
9 'polypeptide(L)'
;MFYMEFILSLIGSLLLIICVLVSVAFLTLLERKVLGYIQIRKGPNKVGLMGIPQPFCDAIKLFTKEQTYPLLSNYLSYYI
SPIFSLFLSLFVWMCMPFFVKLYSFNLGGLFFLCCTSLGVYTVMVAGWSSNSNYALLGGLRAVAQTISYEVSLALILLSF
IFLIGSYNMIYFFFYQVYMWFLIILFPMALVWVSISLAETNRTPFDFAEGESELVSGFNVEYSSGGFALIFMAEYASILF
MSMLFCVIFLGCDVFNLLFYMKLTFISFVFIWVRGTLPRFRYDKLMYLAWKCFLSFSLNYLLFFIGFKILLFSLL
;
1
10 'polypeptide(L)'
;MLKIIFFLLFLIPFCFINNMYWMVQIMMFFISFIFLLMNNFMNYWSEISYFLGCDMLSYGLILLSLWICSLMLLASEMIN
KHNNYKNLFLLNIIILLLLLILTFSSMSLFMFYLFFESSLIPTLFLILGWGYQPERLQAGLYLLFYTLLVSLPMLIGIFY
VMNKIGSMNFYLMNNFMFNYDLLYFCLLCAFLVKMPMFLVHLWLPKAHVEAPVSGSMILAGIMLKLGGYGMLRVISFLQL
MNLKYSFVWISISLVGGVLVSLVCLRQTDLKALIAYSSVAHMGIVLSGLLTMTYWGLCGSYTLMIAHGLCSSGLFCLANV
SYERLGSRSMLINKGLLNFMPSMTLWWFLLSSANMAAPPTLNLLGEISLLNSIVSWSWISMILLSFLSFFSAAYTLYLYS
FSQHGKLFSGVYSFSSGKIREYLLMLLHWLPLNLLILKSESFMLWL
;
4
11 'polypeptide(L)'
;MKYLSICSISFVNLISMSLSCFLLSLYFLLNDMIYFIEWELVSLNSMSIVMTFLFDWMSLLFMSFVLMISSLVIFYSKEY
MMNDNHINRFIMLVLMFVLSMMLLIISPNLISILLGWDGLGLVSYCLVIYFQNIKSYNAGMLTALSNRIGDVALLLSIAW
MLNYGSWNYIFYLEIMQNEFEMLMIGSLVMLAAMTKSAQIPFSSWLPAAMAAPTPVSALVHSSTLVTAGVYLLIRFNIIL
STSWLGQLMLLLSGLTMFMAGLGANFEFDLKKIIALSTLSQLGLMMSILSMGFLKLAMFHLLTHALFKALLFMCAGAIIH
NMNNSQDIRLMGGLSIHMPLTSACFNVSNLALCGMPFLAGFYSKDMILEIVSISNVNMFSFFLYYFSTGLTVSYSFRLVY
YSMTGDLNCGSLNMLNDESWIMLRGMMGLLIMSIIGGSMLNWLIFPFPYMICLPIYMKLLTLFVCIVGGLFGYLISLSNL
FFLNKSLFMYNLSTFLGSMWFMPYISTYGMIFYPLNYGQLVVKSFDQGWSEYFGGQHLYQKLSMYSKTLFLMHNNSLKIY
LLLFVFWILILLILLFL
;
5
12 'polypeptide(L)'
;MVITNNTTLPEESELNVQELNLSSAALRAGAFHLGKQCEQANNEFMLCRQELDDPRACLAEGKAVTSCALDFFRKVKKTC
HEEFTQYATCLDKSSGTMAFSHCRKTQGVFDKCIKDNFDWDRPSYGYFSRAKVIQSAREAPKKEEKVSYPDATPGLPEDY
PKPPAKYGSRFHWLE
;
A8
13 'polypeptide(L)'
;MWFEILPGAVIITTLLSVPIYAMYGLDKLMIGNAFRRNMDERFSRVMYQRDFRLTDNPYKMNGLEQIPDEEVKKEEKDPN
EDSDDPAIVKKREKERKLREKQLKKEEKLREKQLKEEEKQKKN
;
A1
14 'polypeptide(L)'
;MATAVPHCPPKQDLPPPGGYKKIPFARVPPKSYFTGFTTIGTYVVVTAVGLGIYYLTAKKVKRDEIEMRSAQNVIFPILV
AERDREFLRQLRRNRDEEAELMKNVPGWEVGTWYGEPVFKTLPEDTLVTPIFKEFYAHSDWKSYAKRAHLKLWS
;
AO
15 'polypeptide(L)'
;MSLTPFLRLPLTDLTGCLINHQTYDKCGKFEMKMMECFEAYGLERGKRECADLISDFQECVGMQKQLMRFHAMRNERYKQ
WLKGERKGQEFFADPPRVDAY
;
S5
16 'polypeptide(L)'
;MSLLRSKYYDHPDGEDAFGKIVATNKYAVSAGVAWSMFDVLTLSKPQGYLPTLGRFAYNTGPLMGMATAFTLTTLVATNA
RGKDDKINYLIGGFAAGGVFGAWKHNHVAGLCAGLFLGIAGVIKKMSIEQGWEFFPNTPIKQYGGLNIAGNDWTIMADPP
KNWTTEKPKE
;
AM
17 'polypeptide(L)'
;MPEPRSPMASFAESVLNVIDGPITWFRESIVEPNQQKQNWYHQRFRRVPTIDQCYTDDAVCRFEADQQFRRDRMVDNEIV
NILRQRFEDCTLYEAPDHMVKCRPLMDQYEKATENWFIKYGDLGGYANAKTAYMKQKHRLIWERRHGPVGSGMKEEAAH
;
BL
18 'polypeptide(L)'
;MVAGGASETGGVKPMVIAGRMVRERERLIGMSPEERAWRKQWLKDQELHHGPRKVPALELELNNPIKRFYRAPLDKVCNV
LEPVLGFQRAYTVRFWTGKALLALTGIYAGAYYFKYNQNDWTRKGGWRVIHSRKQCVPGDEGYPKVSDRSAPSDYAARGF
NESPLKA
;
B6
19 'polypeptide(L)'
;MVLSNEEQEFIKRKHEATLKLRQEFLKQSSNPYRHATGEGGTVFDAGLARFQAMRVSNYEHFKPTGKSFRTGLFAVVLPI
ALYAWALKAERDGREEKYRTGQVAYKDRQFKFI
;
B4
20 'polypeptide(L)'
;MGNALTHYMKPDVMPGPDVVPTFDPLLGFKSRKERVMIATQEEMESAKLPLEFRDYCAHLAIAYQACRSDTFPFVYKCAH
QKHEYLTCEYEDYVLRMKEFERERRLLERQKRLNKAA
;
B7
21 'polypeptide(L)'
;MVGWSRLLSPAAKFASYRAVLQEPACRNALHQQLRRMGGDHGHHQMIIKPSRFQWDKFKDLLHFYVMLGVIPVTALVLYA
NIFVGPAQLAEIPEGYEPKHWEYEKHPISRFISRYILNSDQQNYEKSLHYLYEENEKAQIRLLEDEVRRKMSERNDYQAY
YYRPSVAKYHRISKEAADELEALRGD
;
B5
22 'polypeptide(L)'
;MAQVPLAIVSHKRQVCSLYKRALRNLESWYDRRNVYRYRAVQLRARFDENRSKDLGEGIRLLACGQRELFETRHFQPRNF
ANSAGGCAFEREVIPPDWVLDYWHPLEKAQYPEYFAKREQRKKEFVTWWEKQYGKPDPKDLGHH
;
B9
23 'polypeptide(L)'
;MSALFRLTNRAVALQRSLVANQAAVVRAINTSPKKDETITAPTSLTTEDFANPSPKNWQSYGFDYKDQVEDRKATKSTFF
VTVTLCLVWGSFYWAYLPDTQFRNWAQREGFLELRRRELAGVDLVSPNYVDPASITLPSDEDLGDTEIII
;
BM
24 'polypeptide(L)'
;MSAFVKTVCLAQKLCAANPVVARQAIRSMAGWNKDYKPGPYPQTEKERLAAAKKYYLLPEEYKPYADDGLGYGDYPKLGY
GLGVEAKDSYYPWDYPEHKRNQHEPISADHDLYSEDRWSQAEPPRYSNAYYFACFLGVMSGCLALYYWLDDKKMYRPVAA
KQYPSPGVKHYTFEK
;
B8
25 'polypeptide(L)'
;MGGHHGEPYTVPHASTYKVESVPQLVEVKEALGRQGLKDPWLRNEVWRYEPKAFGTHRSRLNTFLFRGLGVGFCAFLATV
AVEYALGIGKGQGGHGHGHGHEEHGDKGHH
;
B3
26 'polypeptide(L)'
;MSFTQIARSCSRLAATLAPRRVASGILIQSQASRMMHRIAVPSMTSQLSQECRGRWQTQLVRKYSAKPPLSLKLINERVL
LVLKLYDKIDPSKLNVESHFINDLGLDSLDHVEVIMAMEDEFGFEIPDSDAEKLLKPADIIKYVADKEDVYE
;
AC,AB
27 'polypeptide(L)'
;MSAVNDPLELLTNKGTHEPSFLSPIWNPIACGVAGVGAAIFINWGFRKPVFSGIQKHIAFGAIGVGAGAYFDQKRNEYLA
KRDAVLRHYIELHPDDFPVKERKTYGQVLESWVPVR
;
C2
28 'polypeptide(L)' MVLGLDKRALWGALPLLGFAIGHFLDKKETERMTMFRDKSALYGRPAGSEGKAPSW B1
29 'polypeptide(L)'
;MSALRQVMCRSTASLQLYQANRAAAARWASTATDGGPLDPKTALARPEELEQRNKLSGKITVPTAVNLSPISGVPEEHIR
ERRVRIHIPPKNAMQSGTDNVNTWQIEFDNRERWENPLMGWASSGDPLSNMNVQFGSPEEAITFCERNGWRWYVDGAAKP
KKERVKNYGINFAWNKRTRVSTK
;
S4
30 'polypeptide(L)'
;MAAIVLTRNLQLAKHHGSGVVGVLCLRGYSAAAAPPEDGPRPLKTTNPAAMKRGTGGRSSFNGIVATVFGATGFVGRYVC
NKLGKSGTQMILPYRGDDSDVIRLKVTGDLGQVLFHFYNLEDPASIRDAVKHSNVVINLVGRDFETKNFKFKDVHVNGAE
RIARIAREAGVERLIHLSSLNVEANPKDLYVKGGSEWLKSKYEGELRVRDAFPNATIIRPADIYGSEDRFLRYYAHIWRR
QFRSMPLWHKGEKTVKQPVYVSDVAQAIINAAKDPDSAGRIYQAVGPKRYQLSELVDWFHRLMRKDQKRWGYMRYDMRWD
PTFLLKAKLNSFICPGTPIGGLHPARIEREAVTDKVLTGVPTLEDLGVTLTTMEQQVPWELRPYRAALYYDAELGEFETP
SPPKCIEARDELRLFA
;
A9
31 'polypeptide(L)'
;MSFALRLGSSIGCFHRTILGRDIIQRKSHVVSYRNGPPPHSKATKIGALTVGGAMWWWVIWHLWHEPDHITGEFDYPNSR
KWSNTELGVPKDGF
;
B2
32 'polypeptide(L)'
;MANIMRRTLIPGLSHLRLRPQLVAAGSAALTSQETRRGAAKWYPDPEFMKQFSGPVMYPDEVTSLWTVPPWNSKVTPVEK
SVRNLTLNFGPQHPAAHGVLRLVLELDGETVMRADPHIGLLHRGTEKLIEYKTYTQALPYFDRLDYVSMMCNEQCYSLAV
EKLLNIDVPLRAKYIRTLFAEITRILNHIMAVGTHALDVGALTPFFWLFEEREKMMEFYERVSGARMHAAYIRPGGVSLD
MPLGLMDDIYEFASKFAERLDEVEDVLTTNRIWVQRTEDIGIVTAEEALNYGFSGVMLRGSGIKWDLRKQQPYDAYNLVN
FDVPIGTKGDCYDRYLCRVEEMRQSLRIIDQCLNQMPAGEIKTDDAKVAPPSRSEMKTSMEALIHHFKLFTQGYQVPPGA
TYTAIEAPKGEFGVYLISDGSSRPYRCKIKAPGFAHLAALEKIGKQHMLADVVAIIGTLDVVFGEIDR
;
S2
33 'polypeptide(L)'
;(UNK)(UNK)(UNK)(UNK)(UNK)(UNK)(UNK)(UNK)(UNK)(UNK)(UNK)(UNK)(UNK)(UNK)(UNK)(UNK)
(UNK)(UNK)(UNK)(UNK)(UNK)(UNK)(UNK)(UNK)(UNK)(UNK)(UNK)
;
V3
34 'polypeptide(L)'
;MAAIVRFNLLTKPQIVATLPASLHVQRFQSTQAPPPGTPPPQTKTKFGPLADEDRIFTNLYGRHDWRLKGALKRGDWYKT
KEIVLKGADWIVNEIKTSGLRGRGGAGFPSGMKWSFMNKPGDGRPKYLVVNADEGEPGTCKDREIMRHDPHKLVEGCLIA
GRAMGAQAAYIYIRGEFYNEASNMQLAIAEAYQAGLIGKNACGTGYDFDVFMHRGAGAYICGEETALIESLEGKQGKPRL
KPPFPADVGVFGCPTTVTNVETVAVAPTICRRGGVWFASFGRTRNSGTKLFNISGHVNRPCTVEEEMSIPLKELIERHCG
GVTGGWDNLLGVIPGGSSTPIIPKNVCDDVIMDFDGLIAAQTSLGTAAIIVMDKSTDVIKAIARLISFYKHESCGQCTPC
REGIGWMNKIMTRFVKGDAQPAEIDMLWEISKQIEGHTICALGDGAAWPVQGLIRHFRPEIEKRMQLHAKRVSN
;
V1
35 'polypeptide(L)'
;MFNNSSKILFITIMIIGTLITVTSNSWLGAWMGLEINLLSFIPLLSDNNNLMSTEASLKYFLTQVLASTVLLFSSILLML
KNNMNNEINESFTSMIIMSALLLKSGAAPFHFWFPNMMEGLTWMNALMLMTWQKIAPLMLISYLNIKYLLLISVILSVII
GAIGGLNQTSLRKLMAFSSINHLGWMLSSLMISESIWLIYFFFYSFLSFVLTFMFNIFKLFHLNQLFSWFVNSKILKFTL
FMNFLSLGGLPPFLGFLPKWLVIQQLTLCNQYFMLTLMMMSTLITLFFYLRICYSAFMMNYFENNWIMKMNMNSINYNMY
MIMTFFSIFGLFLISLFYFMF
;
2
36 'polypeptide(L)'
;MIMILYWSLPMILFILGLFCFVSNRKHLLSMLLSLEFIVLMLFFMLFIYLNMLNYESYFSMMFLTFSVCEGALGLSILVS
MIRTHGNDYFQSFSIM
;
4L
37 'polypeptide(L)'
;MIQLMLYSLIITTSIIFLNMIHPLALGLTLLIQTIFVCLLTGLMTKSFWYSYILFLIFLGGMLVLFIYVTSLASNEMFNL
SMKLTLFSSLILIFMLILSFIMDKTSSSLFLMNNDMQSIINMNSYFMENSLSLNKLYNFPTNFITILLMNYLLITLIVIV
KITKLFKGPIRMMS
;
6
38 'polypeptide(L)'
;MSALRRDVSPLIQRIRAFLLGREHNLALRFEDGLADRTQPQPEIPDGPSHLLSANYYCQRDGRREVLPPIDLVEQQKQLA
AEGEAAKAPSSKLPTPGKVYAWD
;
A7
39 'polypeptide(L)'
;MAKIIKASTGLTGLAVSTNPHHTLSALYGKILRAVSKMPQDASYRKYTEQLVKQRADSVAQHKDITALEKAVGCGQVEEL
IVQAENELILARKMLGWKPWEKLVQAAPAKQWDWPPAQIMEPKV
;
A5
40 'polypeptide(L)' MSASAARGSTSLLKRAWNEIPDIVGGSALALAGIVMATIGVANYYAKDGDNRRYKLGYVVYRHDDPRALKVRNDEDD A3
41 'polypeptide(L)'
;MAGREAVKRAVQQVRPILSVDREEARKRALNLYKAWYRQIPYIVMDYDIPMTVEQCRDKLREEFVKHRNVTDIRVIDMLV
IKGQMELKESVEIWKQKGHIMRYWKESQDPKPTDFLSKFIQGVN
;
A6
42 'polypeptide(L)'
;MTAVFRVGLVRLVSRATQSPNLLQAQTNALPAAFQQRCSISGKTMRGGPRVPKAAPYPYKTKKYSVFNAIFDKTSKRFDE
NSKVICVEGPIAAGKSKFAKELAEELDMEYYPAVDLDLIYINSYGYDMRKLDPQLPPSCRSYDVRNFCLDPSHDLAAQFQ
IRMYMLRYSQYIDALQHVLSTGQGVVLERSPYSDFVFMEAMFRQGYLSRGARSVYNELRQNTIGELLKPHLVIYLDLPVD
AVKKQIKARNVDYEVQSKVFSDAYLSDLEQLYKQQYLKDISTHAELLIYDWTAGGETEVVVEDIERIDFNQFEADIHNKK
MLDWRFPLEAEWCEARIKYCHEKPDLMNYFNVPRFDVPELVRSADDGKVWRDVWFNAPGMKYRPGYNADMGDEGLLTKTK
IGINQGI
;
AL
#
loop_
_chem_comp.id
_chem_comp.type
_chem_comp.name
_chem_comp.formula
3PE non-polymer 1,2-Distearoyl-sn-glycerophosphoethanolamine 'C41 H82 N O8 P'
CDL non-polymer CARDIOLIPIN 'C81 H156 O17 P2 -2'
DGT non-polymer 2'-DEOXYGUANOSINE-5'-TRIPHOSPHATE 'C10 H16 N5 O13 P3'
FES non-polymer 'FE2/S2 (INORGANIC) CLUSTER' 'Fe2 S2'
FMN non-polymer 'FLAVIN MONONUCLEOTIDE' 'C17 H21 N4 O9 P'
NDP non-polymer 'NADPH DIHYDRO-NICOTINAMIDE-ADENINE-DINUCLEOTIDE PHOSPHATE' 'C21 H30 N7 O17 P3'
PC1 non-polymer 1,2-DIACYL-SN-GLYCERO-3-PHOSPHOCHOLINE 'C44 H88 N O8 P'
SF4 non-polymer 'IRON/SULFUR CLUSTER' 'Fe4 S4'
ZMP non-polymer 'S-[2-({N-[(2S)-2-hydroxy-3,3-dimethyl-4-(phosphonooxy)butanoyl]-beta-alanyl}amino)ethyl] tetradecanethioate' 'C25 H49 N2 O8 P S'
ZN non-polymer 'ZINC ION' 'Zn 2'
#
# COMPACT_ATOMS: atom_id res chain seq x y z
N LYS A 3 -55.69 13.09 58.74
CA LYS A 3 -54.53 13.15 59.62
C LYS A 3 -53.28 13.55 58.85
N PHE A 4 -52.30 14.10 59.57
CA PHE A 4 -51.04 14.49 58.95
C PHE A 4 -50.22 13.28 58.51
N LEU A 5 -50.15 12.25 59.37
CA LEU A 5 -49.27 11.12 59.09
C LEU A 5 -49.86 10.16 58.05
N GLY A 6 -51.17 9.96 58.06
CA GLY A 6 -51.80 8.98 57.21
C GLY A 6 -52.23 7.71 57.89
N ILE A 7 -52.54 7.75 59.19
CA ILE A 7 -52.97 6.57 59.93
C ILE A 7 -54.39 6.19 59.52
N ASN A 8 -55.21 7.17 59.14
CA ASN A 8 -56.62 6.93 58.82
C ASN A 8 -56.83 6.24 57.48
N ARG A 9 -55.78 6.03 56.68
CA ARG A 9 -55.93 5.20 55.49
C ARG A 9 -55.83 3.71 55.81
N LEU A 10 -55.28 3.36 56.98
CA LEU A 10 -55.20 1.96 57.38
C LEU A 10 -56.59 1.40 57.70
N THR A 11 -57.44 2.20 58.34
CA THR A 11 -58.81 1.75 58.57
C THR A 11 -59.65 1.80 57.29
N LYS A 12 -59.24 2.61 56.30
CA LYS A 12 -59.85 2.52 54.98
C LYS A 12 -59.50 1.21 54.29
N LEU A 13 -58.25 0.76 54.45
CA LEU A 13 -57.85 -0.57 53.97
C LEU A 13 -58.59 -1.67 54.71
N PHE A 14 -58.80 -1.49 56.03
CA PHE A 14 -59.53 -2.47 56.82
C PHE A 14 -61.00 -2.55 56.42
N GLN A 15 -61.64 -1.41 56.17
CA GLN A 15 -63.03 -1.46 55.71
C GLN A 15 -63.14 -1.89 54.25
N MET A 16 -62.07 -1.72 53.45
CA MET A 16 -62.00 -2.37 52.15
C MET A 16 -61.99 -3.88 52.27
N VAL A 17 -61.24 -4.40 53.25
CA VAL A 17 -61.19 -5.84 53.51
C VAL A 17 -62.55 -6.35 53.98
N ARG A 18 -63.21 -5.62 54.90
CA ARG A 18 -64.52 -6.04 55.38
C ARG A 18 -65.61 -5.90 54.31
N GLU A 19 -65.51 -4.91 53.43
CA GLU A 19 -66.47 -4.75 52.35
C GLU A 19 -66.23 -5.75 51.21
N ALA A 20 -65.02 -6.30 51.12
CA ALA A 20 -64.77 -7.34 50.12
C ALA A 20 -65.46 -8.65 50.49
N GLY A 21 -65.68 -8.89 51.79
CA GLY A 21 -66.37 -10.09 52.23
C GLY A 21 -65.54 -10.95 53.17
N GLY A 22 -64.45 -10.39 53.69
CA GLY A 22 -63.54 -11.13 54.53
C GLY A 22 -62.10 -10.95 54.11
N LEU A 23 -61.21 -11.81 54.57
CA LEU A 23 -59.81 -11.70 54.18
C LEU A 23 -59.49 -12.60 52.98
N LYS A 24 -60.12 -13.77 52.90
CA LYS A 24 -59.94 -14.65 51.74
C LYS A 24 -60.58 -14.05 50.50
N GLN A 25 -61.76 -13.46 50.64
CA GLN A 25 -62.41 -12.82 49.50
C GLN A 25 -61.65 -11.57 49.06
N ALA A 26 -61.04 -10.84 50.01
CA ALA A 26 -60.17 -9.73 49.66
C ALA A 26 -58.88 -10.22 49.00
N TYR A 27 -58.40 -11.40 49.38
CA TYR A 27 -57.23 -11.98 48.74
C TYR A 27 -57.50 -12.34 47.29
N LEU A 28 -58.61 -13.04 47.03
CA LEU A 28 -58.96 -13.37 45.66
C LEU A 28 -59.49 -12.18 44.88
N LYS A 29 -59.91 -11.10 45.54
CA LYS A 29 -60.23 -9.87 44.82
C LYS A 29 -58.95 -9.13 44.43
N LEU A 30 -57.95 -9.12 45.31
CA LEU A 30 -56.66 -8.50 44.98
C LEU A 30 -55.88 -9.34 43.98
N TYR A 31 -56.06 -10.66 44.01
CA TYR A 31 -55.39 -11.54 43.04
C TYR A 31 -56.00 -11.37 41.66
N ARG A 32 -57.31 -11.16 41.58
CA ARG A 32 -58.00 -11.03 40.30
C ARG A 32 -58.02 -9.58 39.81
N ASN A 33 -58.63 -8.69 40.57
CA ASN A 33 -58.56 -7.26 40.25
C ASN A 33 -57.26 -6.70 40.79
N ASP A 34 -56.50 -6.02 39.93
CA ASP A 34 -55.12 -5.65 40.23
C ASP A 34 -54.99 -4.56 41.29
N ASP A 35 -56.08 -3.86 41.63
CA ASP A 35 -56.08 -2.90 42.72
C ASP A 35 -57.36 -3.08 43.51
N LEU A 36 -57.29 -2.73 44.79
CA LEU A 36 -58.44 -2.81 45.69
C LEU A 36 -59.06 -1.42 45.80
N LYS A 37 -60.35 -1.32 45.49
CA LYS A 37 -61.03 -0.03 45.44
C LYS A 37 -62.42 -0.15 46.06
N ILE A 38 -62.93 0.98 46.55
CA ILE A 38 -64.30 1.09 47.01
C ILE A 38 -65.07 2.00 46.05
N GLY A 39 -66.36 1.71 45.90
CA GLY A 39 -67.18 2.49 45.00
C GLY A 39 -68.64 2.11 45.14
N THR A 40 -69.50 3.06 44.74
CA THR A 40 -70.93 2.84 44.75
C THR A 40 -71.31 1.91 43.60
N LEU A 41 -72.09 0.88 43.89
CA LEU A 41 -72.54 -0.07 42.88
C LEU A 41 -73.57 0.61 41.98
N VAL A 42 -73.19 0.90 40.75
CA VAL A 42 -74.07 1.60 39.82
C VAL A 42 -74.94 0.61 39.05
N GLY A 43 -74.35 -0.40 38.43
CA GLY A 43 -75.10 -1.25 37.52
C GLY A 43 -74.73 -2.71 37.62
N ILE A 44 -75.70 -3.55 37.27
CA ILE A 44 -75.51 -4.99 37.09
C ILE A 44 -76.09 -5.38 35.74
N ASP A 45 -75.30 -6.04 34.91
CA ASP A 45 -75.79 -6.48 33.60
C ASP A 45 -76.71 -7.69 33.73
N LYS A 46 -77.30 -8.05 32.60
CA LYS A 46 -77.89 -9.36 32.43
C LYS A 46 -76.82 -10.45 32.31
N TYR A 47 -75.62 -10.11 31.87
CA TYR A 47 -74.52 -11.06 31.76
C TYR A 47 -73.77 -11.28 33.07
N GLY A 48 -74.05 -10.48 34.09
CA GLY A 48 -73.45 -10.67 35.40
C GLY A 48 -72.31 -9.74 35.75
N ASN A 49 -71.96 -8.79 34.87
CA ASN A 49 -70.94 -7.82 35.20
C ASN A 49 -71.48 -6.81 36.20
N LYS A 50 -70.56 -6.18 36.93
CA LYS A 50 -70.92 -5.17 37.93
C LYS A 50 -70.13 -3.90 37.67
N TYR A 51 -70.82 -2.79 37.54
CA TYR A 51 -70.23 -1.49 37.23
C TYR A 51 -70.30 -0.60 38.46
N PHE A 52 -69.12 -0.16 38.91
CA PHE A 52 -68.98 0.68 40.09
C PHE A 52 -68.42 2.04 39.67
N GLU A 53 -68.89 3.09 40.36
CA GLU A 53 -68.39 4.44 40.14
C GLU A 53 -68.07 5.09 41.49
N ASN A 54 -66.95 5.82 41.53
CA ASN A 54 -66.55 6.56 42.73
C ASN A 54 -65.68 7.75 42.32
N PRO A 55 -66.15 8.98 42.48
CA PRO A 55 -65.38 10.14 42.02
C PRO A 55 -64.20 10.55 42.90
N TYR A 56 -63.87 9.74 43.91
CA TYR A 56 -62.68 10.00 44.73
C TYR A 56 -61.40 9.82 43.93
N TYR A 57 -61.37 8.83 43.05
CA TYR A 57 -60.20 8.59 42.21
C TYR A 57 -60.17 9.60 41.05
N PHE A 58 -59.04 9.65 40.37
CA PHE A 58 -58.88 10.62 39.29
C PHE A 58 -59.53 10.10 38.01
N TYR A 59 -59.43 10.91 36.95
CA TYR A 59 -60.19 10.66 35.74
C TYR A 59 -59.55 9.55 34.93
N GLY A 60 -60.37 8.59 34.51
CA GLY A 60 -59.91 7.37 33.89
C GLY A 60 -59.92 6.16 34.81
N ARG A 61 -59.99 6.40 36.12
CA ARG A 61 -60.01 5.33 37.10
C ARG A 61 -61.23 5.34 38.00
N ASN A 62 -62.14 6.29 37.82
CA ASN A 62 -63.28 6.41 38.74
C ASN A 62 -64.42 5.43 38.44
N ARG A 63 -64.41 4.79 37.27
CA ARG A 63 -65.41 3.79 36.91
C ARG A 63 -64.72 2.46 36.61
N TRP A 64 -65.24 1.38 37.17
CA TRP A 64 -64.67 0.06 36.88
C TRP A 64 -65.74 -0.99 36.69
N ILE A 65 -65.37 -1.99 35.89
CA ILE A 65 -66.13 -3.23 35.73
C ILE A 65 -65.46 -4.31 36.57
N GLU A 66 -66.28 -5.12 37.23
CA GLU A 66 -65.88 -6.41 37.75
C GLU A 66 -66.71 -7.45 37.01
N PHE A 67 -66.05 -8.38 36.34
CA PHE A 67 -66.74 -9.27 35.42
C PHE A 67 -67.52 -10.34 36.20
N ALA A 68 -68.23 -11.19 35.45
CA ALA A 68 -69.05 -12.22 36.04
C ALA A 68 -68.19 -13.29 36.69
N PRO A 69 -68.56 -13.78 37.87
CA PRO A 69 -67.67 -14.70 38.61
C PRO A 69 -67.67 -16.13 38.12
N HIS A 70 -68.41 -16.46 37.05
CA HIS A 70 -68.30 -17.78 36.45
C HIS A 70 -67.06 -17.94 35.58
N VAL A 71 -66.38 -16.84 35.27
CA VAL A 71 -65.17 -16.87 34.45
C VAL A 71 -64.04 -16.22 35.25
N ASN A 72 -62.89 -16.89 35.28
CA ASN A 72 -61.66 -16.33 35.86
C ASN A 72 -60.55 -16.56 34.85
N MET A 73 -59.67 -15.57 34.70
CA MET A 73 -58.46 -15.51 33.88
C MET A 73 -58.71 -15.48 32.38
N ASP A 74 -59.96 -15.62 31.91
CA ASP A 74 -60.29 -15.54 30.51
C ASP A 74 -61.02 -14.26 30.14
N TYR A 75 -61.00 -13.26 31.02
CA TYR A 75 -61.66 -12.00 30.74
C TYR A 75 -60.89 -11.22 29.68
N ASP A 76 -61.61 -10.38 28.95
CA ASP A 76 -60.98 -9.46 28.01
C ASP A 76 -61.83 -8.20 27.91
N GLY A 77 -61.41 -7.30 27.02
CA GLY A 77 -62.10 -6.03 26.88
C GLY A 77 -63.39 -6.06 26.10
N SER A 78 -63.77 -7.22 25.54
CA SER A 78 -64.98 -7.33 24.74
C SER A 78 -66.14 -7.96 25.50
N MET A 79 -66.02 -8.14 26.82
CA MET A 79 -67.15 -8.62 27.60
C MET A 79 -68.15 -7.52 27.93
N ILE A 80 -67.79 -6.25 27.72
CA ILE A 80 -68.72 -5.15 27.99
C ILE A 80 -69.76 -5.09 26.89
N PRO A 81 -71.05 -5.06 27.22
CA PRO A 81 -72.08 -4.96 26.17
C PRO A 81 -72.17 -3.57 25.55
N ALA A 82 -73.09 -3.40 24.60
CA ALA A 82 -73.18 -2.16 23.84
C ALA A 82 -73.75 -1.02 24.67
N GLU A 83 -74.65 -1.32 25.61
CA GLU A 83 -75.33 -0.26 26.36
C GLU A 83 -74.43 0.34 27.44
N TRP A 84 -73.49 -0.42 27.99
CA TRP A 84 -72.58 0.08 29.01
C TRP A 84 -71.22 0.48 28.45
N TYR A 85 -71.03 0.35 27.14
CA TYR A 85 -69.75 0.68 26.52
C TYR A 85 -69.48 2.18 26.56
N GLY A 86 -70.51 3.00 26.31
CA GLY A 86 -70.34 4.43 26.42
C GLY A 86 -70.24 4.93 27.84
N TRP A 87 -70.81 4.18 28.79
CA TRP A 87 -70.67 4.57 30.19
C TRP A 87 -69.26 4.27 30.70
N MET A 88 -68.69 3.12 30.30
CA MET A 88 -67.35 2.79 30.76
C MET A 88 -66.26 3.58 30.04
N HIS A 89 -66.56 4.15 28.88
CA HIS A 89 -65.57 4.86 28.08
C HIS A 89 -65.78 6.37 28.11
N TYR A 90 -66.61 6.87 29.03
CA TYR A 90 -66.84 8.30 29.30
C TYR A 90 -67.39 9.04 28.09
N LYS A 91 -68.17 8.36 27.24
CA LYS A 91 -68.89 9.06 26.19
C LYS A 91 -70.08 9.81 26.78
N THR A 92 -70.93 9.10 27.51
CA THR A 92 -72.04 9.70 28.24
C THR A 92 -71.83 9.47 29.73
N ASP A 93 -72.57 10.23 30.54
CA ASP A 93 -72.58 10.03 31.98
C ASP A 93 -73.90 9.45 32.46
N LEU A 94 -74.69 8.87 31.56
CA LEU A 94 -75.99 8.32 31.90
C LEU A 94 -75.93 6.80 31.76
N PRO A 95 -76.12 6.04 32.85
CA PRO A 95 -76.20 4.58 32.74
C PRO A 95 -77.48 4.15 32.06
N PRO A 96 -77.54 2.94 31.51
CA PRO A 96 -78.79 2.44 30.90
C PRO A 96 -79.95 2.27 31.87
N ILE A 97 -79.69 2.19 33.18
CA ILE A 97 -80.76 2.16 34.17
C ILE A 97 -81.44 3.52 34.36
N ARG A 98 -80.83 4.60 33.86
CA ARG A 98 -81.45 5.92 33.94
C ARG A 98 -81.69 6.53 32.56
N ASP A 99 -80.82 6.28 31.59
CA ASP A 99 -80.97 6.80 30.24
C ASP A 99 -82.05 6.00 29.50
N GLY A 100 -82.99 6.71 28.89
CA GLY A 100 -84.01 6.10 28.05
C GLY A 100 -83.84 6.33 26.57
N CYS A 101 -82.69 6.84 26.14
CA CYS A 101 -82.50 7.18 24.73
C CYS A 101 -82.11 5.95 23.92
N ARG A 102 -81.78 4.85 24.59
CA ARG A 102 -81.36 3.64 23.91
C ARG A 102 -82.55 2.98 23.21
N PRO A 103 -82.35 2.32 22.06
CA PRO A 103 -83.50 1.89 21.25
C PRO A 103 -84.26 0.70 21.81
N LYS A 104 -83.55 -0.28 22.40
CA LYS A 104 -84.07 -1.58 22.90
C LYS A 104 -85.06 -2.26 21.94
N TYR A 105 -84.69 -2.30 20.65
CA TYR A 105 -85.54 -2.85 19.62
C TYR A 105 -85.59 -4.38 19.67
N LYS A 106 -86.43 -4.95 18.81
CA LYS A 106 -86.64 -6.40 18.82
C LYS A 106 -85.48 -7.15 18.19
N TRP A 107 -84.90 -6.60 17.12
CA TRP A 107 -83.87 -7.29 16.34
C TRP A 107 -82.47 -7.07 16.87
N ILE A 108 -82.31 -6.50 18.07
CA ILE A 108 -80.99 -6.25 18.62
C ILE A 108 -80.38 -7.55 19.10
N ALA A 109 -79.26 -7.94 18.51
CA ALA A 109 -78.57 -9.15 18.92
C ALA A 109 -77.81 -8.91 20.22
N ASP A 110 -77.66 -9.97 21.00
CA ASP A 110 -76.95 -9.88 22.26
C ASP A 110 -75.45 -9.78 22.01
N HIS A 111 -74.72 -9.33 23.03
CA HIS A 111 -73.29 -9.07 22.89
C HIS A 111 -72.50 -10.37 22.84
N SER A 112 -71.41 -10.34 22.08
CA SER A 112 -70.48 -11.45 21.98
C SER A 112 -69.06 -10.95 22.08
N GLU A 113 -68.19 -11.76 22.66
CA GLU A 113 -66.78 -11.42 22.81
C GLU A 113 -66.05 -11.65 21.49
N ASN A 114 -64.77 -11.27 21.46
CA ASN A 114 -63.91 -11.53 20.32
C ASN A 114 -63.64 -13.03 20.23
N LEU A 115 -64.26 -13.68 19.24
CA LEU A 115 -64.19 -15.13 19.10
C LEU A 115 -63.02 -15.58 18.24
N SER A 116 -62.10 -14.68 17.90
CA SER A 116 -60.97 -15.03 17.04
C SER A 116 -59.97 -15.91 17.78
N GLY A 117 -59.34 -16.81 17.03
CA GLY A 117 -58.43 -17.77 17.60
C GLY A 117 -59.07 -19.07 18.05
N THR A 118 -60.40 -19.15 18.06
CA THR A 118 -61.12 -20.34 18.45
C THR A 118 -61.64 -21.06 17.21
N LYS A 119 -62.43 -22.10 17.43
CA LYS A 119 -63.01 -22.88 16.34
C LYS A 119 -64.37 -22.38 15.90
N GLU A 120 -64.69 -21.11 16.19
CA GLU A 120 -66.00 -20.54 15.88
C GLU A 120 -65.89 -19.11 15.38
N ALA A 121 -64.71 -18.71 14.91
CA ALA A 121 -64.48 -17.35 14.44
C ALA A 121 -65.11 -17.14 13.07
N TYR A 122 -65.11 -15.89 12.63
CA TYR A 122 -65.71 -15.51 11.35
C TYR A 122 -64.70 -15.73 10.22
N TYR A 123 -65.18 -16.27 9.10
CA TYR A 123 -64.34 -16.44 7.93
C TYR A 123 -65.13 -15.91 6.74
N PRO A 124 -64.52 -15.07 5.90
CA PRO A 124 -65.28 -14.40 4.84
C PRO A 124 -65.56 -15.32 3.66
N TYR A 125 -66.51 -14.88 2.84
CA TYR A 125 -66.94 -15.60 1.65
C TYR A 125 -67.61 -14.62 0.71
N SER A 126 -67.74 -15.03 -0.55
CA SER A 126 -68.44 -14.22 -1.53
C SER A 126 -69.94 -14.28 -1.25
N THR A 127 -70.58 -13.11 -1.26
CA THR A 127 -71.99 -13.02 -0.86
C THR A 127 -72.92 -13.00 -2.07
N THR A 128 -72.45 -12.53 -3.22
CA THR A 128 -73.25 -12.61 -4.43
C THR A 128 -73.33 -14.06 -4.92
N PRO A 129 -74.44 -14.45 -5.56
CA PRO A 129 -74.49 -15.78 -6.19
C PRO A 129 -73.73 -15.82 -7.51
N ASN A 130 -73.81 -16.95 -8.21
CA ASN A 130 -73.10 -17.11 -9.46
C ASN A 130 -73.74 -16.27 -10.57
N LYS A 131 -72.92 -15.48 -11.26
CA LYS A 131 -73.42 -14.58 -12.28
C LYS A 131 -73.63 -15.30 -13.61
N VAL A 132 -72.57 -15.94 -14.11
CA VAL A 132 -72.65 -16.66 -15.39
C VAL A 132 -73.25 -18.03 -15.14
N GLU A 133 -74.39 -18.30 -15.79
CA GLU A 133 -75.05 -19.59 -15.67
C GLU A 133 -74.60 -20.51 -16.80
N ALA A 134 -74.11 -21.69 -16.49
CA ALA A 134 -73.59 -22.50 -17.61
C ALA A 134 -74.75 -23.18 -18.33
N TRP A 135 -74.44 -23.97 -19.36
CA TRP A 135 -75.49 -24.64 -20.16
C TRP A 135 -75.41 -26.11 -19.86
N GLU A 136 -76.55 -26.74 -19.55
CA GLU A 136 -76.51 -28.16 -19.16
C GLU A 136 -76.99 -28.96 -20.36
N PRO A 137 -76.24 -29.97 -20.83
CA PRO A 137 -76.56 -30.58 -22.09
C PRO A 137 -77.96 -31.14 -21.83
N LYS A 138 -78.19 -31.70 -20.64
CA LYS A 138 -79.55 -32.18 -20.28
C LYS A 138 -80.47 -30.96 -20.19
N ALA A 139 -81.73 -31.10 -20.64
CA ALA A 139 -82.68 -29.96 -20.63
C ALA A 139 -82.06 -28.80 -21.40
N CYS B 32 -73.16 -33.05 12.47
CA CYS B 32 -73.40 -32.17 11.34
C CYS B 32 -73.52 -30.71 11.79
N ARG B 33 -73.18 -29.79 10.91
CA ARG B 33 -73.24 -28.36 11.17
C ARG B 33 -74.27 -27.73 10.26
N GLY B 34 -75.24 -27.05 10.84
CA GLY B 34 -76.31 -26.41 10.10
C GLY B 34 -76.05 -24.98 9.68
N ASP B 35 -74.85 -24.45 9.94
CA ASP B 35 -74.52 -23.07 9.59
C ASP B 35 -73.86 -22.94 8.22
N ILE B 36 -73.63 -24.05 7.52
CA ILE B 36 -72.97 -24.02 6.22
C ILE B 36 -73.98 -23.98 5.08
N GLU B 37 -74.98 -24.85 5.12
CA GLU B 37 -75.97 -24.94 4.05
C GLU B 37 -77.10 -23.94 4.19
N LYS B 38 -77.09 -23.11 5.23
CA LYS B 38 -78.14 -22.12 5.42
C LYS B 38 -77.95 -20.96 4.45
N VAL B 39 -79.02 -20.60 3.74
CA VAL B 39 -78.94 -19.54 2.75
C VAL B 39 -78.97 -18.18 3.43
N THR B 40 -78.39 -17.19 2.75
CA THR B 40 -78.41 -15.81 3.21
C THR B 40 -79.58 -15.07 2.55
N HIS B 41 -79.68 -13.77 2.82
CA HIS B 41 -80.74 -12.97 2.22
C HIS B 41 -80.43 -12.57 0.78
N THR B 42 -79.21 -12.81 0.31
CA THR B 42 -78.83 -12.56 -1.07
C THR B 42 -78.98 -13.80 -1.94
N GLY B 43 -79.53 -14.88 -1.39
CA GLY B 43 -79.70 -16.13 -2.13
C GLY B 43 -78.42 -16.84 -2.48
N GLN B 44 -77.48 -16.94 -1.54
CA GLN B 44 -76.18 -17.56 -1.77
C GLN B 44 -75.97 -18.70 -0.80
N VAL B 45 -75.50 -19.84 -1.32
CA VAL B 45 -75.12 -20.99 -0.51
C VAL B 45 -74.06 -21.77 -1.28
N PHE B 46 -73.05 -22.23 -0.57
CA PHE B 46 -72.04 -23.12 -1.16
C PHE B 46 -72.60 -24.53 -1.19
N ASP B 47 -72.66 -25.12 -2.38
CA ASP B 47 -73.14 -26.48 -2.51
C ASP B 47 -72.08 -27.49 -2.05
N LYS B 48 -72.50 -28.75 -1.93
CA LYS B 48 -71.66 -29.78 -1.30
C LYS B 48 -70.46 -30.18 -2.15
N GLU B 49 -70.51 -29.95 -3.46
CA GLU B 49 -69.39 -30.28 -4.34
C GLU B 49 -68.39 -29.14 -4.46
N ASP B 50 -68.59 -28.04 -3.74
CA ASP B 50 -67.69 -26.91 -3.83
C ASP B 50 -66.47 -27.10 -2.92
N TYR B 51 -65.33 -26.67 -3.43
CA TYR B 51 -64.08 -26.67 -2.69
C TYR B 51 -64.00 -25.56 -1.64
N ARG B 52 -64.88 -24.57 -1.72
CA ARG B 52 -64.81 -23.40 -0.85
C ARG B 52 -65.51 -23.62 0.49
N ASN B 53 -66.11 -24.78 0.72
CA ASN B 53 -66.63 -25.13 2.03
C ASN B 53 -65.56 -25.70 2.95
N ALA B 54 -64.33 -25.86 2.46
CA ALA B 54 -63.21 -26.30 3.31
C ALA B 54 -62.72 -25.18 4.21
N ARG B 55 -63.08 -23.94 3.94
CA ARG B 55 -62.75 -22.83 4.82
C ARG B 55 -63.63 -22.77 6.06
N PHE B 56 -64.73 -23.52 6.09
CA PHE B 56 -65.66 -23.52 7.22
C PHE B 56 -65.51 -24.75 8.10
N VAL B 57 -64.47 -25.55 7.89
CA VAL B 57 -64.27 -26.73 8.73
C VAL B 57 -63.67 -26.37 10.08
N ASN B 58 -63.04 -25.19 10.19
CA ASN B 58 -62.48 -24.71 11.44
C ASN B 58 -63.06 -23.37 11.88
N ALA B 59 -63.91 -22.74 11.07
CA ALA B 59 -64.50 -21.45 11.40
C ALA B 59 -65.98 -21.47 11.07
N LYS B 60 -66.73 -20.63 11.78
CA LYS B 60 -68.18 -20.58 11.60
C LYS B 60 -68.55 -19.69 10.42
N ARG B 61 -69.51 -20.13 9.62
CA ARG B 61 -70.04 -19.32 8.53
C ARG B 61 -71.09 -18.37 9.08
N TYR B 62 -70.89 -17.07 8.86
CA TYR B 62 -71.70 -16.04 9.48
C TYR B 62 -72.88 -15.73 8.56
N VAL B 63 -74.08 -16.10 8.99
CA VAL B 63 -75.32 -15.84 8.25
C VAL B 63 -76.24 -15.05 9.17
N ASN B 64 -76.69 -13.89 8.70
CA ASN B 64 -77.59 -13.06 9.48
C ASN B 64 -78.99 -13.68 9.48
N GLU B 65 -79.54 -13.88 10.67
CA GLU B 65 -80.87 -14.43 10.82
C GLU B 65 -81.98 -13.38 10.79
N ASN B 66 -81.61 -12.10 10.75
CA ASN B 66 -82.58 -11.01 10.69
C ASN B 66 -82.64 -10.52 9.25
N TRP B 67 -83.49 -11.16 8.45
CA TRP B 67 -83.66 -10.76 7.06
C TRP B 67 -84.49 -9.49 6.99
N GLY B 68 -84.15 -8.63 6.02
CA GLY B 68 -84.87 -7.38 5.88
C GLY B 68 -86.24 -7.53 5.22
N ILE B 69 -86.41 -8.58 4.41
CA ILE B 69 -87.64 -8.76 3.64
C ILE B 69 -88.81 -9.08 4.56
N LYS B 70 -88.61 -10.03 5.48
CA LYS B 70 -89.66 -10.37 6.44
C LYS B 70 -89.88 -9.25 7.44
N LEU B 71 -88.82 -8.55 7.83
CA LEU B 71 -88.94 -7.47 8.79
C LEU B 71 -89.56 -6.20 8.19
N ILE B 72 -89.60 -6.08 6.87
CA ILE B 72 -90.34 -4.99 6.25
C ILE B 72 -91.72 -5.44 5.76
N GLU B 73 -91.94 -6.75 5.61
CA GLU B 73 -93.29 -7.24 5.36
C GLU B 73 -94.10 -7.35 6.65
N GLU B 74 -93.43 -7.36 7.81
CA GLU B 74 -94.14 -7.51 9.08
C GLU B 74 -94.90 -6.25 9.47
N VAL B 75 -94.41 -5.08 9.09
CA VAL B 75 -95.07 -3.83 9.52
C VAL B 75 -96.33 -3.61 8.69
N PRO B 76 -97.37 -3.01 9.25
CA PRO B 76 -98.59 -2.76 8.46
C PRO B 76 -98.42 -1.52 7.60
N PRO B 77 -99.17 -1.44 6.50
CA PRO B 77 -99.16 -0.20 5.70
C PRO B 77 -99.88 0.93 6.43
N LYS B 78 -99.51 2.15 6.07
CA LYS B 78 -100.06 3.35 6.69
C LYS B 78 -101.16 3.92 5.81
N GLU B 79 -102.35 4.09 6.38
CA GLU B 79 -103.49 4.62 5.65
C GLU B 79 -103.50 6.14 5.75
N CYS B 80 -103.67 6.80 4.61
CA CYS B 80 -103.68 8.25 4.53
C CYS B 80 -104.85 8.73 3.69
N THR B 81 -105.30 9.95 3.95
CA THR B 81 -106.43 10.53 3.23
C THR B 81 -106.02 11.53 2.17
N GLU B 82 -104.92 12.25 2.38
CA GLU B 82 -104.45 13.23 1.40
C GLU B 82 -103.81 12.54 0.20
N ARG B 83 -103.71 13.29 -0.89
CA ARG B 83 -103.27 12.71 -2.16
C ARG B 83 -101.77 12.44 -2.16
N VAL B 84 -100.97 13.38 -1.67
CA VAL B 84 -99.52 13.22 -1.60
C VAL B 84 -99.09 13.25 -0.13
N VAL B 85 -98.15 12.36 0.20
CA VAL B 85 -97.64 12.25 1.56
C VAL B 85 -96.12 12.37 1.50
N PHE B 86 -95.51 12.50 2.67
CA PHE B 86 -94.06 12.55 2.77
C PHE B 86 -93.57 11.47 3.72
N CYS B 87 -92.45 10.85 3.38
CA CYS B 87 -91.83 9.83 4.22
C CYS B 87 -90.49 10.34 4.69
N ASP B 88 -90.26 10.33 6.01
CA ASP B 88 -88.99 10.79 6.54
C ASP B 88 -88.17 9.61 7.06
N GLY B 89 -88.82 8.51 7.42
CA GLY B 89 -88.13 7.34 7.93
C GLY B 89 -87.83 7.36 9.40
N GLY B 90 -88.27 8.38 10.13
CA GLY B 90 -87.99 8.46 11.55
C GLY B 90 -87.84 9.91 11.98
N ASP B 91 -86.75 10.16 12.70
CA ASP B 91 -86.41 11.52 13.09
C ASP B 91 -85.91 12.29 11.88
N GLY B 92 -85.93 13.63 11.98
CA GLY B 92 -85.55 14.50 10.90
C GLY B 92 -84.11 14.42 10.44
N PRO B 93 -83.14 14.85 11.26
CA PRO B 93 -81.74 14.73 10.82
C PRO B 93 -81.20 13.31 10.88
N LEU B 94 -81.87 12.40 11.58
CA LEU B 94 -81.40 11.03 11.73
C LEU B 94 -82.06 10.05 10.77
N GLY B 95 -83.00 10.49 9.94
CA GLY B 95 -83.66 9.63 8.99
C GLY B 95 -83.10 9.77 7.59
N HIS B 96 -83.85 9.23 6.63
CA HIS B 96 -83.49 9.35 5.23
C HIS B 96 -83.96 10.70 4.70
N PRO B 97 -83.42 11.15 3.55
CA PRO B 97 -83.92 12.39 2.93
C PRO B 97 -85.38 12.31 2.54
N LYS B 98 -86.06 13.45 2.67
CA LYS B 98 -87.51 13.50 2.58
C LYS B 98 -88.00 13.31 1.15
N VAL B 99 -88.95 12.39 0.97
CA VAL B 99 -89.56 12.15 -0.32
C VAL B 99 -91.07 12.29 -0.22
N TYR B 100 -91.68 12.61 -1.35
CA TYR B 100 -93.13 12.77 -1.46
C TYR B 100 -93.68 11.72 -2.39
N ILE B 101 -94.67 10.98 -1.92
CA ILE B 101 -95.28 9.87 -2.64
C ILE B 101 -96.71 10.24 -2.98
N ASN B 102 -97.08 10.04 -4.24
CA ASN B 102 -98.43 10.31 -4.73
C ASN B 102 -99.26 9.04 -4.62
N LEU B 103 -100.39 9.12 -3.94
CA LEU B 103 -101.23 7.95 -3.65
C LEU B 103 -102.53 7.96 -4.45
N ASP B 104 -102.50 8.47 -5.68
CA ASP B 104 -103.69 8.42 -6.52
C ASP B 104 -103.93 7.03 -7.09
N LYS B 105 -102.87 6.29 -7.37
CA LYS B 105 -103.00 4.93 -7.88
C LYS B 105 -103.44 3.99 -6.77
N PRO B 106 -104.42 3.12 -7.00
CA PRO B 106 -104.83 2.17 -5.95
C PRO B 106 -103.77 1.09 -5.74
N GLY B 107 -103.58 0.73 -4.48
CA GLY B 107 -102.60 -0.25 -4.08
C GLY B 107 -101.69 0.31 -3.00
N ASN B 108 -100.59 -0.38 -2.75
CA ASN B 108 -99.62 0.02 -1.75
C ASN B 108 -98.42 0.64 -2.44
N HIS B 109 -98.07 1.86 -2.04
CA HIS B 109 -96.93 2.58 -2.60
C HIS B 109 -95.76 2.47 -1.63
N ILE B 110 -94.64 1.96 -2.11
CA ILE B 110 -93.48 1.65 -1.28
C ILE B 110 -92.49 2.80 -1.39
N CYS B 111 -92.05 3.32 -0.24
CA CYS B 111 -90.95 4.28 -0.21
C CYS B 111 -89.66 3.59 -0.64
N GLY B 112 -88.94 4.22 -1.57
CA GLY B 112 -87.73 3.62 -2.10
C GLY B 112 -86.52 3.70 -1.18
N TYR B 113 -86.63 4.46 -0.10
CA TYR B 113 -85.55 4.64 0.87
C TYR B 113 -85.64 3.65 2.02
N CYS B 114 -86.79 3.61 2.68
CA CYS B 114 -86.97 2.83 3.90
C CYS B 114 -87.81 1.58 3.70
N GLY B 115 -88.70 1.57 2.72
CA GLY B 115 -89.54 0.41 2.45
C GLY B 115 -90.90 0.44 3.11
N LEU B 116 -91.25 1.52 3.80
CA LEU B 116 -92.58 1.64 4.39
C LEU B 116 -93.62 1.88 3.30
N ARG B 117 -94.78 1.25 3.46
CA ARG B 117 -95.83 1.27 2.45
C ARG B 117 -96.97 2.17 2.89
N PHE B 118 -97.42 3.02 1.98
CA PHE B 118 -98.55 3.91 2.20
C PHE B 118 -99.71 3.51 1.30
N VAL B 119 -100.93 3.81 1.74
CA VAL B 119 -102.12 3.44 0.98
C VAL B 119 -103.18 4.52 1.22
N LYS B 120 -103.93 4.84 0.18
CA LYS B 120 -105.02 5.80 0.25
C LYS B 120 -106.35 5.06 0.21
N LYS B 121 -107.25 5.40 1.12
CA LYS B 121 -108.56 4.76 1.19
C LYS B 121 -109.47 5.20 0.05
N PRO C 39 -75.27 31.87 -50.26
CA PRO C 39 -75.10 31.51 -48.84
C PRO C 39 -73.86 32.15 -48.23
N GLU C 40 -73.80 33.48 -48.26
CA GLU C 40 -72.68 34.20 -47.67
C GLU C 40 -72.78 34.21 -46.16
N LYS C 41 -71.63 34.02 -45.51
CA LYS C 41 -71.59 33.99 -44.05
C LYS C 41 -71.72 35.39 -43.47
N ILE C 42 -72.21 35.46 -42.24
CA ILE C 42 -72.43 36.73 -41.54
C ILE C 42 -71.53 36.76 -40.30
N GLU C 43 -71.32 37.99 -39.84
CA GLU C 43 -70.36 38.29 -38.78
C GLU C 43 -71.09 38.39 -37.44
N VAL C 44 -70.74 37.51 -36.50
CA VAL C 44 -71.36 37.49 -35.17
C VAL C 44 -70.26 37.55 -34.12
N PHE C 45 -70.37 38.49 -33.18
CA PHE C 45 -69.39 38.61 -32.10
C PHE C 45 -69.95 37.89 -30.88
N VAL C 46 -69.47 36.69 -30.63
CA VAL C 46 -69.87 35.91 -29.45
C VAL C 46 -68.69 35.82 -28.49
N ASP C 47 -68.95 36.18 -27.22
CA ASP C 47 -67.94 36.34 -26.16
C ASP C 47 -66.82 37.31 -26.55
N ASP C 48 -67.21 38.38 -27.26
CA ASP C 48 -66.31 39.34 -27.91
C ASP C 48 -65.28 38.66 -28.80
N ILE C 49 -65.74 37.64 -29.54
CA ILE C 49 -64.91 36.85 -30.43
C ILE C 49 -65.63 36.77 -31.78
N PRO C 50 -64.97 37.12 -32.88
CA PRO C 50 -65.64 37.05 -34.18
C PRO C 50 -65.88 35.62 -34.63
N VAL C 51 -67.01 35.41 -35.32
CA VAL C 51 -67.27 34.15 -35.98
C VAL C 51 -68.07 34.45 -37.25
N GLN C 52 -67.82 33.66 -38.30
CA GLN C 52 -68.55 33.74 -39.55
C GLN C 52 -69.48 32.54 -39.61
N VAL C 53 -70.78 32.79 -39.58
CA VAL C 53 -71.76 31.71 -39.56
C VAL C 53 -72.72 31.87 -40.72
N VAL C 54 -73.13 30.74 -41.31
CA VAL C 54 -74.11 30.74 -42.39
C VAL C 54 -75.46 31.13 -41.81
N PRO C 55 -76.32 31.83 -42.55
CA PRO C 55 -77.61 32.26 -41.99
C PRO C 55 -78.55 31.11 -41.75
N GLY C 56 -79.40 31.28 -40.74
CA GLY C 56 -80.32 30.25 -40.31
C GLY C 56 -79.86 29.42 -39.14
N THR C 57 -78.58 29.50 -38.77
CA THR C 57 -78.07 28.76 -37.64
C THR C 57 -78.52 29.40 -36.32
N THR C 58 -78.61 28.58 -35.28
CA THR C 58 -78.98 29.06 -33.98
C THR C 58 -77.81 29.75 -33.30
N VAL C 59 -78.12 30.44 -32.20
CA VAL C 59 -77.08 31.07 -31.38
C VAL C 59 -76.23 30.00 -30.69
N LEU C 60 -76.86 28.87 -30.32
CA LEU C 60 -76.13 27.76 -29.70
C LEU C 60 -75.13 27.13 -30.67
N GLN C 61 -75.50 26.98 -31.94
CA GLN C 61 -74.58 26.47 -32.94
C GLN C 61 -73.48 27.49 -33.26
N ALA C 62 -73.84 28.77 -33.31
CA ALA C 62 -72.86 29.82 -33.59
C ALA C 62 -71.87 30.01 -32.45
N ALA C 63 -72.26 29.64 -31.23
CA ALA C 63 -71.32 29.68 -30.12
C ALA C 63 -70.55 28.36 -29.97
N ALA C 64 -71.16 27.24 -30.35
CA ALA C 64 -70.45 25.97 -30.34
C ALA C 64 -69.46 25.83 -31.49
N GLN C 65 -69.53 26.72 -32.50
CA GLN C 65 -68.53 26.75 -33.54
C GLN C 65 -67.15 27.14 -33.01
N ILE C 66 -67.08 27.98 -31.96
CA ILE C 66 -65.80 28.40 -31.41
C ILE C 66 -65.40 27.62 -30.16
N GLY C 67 -66.34 26.92 -29.52
CA GLY C 67 -65.99 26.10 -28.37
C GLY C 67 -66.89 26.23 -27.17
N VAL C 68 -67.46 27.41 -26.94
CA VAL C 68 -68.33 27.60 -25.78
C VAL C 68 -69.67 26.93 -26.02
N GLU C 69 -70.16 26.20 -25.02
CA GLU C 69 -71.42 25.48 -25.10
C GLU C 69 -72.41 26.03 -24.09
N ILE C 70 -73.67 26.15 -24.51
CA ILE C 70 -74.76 26.61 -23.66
C ILE C 70 -75.41 25.36 -23.08
N PRO C 71 -75.68 25.32 -21.76
CA PRO C 71 -76.40 24.18 -21.19
C PRO C 71 -77.81 24.06 -21.72
N ARG C 72 -78.25 22.81 -21.89
CA ARG C 72 -79.48 22.52 -22.61
C ARG C 72 -80.23 21.38 -21.94
N PHE C 73 -81.55 21.40 -22.07
CA PHE C 73 -82.37 20.28 -21.64
C PHE C 73 -83.37 19.84 -22.70
N CYS C 74 -83.96 20.77 -23.45
CA CYS C 74 -84.99 20.43 -24.42
C CYS C 74 -84.52 20.62 -25.87
N TYR C 75 -83.21 20.62 -26.10
CA TYR C 75 -82.64 20.64 -27.45
C TYR C 75 -81.67 19.50 -27.60
N HIS C 76 -81.98 18.57 -28.50
CA HIS C 76 -81.04 17.59 -28.98
C HIS C 76 -80.68 17.94 -30.41
N GLU C 77 -79.49 17.51 -30.85
CA GLU C 77 -79.04 17.83 -32.20
C GLU C 77 -79.83 17.06 -33.25
N ARG C 78 -80.37 15.91 -32.89
CA ARG C 78 -81.10 15.05 -33.81
C ARG C 78 -82.60 15.12 -33.61
N LEU C 79 -83.09 16.04 -32.78
CA LEU C 79 -84.51 16.23 -32.54
C LEU C 79 -84.90 17.66 -32.92
N ALA C 80 -86.21 17.92 -32.86
CA ALA C 80 -86.71 19.25 -33.16
C ALA C 80 -86.39 20.21 -32.02
N VAL C 81 -86.20 21.48 -32.38
CA VAL C 81 -85.92 22.52 -31.39
C VAL C 81 -87.20 22.88 -30.66
N ALA C 82 -87.06 23.23 -29.39
CA ALA C 82 -88.21 23.55 -28.54
C ALA C 82 -87.75 24.45 -27.41
N GLY C 83 -88.71 24.90 -26.62
CA GLY C 83 -88.42 25.79 -25.50
C GLY C 83 -89.05 25.37 -24.19
N ASN C 84 -89.09 24.06 -23.92
CA ASN C 84 -89.76 23.56 -22.72
C ASN C 84 -88.92 23.81 -21.47
N CYS C 85 -87.61 23.95 -21.60
CA CYS C 85 -86.83 24.56 -20.53
C CYS C 85 -86.43 25.96 -20.99
N ARG C 86 -85.79 26.70 -20.11
CA ARG C 86 -85.28 28.03 -20.44
C ARG C 86 -83.83 28.16 -20.02
N MET C 87 -83.06 27.07 -20.14
CA MET C 87 -81.64 27.13 -19.81
C MET C 87 -80.82 27.84 -20.88
N CYS C 88 -81.32 27.92 -22.11
CA CYS C 88 -80.60 28.55 -23.20
C CYS C 88 -80.76 30.07 -23.26
N LEU C 89 -81.15 30.71 -22.17
CA LEU C 89 -81.32 32.15 -22.15
C LEU C 89 -79.95 32.80 -22.05
N VAL C 90 -79.50 33.38 -23.15
CA VAL C 90 -78.25 34.13 -23.20
C VAL C 90 -78.58 35.59 -23.45
N GLU C 91 -77.67 36.47 -23.03
CA GLU C 91 -77.87 37.90 -23.17
C GLU C 91 -77.20 38.39 -24.44
N VAL C 92 -77.98 38.91 -25.38
CA VAL C 92 -77.47 39.62 -26.53
C VAL C 92 -77.56 41.11 -26.23
N GLU C 93 -76.62 41.88 -26.78
CA GLU C 93 -76.53 43.29 -26.45
C GLU C 93 -77.64 44.08 -27.14
N LYS C 94 -78.03 45.18 -26.49
CA LYS C 94 -79.14 46.08 -26.90
C LYS C 94 -80.45 45.31 -27.07
N SER C 95 -80.75 44.43 -26.11
CA SER C 95 -81.99 43.67 -26.10
C SER C 95 -82.60 43.72 -24.71
N PRO C 96 -83.94 43.83 -24.61
CA PRO C 96 -84.57 43.90 -23.29
C PRO C 96 -84.63 42.55 -22.57
N LYS C 97 -84.82 41.46 -23.33
CA LYS C 97 -84.98 40.14 -22.75
C LYS C 97 -83.86 39.21 -23.22
N PRO C 98 -83.50 38.21 -22.41
CA PRO C 98 -82.58 37.18 -22.90
C PRO C 98 -83.23 36.32 -23.96
N VAL C 99 -82.41 35.82 -24.87
CA VAL C 99 -82.90 35.04 -26.01
C VAL C 99 -82.56 33.57 -25.80
N ALA C 100 -83.44 32.71 -26.29
CA ALA C 100 -83.25 31.26 -26.17
C ALA C 100 -82.29 30.81 -27.26
N ALA C 101 -81.07 30.42 -26.86
CA ALA C 101 -79.97 30.20 -27.79
C ALA C 101 -80.16 29.01 -28.71
N CYS C 102 -80.97 28.03 -28.34
CA CYS C 102 -81.19 26.88 -29.20
C CYS C 102 -82.34 27.08 -30.18
N ALA C 103 -83.01 28.23 -30.13
CA ALA C 103 -84.06 28.55 -31.10
C ALA C 103 -83.99 30.00 -31.55
N MET C 104 -82.79 30.60 -31.58
CA MET C 104 -82.61 31.98 -31.95
C MET C 104 -81.88 32.04 -33.28
N PRO C 105 -82.56 32.32 -34.41
CA PRO C 105 -81.84 32.56 -35.67
C PRO C 105 -81.07 33.87 -35.58
N VAL C 106 -79.75 33.76 -35.51
CA VAL C 106 -78.89 34.92 -35.29
C VAL C 106 -78.77 35.71 -36.59
N MET C 107 -78.72 37.03 -36.48
CA MET C 107 -78.59 37.91 -37.63
C MET C 107 -77.22 38.58 -37.63
N LYS C 108 -77.05 39.54 -38.53
CA LYS C 108 -75.75 40.17 -38.74
C LYS C 108 -75.42 41.13 -37.59
N GLY C 109 -74.23 40.98 -37.04
CA GLY C 109 -73.71 41.88 -36.02
C GLY C 109 -74.38 41.84 -34.67
N TRP C 110 -74.70 40.66 -34.16
CA TRP C 110 -75.10 40.51 -32.76
C TRP C 110 -73.89 40.24 -31.89
N ARG C 111 -73.87 40.87 -30.72
CA ARG C 111 -72.88 40.62 -29.69
C ARG C 111 -73.54 39.78 -28.60
N ILE C 112 -73.17 38.51 -28.54
CA ILE C 112 -73.73 37.56 -27.58
C ILE C 112 -72.78 37.45 -26.40
N LYS C 113 -73.30 37.64 -25.19
CA LYS C 113 -72.53 37.57 -23.96
C LYS C 113 -72.96 36.34 -23.18
N THR C 114 -72.20 35.25 -23.33
CA THR C 114 -72.53 34.03 -22.58
C THR C 114 -72.14 34.16 -21.12
N ASN C 115 -71.01 34.78 -20.83
CA ASN C 115 -70.49 34.89 -19.47
C ASN C 115 -70.86 36.23 -18.82
N SER C 116 -71.98 36.82 -19.21
CA SER C 116 -72.43 38.05 -18.59
C SER C 116 -73.10 37.74 -17.25
N ASP C 117 -73.39 38.81 -16.50
CA ASP C 117 -74.06 38.63 -15.20
C ASP C 117 -75.53 38.29 -15.38
N LEU C 118 -76.18 38.88 -16.39
CA LEU C 118 -77.60 38.63 -16.62
C LEU C 118 -77.85 37.19 -17.08
N THR C 119 -76.94 36.66 -17.90
CA THR C 119 -77.04 35.26 -18.34
C THR C 119 -76.90 34.30 -17.17
N ARG C 120 -75.95 34.55 -16.28
CA ARG C 120 -75.74 33.67 -15.14
C ARG C 120 -76.89 33.77 -14.14
N LYS C 121 -77.43 34.98 -13.93
CA LYS C 121 -78.60 35.15 -13.07
C LYS C 121 -79.83 34.45 -13.64
N ALA C 122 -80.03 34.55 -14.96
CA ALA C 122 -81.15 33.88 -15.60
C ALA C 122 -81.02 32.36 -15.53
N ARG C 123 -79.80 31.85 -15.75
CA ARG C 123 -79.58 30.40 -15.69
C ARG C 123 -79.76 29.88 -14.27
N GLU C 124 -79.29 30.61 -13.27
CA GLU C 124 -79.47 30.22 -11.87
C GLU C 124 -80.95 30.23 -11.47
N GLY C 125 -81.68 31.27 -11.89
CA GLY C 125 -83.10 31.33 -11.56
C GLY C 125 -83.93 30.26 -12.22
N VAL C 126 -83.71 30.03 -13.52
CA VAL C 126 -84.43 28.99 -14.25
C VAL C 126 -84.05 27.60 -13.72
N MET C 127 -82.80 27.42 -13.31
CA MET C 127 -82.41 26.10 -12.84
C MET C 127 -82.91 25.83 -11.42
N GLU C 128 -82.98 26.83 -10.55
CA GLU C 128 -83.59 26.58 -9.25
C GLU C 128 -85.11 26.42 -9.35
N PHE C 129 -85.72 27.01 -10.40
CA PHE C 129 -87.10 26.68 -10.71
C PHE C 129 -87.23 25.22 -11.14
N LEU C 130 -86.29 24.73 -11.94
CA LEU C 130 -86.27 23.31 -12.33
C LEU C 130 -86.05 22.39 -11.14
N LEU C 131 -85.24 22.83 -10.18
CA LEU C 131 -84.91 22.06 -8.99
C LEU C 131 -85.90 22.26 -7.85
N MET C 132 -86.98 22.98 -8.04
CA MET C 132 -87.87 23.24 -6.88
C MET C 132 -88.67 21.97 -6.56
N ASN C 133 -89.43 21.44 -7.52
CA ASN C 133 -90.32 20.28 -7.27
C ASN C 133 -89.62 18.92 -7.52
N HIS C 134 -88.38 18.89 -7.99
CA HIS C 134 -87.68 17.60 -8.31
C HIS C 134 -87.45 16.81 -7.03
N PRO C 135 -87.62 15.46 -7.02
CA PRO C 135 -87.49 14.66 -5.81
C PRO C 135 -86.06 14.54 -5.29
N LEU C 136 -85.86 14.41 -3.97
CA LEU C 136 -84.49 14.19 -3.44
C LEU C 136 -84.23 12.70 -3.57
N ASP C 137 -84.14 12.20 -4.80
CA ASP C 137 -83.98 10.75 -5.06
C ASP C 137 -82.59 10.44 -5.54
N CYS C 138 -81.64 11.36 -5.45
CA CYS C 138 -80.33 11.12 -6.10
C CYS C 138 -79.64 9.86 -5.53
N PRO C 139 -79.63 9.58 -4.22
CA PRO C 139 -79.03 8.33 -3.76
C PRO C 139 -79.76 7.05 -4.17
N ILE C 140 -80.99 7.13 -4.73
CA ILE C 140 -81.72 5.96 -5.19
C ILE C 140 -82.12 6.10 -6.67
N CYS C 141 -81.34 6.85 -7.44
CA CYS C 141 -81.64 7.11 -8.84
C CYS C 141 -80.46 6.61 -9.67
N ASP C 142 -80.74 5.81 -10.70
CA ASP C 142 -79.68 5.15 -11.45
C ASP C 142 -78.94 6.09 -12.39
N GLN C 143 -79.48 7.26 -12.69
CA GLN C 143 -78.78 8.24 -13.50
C GLN C 143 -77.96 9.22 -12.66
N GLY C 144 -77.88 9.00 -11.35
CA GLY C 144 -77.03 9.83 -10.52
C GLY C 144 -75.56 9.58 -10.82
N GLY C 145 -74.81 10.66 -11.02
CA GLY C 145 -73.46 10.59 -11.53
C GLY C 145 -73.34 10.79 -13.03
N GLU C 146 -74.43 10.57 -13.77
CA GLU C 146 -74.49 10.94 -15.18
C GLU C 146 -75.74 11.78 -15.46
N CYS C 147 -76.36 12.33 -14.43
CA CYS C 147 -77.49 13.22 -14.61
C CYS C 147 -77.01 14.57 -15.12
N ASP C 148 -77.74 15.13 -16.10
CA ASP C 148 -77.42 16.48 -16.56
C ASP C 148 -77.79 17.53 -15.52
N LEU C 149 -78.79 17.23 -14.69
CA LEU C 149 -79.22 18.19 -13.67
C LEU C 149 -78.17 18.34 -12.58
N GLN C 150 -77.49 17.26 -12.20
CA GLN C 150 -76.43 17.36 -11.19
C GLN C 150 -75.22 18.11 -11.71
N ASP C 151 -74.80 17.82 -12.94
CA ASP C 151 -73.63 18.46 -13.52
C ASP C 151 -73.89 19.92 -13.84
N GLN C 152 -75.11 20.26 -14.26
CA GLN C 152 -75.42 21.67 -14.48
C GLN C 152 -75.76 22.40 -13.20
N ALA C 153 -76.06 21.68 -12.10
CA ALA C 153 -76.18 22.35 -10.81
C ALA C 153 -74.82 22.70 -10.26
N MET C 154 -73.84 21.84 -10.46
CA MET C 154 -72.46 22.20 -10.11
C MET C 154 -71.90 23.26 -11.05
N ALA C 155 -72.23 23.18 -12.33
CA ALA C 155 -71.59 24.08 -13.30
C ALA C 155 -72.27 25.44 -13.36
N PHE C 156 -73.59 25.47 -13.42
CA PHE C 156 -74.31 26.73 -13.66
C PHE C 156 -75.37 27.07 -12.62
N GLY C 157 -75.79 26.14 -11.77
CA GLY C 157 -76.82 26.43 -10.81
C GLY C 157 -76.29 27.09 -9.55
N SER C 158 -77.23 27.42 -8.66
CA SER C 158 -76.88 28.01 -7.38
C SER C 158 -76.41 26.93 -6.40
N ASP C 159 -75.92 27.39 -5.25
CA ASP C 159 -75.33 26.46 -4.29
C ASP C 159 -76.28 26.03 -3.18
N ARG C 160 -77.36 26.77 -2.96
CA ARG C 160 -78.32 26.42 -1.92
C ARG C 160 -79.74 26.58 -2.43
N SER C 161 -80.69 26.20 -1.58
CA SER C 161 -82.10 26.31 -1.89
C SER C 161 -82.70 27.52 -1.20
N ARG C 162 -83.57 28.22 -1.93
CA ARG C 162 -84.41 29.27 -1.35
C ARG C 162 -85.84 28.79 -1.16
N PHE C 163 -86.07 27.48 -1.28
CA PHE C 163 -87.39 26.88 -1.12
C PHE C 163 -87.62 26.63 0.37
N THR C 164 -88.35 27.55 1.01
CA THR C 164 -88.72 27.42 2.41
C THR C 164 -90.08 26.78 2.60
N ASP C 165 -90.73 26.35 1.51
CA ASP C 165 -92.06 25.77 1.57
C ASP C 165 -92.05 24.25 1.49
N ILE C 166 -91.07 23.59 2.12
CA ILE C 166 -91.05 22.13 2.09
C ILE C 166 -91.54 21.58 3.42
N ASN C 167 -91.55 22.41 4.47
CA ASN C 167 -92.09 21.98 5.75
C ASN C 167 -93.61 21.96 5.72
N TYR C 168 -94.21 22.73 4.82
CA TYR C 168 -95.66 22.84 4.70
C TYR C 168 -96.00 23.12 3.24
N THR C 169 -97.06 22.45 2.75
CA THR C 169 -97.66 22.39 1.41
C THR C 169 -96.82 21.51 0.46
N GLY C 170 -95.59 21.19 0.87
CA GLY C 170 -94.74 20.16 0.29
C GLY C 170 -94.29 20.45 -1.13
N LYS C 171 -94.03 19.37 -1.86
CA LYS C 171 -93.58 19.41 -3.24
C LYS C 171 -94.55 18.62 -4.11
N ARG C 172 -94.27 18.62 -5.40
CA ARG C 172 -95.12 17.92 -6.36
C ARG C 172 -94.71 16.46 -6.48
N ALA C 173 -95.68 15.56 -6.43
CA ALA C 173 -95.46 14.14 -6.63
C ALA C 173 -96.55 13.60 -7.55
N VAL C 174 -96.16 12.82 -8.56
CA VAL C 174 -97.10 12.28 -9.53
C VAL C 174 -96.93 10.77 -9.59
N GLU C 175 -97.97 10.09 -10.05
CA GLU C 175 -97.99 8.65 -10.10
C GLU C 175 -97.11 8.12 -11.23
N ASP C 176 -96.54 6.94 -11.00
CA ASP C 176 -95.67 6.31 -11.99
C ASP C 176 -96.51 5.70 -13.11
N LYS C 177 -96.09 5.92 -14.34
CA LYS C 177 -96.82 5.42 -15.50
C LYS C 177 -96.43 3.97 -15.79
N ASP C 178 -97.33 3.24 -16.44
CA ASP C 178 -97.16 1.82 -16.71
C ASP C 178 -96.58 1.64 -18.10
N ILE C 179 -95.26 1.54 -18.18
CA ILE C 179 -94.54 1.19 -19.39
C ILE C 179 -93.90 -0.18 -19.13
N GLY C 180 -93.70 -0.96 -20.19
CA GLY C 180 -93.30 -2.35 -20.08
C GLY C 180 -91.91 -2.64 -19.55
N PRO C 181 -91.42 -3.87 -19.79
CA PRO C 181 -90.25 -4.37 -19.05
C PRO C 181 -88.92 -3.77 -19.46
N LEU C 182 -88.86 -2.89 -20.45
CA LEU C 182 -87.60 -2.23 -20.82
C LEU C 182 -87.43 -0.89 -20.13
N VAL C 183 -88.51 -0.27 -19.70
CA VAL C 183 -88.50 1.09 -19.17
C VAL C 183 -89.01 1.05 -17.74
N LYS C 184 -88.18 1.51 -16.80
CA LYS C 184 -88.64 1.80 -15.45
C LYS C 184 -89.01 3.26 -15.37
N THR C 185 -90.21 3.54 -14.90
CA THR C 185 -90.81 4.87 -15.00
C THR C 185 -91.07 5.42 -13.61
N ILE C 186 -90.44 6.55 -13.30
CA ILE C 186 -90.78 7.35 -12.12
C ILE C 186 -90.88 8.79 -12.63
N MET C 187 -92.10 9.27 -12.83
CA MET C 187 -92.32 10.61 -13.38
C MET C 187 -92.18 11.73 -12.36
N THR C 188 -91.82 11.43 -11.12
CA THR C 188 -91.57 12.50 -10.16
C THR C 188 -90.27 13.24 -10.50
N ARG C 189 -89.30 12.55 -11.07
CA ARG C 189 -88.02 13.13 -11.45
C ARG C 189 -88.06 13.91 -12.75
N CYS C 190 -89.17 13.84 -13.50
CA CYS C 190 -89.24 14.46 -14.81
C CYS C 190 -89.29 15.98 -14.72
N ILE C 191 -88.68 16.64 -15.69
CA ILE C 191 -88.62 18.10 -15.72
C ILE C 191 -89.43 18.67 -16.89
N HIS C 192 -90.16 17.81 -17.61
CA HIS C 192 -91.07 18.17 -18.71
C HIS C 192 -90.34 18.91 -19.84
N CYS C 193 -89.39 18.21 -20.46
CA CYS C 193 -88.63 18.79 -21.56
C CYS C 193 -89.08 18.30 -22.94
N THR C 194 -89.91 17.25 -22.99
CA THR C 194 -90.47 16.65 -24.21
C THR C 194 -89.39 16.24 -25.21
N ARG C 195 -88.29 15.68 -24.70
CA ARG C 195 -87.37 14.97 -25.59
C ARG C 195 -87.93 13.61 -25.97
N CYS C 196 -88.57 12.93 -25.02
CA CYS C 196 -89.17 11.61 -25.26
C CYS C 196 -90.34 11.70 -26.21
N VAL C 197 -91.17 12.74 -26.06
CA VAL C 197 -92.33 12.93 -26.92
C VAL C 197 -91.90 13.24 -28.35
N ARG C 198 -90.87 14.07 -28.51
CA ARG C 198 -90.37 14.41 -29.84
C ARG C 198 -89.69 13.22 -30.51
N PHE C 199 -88.96 12.41 -29.72
CA PHE C 199 -88.34 11.22 -30.29
C PHE C 199 -89.37 10.16 -30.68
N ALA C 200 -90.46 10.04 -29.91
CA ALA C 200 -91.54 9.14 -30.30
C ALA C 200 -92.25 9.65 -31.55
N SER C 201 -92.53 10.95 -31.62
CA SER C 201 -93.33 11.49 -32.71
C SER C 201 -92.56 11.54 -34.02
N GLU C 202 -91.25 11.80 -33.97
CA GLU C 202 -90.47 12.00 -35.19
C GLU C 202 -89.70 10.76 -35.62
N ILE C 203 -88.84 10.24 -34.75
CA ILE C 203 -87.89 9.21 -35.17
C ILE C 203 -88.45 7.81 -34.92
N ALA C 204 -89.03 7.57 -33.73
CA ALA C 204 -89.58 6.25 -33.43
C ALA C 204 -90.85 5.97 -34.22
N GLY C 205 -91.64 7.00 -34.50
CA GLY C 205 -92.80 6.86 -35.36
C GLY C 205 -94.07 6.44 -34.67
N VAL C 206 -94.03 6.16 -33.37
CA VAL C 206 -95.23 5.79 -32.62
C VAL C 206 -95.76 7.04 -31.91
N ASP C 207 -97.08 7.17 -31.87
CA ASP C 207 -97.70 8.37 -31.35
C ASP C 207 -98.20 8.21 -29.92
N ASP C 208 -97.83 7.12 -29.24
CA ASP C 208 -98.44 6.80 -27.94
C ASP C 208 -97.92 7.68 -26.81
N LEU C 209 -96.81 8.39 -27.00
CA LEU C 209 -96.29 9.27 -25.97
C LEU C 209 -96.78 10.70 -26.18
N GLY C 210 -97.09 11.37 -25.08
CA GLY C 210 -97.56 12.74 -25.15
C GLY C 210 -97.59 13.35 -23.76
N THR C 211 -97.94 14.64 -23.72
CA THR C 211 -98.01 15.40 -22.48
C THR C 211 -99.47 15.77 -22.19
N THR C 212 -99.93 15.45 -20.99
CA THR C 212 -101.34 15.59 -20.64
C THR C 212 -101.51 16.56 -19.49
N GLY C 213 -102.48 17.45 -19.63
CA GLY C 213 -102.79 18.40 -18.57
C GLY C 213 -102.17 19.77 -18.80
N ARG C 214 -102.36 20.62 -17.80
CA ARG C 214 -101.93 22.01 -17.86
C ARG C 214 -101.27 22.40 -16.55
N GLY C 215 -100.38 23.39 -16.63
CA GLY C 215 -99.76 23.95 -15.45
C GLY C 215 -98.72 23.05 -14.81
N ASN C 216 -98.65 23.10 -13.48
CA ASN C 216 -97.65 22.26 -12.77
C ASN C 216 -98.06 20.80 -12.99
N ASP C 217 -99.34 20.56 -13.27
CA ASP C 217 -99.84 19.16 -13.39
C ASP C 217 -99.61 18.58 -14.77
N MET C 218 -98.76 19.17 -15.61
CA MET C 218 -98.52 18.51 -16.91
C MET C 218 -97.86 17.18 -16.57
N GLN C 219 -98.26 16.10 -17.22
CA GLN C 219 -97.56 14.81 -16.98
C GLN C 219 -97.07 14.29 -18.33
N ILE C 220 -95.80 13.88 -18.42
CA ILE C 220 -95.27 13.45 -19.74
C ILE C 220 -95.35 11.92 -19.78
N GLY C 221 -96.46 11.40 -20.22
CA GLY C 221 -96.75 9.98 -20.25
C GLY C 221 -98.06 9.70 -20.96
N THR C 222 -98.31 8.41 -21.18
CA THR C 222 -99.51 7.96 -21.88
C THR C 222 -100.73 8.14 -20.96
N TYR C 223 -101.86 8.53 -21.56
CA TYR C 223 -103.08 8.77 -20.81
C TYR C 223 -103.64 7.47 -20.23
N VAL C 224 -103.45 6.35 -20.93
CA VAL C 224 -103.93 5.06 -20.48
C VAL C 224 -102.74 4.14 -20.26
N GLU C 225 -103.01 3.01 -19.61
CA GLU C 225 -101.97 2.00 -19.36
C GLU C 225 -101.71 1.25 -20.65
N LYS C 226 -100.67 1.66 -21.39
CA LYS C 226 -100.30 1.01 -22.62
C LYS C 226 -98.79 0.74 -22.61
N LEU C 227 -98.40 -0.33 -23.30
CA LEU C 227 -96.99 -0.64 -23.45
C LEU C 227 -96.41 0.18 -24.59
N PHE C 228 -95.44 1.03 -24.27
CA PHE C 228 -94.71 1.78 -25.29
C PHE C 228 -93.78 0.79 -25.98
N LEU C 229 -94.33 0.19 -27.04
CA LEU C 229 -93.57 -0.84 -27.79
C LEU C 229 -92.92 -0.20 -29.01
N THR C 230 -91.63 -0.38 -29.14
CA THR C 230 -90.85 0.15 -30.25
C THR C 230 -89.52 -0.60 -30.21
N GLU C 231 -88.95 -0.88 -31.39
CA GLU C 231 -87.60 -1.45 -31.44
C GLU C 231 -86.52 -0.44 -31.07
N LEU C 232 -86.85 0.85 -31.01
CA LEU C 232 -85.93 1.92 -30.66
C LEU C 232 -86.29 2.56 -29.31
N SER C 233 -86.86 1.77 -28.40
CA SER C 233 -87.33 2.33 -27.14
C SER C 233 -86.18 2.64 -26.19
N GLY C 234 -85.10 1.85 -26.26
CA GLY C 234 -83.95 2.00 -25.37
C GLY C 234 -83.27 3.35 -25.47
N ASN C 235 -83.27 3.95 -26.66
CA ASN C 235 -82.71 5.28 -26.88
C ASN C 235 -83.43 6.36 -26.09
N VAL C 236 -84.71 6.14 -25.73
CA VAL C 236 -85.43 7.10 -24.90
C VAL C 236 -84.81 7.18 -23.51
N ILE C 237 -84.28 6.05 -23.00
CA ILE C 237 -83.51 6.06 -21.76
C ILE C 237 -82.23 6.89 -21.92
N ASP C 238 -81.64 6.87 -23.12
CA ASP C 238 -80.53 7.77 -23.39
C ASP C 238 -80.98 9.20 -23.53
N LEU C 239 -82.23 9.42 -23.95
CA LEU C 239 -82.64 10.78 -24.30
C LEU C 239 -83.30 11.49 -23.13
N CYS C 240 -83.62 10.77 -22.07
CA CYS C 240 -84.14 11.44 -20.89
C CYS C 240 -82.98 12.11 -20.17
N PRO C 241 -82.97 13.44 -20.03
CA PRO C 241 -81.78 14.12 -19.51
C PRO C 241 -81.58 13.93 -18.03
N VAL C 242 -82.67 13.73 -17.29
CA VAL C 242 -82.56 13.63 -15.84
C VAL C 242 -82.54 12.16 -15.40
N GLY C 243 -83.47 11.34 -15.88
CA GLY C 243 -83.60 9.99 -15.38
C GLY C 243 -84.97 9.60 -14.88
N ALA C 244 -86.03 10.23 -15.39
CA ALA C 244 -87.38 9.75 -15.13
C ALA C 244 -87.60 8.39 -15.77
N LEU C 245 -87.06 8.19 -16.97
CA LEU C 245 -87.09 6.91 -17.64
C LEU C 245 -85.73 6.23 -17.48
N THR C 246 -85.74 4.99 -17.01
CA THR C 246 -84.53 4.31 -16.59
C THR C 246 -84.49 2.94 -17.25
N ASN C 247 -83.26 2.46 -17.52
CA ASN C 247 -83.04 1.10 -17.98
C ASN C 247 -83.48 0.10 -16.92
N LYS C 248 -84.48 -0.72 -17.25
CA LYS C 248 -85.01 -1.71 -16.31
C LYS C 248 -84.16 -3.00 -16.23
N PRO C 249 -83.54 -3.52 -17.31
CA PRO C 249 -82.48 -4.51 -17.08
C PRO C 249 -81.29 -3.98 -16.28
N TYR C 250 -80.91 -2.73 -16.48
CA TYR C 250 -79.86 -2.10 -15.69
C TYR C 250 -80.49 -1.32 -14.53
N SER C 251 -81.27 -2.04 -13.74
CA SER C 251 -81.94 -1.47 -12.58
C SER C 251 -81.05 -1.71 -11.37
N PHE C 252 -80.55 -0.62 -10.79
CA PHE C 252 -79.83 -0.54 -9.52
C PHE C 252 -78.52 -1.32 -9.54
N VAL C 253 -77.91 -1.53 -10.71
CA VAL C 253 -76.77 -2.44 -10.78
C VAL C 253 -75.48 -1.73 -10.41
N ALA C 254 -75.19 -0.59 -11.04
CA ALA C 254 -73.92 0.08 -10.80
C ALA C 254 -74.09 1.57 -11.00
N ARG C 255 -72.96 2.28 -10.95
CA ARG C 255 -72.88 3.72 -10.97
C ARG C 255 -71.90 4.19 -12.05
N PRO C 256 -72.11 5.40 -12.64
CA PRO C 256 -71.28 5.87 -13.77
C PRO C 256 -69.79 6.00 -13.51
N TRP C 257 -69.38 6.39 -12.31
CA TRP C 257 -67.96 6.50 -12.02
C TRP C 257 -67.32 5.13 -11.85
N GLU C 258 -68.12 4.13 -11.49
CA GLU C 258 -67.63 2.77 -11.30
C GLU C 258 -67.37 2.04 -12.61
N ILE C 259 -67.92 2.56 -13.71
CA ILE C 259 -67.93 1.87 -15.00
C ILE C 259 -66.59 2.06 -15.71
N ARG C 260 -66.00 0.95 -16.16
CA ARG C 260 -64.98 0.98 -17.21
C ARG C 260 -65.69 0.94 -18.56
N LYS C 261 -65.40 1.93 -19.39
CA LYS C 261 -66.06 2.06 -20.69
C LYS C 261 -65.12 1.53 -21.78
N VAL C 262 -65.57 0.53 -22.54
CA VAL C 262 -64.76 -0.02 -23.62
C VAL C 262 -65.52 0.14 -24.93
N SER C 263 -64.84 0.66 -25.95
CA SER C 263 -65.45 0.93 -27.25
C SER C 263 -65.44 -0.34 -28.09
N SER C 264 -66.60 -0.74 -28.61
CA SER C 264 -66.67 -1.93 -29.43
C SER C 264 -67.81 -1.75 -30.43
N ILE C 265 -68.24 -2.85 -31.04
CA ILE C 265 -69.33 -2.83 -32.01
C ILE C 265 -70.35 -3.88 -31.62
N ASP C 266 -71.58 -3.68 -32.09
CA ASP C 266 -72.66 -4.62 -31.86
C ASP C 266 -72.84 -5.50 -33.10
N VAL C 267 -73.07 -6.78 -32.86
CA VAL C 267 -73.17 -7.77 -33.93
C VAL C 267 -74.57 -8.36 -34.06
N LEU C 268 -75.53 -7.88 -33.26
CA LEU C 268 -76.86 -8.46 -33.27
C LEU C 268 -77.64 -8.06 -34.52
N ASP C 269 -77.50 -6.81 -34.94
CA ASP C 269 -78.20 -6.32 -36.12
C ASP C 269 -77.24 -6.23 -37.29
N ALA C 270 -77.74 -5.71 -38.41
CA ALA C 270 -76.96 -5.59 -39.64
C ALA C 270 -76.19 -4.28 -39.75
N VAL C 271 -76.48 -3.31 -38.88
CA VAL C 271 -75.90 -1.97 -39.01
C VAL C 271 -74.43 -1.98 -38.64
N GLY C 272 -74.03 -2.85 -37.71
CA GLY C 272 -72.69 -2.83 -37.18
C GLY C 272 -72.45 -1.59 -36.36
N SER C 273 -73.42 -1.27 -35.50
CA SER C 273 -73.44 -0.02 -34.76
C SER C 273 -72.34 0.03 -33.72
N ASN C 274 -71.68 1.19 -33.62
CA ASN C 274 -70.64 1.41 -32.63
C ASN C 274 -71.29 1.54 -31.25
N ILE C 275 -70.80 0.77 -30.29
CA ILE C 275 -71.34 0.78 -28.94
C ILE C 275 -70.19 1.01 -27.96
N VAL C 276 -70.56 1.40 -26.75
CA VAL C 276 -69.66 1.39 -25.62
C VAL C 276 -70.23 0.44 -24.57
N VAL C 277 -69.38 -0.46 -24.08
CA VAL C 277 -69.77 -1.53 -23.18
C VAL C 277 -69.31 -1.14 -21.78
N SER C 278 -70.22 -1.26 -20.82
CA SER C 278 -69.96 -0.95 -19.42
C SER C 278 -69.45 -2.21 -18.73
N THR C 279 -68.13 -2.32 -18.57
CA THR C 279 -67.53 -3.44 -17.87
C THR C 279 -66.95 -2.92 -16.56
N ARG C 280 -67.31 -3.58 -15.47
CA ARG C 280 -66.75 -3.31 -14.16
C ARG C 280 -66.57 -4.63 -13.43
N THR C 281 -65.32 -4.94 -13.06
CA THR C 281 -64.91 -6.13 -12.30
C THR C 281 -65.39 -7.43 -12.95
N ASN C 282 -64.99 -7.63 -14.21
CA ASN C 282 -65.24 -8.82 -15.03
C ASN C 282 -66.73 -9.11 -15.19
N GLU C 283 -67.54 -8.10 -15.48
CA GLU C 283 -68.98 -8.26 -15.66
C GLU C 283 -69.49 -7.25 -16.67
N VAL C 284 -70.33 -7.71 -17.59
CA VAL C 284 -70.96 -6.84 -18.57
C VAL C 284 -72.21 -6.23 -17.91
N LEU C 285 -72.23 -4.91 -17.79
CA LEU C 285 -73.33 -4.25 -17.10
C LEU C 285 -74.41 -3.80 -18.08
N ARG C 286 -74.04 -2.94 -19.02
CA ARG C 286 -74.97 -2.45 -20.03
C ARG C 286 -74.22 -2.08 -21.30
N ILE C 287 -75.00 -1.82 -22.34
CA ILE C 287 -74.49 -1.45 -23.65
C ILE C 287 -75.14 -0.12 -24.05
N LEU C 288 -74.32 0.86 -24.38
CA LEU C 288 -74.78 2.21 -24.68
C LEU C 288 -74.33 2.59 -26.08
N PRO C 289 -75.06 3.47 -26.77
CA PRO C 289 -74.61 3.93 -28.08
C PRO C 289 -73.31 4.73 -28.04
N ARG C 290 -72.55 4.60 -29.11
CA ARG C 290 -71.32 5.37 -29.30
C ARG C 290 -71.50 6.26 -30.53
N GLU C 291 -70.87 7.43 -30.50
CA GLU C 291 -71.17 8.47 -31.48
C GLU C 291 -70.43 8.21 -32.79
N ASN C 292 -71.18 7.97 -33.85
CA ASN C 292 -70.64 7.98 -35.21
C ASN C 292 -71.77 8.39 -36.13
N GLU C 293 -71.54 9.43 -36.94
CA GLU C 293 -72.57 9.92 -37.84
C GLU C 293 -72.78 9.01 -39.04
N ASP C 294 -71.82 8.12 -39.34
CA ASP C 294 -71.91 7.30 -40.54
C ASP C 294 -72.69 6.02 -40.34
N VAL C 295 -72.69 5.45 -39.13
CA VAL C 295 -73.20 4.10 -38.90
C VAL C 295 -74.52 4.13 -38.11
N ASN C 296 -74.48 4.61 -36.86
CA ASN C 296 -75.63 4.48 -35.97
C ASN C 296 -76.30 5.79 -35.61
N GLU C 297 -75.53 6.90 -35.59
CA GLU C 297 -76.01 8.26 -35.26
C GLU C 297 -76.63 8.31 -33.86
N GLU C 298 -75.86 7.84 -32.87
CA GLU C 298 -76.16 7.89 -31.44
C GLU C 298 -77.44 7.13 -31.06
N TRP C 299 -77.89 6.20 -31.89
CA TRP C 299 -79.06 5.39 -31.58
C TRP C 299 -78.68 3.92 -31.51
N LEU C 300 -79.54 3.13 -30.88
CA LEU C 300 -79.32 1.70 -30.74
C LEU C 300 -80.65 0.97 -30.76
N ALA C 301 -80.66 -0.19 -31.41
CA ALA C 301 -81.84 -1.03 -31.43
C ALA C 301 -82.00 -1.73 -30.08
N ASP C 302 -83.20 -2.28 -29.85
CA ASP C 302 -83.46 -2.97 -28.58
C ASP C 302 -82.76 -4.32 -28.52
N LYS C 303 -82.68 -5.02 -29.65
CA LYS C 303 -81.93 -6.27 -29.70
C LYS C 303 -80.43 -6.02 -29.55
N SER C 304 -79.96 -4.86 -30.01
CA SER C 304 -78.56 -4.52 -29.84
C SER C 304 -78.23 -4.16 -28.40
N ARG C 305 -79.18 -3.54 -27.70
CA ARG C 305 -78.91 -3.00 -26.37
C ARG C 305 -79.21 -3.98 -25.25
N PHE C 306 -80.36 -4.67 -25.30
CA PHE C 306 -80.80 -5.53 -24.21
C PHE C 306 -80.37 -6.97 -24.38
N ALA C 307 -79.33 -7.22 -25.19
CA ALA C 307 -78.74 -8.54 -25.31
C ALA C 307 -77.60 -8.77 -24.33
N CYS C 308 -77.32 -7.81 -23.46
CA CYS C 308 -76.30 -7.99 -22.43
C CYS C 308 -76.74 -8.96 -21.34
N ASP C 309 -78.04 -9.17 -21.18
CA ASP C 309 -78.53 -10.18 -20.25
C ASP C 309 -78.35 -11.59 -20.78
N GLY C 310 -78.19 -11.74 -22.10
CA GLY C 310 -77.96 -13.05 -22.69
C GLY C 310 -76.53 -13.54 -22.61
N LEU C 311 -75.61 -12.70 -22.14
CA LEU C 311 -74.21 -13.10 -21.97
C LEU C 311 -73.97 -13.84 -20.66
N LYS C 312 -74.99 -14.00 -19.82
CA LYS C 312 -74.86 -14.74 -18.58
C LYS C 312 -75.58 -16.09 -18.61
N ARG C 313 -76.64 -16.21 -19.40
CA ARG C 313 -77.43 -17.42 -19.45
C ARG C 313 -77.01 -18.32 -20.60
N GLN C 314 -77.02 -19.63 -20.34
CA GLN C 314 -76.73 -20.70 -21.31
C GLN C 314 -75.34 -20.57 -21.93
N ARG C 315 -74.38 -20.11 -21.14
CA ARG C 315 -73.03 -19.96 -21.62
C ARG C 315 -72.31 -21.31 -21.68
N LEU C 316 -71.28 -21.37 -22.51
CA LEU C 316 -70.43 -22.54 -22.62
C LEU C 316 -69.15 -22.30 -21.84
N VAL C 317 -68.92 -23.08 -20.80
CA VAL C 317 -67.79 -22.88 -19.90
C VAL C 317 -66.78 -24.02 -19.94
N ALA C 318 -67.15 -25.18 -20.47
CA ALA C 318 -66.25 -26.33 -20.51
C ALA C 318 -66.36 -27.00 -21.87
N PRO C 319 -65.27 -27.58 -22.37
CA PRO C 319 -65.36 -28.37 -23.61
C PRO C 319 -66.09 -29.67 -23.35
N MET C 320 -67.07 -29.96 -24.20
CA MET C 320 -67.97 -31.10 -24.00
C MET C 320 -67.80 -32.08 -25.15
N VAL C 321 -67.60 -33.34 -24.80
CA VAL C 321 -67.43 -34.42 -25.78
C VAL C 321 -68.57 -35.42 -25.56
N ARG C 322 -69.20 -35.83 -26.65
CA ARG C 322 -70.29 -36.80 -26.58
C ARG C 322 -69.72 -38.19 -26.26
N MET C 323 -70.08 -38.70 -25.09
CA MET C 323 -69.66 -40.03 -24.68
C MET C 323 -70.43 -41.10 -25.46
N PRO C 324 -69.89 -42.34 -25.51
CA PRO C 324 -70.67 -43.44 -26.09
C PRO C 324 -71.93 -43.83 -25.32
N ASN C 325 -72.10 -43.34 -24.08
CA ASN C 325 -73.37 -43.50 -23.38
C ASN C 325 -74.49 -42.77 -24.13
N GLY C 326 -74.20 -41.57 -24.61
CA GLY C 326 -75.16 -40.84 -25.42
C GLY C 326 -75.31 -39.38 -25.04
N GLU C 327 -74.70 -38.98 -23.93
CA GLU C 327 -74.80 -37.62 -23.43
C GLU C 327 -73.42 -36.96 -23.42
N LEU C 328 -73.43 -35.64 -23.60
CA LEU C 328 -72.19 -34.88 -23.59
C LEU C 328 -71.66 -34.76 -22.16
N GLN C 329 -70.33 -34.87 -22.02
CA GLN C 329 -69.68 -34.69 -20.73
C GLN C 329 -68.54 -33.70 -20.87
N ALA C 330 -68.28 -32.97 -19.79
CA ALA C 330 -67.24 -31.95 -19.78
C ALA C 330 -65.87 -32.60 -19.77
N VAL C 331 -65.06 -32.27 -20.77
CA VAL C 331 -63.79 -32.93 -21.03
C VAL C 331 -62.72 -31.84 -21.11
N GLU C 332 -61.54 -32.11 -20.53
CA GLU C 332 -60.41 -31.18 -20.57
C GLU C 332 -59.96 -30.92 -22.00
N TRP C 333 -59.21 -29.81 -22.16
CA TRP C 333 -58.94 -29.24 -23.48
C TRP C 333 -58.07 -30.13 -24.36
N GLU C 334 -57.06 -30.77 -23.76
CA GLU C 334 -56.17 -31.64 -24.53
C GLU C 334 -56.90 -32.89 -25.03
N GLY C 335 -57.76 -33.47 -24.20
CA GLY C 335 -58.53 -34.63 -24.61
C GLY C 335 -59.54 -34.32 -25.70
N ALA C 336 -60.20 -33.16 -25.61
CA ALA C 336 -61.13 -32.74 -26.65
C ALA C 336 -60.41 -32.44 -27.96
N LEU C 337 -59.23 -31.80 -27.89
CA LEU C 337 -58.46 -31.49 -29.10
C LEU C 337 -57.95 -32.76 -29.77
N ILE C 338 -57.47 -33.74 -28.98
CA ILE C 338 -57.02 -34.98 -29.62
C ILE C 338 -58.20 -35.84 -30.07
N ALA C 339 -59.39 -35.68 -29.48
CA ALA C 339 -60.57 -36.38 -30.00
C ALA C 339 -61.00 -35.82 -31.34
N VAL C 340 -61.00 -34.49 -31.49
CA VAL C 340 -61.32 -33.87 -32.77
C VAL C 340 -60.24 -34.18 -33.81
N ALA C 341 -58.98 -34.26 -33.38
CA ALA C 341 -57.90 -34.64 -34.29
C ALA C 341 -58.01 -36.10 -34.74
N LYS C 342 -58.41 -36.99 -33.83
CA LYS C 342 -58.63 -38.39 -34.20
C LYS C 342 -59.80 -38.54 -35.16
N ALA C 343 -60.87 -37.76 -34.96
CA ALA C 343 -61.99 -37.80 -35.89
C ALA C 343 -61.63 -37.19 -37.25
N ILE C 344 -60.75 -36.18 -37.27
CA ILE C 344 -60.26 -35.61 -38.52
C ILE C 344 -59.41 -36.62 -39.29
N LYS C 345 -58.53 -37.33 -38.58
CA LYS C 345 -57.71 -38.36 -39.22
C LYS C 345 -58.55 -39.56 -39.66
N ALA C 346 -59.65 -39.85 -38.95
CA ALA C 346 -60.56 -40.90 -39.39
C ALA C 346 -61.42 -40.45 -40.57
N ALA C 347 -61.63 -39.14 -40.73
CA ALA C 347 -62.42 -38.65 -41.85
C ALA C 347 -61.65 -38.76 -43.16
N GLY C 348 -60.36 -38.47 -43.15
CA GLY C 348 -59.52 -38.60 -44.32
C GLY C 348 -59.77 -37.60 -45.44
N GLY C 349 -59.90 -36.32 -45.09
CA GLY C 349 -60.03 -35.28 -46.10
C GLY C 349 -61.44 -35.05 -46.62
N GLN C 350 -62.44 -35.69 -46.04
CA GLN C 350 -63.83 -35.48 -46.42
C GLN C 350 -64.55 -34.53 -45.46
N ILE C 351 -63.84 -33.52 -44.97
CA ILE C 351 -64.39 -32.63 -43.95
C ILE C 351 -64.97 -31.39 -44.61
N ALA C 352 -65.81 -30.68 -43.85
CA ALA C 352 -66.41 -29.44 -44.29
C ALA C 352 -66.67 -28.56 -43.08
N GLY C 353 -66.89 -27.27 -43.34
CA GLY C 353 -67.16 -26.35 -42.26
C GLY C 353 -68.15 -25.27 -42.63
N ILE C 354 -69.01 -24.89 -41.69
CA ILE C 354 -70.06 -23.92 -41.91
C ILE C 354 -69.83 -22.74 -40.98
N SER C 355 -69.86 -21.52 -41.53
CA SER C 355 -69.73 -20.31 -40.73
C SER C 355 -71.02 -20.07 -39.95
N GLY C 356 -70.97 -19.11 -39.03
CA GLY C 356 -72.04 -18.86 -38.10
C GLY C 356 -72.76 -17.54 -38.33
N GLN C 357 -73.84 -17.38 -37.58
CA GLN C 357 -74.59 -16.11 -37.59
C GLN C 357 -73.80 -15.01 -36.90
N LEU C 358 -73.10 -15.34 -35.81
CA LEU C 358 -72.36 -14.37 -35.02
C LEU C 358 -70.86 -14.63 -35.04
N ALA C 359 -70.37 -15.31 -36.07
CA ALA C 359 -68.97 -15.69 -36.13
C ALA C 359 -68.07 -14.50 -36.44
N ASP C 360 -66.87 -14.52 -35.90
CA ASP C 360 -65.88 -13.48 -36.16
C ASP C 360 -65.33 -13.60 -37.58
N LEU C 361 -64.77 -12.50 -38.09
CA LEU C 361 -64.06 -12.57 -39.37
C LEU C 361 -62.78 -13.39 -39.25
N GLU C 362 -62.02 -13.17 -38.17
CA GLU C 362 -60.76 -13.89 -37.97
C GLU C 362 -61.00 -15.37 -37.68
N ALA C 363 -62.12 -15.70 -37.01
CA ALA C 363 -62.50 -17.08 -36.83
C ALA C 363 -62.84 -17.76 -38.15
N GLN C 364 -63.51 -17.02 -39.05
CA GLN C 364 -63.83 -17.57 -40.37
C GLN C 364 -62.56 -17.74 -41.21
N VAL C 365 -61.61 -16.83 -41.10
CA VAL C 365 -60.32 -16.97 -41.78
C VAL C 365 -59.55 -18.17 -41.25
N ALA C 366 -59.56 -18.37 -39.93
CA ALA C 366 -58.88 -19.52 -39.33
C ALA C 366 -59.53 -20.83 -39.72
N LEU C 367 -60.87 -20.85 -39.79
CA LEU C 367 -61.60 -22.04 -40.24
C LEU C 367 -61.31 -22.36 -41.70
N LYS C 368 -61.28 -21.33 -42.56
CA LYS C 368 -61.00 -21.53 -43.97
C LYS C 368 -59.57 -21.99 -44.20
N ASP C 369 -58.61 -21.46 -43.42
CA ASP C 369 -57.22 -21.88 -43.55
C ASP C 369 -57.02 -23.30 -43.03
N LEU C 370 -57.72 -23.67 -41.96
CA LEU C 370 -57.65 -25.03 -41.45
C LEU C 370 -58.25 -26.03 -42.44
N LEU C 371 -59.37 -25.69 -43.07
CA LEU C 371 -59.98 -26.59 -44.04
C LEU C 371 -59.19 -26.65 -45.34
N ASN C 372 -58.60 -25.54 -45.78
CA ASN C 372 -57.82 -25.55 -47.01
C ASN C 372 -56.48 -26.24 -46.81
N ARG C 373 -55.92 -26.18 -45.60
CA ARG C 373 -54.69 -26.90 -45.32
C ARG C 373 -54.92 -28.39 -45.12
N LEU C 374 -56.15 -28.81 -44.85
CA LEU C 374 -56.48 -30.22 -44.67
C LEU C 374 -57.12 -30.84 -45.90
N GLY C 375 -57.02 -30.18 -47.06
CA GLY C 375 -57.51 -30.74 -48.29
C GLY C 375 -59.01 -30.64 -48.51
N SER C 376 -59.68 -29.70 -47.87
CA SER C 376 -61.10 -29.47 -48.06
C SER C 376 -61.29 -28.13 -48.75
N GLU C 377 -61.99 -28.14 -49.88
CA GLU C 377 -62.23 -26.93 -50.65
C GLU C 377 -63.65 -26.38 -50.46
N VAL C 378 -64.41 -26.93 -49.52
CA VAL C 378 -65.80 -26.53 -49.30
C VAL C 378 -65.92 -25.85 -47.94
N VAL C 379 -66.49 -24.64 -47.95
CA VAL C 379 -66.87 -23.89 -46.76
C VAL C 379 -68.29 -23.38 -46.98
N ALA C 380 -68.96 -23.05 -45.88
CA ALA C 380 -70.38 -22.72 -45.97
C ALA C 380 -70.75 -21.64 -44.98
N THR C 381 -71.92 -21.04 -45.21
CA THR C 381 -72.51 -20.01 -44.37
C THR C 381 -73.97 -20.39 -44.16
N GLU C 382 -74.53 -20.00 -43.00
CA GLU C 382 -75.92 -20.30 -42.66
C GLU C 382 -76.91 -19.68 -43.65
N GLN C 383 -76.70 -18.41 -44.00
CA GLN C 383 -77.64 -17.70 -44.86
C GLN C 383 -77.15 -17.75 -46.31
N GLY C 384 -78.02 -18.20 -47.21
CA GLY C 384 -77.64 -18.39 -48.59
C GLY C 384 -77.57 -17.09 -49.37
N PHE C 385 -77.07 -17.20 -50.60
CA PHE C 385 -76.92 -16.07 -51.50
C PHE C 385 -77.01 -16.58 -52.92
N ILE C 386 -76.91 -15.66 -53.88
CA ILE C 386 -76.99 -15.96 -55.30
C ILE C 386 -75.71 -16.66 -55.76
N ALA C 387 -75.74 -17.23 -56.95
CA ALA C 387 -74.58 -17.88 -57.54
C ALA C 387 -73.77 -16.88 -58.34
N GLY C 388 -72.47 -16.81 -58.07
CA GLY C 388 -71.59 -15.91 -58.80
C GLY C 388 -71.51 -14.50 -58.26
N GLY C 389 -72.17 -14.20 -57.15
CA GLY C 389 -72.11 -12.88 -56.56
C GLY C 389 -70.91 -12.62 -55.68
N THR C 390 -70.07 -13.63 -55.44
CA THR C 390 -68.91 -13.49 -54.58
C THR C 390 -67.79 -12.70 -55.26
N ASP C 391 -67.73 -12.75 -56.60
CA ASP C 391 -66.60 -12.20 -57.35
C ASP C 391 -66.56 -10.68 -57.28
N ASN C 392 -67.71 -10.02 -57.37
CA ASN C 392 -67.78 -8.56 -57.25
C ASN C 392 -68.41 -8.20 -55.92
N ARG C 393 -67.86 -7.17 -55.28
CA ARG C 393 -68.27 -6.79 -53.93
C ARG C 393 -69.66 -6.16 -53.91
N ALA C 394 -69.98 -5.37 -54.94
CA ALA C 394 -71.22 -4.60 -55.00
C ALA C 394 -72.47 -5.46 -55.14
N ASN C 395 -72.32 -6.76 -55.44
CA ASN C 395 -73.44 -7.69 -55.38
C ASN C 395 -73.97 -7.84 -53.96
N TYR C 396 -73.10 -7.79 -52.96
CA TYR C 396 -73.49 -8.10 -51.58
C TYR C 396 -73.20 -6.96 -50.62
N LEU C 397 -73.31 -5.71 -51.09
CA LEU C 397 -73.10 -4.55 -50.22
C LEU C 397 -74.30 -3.63 -50.27
N LEU C 398 -74.57 -2.98 -49.15
CA LEU C 398 -75.43 -1.81 -49.13
C LEU C 398 -74.62 -0.66 -49.70
N ASN C 399 -74.64 -0.50 -51.03
CA ASN C 399 -73.66 0.35 -51.71
C ASN C 399 -73.92 1.82 -51.47
N SER C 400 -75.19 2.22 -51.39
CA SER C 400 -75.50 3.54 -50.88
C SER C 400 -75.22 3.56 -49.38
N THR C 401 -74.56 4.62 -48.92
CA THR C 401 -74.11 4.72 -47.54
C THR C 401 -75.32 4.90 -46.62
N ILE C 402 -75.21 4.35 -45.40
CA ILE C 402 -76.22 4.58 -44.36
C ILE C 402 -76.30 6.07 -44.02
N ALA C 403 -75.15 6.75 -44.03
CA ALA C 403 -75.16 8.21 -43.92
C ALA C 403 -75.74 8.86 -45.16
N GLY C 404 -75.64 8.21 -46.32
CA GLY C 404 -76.21 8.76 -47.54
C GLY C 404 -77.68 8.45 -47.75
N LEU C 405 -78.20 7.43 -47.05
CA LEU C 405 -79.60 7.05 -47.21
C LEU C 405 -80.57 8.06 -46.63
N GLU C 406 -80.10 8.99 -45.79
CA GLU C 406 -80.91 10.11 -45.36
C GLU C 406 -81.05 11.18 -46.43
N GLU C 407 -80.30 11.09 -47.53
CA GLU C 407 -80.43 12.01 -48.66
C GLU C 407 -81.22 11.41 -49.81
N ALA C 408 -81.85 10.26 -49.60
CA ALA C 408 -82.59 9.60 -50.67
C ALA C 408 -83.89 10.34 -50.99
N ASP C 409 -84.33 10.22 -52.24
CA ASP C 409 -85.52 10.89 -52.72
C ASP C 409 -86.66 9.91 -52.97
N ALA C 410 -86.37 8.74 -53.51
CA ALA C 410 -87.40 7.71 -53.69
C ALA C 410 -86.73 6.35 -53.55
N VAL C 411 -87.18 5.57 -52.57
CA VAL C 411 -86.57 4.29 -52.25
C VAL C 411 -87.63 3.19 -52.41
N LEU C 412 -87.22 2.05 -52.97
CA LEU C 412 -88.09 0.91 -53.19
C LEU C 412 -87.58 -0.27 -52.38
N LEU C 413 -88.45 -0.87 -51.58
CA LEU C 413 -88.10 -2.03 -50.77
C LEU C 413 -88.62 -3.28 -51.45
N VAL C 414 -87.73 -4.20 -51.78
CA VAL C 414 -88.09 -5.42 -52.48
C VAL C 414 -88.03 -6.55 -51.45
N GLY C 415 -89.17 -6.81 -50.83
CA GLY C 415 -89.32 -7.94 -49.91
C GLY C 415 -88.53 -7.86 -48.62
N THR C 416 -88.52 -6.71 -47.98
CA THR C 416 -87.85 -6.57 -46.70
C THR C 416 -88.65 -5.65 -45.79
N ASN C 417 -88.46 -5.82 -44.49
CA ASN C 417 -89.00 -4.92 -43.47
C ASN C 417 -87.80 -4.35 -42.72
N PRO C 418 -87.38 -3.11 -43.03
CA PRO C 418 -86.11 -2.62 -42.48
C PRO C 418 -86.16 -2.26 -41.01
N ARG C 419 -87.34 -2.03 -40.43
CA ARG C 419 -87.37 -1.66 -39.02
C ARG C 419 -87.22 -2.85 -38.09
N TYR C 420 -87.31 -4.08 -38.59
CA TYR C 420 -87.07 -5.28 -37.81
C TYR C 420 -85.83 -6.05 -38.24
N GLU C 421 -85.23 -5.69 -39.38
CA GLU C 421 -84.00 -6.32 -39.82
C GLU C 421 -82.77 -5.51 -39.42
N ALA C 422 -82.82 -4.19 -39.63
CA ALA C 422 -81.73 -3.29 -39.26
C ALA C 422 -82.34 -1.93 -38.99
N PRO C 423 -82.75 -1.66 -37.75
CA PRO C 423 -83.65 -0.52 -37.48
C PRO C 423 -83.01 0.85 -37.63
N LEU C 424 -81.68 0.96 -37.59
CA LEU C 424 -81.06 2.26 -37.76
C LEU C 424 -81.09 2.71 -39.22
N VAL C 425 -81.12 1.76 -40.15
CA VAL C 425 -81.42 2.06 -41.55
C VAL C 425 -82.84 2.61 -41.67
N ASN C 426 -83.76 2.09 -40.86
CA ASN C 426 -85.12 2.64 -40.85
C ASN C 426 -85.17 4.01 -40.19
N THR C 427 -84.26 4.31 -39.24
CA THR C 427 -84.19 5.68 -38.73
C THR C 427 -83.67 6.65 -39.79
N ARG C 428 -82.71 6.21 -40.60
CA ARG C 428 -82.23 7.03 -41.72
C ARG C 428 -83.33 7.25 -42.75
N LEU C 429 -84.11 6.21 -43.05
CA LEU C 429 -85.23 6.33 -43.97
C LEU C 429 -86.35 7.19 -43.39
N ARG C 430 -86.54 7.16 -42.07
CA ARG C 430 -87.53 8.02 -41.43
C ARG C 430 -87.10 9.48 -41.46
N LYS C 431 -85.80 9.74 -41.27
CA LYS C 431 -85.28 11.11 -41.39
C LYS C 431 -85.41 11.62 -42.81
N ALA C 432 -85.10 10.79 -43.80
CA ALA C 432 -85.30 11.17 -45.19
C ALA C 432 -86.78 11.28 -45.57
N TYR C 433 -87.66 10.59 -44.83
CA TYR C 433 -89.09 10.74 -45.04
C TYR C 433 -89.59 12.08 -44.51
N VAL C 434 -89.15 12.48 -43.31
CA VAL C 434 -89.68 13.70 -42.73
C VAL C 434 -89.01 14.95 -43.31
N HIS C 435 -87.74 14.86 -43.72
CA HIS C 435 -87.03 16.04 -44.18
C HIS C 435 -87.13 16.24 -45.69
N ASN C 436 -87.08 15.16 -46.46
CA ASN C 436 -87.24 15.22 -47.90
C ASN C 436 -88.60 14.66 -48.28
N GLU C 437 -89.14 15.17 -49.40
CA GLU C 437 -90.41 14.67 -49.89
C GLU C 437 -90.20 13.30 -50.54
N LEU C 438 -90.25 12.25 -49.73
CA LEU C 438 -89.89 10.91 -50.15
C LEU C 438 -91.14 10.06 -50.36
N GLN C 439 -91.17 9.35 -51.48
CA GLN C 439 -92.21 8.39 -51.80
C GLN C 439 -91.59 6.99 -51.78
N ILE C 440 -92.15 6.11 -50.95
CA ILE C 440 -91.60 4.78 -50.74
C ILE C 440 -92.66 3.74 -51.08
N ALA C 441 -92.28 2.73 -51.86
CA ALA C 441 -93.13 1.60 -52.20
C ALA C 441 -92.45 0.32 -51.76
N SER C 442 -93.24 -0.61 -51.22
CA SER C 442 -92.74 -1.89 -50.75
C SER C 442 -93.47 -3.01 -51.47
N ILE C 443 -92.71 -4.00 -51.92
CA ILE C 443 -93.25 -5.16 -52.62
C ILE C 443 -93.21 -6.35 -51.66
N GLY C 444 -94.38 -6.92 -51.38
CA GLY C 444 -94.49 -8.01 -50.46
C GLY C 444 -95.78 -7.96 -49.66
N PRO C 445 -95.76 -8.50 -48.45
CA PRO C 445 -96.98 -8.53 -47.62
C PRO C 445 -97.21 -7.18 -46.96
N LYS C 446 -98.27 -7.12 -46.16
CA LYS C 446 -98.62 -5.89 -45.45
C LYS C 446 -97.68 -5.71 -44.25
N ILE C 447 -96.86 -4.66 -44.29
CA ILE C 447 -95.92 -4.36 -43.23
C ILE C 447 -96.11 -2.90 -42.82
N ASP C 448 -95.76 -2.60 -41.57
CA ASP C 448 -95.76 -1.25 -41.06
C ASP C 448 -94.30 -0.80 -40.98
N LEU C 449 -94.01 0.38 -41.54
CA LEU C 449 -92.65 0.91 -41.56
C LEU C 449 -92.47 2.09 -40.60
N SER C 450 -93.49 2.39 -39.79
CA SER C 450 -93.71 3.57 -38.93
C SER C 450 -93.92 4.86 -39.71
N TYR C 451 -93.98 4.79 -41.04
CA TYR C 451 -94.39 5.89 -41.90
C TYR C 451 -95.21 5.32 -43.03
N ASP C 452 -95.92 6.21 -43.74
CA ASP C 452 -96.83 5.74 -44.81
C ASP C 452 -96.03 5.24 -46.01
N HIS C 453 -96.56 4.26 -46.72
CA HIS C 453 -95.95 3.71 -47.91
C HIS C 453 -97.02 3.02 -48.75
N GLU C 454 -96.80 2.99 -50.05
CA GLU C 454 -97.75 2.35 -50.97
C GLU C 454 -97.36 0.89 -51.15
N ASN C 455 -98.26 -0.01 -50.77
CA ASN C 455 -98.03 -1.45 -50.90
C ASN C 455 -98.46 -1.88 -52.29
N LEU C 456 -97.49 -2.25 -53.13
CA LEU C 456 -97.80 -2.63 -54.50
C LEU C 456 -98.42 -4.02 -54.56
N GLY C 457 -98.00 -4.92 -53.69
CA GLY C 457 -98.58 -6.25 -53.64
C GLY C 457 -97.54 -7.28 -53.23
N ALA C 458 -98.03 -8.50 -53.03
CA ALA C 458 -97.19 -9.63 -52.66
C ALA C 458 -96.72 -10.44 -53.86
N ASP C 459 -97.13 -10.06 -55.07
CA ASP C 459 -96.70 -10.78 -56.27
C ASP C 459 -95.24 -10.47 -56.58
N ALA C 460 -94.51 -11.50 -57.02
CA ALA C 460 -93.09 -11.33 -57.33
C ALA C 460 -92.90 -10.53 -58.61
N ALA C 461 -93.62 -10.90 -59.68
CA ALA C 461 -93.39 -10.36 -61.02
C ALA C 461 -93.69 -8.87 -61.15
N LEU C 462 -94.37 -8.28 -60.17
CA LEU C 462 -94.58 -6.84 -60.10
C LEU C 462 -93.27 -6.06 -60.07
N VAL C 463 -92.17 -6.63 -59.53
CA VAL C 463 -90.91 -5.90 -59.54
C VAL C 463 -90.38 -5.81 -60.97
N LYS C 464 -90.73 -6.80 -61.81
CA LYS C 464 -90.44 -6.70 -63.25
C LYS C 464 -91.20 -5.54 -63.88
N ASP C 465 -92.41 -5.25 -63.37
CA ASP C 465 -93.14 -4.06 -63.79
C ASP C 465 -92.40 -2.79 -63.40
N VAL C 466 -91.72 -2.81 -62.24
CA VAL C 466 -90.85 -1.71 -61.85
C VAL C 466 -89.66 -1.61 -62.79
N CYS C 467 -89.20 -2.74 -63.33
CA CYS C 467 -88.18 -2.71 -64.37
C CYS C 467 -88.77 -2.58 -65.76
N SER C 468 -90.10 -2.48 -65.89
CA SER C 468 -90.72 -2.30 -67.20
C SER C 468 -90.95 -0.84 -67.54
N GLY C 469 -91.13 0.02 -66.54
CA GLY C 469 -91.43 1.42 -66.76
C GLY C 469 -92.91 1.73 -66.87
N ALA C 470 -93.76 0.71 -67.01
CA ALA C 470 -95.20 0.94 -67.07
C ALA C 470 -95.81 1.19 -65.70
N HIS C 471 -95.15 0.77 -64.63
CA HIS C 471 -95.68 0.97 -63.29
C HIS C 471 -95.51 2.43 -62.87
N ALA C 472 -96.41 2.88 -61.99
CA ALA C 472 -96.42 4.28 -61.57
C ALA C 472 -95.22 4.64 -60.71
N PHE C 473 -94.70 3.70 -59.93
CA PHE C 473 -93.55 3.99 -59.09
C PHE C 473 -92.24 4.04 -59.87
N SER C 474 -92.21 3.47 -61.07
CA SER C 474 -91.01 3.52 -61.90
C SER C 474 -90.73 4.95 -62.37
N LYS C 475 -91.78 5.72 -62.65
CA LYS C 475 -91.62 7.13 -63.00
C LYS C 475 -91.10 7.94 -61.84
N VAL C 476 -91.53 7.62 -60.61
CA VAL C 476 -91.01 8.27 -59.42
C VAL C 476 -89.55 7.90 -59.19
N LEU C 477 -89.19 6.65 -59.49
CA LEU C 477 -87.80 6.22 -59.32
C LEU C 477 -86.87 6.85 -60.34
N GLU C 478 -87.32 6.99 -61.60
CA GLU C 478 -86.46 7.63 -62.59
C GLU C 478 -86.45 9.14 -62.43
N GLY C 479 -87.52 9.71 -61.86
CA GLY C 479 -87.54 11.15 -61.61
C GLY C 479 -86.88 11.60 -60.33
N ALA C 480 -86.40 10.68 -59.50
CA ALA C 480 -85.79 11.03 -58.23
C ALA C 480 -84.38 11.55 -58.42
N LYS C 481 -83.97 12.45 -57.52
CA LYS C 481 -82.61 12.98 -57.56
C LYS C 481 -81.60 11.94 -57.07
N LYS C 482 -81.89 11.30 -55.93
CA LYS C 482 -81.04 10.24 -55.39
C LYS C 482 -81.92 9.02 -55.09
N PRO C 483 -82.19 8.20 -56.09
CA PRO C 483 -83.03 7.02 -55.86
C PRO C 483 -82.23 5.85 -55.31
N ALA C 484 -82.97 4.84 -54.82
CA ALA C 484 -82.36 3.64 -54.26
C ALA C 484 -83.34 2.48 -54.34
N ILE C 485 -82.81 1.26 -54.40
CA ILE C 485 -83.59 0.03 -54.38
C ILE C 485 -82.95 -0.91 -53.37
N ILE C 486 -83.70 -1.31 -52.35
CA ILE C 486 -83.21 -2.16 -51.28
C ILE C 486 -83.87 -3.53 -51.38
N ILE C 487 -83.05 -4.58 -51.38
CA ILE C 487 -83.51 -5.96 -51.48
C ILE C 487 -83.05 -6.71 -50.23
N GLY C 488 -83.97 -7.43 -49.59
CA GLY C 488 -83.61 -8.23 -48.45
C GLY C 488 -82.85 -9.49 -48.85
N ALA C 489 -82.08 -10.02 -47.90
CA ALA C 489 -81.29 -11.22 -48.15
C ALA C 489 -82.15 -12.48 -48.20
N ASP C 490 -83.26 -12.49 -47.47
CA ASP C 490 -84.17 -13.64 -47.50
C ASP C 490 -84.84 -13.78 -48.86
N LEU C 491 -85.07 -12.67 -49.56
CA LEU C 491 -85.56 -12.74 -50.93
C LEU C 491 -84.47 -13.22 -51.88
N LEU C 492 -83.19 -12.95 -51.56
CA LEU C 492 -82.13 -13.47 -52.39
C LEU C 492 -81.79 -14.92 -52.11
N GLU C 493 -82.23 -15.45 -50.97
CA GLU C 493 -82.01 -16.86 -50.65
C GLU C 493 -82.99 -17.78 -51.38
N ARG C 494 -84.11 -17.25 -51.87
CA ARG C 494 -85.14 -18.07 -52.52
C ARG C 494 -84.70 -18.49 -53.92
N ALA C 495 -85.48 -19.39 -54.52
CA ALA C 495 -85.06 -20.08 -55.75
C ALA C 495 -85.05 -19.15 -56.96
N ASP C 496 -85.86 -18.08 -56.93
CA ASP C 496 -85.79 -17.10 -58.01
C ASP C 496 -84.50 -16.28 -57.92
N GLY C 497 -84.27 -15.66 -56.76
CA GLY C 497 -82.94 -15.29 -56.28
C GLY C 497 -82.17 -14.35 -57.18
N ALA C 498 -81.17 -14.95 -57.86
CA ALA C 498 -80.26 -14.23 -58.74
C ALA C 498 -81.00 -13.54 -59.89
N ALA C 499 -82.11 -14.14 -60.34
CA ALA C 499 -82.95 -13.51 -61.36
C ALA C 499 -83.50 -12.18 -60.86
N ILE C 500 -84.03 -12.15 -59.63
CA ILE C 500 -84.46 -10.89 -59.04
C ILE C 500 -83.26 -10.04 -58.70
N HIS C 501 -82.09 -10.65 -58.50
CA HIS C 501 -80.89 -9.85 -58.31
C HIS C 501 -80.39 -9.27 -59.63
N ALA C 502 -80.73 -9.90 -60.76
CA ALA C 502 -80.17 -9.43 -62.03
C ALA C 502 -80.92 -8.21 -62.54
N THR C 503 -82.25 -8.33 -62.63
CA THR C 503 -83.09 -7.41 -63.41
C THR C 503 -83.07 -6.00 -62.82
N VAL C 504 -83.22 -5.89 -61.50
CA VAL C 504 -83.18 -4.58 -60.84
C VAL C 504 -81.78 -3.99 -60.91
N ALA C 505 -80.74 -4.83 -61.00
CA ALA C 505 -79.39 -4.33 -61.23
C ALA C 505 -79.29 -3.67 -62.60
N GLU C 506 -79.94 -4.28 -63.60
CA GLU C 506 -80.08 -3.64 -64.90
C GLU C 506 -80.88 -2.35 -64.79
N TYR C 507 -81.89 -2.35 -63.92
CA TYR C 507 -82.64 -1.13 -63.65
C TYR C 507 -81.76 -0.09 -62.98
N CYS C 508 -80.83 -0.54 -62.13
CA CYS C 508 -79.85 0.36 -61.54
C CYS C 508 -78.91 0.89 -62.61
N LYS C 509 -78.60 0.07 -63.62
CA LYS C 509 -77.80 0.55 -64.72
C LYS C 509 -78.60 1.47 -65.63
N LYS C 510 -79.93 1.48 -65.48
CA LYS C 510 -80.74 2.47 -66.17
C LYS C 510 -80.84 3.77 -65.38
N LEU C 511 -80.61 3.70 -64.05
CA LEU C 511 -80.77 4.92 -63.18
C LEU C 511 -79.58 5.07 -62.22
N LYS C 512 -78.61 5.90 -62.58
CA LYS C 512 -77.43 6.09 -61.76
C LYS C 512 -77.03 7.56 -61.81
N LYS C 513 -76.53 8.04 -60.68
CA LYS C 513 -76.09 9.43 -60.52
C LYS C 513 -74.64 9.41 -60.08
N PRO C 514 -73.87 10.46 -60.39
CA PRO C 514 -72.47 10.51 -59.93
C PRO C 514 -72.36 10.58 -58.41
N ASN C 515 -71.35 9.86 -57.89
CA ASN C 515 -71.12 9.65 -56.46
C ASN C 515 -72.35 9.10 -55.74
N TRP C 516 -73.03 8.16 -56.40
CA TRP C 516 -74.23 7.55 -55.84
C TRP C 516 -74.44 6.18 -56.48
N ASN C 517 -74.43 5.14 -55.66
CA ASN C 517 -74.71 3.79 -56.13
C ASN C 517 -76.08 3.36 -55.62
N PRO C 518 -77.11 3.30 -56.47
CA PRO C 518 -78.47 3.08 -55.95
C PRO C 518 -78.79 1.63 -55.62
N PHE C 519 -77.97 0.67 -56.02
CA PHE C 519 -78.25 -0.72 -55.69
C PHE C 519 -77.92 -0.99 -54.23
N ASN C 520 -78.85 -1.61 -53.52
CA ASN C 520 -78.70 -1.83 -52.09
C ASN C 520 -79.23 -3.19 -51.71
N VAL C 521 -78.49 -3.88 -50.83
CA VAL C 521 -78.91 -5.14 -50.25
C VAL C 521 -78.69 -5.07 -48.74
N LEU C 522 -79.64 -5.59 -47.98
CA LEU C 522 -79.60 -5.55 -46.53
C LEU C 522 -79.61 -7.00 -46.02
N GLN C 523 -78.46 -7.44 -45.51
CA GLN C 523 -78.30 -8.81 -45.03
C GLN C 523 -78.17 -8.79 -43.52
N THR C 524 -79.04 -9.57 -42.84
CA THR C 524 -79.22 -9.46 -41.40
C THR C 524 -78.00 -9.97 -40.64
N ASN C 525 -77.34 -11.01 -41.17
CA ASN C 525 -76.20 -11.61 -40.49
C ASN C 525 -74.98 -10.69 -40.55
N ALA C 526 -74.34 -10.49 -39.40
CA ALA C 526 -73.16 -9.64 -39.35
C ALA C 526 -71.93 -10.34 -39.92
N ALA C 527 -71.90 -11.67 -39.86
CA ALA C 527 -70.78 -12.45 -40.37
C ALA C 527 -70.84 -12.70 -41.87
N GLN C 528 -71.99 -12.43 -42.49
CA GLN C 528 -72.22 -12.80 -43.89
C GLN C 528 -71.34 -12.00 -44.84
N VAL C 529 -71.21 -10.69 -44.60
CA VAL C 529 -70.43 -9.82 -45.48
C VAL C 529 -68.94 -10.13 -45.36
N GLY C 530 -68.47 -10.40 -44.14
CA GLY C 530 -67.07 -10.77 -43.97
C GLY C 530 -66.75 -12.14 -44.55
N ALA C 531 -67.68 -13.10 -44.41
CA ALA C 531 -67.49 -14.42 -45.00
C ALA C 531 -67.47 -14.37 -46.52
N LEU C 532 -68.35 -13.57 -47.12
CA LEU C 532 -68.32 -13.42 -48.57
C LEU C 532 -67.16 -12.54 -49.02
N ASP C 533 -66.59 -11.72 -48.14
CA ASP C 533 -65.34 -11.03 -48.45
C ASP C 533 -64.17 -12.01 -48.54
N VAL C 534 -64.06 -12.93 -47.56
CA VAL C 534 -62.91 -13.83 -47.56
C VAL C 534 -63.12 -15.05 -48.45
N GLY C 535 -64.29 -15.20 -49.07
CA GLY C 535 -64.47 -16.25 -50.06
C GLY C 535 -65.20 -17.47 -49.56
N TYR C 536 -66.30 -17.28 -48.84
CA TYR C 536 -67.11 -18.40 -48.39
C TYR C 536 -68.18 -18.73 -49.41
N LYS C 537 -68.32 -20.01 -49.74
CA LYS C 537 -69.39 -20.47 -50.60
C LYS C 537 -70.69 -20.42 -49.80
N ALA C 538 -71.57 -19.47 -50.15
CA ALA C 538 -72.76 -19.21 -49.34
C ALA C 538 -73.79 -20.31 -49.51
N GLY C 539 -74.46 -20.64 -48.41
CA GLY C 539 -75.45 -21.69 -48.41
C GLY C 539 -75.02 -22.91 -47.61
N ALA C 540 -75.84 -23.33 -46.65
CA ALA C 540 -75.54 -24.52 -45.86
C ALA C 540 -75.76 -25.80 -46.66
N GLN C 541 -76.53 -25.74 -47.74
CA GLN C 541 -76.75 -26.91 -48.59
C GLN C 541 -75.50 -27.31 -49.35
N THR C 542 -74.57 -26.38 -49.57
CA THR C 542 -73.29 -26.72 -50.20
C THR C 542 -72.44 -27.61 -49.32
N ALA C 543 -72.57 -27.49 -48.00
CA ALA C 543 -71.92 -28.41 -47.08
C ALA C 543 -72.78 -29.62 -46.74
N VAL C 544 -74.10 -29.50 -46.87
CA VAL C 544 -74.97 -30.66 -46.66
C VAL C 544 -74.78 -31.68 -47.78
N LYS C 545 -74.77 -31.22 -49.03
CA LYS C 545 -74.68 -32.11 -50.18
C LYS C 545 -73.28 -32.68 -50.39
N ALA C 546 -72.27 -32.15 -49.71
CA ALA C 546 -70.92 -32.68 -49.81
C ALA C 546 -70.71 -33.92 -48.96
N GLN C 547 -71.66 -34.23 -48.05
CA GLN C 547 -71.69 -35.36 -47.12
C GLN C 547 -70.44 -35.42 -46.24
N PRO C 548 -70.29 -34.50 -45.28
CA PRO C 548 -69.04 -34.45 -44.52
C PRO C 548 -69.00 -35.46 -43.38
N LYS C 549 -67.83 -36.08 -43.21
CA LYS C 549 -67.63 -36.95 -42.06
C LYS C 549 -67.41 -36.17 -40.79
N VAL C 550 -66.70 -35.03 -40.87
CA VAL C 550 -66.55 -34.09 -39.77
C VAL C 550 -67.02 -32.73 -40.26
N LEU C 551 -68.11 -32.24 -39.66
CA LEU C 551 -68.70 -30.96 -40.05
C LEU C 551 -68.39 -29.93 -38.99
N PHE C 552 -67.47 -29.02 -39.29
CA PHE C 552 -67.13 -27.94 -38.39
C PHE C 552 -68.25 -26.89 -38.39
N LEU C 553 -68.55 -26.36 -37.21
CA LEU C 553 -69.47 -25.24 -37.09
C LEU C 553 -68.84 -24.15 -36.25
N LEU C 554 -69.01 -22.91 -36.69
CA LEU C 554 -68.76 -21.72 -35.88
C LEU C 554 -70.03 -21.41 -35.10
N ASN C 555 -70.17 -20.19 -34.58
CA ASN C 555 -71.31 -19.81 -33.74
C ASN C 555 -72.57 -19.71 -34.59
N ALA C 556 -73.13 -20.87 -34.91
CA ALA C 556 -74.28 -21.02 -35.80
C ALA C 556 -75.41 -21.66 -35.02
N ASP C 557 -76.49 -20.89 -34.80
CA ASP C 557 -77.65 -21.40 -34.09
C ASP C 557 -78.94 -21.23 -34.89
N ALA C 558 -78.81 -21.07 -36.21
CA ALA C 558 -80.00 -20.90 -37.05
C ALA C 558 -80.76 -22.21 -37.24
N GLY C 559 -80.07 -23.34 -37.11
CA GLY C 559 -80.73 -24.62 -37.25
C GLY C 559 -81.09 -25.03 -38.66
N LYS C 560 -80.36 -24.51 -39.66
CA LYS C 560 -80.61 -24.90 -41.04
C LYS C 560 -80.09 -26.29 -41.37
N VAL C 561 -79.19 -26.83 -40.55
CA VAL C 561 -78.66 -28.18 -40.71
C VAL C 561 -79.00 -28.98 -39.46
N THR C 562 -79.40 -30.24 -39.65
CA THR C 562 -79.80 -31.10 -38.56
C THR C 562 -79.19 -32.48 -38.75
N ARG C 563 -79.58 -33.41 -37.88
CA ARG C 563 -79.05 -34.77 -37.93
C ARG C 563 -79.63 -35.56 -39.10
N GLU C 564 -80.83 -35.22 -39.56
CA GLU C 564 -81.47 -35.99 -40.62
C GLU C 564 -80.83 -35.72 -41.97
N GLN C 565 -80.40 -34.49 -42.22
CA GLN C 565 -79.69 -34.19 -43.46
C GLN C 565 -78.27 -34.73 -43.44
N LEU C 566 -77.67 -34.82 -42.27
CA LEU C 566 -76.33 -35.36 -42.10
C LEU C 566 -76.34 -36.87 -42.20
N PRO C 567 -75.18 -37.51 -42.51
CA PRO C 567 -75.14 -38.98 -42.56
C PRO C 567 -75.20 -39.66 -41.21
N LYS C 568 -75.02 -41.00 -41.21
CA LYS C 568 -75.18 -41.80 -40.01
C LYS C 568 -74.10 -41.49 -38.98
N ASP C 569 -72.86 -41.32 -39.41
CA ASP C 569 -71.77 -40.89 -38.55
C ASP C 569 -71.26 -39.53 -39.02
N CYS C 570 -71.33 -38.54 -38.15
CA CYS C 570 -70.88 -37.19 -38.49
C CYS C 570 -70.40 -36.52 -37.21
N PHE C 571 -69.10 -36.28 -37.13
CA PHE C 571 -68.51 -35.64 -35.95
C PHE C 571 -68.73 -34.13 -36.05
N VAL C 572 -69.83 -33.68 -35.49
CA VAL C 572 -70.19 -32.26 -35.51
C VAL C 572 -69.43 -31.54 -34.40
N VAL C 573 -68.55 -30.62 -34.78
CA VAL C 573 -67.79 -29.81 -33.83
C VAL C 573 -68.37 -28.40 -33.86
N TYR C 574 -68.95 -27.99 -32.73
CA TYR C 574 -69.58 -26.68 -32.61
C TYR C 574 -68.67 -25.78 -31.78
N ILE C 575 -68.13 -24.74 -32.42
CA ILE C 575 -67.28 -23.77 -31.75
C ILE C 575 -68.13 -22.50 -31.60
N GLY C 576 -68.79 -22.37 -30.45
CA GLY C 576 -69.68 -21.26 -30.22
C GLY C 576 -69.64 -20.81 -28.78
N SER C 577 -70.46 -19.80 -28.48
CA SER C 577 -70.50 -19.20 -27.15
C SER C 577 -71.68 -19.64 -26.32
N HIS C 578 -72.86 -19.83 -26.93
CA HIS C 578 -74.06 -20.16 -26.20
C HIS C 578 -74.57 -21.57 -26.50
N GLY C 579 -74.83 -21.87 -27.77
CA GLY C 579 -75.26 -23.20 -28.16
C GLY C 579 -76.64 -23.62 -27.70
N ASP C 580 -77.64 -22.75 -27.86
CA ASP C 580 -79.02 -23.16 -27.63
C ASP C 580 -79.48 -24.16 -28.68
N ASN C 581 -79.12 -23.93 -29.95
CA ASN C 581 -79.37 -24.87 -31.03
C ASN C 581 -78.09 -25.02 -31.84
N GLY C 582 -77.85 -26.22 -32.34
CA GLY C 582 -76.61 -26.53 -33.03
C GLY C 582 -75.53 -27.07 -32.13
N ALA C 583 -75.73 -27.08 -30.81
CA ALA C 583 -74.82 -27.74 -29.88
C ALA C 583 -75.42 -29.00 -29.27
N SER C 584 -76.75 -29.14 -29.27
CA SER C 584 -77.36 -30.38 -28.82
C SER C 584 -77.12 -31.51 -29.81
N ILE C 585 -76.96 -31.19 -31.10
CA ILE C 585 -76.66 -32.19 -32.11
C ILE C 585 -75.17 -32.39 -32.29
N ALA C 586 -74.32 -31.61 -31.63
CA ALA C 586 -72.89 -31.69 -31.83
C ALA C 586 -72.28 -32.80 -30.99
N ASP C 587 -71.17 -33.36 -31.50
CA ASP C 587 -70.45 -34.41 -30.79
C ASP C 587 -69.29 -33.88 -29.96
N ALA C 588 -68.71 -32.74 -30.35
CA ALA C 588 -67.62 -32.11 -29.61
C ALA C 588 -67.96 -30.63 -29.50
N VAL C 589 -68.61 -30.26 -28.40
CA VAL C 589 -69.06 -28.88 -28.18
C VAL C 589 -67.87 -28.12 -27.60
N LEU C 590 -67.17 -27.38 -28.45
CA LEU C 590 -66.08 -26.55 -27.96
C LEU C 590 -66.62 -25.19 -27.50
N PRO C 591 -66.06 -24.59 -26.46
CA PRO C 591 -66.53 -23.29 -26.00
C PRO C 591 -66.02 -22.17 -26.91
N GLY C 592 -66.37 -20.94 -26.53
CA GLY C 592 -65.94 -19.78 -27.28
C GLY C 592 -66.28 -18.52 -26.54
N ALA C 593 -65.70 -17.41 -27.02
CA ALA C 593 -65.92 -16.11 -26.43
C ALA C 593 -66.96 -15.34 -27.25
N ALA C 594 -67.74 -14.51 -26.56
CA ALA C 594 -68.75 -13.69 -27.21
C ALA C 594 -68.11 -12.44 -27.82
N TYR C 595 -68.95 -11.55 -28.36
CA TYR C 595 -68.44 -10.36 -29.02
C TYR C 595 -67.94 -9.30 -28.05
N THR C 596 -68.31 -9.40 -26.77
CA THR C 596 -67.76 -8.52 -25.74
C THR C 596 -66.56 -9.11 -25.03
N GLU C 597 -66.16 -10.33 -25.39
CA GLU C 597 -65.09 -11.04 -24.70
C GLU C 597 -63.87 -11.31 -25.56
N LYS C 598 -63.86 -10.86 -26.82
CA LYS C 598 -62.75 -11.13 -27.71
C LYS C 598 -62.57 -9.97 -28.66
N GLN C 599 -61.38 -9.90 -29.25
CA GLN C 599 -61.04 -8.87 -30.23
C GLN C 599 -61.12 -9.46 -31.63
N GLY C 600 -61.90 -8.84 -32.50
CA GLY C 600 -62.04 -9.33 -33.85
C GLY C 600 -62.72 -8.30 -34.73
N ILE C 601 -62.80 -8.63 -36.01
CA ILE C 601 -63.34 -7.73 -37.02
C ILE C 601 -64.74 -8.22 -37.39
N TYR C 602 -65.65 -7.28 -37.61
CA TYR C 602 -66.94 -7.57 -38.22
C TYR C 602 -67.18 -6.56 -39.33
N VAL C 603 -67.74 -7.04 -40.44
CA VAL C 603 -68.06 -6.20 -41.58
C VAL C 603 -69.59 -6.10 -41.66
N ASN C 604 -70.09 -4.88 -41.68
CA ASN C 604 -71.53 -4.66 -41.67
C ASN C 604 -72.08 -4.76 -43.09
N THR C 605 -73.36 -4.39 -43.27
CA THR C 605 -74.02 -4.56 -44.56
C THR C 605 -73.55 -3.57 -45.61
N GLU C 606 -72.93 -2.46 -45.21
CA GLU C 606 -72.40 -1.49 -46.17
C GLU C 606 -70.97 -1.78 -46.56
N GLY C 607 -70.30 -2.74 -45.92
CA GLY C 607 -68.95 -3.09 -46.28
C GLY C 607 -67.87 -2.36 -45.51
N ARG C 608 -68.19 -1.77 -44.36
CA ARG C 608 -67.20 -1.05 -43.57
C ARG C 608 -66.70 -1.95 -42.46
N PRO C 609 -65.43 -2.37 -42.48
CA PRO C 609 -64.92 -3.22 -41.39
C PRO C 609 -64.73 -2.44 -40.11
N GLN C 610 -65.11 -3.06 -38.99
CA GLN C 610 -64.95 -2.45 -37.68
C GLN C 610 -64.43 -3.51 -36.71
N GLN C 611 -63.84 -3.05 -35.62
CA GLN C 611 -63.15 -3.92 -34.68
C GLN C 611 -63.79 -3.83 -33.31
N THR C 612 -64.16 -4.97 -32.76
CA THR C 612 -64.64 -5.05 -31.38
C THR C 612 -63.46 -5.21 -30.43
N LEU C 613 -63.69 -4.89 -29.16
CA LEU C 613 -62.63 -4.94 -28.18
C LEU C 613 -63.04 -5.83 -27.01
N PRO C 614 -62.11 -6.54 -26.38
CA PRO C 614 -62.49 -7.43 -25.27
C PRO C 614 -62.80 -6.64 -24.00
N GLY C 615 -64.06 -6.69 -23.59
CA GLY C 615 -64.47 -6.04 -22.36
C GLY C 615 -64.14 -6.88 -21.14
N VAL C 616 -64.69 -8.09 -21.08
CA VAL C 616 -64.52 -8.97 -19.94
C VAL C 616 -63.85 -10.25 -20.40
N SER C 617 -63.35 -11.01 -19.42
CA SER C 617 -62.75 -12.31 -19.71
C SER C 617 -63.85 -13.34 -20.02
N PRO C 618 -63.54 -14.34 -20.86
CA PRO C 618 -64.51 -15.41 -21.10
C PRO C 618 -64.68 -16.27 -19.86
N PRO C 619 -65.89 -16.78 -19.61
CA PRO C 619 -66.12 -17.56 -18.40
C PRO C 619 -65.62 -18.98 -18.53
N GLY C 620 -65.18 -19.53 -17.40
CA GLY C 620 -64.70 -20.90 -17.38
C GLY C 620 -63.34 -21.02 -18.06
N MET C 621 -63.24 -21.94 -19.02
CA MET C 621 -62.03 -22.11 -19.82
C MET C 621 -62.31 -21.87 -21.30
N ALA C 622 -63.23 -20.95 -21.60
CA ALA C 622 -63.51 -20.60 -22.99
C ALA C 622 -62.39 -19.72 -23.54
N ARG C 623 -62.02 -19.98 -24.79
CA ARG C 623 -60.98 -19.23 -25.48
C ARG C 623 -61.55 -18.59 -26.74
N GLU C 624 -60.73 -17.76 -27.39
CA GLU C 624 -61.10 -17.19 -28.66
C GLU C 624 -61.12 -18.26 -29.74
N ASP C 625 -61.97 -18.06 -30.75
CA ASP C 625 -62.24 -19.11 -31.73
C ASP C 625 -61.07 -19.31 -32.68
N TRP C 626 -60.37 -18.24 -33.04
CA TRP C 626 -59.19 -18.39 -33.90
C TRP C 626 -58.04 -19.05 -33.14
N LYS C 627 -57.93 -18.81 -31.83
CA LYS C 627 -56.95 -19.50 -31.01
C LYS C 627 -57.27 -20.99 -30.91
N ILE C 628 -58.57 -21.31 -30.80
CA ILE C 628 -59.02 -22.70 -30.77
C ILE C 628 -58.71 -23.41 -32.08
N LEU C 629 -58.95 -22.74 -33.20
CA LEU C 629 -58.69 -23.34 -34.50
C LEU C 629 -57.19 -23.48 -34.78
N ARG C 630 -56.39 -22.52 -34.32
CA ARG C 630 -54.93 -22.61 -34.47
C ARG C 630 -54.36 -23.72 -33.60
N ALA C 631 -54.87 -23.88 -32.37
CA ALA C 631 -54.43 -24.97 -31.50
C ALA C 631 -54.88 -26.32 -32.05
N LEU C 632 -56.06 -26.37 -32.66
CA LEU C 632 -56.53 -27.61 -33.29
C LEU C 632 -55.69 -27.97 -34.50
N SER C 633 -55.26 -26.97 -35.28
CA SER C 633 -54.35 -27.20 -36.39
C SER C 633 -52.98 -27.66 -35.91
N GLU C 634 -52.54 -27.19 -34.74
CA GLU C 634 -51.27 -27.66 -34.20
C GLU C 634 -51.37 -29.08 -33.65
N VAL C 635 -52.53 -29.45 -33.09
CA VAL C 635 -52.75 -30.83 -32.62
C VAL C 635 -52.83 -31.79 -33.80
N VAL C 636 -53.51 -31.38 -34.89
CA VAL C 636 -53.70 -32.26 -36.05
C VAL C 636 -52.37 -32.54 -36.75
N GLY C 637 -51.57 -31.50 -36.97
CA GLY C 637 -50.25 -31.71 -37.54
C GLY C 637 -49.93 -30.82 -38.71
N LYS C 638 -50.88 -29.97 -39.10
CA LYS C 638 -50.69 -29.00 -40.17
C LYS C 638 -51.03 -27.62 -39.61
N PRO C 639 -50.10 -27.00 -38.89
CA PRO C 639 -50.42 -25.77 -38.17
C PRO C 639 -50.49 -24.56 -39.09
N LEU C 640 -51.35 -23.62 -38.70
CA LEU C 640 -51.45 -22.34 -39.38
C LEU C 640 -50.21 -21.50 -39.07
N PRO C 641 -49.74 -20.69 -40.04
CA PRO C 641 -48.47 -19.98 -39.83
C PRO C 641 -48.54 -18.85 -38.82
N TYR C 642 -49.70 -18.24 -38.63
CA TYR C 642 -49.82 -17.14 -37.68
C TYR C 642 -49.90 -17.64 -36.25
N ASP C 643 -49.18 -16.95 -35.36
CA ASP C 643 -49.12 -17.30 -33.94
C ASP C 643 -49.94 -16.36 -33.06
N ASN C 644 -49.90 -15.06 -33.33
CA ASN C 644 -50.68 -14.07 -32.60
C ASN C 644 -51.63 -13.37 -33.56
N LEU C 645 -52.28 -12.31 -33.07
CA LEU C 645 -53.27 -11.60 -33.88
C LEU C 645 -52.64 -10.74 -34.97
N ASP C 646 -51.38 -10.34 -34.81
CA ASP C 646 -50.74 -9.44 -35.76
C ASP C 646 -50.46 -10.13 -37.10
N GLU C 647 -49.96 -11.37 -37.06
CA GLU C 647 -49.78 -12.11 -38.29
C GLU C 647 -51.09 -12.57 -38.90
N LEU C 648 -52.14 -12.73 -38.08
CA LEU C 648 -53.48 -12.98 -38.62
C LEU C 648 -54.00 -11.75 -39.37
N ARG C 649 -53.73 -10.55 -38.85
CA ARG C 649 -54.07 -9.34 -39.59
C ARG C 649 -53.21 -9.18 -40.84
N ASN C 650 -51.96 -9.65 -40.80
CA ASN C 650 -51.11 -9.65 -41.99
C ASN C 650 -51.65 -10.60 -43.07
N ARG C 651 -52.16 -11.76 -42.65
CA ARG C 651 -52.80 -12.67 -43.60
C ARG C 651 -54.12 -12.08 -44.11
N LEU C 652 -54.80 -11.28 -43.27
CA LEU C 652 -55.97 -10.53 -43.74
C LEU C 652 -55.61 -9.51 -44.81
N GLU C 653 -54.46 -8.83 -44.66
CA GLU C 653 -53.92 -8.00 -45.73
C GLU C 653 -53.58 -8.82 -46.97
N ASP C 654 -53.10 -10.06 -46.76
CA ASP C 654 -52.75 -10.93 -47.88
C ASP C 654 -53.98 -11.37 -48.67
N VAL C 655 -55.13 -11.54 -47.99
CA VAL C 655 -56.31 -12.02 -48.70
C VAL C 655 -57.21 -10.87 -49.19
N ALA C 656 -57.29 -9.76 -48.45
CA ALA C 656 -58.16 -8.64 -48.83
C ALA C 656 -57.65 -7.33 -48.25
N PRO C 657 -57.21 -6.38 -49.09
CA PRO C 657 -56.58 -5.15 -48.55
C PRO C 657 -57.57 -4.19 -47.88
N HIS C 658 -58.87 -4.36 -48.07
CA HIS C 658 -59.87 -3.48 -47.48
C HIS C 658 -60.48 -4.05 -46.20
N LEU C 659 -59.96 -5.16 -45.69
CA LEU C 659 -60.47 -5.77 -44.47
C LEU C 659 -59.70 -5.39 -43.22
N THR C 660 -58.70 -4.51 -43.34
CA THR C 660 -57.92 -4.07 -42.20
C THR C 660 -58.06 -2.58 -41.93
N ARG C 661 -58.47 -1.80 -42.92
CA ARG C 661 -58.73 -0.37 -42.75
C ARG C 661 -60.03 -0.18 -41.97
N LEU C 662 -59.90 -0.28 -40.64
CA LEU C 662 -61.07 -0.26 -39.76
C LEU C 662 -61.63 1.15 -39.65
N GLY C 663 -62.95 1.26 -39.79
CA GLY C 663 -63.62 2.55 -39.77
C GLY C 663 -63.62 3.30 -41.08
N GLN C 664 -62.97 2.78 -42.10
CA GLN C 664 -62.90 3.42 -43.41
C GLN C 664 -63.62 2.55 -44.43
N LEU C 665 -64.50 3.17 -45.22
CA LEU C 665 -65.32 2.45 -46.18
C LEU C 665 -64.80 2.69 -47.59
N GLU C 666 -64.56 1.59 -48.32
CA GLU C 666 -64.18 1.67 -49.72
C GLU C 666 -65.40 1.43 -50.58
N PRO C 667 -65.84 2.41 -51.36
CA PRO C 667 -67.04 2.20 -52.19
C PRO C 667 -66.75 1.30 -53.38
N ALA C 668 -67.69 0.42 -53.68
CA ALA C 668 -67.56 -0.52 -54.78
C ALA C 668 -68.16 0.08 -56.05
N GLY C 669 -68.04 -0.65 -57.15
CA GLY C 669 -68.55 -0.23 -58.44
C GLY C 669 -69.98 -0.64 -58.66
N ASP C 670 -70.31 -0.95 -59.91
CA ASP C 670 -71.65 -1.40 -60.25
C ASP C 670 -71.82 -2.86 -59.85
N ALA C 671 -73.09 -3.25 -59.68
CA ALA C 671 -73.45 -4.61 -59.28
C ALA C 671 -73.90 -5.39 -60.50
N GLY C 672 -73.20 -6.48 -60.79
CA GLY C 672 -73.53 -7.31 -61.94
C GLY C 672 -73.55 -8.79 -61.62
N ILE C 686 -94.04 -13.14 -52.55
CA ILE C 686 -92.93 -12.61 -51.77
C ILE C 686 -93.35 -12.56 -50.30
N ASP C 687 -92.56 -13.19 -49.44
CA ASP C 687 -92.85 -13.27 -48.02
C ASP C 687 -91.65 -12.76 -47.22
N ILE C 688 -91.94 -12.11 -46.10
CA ILE C 688 -90.92 -11.61 -45.18
C ILE C 688 -91.05 -12.38 -43.87
N LYS C 689 -89.93 -12.95 -43.41
CA LYS C 689 -89.97 -13.70 -42.16
C LYS C 689 -90.02 -12.79 -40.95
N LEU C 690 -89.55 -11.55 -41.07
CA LEU C 690 -89.54 -10.59 -39.97
C LEU C 690 -90.57 -9.50 -40.26
N LYS C 691 -91.74 -9.63 -39.67
CA LYS C 691 -92.80 -8.65 -39.86
C LYS C 691 -93.46 -8.21 -38.56
N GLU C 692 -93.06 -8.73 -37.41
CA GLU C 692 -93.64 -8.37 -36.12
C GLU C 692 -92.54 -8.24 -35.09
N LEU C 693 -92.88 -7.63 -33.95
CA LEU C 693 -91.89 -7.34 -32.93
C LEU C 693 -91.45 -8.60 -32.18
N ARG C 694 -92.38 -9.53 -31.95
CA ARG C 694 -92.03 -10.77 -31.28
C ARG C 694 -91.19 -11.67 -32.17
N ASP C 695 -91.33 -11.52 -33.50
CA ASP C 695 -90.38 -12.16 -34.41
C ASP C 695 -89.02 -11.48 -34.35
N TYR C 696 -89.01 -10.17 -34.08
CA TYR C 696 -87.77 -9.41 -34.06
C TYR C 696 -86.95 -9.70 -32.80
N PHE C 697 -87.62 -10.06 -31.70
CA PHE C 697 -86.95 -10.12 -30.40
C PHE C 697 -85.96 -11.29 -30.30
N MET C 698 -86.28 -12.45 -30.85
CA MET C 698 -85.49 -13.66 -30.63
C MET C 698 -84.84 -14.20 -31.89
N THR C 699 -84.24 -13.35 -32.72
CA THR C 699 -83.61 -13.85 -33.95
C THR C 699 -82.29 -14.57 -33.66
N ASP C 700 -81.46 -14.00 -32.77
CA ASP C 700 -80.12 -14.51 -32.58
C ASP C 700 -80.04 -15.39 -31.34
N ALA C 701 -78.85 -15.97 -31.12
CA ALA C 701 -78.65 -16.90 -30.01
C ALA C 701 -78.58 -16.18 -28.68
N ILE C 702 -77.89 -15.04 -28.65
CA ILE C 702 -77.76 -14.25 -27.42
C ILE C 702 -79.11 -13.65 -27.04
N SER C 703 -79.90 -13.25 -28.03
CA SER C 703 -81.25 -12.77 -27.76
C SER C 703 -82.18 -13.90 -27.35
N ARG C 704 -81.92 -15.12 -27.81
CA ARG C 704 -82.73 -16.26 -27.39
C ARG C 704 -82.41 -16.68 -25.96
N ALA C 705 -81.13 -16.59 -25.57
CA ALA C 705 -80.74 -16.98 -24.22
C ALA C 705 -81.10 -15.92 -23.18
N SER C 706 -81.39 -14.69 -23.60
CA SER C 706 -81.68 -13.61 -22.68
C SER C 706 -83.08 -13.77 -22.09
N PRO C 707 -83.24 -13.50 -20.78
CA PRO C 707 -84.60 -13.50 -20.21
C PRO C 707 -85.36 -12.22 -20.47
N THR C 708 -84.67 -11.13 -20.83
CA THR C 708 -85.34 -9.86 -21.10
C THR C 708 -86.21 -9.93 -22.35
N MET C 709 -85.74 -10.62 -23.39
CA MET C 709 -86.52 -10.73 -24.61
C MET C 709 -87.74 -11.64 -24.42
N ALA C 710 -87.59 -12.69 -23.60
CA ALA C 710 -88.73 -13.53 -23.23
C ALA C 710 -89.74 -12.76 -22.40
N LYS C 711 -89.26 -11.89 -21.50
CA LYS C 711 -90.15 -11.02 -20.73
C LYS C 711 -90.86 -10.01 -21.62
N CYS C 712 -90.17 -9.52 -22.65
CA CYS C 712 -90.77 -8.59 -23.61
C CYS C 712 -91.86 -9.26 -24.43
N ILE C 713 -91.61 -10.50 -24.90
CA ILE C 713 -92.63 -11.23 -25.65
C ILE C 713 -93.80 -11.61 -24.75
N SER C 714 -93.53 -11.94 -23.49
CA SER C 714 -94.61 -12.22 -22.53
C SER C 714 -95.47 -10.98 -22.27
N ALA C 715 -94.85 -9.80 -22.14
CA ALA C 715 -95.60 -8.58 -21.90
C ALA C 715 -96.39 -8.15 -23.13
N VAL C 716 -95.79 -8.26 -24.32
CA VAL C 716 -96.46 -7.92 -25.57
C VAL C 716 -97.64 -8.87 -25.83
N ASN C 717 -97.45 -10.16 -25.57
CA ASN C 717 -98.53 -11.13 -25.75
C ASN C 717 -99.63 -10.95 -24.70
N LYS C 718 -99.25 -10.55 -23.48
CA LYS C 718 -100.25 -10.25 -22.45
C LYS C 718 -101.10 -9.04 -22.83
N GLN C 719 -100.45 -8.01 -23.39
CA GLN C 719 -101.20 -6.86 -23.91
C GLN C 719 -102.07 -7.25 -25.10
N GLN C 720 -101.61 -8.20 -25.92
CA GLN C 720 -102.38 -8.65 -27.08
C GLN C 720 -103.64 -9.41 -26.65
N ARG C 721 -103.51 -10.34 -25.69
CA ARG C 721 -104.70 -11.03 -25.18
C ARG C 721 -105.61 -10.09 -24.40
N GLU C 722 -105.05 -9.08 -23.71
CA GLU C 722 -105.87 -8.11 -22.99
C GLU C 722 -106.70 -7.28 -23.95
N ASN C 723 -106.08 -6.80 -25.04
CA ASN C 723 -106.79 -6.03 -26.06
C ASN C 723 -107.79 -6.89 -26.81
N GLU C 724 -107.45 -8.16 -27.07
CA GLU C 724 -108.37 -9.05 -27.77
C GLU C 724 -109.58 -9.41 -26.89
N ALA C 725 -109.36 -9.57 -25.58
CA ALA C 725 -110.47 -9.83 -24.67
C ALA C 725 -111.37 -8.62 -24.52
N LYS C 726 -110.79 -7.42 -24.42
CA LYS C 726 -111.62 -6.21 -24.36
C LYS C 726 -112.32 -5.90 -25.68
N GLN C 727 -111.76 -6.33 -26.82
CA GLN C 727 -112.48 -6.17 -28.08
C GLN C 727 -113.59 -7.20 -28.22
N SER C 728 -113.34 -8.45 -27.82
CA SER C 728 -114.32 -9.52 -27.99
C SER C 728 -115.41 -9.51 -26.94
N VAL C 729 -115.21 -8.80 -25.82
CA VAL C 729 -116.29 -8.68 -24.85
C VAL C 729 -117.37 -7.70 -25.32
N ALA C 730 -117.02 -6.81 -26.26
CA ALA C 730 -118.00 -5.90 -26.84
C ALA C 730 -118.78 -6.51 -28.00
N ILE C 731 -118.39 -7.71 -28.44
CA ILE C 731 -119.07 -8.36 -29.55
C ILE C 731 -120.01 -9.44 -29.03
N ASP D 45 -70.30 43.25 -0.08
CA ASP D 45 -69.01 42.66 0.27
C ASP D 45 -69.05 41.14 0.11
N LYS D 46 -67.94 40.57 -0.35
CA LYS D 46 -67.84 39.13 -0.57
C LYS D 46 -66.88 38.52 0.44
N PRO D 47 -67.37 37.89 1.51
CA PRO D 47 -66.47 37.30 2.50
C PRO D 47 -66.05 35.86 2.20
N THR D 48 -66.62 35.22 1.19
CA THR D 48 -66.24 33.87 0.79
C THR D 48 -65.25 33.87 -0.37
N VAL D 49 -64.71 35.04 -0.73
CA VAL D 49 -63.75 35.18 -1.82
C VAL D 49 -62.46 35.72 -1.23
N ARG D 50 -61.35 35.02 -1.51
CA ARG D 50 -60.04 35.44 -1.00
C ARG D 50 -59.60 36.73 -1.69
N GLN D 51 -59.25 37.73 -0.89
CA GLN D 51 -58.82 39.03 -1.39
C GLN D 51 -57.32 39.02 -1.64
N PRO D 52 -56.87 39.36 -2.86
CA PRO D 52 -55.43 39.36 -3.14
C PRO D 52 -54.70 40.50 -2.46
N ASP D 53 -53.42 40.29 -2.23
CA ASP D 53 -52.57 41.28 -1.57
C ASP D 53 -51.92 42.15 -2.63
N ALA D 54 -52.24 43.45 -2.62
CA ALA D 54 -51.75 44.35 -3.66
C ALA D 54 -50.28 44.70 -3.49
N VAL D 55 -49.78 44.74 -2.26
CA VAL D 55 -48.37 45.04 -2.04
C VAL D 55 -47.48 43.85 -2.37
N ALA D 56 -48.03 42.65 -2.46
CA ALA D 56 -47.31 41.50 -3.00
C ALA D 56 -47.54 41.35 -4.50
N ARG D 57 -48.39 42.19 -5.09
CA ARG D 57 -48.62 42.20 -6.53
C ARG D 57 -47.77 43.23 -7.24
N SER D 58 -47.74 44.47 -6.73
CA SER D 58 -47.00 45.54 -7.39
C SER D 58 -45.49 45.32 -7.31
N HIS D 59 -45.00 44.91 -6.13
CA HIS D 59 -43.57 44.63 -5.96
C HIS D 59 -43.12 43.46 -6.82
N LEU D 60 -43.94 42.40 -6.89
CA LEU D 60 -43.58 41.25 -7.69
C LEU D 60 -43.70 41.54 -9.19
N SER D 61 -44.61 42.42 -9.60
CA SER D 61 -44.70 42.81 -11.00
C SER D 61 -43.49 43.65 -11.41
N ASP D 62 -43.09 44.60 -10.57
CA ASP D 62 -41.91 45.42 -10.84
C ASP D 62 -40.65 44.57 -10.85
N PHE D 63 -40.56 43.60 -9.93
CA PHE D 63 -39.40 42.70 -9.92
C PHE D 63 -39.41 41.74 -11.09
N GLY D 64 -40.59 41.32 -11.57
CA GLY D 64 -40.64 40.47 -12.74
C GLY D 64 -40.20 41.18 -14.00
N ARG D 65 -40.61 42.45 -14.16
CA ARG D 65 -40.08 43.25 -15.26
C ARG D 65 -38.59 43.53 -15.09
N TYR D 66 -38.12 43.67 -13.85
CA TYR D 66 -36.70 43.87 -13.57
C TYR D 66 -35.87 42.65 -13.94
N VAL D 67 -36.34 41.45 -13.61
CA VAL D 67 -35.56 40.24 -13.92
C VAL D 67 -35.71 39.88 -15.39
N ALA D 68 -36.80 40.29 -16.05
CA ALA D 68 -36.87 40.16 -17.51
C ALA D 68 -35.91 41.12 -18.21
N GLU D 69 -35.70 42.31 -17.63
CA GLU D 69 -34.78 43.26 -18.24
C GLU D 69 -33.32 42.87 -18.00
N CYS D 70 -33.00 42.36 -16.80
CA CYS D 70 -31.61 42.05 -16.47
C CYS D 70 -31.09 40.79 -17.16
N LEU D 71 -31.96 39.82 -17.43
CA LEU D 71 -31.56 38.58 -18.11
C LEU D 71 -32.45 38.31 -19.32
N PRO D 72 -32.19 38.98 -20.45
CA PRO D 72 -32.95 38.65 -21.67
C PRO D 72 -32.45 37.40 -22.38
N LYS D 73 -31.28 36.87 -22.02
CA LYS D 73 -30.76 35.69 -22.71
C LYS D 73 -31.49 34.43 -22.30
N TYR D 74 -31.80 34.29 -21.02
CA TYR D 74 -32.37 33.06 -20.48
C TYR D 74 -33.86 33.14 -20.19
N VAL D 75 -34.33 34.28 -19.69
CA VAL D 75 -35.73 34.40 -19.29
C VAL D 75 -36.61 34.59 -20.52
N GLN D 76 -37.56 33.67 -20.70
CA GLN D 76 -38.50 33.77 -21.81
C GLN D 76 -39.79 34.46 -21.42
N LYS D 77 -40.30 34.21 -20.22
CA LYS D 77 -41.59 34.72 -19.81
C LYS D 77 -41.66 34.79 -18.29
N VAL D 78 -42.08 35.94 -17.76
CA VAL D 78 -42.40 36.08 -16.35
C VAL D 78 -43.91 36.28 -16.22
N GLN D 79 -44.50 35.66 -15.20
CA GLN D 79 -45.94 35.71 -15.03
C GLN D 79 -46.31 35.75 -13.57
N LEU D 80 -47.29 36.58 -13.24
CA LEU D 80 -47.81 36.71 -11.88
C LEU D 80 -49.14 35.98 -11.81
N THR D 81 -49.14 34.81 -11.17
CA THR D 81 -50.31 33.95 -11.15
C THR D 81 -51.34 34.44 -10.13
N ALA D 82 -52.51 33.82 -10.17
CA ALA D 82 -53.50 34.03 -9.12
C ALA D 82 -53.00 33.39 -7.82
N GLY D 83 -53.11 34.14 -6.72
CA GLY D 83 -52.44 33.78 -5.49
C GLY D 83 -51.16 34.53 -5.23
N ASP D 84 -50.81 35.49 -6.09
CA ASP D 84 -49.69 36.44 -5.92
C ASP D 84 -48.34 35.72 -5.88
N GLU D 85 -48.13 34.82 -6.84
CA GLU D 85 -46.89 34.07 -6.96
C GLU D 85 -46.26 34.38 -8.31
N LEU D 86 -44.96 34.64 -8.31
CA LEU D 86 -44.23 35.02 -9.51
C LEU D 86 -43.49 33.82 -10.08
N GLU D 87 -43.69 33.57 -11.37
CA GLU D 87 -43.03 32.48 -12.08
C GLU D 87 -42.12 33.05 -13.15
N VAL D 88 -40.90 32.52 -13.23
CA VAL D 88 -39.94 32.83 -14.28
C VAL D 88 -39.70 31.57 -15.09
N LEU D 89 -39.82 31.67 -16.41
CA LEU D 89 -39.80 30.52 -17.30
C LEU D 89 -38.52 30.61 -18.14
N ILE D 90 -37.46 29.97 -17.64
CA ILE D 90 -36.13 30.10 -18.23
C ILE D 90 -35.89 29.05 -19.31
N ALA D 91 -34.84 29.27 -20.11
CA ALA D 91 -34.31 28.24 -20.99
C ALA D 91 -33.58 27.19 -20.16
N PRO D 92 -33.47 25.95 -20.67
CA PRO D 92 -32.68 24.93 -19.94
C PRO D 92 -31.19 25.21 -19.86
N GLU D 93 -30.65 26.07 -20.72
CA GLU D 93 -29.24 26.44 -20.62
C GLU D 93 -28.99 27.49 -19.56
N GLY D 94 -30.03 28.05 -18.96
CA GLY D 94 -29.86 29.10 -17.97
C GLY D 94 -30.32 28.73 -16.58
N VAL D 95 -30.09 27.48 -16.17
CA VAL D 95 -30.47 27.05 -14.83
C VAL D 95 -29.53 27.64 -13.80
N VAL D 96 -28.23 27.42 -13.98
CA VAL D 96 -27.19 28.00 -13.11
C VAL D 96 -27.12 29.54 -13.18
N PRO D 97 -27.05 30.22 -14.34
CA PRO D 97 -26.86 31.69 -14.29
C PRO D 97 -28.08 32.49 -13.82
N VAL D 98 -29.27 31.91 -13.79
CA VAL D 98 -30.40 32.62 -13.23
C VAL D 98 -30.44 32.43 -11.71
N LEU D 99 -30.33 31.17 -11.25
CA LEU D 99 -30.38 30.87 -9.82
C LEU D 99 -29.17 31.42 -9.07
N GLN D 100 -28.03 31.58 -9.76
CA GLN D 100 -26.93 32.32 -9.16
C GLN D 100 -27.28 33.79 -9.00
N PHE D 101 -27.93 34.37 -10.02
CA PHE D 101 -28.24 35.80 -10.05
C PHE D 101 -29.16 36.19 -8.90
N LEU D 102 -30.28 35.47 -8.77
CA LEU D 102 -31.20 35.63 -7.66
C LEU D 102 -30.58 35.25 -6.32
N LYS D 103 -29.48 34.49 -6.31
CA LYS D 103 -28.80 34.25 -5.04
C LYS D 103 -28.03 35.47 -4.58
N ASP D 104 -27.36 36.18 -5.50
CA ASP D 104 -26.27 37.05 -5.06
C ASP D 104 -26.47 38.54 -5.35
N HIS D 105 -27.60 38.94 -5.93
CA HIS D 105 -27.82 40.35 -6.26
C HIS D 105 -28.28 41.12 -5.03
N HIS D 106 -28.01 42.43 -5.02
CA HIS D 106 -28.52 43.29 -3.95
C HIS D 106 -30.03 43.48 -4.01
N GLN D 107 -30.61 43.49 -5.20
CA GLN D 107 -32.05 43.69 -5.32
C GLN D 107 -32.82 42.37 -5.32
N ALA D 108 -32.12 41.25 -5.21
CA ALA D 108 -32.77 39.95 -5.11
C ALA D 108 -31.82 39.02 -4.34
N GLN D 109 -32.05 38.87 -3.04
CA GLN D 109 -31.33 37.87 -2.26
C GLN D 109 -32.23 36.67 -2.01
N PHE D 110 -32.45 35.88 -3.07
CA PHE D 110 -33.19 34.62 -2.94
C PHE D 110 -32.22 33.51 -2.54
N THR D 111 -31.68 33.67 -1.32
CA THR D 111 -30.63 32.81 -0.82
C THR D 111 -31.15 31.47 -0.36
N ASN D 112 -32.43 31.35 -0.03
CA ASN D 112 -32.96 30.07 0.40
C ASN D 112 -33.60 29.37 -0.80
N LEU D 113 -33.31 28.08 -0.94
CA LEU D 113 -33.95 27.25 -1.96
C LEU D 113 -34.73 26.17 -1.23
N VAL D 114 -36.06 26.25 -1.28
CA VAL D 114 -36.84 25.37 -0.41
C VAL D 114 -37.04 23.99 -1.05
N ASP D 115 -37.37 23.98 -2.34
CA ASP D 115 -37.63 22.67 -3.00
C ASP D 115 -37.43 22.69 -4.51
N ILE D 116 -36.93 21.60 -5.08
CA ILE D 116 -36.84 21.45 -6.52
C ILE D 116 -37.85 20.39 -6.93
N ALA D 117 -38.80 20.77 -7.77
CA ALA D 117 -39.94 19.93 -8.10
C ALA D 117 -39.93 19.57 -9.57
N GLY D 118 -40.13 18.29 -9.87
CA GLY D 118 -40.25 17.81 -11.24
C GLY D 118 -41.69 17.44 -11.53
N VAL D 119 -42.20 17.94 -12.65
CA VAL D 119 -43.54 17.62 -13.13
C VAL D 119 -43.41 16.96 -14.49
N ASP D 120 -44.02 15.78 -14.64
CA ASP D 120 -44.00 15.05 -15.89
C ASP D 120 -45.29 15.33 -16.65
N VAL D 121 -45.19 16.07 -17.74
CA VAL D 121 -46.30 16.34 -18.63
C VAL D 121 -45.98 15.71 -19.98
N PRO D 122 -46.46 14.49 -20.23
CA PRO D 122 -46.00 13.74 -21.42
C PRO D 122 -46.57 14.26 -22.74
N CYS D 123 -47.52 15.19 -22.71
CA CYS D 123 -48.06 15.73 -23.95
C CYS D 123 -47.05 16.61 -24.68
N ARG D 124 -46.24 17.36 -23.95
CA ARG D 124 -45.31 18.30 -24.54
C ARG D 124 -44.12 17.59 -25.17
N LYS D 125 -43.37 18.33 -26.00
CA LYS D 125 -42.19 17.78 -26.66
C LYS D 125 -41.07 17.53 -25.66
N ASN D 126 -40.78 18.53 -24.83
CA ASN D 126 -39.91 18.35 -23.66
C ASN D 126 -40.85 18.10 -22.49
N ARG D 127 -40.95 16.83 -22.08
CA ARG D 127 -42.04 16.42 -21.21
C ARG D 127 -41.85 16.88 -19.77
N PHE D 128 -40.63 16.81 -19.25
CA PHE D 128 -40.42 17.17 -17.85
C PHE D 128 -40.28 18.67 -17.71
N GLU D 129 -40.79 19.20 -16.60
CA GLU D 129 -40.46 20.56 -16.21
C GLU D 129 -39.92 20.52 -14.79
N VAL D 130 -38.96 21.39 -14.53
CA VAL D 130 -38.25 21.44 -13.26
C VAL D 130 -38.49 22.81 -12.65
N VAL D 131 -39.01 22.84 -11.43
CA VAL D 131 -39.42 24.06 -10.76
C VAL D 131 -38.55 24.25 -9.52
N TYR D 132 -37.82 25.35 -9.47
CA TYR D 132 -36.99 25.74 -8.33
C TYR D 132 -37.74 26.82 -7.57
N ASN D 133 -38.11 26.54 -6.32
CA ASN D 133 -38.77 27.53 -5.48
C ASN D 133 -37.74 28.16 -4.56
N LEU D 134 -37.63 29.48 -4.62
CA LEU D 134 -36.63 30.22 -3.88
C LEU D 134 -37.31 31.20 -2.93
N LEU D 135 -36.78 31.27 -1.71
CA LEU D 135 -37.27 32.16 -0.67
C LEU D 135 -36.22 33.22 -0.38
N SER D 136 -36.64 34.48 -0.38
CA SER D 136 -35.80 35.63 -0.06
C SER D 136 -36.16 36.13 1.33
N LEU D 137 -35.26 35.91 2.28
CA LEU D 137 -35.46 36.34 3.66
C LEU D 137 -35.21 37.83 3.85
N ARG D 138 -34.34 38.41 3.04
CA ARG D 138 -34.04 39.84 3.16
C ARG D 138 -35.20 40.69 2.69
N TYR D 139 -35.77 40.36 1.53
CA TYR D 139 -36.90 41.10 0.99
C TYR D 139 -38.23 40.42 1.23
N ASN D 140 -38.24 39.28 1.94
CA ASN D 140 -39.45 38.58 2.44
C ASN D 140 -40.38 38.17 1.30
N SER D 141 -39.82 37.48 0.30
CA SER D 141 -40.58 37.16 -0.90
C SER D 141 -40.26 35.76 -1.37
N ARG D 142 -40.96 35.32 -2.41
CA ARG D 142 -40.76 34.01 -3.01
C ARG D 142 -40.78 34.14 -4.52
N ILE D 143 -40.02 33.26 -5.18
CA ILE D 143 -40.02 33.18 -6.64
C ILE D 143 -40.02 31.70 -7.03
N ARG D 144 -40.52 31.44 -8.24
CA ARG D 144 -40.50 30.11 -8.84
C ARG D 144 -39.85 30.20 -10.20
N VAL D 145 -38.84 29.36 -10.42
CA VAL D 145 -38.08 29.36 -11.66
C VAL D 145 -38.33 28.03 -12.35
N LYS D 146 -38.97 28.06 -13.51
CA LYS D 146 -39.41 26.85 -14.19
C LYS D 146 -38.65 26.67 -15.50
N THR D 147 -38.23 25.43 -15.77
CA THR D 147 -37.55 25.10 -17.01
C THR D 147 -38.08 23.80 -17.57
N TYR D 148 -37.81 23.55 -18.84
CA TYR D 148 -38.27 22.34 -19.52
C TYR D 148 -37.08 21.45 -19.86
N THR D 149 -37.24 20.16 -19.64
CA THR D 149 -36.15 19.20 -19.78
C THR D 149 -36.72 17.86 -20.23
N ASP D 150 -36.05 17.25 -21.22
CA ASP D 150 -36.32 15.89 -21.67
C ASP D 150 -35.42 14.92 -20.90
N GLU D 151 -35.75 13.63 -20.96
CA GLU D 151 -35.01 12.63 -20.18
C GLU D 151 -33.58 12.43 -20.70
N LEU D 152 -33.40 12.48 -22.02
CA LEU D 152 -32.06 12.33 -22.57
C LEU D 152 -31.24 13.60 -22.44
N THR D 153 -31.88 14.77 -22.54
CA THR D 153 -31.17 16.04 -22.45
C THR D 153 -30.80 16.33 -21.00
N PRO D 154 -29.53 16.55 -20.67
CA PRO D 154 -29.15 16.82 -19.29
C PRO D 154 -29.53 18.24 -18.89
N LEU D 155 -29.46 18.48 -17.58
CA LEU D 155 -29.72 19.79 -17.01
C LEU D 155 -28.55 20.20 -16.13
N ASP D 156 -28.32 21.51 -16.05
CA ASP D 156 -27.27 22.04 -15.20
C ASP D 156 -27.64 21.87 -13.73
N SER D 157 -26.72 21.33 -12.94
CA SER D 157 -26.96 21.15 -11.53
C SER D 157 -26.73 22.46 -10.80
N ALA D 158 -27.67 22.84 -9.93
CA ALA D 158 -27.56 24.04 -9.12
C ALA D 158 -26.87 23.77 -7.79
N CYS D 159 -26.06 22.71 -7.70
CA CYS D 159 -25.38 22.37 -6.44
C CYS D 159 -24.27 23.36 -6.11
N GLU D 160 -23.67 24.00 -7.13
CA GLU D 160 -22.68 25.03 -6.87
C GLU D 160 -23.32 26.30 -6.35
N VAL D 161 -24.59 26.54 -6.68
CA VAL D 161 -25.29 27.72 -6.20
C VAL D 161 -25.90 27.47 -4.83
N HIS D 162 -26.79 26.48 -4.73
CA HIS D 162 -27.45 26.11 -3.49
C HIS D 162 -27.13 24.66 -3.19
N LYS D 163 -26.70 24.38 -1.96
CA LYS D 163 -26.27 23.03 -1.61
C LYS D 163 -27.44 22.08 -1.34
N ALA D 164 -28.66 22.60 -1.17
CA ALA D 164 -29.84 21.74 -1.05
C ALA D 164 -30.10 20.96 -2.32
N ALA D 165 -29.69 21.52 -3.47
CA ALA D 165 -29.71 20.83 -4.76
C ALA D 165 -28.75 19.65 -4.84
N ASN D 166 -27.92 19.43 -3.81
CA ASN D 166 -27.19 18.17 -3.69
C ASN D 166 -28.14 17.00 -3.55
N TRP D 167 -29.28 17.18 -2.86
CA TRP D 167 -30.19 16.06 -2.67
C TRP D 167 -31.46 16.13 -3.51
N TYR D 168 -32.04 17.32 -3.70
CA TYR D 168 -33.30 17.46 -4.43
C TYR D 168 -33.16 17.04 -5.89
N GLU D 169 -32.05 17.41 -6.52
CA GLU D 169 -31.76 16.97 -7.88
C GLU D 169 -31.49 15.47 -7.97
N ARG D 170 -31.16 14.81 -6.85
CA ARG D 170 -31.14 13.36 -6.86
C ARG D 170 -32.55 12.80 -6.93
N GLU D 171 -33.49 13.42 -6.20
CA GLU D 171 -34.83 12.88 -6.03
C GLU D 171 -35.61 12.86 -7.34
N ILE D 172 -35.53 13.95 -8.10
CA ILE D 172 -36.09 14.01 -9.46
C ILE D 172 -35.44 12.96 -10.35
N TRP D 173 -34.12 12.77 -10.18
CA TRP D 173 -33.42 11.71 -10.90
C TRP D 173 -33.91 10.33 -10.48
N ASP D 174 -34.30 10.17 -9.22
CA ASP D 174 -34.85 8.90 -8.81
C ASP D 174 -36.29 8.73 -9.29
N MET D 175 -36.97 9.81 -9.64
CA MET D 175 -38.39 9.71 -9.93
C MET D 175 -38.77 10.05 -11.37
N TYR D 176 -37.88 10.68 -12.12
CA TYR D 176 -38.17 11.03 -13.52
C TYR D 176 -37.05 10.69 -14.49
N GLY D 177 -35.83 10.47 -14.03
CA GLY D 177 -34.74 10.24 -14.95
C GLY D 177 -34.12 11.48 -15.52
N VAL D 178 -34.39 12.65 -14.95
CA VAL D 178 -33.76 13.89 -15.37
C VAL D 178 -32.30 13.87 -14.91
N PHE D 179 -31.38 13.70 -15.85
CA PHE D 179 -29.97 13.67 -15.51
C PHE D 179 -29.46 15.07 -15.24
N PHE D 180 -28.78 15.25 -14.11
CA PHE D 180 -28.21 16.53 -13.73
C PHE D 180 -26.70 16.44 -13.85
N ALA D 181 -26.15 17.10 -14.88
CA ALA D 181 -24.72 17.03 -15.13
C ALA D 181 -23.94 17.86 -14.12
N ASN D 182 -22.67 17.47 -13.93
CA ASN D 182 -21.73 18.10 -12.98
C ASN D 182 -22.25 18.11 -11.55
N HIS D 183 -22.87 17.01 -11.15
CA HIS D 183 -23.38 16.71 -9.81
C HIS D 183 -22.29 16.00 -9.02
N PRO D 184 -22.25 16.18 -7.68
CA PRO D 184 -21.24 15.47 -6.86
C PRO D 184 -21.36 13.95 -6.89
N ASP D 185 -22.52 13.42 -6.51
CA ASP D 185 -22.84 12.01 -6.75
C ASP D 185 -24.33 11.88 -6.99
N LEU D 186 -24.69 11.38 -8.17
CA LEU D 186 -26.09 11.29 -8.57
C LEU D 186 -26.50 9.83 -8.40
N ARG D 187 -27.13 9.54 -7.27
CA ARG D 187 -27.45 8.17 -6.90
C ARG D 187 -28.97 7.99 -6.82
N ARG D 188 -29.38 6.83 -6.35
CA ARG D 188 -30.79 6.48 -6.20
C ARG D 188 -31.14 6.62 -4.72
N ILE D 189 -32.04 7.56 -4.42
CA ILE D 189 -32.17 8.05 -3.05
C ILE D 189 -33.39 7.46 -2.34
N LEU D 190 -34.46 7.18 -3.07
CA LEU D 190 -35.72 6.81 -2.40
C LEU D 190 -36.22 5.42 -2.77
N THR D 191 -36.07 5.00 -4.03
CA THR D 191 -36.57 3.69 -4.41
C THR D 191 -35.57 2.60 -4.03
N ASP D 192 -36.00 1.34 -4.22
CA ASP D 192 -35.22 0.17 -3.84
C ASP D 192 -33.96 0.04 -4.70
N TYR D 193 -32.98 -0.68 -4.18
CA TYR D 193 -31.67 -0.78 -4.83
C TYR D 193 -31.75 -1.56 -6.14
N GLY D 194 -32.68 -2.49 -6.25
CA GLY D 194 -32.85 -3.24 -7.49
C GLY D 194 -34.00 -2.75 -8.34
N PHE D 195 -34.47 -1.54 -8.07
CA PHE D 195 -35.60 -0.99 -8.81
C PHE D 195 -35.17 -0.56 -10.21
N GLU D 196 -35.93 -0.98 -11.21
CA GLU D 196 -35.67 -0.63 -12.60
C GLU D 196 -36.81 0.26 -13.08
N GLY D 197 -36.50 1.53 -13.34
CA GLY D 197 -37.50 2.45 -13.82
C GLY D 197 -37.73 3.64 -12.92
N HIS D 198 -38.37 4.67 -13.46
CA HIS D 198 -38.66 5.88 -12.71
C HIS D 198 -40.16 6.00 -12.47
N PRO D 199 -40.60 6.00 -11.21
CA PRO D 199 -42.00 5.68 -10.92
C PRO D 199 -43.00 6.83 -11.08
N GLN D 200 -42.55 8.08 -10.98
CA GLN D 200 -43.49 9.19 -10.94
C GLN D 200 -43.77 9.78 -12.31
N ARG D 201 -43.26 9.15 -13.38
CA ARG D 201 -43.75 9.47 -14.71
C ARG D 201 -45.18 8.99 -14.87
N ARG D 202 -45.93 9.67 -15.72
CA ARG D 202 -47.32 9.28 -15.97
C ARG D 202 -47.44 8.03 -16.84
N ASP D 203 -46.36 7.62 -17.51
CA ASP D 203 -46.34 6.37 -18.26
C ASP D 203 -45.93 5.18 -17.39
N PHE D 204 -45.65 5.40 -16.11
CA PHE D 204 -45.40 4.32 -15.16
C PHE D 204 -46.71 3.92 -14.48
N PRO D 205 -46.94 2.63 -14.25
CA PRO D 205 -48.17 2.20 -13.58
C PRO D 205 -48.19 2.58 -12.11
N LEU D 206 -49.41 2.64 -11.56
CA LEU D 206 -49.57 3.01 -10.16
C LEU D 206 -49.07 1.93 -9.22
N SER D 207 -49.39 0.67 -9.52
CA SER D 207 -49.01 -0.46 -8.67
C SER D 207 -47.62 -0.99 -8.99
N GLY D 208 -46.91 -0.38 -9.92
CA GLY D 208 -45.60 -0.85 -10.29
C GLY D 208 -45.65 -2.03 -11.23
N TYR D 209 -44.47 -2.59 -11.51
CA TYR D 209 -44.36 -3.74 -12.38
C TYR D 209 -44.15 -5.04 -11.62
N VAL D 210 -43.48 -4.99 -10.47
CA VAL D 210 -43.09 -6.18 -9.73
C VAL D 210 -43.48 -6.01 -8.26
N GLU D 211 -43.54 -7.14 -7.56
CA GLU D 211 -43.78 -7.20 -6.13
C GLU D 211 -42.70 -8.05 -5.48
N LEU D 212 -42.68 -8.04 -4.15
CA LEU D 212 -41.68 -8.76 -3.38
C LEU D 212 -42.37 -9.74 -2.44
N ARG D 213 -41.78 -10.93 -2.30
CA ARG D 213 -42.29 -11.91 -1.35
C ARG D 213 -41.14 -12.74 -0.82
N TYR D 214 -41.32 -13.31 0.36
CA TYR D 214 -40.26 -14.13 0.96
C TYR D 214 -40.33 -15.54 0.40
N ASP D 215 -39.20 -16.04 -0.11
CA ASP D 215 -39.07 -17.40 -0.58
C ASP D 215 -38.21 -18.14 0.43
N ASP D 216 -38.78 -19.16 1.05
CA ASP D 216 -38.09 -19.99 2.03
C ASP D 216 -37.31 -21.13 1.39
N GLU D 217 -37.39 -21.28 0.06
CA GLU D 217 -36.46 -22.15 -0.65
C GLU D 217 -35.12 -21.45 -0.86
N LYS D 218 -35.17 -20.23 -1.39
CA LYS D 218 -33.98 -19.41 -1.56
C LYS D 218 -33.56 -18.70 -0.29
N LYS D 219 -34.41 -18.77 0.76
CA LYS D 219 -34.19 -18.15 2.08
C LYS D 219 -33.98 -16.65 1.97
N ARG D 220 -34.71 -15.99 1.09
CA ARG D 220 -34.49 -14.57 0.83
C ARG D 220 -35.76 -13.95 0.26
N VAL D 221 -35.78 -12.63 0.25
CA VAL D 221 -36.92 -11.88 -0.28
C VAL D 221 -36.73 -11.75 -1.79
N VAL D 222 -37.53 -12.48 -2.55
CA VAL D 222 -37.39 -12.56 -3.99
C VAL D 222 -38.39 -11.63 -4.66
N CYS D 223 -38.19 -11.42 -5.96
CA CYS D 223 -38.94 -10.48 -6.76
C CYS D 223 -39.80 -11.25 -7.76
N GLU D 224 -41.08 -10.92 -7.82
CA GLU D 224 -42.07 -11.64 -8.61
C GLU D 224 -42.81 -10.64 -9.49
N PRO D 225 -43.31 -11.07 -10.65
CA PRO D 225 -44.23 -10.21 -11.41
C PRO D 225 -45.52 -9.95 -10.66
N LEU D 226 -46.11 -8.78 -10.92
CA LEU D 226 -47.19 -8.25 -10.11
C LEU D 226 -48.51 -8.97 -10.36
N GLU D 227 -49.14 -9.43 -9.27
CA GLU D 227 -50.51 -9.95 -9.31
C GLU D 227 -51.23 -9.43 -8.08
N LEU D 228 -52.17 -8.51 -8.27
CA LEU D 228 -52.93 -7.95 -7.16
C LEU D 228 -54.10 -8.86 -6.82
N ALA D 229 -54.39 -8.97 -5.52
CA ALA D 229 -55.57 -9.73 -5.09
C ALA D 229 -56.86 -9.02 -5.44
N GLN D 230 -56.86 -7.69 -5.39
CA GLN D 230 -57.96 -6.88 -5.89
C GLN D 230 -57.36 -5.74 -6.69
N GLU D 231 -57.82 -5.57 -7.93
CA GLU D 231 -57.24 -4.57 -8.81
C GLU D 231 -57.66 -3.17 -8.40
N PHE D 232 -56.90 -2.18 -8.86
CA PHE D 232 -57.21 -0.79 -8.61
C PHE D 232 -58.40 -0.37 -9.46
N ARG D 233 -59.49 0.03 -8.81
CA ARG D 233 -60.70 0.40 -9.52
C ARG D 233 -60.57 1.83 -10.03
N LYS D 234 -60.38 1.98 -11.34
CA LYS D 234 -60.18 3.29 -11.94
C LYS D 234 -61.52 3.99 -12.08
N PHE D 235 -61.70 5.08 -11.33
CA PHE D 235 -62.95 5.84 -11.35
C PHE D 235 -62.88 6.91 -12.42
N ASP D 236 -63.93 6.99 -13.25
CA ASP D 236 -63.99 7.96 -14.33
C ASP D 236 -64.63 9.25 -13.80
N LEU D 237 -63.81 10.04 -13.12
CA LEU D 237 -64.27 11.30 -12.53
C LEU D 237 -63.94 12.46 -13.48
N SER D 238 -64.60 12.44 -14.64
CA SER D 238 -64.43 13.46 -15.66
C SER D 238 -65.67 14.33 -15.75
N ALA D 239 -65.48 15.64 -15.77
CA ALA D 239 -66.59 16.58 -15.84
C ALA D 239 -67.00 16.78 -17.29
N PRO D 240 -68.23 16.43 -17.68
CA PRO D 240 -68.64 16.64 -19.07
C PRO D 240 -69.01 18.07 -19.39
N TRP D 241 -69.22 18.92 -18.39
CA TRP D 241 -69.54 20.32 -18.58
C TRP D 241 -68.40 21.17 -18.04
N GLU D 242 -67.95 22.14 -18.85
CA GLU D 242 -66.89 23.02 -18.41
C GLU D 242 -67.41 23.99 -17.36
N GLN D 243 -66.59 24.26 -16.35
CA GLN D 243 -66.98 25.12 -15.25
C GLN D 243 -66.21 26.44 -15.20
N PHE D 244 -65.08 26.53 -15.89
CA PHE D 244 -64.29 27.75 -15.91
C PHE D 244 -64.27 28.34 -17.32
N PRO D 245 -65.05 29.39 -17.59
CA PRO D 245 -64.97 30.02 -18.91
C PRO D 245 -63.78 30.93 -19.10
N ASN D 246 -63.05 31.27 -18.03
CA ASN D 246 -61.87 32.09 -18.14
C ASN D 246 -60.66 31.30 -18.62
N PHE D 247 -60.68 29.98 -18.51
CA PHE D 247 -59.57 29.13 -18.93
C PHE D 247 -59.86 28.41 -20.23
N ARG D 248 -60.85 28.87 -21.00
CA ARG D 248 -61.22 28.20 -22.25
C ARG D 248 -60.18 28.44 -23.34
N ASN D 249 -59.69 29.67 -23.46
CA ASN D 249 -58.72 30.04 -24.49
C ASN D 249 -57.40 30.47 -23.86
N ALA D 250 -57.01 29.82 -22.77
CA ALA D 250 -55.75 30.12 -22.10
C ALA D 250 -54.57 29.38 -22.69
N ASN D 251 -54.80 28.46 -23.62
CA ASN D 251 -53.72 27.68 -24.24
C ASN D 251 -52.93 28.47 -25.28
N PRO D 252 -53.56 29.27 -26.19
CA PRO D 252 -52.62 30.11 -26.96
C PRO D 252 -52.18 31.36 -26.19
N ASP E 29 -110.66 17.28 -7.48
CA ASP E 29 -109.76 16.14 -7.41
C ASP E 29 -109.70 15.40 -8.74
N ASN E 30 -109.41 16.13 -9.80
CA ASN E 30 -109.34 15.53 -11.13
C ASN E 30 -108.07 14.72 -11.32
N LEU E 31 -108.16 13.71 -12.18
CA LEU E 31 -107.04 12.86 -12.53
C LEU E 31 -106.73 13.02 -14.01
N PHE E 32 -105.45 13.22 -14.33
CA PHE E 32 -105.01 13.35 -15.71
C PHE E 32 -104.53 12.02 -16.29
N VAL E 33 -104.84 10.91 -15.63
CA VAL E 33 -104.67 9.57 -16.19
C VAL E 33 -106.01 8.87 -16.11
N HIS E 34 -106.19 7.89 -16.99
CA HIS E 34 -107.46 7.19 -17.14
C HIS E 34 -107.36 5.80 -16.55
N ARG E 35 -108.37 5.42 -15.77
CA ARG E 35 -108.46 4.09 -15.18
C ARG E 35 -109.73 3.41 -15.70
N ASP E 36 -109.79 2.09 -15.55
CA ASP E 36 -110.89 1.30 -16.10
C ASP E 36 -112.12 1.39 -15.18
N THR E 37 -112.75 2.56 -15.22
CA THR E 37 -114.03 2.74 -14.55
C THR E 37 -115.12 2.01 -15.33
N PRO E 38 -116.05 1.34 -14.65
CA PRO E 38 -117.18 0.72 -15.36
C PRO E 38 -118.09 1.68 -16.11
N GLU E 39 -118.14 2.96 -15.71
CA GLU E 39 -118.87 3.97 -16.44
C GLU E 39 -118.00 4.76 -17.41
N ASP E 40 -116.70 4.45 -17.48
CA ASP E 40 -115.79 5.20 -18.36
C ASP E 40 -114.81 4.30 -19.08
N ASN E 41 -115.09 3.02 -19.22
CA ASN E 41 -114.25 2.12 -20.00
C ASN E 41 -114.47 2.33 -21.51
N PRO E 42 -113.52 1.91 -22.34
CA PRO E 42 -113.78 1.89 -23.79
C PRO E 42 -114.64 0.73 -24.27
N ASN E 43 -115.13 -0.12 -23.36
CA ASN E 43 -116.01 -1.22 -23.75
C ASN E 43 -117.36 -0.68 -24.22
N ILE E 44 -117.88 0.35 -23.55
CA ILE E 44 -119.18 0.93 -23.90
C ILE E 44 -119.06 1.67 -25.22
N PRO E 45 -120.09 1.66 -26.07
CA PRO E 45 -119.98 2.29 -27.39
C PRO E 45 -120.45 3.74 -27.38
N PHE E 46 -120.07 4.45 -28.44
CA PHE E 46 -120.46 5.85 -28.62
C PHE E 46 -120.49 6.11 -30.12
N GLU E 47 -121.68 6.28 -30.68
CA GLU E 47 -121.84 6.55 -32.10
C GLU E 47 -122.55 7.88 -32.30
N PHE E 48 -122.09 8.64 -33.28
CA PHE E 48 -122.71 9.93 -33.59
C PHE E 48 -124.08 9.72 -34.22
N THR E 49 -125.03 10.55 -33.81
CA THR E 49 -126.38 10.54 -34.38
C THR E 49 -126.32 11.03 -35.84
N ALA E 50 -127.19 10.47 -36.68
CA ALA E 50 -127.28 10.87 -38.08
C ALA E 50 -127.71 12.32 -38.26
N GLU E 51 -128.42 12.90 -37.28
CA GLU E 51 -128.64 14.33 -37.28
C GLU E 51 -127.34 15.10 -37.02
N ASN E 52 -126.46 14.54 -36.18
CA ASN E 52 -125.19 15.17 -35.88
C ASN E 52 -124.11 14.86 -36.92
N LYS E 53 -124.33 13.87 -37.79
CA LYS E 53 -123.31 13.49 -38.77
C LYS E 53 -123.11 14.56 -39.83
N LYS E 54 -124.18 15.26 -40.23
CA LYS E 54 -124.02 16.38 -41.15
C LYS E 54 -123.32 17.56 -40.48
N ARG E 55 -123.50 17.72 -39.16
CA ARG E 55 -122.76 18.74 -38.43
C ARG E 55 -121.28 18.39 -38.35
N VAL E 56 -120.96 17.11 -38.17
CA VAL E 56 -119.58 16.63 -38.20
C VAL E 56 -118.95 16.87 -39.57
N GLU E 57 -119.71 16.58 -40.63
CA GLU E 57 -119.23 16.80 -42.00
C GLU E 57 -119.03 18.28 -42.29
N ALA E 58 -119.91 19.15 -41.80
CA ALA E 58 -119.75 20.58 -42.00
C ALA E 58 -118.56 21.14 -41.22
N ILE E 59 -118.35 20.63 -40.00
CA ILE E 59 -117.20 21.05 -39.19
C ILE E 59 -115.90 20.60 -39.85
N LEU E 60 -115.88 19.39 -40.41
CA LEU E 60 -114.73 18.94 -41.18
C LEU E 60 -114.53 19.73 -42.46
N SER E 61 -115.62 20.20 -43.08
CA SER E 61 -115.54 20.95 -44.33
C SER E 61 -115.22 22.42 -44.13
N ILE E 62 -115.31 22.94 -42.91
CA ILE E 62 -114.89 24.33 -42.65
C ILE E 62 -113.37 24.46 -42.81
N TYR E 63 -112.62 23.57 -42.20
CA TYR E 63 -111.17 23.61 -42.19
C TYR E 63 -110.60 23.05 -43.50
N PRO E 64 -109.43 23.54 -43.93
CA PRO E 64 -108.88 23.09 -45.22
C PRO E 64 -108.39 21.65 -45.19
N GLU E 65 -108.27 21.08 -46.39
CA GLU E 65 -107.83 19.70 -46.55
C GLU E 65 -106.36 19.56 -46.18
N GLY E 66 -106.02 18.45 -45.52
CA GLY E 66 -104.70 18.23 -44.99
C GLY E 66 -104.48 18.73 -43.59
N HIS E 67 -105.37 19.61 -43.09
CA HIS E 67 -105.30 20.17 -41.75
C HIS E 67 -106.64 20.02 -41.06
N LYS E 68 -107.22 18.81 -41.13
CA LYS E 68 -108.50 18.53 -40.49
C LYS E 68 -108.39 18.34 -38.99
N ARG E 69 -107.16 18.27 -38.45
CA ARG E 69 -106.93 18.18 -37.02
C ARG E 69 -107.47 19.40 -36.27
N GLY E 70 -107.50 20.55 -36.94
CA GLY E 70 -108.14 21.75 -36.43
C GLY E 70 -109.64 21.66 -36.19
N ALA E 71 -110.30 20.63 -36.74
CA ALA E 71 -111.68 20.31 -36.41
C ALA E 71 -111.82 19.48 -35.15
N MET E 72 -110.73 19.30 -34.39
CA MET E 72 -110.74 18.44 -33.22
C MET E 72 -111.56 19.04 -32.08
N ILE E 73 -111.38 20.33 -31.82
CA ILE E 73 -112.03 20.95 -30.66
C ILE E 73 -113.52 21.19 -30.85
N PRO E 74 -114.04 21.65 -32.00
CA PRO E 74 -115.50 21.62 -32.17
C PRO E 74 -116.10 20.25 -32.44
N LEU E 75 -115.31 19.18 -32.42
CA LEU E 75 -115.85 17.81 -32.46
C LEU E 75 -116.07 17.23 -31.08
N LEU E 76 -115.06 17.28 -30.21
CA LEU E 76 -115.17 16.73 -28.86
C LEU E 76 -116.23 17.45 -28.04
N ASP E 77 -116.29 18.78 -28.21
CA ASP E 77 -117.35 19.56 -27.53
C ASP E 77 -118.70 19.14 -28.12
N LEU E 78 -118.74 18.79 -29.40
CA LEU E 78 -119.96 18.27 -30.00
C LEU E 78 -120.43 16.99 -29.32
N ALA E 79 -119.50 16.18 -28.79
CA ALA E 79 -119.89 15.02 -28.00
C ALA E 79 -120.58 15.45 -26.70
N GLN E 80 -120.16 16.58 -26.14
CA GLN E 80 -120.86 17.15 -25.00
C GLN E 80 -122.21 17.75 -25.38
N ARG E 81 -122.46 17.97 -26.67
CA ARG E 81 -123.78 18.31 -27.15
C ARG E 81 -124.63 17.07 -27.44
N GLN E 82 -124.11 15.87 -27.20
CA GLN E 82 -124.89 14.65 -27.38
C GLN E 82 -124.91 13.78 -26.14
N TYR E 83 -123.79 13.62 -25.46
CA TYR E 83 -123.68 12.67 -24.36
C TYR E 83 -123.81 13.31 -22.98
N GLY E 84 -123.42 14.57 -22.84
CA GLY E 84 -123.45 15.24 -21.55
C GLY E 84 -122.07 15.48 -21.00
N TRP E 85 -121.19 14.51 -21.18
CA TRP E 85 -119.78 14.62 -20.79
C TRP E 85 -118.96 13.88 -21.84
N LEU E 86 -117.66 13.76 -21.60
CA LEU E 86 -116.73 13.22 -22.58
C LEU E 86 -116.12 11.90 -22.10
N PRO E 87 -116.58 10.76 -22.62
CA PRO E 87 -115.96 9.48 -22.29
C PRO E 87 -114.70 9.25 -23.11
N ILE E 88 -114.11 8.06 -22.93
CA ILE E 88 -112.96 7.68 -23.74
C ILE E 88 -113.41 7.12 -25.09
N SER E 89 -114.65 6.63 -25.19
CA SER E 89 -115.17 6.17 -26.47
C SER E 89 -115.41 7.33 -27.43
N ALA E 90 -115.79 8.50 -26.90
CA ALA E 90 -115.88 9.69 -27.74
C ALA E 90 -114.51 10.14 -28.23
N MET E 91 -113.49 9.97 -27.39
CA MET E 91 -112.12 10.27 -27.77
C MET E 91 -111.65 9.34 -28.89
N HIS E 92 -111.99 8.05 -28.77
CA HIS E 92 -111.66 7.08 -29.81
C HIS E 92 -112.43 7.35 -31.10
N LYS E 93 -113.68 7.80 -30.99
CA LYS E 93 -114.46 8.12 -32.18
C LYS E 93 -113.92 9.35 -32.90
N VAL E 94 -113.47 10.36 -32.14
CA VAL E 94 -112.85 11.55 -32.72
C VAL E 94 -111.53 11.19 -33.40
N ALA E 95 -110.72 10.33 -32.75
CA ALA E 95 -109.48 9.87 -33.36
C ALA E 95 -109.72 9.00 -34.59
N GLU E 96 -110.82 8.25 -34.62
CA GLU E 96 -111.16 7.46 -35.80
C GLU E 96 -111.64 8.35 -36.94
N ILE E 97 -112.35 9.43 -36.62
CA ILE E 97 -112.82 10.36 -37.64
C ILE E 97 -111.66 11.13 -38.25
N LEU E 98 -110.73 11.61 -37.42
CA LEU E 98 -109.65 12.45 -37.91
C LEU E 98 -108.46 11.66 -38.47
N GLN E 99 -108.54 10.31 -38.45
CA GLN E 99 -107.50 9.39 -38.96
C GLN E 99 -106.14 9.64 -38.33
N LEU E 100 -106.14 9.87 -37.02
CA LEU E 100 -104.94 10.11 -36.23
C LEU E 100 -105.01 9.27 -34.96
N PRO E 101 -103.87 8.91 -34.36
CA PRO E 101 -103.88 8.05 -33.17
C PRO E 101 -104.49 8.73 -31.95
N ASN E 102 -104.87 7.88 -30.98
CA ASN E 102 -105.73 8.28 -29.88
C ASN E 102 -105.07 9.26 -28.92
N MET E 103 -103.74 9.29 -28.86
CA MET E 103 -103.04 10.05 -27.83
C MET E 103 -103.10 11.56 -28.07
N ARG E 104 -103.21 11.98 -29.34
CA ARG E 104 -103.40 13.40 -29.64
C ARG E 104 -104.75 13.91 -29.13
N VAL E 105 -105.81 13.11 -29.34
CA VAL E 105 -107.12 13.43 -28.80
C VAL E 105 -107.10 13.37 -27.28
N TYR E 106 -106.33 12.42 -26.72
CA TYR E 106 -106.17 12.30 -25.26
C TYR E 106 -105.54 13.55 -24.66
N GLU E 107 -104.44 14.04 -25.27
CA GLU E 107 -103.75 15.18 -24.69
C GLU E 107 -104.50 16.49 -24.92
N VAL E 108 -105.19 16.62 -26.06
CA VAL E 108 -105.99 17.82 -26.30
C VAL E 108 -107.19 17.88 -25.37
N ALA E 109 -107.88 16.75 -25.20
CA ALA E 109 -109.03 16.72 -24.29
C ALA E 109 -108.62 16.73 -22.82
N THR E 110 -107.38 16.41 -22.50
CA THR E 110 -106.89 16.52 -21.13
C THR E 110 -106.43 17.94 -20.80
N PHE E 111 -105.92 18.67 -21.80
CA PHE E 111 -105.45 20.04 -21.56
C PHE E 111 -106.60 20.98 -21.22
N TYR E 112 -107.65 21.00 -22.03
CA TYR E 112 -108.72 21.96 -21.86
C TYR E 112 -109.63 21.57 -20.71
N THR E 113 -110.25 22.58 -20.09
CA THR E 113 -110.99 22.39 -18.84
C THR E 113 -112.44 21.99 -19.03
N MET E 114 -113.08 22.37 -20.13
CA MET E 114 -114.48 22.00 -20.34
C MET E 114 -114.67 20.53 -20.72
N PHE E 115 -113.62 19.84 -21.14
CA PHE E 115 -113.76 18.44 -21.52
C PHE E 115 -113.75 17.60 -20.24
N MET E 116 -114.94 17.50 -19.65
CA MET E 116 -115.11 16.78 -18.38
C MET E 116 -115.03 15.28 -18.62
N ARG E 117 -113.90 14.68 -18.24
CA ARG E 117 -113.71 13.25 -18.38
C ARG E 117 -114.40 12.46 -17.28
N LYS E 118 -114.78 13.11 -16.19
CA LYS E 118 -115.58 12.53 -15.12
C LYS E 118 -117.07 12.62 -15.47
N PRO E 119 -117.93 11.82 -14.84
CA PRO E 119 -119.37 12.02 -15.02
C PRO E 119 -119.84 13.37 -14.50
N THR E 120 -120.80 13.95 -15.22
CA THR E 120 -121.31 15.29 -14.95
C THR E 120 -122.82 15.26 -15.01
N GLY E 121 -123.48 15.95 -14.08
CA GLY E 121 -124.93 15.97 -14.00
C GLY E 121 -125.59 16.80 -15.08
N LYS E 122 -126.90 16.98 -14.92
CA LYS E 122 -127.70 17.66 -15.93
C LYS E 122 -127.39 19.15 -15.98
N TYR E 123 -127.21 19.79 -14.83
CA TYR E 123 -126.90 21.21 -14.75
C TYR E 123 -125.52 21.36 -14.12
N HIS E 124 -124.58 21.96 -14.86
CA HIS E 124 -123.22 22.13 -14.39
C HIS E 124 -123.05 23.57 -13.92
N ILE E 125 -123.18 23.75 -12.60
CA ILE E 125 -123.08 25.07 -12.02
C ILE E 125 -121.62 25.48 -11.91
N GLN E 126 -121.27 26.60 -12.53
CA GLN E 126 -119.92 27.16 -12.45
C GLN E 126 -120.01 28.48 -11.70
N VAL E 127 -119.31 28.55 -10.57
CA VAL E 127 -119.28 29.74 -9.73
C VAL E 127 -117.89 30.34 -9.83
N CYS E 128 -117.81 31.60 -10.24
CA CYS E 128 -116.54 32.26 -10.41
C CYS E 128 -115.98 32.67 -9.05
N THR E 129 -114.69 32.48 -8.86
CA THR E 129 -114.01 32.73 -7.59
C THR E 129 -112.97 33.85 -7.73
N THR E 130 -112.68 34.24 -8.97
CA THR E 130 -111.62 35.16 -9.34
C THR E 130 -111.96 36.58 -8.84
N THR E 131 -110.91 37.43 -8.74
CA THR E 131 -110.95 38.70 -7.99
C THR E 131 -112.06 39.70 -8.34
N PRO E 132 -112.37 40.06 -9.60
CA PRO E 132 -113.46 41.03 -9.82
C PRO E 132 -114.84 40.49 -9.47
N CYS E 133 -115.00 39.18 -9.42
CA CYS E 133 -116.20 38.56 -8.89
C CYS E 133 -116.09 38.25 -7.41
N TRP E 134 -114.87 38.09 -6.89
CA TRP E 134 -114.69 37.84 -5.47
C TRP E 134 -114.91 39.10 -4.64
N LEU E 135 -114.68 40.28 -5.24
CA LEU E 135 -114.79 41.55 -4.52
C LEU E 135 -116.22 41.86 -4.11
N ARG E 136 -117.21 41.39 -4.87
CA ARG E 136 -118.60 41.66 -4.56
C ARG E 136 -119.32 40.46 -3.94
N GLY E 137 -118.58 39.53 -3.36
CA GLY E 137 -119.19 38.48 -2.55
C GLY E 137 -119.58 37.22 -3.28
N SER E 138 -118.64 36.63 -4.01
CA SER E 138 -118.88 35.31 -4.61
C SER E 138 -118.72 34.18 -3.60
N ASP E 139 -118.06 34.44 -2.47
CA ASP E 139 -117.90 33.42 -1.45
C ASP E 139 -119.22 33.11 -0.76
N ASP E 140 -120.05 34.15 -0.56
CA ASP E 140 -121.40 33.94 -0.02
C ASP E 140 -122.27 33.17 -1.00
N ILE E 141 -122.09 33.40 -2.30
CA ILE E 141 -122.79 32.66 -3.34
C ILE E 141 -122.37 31.19 -3.32
N LEU E 142 -121.07 30.92 -3.19
CA LEU E 142 -120.57 29.55 -3.14
C LEU E 142 -121.04 28.82 -1.89
N GLU E 143 -121.03 29.50 -0.74
CA GLU E 143 -121.50 28.89 0.50
C GLU E 143 -123.00 28.65 0.48
N THR E 144 -123.77 29.56 -0.13
CA THR E 144 -125.21 29.38 -0.26
C THR E 144 -125.54 28.19 -1.16
N CYS E 145 -124.81 28.03 -2.26
CA CYS E 145 -125.08 26.90 -3.14
C CYS E 145 -124.62 25.58 -2.52
N LYS E 146 -123.52 25.60 -1.75
CA LYS E 146 -123.09 24.42 -1.02
C LYS E 146 -124.03 24.04 0.12
N LYS E 147 -124.71 25.00 0.73
CA LYS E 147 -125.76 24.66 1.69
C LYS E 147 -127.05 24.21 1.01
N GLN E 148 -127.32 24.70 -0.19
CA GLN E 148 -128.53 24.30 -0.89
C GLN E 148 -128.42 22.89 -1.46
N LEU E 149 -127.25 22.51 -1.97
CA LEU E 149 -127.09 21.20 -2.56
C LEU E 149 -126.45 20.17 -1.63
N GLY E 150 -125.65 20.61 -0.66
CA GLY E 150 -124.99 19.70 0.26
C GLY E 150 -123.91 18.83 -0.35
N ILE E 151 -123.13 19.39 -1.28
CA ILE E 151 -122.04 18.65 -1.91
C ILE E 151 -120.78 19.53 -1.91
N GLY E 152 -119.63 18.86 -1.91
CA GLY E 152 -118.38 19.58 -2.02
C GLY E 152 -118.10 20.00 -3.45
N VAL E 153 -117.03 20.78 -3.61
CA VAL E 153 -116.67 21.29 -4.94
C VAL E 153 -116.09 20.16 -5.80
N GLY E 154 -116.39 20.23 -7.09
CA GLY E 154 -115.94 19.21 -8.02
C GLY E 154 -116.66 17.88 -7.93
N ASP E 155 -117.81 17.83 -7.27
CA ASP E 155 -118.53 16.58 -7.05
C ASP E 155 -119.98 16.73 -7.49
N THR E 156 -120.51 15.65 -8.07
CA THR E 156 -121.89 15.61 -8.52
C THR E 156 -122.80 15.12 -7.39
N THR E 157 -124.11 15.17 -7.64
CA THR E 157 -125.08 14.63 -6.70
C THR E 157 -125.26 13.14 -6.95
N LYS E 158 -126.11 12.51 -6.12
CA LYS E 158 -126.35 11.08 -6.24
C LYS E 158 -127.24 10.74 -7.42
N ASP E 159 -128.15 11.64 -7.80
CA ASP E 159 -129.07 11.41 -8.90
C ASP E 159 -128.58 11.99 -10.22
N ARG E 160 -127.34 12.50 -10.25
CA ARG E 160 -126.70 13.13 -11.42
C ARG E 160 -127.53 14.31 -11.94
N LYS E 161 -127.96 15.16 -11.01
CA LYS E 161 -128.77 16.33 -11.33
C LYS E 161 -127.98 17.64 -11.34
N PHE E 162 -127.11 17.84 -10.36
CA PHE E 162 -126.38 19.09 -10.21
C PHE E 162 -124.90 18.81 -10.04
N THR E 163 -124.08 19.68 -10.64
CA THR E 163 -122.63 19.59 -10.57
C THR E 163 -122.06 20.97 -10.31
N ILE E 164 -121.16 21.07 -9.32
CA ILE E 164 -120.50 22.32 -8.98
C ILE E 164 -119.01 22.18 -9.23
N SER E 165 -118.35 23.30 -9.57
CA SER E 165 -116.91 23.39 -9.72
C SER E 165 -116.51 24.85 -9.61
N GLU E 166 -115.48 25.13 -8.80
CA GLU E 166 -114.88 26.47 -8.80
C GLU E 166 -114.13 26.69 -10.09
N VAL E 167 -114.32 27.87 -10.68
CA VAL E 167 -113.90 28.15 -12.04
C VAL E 167 -113.30 29.55 -12.07
N GLU E 168 -112.47 29.80 -13.09
CA GLU E 168 -111.79 31.07 -13.29
C GLU E 168 -112.74 32.10 -13.92
N CYS E 169 -112.16 33.15 -14.49
CA CYS E 169 -112.92 34.20 -15.16
C CYS E 169 -113.68 33.65 -16.36
N LEU E 170 -114.91 34.16 -16.57
CA LEU E 170 -115.73 33.78 -17.71
C LEU E 170 -116.02 34.97 -18.62
N GLY E 171 -115.65 36.17 -18.20
CA GLY E 171 -116.15 37.37 -18.84
C GLY E 171 -117.47 37.79 -18.21
N ALA E 172 -118.04 38.87 -18.79
CA ALA E 172 -119.16 39.63 -18.23
C ALA E 172 -118.89 40.03 -16.78
N CYS E 173 -117.73 40.67 -16.56
CA CYS E 173 -117.25 40.92 -15.20
C CYS E 173 -117.88 42.17 -14.60
N VAL E 174 -118.64 42.91 -15.40
CA VAL E 174 -119.50 43.96 -14.87
C VAL E 174 -120.53 43.38 -13.91
N ASN E 175 -121.14 42.26 -14.30
CA ASN E 175 -122.04 41.52 -13.42
C ASN E 175 -121.21 40.53 -12.63
N ALA E 176 -120.68 40.98 -11.48
CA ALA E 176 -119.76 40.16 -10.70
C ALA E 176 -120.34 38.89 -10.04
N PRO E 177 -121.46 38.88 -9.31
CA PRO E 177 -121.81 37.65 -8.57
C PRO E 177 -122.46 36.54 -9.37
N MET E 178 -122.26 36.49 -10.69
CA MET E 178 -122.89 35.52 -11.59
C MET E 178 -122.56 34.06 -11.25
N VAL E 179 -123.36 33.16 -11.83
CA VAL E 179 -122.99 31.76 -12.05
C VAL E 179 -123.26 31.43 -13.51
N ALA E 180 -122.82 30.26 -13.93
CA ALA E 180 -123.14 29.74 -15.27
C ALA E 180 -123.74 28.36 -15.12
N ILE E 181 -124.96 28.19 -15.60
CA ILE E 181 -125.66 26.91 -15.56
C ILE E 181 -126.01 26.53 -16.98
N ASN E 182 -125.39 25.44 -17.46
CA ASN E 182 -125.65 24.82 -18.78
C ASN E 182 -125.50 25.81 -19.93
N ASP E 183 -124.31 26.41 -20.01
CA ASP E 183 -123.90 27.59 -20.82
C ASP E 183 -124.90 28.74 -20.79
N ASP E 184 -125.61 28.95 -19.68
CA ASP E 184 -126.47 30.11 -19.50
C ASP E 184 -125.95 30.96 -18.35
N TYR E 185 -125.76 32.25 -18.60
CA TYR E 185 -125.26 33.17 -17.59
C TYR E 185 -126.41 33.63 -16.71
N TYR E 186 -126.27 33.44 -15.39
CA TYR E 186 -127.22 33.95 -14.41
C TYR E 186 -126.47 35.02 -13.62
N GLU E 187 -126.81 36.28 -13.88
CA GLU E 187 -125.99 37.42 -13.51
C GLU E 187 -126.62 38.22 -12.36
N ASP E 188 -125.77 39.01 -11.71
CA ASP E 188 -126.13 39.97 -10.65
C ASP E 188 -126.88 39.31 -9.50
N LEU E 189 -126.39 38.14 -9.09
CA LEU E 189 -127.11 37.27 -8.19
C LEU E 189 -127.06 37.78 -6.75
N THR E 190 -128.04 37.33 -5.98
CA THR E 190 -128.08 37.44 -4.53
C THR E 190 -128.26 36.02 -4.02
N SER E 191 -127.92 35.79 -2.75
CA SER E 191 -128.07 34.46 -2.17
C SER E 191 -129.54 34.02 -2.13
N LYS E 192 -130.44 34.95 -1.82
CA LYS E 192 -131.88 34.69 -1.95
C LYS E 192 -132.28 34.49 -3.40
N ASP E 193 -131.68 35.27 -4.31
CA ASP E 193 -131.97 35.14 -5.74
C ASP E 193 -131.53 33.79 -6.29
N MET E 194 -130.33 33.33 -5.94
CA MET E 194 -129.88 32.04 -6.42
C MET E 194 -130.57 30.89 -5.69
N GLN E 195 -131.03 31.12 -4.45
CA GLN E 195 -131.89 30.15 -3.79
C GLN E 195 -133.22 29.98 -4.51
N ASP E 196 -133.81 31.09 -4.98
CA ASP E 196 -135.01 31.03 -5.80
C ASP E 196 -134.75 30.35 -7.14
N ILE E 197 -133.59 30.61 -7.75
CA ILE E 197 -133.22 30.00 -9.02
C ILE E 197 -133.04 28.48 -8.88
N LEU E 198 -132.38 28.06 -7.80
CA LEU E 198 -132.20 26.63 -7.56
C LEU E 198 -133.50 25.95 -7.15
N ASN E 199 -134.39 26.66 -6.47
CA ASN E 199 -135.71 26.10 -6.18
C ASN E 199 -136.56 25.97 -7.44
N ASP E 200 -136.38 26.88 -8.40
CA ASP E 200 -137.06 26.74 -9.68
C ASP E 200 -136.46 25.59 -10.50
N LEU E 201 -135.14 25.43 -10.43
CA LEU E 201 -134.47 24.39 -11.21
C LEU E 201 -134.70 22.99 -10.62
N LYS E 202 -134.91 22.90 -9.30
CA LYS E 202 -135.16 21.60 -8.69
C LYS E 202 -136.56 21.08 -9.02
N ALA E 203 -137.50 21.98 -9.29
CA ALA E 203 -138.87 21.60 -9.63
C ALA E 203 -139.10 21.60 -11.14
N ASP E 204 -138.04 21.38 -11.93
CA ASP E 204 -137.99 21.15 -13.37
C ASP E 204 -138.34 22.41 -14.19
N LYS E 205 -138.69 23.52 -13.56
CA LYS E 205 -139.04 24.74 -14.28
C LYS E 205 -137.78 25.46 -14.75
N ILE E 206 -137.86 26.04 -15.95
CA ILE E 206 -136.74 26.81 -16.47
C ILE E 206 -136.70 28.18 -15.79
N SER E 207 -135.53 28.82 -15.88
CA SER E 207 -135.32 30.13 -15.30
C SER E 207 -134.71 31.06 -16.34
N PRO E 208 -135.13 32.32 -16.40
CA PRO E 208 -134.59 33.25 -17.40
C PRO E 208 -133.17 33.66 -17.07
N PRO E 209 -132.32 33.85 -18.09
CA PRO E 209 -130.96 34.31 -17.83
C PRO E 209 -130.87 35.82 -17.68
N GLY E 210 -129.66 36.35 -17.56
CA GLY E 210 -129.45 37.78 -17.44
C GLY E 210 -129.34 38.23 -16.00
N PRO E 211 -129.14 39.54 -15.79
CA PRO E 211 -129.09 40.07 -14.43
C PRO E 211 -130.44 40.03 -13.74
N ARG E 212 -130.40 39.87 -12.42
CA ARG E 212 -131.59 39.66 -11.61
C ARG E 212 -132.15 40.93 -10.98
N ASN E 213 -131.45 42.06 -11.11
CA ASN E 213 -131.85 43.29 -10.44
C ASN E 213 -132.67 44.23 -11.33
N GLY E 214 -133.31 43.70 -12.37
CA GLY E 214 -134.08 44.53 -13.28
C GLY E 214 -133.28 45.16 -14.39
N ARG E 215 -132.03 44.77 -14.56
CA ARG E 215 -131.13 45.34 -15.56
C ARG E 215 -131.04 44.35 -16.72
N PHE E 216 -131.19 44.84 -17.94
CA PHE E 216 -131.32 43.95 -19.10
C PHE E 216 -129.96 43.40 -19.52
N ALA E 217 -129.05 44.27 -19.95
CA ALA E 217 -127.72 43.86 -20.35
C ALA E 217 -126.70 44.71 -19.61
N SER E 218 -125.43 44.56 -19.98
CA SER E 218 -124.37 45.27 -19.27
C SER E 218 -124.43 46.76 -19.61
N GLU E 219 -124.76 47.56 -18.59
CA GLU E 219 -124.95 49.00 -18.72
C GLU E 219 -124.88 49.61 -17.32
N PRO E 220 -124.64 50.91 -17.22
CA PRO E 220 -124.90 51.59 -15.94
C PRO E 220 -126.38 51.53 -15.58
N LYS E 221 -126.65 51.27 -14.31
CA LYS E 221 -128.00 50.96 -13.85
C LYS E 221 -128.67 52.21 -13.29
N GLY E 222 -129.84 52.54 -13.84
CA GLY E 222 -130.64 53.63 -13.32
C GLY E 222 -130.72 54.84 -14.22
N GLU E 223 -129.61 55.23 -14.83
CA GLU E 223 -129.58 56.42 -15.67
C GLU E 223 -128.86 56.14 -16.98
N PRO E 224 -129.39 56.63 -18.10
CA PRO E 224 -128.68 56.51 -19.39
C PRO E 224 -127.63 57.62 -19.57
N THR E 225 -126.47 57.41 -18.95
CA THR E 225 -125.41 58.42 -18.98
C THR E 225 -124.72 58.46 -20.33
N SER E 226 -124.66 57.32 -21.02
CA SER E 226 -124.08 57.24 -22.35
C SER E 226 -125.06 56.55 -23.29
N LEU E 227 -124.94 56.90 -24.58
CA LEU E 227 -125.81 56.45 -25.67
C LEU E 227 -127.28 56.78 -25.40
N SER E 228 -127.52 57.95 -24.80
CA SER E 228 -128.89 58.41 -24.59
C SER E 228 -129.51 58.96 -25.86
N GLU E 229 -128.69 59.54 -26.74
CA GLU E 229 -129.18 60.13 -27.98
C GLU E 229 -129.50 59.05 -29.01
N GLU E 230 -130.23 59.45 -30.04
CA GLU E 230 -130.52 58.54 -31.14
C GLU E 230 -129.27 58.32 -31.98
N PRO E 231 -129.05 57.10 -32.49
CA PRO E 231 -127.86 56.86 -33.32
C PRO E 231 -128.01 57.46 -34.70
N LYS E 232 -126.89 57.98 -35.22
CA LYS E 232 -126.89 58.58 -36.54
C LYS E 232 -126.90 57.50 -37.61
N GLY E 233 -127.63 57.76 -38.70
CA GLY E 233 -127.76 56.81 -39.77
C GLY E 233 -126.60 56.85 -40.75
N PRO E 234 -126.75 56.19 -41.89
CA PRO E 234 -125.69 56.22 -42.90
C PRO E 234 -125.61 57.58 -43.58
N GLY E 235 -124.42 57.91 -44.07
CA GLY E 235 -124.17 59.18 -44.69
C GLY E 235 -123.63 60.26 -43.78
N PHE E 236 -123.32 59.93 -42.53
CA PHE E 236 -122.84 60.89 -41.55
C PHE E 236 -121.35 60.70 -41.30
N GLY E 237 -120.61 61.80 -41.32
CA GLY E 237 -119.18 61.74 -41.04
C GLY E 237 -118.33 61.20 -42.17
N LEU E 238 -118.86 61.18 -43.39
CA LEU E 238 -118.11 60.67 -44.54
C LEU E 238 -117.04 61.67 -44.96
N GLN E 239 -115.81 61.18 -45.11
CA GLN E 239 -114.72 62.00 -45.59
C GLN E 239 -114.84 62.23 -47.09
N ALA E 240 -114.24 63.33 -47.55
CA ALA E 240 -114.22 63.65 -48.97
C ALA E 240 -113.20 62.78 -49.70
N GLY E 241 -113.59 62.29 -50.87
CA GLY E 241 -112.73 61.44 -51.66
C GLY E 241 -113.00 59.95 -51.56
N LEU E 242 -114.06 59.55 -50.86
CA LEU E 242 -114.41 58.14 -50.74
C LEU E 242 -115.54 57.77 -51.71
N GLN F 40 -72.30 -15.95 16.02
CA GLN F 40 -71.63 -15.91 17.31
C GLN F 40 -72.29 -16.83 18.32
N GLN F 41 -71.95 -16.64 19.58
CA GLN F 41 -72.75 -17.11 20.70
C GLN F 41 -73.20 -15.91 21.52
N THR F 42 -74.43 -15.98 22.00
CA THR F 42 -74.92 -15.04 22.99
C THR F 42 -74.12 -15.22 24.29
N LEU F 43 -73.62 -14.12 24.83
CA LEU F 43 -72.95 -14.16 26.13
C LEU F 43 -73.96 -14.56 27.20
N PRO F 44 -73.58 -15.44 28.14
CA PRO F 44 -74.58 -16.11 28.99
C PRO F 44 -75.22 -15.15 29.99
N VAL F 45 -76.55 -15.27 30.10
CA VAL F 45 -77.32 -14.48 31.05
C VAL F 45 -76.95 -14.93 32.47
N ALA F 46 -77.01 -14.00 33.43
CA ALA F 46 -76.54 -14.26 34.79
C ALA F 46 -77.36 -15.33 35.51
N GLU F 47 -78.62 -15.51 35.12
CA GLU F 47 -79.39 -16.67 35.59
C GLU F 47 -78.79 -17.97 35.08
N VAL F 48 -78.42 -18.01 33.80
CA VAL F 48 -77.72 -19.17 33.24
C VAL F 48 -76.30 -19.25 33.78
N ALA F 49 -75.60 -18.11 33.87
CA ALA F 49 -74.19 -18.11 34.23
C ALA F 49 -73.95 -18.38 35.71
N GLN F 50 -74.96 -18.20 36.57
CA GLN F 50 -74.80 -18.56 37.97
C GLN F 50 -74.76 -20.07 38.16
N ASN F 51 -75.42 -20.82 37.27
CA ASN F 51 -75.33 -22.28 37.30
C ASN F 51 -74.04 -22.80 36.70
N LEU F 52 -73.34 -21.97 35.90
CA LEU F 52 -72.08 -22.39 35.32
C LEU F 52 -70.98 -22.39 36.39
N PRO F 53 -70.10 -23.39 36.39
CA PRO F 53 -69.00 -23.43 37.35
C PRO F 53 -67.88 -22.48 36.92
N LYS F 54 -66.90 -22.32 37.80
CA LYS F 54 -65.76 -21.46 37.52
C LYS F 54 -64.84 -22.11 36.49
N LYS F 55 -64.26 -21.27 35.62
CA LYS F 55 -63.46 -21.78 34.52
C LYS F 55 -62.10 -22.28 35.00
N GLY F 56 -61.47 -21.58 35.94
CA GLY F 56 -60.13 -21.91 36.37
C GLY F 56 -59.08 -21.25 35.48
N TYR F 57 -57.84 -21.32 35.95
CA TYR F 57 -56.74 -20.71 35.20
C TYR F 57 -56.36 -21.56 34.00
N SER F 58 -56.31 -22.88 34.16
CA SER F 58 -55.80 -23.76 33.12
C SER F 58 -56.83 -23.92 32.00
N PRO F 59 -56.46 -23.65 30.74
CA PRO F 59 -57.38 -23.97 29.63
C PRO F 59 -57.54 -25.47 29.40
N PHE F 60 -56.58 -26.29 29.83
CA PHE F 60 -56.66 -27.73 29.65
C PHE F 60 -57.62 -28.36 30.66
N GLY F 61 -57.69 -27.82 31.87
CA GLY F 61 -58.44 -28.43 32.94
C GLY F 61 -57.59 -29.41 33.74
N THR F 62 -58.06 -29.70 34.94
CA THR F 62 -57.39 -30.63 35.85
C THR F 62 -57.95 -32.04 35.76
N LYS F 63 -58.71 -32.33 34.70
CA LYS F 63 -59.39 -33.62 34.55
C LYS F 63 -58.61 -34.58 33.65
N GLN F 64 -57.28 -34.50 33.67
CA GLN F 64 -56.47 -35.43 32.90
C GLN F 64 -56.47 -36.81 33.56
N SER F 65 -56.40 -37.85 32.73
CA SER F 65 -56.52 -39.21 33.22
C SER F 65 -55.21 -39.72 33.82
N SER F 66 -54.16 -39.77 33.00
CA SER F 66 -52.88 -40.29 33.46
C SER F 66 -52.16 -39.28 34.36
N VAL F 67 -51.36 -39.81 35.29
CA VAL F 67 -50.58 -38.94 36.17
C VAL F 67 -49.43 -38.29 35.40
N ALA F 68 -48.89 -38.98 34.39
CA ALA F 68 -47.84 -38.38 33.57
C ALA F 68 -48.40 -37.30 32.64
N GLU F 69 -49.61 -37.54 32.10
CA GLU F 69 -50.28 -36.54 31.29
C GLU F 69 -50.65 -35.32 32.11
N TRP F 70 -51.11 -35.54 33.36
CA TRP F 70 -51.41 -34.43 34.27
C TRP F 70 -50.16 -33.65 34.65
N SER F 71 -49.05 -34.35 34.88
CA SER F 71 -47.79 -33.70 35.22
C SER F 71 -47.25 -32.89 34.06
N LEU F 72 -47.37 -33.41 32.83
CA LEU F 72 -46.97 -32.66 31.65
C LEU F 72 -47.90 -31.48 31.39
N ALA F 73 -49.19 -31.62 31.72
CA ALA F 73 -50.13 -30.51 31.59
C ALA F 73 -49.79 -29.38 32.57
N ARG F 74 -49.45 -29.72 33.81
CA ARG F 74 -49.11 -28.68 34.77
C ARG F 74 -47.73 -28.08 34.48
N LEU F 75 -46.79 -28.87 33.95
CA LEU F 75 -45.51 -28.32 33.52
C LEU F 75 -45.67 -27.38 32.34
N ASP F 76 -46.55 -27.72 31.40
CA ASP F 76 -46.85 -26.82 30.29
C ASP F 76 -47.59 -25.58 30.75
N ASP F 77 -48.44 -25.70 31.78
CA ASP F 77 -49.10 -24.54 32.36
C ASP F 77 -48.10 -23.60 33.02
N LEU F 78 -47.13 -24.16 33.75
CA LEU F 78 -46.09 -23.34 34.36
C LEU F 78 -45.18 -22.69 33.32
N LEU F 79 -44.87 -23.43 32.25
CA LEU F 79 -44.04 -22.91 31.16
C LEU F 79 -44.75 -21.79 30.40
N ASN F 80 -46.05 -21.96 30.14
CA ASN F 80 -46.80 -20.91 29.47
C ASN F 80 -47.03 -19.71 30.37
N TRP F 81 -47.15 -19.94 31.69
CA TRP F 81 -47.23 -18.82 32.64
C TRP F 81 -45.94 -18.03 32.68
N GLY F 82 -44.80 -18.72 32.64
CA GLY F 82 -43.53 -18.03 32.56
C GLY F 82 -43.33 -17.30 31.25
N ARG F 83 -43.84 -17.87 30.15
CA ARG F 83 -43.72 -17.21 28.86
C ARG F 83 -44.69 -16.04 28.73
N LYS F 84 -45.93 -16.19 29.19
CA LYS F 84 -46.87 -15.07 29.14
C LYS F 84 -46.62 -14.06 30.24
N GLY F 85 -45.86 -14.41 31.27
CA GLY F 85 -45.58 -13.49 32.35
C GLY F 85 -44.59 -12.42 31.98
N SER F 86 -43.80 -12.64 30.92
CA SER F 86 -42.86 -11.64 30.42
C SER F 86 -42.60 -11.94 28.95
N ILE F 87 -43.26 -11.20 28.06
CA ILE F 87 -42.86 -11.14 26.65
C ILE F 87 -42.14 -9.81 26.42
N TRP F 88 -41.02 -9.87 25.73
CA TRP F 88 -40.21 -8.67 25.51
C TRP F 88 -40.30 -8.30 24.04
N PRO F 89 -41.11 -7.29 23.70
CA PRO F 89 -41.21 -6.91 22.29
C PRO F 89 -39.99 -6.14 21.83
N LEU F 90 -39.78 -6.12 20.52
CA LEU F 90 -38.60 -5.50 19.95
C LEU F 90 -38.93 -4.10 19.46
N THR F 91 -37.97 -3.19 19.59
CA THR F 91 -38.14 -1.80 19.16
C THR F 91 -38.06 -1.73 17.64
N PHE F 92 -39.15 -2.15 17.00
CA PHE F 92 -39.27 -2.14 15.56
C PHE F 92 -40.39 -1.18 15.17
N GLY F 93 -40.05 0.10 15.09
CA GLY F 93 -41.05 1.08 14.71
C GLY F 93 -40.79 1.70 13.37
N LEU F 94 -41.58 1.32 12.38
CA LEU F 94 -41.35 1.72 10.99
C LEU F 94 -41.97 3.07 10.69
N ALA F 95 -43.19 3.32 11.14
CA ALA F 95 -43.95 4.51 10.77
C ALA F 95 -44.87 4.91 11.91
N CYS F 96 -45.86 5.73 11.56
CA CYS F 96 -46.74 6.39 12.56
C CYS F 96 -47.30 5.44 13.63
N CYS F 97 -47.70 4.24 13.24
CA CYS F 97 -48.19 3.32 14.28
C CYS F 97 -47.30 3.30 15.51
N ALA F 98 -45.98 3.46 15.31
CA ALA F 98 -45.03 3.41 16.42
C ALA F 98 -45.23 4.58 17.38
N VAL F 99 -45.87 5.67 16.93
CA VAL F 99 -46.10 6.78 17.85
C VAL F 99 -47.13 6.36 18.90
N GLU F 100 -48.10 5.52 18.51
CA GLU F 100 -48.94 4.83 19.49
C GLU F 100 -48.21 3.73 20.24
N MET F 101 -47.14 3.14 19.67
CA MET F 101 -46.44 2.08 20.38
C MET F 101 -45.74 2.62 21.63
N MET F 102 -45.15 3.81 21.51
CA MET F 102 -44.61 4.51 22.69
C MET F 102 -45.72 4.93 23.65
N HIS F 103 -46.96 5.00 23.15
CA HIS F 103 -48.07 5.35 24.02
C HIS F 103 -48.59 4.15 24.82
N ILE F 104 -48.00 2.97 24.65
CA ILE F 104 -48.22 1.97 25.69
C ILE F 104 -47.02 1.92 26.63
N ALA F 105 -45.93 2.57 26.23
CA ALA F 105 -44.84 2.83 27.17
C ALA F 105 -45.21 3.93 28.14
N ALA F 106 -46.12 4.83 27.70
CA ALA F 106 -46.56 6.05 28.39
C ALA F 106 -47.22 5.73 29.72
N PRO F 107 -47.20 6.65 30.70
CA PRO F 107 -47.69 6.32 32.04
C PRO F 107 -49.19 6.03 32.16
N ARG F 108 -50.01 6.39 31.16
CA ARG F 108 -51.44 6.10 31.27
C ARG F 108 -51.71 4.63 31.06
N TYR F 109 -51.07 4.01 30.07
CA TYR F 109 -51.38 2.62 29.72
C TYR F 109 -50.43 1.62 30.34
N ASP F 110 -49.12 1.93 30.36
CA ASP F 110 -48.11 1.29 31.21
C ASP F 110 -47.97 -0.21 30.92
N MET F 111 -47.34 -0.50 29.78
CA MET F 111 -47.09 -1.88 29.35
C MET F 111 -46.19 -2.67 30.31
N ASP F 112 -45.45 -2.02 31.20
CA ASP F 112 -44.47 -2.68 32.05
C ASP F 112 -45.11 -3.58 33.10
N ARG F 113 -46.37 -3.34 33.47
CA ARG F 113 -47.06 -4.22 34.39
C ARG F 113 -47.79 -5.37 33.71
N TYR F 114 -47.38 -5.71 32.49
CA TYR F 114 -47.95 -6.83 31.75
C TYR F 114 -46.86 -7.79 31.32
N GLY F 115 -45.66 -7.63 31.87
CA GLY F 115 -44.48 -8.34 31.43
C GLY F 115 -43.81 -7.74 30.22
N VAL F 116 -44.34 -6.65 29.68
CA VAL F 116 -43.96 -6.13 28.37
C VAL F 116 -42.97 -4.99 28.58
N VAL F 117 -41.75 -5.16 28.07
CA VAL F 117 -40.73 -4.12 28.15
C VAL F 117 -39.88 -4.20 26.88
N PHE F 118 -39.55 -3.04 26.33
CA PHE F 118 -38.86 -2.97 25.05
C PHE F 118 -37.41 -3.40 25.17
N ARG F 119 -36.94 -4.16 24.18
CA ARG F 119 -35.54 -4.54 24.06
C ARG F 119 -35.06 -4.16 22.67
N ALA F 120 -33.84 -3.60 22.59
CA ALA F 120 -33.33 -3.12 21.33
C ALA F 120 -32.71 -4.23 20.49
N SER F 121 -32.01 -5.16 21.13
CA SER F 121 -31.39 -6.25 20.39
C SER F 121 -32.44 -7.30 20.04
N PRO F 122 -32.37 -7.88 18.83
CA PRO F 122 -33.37 -8.88 18.44
C PRO F 122 -33.17 -10.23 19.12
N ARG F 123 -31.98 -10.51 19.65
CA ARG F 123 -31.77 -11.77 20.34
C ARG F 123 -32.50 -11.81 21.68
N GLN F 124 -32.48 -10.70 22.42
CA GLN F 124 -33.10 -10.65 23.73
C GLN F 124 -34.62 -10.50 23.69
N ALA F 125 -35.21 -10.31 22.52
CA ALA F 125 -36.62 -9.99 22.38
C ALA F 125 -37.43 -11.24 22.02
N ASP F 126 -38.64 -11.32 22.55
CA ASP F 126 -39.58 -12.38 22.15
C ASP F 126 -40.39 -11.97 20.94
N VAL F 127 -41.04 -10.82 21.03
CA VAL F 127 -42.03 -10.38 20.05
C VAL F 127 -41.37 -9.35 19.16
N ILE F 128 -41.78 -9.33 17.89
CA ILE F 128 -41.58 -8.19 17.02
C ILE F 128 -42.94 -7.61 16.68
N ILE F 129 -43.09 -6.32 16.90
CA ILE F 129 -44.32 -5.61 16.61
C ILE F 129 -44.08 -4.83 15.33
N VAL F 130 -44.61 -5.33 14.22
CA VAL F 130 -44.52 -4.61 12.96
C VAL F 130 -45.48 -3.43 13.04
N ALA F 131 -44.95 -2.25 13.37
CA ALA F 131 -45.75 -1.06 13.57
C ALA F 131 -45.32 -0.03 12.53
N GLY F 132 -45.92 -0.10 11.36
CA GLY F 132 -45.63 0.86 10.32
C GLY F 132 -45.76 0.25 8.95
N THR F 133 -45.13 0.92 7.98
CA THR F 133 -45.29 0.58 6.56
C THR F 133 -44.05 -0.17 6.09
N LEU F 134 -44.24 -1.44 5.76
CA LEU F 134 -43.16 -2.25 5.21
C LEU F 134 -43.06 -1.98 3.71
N THR F 135 -41.90 -1.51 3.28
CA THR F 135 -41.66 -1.17 1.88
C THR F 135 -40.77 -2.22 1.24
N ASN F 136 -40.42 -1.99 -0.03
CA ASN F 136 -39.61 -2.94 -0.78
C ASN F 136 -38.15 -2.91 -0.35
N LYS F 137 -37.63 -1.76 0.06
CA LYS F 137 -36.29 -1.69 0.63
C LYS F 137 -36.26 -2.15 2.08
N MET F 138 -37.42 -2.23 2.73
CA MET F 138 -37.53 -2.62 4.12
C MET F 138 -37.70 -4.14 4.29
N ALA F 139 -38.02 -4.85 3.20
CA ALA F 139 -38.32 -6.28 3.29
C ALA F 139 -37.14 -7.16 3.71
N PRO F 140 -35.91 -7.06 3.14
CA PRO F 140 -34.84 -7.95 3.63
C PRO F 140 -34.35 -7.58 5.02
N ALA F 141 -34.48 -6.31 5.42
CA ALA F 141 -34.13 -5.91 6.78
C ALA F 141 -35.08 -6.54 7.81
N LEU F 142 -36.39 -6.50 7.53
CA LEU F 142 -37.36 -7.12 8.44
C LEU F 142 -37.21 -8.63 8.47
N ARG F 143 -36.94 -9.25 7.31
CA ARG F 143 -36.75 -10.71 7.28
C ARG F 143 -35.49 -11.13 8.03
N LYS F 144 -34.40 -10.36 7.89
CA LYS F 144 -33.16 -10.69 8.59
C LYS F 144 -33.29 -10.48 10.09
N VAL F 145 -33.98 -9.41 10.50
CA VAL F 145 -34.21 -9.13 11.92
C VAL F 145 -35.11 -10.20 12.55
N TYR F 146 -36.12 -10.66 11.80
CA TYR F 146 -36.96 -11.75 12.30
C TYR F 146 -36.22 -13.07 12.35
N ASP F 147 -35.36 -13.34 11.37
CA ASP F 147 -34.63 -14.60 11.36
C ASP F 147 -33.56 -14.66 12.43
N GLN F 148 -32.96 -13.52 12.80
CA GLN F 148 -32.00 -13.54 13.90
C GLN F 148 -32.67 -13.58 15.27
N MET F 149 -33.97 -13.40 15.37
CA MET F 149 -34.69 -13.56 16.62
C MET F 149 -34.79 -15.03 16.98
N PRO F 150 -34.61 -15.41 18.25
CA PRO F 150 -34.72 -16.82 18.62
C PRO F 150 -36.16 -17.25 18.93
N GLU F 151 -36.44 -18.50 18.60
CA GLU F 151 -37.73 -19.17 18.66
C GLU F 151 -38.02 -19.62 20.09
N PRO F 152 -39.22 -19.39 20.66
CA PRO F 152 -40.52 -18.95 20.12
C PRO F 152 -40.62 -17.49 19.71
N ARG F 153 -41.30 -17.29 18.58
CA ARG F 153 -41.38 -16.00 17.91
C ARG F 153 -42.83 -15.71 17.57
N TRP F 154 -43.43 -14.79 18.31
CA TRP F 154 -44.77 -14.30 18.03
C TRP F 154 -44.65 -12.91 17.40
N VAL F 155 -45.45 -12.66 16.37
CA VAL F 155 -45.38 -11.43 15.60
C VAL F 155 -46.73 -10.73 15.68
N ILE F 156 -46.71 -9.44 16.02
CA ILE F 156 -47.91 -8.62 16.07
C ILE F 156 -47.85 -7.64 14.91
N SER F 157 -48.84 -7.69 14.03
CA SER F 157 -48.97 -6.70 12.97
C SER F 157 -49.80 -5.53 13.47
N MET F 158 -49.17 -4.39 13.64
CA MET F 158 -49.82 -3.19 14.14
C MET F 158 -50.15 -2.29 12.96
N GLY F 159 -51.42 -2.21 12.61
CA GLY F 159 -51.88 -1.18 11.69
C GLY F 159 -52.05 -1.69 10.27
N SER F 160 -52.88 -0.93 9.53
CA SER F 160 -53.31 -1.30 8.19
C SER F 160 -52.17 -1.35 7.19
N CYS F 161 -51.08 -0.61 7.42
CA CYS F 161 -49.91 -0.82 6.59
C CYS F 161 -49.19 -2.13 6.92
N ALA F 162 -49.25 -2.57 8.17
CA ALA F 162 -48.60 -3.83 8.53
C ALA F 162 -49.37 -5.03 8.00
N ASN F 163 -50.70 -5.04 8.13
CA ASN F 163 -51.47 -6.15 7.56
C ASN F 163 -52.36 -5.65 6.42
N GLY F 164 -52.21 -6.28 5.25
CA GLY F 164 -53.06 -5.98 4.12
C GLY F 164 -52.63 -4.82 3.24
N GLY F 165 -51.56 -4.14 3.59
CA GLY F 165 -51.08 -3.02 2.78
C GLY F 165 -51.66 -1.68 3.15
N GLY F 166 -52.98 -1.58 3.20
CA GLY F 166 -53.62 -0.41 3.77
C GLY F 166 -53.75 0.73 2.80
N TYR F 167 -53.24 1.89 3.19
CA TYR F 167 -53.52 3.11 2.47
C TYR F 167 -52.55 3.33 1.32
N TYR F 168 -51.51 2.51 1.26
CA TYR F 168 -50.55 2.45 0.18
C TYR F 168 -50.54 1.06 -0.43
N HIS F 169 -51.72 0.43 -0.48
CA HIS F 169 -51.85 -0.93 -0.99
C HIS F 169 -51.59 -1.01 -2.49
N TYR F 170 -51.91 0.05 -3.23
CA TYR F 170 -51.68 0.07 -4.67
C TYR F 170 -50.43 0.87 -5.03
N SER F 171 -49.49 0.96 -4.11
CA SER F 171 -48.24 1.68 -4.35
C SER F 171 -47.22 0.78 -5.03
N TYR F 172 -46.26 1.40 -5.71
CA TYR F 172 -45.24 0.66 -6.43
C TYR F 172 -44.18 0.07 -5.49
N SER F 173 -43.97 0.69 -4.33
CA SER F 173 -42.89 0.30 -3.42
C SER F 173 -43.41 0.09 -2.01
N VAL F 174 -44.55 -0.58 -1.87
CA VAL F 174 -45.08 -0.99 -0.57
C VAL F 174 -45.49 -2.46 -0.67
N VAL F 175 -44.97 -3.29 0.23
CA VAL F 175 -45.36 -4.69 0.30
C VAL F 175 -46.80 -4.77 0.77
N ARG F 176 -47.60 -5.62 0.09
CA ARG F 176 -49.02 -5.74 0.37
C ARG F 176 -49.27 -6.49 1.68
N GLY F 177 -49.00 -5.83 2.80
CA GLY F 177 -49.02 -6.47 4.09
C GLY F 177 -47.72 -7.22 4.38
N CYS F 178 -47.45 -7.37 5.66
CA CYS F 178 -46.25 -8.10 6.08
C CYS F 178 -46.51 -9.60 6.20
N ASP F 179 -47.72 -10.07 5.90
CA ASP F 179 -48.00 -11.50 5.95
C ASP F 179 -47.34 -12.27 4.81
N ARG F 180 -46.88 -11.58 3.76
CA ARG F 180 -46.16 -12.24 2.68
C ARG F 180 -44.71 -12.55 3.02
N ILE F 181 -44.20 -12.02 4.13
CA ILE F 181 -42.79 -12.14 4.49
C ILE F 181 -42.62 -12.75 5.88
N ILE F 182 -43.28 -12.20 6.88
CA ILE F 182 -43.13 -12.61 8.26
C ILE F 182 -44.44 -13.23 8.73
N PRO F 183 -44.41 -14.40 9.39
CA PRO F 183 -45.67 -15.05 9.80
C PRO F 183 -46.22 -14.41 11.06
N VAL F 184 -47.48 -14.00 11.00
CA VAL F 184 -48.06 -13.08 11.98
C VAL F 184 -49.11 -13.81 12.80
N ASP F 185 -49.02 -13.69 14.13
CA ASP F 185 -49.94 -14.33 15.04
C ASP F 185 -51.12 -13.46 15.46
N ILE F 186 -50.84 -12.18 15.71
CA ILE F 186 -51.91 -11.22 16.12
C ILE F 186 -51.94 -10.08 15.09
N TYR F 187 -53.14 -9.69 14.67
CA TYR F 187 -53.30 -8.57 13.73
C TYR F 187 -54.12 -7.50 14.44
N VAL F 188 -53.52 -6.37 14.77
CA VAL F 188 -54.23 -5.26 15.48
C VAL F 188 -54.86 -4.36 14.42
N PRO F 189 -56.20 -4.24 14.32
CA PRO F 189 -56.87 -3.51 13.23
C PRO F 189 -56.78 -2.01 12.91
N GLY F 190 -56.76 -1.09 13.87
CA GLY F 190 -56.89 0.37 13.60
C GLY F 190 -55.78 1.07 12.82
N CYS F 191 -56.10 2.11 12.04
CA CYS F 191 -54.98 2.67 11.24
C CYS F 191 -53.91 3.18 12.19
N PRO F 192 -54.18 3.95 13.26
CA PRO F 192 -53.18 4.16 14.28
C PRO F 192 -53.99 3.41 15.32
N PRO F 193 -53.61 2.20 15.77
CA PRO F 193 -54.47 1.52 16.72
C PRO F 193 -54.53 2.37 18.00
N THR F 194 -55.71 2.54 18.62
CA THR F 194 -55.76 3.25 19.93
C THR F 194 -54.82 2.45 20.83
N ALA F 195 -54.44 2.94 22.02
CA ALA F 195 -53.46 2.09 22.68
C ALA F 195 -54.11 0.97 23.51
N GLU F 196 -55.39 1.14 23.86
CA GLU F 196 -56.19 0.04 24.36
C GLU F 196 -56.31 -1.10 23.36
N ALA F 197 -56.39 -0.80 22.06
CA ALA F 197 -56.52 -1.89 21.08
C ALA F 197 -55.19 -2.61 20.84
N LEU F 198 -54.07 -1.88 20.86
CA LEU F 198 -52.77 -2.54 20.80
C LEU F 198 -52.52 -3.39 22.04
N MET F 199 -52.89 -2.88 23.22
CA MET F 199 -52.76 -3.69 24.42
C MET F 199 -53.78 -4.82 24.47
N TYR F 200 -54.91 -4.68 23.77
CA TYR F 200 -55.83 -5.79 23.58
C TYR F 200 -55.21 -6.87 22.70
N GLY F 201 -54.45 -6.47 21.68
CA GLY F 201 -53.68 -7.42 20.90
C GLY F 201 -52.60 -8.09 21.72
N VAL F 202 -52.00 -7.35 22.66
CA VAL F 202 -51.00 -7.91 23.57
C VAL F 202 -51.64 -8.95 24.50
N LEU F 203 -52.81 -8.63 25.07
CA LEU F 203 -53.54 -9.60 25.90
C LEU F 203 -54.04 -10.79 25.09
N GLN F 204 -54.39 -10.60 23.82
CA GLN F 204 -54.76 -11.73 22.96
C GLN F 204 -53.55 -12.61 22.66
N LEU F 205 -52.37 -12.00 22.53
CA LEU F 205 -51.14 -12.77 22.39
C LEU F 205 -50.81 -13.52 23.67
N GLN F 206 -51.10 -12.91 24.83
CA GLN F 206 -50.90 -13.60 26.10
C GLN F 206 -51.86 -14.77 26.28
N LYS F 207 -53.09 -14.63 25.77
CA LYS F 207 -54.02 -15.75 25.76
C LYS F 207 -53.60 -16.83 24.78
N LYS F 208 -52.97 -16.45 23.67
CA LYS F 208 -52.43 -17.45 22.75
C LYS F 208 -51.26 -18.20 23.37
N VAL F 209 -50.38 -17.48 24.08
CA VAL F 209 -49.22 -18.09 24.74
C VAL F 209 -49.68 -19.01 25.88
N LYS F 210 -50.71 -18.59 26.62
CA LYS F 210 -51.32 -19.44 27.64
C LYS F 210 -52.00 -20.67 27.06
N ARG F 211 -52.42 -20.63 25.80
CA ARG F 211 -53.03 -21.76 25.13
C ARG F 211 -52.03 -22.62 24.37
N MET F 212 -50.74 -22.35 24.51
CA MET F 212 -49.73 -23.14 23.80
C MET F 212 -49.60 -24.52 24.42
N LYS F 213 -49.64 -25.55 23.57
CA LYS F 213 -49.57 -26.94 23.97
C LYS F 213 -48.30 -27.53 23.36
N THR F 214 -47.28 -27.73 24.18
CA THR F 214 -46.02 -28.28 23.72
C THR F 214 -45.72 -29.66 24.28
N LEU F 215 -45.78 -29.82 25.61
CA LEU F 215 -45.50 -31.10 26.24
C LEU F 215 -46.63 -32.10 26.04
N GLN F 216 -47.87 -31.64 25.96
CA GLN F 216 -48.98 -32.54 25.63
C GLN F 216 -48.86 -33.06 24.21
N MET F 217 -48.44 -32.20 23.28
CA MET F 217 -48.14 -32.65 21.92
C MET F 217 -46.96 -33.60 21.89
N TRP F 218 -45.94 -33.38 22.74
CA TRP F 218 -44.82 -34.30 22.80
C TRP F 218 -45.25 -35.66 23.34
N TYR F 219 -46.16 -35.68 24.33
CA TYR F 219 -46.70 -36.93 24.82
C TYR F 219 -47.58 -37.61 23.77
N ARG F 220 -48.22 -36.84 22.90
CA ARG F 220 -49.01 -37.39 21.81
C ARG F 220 -48.28 -37.41 20.47
N LYS F 221 -46.96 -37.28 20.47
CA LYS F 221 -46.17 -37.45 19.24
C LYS F 221 -45.46 -38.80 19.25
N GLU G 32 -27.94 40.17 37.76
CA GLU G 32 -28.50 40.17 36.40
C GLU G 32 -27.39 40.37 35.37
N PRO G 33 -27.12 39.33 34.59
CA PRO G 33 -26.08 39.45 33.55
C PRO G 33 -26.52 40.33 32.40
N LYS G 34 -25.53 40.92 31.72
CA LYS G 34 -25.80 41.79 30.60
C LYS G 34 -26.11 40.97 29.35
N ASP G 35 -26.69 41.64 28.35
CA ASP G 35 -27.06 41.01 27.10
C ASP G 35 -25.90 41.10 26.11
N ILE G 36 -25.52 39.96 25.52
CA ILE G 36 -24.55 39.97 24.43
C ILE G 36 -25.16 40.62 23.20
N VAL G 37 -26.38 40.22 22.86
CA VAL G 37 -27.11 40.74 21.71
C VAL G 37 -28.34 41.46 22.23
N GLU G 38 -28.59 42.66 21.74
CA GLU G 38 -29.74 43.45 22.16
C GLU G 38 -31.02 42.80 21.67
N VAL G 39 -31.89 42.45 22.61
CA VAL G 39 -33.11 41.68 22.29
C VAL G 39 -34.15 42.63 21.71
N PRO G 40 -34.70 42.35 20.52
CA PRO G 40 -35.75 43.21 19.96
C PRO G 40 -37.10 43.02 20.65
N LYS G 41 -38.12 43.74 20.16
CA LYS G 41 -39.43 43.72 20.80
C LYS G 41 -40.18 42.42 20.56
N GLY G 42 -40.14 41.92 19.33
CA GLY G 42 -40.91 40.74 18.98
C GLY G 42 -40.20 39.42 19.10
N TYR G 43 -39.03 39.38 19.73
CA TYR G 43 -38.24 38.17 19.81
C TYR G 43 -37.76 37.95 21.24
N VAL G 44 -37.44 36.70 21.56
CA VAL G 44 -36.86 36.33 22.84
C VAL G 44 -35.59 35.52 22.56
N TYR G 45 -34.54 35.82 23.30
CA TYR G 45 -33.22 35.25 23.07
C TYR G 45 -32.87 34.27 24.17
N VAL G 46 -32.40 33.08 23.79
CA VAL G 46 -31.90 32.09 24.74
C VAL G 46 -30.39 32.01 24.61
N ASN G 47 -29.74 31.72 25.75
CA ASN G 47 -28.28 31.72 25.93
C ASN G 47 -27.65 33.07 25.51
N ASN G 48 -28.33 34.15 25.87
CA ASN G 48 -27.86 35.49 25.56
C ASN G 48 -27.18 36.17 26.74
N LYS G 49 -27.21 35.56 27.93
CA LYS G 49 -26.63 36.17 29.11
C LYS G 49 -25.11 36.08 29.08
N GLU G 50 -24.45 37.14 29.52
CA GLU G 50 -23.01 37.11 29.69
C GLU G 50 -22.64 36.23 30.88
N LEU G 51 -21.47 35.60 30.80
CA LEU G 51 -20.97 34.83 31.91
C LEU G 51 -20.46 35.78 32.99
N SER G 52 -20.95 35.59 34.22
CA SER G 52 -20.65 36.51 35.30
C SER G 52 -19.21 36.35 35.78
N MET G 53 -18.59 37.46 36.15
CA MET G 53 -17.18 37.48 36.51
C MET G 53 -16.93 37.97 37.93
N GLU G 54 -17.96 38.39 38.66
CA GLU G 54 -17.77 38.73 40.07
C GLU G 54 -17.59 37.46 40.90
N PHE G 55 -16.92 37.61 42.03
CA PHE G 55 -16.41 36.45 42.77
C PHE G 55 -17.52 35.65 43.44
N ALA G 56 -18.65 36.30 43.77
CA ALA G 56 -19.78 35.60 44.39
C ALA G 56 -20.41 34.60 43.42
N ASP G 57 -20.62 35.03 42.17
CA ASP G 57 -21.20 34.14 41.16
C ASP G 57 -20.22 33.05 40.74
N ILE G 58 -18.92 33.35 40.72
CA ILE G 58 -17.92 32.33 40.41
C ILE G 58 -17.85 31.29 41.52
N THR G 59 -17.95 31.71 42.79
CA THR G 59 -18.00 30.74 43.88
C THR G 59 -19.28 29.94 43.89
N ASP G 60 -20.41 30.54 43.50
CA ASP G 60 -21.67 29.81 43.41
C ASP G 60 -21.64 28.75 42.32
N ARG G 61 -21.12 29.11 41.13
CA ARG G 61 -20.97 28.14 40.06
C ARG G 61 -19.93 27.08 40.38
N ALA G 62 -18.87 27.46 41.12
CA ALA G 62 -17.86 26.51 41.54
C ALA G 62 -18.42 25.50 42.54
N ALA G 63 -19.23 25.97 43.49
CA ALA G 63 -19.82 25.04 44.45
C ALA G 63 -20.87 24.15 43.81
N SER G 64 -21.60 24.66 42.82
CA SER G 64 -22.54 23.82 42.08
C SER G 64 -21.81 22.78 41.23
N THR G 65 -20.61 23.11 40.72
CA THR G 65 -19.83 22.13 39.99
C THR G 65 -19.24 21.08 40.93
N MET G 66 -18.65 21.51 42.05
CA MET G 66 -17.92 20.60 42.93
C MET G 66 -18.85 19.73 43.75
N PHE G 67 -19.95 20.28 44.28
CA PHE G 67 -20.76 19.56 45.25
C PHE G 67 -22.07 19.03 44.67
N PHE G 68 -22.23 19.10 43.33
CA PHE G 68 -23.37 18.55 42.57
C PHE G 68 -24.71 19.13 43.04
N GLY G 69 -24.78 20.47 43.12
CA GLY G 69 -26.00 21.11 43.58
C GLY G 69 -27.15 21.00 42.59
N GLU G 70 -26.86 21.19 41.30
CA GLU G 70 -27.88 21.06 40.28
C GLU G 70 -28.28 19.59 40.08
N LEU G 71 -27.32 18.67 40.27
CA LEU G 71 -27.67 17.25 40.30
C LEU G 71 -28.50 16.90 41.52
N LEU G 72 -28.26 17.59 42.66
CA LEU G 72 -29.09 17.39 43.84
C LEU G 72 -30.52 17.88 43.61
N ARG G 73 -30.67 19.00 42.90
CA ARG G 73 -32.00 19.48 42.54
C ARG G 73 -32.69 18.54 41.57
N GLY G 74 -31.95 17.98 40.60
CA GLY G 74 -32.52 16.98 39.71
C GLY G 74 -32.93 15.70 40.42
N PHE G 75 -32.11 15.25 41.37
CA PHE G 75 -32.44 14.08 42.19
C PHE G 75 -33.67 14.33 43.06
N ALA G 76 -33.79 15.54 43.63
CA ALA G 76 -34.95 15.86 44.46
C ALA G 76 -36.22 15.94 43.64
N VAL G 77 -36.14 16.52 42.44
CA VAL G 77 -37.29 16.60 41.54
C VAL G 77 -37.71 15.21 41.07
N THR G 78 -36.73 14.34 40.81
CA THR G 78 -37.01 12.95 40.47
C THR G 78 -37.66 12.19 41.62
N LEU G 79 -37.13 12.36 42.84
CA LEU G 79 -37.65 11.64 44.01
C LEU G 79 -39.03 12.12 44.42
N ALA G 80 -39.36 13.38 44.12
CA ALA G 80 -40.69 13.90 44.42
C ALA G 80 -41.79 13.28 43.55
N HIS G 81 -41.43 12.65 42.43
CA HIS G 81 -42.43 12.02 41.57
C HIS G 81 -42.75 10.59 41.99
N ILE G 82 -42.01 10.02 42.94
CA ILE G 82 -42.40 8.74 43.53
C ILE G 82 -43.68 8.91 44.35
N PHE G 83 -43.78 10.03 45.05
CA PHE G 83 -44.94 10.32 45.90
C PHE G 83 -46.15 10.81 45.14
N LYS G 84 -46.03 11.05 43.83
CA LYS G 84 -47.16 11.45 43.01
C LYS G 84 -48.10 10.27 42.77
N GLU G 85 -49.31 10.58 42.34
CA GLU G 85 -50.26 9.55 41.94
C GLU G 85 -49.83 8.92 40.63
N PRO G 86 -49.85 7.59 40.53
CA PRO G 86 -49.62 6.95 39.24
C PRO G 86 -50.80 7.15 38.31
N ALA G 87 -50.50 7.37 37.03
CA ALA G 87 -51.53 7.60 36.03
C ALA G 87 -51.94 6.33 35.30
N THR G 88 -51.47 5.17 35.76
CA THR G 88 -51.80 3.90 35.13
C THR G 88 -53.28 3.58 35.33
N ILE G 89 -53.99 3.34 34.24
CA ILE G 89 -55.45 3.27 34.26
C ILE G 89 -55.96 1.85 34.38
N ASN G 90 -55.09 0.86 34.58
CA ASN G 90 -55.46 -0.53 34.92
C ASN G 90 -56.37 -1.20 33.88
N TYR G 91 -55.85 -1.39 32.67
CA TYR G 91 -56.60 -2.05 31.62
C TYR G 91 -56.69 -3.55 31.93
N PRO G 92 -57.82 -4.22 31.62
CA PRO G 92 -59.09 -3.81 31.02
C PRO G 92 -60.26 -3.61 31.98
N PHE G 93 -60.00 -3.59 33.30
CA PHE G 93 -61.08 -3.33 34.25
C PHE G 93 -61.52 -1.87 34.17
N GLU G 94 -60.60 -0.97 33.90
CA GLU G 94 -60.87 0.45 33.76
C GLU G 94 -60.29 0.90 32.43
N LYS G 95 -61.11 1.53 31.60
CA LYS G 95 -60.71 1.91 30.25
C LYS G 95 -60.72 3.42 30.13
N GLY G 96 -59.82 3.95 29.30
CA GLY G 96 -59.59 5.37 29.20
C GLY G 96 -60.72 6.10 28.49
N PRO G 97 -60.67 7.43 28.52
CA PRO G 97 -61.75 8.22 27.92
C PRO G 97 -61.81 8.12 26.41
N LEU G 98 -63.04 8.17 25.89
CA LEU G 98 -63.29 8.15 24.47
C LEU G 98 -64.10 9.40 24.13
N SER G 99 -64.66 9.46 22.94
CA SER G 99 -65.52 10.56 22.51
C SER G 99 -66.69 9.97 21.75
N PRO G 100 -67.83 10.67 21.70
CA PRO G 100 -68.93 10.23 20.83
C PRO G 100 -68.61 10.28 19.34
N ARG G 101 -67.58 11.01 18.91
CA ARG G 101 -67.19 11.07 17.51
C ARG G 101 -66.18 10.00 17.13
N PHE G 102 -65.90 9.06 18.03
CA PHE G 102 -64.74 8.16 17.88
C PHE G 102 -64.92 7.19 16.70
N ARG G 103 -63.84 6.98 15.98
CA ARG G 103 -63.83 6.12 14.80
C ARG G 103 -63.24 4.76 15.15
N GLY G 104 -64.05 3.72 14.99
CA GLY G 104 -63.64 2.36 15.33
C GLY G 104 -64.05 1.40 14.26
N GLU G 105 -64.66 0.28 14.66
CA GLU G 105 -65.09 -0.74 13.72
C GLU G 105 -66.24 -0.22 12.87
N HIS G 106 -66.09 -0.26 11.53
CA HIS G 106 -67.20 0.08 10.65
C HIS G 106 -68.34 -0.92 10.81
N ALA G 107 -69.57 -0.41 10.68
CA ALA G 107 -70.76 -1.22 10.89
C ALA G 107 -71.91 -0.67 10.07
N LEU G 108 -72.85 -1.55 9.73
CA LEU G 108 -74.00 -1.21 8.91
C LEU G 108 -75.24 -1.18 9.79
N ARG G 109 -75.93 -0.04 9.82
CA ARG G 109 -77.08 0.13 10.68
C ARG G 109 -78.36 -0.37 10.00
N ARG G 110 -79.48 -0.22 10.71
CA ARG G 110 -80.78 -0.65 10.24
C ARG G 110 -81.83 0.37 10.68
N TYR G 111 -82.97 0.36 9.99
CA TYR G 111 -84.10 1.19 10.37
C TYR G 111 -84.75 0.62 11.63
N PRO G 112 -85.49 1.46 12.38
CA PRO G 112 -86.28 0.92 13.50
C PRO G 112 -87.35 -0.08 13.10
N SER G 113 -87.85 -0.01 11.87
CA SER G 113 -88.79 -1.02 11.39
C SER G 113 -88.11 -2.35 11.15
N GLY G 114 -86.82 -2.32 10.83
CA GLY G 114 -86.05 -3.54 10.63
C GLY G 114 -85.39 -3.69 9.27
N GLU G 115 -85.80 -2.89 8.29
CA GLU G 115 -85.15 -2.91 6.97
C GLU G 115 -83.76 -2.31 7.07
N GLU G 116 -82.82 -2.89 6.32
CA GLU G 116 -81.44 -2.38 6.31
C GLU G 116 -81.40 -1.01 5.65
N ARG G 117 -80.51 -0.16 6.16
CA ARG G 117 -80.52 1.25 5.76
C ARG G 117 -79.80 1.47 4.44
N CYS G 118 -78.88 0.57 4.09
CA CYS G 118 -77.97 0.83 2.97
C CYS G 118 -78.64 0.62 1.62
N ILE G 119 -78.85 1.72 0.91
CA ILE G 119 -79.59 1.77 -0.34
C ILE G 119 -78.69 1.56 -1.56
N ALA G 120 -77.44 1.10 -1.34
CA ALA G 120 -76.46 0.78 -2.39
C ALA G 120 -76.15 1.97 -3.29
N CYS G 121 -76.00 3.13 -2.68
CA CYS G 121 -75.89 4.36 -3.45
C CYS G 121 -74.44 4.68 -3.82
N LYS G 122 -73.50 3.94 -3.23
CA LYS G 122 -72.07 3.88 -3.57
C LYS G 122 -71.30 5.20 -3.48
N LEU G 123 -71.72 6.14 -2.63
CA LEU G 123 -70.87 7.29 -2.35
C LEU G 123 -69.73 6.95 -1.41
N CYS G 124 -69.93 5.95 -0.54
CA CYS G 124 -68.88 5.57 0.42
C CYS G 124 -67.69 4.94 -0.29
N GLU G 125 -67.95 4.09 -1.29
CA GLU G 125 -66.87 3.50 -2.06
C GLU G 125 -66.20 4.53 -2.95
N ALA G 126 -66.97 5.49 -3.46
CA ALA G 126 -66.40 6.58 -4.25
C ALA G 126 -65.54 7.51 -3.41
N ILE G 127 -65.87 7.65 -2.12
CA ILE G 127 -65.13 8.55 -1.25
C ILE G 127 -64.07 7.83 -0.41
N CYS G 128 -64.06 6.48 -0.43
CA CYS G 128 -63.10 5.73 0.37
C CYS G 128 -61.71 5.90 -0.23
N PRO G 129 -60.77 6.51 0.49
CA PRO G 129 -59.49 6.86 -0.13
C PRO G 129 -58.58 5.66 -0.32
N ALA G 130 -58.74 4.62 0.49
CA ALA G 130 -57.95 3.42 0.32
C ALA G 130 -58.68 2.40 -0.54
N GLN G 131 -59.91 2.72 -0.96
CA GLN G 131 -60.81 1.90 -1.79
C GLN G 131 -61.07 0.54 -1.17
N ALA G 132 -61.36 0.51 0.13
CA ALA G 132 -61.61 -0.76 0.80
C ALA G 132 -63.00 -1.31 0.48
N ILE G 133 -63.98 -0.43 0.29
CA ILE G 133 -65.37 -0.86 0.14
C ILE G 133 -65.60 -1.36 -1.27
N THR G 134 -66.21 -2.55 -1.37
CA THR G 134 -66.67 -3.11 -2.63
C THR G 134 -68.16 -3.37 -2.52
N ILE G 135 -68.94 -2.76 -3.42
CA ILE G 135 -70.40 -2.86 -3.41
C ILE G 135 -70.85 -3.47 -4.73
N GLU G 136 -71.66 -4.50 -4.65
CA GLU G 136 -72.37 -5.05 -5.81
C GLU G 136 -73.85 -5.13 -5.48
N ALA G 137 -74.68 -4.58 -6.35
CA ALA G 137 -76.08 -4.34 -6.05
C ALA G 137 -76.99 -4.91 -7.13
N GLU G 138 -78.09 -5.52 -6.69
CA GLU G 138 -79.14 -5.99 -7.57
C GLU G 138 -80.49 -5.58 -7.02
N GLU G 139 -81.49 -5.53 -7.88
CA GLU G 139 -82.86 -5.27 -7.44
C GLU G 139 -83.41 -6.48 -6.69
N ARG G 140 -84.00 -6.23 -5.53
CA ARG G 140 -84.55 -7.31 -4.72
C ARG G 140 -85.96 -7.66 -5.24
N ALA G 141 -86.61 -8.61 -4.57
CA ALA G 141 -87.88 -9.16 -5.05
C ALA G 141 -89.02 -8.15 -4.94
N ASP G 142 -89.00 -7.31 -3.89
CA ASP G 142 -90.05 -6.30 -3.76
C ASP G 142 -89.71 -5.02 -4.51
N GLY G 143 -88.53 -4.95 -5.13
CA GLY G 143 -88.14 -3.78 -5.88
C GLY G 143 -87.17 -2.84 -5.19
N SER G 144 -86.62 -3.23 -4.05
CA SER G 144 -85.71 -2.37 -3.32
C SER G 144 -84.34 -2.35 -3.99
N ARG G 145 -83.52 -1.38 -3.56
CA ARG G 145 -82.20 -1.14 -4.14
C ARG G 145 -81.09 -1.81 -3.34
N ARG G 146 -81.43 -2.57 -2.29
CA ARG G 146 -80.47 -2.93 -1.26
C ARG G 146 -79.47 -3.97 -1.76
N THR G 147 -78.30 -4.01 -1.12
CA THR G 147 -77.11 -4.60 -1.72
C THR G 147 -77.17 -6.12 -1.76
N THR G 148 -76.37 -6.69 -2.67
CA THR G 148 -76.08 -8.13 -2.60
C THR G 148 -74.70 -8.38 -2.04
N ARG G 149 -73.78 -7.41 -2.18
CA ARG G 149 -72.44 -7.52 -1.63
C ARG G 149 -71.99 -6.17 -1.09
N TYR G 150 -71.59 -6.13 0.17
CA TYR G 150 -70.97 -4.96 0.78
C TYR G 150 -69.79 -5.44 1.59
N ASP G 151 -68.59 -5.32 1.04
CA ASP G 151 -67.38 -5.79 1.70
C ASP G 151 -66.50 -4.61 2.05
N ILE G 152 -66.03 -4.55 3.29
CA ILE G 152 -65.04 -3.57 3.71
C ILE G 152 -63.78 -4.33 4.15
N ASP G 153 -62.67 -4.04 3.48
CA ASP G 153 -61.38 -4.60 3.85
C ASP G 153 -60.86 -3.76 5.01
N MET G 154 -60.93 -4.31 6.23
CA MET G 154 -60.51 -3.56 7.41
C MET G 154 -58.99 -3.55 7.54
N THR G 155 -58.31 -4.45 6.82
CA THR G 155 -56.86 -4.33 6.68
C THR G 155 -56.50 -3.24 5.68
N LYS G 156 -57.46 -2.82 4.85
CA LYS G 156 -57.22 -1.70 3.94
C LYS G 156 -57.86 -0.42 4.46
N CYS G 157 -58.94 -0.54 5.26
CA CYS G 157 -59.64 0.61 5.82
C CYS G 157 -58.73 1.40 6.76
N ILE G 158 -58.74 2.73 6.61
CA ILE G 158 -57.85 3.58 7.40
C ILE G 158 -58.58 4.29 8.51
N TYR G 159 -59.88 3.99 8.69
CA TYR G 159 -60.69 4.45 9.82
C TYR G 159 -60.81 5.97 9.82
N CYS G 160 -61.06 6.52 8.63
CA CYS G 160 -61.01 7.96 8.44
C CYS G 160 -62.39 8.59 8.59
N GLY G 161 -63.43 7.78 8.52
CA GLY G 161 -64.78 8.26 8.72
C GLY G 161 -65.37 9.05 7.57
N PHE G 162 -64.82 8.91 6.36
CA PHE G 162 -65.39 9.62 5.22
C PHE G 162 -66.69 8.96 4.76
N CYS G 163 -66.84 7.67 5.04
CA CYS G 163 -68.03 6.95 4.58
C CYS G 163 -69.27 7.35 5.34
N GLN G 164 -69.15 7.60 6.66
CA GLN G 164 -70.32 7.99 7.43
C GLN G 164 -70.71 9.44 7.16
N GLU G 165 -69.74 10.27 6.75
CA GLU G 165 -70.08 11.63 6.32
C GLU G 165 -70.70 11.63 4.93
N ALA G 166 -70.27 10.70 4.07
CA ALA G 166 -70.78 10.63 2.71
C ALA G 166 -72.00 9.74 2.57
N CYS G 167 -72.54 9.24 3.67
CA CYS G 167 -73.70 8.38 3.67
C CYS G 167 -74.95 9.24 3.77
N PRO G 168 -75.84 9.23 2.77
CA PRO G 168 -77.03 10.11 2.82
C PRO G 168 -78.05 9.68 3.88
N VAL G 169 -78.35 8.40 3.95
CA VAL G 169 -78.99 7.77 5.11
C VAL G 169 -77.88 7.51 6.13
N ASP G 170 -78.25 7.11 7.34
CA ASP G 170 -77.23 6.77 8.33
C ASP G 170 -76.94 5.28 8.33
N ALA G 171 -76.50 4.76 7.17
CA ALA G 171 -76.30 3.31 7.08
C ALA G 171 -74.95 2.87 7.62
N ILE G 172 -73.86 3.29 6.98
CA ILE G 172 -72.52 2.92 7.42
C ILE G 172 -72.17 3.89 8.55
N VAL G 173 -71.45 3.39 9.55
CA VAL G 173 -71.18 4.14 10.76
C VAL G 173 -69.90 3.61 11.38
N GLU G 174 -69.20 4.47 12.12
CA GLU G 174 -68.04 4.05 12.89
C GLU G 174 -68.50 3.65 14.28
N GLY G 175 -68.44 2.35 14.57
CA GLY G 175 -68.88 1.85 15.84
C GLY G 175 -67.89 2.18 16.95
N PRO G 176 -68.33 1.99 18.19
CA PRO G 176 -67.43 2.22 19.33
C PRO G 176 -66.39 1.14 19.52
N ASN G 177 -66.51 0.01 18.83
CA ASN G 177 -65.64 -1.13 19.09
C ASN G 177 -64.27 -0.91 18.47
N PHE G 178 -63.24 -1.18 19.27
CA PHE G 178 -61.87 -1.24 18.79
C PHE G 178 -61.12 -2.46 19.29
N GLU G 179 -61.69 -3.23 20.21
CA GLU G 179 -61.15 -4.52 20.61
C GLU G 179 -61.67 -5.60 19.66
N PHE G 180 -61.13 -5.57 18.44
CA PHE G 180 -61.48 -6.58 17.43
C PHE G 180 -60.22 -7.07 16.72
N SER G 181 -59.15 -7.24 17.48
CA SER G 181 -57.92 -7.84 16.96
C SER G 181 -58.14 -9.32 16.66
N THR G 182 -57.64 -9.76 15.52
CA THR G 182 -57.90 -11.10 15.02
C THR G 182 -56.61 -11.92 14.98
N GLU G 183 -56.78 -13.23 15.14
CA GLU G 183 -55.67 -14.16 15.06
C GLU G 183 -55.21 -14.37 13.62
N THR G 184 -56.09 -14.17 12.66
CA THR G 184 -55.90 -14.63 11.28
C THR G 184 -56.19 -13.47 10.34
N HIS G 185 -55.41 -13.39 9.24
CA HIS G 185 -55.50 -12.26 8.30
C HIS G 185 -56.85 -12.20 7.60
N GLU G 186 -57.41 -13.37 7.24
CA GLU G 186 -58.66 -13.38 6.50
C GLU G 186 -59.87 -12.95 7.33
N GLU G 187 -59.79 -13.06 8.66
CA GLU G 187 -60.92 -12.70 9.51
C GLU G 187 -61.18 -11.20 9.58
N LEU G 188 -60.24 -10.37 9.13
CA LEU G 188 -60.43 -8.93 9.06
C LEU G 188 -61.01 -8.48 7.72
N LEU G 189 -61.32 -9.41 6.82
CA LEU G 189 -62.00 -9.10 5.56
C LEU G 189 -63.49 -9.15 5.84
N TYR G 190 -64.08 -8.00 6.12
CA TYR G 190 -65.45 -7.97 6.62
C TYR G 190 -66.46 -8.10 5.49
N ASN G 191 -67.38 -9.04 5.66
CA ASN G 191 -68.45 -9.29 4.70
C ASN G 191 -69.65 -8.41 5.00
N LYS G 192 -70.73 -8.59 4.25
CA LYS G 192 -71.97 -7.88 4.55
C LYS G 192 -72.63 -8.44 5.81
N GLU G 193 -72.52 -9.74 6.02
CA GLU G 193 -73.14 -10.37 7.18
C GLU G 193 -72.41 -10.01 8.47
N LYS G 194 -71.08 -9.87 8.40
CA LYS G 194 -70.31 -9.43 9.56
C LYS G 194 -70.63 -7.99 9.93
N LEU G 195 -70.80 -7.12 8.92
CA LEU G 195 -71.16 -5.72 9.19
C LEU G 195 -72.59 -5.62 9.72
N LEU G 196 -73.49 -6.47 9.23
CA LEU G 196 -74.86 -6.47 9.73
C LEU G 196 -74.92 -7.02 11.15
N CYS G 197 -74.08 -8.00 11.47
CA CYS G 197 -74.00 -8.51 12.84
C CYS G 197 -73.37 -7.48 13.78
N ASN G 198 -72.42 -6.68 13.29
CA ASN G 198 -71.88 -5.58 14.07
C ASN G 198 -72.92 -4.49 14.30
N GLY G 199 -73.77 -4.24 13.30
CA GLY G 199 -74.85 -3.30 13.48
C GLY G 199 -75.91 -3.78 14.45
N ASP G 200 -76.19 -5.09 14.43
CA ASP G 200 -77.12 -5.65 15.41
C ASP G 200 -76.55 -5.64 16.82
N LYS G 201 -75.24 -5.91 16.95
CA LYS G 201 -74.63 -6.00 18.27
C LYS G 201 -74.44 -4.63 18.90
N TRP G 202 -73.98 -3.65 18.13
CA TRP G 202 -73.56 -2.34 18.66
C TRP G 202 -74.59 -1.24 18.43
N GLU G 203 -75.88 -1.59 18.32
CA GLU G 203 -76.88 -0.61 17.89
C GLU G 203 -77.16 0.46 18.94
N SER G 204 -77.09 0.10 20.23
CA SER G 204 -77.45 1.04 21.29
C SER G 204 -76.43 2.18 21.41
N GLU G 205 -75.13 1.83 21.45
CA GLU G 205 -74.11 2.85 21.58
C GLU G 205 -73.96 3.69 20.33
N ILE G 206 -74.11 3.07 19.15
CA ILE G 206 -74.07 3.79 17.88
C ILE G 206 -75.23 4.77 17.77
N ALA G 207 -76.43 4.33 18.18
CA ALA G 207 -77.60 5.21 18.14
C ALA G 207 -77.49 6.33 19.16
N SER G 208 -76.89 6.06 20.33
CA SER G 208 -76.67 7.11 21.32
C SER G 208 -75.65 8.13 20.84
N ASN G 209 -74.57 7.68 20.19
CA ASN G 209 -73.57 8.59 19.65
C ASN G 209 -74.13 9.42 18.50
N LEU G 210 -74.95 8.80 17.65
CA LEU G 210 -75.57 9.55 16.56
C LEU G 210 -76.64 10.51 17.05
N GLN G 211 -77.32 10.19 18.16
CA GLN G 211 -78.25 11.14 18.73
C GLN G 211 -77.51 12.30 19.39
N ALA G 212 -76.38 12.04 20.02
CA ALA G 212 -75.62 13.09 20.68
C ALA G 212 -74.62 13.79 19.78
N ASP G 213 -74.58 13.46 18.49
CA ASP G 213 -73.55 14.01 17.62
C ASP G 213 -74.08 14.54 16.28
N HIS G 214 -75.37 14.37 15.97
CA HIS G 214 -75.85 14.70 14.63
C HIS G 214 -75.94 16.19 14.38
N LEU G 215 -76.13 17.00 15.42
CA LEU G 215 -76.22 18.44 15.23
C LEU G 215 -74.87 19.09 15.04
N TYR G 216 -73.78 18.42 15.42
CA TYR G 216 -72.45 18.92 15.08
C TYR G 216 -72.14 18.73 13.60
N ARG G 217 -72.55 17.60 13.04
CA ARG G 217 -72.28 17.30 11.63
C ARG G 217 -73.24 18.05 10.72
N MET H 1 -6.58 -20.15 52.15
CA MET H 1 -6.59 -19.98 50.70
C MET H 1 -7.08 -21.28 50.10
N PHE H 2 -6.86 -22.38 50.82
CA PHE H 2 -7.29 -23.69 50.33
C PHE H 2 -8.81 -23.83 50.34
N SER H 3 -9.49 -23.13 51.25
CA SER H 3 -10.94 -23.10 51.21
C SER H 3 -11.45 -22.22 50.08
N ILE H 4 -10.66 -21.20 49.70
CA ILE H 4 -11.05 -20.30 48.61
C ILE H 4 -11.03 -21.03 47.27
N ILE H 5 -10.05 -21.93 47.08
CA ILE H 5 -10.00 -22.77 45.87
C ILE H 5 -11.21 -23.67 45.80
N PHE H 6 -11.60 -24.29 46.93
CA PHE H 6 -12.75 -25.18 46.96
C PHE H 6 -14.05 -24.43 46.69
N ILE H 7 -14.22 -23.25 47.27
CA ILE H 7 -15.45 -22.51 47.02
C ILE H 7 -15.48 -21.89 45.61
N ALA H 8 -14.32 -21.54 45.04
CA ALA H 8 -14.31 -21.00 43.69
C ALA H 8 -14.56 -22.09 42.66
N LEU H 9 -14.01 -23.28 42.89
CA LEU H 9 -14.31 -24.43 42.03
C LEU H 9 -15.76 -24.87 42.18
N LEU H 10 -16.36 -24.71 43.36
CA LEU H 10 -17.77 -25.03 43.51
C LEU H 10 -18.66 -24.01 42.81
N ILE H 11 -18.30 -22.72 42.83
CA ILE H 11 -19.07 -21.72 42.09
C ILE H 11 -18.95 -21.95 40.59
N LEU H 12 -17.75 -22.30 40.11
CA LEU H 12 -17.55 -22.61 38.69
C LEU H 12 -18.33 -23.86 38.27
N LEU H 13 -18.33 -24.89 39.13
CA LEU H 13 -19.05 -26.12 38.83
C LEU H 13 -20.57 -25.90 38.84
N ILE H 14 -21.07 -25.10 39.79
CA ILE H 14 -22.51 -24.81 39.87
C ILE H 14 -22.95 -23.98 38.67
N THR H 15 -22.14 -23.00 38.25
CA THR H 15 -22.51 -22.18 37.09
C THR H 15 -22.46 -22.98 35.79
N THR H 16 -21.48 -23.88 35.65
CA THR H 16 -21.44 -24.72 34.45
C THR H 16 -22.58 -25.74 34.43
N ILE H 17 -22.98 -26.26 35.60
CA ILE H 17 -24.11 -27.18 35.67
C ILE H 17 -25.42 -26.47 35.37
N VAL H 18 -25.58 -25.24 35.87
CA VAL H 18 -26.77 -24.44 35.60
C VAL H 18 -26.86 -24.08 34.11
N MET H 19 -25.73 -23.73 33.48
CA MET H 19 -25.74 -23.44 32.05
C MET H 19 -25.96 -24.69 31.20
N PHE H 20 -25.43 -25.84 31.62
CA PHE H 20 -25.68 -27.10 30.91
C PHE H 20 -27.16 -27.50 30.98
N LEU H 21 -27.77 -27.36 32.16
CA LEU H 21 -29.20 -27.63 32.29
C LEU H 21 -30.04 -26.59 31.57
N ALA H 22 -29.54 -25.35 31.44
CA ALA H 22 -30.24 -24.35 30.64
C ALA H 22 -30.16 -24.68 29.16
N SER H 23 -29.03 -25.24 28.72
CA SER H 23 -28.88 -25.65 27.32
C SER H 23 -29.74 -26.87 27.01
N ILE H 24 -29.94 -27.76 27.99
CA ILE H 24 -30.90 -28.84 27.82
C ILE H 24 -32.32 -28.29 27.80
N LEU H 25 -32.64 -27.35 28.71
CA LEU H 25 -33.98 -26.79 28.80
C LEU H 25 -34.29 -25.81 27.67
N SER H 26 -33.30 -25.34 26.93
CA SER H 26 -33.54 -24.44 25.82
C SER H 26 -34.25 -25.17 24.69
N LYS H 27 -35.18 -24.48 24.03
CA LYS H 27 -35.99 -25.11 23.01
C LYS H 27 -35.18 -25.24 21.72
N LYS H 28 -34.97 -26.47 21.28
CA LYS H 28 -34.14 -26.76 20.12
C LYS H 28 -35.00 -26.71 18.86
N ALA H 29 -34.74 -25.73 18.02
CA ALA H 29 -35.42 -25.57 16.74
C ALA H 29 -34.44 -25.87 15.61
N LEU H 30 -34.92 -25.75 14.38
CA LEU H 30 -34.07 -25.99 13.23
C LEU H 30 -33.10 -24.83 13.05
N ILE H 31 -31.81 -25.15 12.93
CA ILE H 31 -30.79 -24.13 12.76
C ILE H 31 -30.84 -23.58 11.34
N ASP H 32 -30.53 -22.29 11.20
CA ASP H 32 -30.76 -21.57 9.96
C ASP H 32 -29.48 -20.87 9.50
N ARG H 33 -29.50 -20.45 8.24
CA ARG H 33 -28.40 -19.66 7.69
C ARG H 33 -28.40 -18.25 8.26
N GLU H 34 -29.58 -17.61 8.30
CA GLU H 34 -29.68 -16.23 8.75
C GLU H 34 -29.72 -16.10 10.26
N LYS H 35 -30.16 -17.13 10.98
CA LYS H 35 -30.20 -17.07 12.45
C LYS H 35 -28.81 -17.07 13.04
N SER H 36 -27.85 -17.73 12.39
CA SER H 36 -26.48 -17.79 12.92
C SER H 36 -25.71 -16.52 12.54
N SER H 37 -26.28 -15.67 11.70
CA SER H 37 -25.54 -14.48 11.20
C SER H 37 -25.25 -13.47 12.32
N PRO H 38 -24.10 -12.79 12.32
CA PRO H 38 -23.80 -11.77 13.32
C PRO H 38 -24.80 -10.62 13.15
N PHE H 39 -25.24 -10.01 14.25
CA PHE H 39 -26.28 -8.97 14.11
C PHE H 39 -25.72 -7.60 13.74
N GLU H 40 -26.12 -7.08 12.59
CA GLU H 40 -25.81 -5.67 12.23
C GLU H 40 -27.23 -5.13 12.12
N CYS H 41 -27.48 -3.87 12.42
CA CYS H 41 -28.91 -3.50 12.47
C CYS H 41 -29.46 -3.78 11.09
N GLY H 42 -30.63 -4.42 11.00
CA GLY H 42 -31.17 -4.53 9.65
C GLY H 42 -30.24 -5.25 8.70
N PHE H 43 -29.84 -4.57 7.62
CA PHE H 43 -29.07 -5.20 6.51
C PHE H 43 -27.74 -5.79 6.97
N ASP H 44 -27.39 -6.95 6.44
CA ASP H 44 -26.19 -7.72 6.87
C ASP H 44 -24.89 -7.03 6.47
N PRO H 45 -23.78 -7.32 7.17
CA PRO H 45 -22.51 -6.64 6.88
C PRO H 45 -21.72 -7.35 5.79
N LEU H 51 -12.93 -4.22 12.93
CA LEU H 51 -12.51 -2.84 13.00
C LEU H 51 -10.99 -2.77 13.06
N PRO H 52 -10.37 -1.73 12.48
CA PRO H 52 -8.91 -1.65 12.48
C PRO H 52 -8.36 -1.29 13.86
N PHE H 53 -7.04 -1.36 13.95
CA PHE H 53 -6.35 -1.06 15.20
C PHE H 53 -6.42 0.42 15.51
N SER H 54 -6.72 0.74 16.76
CA SER H 54 -6.82 2.11 17.24
C SER H 54 -5.69 2.39 18.22
N LEU H 55 -4.86 3.38 17.90
CA LEU H 55 -3.72 3.68 18.75
C LEU H 55 -4.11 4.44 20.01
N ARG H 56 -5.18 5.24 19.95
CA ARG H 56 -5.60 6.04 21.10
C ARG H 56 -6.05 5.17 22.26
N PHE H 57 -6.83 4.12 21.97
CA PHE H 57 -7.21 3.17 23.01
C PHE H 57 -6.02 2.36 23.52
N PHE H 58 -5.03 2.10 22.65
CA PHE H 58 -3.83 1.38 23.10
C PHE H 58 -2.99 2.21 24.06
N LEU H 59 -2.81 3.50 23.78
CA LEU H 59 -2.15 4.36 24.76
C LEU H 59 -3.01 4.63 25.99
N ILE H 60 -4.33 4.50 25.89
CA ILE H 60 -5.17 4.49 27.09
C ILE H 60 -4.87 3.28 27.97
N THR H 61 -4.72 2.10 27.35
CA THR H 61 -4.34 0.89 28.08
C THR H 61 -2.93 1.00 28.66
N ILE H 62 -2.03 1.67 27.94
CA ILE H 62 -0.65 1.83 28.41
C ILE H 62 -0.58 2.80 29.58
N ILE H 63 -1.35 3.90 29.53
CA ILE H 63 -1.45 4.83 30.66
C ILE H 63 -2.06 4.14 31.88
N PHE H 64 -3.05 3.27 31.64
CA PHE H 64 -3.63 2.45 32.71
C PHE H 64 -2.61 1.50 33.30
N LEU H 65 -1.76 0.90 32.47
CA LEU H 65 -0.74 -0.02 32.95
C LEU H 65 0.33 0.71 33.77
N ILE H 66 0.80 1.86 33.29
CA ILE H 66 1.83 2.63 34.00
C ILE H 66 1.29 3.12 35.34
N PHE H 67 0.05 3.60 35.36
CA PHE H 67 -0.54 4.02 36.63
C PHE H 67 -0.87 2.84 37.53
N ASP H 68 -1.13 1.66 36.97
CA ASP H 68 -1.40 0.48 37.80
C ASP H 68 -0.14 0.00 38.51
N VAL H 69 0.99 -0.06 37.79
CA VAL H 69 2.26 -0.41 38.41
C VAL H 69 2.71 0.69 39.38
N GLU H 70 2.34 1.95 39.10
CA GLU H 70 2.62 3.01 40.07
C GLU H 70 1.79 2.87 41.34
N ILE H 71 0.50 2.52 41.22
CA ILE H 71 -0.36 2.26 42.38
C ILE H 71 0.13 1.07 43.19
N ALA H 72 0.71 0.06 42.54
CA ALA H 72 1.28 -1.09 43.24
C ALA H 72 2.49 -0.74 44.12
N LEU H 73 3.08 0.45 43.97
CA LEU H 73 4.05 0.95 44.93
C LEU H 73 3.44 1.91 45.95
N ILE H 74 2.27 2.49 45.68
CA ILE H 74 1.54 3.25 46.70
C ILE H 74 0.83 2.32 47.69
N LEU H 75 0.52 1.10 47.25
CA LEU H 75 -0.16 0.12 48.11
C LEU H 75 0.53 -0.26 49.42
N PRO H 76 1.86 -0.50 49.52
CA PRO H 76 2.39 -1.00 50.79
C PRO H 76 2.47 0.01 51.93
N MET H 77 2.45 1.32 51.70
CA MET H 77 2.98 2.20 52.73
C MET H 77 2.02 2.48 53.88
N ILE H 78 0.80 1.93 53.84
CA ILE H 78 -0.09 2.04 54.99
C ILE H 78 0.45 1.22 56.15
N ILE H 79 0.95 0.02 55.86
CA ILE H 79 1.49 -0.87 56.89
C ILE H 79 2.81 -0.32 57.43
N ILE H 80 3.65 0.21 56.54
CA ILE H 80 5.01 0.63 56.89
C ILE H 80 5.06 1.89 57.75
N MET H 81 3.95 2.64 57.84
CA MET H 81 3.94 3.93 58.53
C MET H 81 4.18 3.79 60.03
N LYS H 82 3.81 2.67 60.62
CA LYS H 82 4.06 2.44 62.04
C LYS H 82 5.33 1.64 62.30
N TYR H 83 6.08 1.28 61.25
CA TYR H 83 7.24 0.41 61.38
C TYR H 83 8.44 0.91 60.58
N SER H 84 8.57 2.22 60.39
CA SER H 84 9.67 2.77 59.60
C SER H 84 10.06 4.13 60.15
N ASN H 85 11.11 4.70 59.56
CA ASN H 85 11.51 6.07 59.88
C ASN H 85 10.49 7.04 59.32
N ILE H 86 10.04 7.97 60.17
CA ILE H 86 8.94 8.87 59.81
C ILE H 86 9.38 9.88 58.76
N MET H 87 10.59 10.44 58.90
CA MET H 87 11.09 11.46 57.98
C MET H 87 11.32 10.87 56.58
N ILE H 88 11.88 9.67 56.50
CA ILE H 88 12.12 8.99 55.23
C ILE H 88 10.80 8.64 54.56
N TRP H 89 9.84 8.14 55.34
CA TRP H 89 8.53 7.75 54.83
C TRP H 89 7.76 8.95 54.29
N THR H 90 7.80 10.08 55.03
CA THR H 90 7.12 11.29 54.58
C THR H 90 7.78 11.88 53.35
N ILE H 91 9.12 11.88 53.29
CA ILE H 91 9.83 12.43 52.14
C ILE H 91 9.53 11.61 50.90
N THR H 92 9.51 10.28 51.03
CA THR H 92 9.21 9.42 49.88
C THR H 92 7.76 9.53 49.44
N SER H 93 6.81 9.64 50.40
CA SER H 93 5.41 9.73 50.02
C SER H 93 5.07 11.07 49.37
N ILE H 94 5.55 12.18 49.95
CA ILE H 94 5.31 13.50 49.39
C ILE H 94 5.97 13.64 48.02
N ILE H 95 7.22 13.14 47.89
CA ILE H 95 7.93 13.17 46.62
C ILE H 95 7.23 12.29 45.58
N PHE H 96 6.71 11.13 46.00
CA PHE H 96 6.07 10.18 45.08
C PHE H 96 4.80 10.77 44.49
N ILE H 97 3.89 11.26 45.35
CA ILE H 97 2.62 11.77 44.86
C ILE H 97 2.81 13.14 44.21
N LEU H 98 3.83 13.91 44.62
CA LEU H 98 4.06 15.22 44.00
C LEU H 98 4.64 15.08 42.61
N ILE H 99 5.55 14.13 42.39
CA ILE H 99 6.06 13.89 41.04
C ILE H 99 4.98 13.29 40.16
N LEU H 100 4.10 12.46 40.72
CA LEU H 100 2.93 11.97 39.97
C LEU H 100 1.99 13.10 39.56
N LEU H 101 1.75 14.06 40.46
CA LEU H 101 0.87 15.19 40.14
C LEU H 101 1.51 16.14 39.12
N ILE H 102 2.82 16.39 39.24
CA ILE H 102 3.52 17.25 38.30
C ILE H 102 3.58 16.60 36.92
N GLY H 103 3.78 15.28 36.86
CA GLY H 103 3.74 14.58 35.59
C GLY H 103 2.36 14.57 34.95
N LEU H 104 1.31 14.42 35.76
CA LEU H 104 -0.06 14.47 35.25
C LEU H 104 -0.41 15.86 34.72
N TYR H 105 -0.02 16.92 35.44
CA TYR H 105 -0.30 18.27 34.99
C TYR H 105 0.54 18.66 33.77
N HIS H 106 1.78 18.14 33.68
CA HIS H 106 2.61 18.41 32.51
C HIS H 106 2.09 17.70 31.28
N GLU H 107 1.62 16.46 31.42
CA GLU H 107 1.00 15.76 30.31
C GLU H 107 -0.36 16.34 29.95
N TRP H 108 -1.04 17.00 30.89
CA TRP H 108 -2.25 17.74 30.55
C TRP H 108 -1.92 18.99 29.73
N ASN H 109 -0.92 19.76 30.18
CA ASN H 109 -0.60 21.00 29.48
C ASN H 109 0.09 20.77 28.14
N GLN H 110 0.77 19.63 28.00
CA GLN H 110 1.41 19.30 26.71
C GLN H 110 0.89 17.96 26.21
N MET I 1 -6.68 -30.18 62.24
CA MET I 1 -7.41 -28.93 62.10
C MET I 1 -8.90 -29.26 62.12
N PHE I 2 -9.69 -28.43 62.82
CA PHE I 2 -11.05 -28.77 63.18
C PHE I 2 -11.99 -28.65 61.97
N TYR I 3 -12.72 -29.73 61.71
CA TYR I 3 -13.49 -29.91 60.47
C TYR I 3 -14.80 -29.12 60.42
N MET I 4 -15.37 -28.75 61.58
CA MET I 4 -16.57 -27.94 61.57
C MET I 4 -16.33 -26.52 61.08
N GLU I 5 -15.07 -26.04 61.14
CA GLU I 5 -14.74 -24.78 60.49
C GLU I 5 -14.91 -24.87 58.97
N PHE I 6 -14.44 -25.96 58.36
CA PHE I 6 -14.65 -26.17 56.92
C PHE I 6 -16.11 -26.36 56.58
N ILE I 7 -16.83 -27.13 57.41
CA ILE I 7 -18.24 -27.42 57.17
C ILE I 7 -19.08 -26.15 57.25
N LEU I 8 -18.86 -25.34 58.29
CA LEU I 8 -19.61 -24.10 58.45
C LEU I 8 -19.19 -23.02 57.47
N SER I 9 -17.92 -23.00 57.05
CA SER I 9 -17.51 -22.08 55.99
C SER I 9 -18.18 -22.42 54.67
N LEU I 10 -18.27 -23.72 54.35
CA LEU I 10 -18.95 -24.16 53.13
C LEU I 10 -20.44 -23.84 53.18
N ILE I 11 -21.09 -24.10 54.33
CA ILE I 11 -22.51 -23.82 54.49
C ILE I 11 -22.80 -22.33 54.41
N GLY I 12 -21.98 -21.51 55.07
CA GLY I 12 -22.17 -20.07 55.02
C GLY I 12 -21.93 -19.47 53.66
N SER I 13 -20.93 -19.98 52.93
CA SER I 13 -20.67 -19.48 51.59
C SER I 13 -21.79 -19.87 50.61
N LEU I 14 -22.29 -21.11 50.71
CA LEU I 14 -23.39 -21.51 49.83
C LEU I 14 -24.69 -20.78 50.17
N LEU I 15 -24.94 -20.53 51.47
CA LEU I 15 -26.10 -19.74 51.87
C LEU I 15 -25.98 -18.30 51.40
N LEU I 16 -24.77 -17.74 51.44
CA LEU I 16 -24.52 -16.41 50.90
C LEU I 16 -24.78 -16.35 49.40
N ILE I 17 -24.35 -17.37 48.66
CA ILE I 17 -24.54 -17.42 47.21
C ILE I 17 -26.03 -17.51 46.87
N ILE I 18 -26.77 -18.36 47.59
CA ILE I 18 -28.21 -18.54 47.36
C ILE I 18 -28.97 -17.25 47.67
N CYS I 19 -28.66 -16.62 48.82
CA CYS I 19 -29.36 -15.40 49.20
C CYS I 19 -28.99 -14.22 48.31
N VAL I 20 -27.75 -14.17 47.83
CA VAL I 20 -27.35 -13.15 46.86
C VAL I 20 -28.10 -13.33 45.55
N LEU I 21 -28.28 -14.58 45.08
CA LEU I 21 -29.00 -14.81 43.82
C LEU I 21 -30.49 -14.45 43.92
N VAL I 22 -31.14 -14.82 45.03
CA VAL I 22 -32.54 -14.44 45.20
C VAL I 22 -32.68 -12.93 45.42
N SER I 23 -31.69 -12.30 46.07
CA SER I 23 -31.71 -10.84 46.18
C SER I 23 -31.42 -10.15 44.86
N VAL I 24 -30.70 -10.81 43.95
CA VAL I 24 -30.52 -10.29 42.59
C VAL I 24 -31.86 -10.30 41.84
N ALA I 25 -32.61 -11.41 41.96
CA ALA I 25 -33.93 -11.48 41.34
C ALA I 25 -34.88 -10.43 41.89
N PHE I 26 -34.92 -10.29 43.22
CA PHE I 26 -35.77 -9.26 43.81
C PHE I 26 -35.21 -7.85 43.60
N LEU I 27 -33.92 -7.70 43.29
CA LEU I 27 -33.38 -6.40 42.92
C LEU I 27 -33.81 -6.01 41.51
N THR I 28 -33.90 -6.99 40.60
CA THR I 28 -34.48 -6.72 39.28
C THR I 28 -35.95 -6.33 39.40
N LEU I 29 -36.69 -6.99 40.31
CA LEU I 29 -38.07 -6.61 40.59
C LEU I 29 -38.16 -5.19 41.16
N LEU I 30 -37.29 -4.87 42.13
CA LEU I 30 -37.26 -3.55 42.75
C LEU I 30 -36.89 -2.47 41.74
N GLU I 31 -35.96 -2.76 40.84
CA GLU I 31 -35.53 -1.79 39.84
C GLU I 31 -36.62 -1.52 38.83
N ARG I 32 -37.29 -2.57 38.34
CA ARG I 32 -38.41 -2.38 37.43
C ARG I 32 -39.58 -1.68 38.13
N LYS I 33 -39.77 -1.89 39.43
CA LYS I 33 -40.90 -1.29 40.13
C LYS I 33 -40.65 0.19 40.42
N VAL I 34 -39.58 0.52 41.14
CA VAL I 34 -39.39 1.91 41.55
C VAL I 34 -38.82 2.74 40.40
N LEU I 35 -38.17 2.11 39.40
CA LEU I 35 -37.78 2.83 38.19
C LEU I 35 -39.00 3.28 37.40
N GLY I 36 -40.10 2.52 37.47
CA GLY I 36 -41.36 3.04 36.98
C GLY I 36 -41.86 4.21 37.78
N TYR I 37 -41.75 4.13 39.11
CA TYR I 37 -42.17 5.20 40.01
C TYR I 37 -41.25 6.41 39.97
N ILE I 38 -40.07 6.30 39.35
CA ILE I 38 -39.30 7.48 38.98
C ILE I 38 -40.11 8.36 38.04
N GLN I 39 -40.77 7.75 37.07
CA GLN I 39 -41.74 8.46 36.25
C GLN I 39 -43.10 8.35 36.90
N ILE I 40 -44.13 8.71 36.14
CA ILE I 40 -45.48 8.69 36.67
C ILE I 40 -46.01 7.25 36.71
N ARG I 41 -45.50 6.39 35.82
CA ARG I 41 -46.08 5.07 35.59
C ARG I 41 -45.86 4.12 36.76
N LYS I 42 -46.65 3.05 36.78
CA LYS I 42 -46.52 2.01 37.80
C LYS I 42 -45.43 1.01 37.39
N GLY I 43 -45.00 0.21 38.37
CA GLY I 43 -44.04 -0.84 38.13
C GLY I 43 -44.74 -2.10 37.64
N PRO I 44 -44.06 -3.24 37.71
CA PRO I 44 -44.71 -4.53 37.41
C PRO I 44 -45.86 -4.83 38.35
N ASN I 45 -46.87 -5.51 37.79
CA ASN I 45 -48.10 -5.85 38.46
C ASN I 45 -48.68 -6.98 37.61
N LYS I 46 -49.83 -7.52 38.03
CA LYS I 46 -50.74 -8.38 37.27
C LYS I 46 -50.14 -9.78 37.01
N VAL I 47 -48.92 -10.08 37.46
CA VAL I 47 -48.35 -11.42 37.36
C VAL I 47 -48.26 -12.01 38.76
N GLY I 48 -48.89 -13.16 38.96
CA GLY I 48 -49.01 -13.71 40.29
C GLY I 48 -49.94 -12.86 41.14
N LEU I 49 -49.37 -12.25 42.18
CA LEU I 49 -50.08 -11.29 43.01
C LEU I 49 -49.15 -10.09 43.19
N MET I 50 -49.59 -8.94 42.68
CA MET I 50 -48.91 -7.64 42.78
C MET I 50 -47.51 -7.65 42.18
N GLY I 51 -47.30 -8.47 41.14
CA GLY I 51 -46.06 -8.46 40.40
C GLY I 51 -44.88 -9.10 41.08
N ILE I 52 -45.08 -9.81 42.20
CA ILE I 52 -43.95 -10.42 42.91
C ILE I 52 -43.24 -11.54 42.13
N PRO I 53 -43.91 -12.52 41.52
CA PRO I 53 -43.14 -13.51 40.76
C PRO I 53 -42.73 -13.12 39.35
N GLN I 54 -42.75 -11.82 39.02
CA GLN I 54 -42.23 -11.34 37.74
C GLN I 54 -40.78 -11.73 37.42
N PRO I 55 -39.79 -11.69 38.34
CA PRO I 55 -38.47 -12.23 37.97
C PRO I 55 -38.44 -13.73 37.75
N PHE I 56 -39.36 -14.47 38.37
CA PHE I 56 -39.47 -15.89 38.05
C PHE I 56 -40.12 -16.10 36.69
N CYS I 57 -40.99 -15.17 36.27
CA CYS I 57 -41.47 -15.18 34.89
C CYS I 57 -40.35 -14.86 33.91
N ASP I 58 -39.41 -13.99 34.30
CA ASP I 58 -38.22 -13.75 33.50
C ASP I 58 -37.32 -14.99 33.44
N ALA I 59 -37.20 -15.70 34.57
CA ALA I 59 -36.28 -16.82 34.65
C ALA I 59 -36.80 -18.04 33.92
N ILE I 60 -38.12 -18.27 33.94
CA ILE I 60 -38.70 -19.37 33.19
C ILE I 60 -38.59 -19.11 31.69
N LYS I 61 -38.81 -17.85 31.27
CA LYS I 61 -38.72 -17.49 29.87
C LYS I 61 -37.29 -17.56 29.33
N LEU I 62 -36.32 -17.04 30.10
CA LEU I 62 -34.95 -16.97 29.61
C LEU I 62 -34.25 -18.32 29.61
N PHE I 63 -34.76 -19.28 30.37
CA PHE I 63 -34.16 -20.61 30.43
C PHE I 63 -34.85 -21.60 29.51
N THR I 64 -35.74 -21.11 28.63
CA THR I 64 -36.51 -21.95 27.72
C THR I 64 -36.31 -21.56 26.26
N LYS I 65 -36.01 -20.28 26.00
CA LYS I 65 -35.82 -19.75 24.65
C LYS I 65 -34.62 -20.39 23.96
N GLU I 66 -34.59 -20.30 22.63
CA GLU I 66 -33.56 -20.97 21.85
C GLU I 66 -32.21 -20.30 22.03
N GLN I 67 -31.22 -21.08 22.45
CA GLN I 67 -29.87 -20.58 22.64
C GLN I 67 -29.25 -20.37 21.26
N THR I 68 -29.37 -19.15 20.74
CA THR I 68 -28.82 -18.83 19.44
C THR I 68 -27.34 -18.46 19.56
N TYR I 69 -26.66 -18.51 18.42
CA TYR I 69 -25.21 -18.36 18.40
C TYR I 69 -24.82 -17.32 17.35
N PRO I 70 -23.74 -16.56 17.60
CA PRO I 70 -23.31 -15.58 16.59
C PRO I 70 -22.65 -16.18 15.37
N LEU I 71 -22.28 -17.46 15.41
CA LEU I 71 -21.89 -18.22 14.23
C LEU I 71 -22.16 -19.69 14.51
N LEU I 72 -22.28 -20.47 13.44
CA LEU I 72 -22.83 -21.81 13.55
C LEU I 72 -21.76 -22.86 13.82
N SER I 73 -20.51 -22.63 13.42
CA SER I 73 -19.50 -23.68 13.47
C SER I 73 -18.93 -23.86 14.87
N ASN I 74 -18.26 -22.84 15.39
CA ASN I 74 -17.54 -22.93 16.67
C ASN I 74 -18.02 -21.82 17.58
N TYR I 75 -18.65 -22.19 18.70
CA TYR I 75 -19.20 -21.19 19.61
C TYR I 75 -18.96 -21.54 21.07
N LEU I 76 -17.87 -22.24 21.38
CA LEU I 76 -17.55 -22.50 22.79
C LEU I 76 -16.97 -21.28 23.49
N SER I 77 -16.35 -20.37 22.74
CA SER I 77 -15.88 -19.12 23.32
C SER I 77 -17.04 -18.19 23.68
N TYR I 78 -18.21 -18.40 23.05
CA TYR I 78 -19.41 -17.66 23.41
C TYR I 78 -19.91 -18.07 24.80
N TYR I 79 -19.65 -19.31 25.21
CA TYR I 79 -20.13 -19.81 26.50
C TYR I 79 -19.32 -19.29 27.69
N ILE I 80 -18.02 -19.04 27.52
CA ILE I 80 -17.16 -18.83 28.67
C ILE I 80 -17.26 -17.45 29.29
N SER I 81 -17.94 -16.50 28.66
CA SER I 81 -18.09 -15.19 29.27
C SER I 81 -19.18 -15.09 30.34
N PRO I 82 -20.43 -15.59 30.17
CA PRO I 82 -21.37 -15.50 31.31
C PRO I 82 -21.03 -16.42 32.47
N ILE I 83 -20.34 -17.54 32.22
CA ILE I 83 -19.87 -18.42 33.30
C ILE I 83 -18.88 -17.69 34.19
N PHE I 84 -17.87 -17.06 33.58
CA PHE I 84 -16.89 -16.34 34.37
C PHE I 84 -17.46 -15.05 34.95
N SER I 85 -18.44 -14.44 34.27
CA SER I 85 -19.08 -13.23 34.80
C SER I 85 -19.88 -13.53 36.06
N LEU I 86 -20.72 -14.58 36.03
CA LEU I 86 -21.46 -14.95 37.24
C LEU I 86 -20.54 -15.54 38.31
N PHE I 87 -19.46 -16.21 37.90
CA PHE I 87 -18.48 -16.73 38.84
C PHE I 87 -17.79 -15.61 39.61
N LEU I 88 -17.42 -14.53 38.91
CA LEU I 88 -16.79 -13.40 39.58
C LEU I 88 -17.78 -12.62 40.42
N SER I 89 -19.03 -12.51 39.97
CA SER I 89 -20.02 -11.78 40.74
C SER I 89 -20.44 -12.53 42.01
N LEU I 90 -20.41 -13.86 41.98
CA LEU I 90 -20.65 -14.65 43.18
C LEU I 90 -19.40 -14.91 44.00
N PHE I 91 -18.22 -14.70 43.42
CA PHE I 91 -16.95 -14.91 44.09
C PHE I 91 -16.44 -13.67 44.79
N VAL I 92 -16.85 -12.48 44.33
CA VAL I 92 -16.42 -11.24 44.97
C VAL I 92 -17.04 -11.07 46.35
N TRP I 93 -18.18 -11.73 46.63
CA TRP I 93 -18.89 -11.60 47.89
C TRP I 93 -18.19 -12.26 49.06
N MET I 94 -17.13 -13.03 48.82
CA MET I 94 -16.41 -13.70 49.90
C MET I 94 -15.59 -12.74 50.76
N CYS I 95 -15.34 -11.52 50.28
CA CYS I 95 -14.64 -10.51 51.05
C CYS I 95 -15.60 -9.56 51.76
N MET I 96 -16.86 -9.95 51.91
CA MET I 96 -17.80 -9.20 52.73
C MET I 96 -17.36 -9.25 54.19
N PRO I 97 -17.48 -8.15 54.94
CA PRO I 97 -17.16 -8.21 56.37
C PRO I 97 -18.18 -9.02 57.15
N PHE I 98 -17.80 -10.24 57.49
CA PHE I 98 -18.58 -11.11 58.36
C PHE I 98 -17.95 -11.11 59.74
N PHE I 99 -18.76 -10.83 60.76
CA PHE I 99 -18.22 -10.76 62.11
C PHE I 99 -18.06 -12.15 62.72
N VAL I 100 -19.08 -13.00 62.58
CA VAL I 100 -18.86 -14.43 62.68
C VAL I 100 -18.00 -14.87 61.51
N LYS I 101 -16.94 -15.63 61.79
CA LYS I 101 -15.89 -15.79 60.80
C LYS I 101 -16.34 -16.74 59.69
N LEU I 102 -16.22 -16.29 58.45
CA LEU I 102 -16.41 -17.14 57.28
C LEU I 102 -15.10 -17.31 56.53
N TYR I 103 -14.47 -16.20 56.12
CA TYR I 103 -13.13 -16.21 55.55
C TYR I 103 -12.35 -15.06 56.15
N SER I 104 -11.15 -15.36 56.65
CA SER I 104 -10.33 -14.37 57.34
C SER I 104 -9.49 -13.59 56.32
N PHE I 105 -10.17 -12.78 55.52
CA PHE I 105 -9.53 -11.98 54.49
C PHE I 105 -8.84 -10.80 55.14
N ASN I 106 -7.54 -10.94 55.37
CA ASN I 106 -6.75 -9.81 55.88
C ASN I 106 -6.44 -8.79 54.80
N LEU I 107 -6.57 -9.17 53.53
CA LEU I 107 -6.41 -8.25 52.39
C LEU I 107 -7.67 -8.38 51.54
N GLY I 108 -8.71 -7.63 51.89
CA GLY I 108 -9.97 -7.72 51.18
C GLY I 108 -10.07 -6.71 50.05
N GLY I 109 -9.43 -5.55 50.23
CA GLY I 109 -9.42 -4.54 49.18
C GLY I 109 -8.67 -5.00 47.95
N LEU I 110 -7.56 -5.73 48.14
CA LEU I 110 -6.83 -6.28 47.01
C LEU I 110 -7.63 -7.36 46.29
N PHE I 111 -8.42 -8.14 47.04
CA PHE I 111 -9.32 -9.14 46.45
C PHE I 111 -10.42 -8.48 45.61
N PHE I 112 -10.98 -7.38 46.12
CA PHE I 112 -11.97 -6.61 45.37
C PHE I 112 -11.38 -6.01 44.09
N LEU I 113 -10.16 -5.47 44.18
CA LEU I 113 -9.48 -4.95 43.00
C LEU I 113 -9.15 -6.05 41.99
N CYS I 114 -8.86 -7.27 42.48
CA CYS I 114 -8.63 -8.41 41.59
C CYS I 114 -9.88 -8.79 40.81
N CYS I 115 -11.02 -8.87 41.51
CA CYS I 115 -12.26 -9.26 40.84
C CYS I 115 -12.74 -8.16 39.88
N THR I 116 -12.52 -6.89 40.25
CA THR I 116 -12.83 -5.80 39.34
C THR I 116 -11.90 -5.83 38.11
N SER I 117 -10.64 -6.22 38.31
CA SER I 117 -9.69 -6.36 37.21
C SER I 117 -9.97 -7.58 36.33
N LEU I 118 -10.89 -8.43 36.75
CA LEU I 118 -11.28 -9.56 35.88
C LEU I 118 -12.56 -9.12 35.18
N GLY I 119 -13.31 -8.19 35.78
CA GLY I 119 -14.47 -7.66 35.08
C GLY I 119 -14.16 -7.21 33.67
N VAL I 120 -12.97 -6.63 33.44
CA VAL I 120 -12.56 -6.22 32.11
C VAL I 120 -12.34 -7.46 31.23
N TYR I 121 -12.00 -8.59 31.86
CA TYR I 121 -11.62 -9.76 31.10
C TYR I 121 -12.85 -10.48 30.63
N THR I 122 -13.85 -10.59 31.51
CA THR I 122 -15.11 -11.20 31.10
C THR I 122 -15.87 -10.31 30.11
N VAL I 123 -15.74 -8.97 30.19
CA VAL I 123 -16.43 -8.19 29.18
C VAL I 123 -15.64 -8.17 27.86
N MET I 124 -14.31 -8.38 27.90
CA MET I 124 -13.53 -8.48 26.67
C MET I 124 -13.81 -9.78 25.92
N VAL I 125 -13.97 -10.89 26.64
CA VAL I 125 -14.35 -12.13 25.95
C VAL I 125 -15.84 -12.09 25.57
N ALA I 126 -16.65 -11.28 26.27
CA ALA I 126 -18.02 -11.04 25.83
C ALA I 126 -18.06 -10.30 24.50
N GLY I 127 -17.22 -9.29 24.33
CA GLY I 127 -17.21 -8.51 23.11
C GLY I 127 -16.66 -9.22 21.88
N TRP I 128 -15.55 -9.95 22.04
CA TRP I 128 -14.84 -10.49 20.89
C TRP I 128 -15.57 -11.69 20.28
N SER I 129 -16.07 -12.60 21.12
CA SER I 129 -16.62 -13.86 20.64
C SER I 129 -18.00 -13.74 20.03
N SER I 130 -18.62 -12.57 20.11
CA SER I 130 -19.97 -12.38 19.59
C SER I 130 -19.98 -11.95 18.12
N ASN I 131 -18.80 -11.83 17.50
CA ASN I 131 -18.60 -11.81 16.04
C ASN I 131 -19.25 -10.62 15.35
N SER I 132 -19.58 -9.55 16.07
CA SER I 132 -20.25 -8.41 15.48
C SER I 132 -19.46 -7.14 15.77
N ASN I 133 -19.56 -6.18 14.86
CA ASN I 133 -18.84 -4.92 15.04
C ASN I 133 -19.43 -4.09 16.17
N TYR I 134 -20.75 -4.18 16.38
CA TYR I 134 -21.38 -3.57 17.55
C TYR I 134 -20.87 -4.21 18.84
N ALA I 135 -20.70 -5.54 18.82
CA ALA I 135 -20.20 -6.25 20.00
C ALA I 135 -18.76 -5.88 20.32
N LEU I 136 -17.91 -5.79 19.29
CA LEU I 136 -16.52 -5.37 19.50
C LEU I 136 -16.42 -3.93 19.96
N LEU I 137 -17.26 -3.04 19.41
CA LEU I 137 -17.28 -1.64 19.86
C LEU I 137 -17.73 -1.51 21.31
N GLY I 138 -18.77 -2.25 21.69
CA GLY I 138 -19.22 -2.22 23.07
C GLY I 138 -18.23 -2.83 24.04
N GLY I 139 -17.56 -3.91 23.62
CA GLY I 139 -16.53 -4.51 24.46
C GLY I 139 -15.32 -3.61 24.66
N LEU I 140 -14.88 -2.94 23.58
CA LEU I 140 -13.76 -2.00 23.70
C LEU I 140 -14.14 -0.79 24.54
N ARG I 141 -15.39 -0.30 24.41
CA ARG I 141 -15.83 0.83 25.21
C ARG I 141 -15.96 0.47 26.68
N ALA I 142 -16.44 -0.74 26.99
CA ALA I 142 -16.56 -1.18 28.37
C ALA I 142 -15.20 -1.41 29.00
N VAL I 143 -14.27 -2.02 28.25
CA VAL I 143 -12.90 -2.21 28.73
C VAL I 143 -12.23 -0.86 28.94
N ALA I 144 -12.51 0.11 28.07
CA ALA I 144 -11.96 1.46 28.20
C ALA I 144 -12.43 2.15 29.47
N GLN I 145 -13.74 2.15 29.74
CA GLN I 145 -14.22 2.85 30.94
C GLN I 145 -13.84 2.10 32.22
N THR I 146 -13.80 0.77 32.18
CA THR I 146 -13.50 0.03 33.39
C THR I 146 -12.00 0.08 33.75
N ILE I 147 -11.10 0.05 32.76
CA ILE I 147 -9.71 0.31 33.10
C ILE I 147 -9.43 1.79 33.32
N SER I 148 -10.31 2.69 32.87
CA SER I 148 -10.08 4.11 33.14
C SER I 148 -10.44 4.48 34.57
N TYR I 149 -11.49 3.88 35.13
CA TYR I 149 -11.78 4.08 36.54
C TYR I 149 -11.26 2.98 37.46
N GLU I 150 -10.55 1.98 36.94
CA GLU I 150 -9.82 1.04 37.80
C GLU I 150 -8.72 1.74 38.57
N VAL I 151 -7.94 2.59 37.89
CA VAL I 151 -6.87 3.35 38.52
C VAL I 151 -7.42 4.33 39.54
N SER I 152 -8.52 5.00 39.19
CA SER I 152 -9.19 5.92 40.11
C SER I 152 -9.77 5.20 41.33
N LEU I 153 -10.40 4.03 41.11
CA LEU I 153 -10.97 3.25 42.21
C LEU I 153 -9.89 2.74 43.15
N ALA I 154 -8.76 2.30 42.58
CA ALA I 154 -7.62 1.87 43.39
C ALA I 154 -7.08 3.00 44.24
N LEU I 155 -7.01 4.22 43.68
CA LEU I 155 -6.52 5.36 44.46
C LEU I 155 -7.52 5.81 45.53
N ILE I 156 -8.82 5.72 45.24
CA ILE I 156 -9.84 6.13 46.22
C ILE I 156 -9.88 5.15 47.39
N LEU I 157 -9.89 3.84 47.09
CA LEU I 157 -9.88 2.85 48.17
C LEU I 157 -8.55 2.85 48.91
N LEU I 158 -7.46 3.17 48.21
CA LEU I 158 -6.16 3.34 48.83
C LEU I 158 -6.11 4.53 49.77
N SER I 159 -6.84 5.60 49.45
CA SER I 159 -7.01 6.69 50.41
C SER I 159 -7.88 6.28 51.59
N PHE I 160 -8.84 5.39 51.37
CA PHE I 160 -9.69 4.95 52.48
C PHE I 160 -8.96 4.00 53.42
N ILE I 161 -8.00 3.23 52.91
CA ILE I 161 -7.25 2.29 53.74
C ILE I 161 -6.31 3.01 54.70
N PHE I 162 -5.89 4.24 54.35
CA PHE I 162 -5.09 5.07 55.26
C PHE I 162 -5.85 5.45 56.52
N LEU I 163 -7.19 5.52 56.46
CA LEU I 163 -7.96 5.86 57.64
C LEU I 163 -7.98 4.72 58.66
N ILE I 164 -8.13 3.48 58.21
CA ILE I 164 -8.22 2.35 59.14
C ILE I 164 -6.87 1.72 59.46
N GLY I 165 -5.82 2.04 58.70
CA GLY I 165 -4.49 1.60 59.03
C GLY I 165 -4.12 0.21 58.57
N SER I 166 -5.04 -0.52 57.95
CA SER I 166 -4.76 -1.86 57.47
C SER I 166 -5.72 -2.17 56.32
N TYR I 167 -5.59 -3.36 55.77
CA TYR I 167 -6.41 -3.80 54.64
C TYR I 167 -7.56 -4.70 55.08
N ASN I 168 -7.77 -4.87 56.37
CA ASN I 168 -8.82 -5.74 56.88
C ASN I 168 -10.15 -4.99 56.90
N MET I 169 -11.16 -5.56 56.23
CA MET I 169 -12.44 -4.89 56.03
C MET I 169 -13.20 -4.70 57.34
N ILE I 170 -13.03 -5.63 58.29
CA ILE I 170 -13.65 -5.50 59.60
C ILE I 170 -13.05 -4.34 60.41
N TYR I 171 -11.87 -3.86 60.03
CA TYR I 171 -11.32 -2.65 60.65
C TYR I 171 -12.07 -1.39 60.24
N PHE I 172 -12.96 -1.46 59.24
CA PHE I 172 -13.90 -0.37 59.01
C PHE I 172 -14.94 -0.26 60.12
N PHE I 173 -15.19 -1.34 60.87
CA PHE I 173 -16.19 -1.28 61.93
C PHE I 173 -15.69 -0.53 63.15
N PHE I 174 -14.43 -0.78 63.55
CA PHE I 174 -13.93 -0.21 64.79
C PHE I 174 -13.67 1.29 64.68
N TYR I 175 -13.39 1.78 63.49
CA TYR I 175 -13.19 3.20 63.26
C TYR I 175 -14.49 3.94 62.94
N GLN I 176 -15.62 3.25 62.99
CA GLN I 176 -16.93 3.85 62.78
C GLN I 176 -17.84 3.66 63.98
N VAL I 177 -17.24 3.50 65.17
CA VAL I 177 -18.04 3.22 66.36
C VAL I 177 -18.67 4.49 66.94
N TYR I 178 -18.17 5.67 66.56
CA TYR I 178 -18.69 6.93 67.06
C TYR I 178 -19.44 7.73 66.00
N MET I 179 -19.01 7.64 64.75
CA MET I 179 -19.67 8.33 63.66
C MET I 179 -19.42 7.57 62.37
N TRP I 180 -20.23 7.86 61.35
CA TRP I 180 -20.02 7.27 60.04
C TRP I 180 -18.97 8.05 59.26
N PHE I 181 -18.45 7.42 58.22
CA PHE I 181 -17.51 8.10 57.34
C PHE I 181 -18.20 8.89 56.23
N LEU I 182 -19.53 8.92 56.22
CA LEU I 182 -20.25 9.81 55.29
C LEU I 182 -20.07 11.27 55.67
N ILE I 183 -19.85 11.54 56.96
CA ILE I 183 -19.64 12.91 57.43
C ILE I 183 -18.28 13.44 56.96
N ILE I 184 -17.24 12.61 57.09
CA ILE I 184 -15.88 13.06 56.81
C ILE I 184 -15.51 12.95 55.34
N LEU I 185 -16.21 12.10 54.57
CA LEU I 185 -15.81 11.77 53.20
C LEU I 185 -16.95 11.98 52.22
N PHE I 186 -17.63 13.13 52.29
CA PHE I 186 -18.76 13.39 51.41
C PHE I 186 -18.39 13.68 49.95
N PRO I 187 -17.34 14.47 49.62
CA PRO I 187 -16.87 14.46 48.22
C PRO I 187 -16.33 13.10 47.78
N MET I 188 -15.71 12.36 48.70
CA MET I 188 -15.38 10.96 48.44
C MET I 188 -16.63 10.10 48.29
N ALA I 189 -17.73 10.45 48.95
CA ALA I 189 -18.97 9.72 48.74
C ALA I 189 -19.52 9.93 47.35
N LEU I 190 -19.51 11.18 46.86
CA LEU I 190 -19.96 11.46 45.50
C LEU I 190 -19.03 10.84 44.45
N VAL I 191 -17.72 10.88 44.71
CA VAL I 191 -16.75 10.29 43.80
C VAL I 191 -16.86 8.76 43.80
N TRP I 192 -17.14 8.16 44.96
CA TRP I 192 -17.31 6.71 45.03
C TRP I 192 -18.60 6.25 44.38
N VAL I 193 -19.66 7.07 44.45
CA VAL I 193 -20.85 6.78 43.66
C VAL I 193 -20.56 6.87 42.16
N SER I 194 -19.76 7.85 41.74
CA SER I 194 -19.38 7.92 40.33
C SER I 194 -18.45 6.78 39.93
N ILE I 195 -17.68 6.24 40.88
CA ILE I 195 -16.84 5.09 40.60
C ILE I 195 -17.69 3.83 40.47
N SER I 196 -18.62 3.61 41.41
CA SER I 196 -19.37 2.37 41.46
C SER I 196 -20.42 2.25 40.36
N LEU I 197 -20.81 3.37 39.75
CA LEU I 197 -21.67 3.35 38.57
C LEU I 197 -20.87 3.27 37.28
N ALA I 198 -19.54 3.17 37.36
CA ALA I 198 -18.68 3.08 36.18
C ALA I 198 -18.13 1.68 35.96
N GLU I 199 -17.72 0.99 37.03
CA GLU I 199 -17.27 -0.39 36.90
C GLU I 199 -18.45 -1.30 36.56
N THR I 200 -19.57 -1.13 37.24
CA THR I 200 -20.82 -1.75 36.85
C THR I 200 -21.52 -0.80 35.89
N ASN I 201 -21.95 -1.31 34.73
CA ASN I 201 -22.53 -0.46 33.71
C ASN I 201 -23.95 -0.06 34.09
N ARG I 202 -24.10 1.20 34.51
CA ARG I 202 -25.40 1.76 34.85
C ARG I 202 -25.63 2.96 33.94
N THR I 203 -26.78 3.62 34.11
CA THR I 203 -27.16 4.74 33.23
C THR I 203 -26.20 5.95 33.20
N PRO I 204 -25.63 6.47 34.30
CA PRO I 204 -24.66 7.60 34.14
C PRO I 204 -23.42 7.26 33.32
N PHE I 205 -22.96 6.01 33.34
CA PHE I 205 -21.84 5.58 32.50
C PHE I 205 -22.34 4.40 31.66
N ASP I 206 -23.03 4.72 30.56
CA ASP I 206 -23.80 3.73 29.80
C ASP I 206 -23.47 3.75 28.33
N PHE I 207 -22.39 4.41 27.93
CA PHE I 207 -21.96 4.38 26.54
C PHE I 207 -21.41 3.01 26.18
N ALA I 208 -21.00 2.23 27.19
CA ALA I 208 -20.60 0.85 26.99
C ALA I 208 -21.78 -0.04 26.64
N GLU I 209 -22.85 -0.01 27.44
CA GLU I 209 -23.93 -0.98 27.34
C GLU I 209 -25.30 -0.29 27.28
N GLY I 210 -25.45 0.70 26.40
CA GLY I 210 -26.71 1.41 26.28
C GLY I 210 -27.56 0.89 25.13
N GLU I 211 -28.77 1.40 25.06
CA GLU I 211 -29.68 1.08 23.98
C GLU I 211 -29.83 2.22 22.96
N SER I 212 -29.05 3.30 23.08
CA SER I 212 -29.17 4.42 22.15
C SER I 212 -28.07 4.45 21.09
N GLU I 213 -26.82 4.65 21.52
CA GLU I 213 -25.74 4.78 20.53
C GLU I 213 -25.31 3.44 19.96
N LEU I 214 -25.40 2.39 20.76
CA LEU I 214 -25.40 1.01 20.28
C LEU I 214 -26.73 0.40 20.66
N VAL I 215 -27.13 -0.68 19.96
CA VAL I 215 -28.34 -1.38 20.36
C VAL I 215 -28.13 -2.12 21.68
N SER I 216 -26.93 -2.64 21.92
CA SER I 216 -26.43 -3.26 23.13
C SER I 216 -24.95 -3.45 22.92
N GLY I 217 -24.17 -3.19 23.96
CA GLY I 217 -22.73 -3.19 23.78
C GLY I 217 -22.10 -4.54 23.67
N PHE I 218 -22.38 -5.42 24.62
CA PHE I 218 -21.81 -6.75 24.63
C PHE I 218 -22.84 -7.81 24.97
N ASN I 219 -24.10 -7.43 25.18
CA ASN I 219 -25.22 -8.35 25.30
C ASN I 219 -26.03 -8.41 24.02
N VAL I 220 -25.47 -7.93 22.91
CA VAL I 220 -26.21 -7.80 21.66
C VAL I 220 -26.50 -9.17 21.04
N GLU I 221 -25.59 -10.13 21.17
CA GLU I 221 -25.79 -11.48 20.66
C GLU I 221 -26.04 -12.48 21.78
N TYR I 222 -26.09 -12.04 23.03
CA TYR I 222 -26.27 -12.92 24.17
C TYR I 222 -27.75 -13.01 24.51
N SER I 223 -28.28 -14.23 24.49
CA SER I 223 -29.69 -14.46 24.80
C SER I 223 -29.88 -15.89 25.25
N SER I 224 -31.05 -16.14 25.86
CA SER I 224 -31.55 -17.48 26.23
C SER I 224 -30.62 -18.18 27.22
N GLY I 225 -30.43 -17.58 28.38
CA GLY I 225 -29.62 -18.14 29.44
C GLY I 225 -28.28 -17.47 29.63
N GLY I 226 -27.56 -17.18 28.54
CA GLY I 226 -26.35 -16.39 28.66
C GLY I 226 -26.65 -14.95 29.06
N PHE I 227 -27.72 -14.38 28.50
CA PHE I 227 -28.18 -13.07 28.93
C PHE I 227 -28.69 -13.09 30.36
N ALA I 228 -29.28 -14.21 30.79
CA ALA I 228 -29.75 -14.34 32.16
C ALA I 228 -28.58 -14.37 33.15
N LEU I 229 -27.52 -15.12 32.82
CA LEU I 229 -26.35 -15.17 33.68
C LEU I 229 -25.61 -13.82 33.70
N ILE I 230 -25.55 -13.13 32.55
CA ILE I 230 -24.91 -11.82 32.49
C ILE I 230 -25.71 -10.78 33.29
N PHE I 231 -27.05 -10.82 33.16
CA PHE I 231 -27.93 -9.92 33.90
C PHE I 231 -27.84 -10.15 35.41
N MET I 232 -27.80 -11.41 35.82
CA MET I 232 -27.64 -11.74 37.25
C MET I 232 -26.27 -11.33 37.76
N ALA I 233 -25.22 -11.46 36.94
CA ALA I 233 -23.89 -11.03 37.34
C ALA I 233 -23.79 -9.53 37.50
N GLU I 234 -24.43 -8.78 36.60
CA GLU I 234 -24.41 -7.31 36.70
C GLU I 234 -25.20 -6.82 37.90
N TYR I 235 -26.34 -7.45 38.19
CA TYR I 235 -27.10 -7.03 39.37
C TYR I 235 -26.44 -7.48 40.67
N ALA I 236 -25.67 -8.58 40.64
CA ALA I 236 -24.86 -8.93 41.80
C ALA I 236 -23.71 -7.95 41.99
N SER I 237 -23.17 -7.39 40.90
CA SER I 237 -22.20 -6.32 41.01
C SER I 237 -22.82 -5.06 41.61
N ILE I 238 -24.08 -4.77 41.25
CA ILE I 238 -24.80 -3.64 41.86
C ILE I 238 -25.00 -3.86 43.36
N LEU I 239 -25.37 -5.09 43.75
CA LEU I 239 -25.54 -5.42 45.17
C LEU I 239 -24.22 -5.33 45.93
N PHE I 240 -23.13 -5.76 45.30
CA PHE I 240 -21.81 -5.65 45.93
C PHE I 240 -21.37 -4.21 46.09
N MET I 241 -21.65 -3.35 45.09
CA MET I 241 -21.31 -1.93 45.21
C MET I 241 -22.16 -1.24 46.28
N SER I 242 -23.42 -1.65 46.42
CA SER I 242 -24.27 -1.12 47.50
C SER I 242 -23.74 -1.52 48.87
N MET I 243 -23.33 -2.79 49.02
CA MET I 243 -22.76 -3.26 50.28
C MET I 243 -21.43 -2.55 50.58
N LEU I 244 -20.60 -2.36 49.55
CA LEU I 244 -19.29 -1.77 49.76
C LEU I 244 -19.38 -0.26 50.01
N PHE I 245 -20.43 0.39 49.49
CA PHE I 245 -20.73 1.74 49.95
C PHE I 245 -21.18 1.74 51.40
N CYS I 246 -21.98 0.73 51.79
CA CYS I 246 -22.51 0.71 53.15
C CYS I 246 -21.49 0.29 54.20
N VAL I 247 -20.37 -0.31 53.80
CA VAL I 247 -19.34 -0.71 54.75
C VAL I 247 -18.39 0.46 54.98
N ILE I 248 -17.95 1.09 53.90
CA ILE I 248 -16.90 2.11 53.99
C ILE I 248 -17.44 3.40 54.57
N PHE I 249 -18.50 3.93 53.95
CA PHE I 249 -19.03 5.24 54.37
C PHE I 249 -19.99 5.09 55.53
N LEU I 250 -21.11 4.40 55.31
CA LEU I 250 -22.04 4.13 56.42
C LEU I 250 -21.36 3.12 57.35
N GLY I 251 -21.70 3.08 58.63
CA GLY I 251 -20.98 2.21 59.59
C GLY I 251 -21.17 0.76 59.21
N CYS I 252 -20.17 -0.09 59.44
CA CYS I 252 -20.34 -1.46 58.89
C CYS I 252 -21.57 -2.10 59.50
N ASP I 253 -21.76 -2.05 60.82
CA ASP I 253 -23.08 -2.48 61.38
C ASP I 253 -23.46 -3.83 60.80
N VAL I 254 -22.57 -4.83 60.71
CA VAL I 254 -22.94 -6.06 59.94
C VAL I 254 -24.15 -6.75 60.56
N PHE I 255 -24.25 -6.82 61.88
CA PHE I 255 -25.34 -7.60 62.51
C PHE I 255 -26.67 -6.84 62.42
N ASN I 256 -26.72 -5.58 62.85
CA ASN I 256 -27.92 -4.78 62.87
C ASN I 256 -28.71 -4.94 61.57
N LEU I 257 -30.04 -4.88 61.67
CA LEU I 257 -30.90 -4.89 60.49
C LEU I 257 -30.87 -3.55 59.77
N LEU I 258 -30.44 -2.49 60.46
CA LEU I 258 -30.33 -1.17 59.83
C LEU I 258 -29.25 -1.13 58.76
N PHE I 259 -28.23 -1.99 58.86
CA PHE I 259 -27.22 -2.11 57.81
C PHE I 259 -27.83 -2.64 56.52
N TYR I 260 -28.69 -3.65 56.61
CA TYR I 260 -29.32 -4.17 55.40
C TYR I 260 -30.43 -3.26 54.91
N MET I 261 -31.08 -2.51 55.80
CA MET I 261 -31.98 -1.45 55.38
C MET I 261 -31.24 -0.37 54.60
N LYS I 262 -30.05 0.01 55.08
CA LYS I 262 -29.23 0.97 54.35
C LYS I 262 -28.68 0.39 53.04
N LEU I 263 -28.46 -0.93 52.99
CA LEU I 263 -28.02 -1.56 51.75
C LEU I 263 -29.12 -1.53 50.71
N THR I 264 -30.36 -1.79 51.13
CA THR I 264 -31.51 -1.63 50.24
C THR I 264 -31.72 -0.17 49.86
N PHE I 265 -31.38 0.76 50.76
CA PHE I 265 -31.49 2.19 50.43
C PHE I 265 -30.42 2.62 49.42
N ILE I 266 -29.21 2.06 49.50
CA ILE I 266 -28.19 2.40 48.52
C ILE I 266 -28.48 1.72 47.18
N SER I 267 -29.13 0.55 47.20
CA SER I 267 -29.66 -0.02 45.95
C SER I 267 -30.76 0.87 45.37
N PHE I 268 -31.63 1.41 46.22
CA PHE I 268 -32.61 2.41 45.80
C PHE I 268 -31.96 3.65 45.22
N VAL I 269 -30.83 4.07 45.78
CA VAL I 269 -30.10 5.21 45.24
C VAL I 269 -29.51 4.87 43.86
N PHE I 270 -29.02 3.64 43.70
CA PHE I 270 -28.51 3.17 42.41
C PHE I 270 -29.60 3.14 41.33
N ILE I 271 -30.84 2.80 41.72
CA ILE I 271 -31.95 2.84 40.78
C ILE I 271 -32.49 4.27 40.63
N TRP I 272 -32.24 5.12 41.63
CA TRP I 272 -32.63 6.53 41.57
C TRP I 272 -31.78 7.31 40.58
N VAL I 273 -30.48 7.01 40.51
CA VAL I 273 -29.62 7.64 39.50
C VAL I 273 -29.76 6.93 38.16
N ARG I 274 -30.33 5.72 38.14
CA ARG I 274 -30.66 5.03 36.90
C ARG I 274 -31.70 5.81 36.09
N GLY I 275 -32.66 6.43 36.78
CA GLY I 275 -33.72 7.14 36.06
C GLY I 275 -33.46 8.61 35.83
N THR I 276 -32.48 9.20 36.50
CA THR I 276 -32.33 10.66 36.47
C THR I 276 -31.36 11.11 35.39
N LEU I 277 -30.10 10.68 35.49
CA LEU I 277 -29.01 11.33 34.77
C LEU I 277 -28.95 10.87 33.31
N PRO I 278 -28.46 11.73 32.43
CA PRO I 278 -28.14 11.31 31.06
C PRO I 278 -26.78 10.61 31.03
N ARG I 279 -26.34 10.30 29.81
CA ARG I 279 -25.15 9.48 29.60
C ARG I 279 -23.98 10.34 29.15
N PHE I 280 -22.81 10.06 29.72
CA PHE I 280 -21.60 10.76 29.32
C PHE I 280 -21.08 10.28 27.95
N ARG I 281 -20.15 11.06 27.42
CA ARG I 281 -19.48 10.78 26.16
C ARG I 281 -18.12 10.15 26.41
N TYR I 282 -17.53 9.63 25.34
CA TYR I 282 -16.21 9.00 25.40
C TYR I 282 -15.13 10.02 25.77
N ASP I 283 -15.14 11.19 25.13
CA ASP I 283 -14.12 12.20 25.40
C ASP I 283 -14.30 12.83 26.78
N LYS I 284 -15.54 13.10 27.17
CA LYS I 284 -15.81 13.66 28.50
C LYS I 284 -15.54 12.64 29.61
N LEU I 285 -15.65 11.35 29.29
CA LEU I 285 -15.40 10.32 30.29
C LEU I 285 -13.92 10.02 30.41
N MET I 286 -13.16 10.18 29.32
CA MET I 286 -11.71 10.18 29.44
C MET I 286 -11.20 11.42 30.18
N TYR I 287 -11.90 12.56 30.01
CA TYR I 287 -11.57 13.75 30.79
C TYR I 287 -11.87 13.53 32.28
N LEU I 288 -12.96 12.83 32.58
CA LEU I 288 -13.37 12.65 33.97
C LEU I 288 -12.48 11.64 34.68
N ALA I 289 -12.15 10.53 34.03
CA ALA I 289 -11.47 9.43 34.71
C ALA I 289 -9.98 9.70 34.92
N TRP I 290 -9.35 10.45 34.02
CA TRP I 290 -7.90 10.60 34.06
C TRP I 290 -7.43 11.97 34.54
N LYS I 291 -8.30 12.98 34.61
CA LYS I 291 -7.87 14.29 35.06
C LYS I 291 -8.54 14.71 36.35
N CYS I 292 -9.88 14.76 36.39
CA CYS I 292 -10.58 15.28 37.56
C CYS I 292 -10.50 14.31 38.73
N PHE I 293 -10.91 13.05 38.51
CA PHE I 293 -10.91 12.06 39.57
C PHE I 293 -9.50 11.67 39.98
N LEU I 294 -8.57 11.61 39.02
CA LEU I 294 -7.17 11.30 39.33
C LEU I 294 -6.52 12.41 40.14
N SER I 295 -6.76 13.68 39.77
CA SER I 295 -6.21 14.81 40.51
C SER I 295 -6.80 14.89 41.92
N PHE I 296 -8.12 14.66 42.04
CA PHE I 296 -8.75 14.63 43.36
C PHE I 296 -8.23 13.48 44.20
N SER I 297 -7.99 12.32 43.57
CA SER I 297 -7.49 11.14 44.26
C SER I 297 -6.11 11.39 44.85
N LEU I 298 -5.18 11.91 44.02
CA LEU I 298 -3.82 12.16 44.48
C LEU I 298 -3.77 13.29 45.51
N ASN I 299 -4.58 14.34 45.31
CA ASN I 299 -4.62 15.46 46.25
C ASN I 299 -5.16 15.06 47.61
N TYR I 300 -6.25 14.30 47.66
CA TYR I 300 -6.83 14.03 48.95
C TYR I 300 -6.15 12.82 49.60
N LEU I 301 -5.44 12.01 48.79
CA LEU I 301 -4.46 11.07 49.33
C LEU I 301 -3.31 11.79 50.01
N LEU I 302 -2.84 12.91 49.44
CA LEU I 302 -1.85 13.74 50.12
C LEU I 302 -2.40 14.32 51.42
N PHE I 303 -3.69 14.68 51.41
CA PHE I 303 -4.35 15.19 52.61
C PHE I 303 -4.38 14.13 53.73
N PHE I 304 -4.74 12.89 53.40
CA PHE I 304 -4.64 11.84 54.42
C PHE I 304 -3.22 11.39 54.75
N ILE I 305 -2.24 11.56 53.85
CA ILE I 305 -0.84 11.32 54.24
C ILE I 305 -0.43 12.31 55.33
N GLY I 306 -0.76 13.58 55.12
CA GLY I 306 -0.48 14.59 56.13
C GLY I 306 -1.28 14.40 57.42
N PHE I 307 -2.53 13.96 57.30
CA PHE I 307 -3.36 13.79 58.49
C PHE I 307 -2.95 12.57 59.30
N LYS I 308 -2.59 11.47 58.65
CA LYS I 308 -2.14 10.31 59.37
C LYS I 308 -0.74 10.51 59.95
N ILE I 309 0.07 11.39 59.37
CA ILE I 309 1.32 11.74 60.02
C ILE I 309 1.08 12.65 61.21
N LEU I 310 0.11 13.59 61.09
CA LEU I 310 -0.20 14.50 62.19
C LEU I 310 -0.81 13.77 63.39
N LEU I 311 -1.66 12.79 63.15
CA LEU I 311 -2.21 12.02 64.27
C LEU I 311 -1.20 11.05 64.87
N PHE I 312 -0.19 10.64 64.11
CA PHE I 312 0.81 9.72 64.65
C PHE I 312 1.71 10.38 65.67
N SER I 313 1.95 11.68 65.53
CA SER I 313 2.71 12.41 66.54
C SER I 313 1.86 12.69 67.77
N LEU I 314 0.56 12.94 67.59
CA LEU I 314 -0.30 13.29 68.72
C LEU I 314 -0.67 12.07 69.56
N LEU I 315 -0.88 10.92 68.92
CA LEU I 315 -1.24 9.71 69.63
C LEU I 315 -0.03 9.11 70.36
N MET J 1 72.18 9.80 16.41
CA MET J 1 72.33 11.25 16.36
C MET J 1 70.98 11.94 16.25
N LEU J 2 70.97 13.24 16.53
CA LEU J 2 69.75 14.03 16.42
C LEU J 2 69.84 15.15 15.39
N LYS J 3 71.05 15.45 14.89
CA LYS J 3 71.23 16.53 13.93
C LYS J 3 70.56 16.21 12.60
N ILE J 4 70.75 14.99 12.10
CA ILE J 4 70.15 14.58 10.82
C ILE J 4 68.64 14.47 10.94
N ILE J 5 68.16 13.94 12.08
CA ILE J 5 66.73 13.77 12.30
C ILE J 5 66.02 15.11 12.42
N PHE J 6 66.61 16.06 13.14
CA PHE J 6 66.01 17.38 13.24
C PHE J 6 66.18 18.19 11.96
N PHE J 7 67.23 17.88 11.17
CA PHE J 7 67.40 18.47 9.85
C PHE J 7 66.25 18.07 8.92
N LEU J 8 65.91 16.78 8.91
CA LEU J 8 64.78 16.35 8.09
C LEU J 8 63.44 16.81 8.66
N LEU J 9 63.34 16.92 10.00
CA LEU J 9 62.12 17.40 10.63
C LEU J 9 61.86 18.87 10.32
N PHE J 10 62.90 19.68 10.20
CA PHE J 10 62.74 21.07 9.79
C PHE J 10 62.82 21.25 8.27
N LEU J 11 63.17 20.20 7.53
CA LEU J 11 63.01 20.17 6.08
C LEU J 11 61.60 19.74 5.67
N ILE J 12 60.83 19.21 6.62
CA ILE J 12 59.39 18.95 6.37
C ILE J 12 58.61 20.18 5.89
N PRO J 13 58.75 21.41 6.46
CA PRO J 13 57.96 22.52 5.90
C PRO J 13 58.41 23.05 4.55
N PHE J 14 59.43 22.46 3.92
CA PHE J 14 59.82 22.86 2.56
C PHE J 14 58.81 22.40 1.52
N CYS J 15 58.04 21.36 1.83
CA CYS J 15 57.11 20.80 0.86
C CYS J 15 55.91 21.71 0.61
N PHE J 16 55.44 22.40 1.65
CA PHE J 16 54.23 23.21 1.55
C PHE J 16 54.45 24.53 0.81
N ILE J 17 55.68 24.92 0.56
CA ILE J 17 55.99 26.15 -0.17
C ILE J 17 56.02 25.82 -1.67
N ASN J 18 55.35 26.67 -2.46
CA ASN J 18 55.30 26.46 -3.90
C ASN J 18 56.66 26.74 -4.54
N ASN J 19 56.92 26.00 -5.65
CA ASN J 19 58.17 26.06 -6.42
C ASN J 19 59.40 25.79 -5.55
N MET J 20 59.31 24.75 -4.72
CA MET J 20 60.36 24.39 -3.79
C MET J 20 60.79 22.94 -3.97
N TYR J 21 60.66 22.40 -5.19
CA TYR J 21 60.98 20.99 -5.40
C TYR J 21 62.49 20.76 -5.44
N TRP J 22 63.25 21.68 -6.03
CA TRP J 22 64.66 21.45 -6.25
C TRP J 22 65.54 21.89 -5.08
N MET J 23 65.01 22.67 -4.13
CA MET J 23 65.79 23.03 -2.97
C MET J 23 65.90 21.89 -1.96
N VAL J 24 64.90 20.99 -1.95
CA VAL J 24 64.88 19.90 -0.98
C VAL J 24 65.97 18.88 -1.29
N GLN J 25 66.21 18.59 -2.57
CA GLN J 25 67.30 17.68 -2.91
C GLN J 25 68.66 18.34 -2.72
N ILE J 26 68.74 19.67 -2.83
CA ILE J 26 69.96 20.40 -2.51
C ILE J 26 70.29 20.28 -1.03
N MET J 27 69.28 20.45 -0.17
CA MET J 27 69.50 20.31 1.26
C MET J 27 69.71 18.85 1.67
N MET J 28 69.15 17.91 0.91
CA MET J 28 69.39 16.50 1.16
C MET J 28 70.82 16.10 0.82
N PHE J 29 71.36 16.62 -0.29
CA PHE J 29 72.77 16.38 -0.59
C PHE J 29 73.68 17.11 0.38
N PHE J 30 73.23 18.26 0.91
CA PHE J 30 74.00 18.95 1.95
C PHE J 30 74.04 18.15 3.24
N ILE J 31 72.93 17.54 3.65
CA ILE J 31 72.96 16.73 4.86
C ILE J 31 73.64 15.39 4.60
N SER J 32 73.71 14.93 3.36
CA SER J 32 74.55 13.78 3.04
C SER J 32 76.04 14.14 3.15
N PHE J 33 76.39 15.37 2.78
CA PHE J 33 77.76 15.87 2.98
C PHE J 33 78.10 16.01 4.46
N ILE J 34 77.15 16.48 5.27
CA ILE J 34 77.35 16.58 6.71
C ILE J 34 77.47 15.19 7.34
N PHE J 35 76.69 14.23 6.83
CA PHE J 35 76.81 12.85 7.32
C PHE J 35 78.11 12.19 6.85
N LEU J 36 78.66 12.63 5.72
CA LEU J 36 80.02 12.23 5.35
C LEU J 36 81.04 12.81 6.31
N LEU J 37 80.78 14.01 6.83
CA LEU J 37 81.69 14.59 7.83
C LEU J 37 81.64 13.86 9.16
N MET J 38 80.46 13.50 9.65
CA MET J 38 80.40 12.86 10.97
C MET J 38 80.66 11.35 10.84
N ASN J 39 81.94 10.98 10.85
CA ASN J 39 82.40 9.61 10.61
C ASN J 39 83.44 9.19 11.64
N ASN J 40 83.12 9.34 12.93
CA ASN J 40 84.01 8.90 14.00
C ASN J 40 83.57 7.58 14.62
N PHE J 41 83.10 6.65 13.80
CA PHE J 41 82.41 5.46 14.29
C PHE J 41 83.31 4.23 14.28
N MET J 42 83.07 3.35 15.25
CA MET J 42 83.81 2.11 15.40
C MET J 42 82.74 1.02 15.52
N ASN J 43 83.10 -0.21 15.90
CA ASN J 43 82.15 -1.32 15.88
C ASN J 43 81.07 -1.20 16.95
N TYR J 44 81.33 -0.49 18.04
CA TYR J 44 80.32 -0.28 19.06
C TYR J 44 79.50 0.97 18.74
N TRP J 45 78.46 1.19 19.54
CA TRP J 45 77.54 2.29 19.31
C TRP J 45 78.14 3.61 19.79
N SER J 46 78.13 4.61 18.92
CA SER J 46 78.66 5.93 19.23
C SER J 46 77.61 6.98 18.87
N GLU J 47 77.87 8.21 19.33
CA GLU J 47 76.93 9.34 19.32
C GLU J 47 75.59 8.94 19.94
N ILE J 48 75.67 8.49 21.18
CA ILE J 48 74.50 8.03 21.93
C ILE J 48 73.70 9.25 22.38
N SER J 49 72.53 9.43 21.78
CA SER J 49 71.60 10.48 22.17
C SER J 49 70.24 9.82 22.41
N TYR J 50 69.85 9.73 23.70
CA TYR J 50 68.66 9.06 24.20
C TYR J 50 68.61 7.60 23.74
N PHE J 51 67.71 7.29 22.81
CA PHE J 51 67.59 5.96 22.25
C PHE J 51 68.24 5.83 20.87
N LEU J 52 68.94 6.88 20.43
CA LEU J 52 69.52 6.91 19.10
C LEU J 52 71.04 6.88 19.18
N GLY J 53 71.65 5.97 18.43
CA GLY J 53 73.08 5.86 18.35
C GLY J 53 73.45 5.25 17.02
N CYS J 54 74.76 5.09 16.79
CA CYS J 54 75.21 4.66 15.48
C CYS J 54 76.53 3.91 15.60
N ASP J 55 76.60 2.78 14.91
CA ASP J 55 77.84 2.05 14.69
C ASP J 55 78.10 2.03 13.19
N MET J 56 79.07 1.21 12.76
CA MET J 56 79.57 1.33 11.40
C MET J 56 78.58 0.78 10.37
N LEU J 57 77.91 -0.33 10.71
CA LEU J 57 76.81 -0.86 9.90
C LEU J 57 75.68 0.14 9.75
N SER J 58 75.29 0.76 10.87
CA SER J 58 74.26 1.79 10.84
C SER J 58 74.73 3.04 10.09
N TYR J 59 76.02 3.37 10.16
CA TYR J 59 76.55 4.52 9.42
C TYR J 59 76.46 4.30 7.92
N GLY J 60 76.89 3.11 7.46
CA GLY J 60 76.81 2.81 6.05
C GLY J 60 75.38 2.73 5.54
N LEU J 61 74.47 2.22 6.37
CA LEU J 61 73.09 2.10 5.91
C LEU J 61 72.37 3.44 5.91
N ILE J 62 72.66 4.34 6.87
CA ILE J 62 72.06 5.68 6.84
C ILE J 62 72.65 6.49 5.68
N LEU J 63 73.95 6.34 5.41
CA LEU J 63 74.56 7.04 4.29
C LEU J 63 74.01 6.55 2.94
N LEU J 64 73.78 5.24 2.83
CA LEU J 64 73.12 4.69 1.64
C LEU J 64 71.68 5.19 1.52
N SER J 65 70.97 5.29 2.65
CA SER J 65 69.59 5.78 2.64
C SER J 65 69.52 7.24 2.18
N LEU J 66 70.44 8.06 2.67
CA LEU J 66 70.49 9.47 2.29
C LEU J 66 70.88 9.64 0.83
N TRP J 67 71.83 8.83 0.34
CA TRP J 67 72.23 8.92 -1.07
C TRP J 67 71.12 8.45 -2.00
N ILE J 68 70.42 7.36 -1.63
CA ILE J 68 69.34 6.83 -2.46
C ILE J 68 68.14 7.79 -2.48
N CYS J 69 67.82 8.42 -1.34
CA CYS J 69 66.71 9.37 -1.34
C CYS J 69 67.08 10.69 -2.04
N SER J 70 68.35 11.12 -1.93
CA SER J 70 68.80 12.32 -2.61
C SER J 70 68.81 12.13 -4.12
N LEU J 71 69.20 10.95 -4.59
CA LEU J 71 69.07 10.62 -6.00
C LEU J 71 67.64 10.30 -6.40
N MET J 72 66.79 9.95 -5.45
CA MET J 72 65.40 9.66 -5.73
C MET J 72 64.63 10.93 -6.03
N LEU J 73 64.99 12.03 -5.34
CA LEU J 73 64.45 13.33 -5.73
C LEU J 73 65.04 13.83 -7.05
N LEU J 74 66.26 13.40 -7.40
CA LEU J 74 66.86 13.81 -8.66
C LEU J 74 66.27 13.04 -9.85
N ALA J 75 65.90 11.77 -9.64
CA ALA J 75 65.39 10.95 -10.74
C ALA J 75 63.98 11.33 -11.14
N SER J 76 63.16 11.78 -10.18
CA SER J 76 61.75 12.03 -10.43
C SER J 76 61.54 13.49 -10.83
N GLU J 77 61.83 13.77 -12.10
CA GLU J 77 61.46 15.05 -12.70
C GLU J 77 60.13 14.97 -13.44
N MET J 78 59.65 13.74 -13.71
CA MET J 78 58.32 13.55 -14.26
C MET J 78 57.23 14.01 -13.30
N ILE J 79 57.51 13.96 -12.00
CA ILE J 79 56.57 14.48 -11.00
C ILE J 79 56.56 16.00 -11.05
N ASN J 80 57.69 16.62 -11.43
CA ASN J 80 57.84 18.06 -11.44
C ASN J 80 57.34 18.69 -12.73
N LYS J 81 57.49 18.01 -13.87
CA LYS J 81 57.00 18.54 -15.14
C LYS J 81 55.48 18.54 -15.19
N HIS J 82 54.85 17.43 -14.83
CA HIS J 82 53.41 17.42 -14.62
C HIS J 82 53.06 18.14 -13.33
N ASN J 83 51.77 18.41 -13.16
CA ASN J 83 51.25 18.97 -11.92
C ASN J 83 50.80 17.89 -10.95
N ASN J 84 51.44 16.71 -11.01
CA ASN J 84 51.25 15.70 -9.97
C ASN J 84 51.79 16.23 -8.65
N TYR J 85 51.27 15.69 -7.56
CA TYR J 85 51.30 16.36 -6.27
C TYR J 85 52.72 16.37 -5.70
N LYS J 86 53.44 17.45 -5.97
CA LYS J 86 54.85 17.56 -5.60
C LYS J 86 55.01 17.67 -4.09
N ASN J 87 54.11 18.40 -3.43
CA ASN J 87 54.19 18.59 -1.98
C ASN J 87 53.99 17.29 -1.23
N LEU J 88 53.02 16.48 -1.66
CA LEU J 88 52.78 15.17 -1.07
C LEU J 88 53.92 14.21 -1.37
N PHE J 89 54.50 14.28 -2.57
CA PHE J 89 55.62 13.43 -2.93
C PHE J 89 56.86 13.76 -2.11
N LEU J 90 57.15 15.05 -1.93
CA LEU J 90 58.27 15.50 -1.12
C LEU J 90 58.07 15.15 0.35
N LEU J 91 56.84 15.31 0.86
CA LEU J 91 56.54 14.95 2.24
C LEU J 91 56.68 13.45 2.48
N ASN J 92 56.21 12.63 1.53
CA ASN J 92 56.35 11.18 1.63
C ASN J 92 57.81 10.75 1.58
N ILE J 93 58.61 11.39 0.72
CA ILE J 93 60.03 11.05 0.62
C ILE J 93 60.79 11.45 1.87
N ILE J 94 60.51 12.64 2.43
CA ILE J 94 61.18 13.09 3.65
C ILE J 94 60.76 12.24 4.85
N ILE J 95 59.48 11.89 4.95
CA ILE J 95 58.98 11.04 6.03
C ILE J 95 59.57 9.63 5.93
N LEU J 96 59.67 9.09 4.72
CA LEU J 96 60.22 7.76 4.51
C LEU J 96 61.73 7.72 4.79
N LEU J 97 62.46 8.77 4.39
CA LEU J 97 63.88 8.86 4.69
C LEU J 97 64.12 9.03 6.19
N LEU J 98 63.26 9.80 6.86
CA LEU J 98 63.35 9.95 8.31
C LEU J 98 63.08 8.64 9.04
N LEU J 99 62.10 7.86 8.55
CA LEU J 99 61.83 6.55 9.14
C LEU J 99 62.97 5.56 8.88
N LEU J 100 63.64 5.65 7.73
CA LEU J 100 64.79 4.78 7.47
C LEU J 100 65.99 5.14 8.33
N ILE J 101 66.23 6.44 8.54
CA ILE J 101 67.29 6.89 9.43
C ILE J 101 66.97 6.48 10.87
N LEU J 102 65.70 6.55 11.26
CA LEU J 102 65.31 6.17 12.61
C LEU J 102 65.39 4.65 12.83
N THR J 103 65.07 3.86 11.82
CA THR J 103 65.16 2.40 11.99
C THR J 103 66.58 1.88 11.81
N PHE J 104 67.48 2.66 11.22
CA PHE J 104 68.87 2.20 11.15
C PHE J 104 69.71 2.68 12.32
N SER J 105 69.42 3.87 12.86
CA SER J 105 70.10 4.37 14.04
C SER J 105 69.41 3.98 15.34
N SER J 106 68.58 2.95 15.31
CA SER J 106 67.90 2.45 16.50
C SER J 106 68.88 1.67 17.36
N MET J 107 68.92 2.01 18.65
CA MET J 107 69.76 1.26 19.57
C MET J 107 69.15 -0.08 19.93
N SER J 108 67.83 -0.21 19.86
CA SER J 108 67.14 -1.38 20.36
C SER J 108 66.40 -2.09 19.24
N LEU J 109 65.94 -3.31 19.54
CA LEU J 109 65.22 -4.10 18.57
C LEU J 109 63.82 -3.58 18.32
N PHE J 110 63.16 -3.06 19.36
CA PHE J 110 61.76 -2.68 19.22
C PHE J 110 61.58 -1.39 18.42
N MET J 111 62.44 -0.38 18.63
CA MET J 111 62.31 0.84 17.82
C MET J 111 62.68 0.57 16.37
N PHE J 112 63.64 -0.34 16.16
CA PHE J 112 63.96 -0.84 14.83
C PHE J 112 62.73 -1.46 14.18
N TYR J 113 62.00 -2.30 14.93
CA TYR J 113 60.77 -2.91 14.41
C TYR J 113 59.71 -1.85 14.10
N LEU J 114 59.55 -0.86 14.99
CA LEU J 114 58.48 0.12 14.87
C LEU J 114 58.68 1.01 13.65
N PHE J 115 59.88 1.56 13.48
CA PHE J 115 60.12 2.37 12.29
C PHE J 115 60.32 1.51 11.05
N PHE J 116 60.75 0.26 11.22
CA PHE J 116 60.84 -0.72 10.13
C PHE J 116 59.48 -1.02 9.50
N GLU J 117 58.44 -1.19 10.32
CA GLU J 117 57.11 -1.38 9.76
C GLU J 117 56.33 -0.07 9.60
N SER J 118 56.88 1.05 10.07
CA SER J 118 56.36 2.34 9.65
C SER J 118 56.82 2.70 8.25
N SER J 119 57.97 2.17 7.81
CA SER J 119 58.52 2.52 6.50
C SER J 119 57.71 1.99 5.33
N LEU J 120 56.90 0.93 5.52
CA LEU J 120 56.19 0.34 4.38
C LEU J 120 54.96 1.13 3.96
N ILE J 121 54.49 2.05 4.80
CA ILE J 121 53.33 2.87 4.44
C ILE J 121 53.65 3.97 3.42
N PRO J 122 54.77 4.73 3.54
CA PRO J 122 55.13 5.61 2.40
C PRO J 122 55.50 4.87 1.12
N THR J 123 56.07 3.66 1.22
CA THR J 123 56.31 2.86 0.01
C THR J 123 55.00 2.44 -0.64
N LEU J 124 54.01 2.08 0.20
CA LEU J 124 52.64 1.83 -0.26
C LEU J 124 52.05 3.04 -0.96
N PHE J 125 52.29 4.24 -0.39
CA PHE J 125 51.73 5.47 -0.94
C PHE J 125 52.36 5.81 -2.28
N LEU J 126 53.68 5.67 -2.40
CA LEU J 126 54.34 5.89 -3.69
C LEU J 126 53.91 4.90 -4.76
N ILE J 127 53.75 3.61 -4.39
CA ILE J 127 53.35 2.59 -5.36
C ILE J 127 51.93 2.83 -5.86
N LEU J 128 50.98 3.05 -4.95
CA LEU J 128 49.60 3.27 -5.39
C LEU J 128 49.32 4.69 -5.83
N GLY J 129 50.22 5.64 -5.61
CA GLY J 129 49.94 7.00 -6.04
C GLY J 129 50.63 7.40 -7.33
N TRP J 130 51.92 7.12 -7.47
CA TRP J 130 52.70 7.72 -8.54
C TRP J 130 53.14 6.72 -9.60
N GLY J 131 52.58 5.50 -9.59
CA GLY J 131 52.89 4.55 -10.63
C GLY J 131 52.08 4.81 -11.89
N TYR J 132 52.40 4.06 -12.95
CA TYR J 132 51.81 4.25 -14.26
C TYR J 132 51.19 2.96 -14.81
N GLN J 133 50.57 2.16 -13.94
CA GLN J 133 50.06 0.86 -14.34
C GLN J 133 48.70 0.60 -13.72
N PRO J 134 47.87 -0.22 -14.37
CA PRO J 134 46.60 -0.61 -13.73
C PRO J 134 46.76 -1.60 -12.59
N GLU J 135 47.90 -2.28 -12.49
CA GLU J 135 48.12 -3.29 -11.46
C GLU J 135 48.95 -2.76 -10.29
N ARG J 136 48.80 -1.47 -9.96
CA ARG J 136 49.41 -0.96 -8.73
C ARG J 136 48.72 -1.50 -7.49
N LEU J 137 47.44 -1.84 -7.60
CA LEU J 137 46.73 -2.48 -6.49
C LEU J 137 47.26 -3.89 -6.23
N GLN J 138 47.61 -4.61 -7.30
CA GLN J 138 48.26 -5.90 -7.12
C GLN J 138 49.68 -5.75 -6.62
N ALA J 139 50.31 -4.61 -6.86
CA ALA J 139 51.69 -4.39 -6.44
C ALA J 139 51.78 -4.13 -4.94
N GLY J 140 51.00 -3.16 -4.43
CA GLY J 140 51.12 -2.78 -3.04
C GLY J 140 50.52 -3.77 -2.07
N LEU J 141 49.46 -4.47 -2.47
CA LEU J 141 48.81 -5.43 -1.58
C LEU J 141 49.68 -6.65 -1.35
N TYR J 142 50.38 -7.12 -2.40
CA TYR J 142 51.31 -8.23 -2.26
C TYR J 142 52.45 -7.89 -1.30
N LEU J 143 53.01 -6.69 -1.45
CA LEU J 143 54.10 -6.23 -0.60
C LEU J 143 53.67 -6.10 0.85
N LEU J 144 52.57 -5.38 1.09
CA LEU J 144 52.09 -5.14 2.45
C LEU J 144 51.64 -6.43 3.12
N PHE J 145 50.92 -7.30 2.40
CA PHE J 145 50.40 -8.49 3.04
C PHE J 145 51.46 -9.56 3.24
N TYR J 146 52.45 -9.66 2.33
CA TYR J 146 53.58 -10.56 2.56
C TYR J 146 54.37 -10.14 3.79
N THR J 147 54.80 -8.87 3.84
CA THR J 147 55.65 -8.38 4.93
C THR J 147 54.89 -8.35 6.24
N LEU J 148 53.62 -7.97 6.23
CA LEU J 148 52.82 -7.93 7.45
C LEU J 148 52.50 -9.33 7.97
N LEU J 149 52.20 -10.27 7.08
CA LEU J 149 51.88 -11.64 7.49
C LEU J 149 53.09 -12.32 8.12
N VAL J 150 54.29 -12.05 7.61
CA VAL J 150 55.44 -12.69 8.25
C VAL J 150 56.08 -11.86 9.34
N SER J 151 55.70 -10.59 9.48
CA SER J 151 56.31 -9.72 10.49
C SER J 151 55.45 -9.54 11.73
N LEU J 152 54.16 -9.89 11.68
CA LEU J 152 53.36 -9.88 12.90
C LEU J 152 53.82 -10.88 13.96
N PRO J 153 54.10 -12.18 13.66
CA PRO J 153 54.64 -13.05 14.73
C PRO J 153 56.06 -12.72 15.19
N MET J 154 56.80 -11.91 14.42
CA MET J 154 58.08 -11.41 14.89
C MET J 154 57.92 -10.50 16.10
N LEU J 155 56.77 -9.84 16.23
CA LEU J 155 56.51 -9.02 17.41
C LEU J 155 56.33 -9.88 18.66
N ILE J 156 55.67 -11.03 18.51
CA ILE J 156 55.56 -12.00 19.61
C ILE J 156 56.93 -12.54 19.97
N GLY J 157 57.76 -12.80 18.97
CA GLY J 157 59.14 -13.23 19.24
C GLY J 157 59.96 -12.15 19.94
N ILE J 158 59.76 -10.89 19.57
CA ILE J 158 60.48 -9.76 20.16
C ILE J 158 60.11 -9.59 21.63
N PHE J 159 58.81 -9.67 21.95
CA PHE J 159 58.47 -9.59 23.37
C PHE J 159 58.76 -10.89 24.13
N TYR J 160 58.89 -12.03 23.45
CA TYR J 160 59.39 -13.20 24.18
C TYR J 160 60.85 -13.04 24.55
N VAL J 161 61.65 -12.43 23.66
CA VAL J 161 63.04 -12.10 23.96
C VAL J 161 63.11 -11.06 25.09
N MET J 162 62.20 -10.07 25.07
CA MET J 162 62.15 -9.09 26.15
C MET J 162 61.76 -9.71 27.49
N ASN J 163 60.82 -10.65 27.49
CA ASN J 163 60.42 -11.28 28.74
C ASN J 163 61.49 -12.23 29.27
N LYS J 164 62.25 -12.88 28.38
CA LYS J 164 63.31 -13.76 28.87
C LYS J 164 64.54 -12.98 29.32
N ILE J 165 64.87 -11.89 28.63
CA ILE J 165 66.08 -11.13 28.94
C ILE J 165 65.80 -9.97 29.88
N GLY J 166 64.87 -9.09 29.51
CA GLY J 166 64.64 -7.90 30.29
C GLY J 166 64.84 -6.63 29.51
N SER J 167 65.84 -6.62 28.63
CA SER J 167 66.22 -5.43 27.89
C SER J 167 65.84 -5.52 26.43
N MET J 168 65.97 -4.39 25.75
CA MET J 168 65.74 -4.28 24.32
C MET J 168 67.00 -3.96 23.54
N ASN J 169 68.08 -3.56 24.23
CA ASN J 169 69.32 -3.13 23.58
C ASN J 169 69.99 -4.30 22.87
N PHE J 170 70.73 -3.97 21.80
CA PHE J 170 71.36 -5.00 20.99
C PHE J 170 72.52 -5.68 21.73
N TYR J 171 73.28 -4.91 22.51
CA TYR J 171 74.46 -5.46 23.18
C TYR J 171 74.08 -6.39 24.32
N LEU J 172 73.07 -6.04 25.11
CA LEU J 172 72.67 -6.90 26.21
C LEU J 172 71.94 -8.14 25.74
N MET J 173 71.33 -8.08 24.57
CA MET J 173 70.71 -9.24 23.94
C MET J 173 71.73 -10.08 23.18
N ASN J 174 72.90 -9.52 22.86
CA ASN J 174 74.00 -10.31 22.31
C ASN J 174 74.58 -11.30 23.32
N ASN J 175 74.46 -11.00 24.62
CA ASN J 175 74.99 -11.90 25.64
C ASN J 175 74.21 -13.20 25.73
N PHE J 176 72.89 -13.12 25.58
CA PHE J 176 72.03 -14.28 25.78
C PHE J 176 72.02 -15.16 24.54
N MET J 177 71.44 -16.35 24.69
CA MET J 177 71.35 -17.32 23.60
C MET J 177 70.14 -18.21 23.85
N PHE J 178 69.34 -18.42 22.81
CA PHE J 178 68.09 -19.15 22.92
C PHE J 178 68.15 -20.45 22.12
N ASN J 179 67.46 -21.46 22.65
CA ASN J 179 67.39 -22.78 22.01
C ASN J 179 65.95 -23.17 21.70
N TYR J 180 65.23 -22.30 20.97
CA TYR J 180 63.84 -22.54 20.62
C TYR J 180 63.66 -22.46 19.11
N ASP J 181 62.86 -23.37 18.55
CA ASP J 181 62.61 -23.37 17.12
C ASP J 181 61.71 -22.21 16.69
N LEU J 182 60.62 -21.99 17.43
CA LEU J 182 59.60 -21.04 17.00
C LEU J 182 60.04 -19.59 17.18
N LEU J 183 60.86 -19.32 18.21
CA LEU J 183 61.47 -18.00 18.37
C LEU J 183 62.40 -17.69 17.21
N TYR J 184 63.18 -18.69 16.78
CA TYR J 184 64.06 -18.55 15.64
C TYR J 184 63.27 -18.30 14.35
N PHE J 185 62.17 -19.02 14.15
CA PHE J 185 61.36 -18.84 12.96
C PHE J 185 60.67 -17.48 12.94
N CYS J 186 60.19 -17.01 14.10
CA CYS J 186 59.57 -15.70 14.21
C CYS J 186 60.56 -14.58 13.93
N LEU J 187 61.72 -14.63 14.58
CA LEU J 187 62.69 -13.56 14.43
C LEU J 187 63.50 -13.66 13.15
N LEU J 188 63.36 -14.74 12.38
CA LEU J 188 64.07 -14.84 11.12
C LEU J 188 63.19 -14.65 9.89
N CYS J 189 61.98 -15.22 9.86
CA CYS J 189 61.22 -15.34 8.62
C CYS J 189 60.74 -14.00 8.08
N ALA J 190 60.56 -13.00 8.95
CA ALA J 190 60.21 -11.66 8.47
C ALA J 190 61.35 -11.04 7.67
N PHE J 191 62.59 -11.21 8.13
CA PHE J 191 63.71 -10.75 7.34
C PHE J 191 63.97 -11.65 6.13
N LEU J 192 63.74 -12.96 6.26
CA LEU J 192 63.78 -13.90 5.13
C LEU J 192 62.79 -13.58 4.03
N VAL J 193 61.69 -12.89 4.31
CA VAL J 193 60.81 -12.35 3.29
C VAL J 193 61.26 -10.96 2.83
N LYS J 194 61.77 -10.15 3.76
CA LYS J 194 62.14 -8.77 3.44
C LYS J 194 63.36 -8.70 2.52
N MET J 195 64.30 -9.64 2.65
CA MET J 195 65.26 -9.87 1.59
C MET J 195 64.71 -11.00 0.74
N PRO J 196 64.95 -11.05 -0.57
CA PRO J 196 64.26 -12.04 -1.41
C PRO J 196 64.86 -13.44 -1.29
N MET J 197 63.98 -14.39 -0.98
CA MET J 197 64.22 -15.83 -1.03
C MET J 197 63.85 -16.39 -2.40
N PHE J 198 63.85 -17.68 -2.53
CA PHE J 198 63.36 -18.07 -3.87
C PHE J 198 61.86 -18.20 -3.65
N LEU J 199 61.45 -18.97 -2.66
CA LEU J 199 60.01 -19.27 -2.45
C LEU J 199 59.18 -18.04 -2.10
N VAL J 200 59.67 -17.11 -1.27
CA VAL J 200 58.86 -15.97 -0.76
C VAL J 200 59.00 -14.69 -1.59
N HIS J 201 59.73 -14.69 -2.70
CA HIS J 201 59.99 -13.46 -3.49
C HIS J 201 58.75 -12.79 -4.08
N LEU J 202 57.79 -13.54 -4.60
CA LEU J 202 56.64 -12.94 -5.34
C LEU J 202 56.37 -11.44 -5.14
N TRP J 203 56.39 -10.86 -3.94
CA TRP J 203 56.08 -9.45 -3.89
C TRP J 203 57.08 -8.62 -4.71
N LEU J 204 58.30 -9.12 -4.88
CA LEU J 204 59.35 -8.31 -5.50
C LEU J 204 59.17 -8.07 -7.00
N PRO J 205 59.03 -9.08 -7.89
CA PRO J 205 58.91 -8.74 -9.31
C PRO J 205 57.54 -8.22 -9.71
N LYS J 206 56.53 -8.34 -8.83
CA LYS J 206 55.23 -7.76 -9.07
C LYS J 206 55.00 -6.46 -8.31
N ALA J 207 55.99 -6.00 -7.55
CA ALA J 207 55.95 -4.68 -6.94
C ALA J 207 56.99 -3.73 -7.51
N HIS J 208 58.08 -4.24 -8.10
CA HIS J 208 59.02 -3.35 -8.78
C HIS J 208 58.49 -2.85 -10.10
N VAL J 209 57.75 -3.69 -10.83
CA VAL J 209 57.31 -3.36 -12.19
C VAL J 209 56.25 -2.27 -12.17
N GLU J 210 55.24 -2.44 -11.33
CA GLU J 210 54.08 -1.56 -11.33
C GLU J 210 54.27 -0.30 -10.50
N ALA J 211 55.44 -0.13 -9.87
CA ALA J 211 55.71 1.06 -9.10
C ALA J 211 56.22 2.17 -10.01
N PRO J 212 56.59 3.30 -9.40
CA PRO J 212 57.22 4.39 -10.11
C PRO J 212 58.72 4.14 -10.16
N VAL J 213 59.49 5.13 -10.63
CA VAL J 213 60.94 5.03 -10.52
C VAL J 213 61.37 5.16 -9.06
N SER J 214 60.66 5.98 -8.28
CA SER J 214 61.04 6.23 -6.90
C SER J 214 60.71 5.04 -6.01
N GLY J 215 59.61 4.34 -6.30
CA GLY J 215 59.34 3.09 -5.64
C GLY J 215 60.37 2.02 -5.95
N SER J 216 60.91 2.03 -7.18
CA SER J 216 61.96 1.09 -7.55
C SER J 216 63.27 1.39 -6.81
N MET J 217 63.65 2.67 -6.71
CA MET J 217 64.81 3.06 -5.91
C MET J 217 64.65 2.69 -4.44
N ILE J 218 63.50 3.00 -3.84
CA ILE J 218 63.35 2.76 -2.42
C ILE J 218 63.17 1.28 -2.12
N LEU J 219 62.71 0.48 -3.08
CA LEU J 219 62.56 -0.95 -2.83
C LEU J 219 63.84 -1.73 -3.09
N ALA J 220 64.52 -1.50 -4.20
CA ALA J 220 65.74 -2.24 -4.50
C ALA J 220 66.99 -1.58 -3.95
N GLY J 221 66.86 -0.43 -3.31
CA GLY J 221 68.02 0.28 -2.82
C GLY J 221 68.22 0.16 -1.33
N ILE J 222 67.14 0.23 -0.55
CA ILE J 222 67.32 0.24 0.90
C ILE J 222 66.33 -0.67 1.63
N MET J 223 65.24 -1.08 0.98
CA MET J 223 64.25 -1.91 1.65
C MET J 223 64.39 -3.39 1.32
N LEU J 224 65.40 -3.78 0.58
CA LEU J 224 65.90 -5.15 0.62
C LEU J 224 67.02 -5.30 1.63
N LYS J 225 67.42 -4.20 2.27
CA LYS J 225 68.52 -4.17 3.21
C LYS J 225 68.04 -4.01 4.64
N LEU J 226 66.76 -3.69 4.84
CA LEU J 226 66.17 -3.73 6.17
C LEU J 226 66.18 -5.13 6.74
N GLY J 227 65.86 -6.13 5.90
CA GLY J 227 65.97 -7.52 6.32
C GLY J 227 67.39 -7.98 6.58
N GLY J 228 68.34 -7.49 5.79
CA GLY J 228 69.74 -7.80 6.04
C GLY J 228 70.26 -7.20 7.33
N TYR J 229 69.88 -5.95 7.62
CA TYR J 229 70.23 -5.31 8.89
C TYR J 229 69.57 -6.03 10.06
N GLY J 230 68.31 -6.45 9.88
CA GLY J 230 67.62 -7.18 10.93
C GLY J 230 68.23 -8.53 11.21
N MET J 231 68.66 -9.24 10.17
CA MET J 231 69.32 -10.52 10.40
C MET J 231 70.71 -10.34 11.00
N LEU J 232 71.43 -9.28 10.61
CA LEU J 232 72.69 -8.95 11.25
C LEU J 232 72.54 -8.58 12.73
N ARG J 233 71.37 -8.08 13.12
CA ARG J 233 71.13 -7.83 14.55
C ARG J 233 70.55 -9.03 15.29
N VAL J 234 69.85 -9.93 14.63
CA VAL J 234 69.17 -11.04 15.32
C VAL J 234 70.04 -12.30 15.40
N ILE J 235 70.85 -12.60 14.37
CA ILE J 235 71.62 -13.85 14.28
C ILE J 235 72.63 -14.04 15.42
N SER J 236 73.06 -12.95 16.06
CA SER J 236 74.03 -12.98 17.15
C SER J 236 73.58 -13.74 18.39
N PHE J 237 72.28 -13.83 18.65
CA PHE J 237 71.80 -14.57 19.82
C PHE J 237 71.04 -15.83 19.45
N LEU J 238 71.01 -16.19 18.17
CA LEU J 238 70.34 -17.40 17.70
C LEU J 238 71.31 -18.24 16.90
N GLN J 239 72.54 -18.37 17.39
CA GLN J 239 73.58 -19.04 16.62
C GLN J 239 73.43 -20.56 16.64
N LEU J 240 73.06 -21.11 17.80
CA LEU J 240 72.97 -22.60 17.93
C LEU J 240 71.85 -23.12 17.07
N MET J 241 70.72 -22.43 17.05
CA MET J 241 69.56 -22.93 16.33
C MET J 241 69.65 -22.65 14.83
N ASN J 242 70.24 -21.52 14.43
CA ASN J 242 70.48 -21.28 13.02
C ASN J 242 71.57 -22.20 12.48
N LEU J 243 72.49 -22.67 13.32
CA LEU J 243 73.42 -23.70 12.86
C LEU J 243 72.73 -25.04 12.65
N LYS J 244 71.60 -25.28 13.33
CA LYS J 244 70.80 -26.46 13.07
C LYS J 244 69.96 -26.30 11.80
N TYR J 245 69.41 -25.12 11.56
CA TYR J 245 68.42 -24.94 10.50
C TYR J 245 68.89 -24.07 9.33
N SER J 246 70.18 -23.80 9.19
CA SER J 246 70.65 -22.88 8.17
C SER J 246 70.92 -23.55 6.83
N PHE J 247 71.11 -24.87 6.81
CA PHE J 247 71.39 -25.57 5.56
C PHE J 247 70.18 -25.54 4.63
N VAL J 248 68.97 -25.52 5.20
CA VAL J 248 67.75 -25.44 4.39
C VAL J 248 67.66 -24.10 3.68
N TRP J 249 67.87 -23.00 4.42
CA TRP J 249 67.80 -21.67 3.80
C TRP J 249 68.96 -21.42 2.84
N ILE J 250 70.15 -21.92 3.16
CA ILE J 250 71.30 -21.70 2.27
C ILE J 250 71.15 -22.50 0.97
N SER J 251 70.68 -23.75 1.07
CA SER J 251 70.44 -24.56 -0.11
C SER J 251 69.30 -24.00 -0.96
N ILE J 252 68.22 -23.54 -0.31
CA ILE J 252 67.10 -22.93 -1.03
C ILE J 252 67.53 -21.64 -1.71
N SER J 253 68.34 -20.82 -1.02
CA SER J 253 68.82 -19.57 -1.58
C SER J 253 69.79 -19.78 -2.74
N LEU J 254 70.64 -20.80 -2.67
CA LEU J 254 71.60 -21.04 -3.76
C LEU J 254 70.91 -21.63 -4.99
N VAL J 255 70.04 -22.63 -4.80
CA VAL J 255 69.29 -23.19 -5.93
C VAL J 255 68.33 -22.15 -6.49
N GLY J 256 67.73 -21.32 -5.63
CA GLY J 256 66.88 -20.26 -6.09
C GLY J 256 67.62 -19.15 -6.81
N GLY J 257 68.88 -18.90 -6.43
CA GLY J 257 69.71 -17.99 -7.19
C GLY J 257 70.00 -18.49 -8.59
N VAL J 258 70.30 -19.79 -8.70
CA VAL J 258 70.51 -20.42 -10.02
C VAL J 258 69.23 -20.40 -10.84
N LEU J 259 68.09 -20.70 -10.22
CA LEU J 259 66.81 -20.75 -10.93
C LEU J 259 66.31 -19.37 -11.34
N VAL J 260 66.42 -18.36 -10.47
CA VAL J 260 66.01 -17.01 -10.83
C VAL J 260 66.98 -16.41 -11.86
N SER J 261 68.26 -16.79 -11.81
CA SER J 261 69.19 -16.42 -12.87
C SER J 261 68.82 -17.10 -14.19
N LEU J 262 68.18 -18.26 -14.14
CA LEU J 262 67.60 -18.85 -15.35
C LEU J 262 66.28 -18.20 -15.75
N VAL J 263 65.57 -17.56 -14.80
CA VAL J 263 64.34 -16.84 -15.13
C VAL J 263 64.63 -15.61 -15.96
N CYS J 264 65.69 -14.86 -15.61
CA CYS J 264 65.99 -13.58 -16.27
C CYS J 264 66.38 -13.74 -17.74
N LEU J 265 66.84 -14.92 -18.15
CA LEU J 265 67.06 -15.16 -19.56
C LEU J 265 65.77 -15.29 -20.34
N ARG J 266 64.64 -15.53 -19.66
CA ARG J 266 63.33 -15.61 -20.28
C ARG J 266 62.42 -14.47 -19.80
N GLN J 267 62.97 -13.27 -19.69
CA GLN J 267 62.22 -12.09 -19.26
C GLN J 267 62.20 -11.08 -20.41
N THR J 268 61.01 -10.51 -20.66
CA THR J 268 60.82 -9.56 -21.75
C THR J 268 60.56 -8.15 -21.26
N ASP J 269 60.91 -7.84 -20.01
CA ASP J 269 60.79 -6.50 -19.47
C ASP J 269 62.11 -6.08 -18.85
N LEU J 270 62.49 -4.82 -19.08
CA LEU J 270 63.70 -4.29 -18.47
C LEU J 270 63.54 -4.15 -16.96
N LYS J 271 62.40 -3.64 -16.51
CA LYS J 271 62.21 -3.39 -15.09
C LYS J 271 61.93 -4.68 -14.31
N ALA J 272 61.40 -5.71 -14.98
CA ALA J 272 61.24 -7.00 -14.33
C ALA J 272 62.55 -7.77 -14.21
N LEU J 273 63.47 -7.56 -15.16
CA LEU J 273 64.70 -8.35 -15.15
C LEU J 273 65.63 -7.87 -14.05
N ILE J 274 65.66 -6.56 -13.79
CA ILE J 274 66.41 -6.04 -12.65
C ILE J 274 65.72 -6.43 -11.34
N ALA J 275 64.39 -6.56 -11.36
CA ALA J 275 63.64 -7.02 -10.19
C ALA J 275 64.01 -8.46 -9.83
N TYR J 276 64.15 -9.33 -10.83
CA TYR J 276 64.65 -10.68 -10.55
C TYR J 276 66.16 -10.68 -10.31
N SER J 277 66.88 -9.67 -10.82
CA SER J 277 68.31 -9.57 -10.58
C SER J 277 68.62 -9.23 -9.13
N SER J 278 67.71 -8.51 -8.47
CA SER J 278 67.85 -8.27 -7.04
C SER J 278 67.70 -9.55 -6.23
N VAL J 279 66.99 -10.55 -6.75
CA VAL J 279 66.80 -11.81 -6.04
C VAL J 279 68.07 -12.64 -6.04
N ALA J 280 68.84 -12.59 -7.14
CA ALA J 280 70.00 -13.47 -7.27
C ALA J 280 71.17 -13.01 -6.40
N HIS J 281 71.42 -11.70 -6.33
CA HIS J 281 72.54 -11.19 -5.53
C HIS J 281 72.23 -11.27 -4.04
N MET J 282 70.97 -10.99 -3.66
CA MET J 282 70.59 -11.11 -2.27
C MET J 282 70.46 -12.57 -1.85
N GLY J 283 70.34 -13.49 -2.81
CA GLY J 283 70.50 -14.90 -2.50
C GLY J 283 71.91 -15.25 -2.07
N ILE J 284 72.92 -14.64 -2.72
CA ILE J 284 74.31 -14.81 -2.30
C ILE J 284 74.53 -14.15 -0.94
N VAL J 285 73.88 -13.00 -0.70
CA VAL J 285 73.95 -12.32 0.58
C VAL J 285 73.37 -13.18 1.70
N LEU J 286 72.20 -13.79 1.43
CA LEU J 286 71.55 -14.67 2.39
C LEU J 286 72.34 -15.95 2.63
N SER J 287 72.98 -16.48 1.58
CA SER J 287 73.78 -17.68 1.73
C SER J 287 75.07 -17.42 2.50
N GLY J 288 75.62 -16.19 2.38
CA GLY J 288 76.80 -15.85 3.15
C GLY J 288 76.52 -15.34 4.55
N LEU J 289 75.28 -14.95 4.84
CA LEU J 289 74.94 -14.44 6.17
C LEU J 289 74.86 -15.56 7.19
N LEU J 290 74.34 -16.72 6.79
CA LEU J 290 74.05 -17.78 7.76
C LEU J 290 75.26 -18.65 8.07
N THR J 291 76.41 -18.40 7.45
CA THR J 291 77.62 -19.12 7.79
C THR J 291 78.33 -18.54 9.00
N MET J 292 77.94 -17.33 9.43
CA MET J 292 78.38 -16.65 10.66
C MET J 292 79.88 -16.38 10.71
N THR J 293 80.57 -16.39 9.58
CA THR J 293 81.99 -16.07 9.61
C THR J 293 82.18 -14.56 9.67
N TYR J 294 83.41 -14.15 9.94
CA TYR J 294 83.79 -12.74 9.83
C TYR J 294 83.68 -12.29 8.38
N TRP J 295 84.15 -13.13 7.46
CA TRP J 295 84.15 -12.78 6.04
C TRP J 295 82.76 -12.78 5.45
N GLY J 296 81.89 -13.70 5.91
CA GLY J 296 80.51 -13.71 5.43
C GLY J 296 79.72 -12.50 5.84
N LEU J 297 79.87 -12.07 7.09
CA LEU J 297 79.17 -10.89 7.59
C LEU J 297 79.71 -9.61 6.93
N CYS J 298 81.03 -9.50 6.82
CA CYS J 298 81.65 -8.32 6.21
C CYS J 298 81.33 -8.23 4.72
N GLY J 299 81.42 -9.35 4.00
CA GLY J 299 81.08 -9.35 2.58
C GLY J 299 79.60 -9.18 2.32
N SER J 300 78.75 -9.62 3.26
CA SER J 300 77.32 -9.36 3.14
C SER J 300 77.00 -7.89 3.28
N TYR J 301 77.63 -7.22 4.27
CA TYR J 301 77.43 -5.77 4.43
C TYR J 301 77.96 -5.01 3.22
N THR J 302 79.12 -5.43 2.70
CA THR J 302 79.70 -4.79 1.53
C THR J 302 78.84 -5.01 0.28
N LEU J 303 78.28 -6.21 0.11
CA LEU J 303 77.45 -6.46 -1.07
C LEU J 303 76.08 -5.80 -0.96
N MET J 304 75.51 -5.66 0.24
CA MET J 304 74.26 -4.90 0.35
C MET J 304 74.49 -3.42 0.06
N ILE J 305 75.60 -2.85 0.55
CA ILE J 305 75.93 -1.46 0.24
C ILE J 305 76.17 -1.27 -1.26
N ALA J 306 76.92 -2.18 -1.87
CA ALA J 306 77.25 -2.07 -3.29
C ALA J 306 76.11 -2.54 -4.20
N HIS J 307 75.08 -3.18 -3.66
CA HIS J 307 73.94 -3.58 -4.46
C HIS J 307 72.83 -2.55 -4.43
N GLY J 308 72.66 -1.85 -3.30
CA GLY J 308 71.66 -0.78 -3.22
C GLY J 308 71.95 0.39 -4.13
N LEU J 309 73.20 0.60 -4.52
CA LEU J 309 73.52 1.61 -5.52
C LEU J 309 73.31 1.09 -6.93
N CYS J 310 73.79 -0.11 -7.24
CA CYS J 310 73.82 -0.57 -8.62
C CYS J 310 72.44 -0.98 -9.12
N SER J 311 71.61 -1.60 -8.26
CA SER J 311 70.27 -1.97 -8.66
C SER J 311 69.39 -0.73 -8.87
N SER J 312 69.57 0.28 -8.01
CA SER J 312 68.85 1.54 -8.19
C SER J 312 69.32 2.29 -9.43
N GLY J 313 70.62 2.22 -9.73
CA GLY J 313 71.12 2.84 -10.94
C GLY J 313 70.66 2.14 -12.20
N LEU J 314 70.50 0.82 -12.14
CA LEU J 314 69.88 0.10 -13.24
C LEU J 314 68.41 0.44 -13.38
N PHE J 315 67.73 0.69 -12.25
CA PHE J 315 66.32 1.06 -12.31
C PHE J 315 66.11 2.49 -12.81
N CYS J 316 67.11 3.36 -12.68
CA CYS J 316 67.03 4.65 -13.35
C CYS J 316 67.22 4.52 -14.85
N LEU J 317 68.02 3.54 -15.28
CA LEU J 317 68.27 3.35 -16.70
C LEU J 317 67.04 2.80 -17.42
N ALA J 318 66.29 1.91 -16.77
CA ALA J 318 65.05 1.42 -17.37
C ALA J 318 63.96 2.48 -17.37
N ASN J 319 64.06 3.49 -16.52
CA ASN J 319 63.08 4.58 -16.50
C ASN J 319 63.28 5.54 -17.66
N VAL J 320 64.53 5.84 -18.02
CA VAL J 320 64.78 6.81 -19.09
C VAL J 320 64.59 6.23 -20.48
N SER J 321 64.39 4.92 -20.59
CA SER J 321 63.89 4.33 -21.83
C SER J 321 62.38 4.17 -21.81
N TYR J 322 61.79 4.02 -20.62
CA TYR J 322 60.34 3.95 -20.50
C TYR J 322 59.69 5.32 -20.73
N GLU J 323 60.39 6.40 -20.38
CA GLU J 323 59.86 7.74 -20.60
C GLU J 323 59.83 8.12 -22.08
N ARG J 324 60.72 7.52 -22.89
CA ARG J 324 60.87 7.90 -24.28
C ARG J 324 60.30 6.87 -25.24
N LEU J 325 60.60 5.59 -25.05
CA LEU J 325 60.09 4.59 -25.96
C LEU J 325 58.66 4.16 -25.62
N GLY J 326 58.14 4.56 -24.47
CA GLY J 326 56.75 4.38 -24.14
C GLY J 326 56.39 3.05 -23.51
N SER J 327 57.33 2.11 -23.42
CA SER J 327 57.04 0.82 -22.82
C SER J 327 58.32 0.23 -22.24
N ARG J 328 58.13 -0.68 -21.28
CA ARG J 328 59.24 -1.37 -20.63
C ARG J 328 59.59 -2.68 -21.32
N SER J 329 58.97 -2.98 -22.47
CA SER J 329 59.19 -4.24 -23.15
C SER J 329 60.59 -4.33 -23.73
N MET J 330 61.19 -5.51 -23.62
CA MET J 330 62.56 -5.72 -24.09
C MET J 330 62.64 -5.80 -25.62
N LEU J 331 61.53 -6.18 -26.28
CA LEU J 331 61.50 -6.19 -27.73
C LEU J 331 61.53 -4.78 -28.31
N ILE J 332 60.86 -3.83 -27.66
CA ILE J 332 60.87 -2.44 -28.11
C ILE J 332 62.24 -1.81 -27.88
N ASN J 333 62.81 -2.04 -26.70
CA ASN J 333 64.11 -1.50 -26.34
C ASN J 333 65.18 -2.29 -27.08
N LYS J 334 65.52 -1.81 -28.29
CA LYS J 334 66.57 -2.42 -29.11
C LYS J 334 67.33 -1.32 -29.83
N GLY J 335 68.66 -1.46 -29.85
CA GLY J 335 69.51 -0.53 -30.57
C GLY J 335 69.54 0.87 -30.01
N LEU J 336 69.64 1.02 -28.69
CA LEU J 336 69.70 2.35 -28.10
C LEU J 336 71.09 2.96 -28.16
N LEU J 337 72.08 2.22 -28.69
CA LEU J 337 73.39 2.79 -28.98
C LEU J 337 73.31 3.83 -30.10
N ASN J 338 72.37 3.66 -31.04
CA ASN J 338 72.20 4.64 -32.10
C ASN J 338 71.20 5.73 -31.74
N PHE J 339 70.41 5.53 -30.68
CA PHE J 339 69.51 6.58 -30.21
C PHE J 339 70.19 7.46 -29.17
N MET J 340 70.66 6.84 -28.08
CA MET J 340 71.37 7.53 -27.01
C MET J 340 72.74 6.86 -26.85
N PRO J 341 73.75 7.31 -27.60
CA PRO J 341 75.08 6.68 -27.47
C PRO J 341 75.80 7.06 -26.18
N SER J 342 75.55 8.26 -25.65
CA SER J 342 76.19 8.67 -24.42
C SER J 342 75.59 7.99 -23.20
N MET J 343 74.35 7.51 -23.30
CA MET J 343 73.75 6.75 -22.22
C MET J 343 74.34 5.35 -22.12
N THR J 344 74.84 4.81 -23.24
CA THR J 344 75.33 3.43 -23.31
C THR J 344 76.57 3.22 -22.45
N LEU J 345 77.31 4.30 -22.19
CA LEU J 345 78.37 4.28 -21.19
C LEU J 345 77.82 3.95 -19.81
N TRP J 346 76.70 4.56 -19.43
CA TRP J 346 76.15 4.33 -18.10
C TRP J 346 75.40 3.00 -18.00
N TRP J 347 74.76 2.56 -19.10
CA TRP J 347 74.20 1.20 -19.17
C TRP J 347 75.25 0.12 -18.93
N PHE J 348 76.39 0.18 -19.62
CA PHE J 348 77.36 -0.88 -19.41
C PHE J 348 78.13 -0.69 -18.12
N LEU J 349 78.31 0.55 -17.66
CA LEU J 349 78.98 0.78 -16.38
C LEU J 349 78.12 0.37 -15.19
N LEU J 350 76.80 0.36 -15.32
CA LEU J 350 75.95 -0.08 -14.23
C LEU J 350 75.46 -1.52 -14.39
N SER J 351 75.51 -2.07 -15.61
CA SER J 351 75.27 -3.50 -15.80
C SER J 351 76.50 -4.32 -15.43
N SER J 352 77.70 -3.79 -15.68
CA SER J 352 78.91 -4.46 -15.22
C SER J 352 79.04 -4.42 -13.71
N ALA J 353 78.51 -3.37 -13.07
CA ALA J 353 78.51 -3.31 -11.62
C ALA J 353 77.58 -4.34 -11.00
N ASN J 354 76.55 -4.78 -11.74
CA ASN J 354 75.67 -5.83 -11.25
C ASN J 354 76.39 -7.18 -11.19
N MET J 355 77.25 -7.45 -12.17
CA MET J 355 78.11 -8.62 -12.09
C MET J 355 79.41 -8.25 -11.37
N ALA J 356 80.37 -9.17 -11.40
CA ALA J 356 81.73 -8.85 -10.99
C ALA J 356 82.36 -7.88 -11.97
N ALA J 357 82.84 -6.75 -11.45
CA ALA J 357 83.47 -5.70 -12.22
C ALA J 357 84.82 -5.39 -11.60
N PRO J 358 85.79 -4.89 -12.37
CA PRO J 358 87.14 -4.65 -11.82
C PRO J 358 87.19 -3.55 -10.76
N PRO J 359 86.61 -2.31 -10.95
CA PRO J 359 86.84 -1.32 -9.88
C PRO J 359 85.71 -1.24 -8.85
N THR J 360 84.65 -2.03 -8.97
CA THR J 360 83.48 -1.78 -8.12
C THR J 360 83.60 -2.45 -6.76
N LEU J 361 82.79 -1.95 -5.82
CA LEU J 361 82.65 -2.55 -4.50
C LEU J 361 81.83 -3.83 -4.52
N ASN J 362 81.14 -4.11 -5.63
CA ASN J 362 80.37 -5.35 -5.73
C ASN J 362 81.28 -6.57 -5.81
N LEU J 363 82.43 -6.45 -6.48
CA LEU J 363 83.38 -7.55 -6.55
C LEU J 363 84.01 -7.83 -5.18
N LEU J 364 84.34 -6.76 -4.44
CA LEU J 364 84.92 -6.92 -3.11
C LEU J 364 83.89 -7.47 -2.12
N GLY J 365 82.60 -7.27 -2.39
CA GLY J 365 81.56 -7.91 -1.62
C GLY J 365 81.31 -9.33 -2.07
N GLU J 366 81.45 -9.60 -3.37
CA GLU J 366 81.22 -10.94 -3.89
C GLU J 366 82.38 -11.87 -3.58
N ILE J 367 83.62 -11.34 -3.58
CA ILE J 367 84.79 -12.16 -3.23
C ILE J 367 84.72 -12.60 -1.77
N SER J 368 84.40 -11.67 -0.87
CA SER J 368 84.31 -11.98 0.55
C SER J 368 83.08 -12.78 0.91
N LEU J 369 82.09 -12.88 0.02
CA LEU J 369 80.95 -13.75 0.27
C LEU J 369 81.16 -15.16 -0.24
N LEU J 370 81.80 -15.33 -1.40
CA LEU J 370 82.09 -16.67 -1.90
C LEU J 370 83.16 -17.37 -1.08
N ASN J 371 84.03 -16.62 -0.39
CA ASN J 371 84.99 -17.18 0.55
C ASN J 371 84.28 -17.96 1.66
N SER J 372 83.26 -17.35 2.26
CA SER J 372 82.56 -17.97 3.38
C SER J 372 81.71 -19.15 2.93
N ILE J 373 81.14 -19.09 1.73
CA ILE J 373 80.25 -20.15 1.30
C ILE J 373 81.03 -21.37 0.78
N VAL J 374 82.19 -21.14 0.14
CA VAL J 374 83.08 -22.25 -0.18
C VAL J 374 83.70 -22.83 1.09
N SER J 375 84.02 -21.96 2.08
CA SER J 375 84.48 -22.43 3.38
C SER J 375 83.41 -23.20 4.14
N TRP J 376 82.13 -22.96 3.85
CA TRP J 376 81.04 -23.61 4.57
C TRP J 376 80.93 -25.08 4.15
N SER J 377 81.02 -25.36 2.85
CA SER J 377 80.97 -26.71 2.32
C SER J 377 81.61 -26.73 0.94
N TRP J 378 82.20 -27.88 0.58
CA TRP J 378 82.80 -28.02 -0.74
C TRP J 378 81.78 -28.25 -1.85
N ILE J 379 80.58 -28.71 -1.50
CA ILE J 379 79.53 -28.96 -2.49
C ILE J 379 79.02 -27.64 -3.08
N SER J 380 79.21 -26.53 -2.37
CA SER J 380 78.77 -25.24 -2.88
C SER J 380 79.62 -24.72 -4.02
N MET J 381 80.80 -25.30 -4.29
CA MET J 381 81.59 -24.88 -5.45
C MET J 381 80.94 -25.24 -6.78
N ILE J 382 80.10 -26.28 -6.79
CA ILE J 382 79.37 -26.63 -8.01
C ILE J 382 78.34 -25.55 -8.35
N LEU J 383 77.58 -25.11 -7.35
CA LEU J 383 76.46 -24.21 -7.61
C LEU J 383 76.79 -22.73 -7.43
N LEU J 384 77.93 -22.39 -6.83
CA LEU J 384 78.36 -20.99 -6.87
C LEU J 384 78.94 -20.64 -8.24
N SER J 385 79.61 -21.58 -8.88
CA SER J 385 80.12 -21.37 -10.24
C SER J 385 78.98 -21.22 -11.24
N PHE J 386 77.94 -22.05 -11.11
CA PHE J 386 76.76 -21.94 -11.97
C PHE J 386 76.02 -20.63 -11.74
N LEU J 387 75.87 -20.21 -10.48
CA LEU J 387 75.16 -18.97 -10.18
C LEU J 387 75.94 -17.74 -10.65
N SER J 388 77.24 -17.72 -10.39
CA SER J 388 78.05 -16.57 -10.80
C SER J 388 78.35 -16.57 -12.30
N PHE J 389 78.18 -17.70 -12.98
CA PHE J 389 78.22 -17.70 -14.44
C PHE J 389 76.90 -17.24 -15.04
N PHE J 390 75.78 -17.73 -14.49
CA PHE J 390 74.46 -17.35 -14.99
C PHE J 390 74.14 -15.89 -14.68
N SER J 391 74.78 -15.31 -13.66
CA SER J 391 74.57 -13.91 -13.32
C SER J 391 75.01 -12.97 -14.45
N ALA J 392 76.18 -13.23 -15.03
CA ALA J 392 76.58 -12.46 -16.18
C ALA J 392 76.06 -13.05 -17.49
N ALA J 393 75.49 -14.26 -17.46
CA ALA J 393 74.75 -14.72 -18.63
C ALA J 393 73.46 -13.94 -18.81
N TYR J 394 72.79 -13.58 -17.70
CA TYR J 394 71.57 -12.78 -17.84
C TYR J 394 71.82 -11.29 -17.81
N THR J 395 72.84 -10.84 -17.06
CA THR J 395 73.03 -9.40 -16.90
C THR J 395 73.62 -8.78 -18.16
N LEU J 396 74.41 -9.53 -18.91
CA LEU J 396 74.85 -9.06 -20.22
C LEU J 396 73.74 -9.08 -21.25
N TYR J 397 72.68 -9.85 -21.00
CA TYR J 397 71.57 -9.93 -21.95
C TYR J 397 70.77 -8.64 -21.99
N LEU J 398 70.64 -7.98 -20.83
CA LEU J 398 69.81 -6.74 -20.75
C LEU J 398 70.54 -5.59 -21.46
N TYR J 399 71.85 -5.45 -21.31
CA TYR J 399 72.66 -4.45 -22.00
C TYR J 399 72.80 -4.79 -23.48
N SER J 400 72.95 -6.08 -23.78
CA SER J 400 73.16 -6.51 -25.16
C SER J 400 71.91 -6.31 -26.00
N PHE J 401 70.74 -6.67 -25.46
CA PHE J 401 69.54 -6.62 -26.28
C PHE J 401 68.95 -5.22 -26.28
N SER J 402 69.20 -4.43 -25.22
CA SER J 402 68.66 -3.09 -25.19
C SER J 402 69.58 -2.09 -25.89
N GLN J 403 70.87 -2.37 -25.93
CA GLN J 403 71.84 -1.37 -26.36
C GLN J 403 72.63 -1.78 -27.59
N HIS J 404 72.19 -2.81 -28.32
CA HIS J 404 72.92 -3.28 -29.49
C HIS J 404 71.96 -3.98 -30.44
N GLY J 405 72.17 -3.76 -31.73
CA GLY J 405 71.39 -4.41 -32.76
C GLY J 405 70.71 -3.43 -33.68
N LYS J 406 69.79 -3.97 -34.49
CA LYS J 406 68.98 -3.12 -35.33
C LYS J 406 67.97 -2.36 -34.50
N LEU J 407 67.52 -1.23 -35.03
CA LEU J 407 66.61 -0.34 -34.32
C LEU J 407 65.19 -0.86 -34.44
N PHE J 408 64.39 -0.58 -33.41
CA PHE J 408 62.97 -0.95 -33.45
C PHE J 408 62.24 -0.03 -34.42
N SER J 409 61.65 -0.62 -35.46
CA SER J 409 60.91 0.17 -36.42
C SER J 409 59.59 0.63 -35.83
N GLY J 410 59.06 1.72 -36.37
CA GLY J 410 57.83 2.30 -35.88
C GLY J 410 57.91 2.91 -34.50
N VAL J 411 59.00 3.62 -34.21
CA VAL J 411 59.14 4.37 -32.96
C VAL J 411 59.00 5.85 -33.30
N TYR J 412 58.22 6.57 -32.50
CA TYR J 412 58.00 7.98 -32.73
C TYR J 412 59.14 8.80 -32.14
N SER J 413 59.14 10.09 -32.45
CA SER J 413 60.23 10.97 -32.04
C SER J 413 60.15 11.29 -30.55
N PHE J 414 61.27 11.14 -29.85
CA PHE J 414 61.35 11.47 -28.44
C PHE J 414 62.53 12.41 -28.21
N SER J 415 62.62 12.93 -27.00
CA SER J 415 63.69 13.87 -26.65
C SER J 415 65.01 13.14 -26.46
N SER J 416 66.09 13.91 -26.45
CA SER J 416 67.42 13.36 -26.28
C SER J 416 67.76 13.22 -24.81
N GLY J 417 69.00 12.79 -24.52
CA GLY J 417 69.44 12.69 -23.15
C GLY J 417 69.68 14.06 -22.52
N LYS J 418 69.59 14.10 -21.19
CA LYS J 418 69.69 15.33 -20.45
C LYS J 418 70.84 15.26 -19.45
N ILE J 419 71.29 16.44 -19.00
CA ILE J 419 72.39 16.54 -18.06
C ILE J 419 71.99 16.02 -16.68
N ARG J 420 70.71 16.18 -16.32
CA ARG J 420 70.20 15.65 -15.05
C ARG J 420 70.29 14.12 -15.01
N GLU J 421 69.96 13.46 -16.13
CA GLU J 421 70.04 12.00 -16.19
C GLU J 421 71.49 11.51 -16.17
N TYR J 422 72.38 12.22 -16.86
CA TYR J 422 73.80 11.89 -16.82
C TYR J 422 74.38 12.11 -15.43
N LEU J 423 73.94 13.16 -14.74
CA LEU J 423 74.32 13.37 -13.35
C LEU J 423 73.70 12.31 -12.44
N LEU J 424 72.47 11.87 -12.74
CA LEU J 424 71.80 10.87 -11.92
C LEU J 424 72.50 9.51 -12.00
N MET J 425 72.91 9.10 -13.20
CA MET J 425 73.67 7.87 -13.33
C MET J 425 75.17 8.06 -13.13
N LEU J 426 75.62 9.31 -12.93
CA LEU J 426 76.99 9.51 -12.48
C LEU J 426 77.14 9.18 -11.00
N LEU J 427 76.16 9.57 -10.18
CA LEU J 427 76.21 9.38 -8.74
C LEU J 427 75.77 7.99 -8.30
N HIS J 428 75.39 7.12 -9.24
CA HIS J 428 75.11 5.73 -8.96
C HIS J 428 76.31 4.83 -9.28
N TRP J 429 77.39 5.38 -9.79
CA TRP J 429 78.52 4.57 -10.21
C TRP J 429 79.84 5.03 -9.63
N LEU J 430 80.05 6.35 -9.50
CA LEU J 430 81.26 6.85 -8.86
C LEU J 430 81.34 6.58 -7.35
N PRO J 431 80.24 6.49 -6.57
CA PRO J 431 80.35 5.85 -5.26
C PRO J 431 80.77 4.39 -5.30
N LEU J 432 80.47 3.66 -6.38
CA LEU J 432 80.85 2.25 -6.43
C LEU J 432 82.34 2.05 -6.67
N ASN J 433 83.06 3.05 -7.22
CA ASN J 433 84.50 2.94 -7.39
C ASN J 433 85.29 3.88 -6.50
N LEU J 434 84.66 4.82 -5.82
CA LEU J 434 85.39 5.63 -4.87
C LEU J 434 85.35 5.03 -3.46
N LEU J 435 84.56 3.99 -3.24
CA LEU J 435 84.48 3.36 -1.93
C LEU J 435 85.33 2.10 -1.80
N ILE J 436 85.97 1.63 -2.87
CA ILE J 436 87.06 0.68 -2.69
C ILE J 436 88.25 1.40 -2.07
N LEU J 437 88.44 2.67 -2.38
CA LEU J 437 89.29 3.53 -1.56
C LEU J 437 88.53 3.82 -0.28
N LYS J 438 89.21 3.65 0.87
CA LYS J 438 88.60 3.56 2.20
C LYS J 438 87.49 2.50 2.21
N SER J 439 87.89 1.28 1.88
CA SER J 439 86.98 0.14 1.94
C SER J 439 86.95 -0.54 3.30
N GLU J 440 87.94 -0.26 4.17
CA GLU J 440 87.89 -0.73 5.54
C GLU J 440 86.80 -0.02 6.33
N SER J 441 86.40 1.17 5.87
CA SER J 441 85.18 1.81 6.34
C SER J 441 83.96 0.94 6.08
N PHE J 442 83.64 0.69 4.82
CA PHE J 442 82.39 0.06 4.43
C PHE J 442 82.42 -1.46 4.47
N MET J 443 83.44 -2.08 5.08
CA MET J 443 83.46 -3.53 5.23
C MET J 443 83.57 -3.97 6.68
N LEU J 444 84.50 -3.39 7.44
CA LEU J 444 84.76 -3.84 8.81
C LEU J 444 83.85 -3.08 9.77
N TRP J 445 82.63 -3.58 9.89
CA TRP J 445 81.73 -3.09 10.93
C TRP J 445 81.87 -3.86 12.23
N LEU J 446 82.68 -4.92 12.25
CA LEU J 446 82.88 -5.74 13.45
C LEU J 446 84.21 -5.39 14.11
N MET K 1 92.36 16.75 -28.55
CA MET K 1 91.81 15.81 -29.52
C MET K 1 91.22 16.54 -30.72
N LYS K 2 90.78 17.79 -30.50
CA LYS K 2 90.32 18.62 -31.59
C LYS K 2 91.51 19.08 -32.44
N TYR K 3 91.25 19.23 -33.75
CA TYR K 3 92.22 19.58 -34.79
C TYR K 3 93.40 18.62 -34.86
N LEU K 4 93.19 17.36 -34.48
CA LEU K 4 94.26 16.37 -34.43
C LEU K 4 93.63 15.00 -34.46
N SER K 5 94.47 13.99 -34.73
CA SER K 5 94.02 12.61 -34.78
C SER K 5 94.24 11.94 -33.44
N ILE K 6 93.15 11.38 -32.88
CA ILE K 6 93.23 10.63 -31.63
C ILE K 6 94.07 9.36 -31.82
N CYS K 7 94.06 8.80 -33.03
CA CYS K 7 94.93 7.68 -33.35
C CYS K 7 96.40 8.09 -33.34
N SER K 8 96.72 9.29 -33.84
CA SER K 8 98.10 9.77 -33.80
C SER K 8 98.55 10.06 -32.37
N ILE K 9 97.63 10.60 -31.55
CA ILE K 9 97.91 10.86 -30.14
C ILE K 9 98.21 9.56 -29.40
N SER K 10 97.35 8.54 -29.61
CA SER K 10 97.53 7.24 -28.98
C SER K 10 98.78 6.53 -29.50
N PHE K 11 99.10 6.73 -30.79
CA PHE K 11 100.29 6.13 -31.38
C PHE K 11 101.57 6.67 -30.74
N VAL K 12 101.68 8.00 -30.63
CA VAL K 12 102.88 8.61 -30.05
C VAL K 12 102.98 8.29 -28.56
N ASN K 13 101.84 8.30 -27.85
CA ASN K 13 101.82 7.97 -26.42
C ASN K 13 102.25 6.53 -26.16
N LEU K 14 101.77 5.58 -26.98
CA LEU K 14 102.12 4.20 -26.71
C LEU K 14 103.51 3.81 -27.23
N ILE K 15 104.04 4.49 -28.27
CA ILE K 15 105.47 4.31 -28.58
C ILE K 15 106.35 4.84 -27.45
N SER K 16 105.98 5.98 -26.85
CA SER K 16 106.78 6.49 -25.73
C SER K 16 106.71 5.57 -24.50
N MET K 17 105.52 5.05 -24.19
CA MET K 17 105.39 4.10 -23.08
C MET K 17 106.08 2.77 -23.38
N SER K 18 106.04 2.31 -24.64
CA SER K 18 106.70 1.06 -25.00
C SER K 18 108.21 1.19 -24.94
N LEU K 19 108.75 2.33 -25.38
CA LEU K 19 110.19 2.56 -25.30
C LEU K 19 110.64 2.69 -23.85
N SER K 20 109.85 3.35 -23.01
CA SER K 20 110.16 3.44 -21.58
C SER K 20 110.12 2.08 -20.90
N CYS K 21 109.13 1.25 -21.26
CA CYS K 21 109.03 -0.09 -20.67
C CYS K 21 110.13 -1.02 -21.18
N PHE K 22 110.55 -0.85 -22.44
CA PHE K 22 111.65 -1.64 -22.98
C PHE K 22 112.96 -1.27 -22.30
N LEU K 23 113.23 0.03 -22.13
CA LEU K 23 114.44 0.46 -21.44
C LEU K 23 114.41 0.14 -19.95
N LEU K 24 113.23 0.00 -19.35
CA LEU K 24 113.15 -0.51 -17.99
C LEU K 24 113.38 -2.02 -17.95
N SER K 25 112.95 -2.74 -19.00
CA SER K 25 113.11 -4.19 -19.03
C SER K 25 114.56 -4.59 -19.26
N LEU K 26 115.33 -3.77 -20.00
CA LEU K 26 116.75 -4.06 -20.14
C LEU K 26 117.51 -3.81 -18.84
N TYR K 27 117.07 -2.86 -18.03
CA TYR K 27 117.73 -2.64 -16.74
C TYR K 27 117.40 -3.75 -15.76
N PHE K 28 116.23 -4.39 -15.89
CA PHE K 28 115.83 -5.44 -14.96
C PHE K 28 116.37 -6.80 -15.36
N LEU K 29 116.99 -6.92 -16.54
CA LEU K 29 117.68 -8.14 -16.93
C LEU K 29 119.16 -8.12 -16.58
N LEU K 30 119.75 -6.93 -16.43
CA LEU K 30 121.15 -6.84 -16.04
C LEU K 30 121.35 -7.24 -14.58
N ASN K 31 120.34 -7.01 -13.74
CA ASN K 31 120.45 -7.26 -12.32
C ASN K 31 119.67 -8.46 -11.83
N ASP K 32 118.82 -9.06 -12.69
CA ASP K 32 117.90 -10.16 -12.34
C ASP K 32 117.01 -9.79 -11.15
N MET K 33 116.51 -8.56 -11.17
CA MET K 33 115.93 -7.93 -9.99
C MET K 33 114.42 -7.86 -10.11
N ILE K 34 113.73 -8.26 -9.05
CA ILE K 34 112.26 -8.30 -9.01
C ILE K 34 111.77 -7.30 -7.99
N TYR K 35 110.87 -6.41 -8.40
CA TYR K 35 110.17 -5.51 -7.49
C TYR K 35 108.74 -5.97 -7.29
N PHE K 36 108.22 -5.69 -6.11
CA PHE K 36 106.87 -6.10 -5.72
C PHE K 36 106.36 -5.03 -4.75
N ILE K 37 105.51 -4.14 -5.26
CA ILE K 37 104.92 -3.09 -4.43
C ILE K 37 103.51 -3.52 -4.08
N GLU K 38 103.03 -3.08 -2.91
CA GLU K 38 101.79 -3.56 -2.34
C GLU K 38 101.00 -2.40 -1.77
N TRP K 39 99.73 -2.30 -2.15
CA TRP K 39 98.85 -1.24 -1.66
C TRP K 39 97.70 -1.90 -0.91
N GLU K 40 97.63 -1.65 0.40
CA GLU K 40 96.60 -2.22 1.25
C GLU K 40 95.24 -1.62 0.93
N LEU K 41 94.20 -2.47 0.93
CA LEU K 41 92.82 -2.00 0.82
C LEU K 41 92.05 -2.22 2.11
N VAL K 42 92.02 -3.45 2.61
CA VAL K 42 91.29 -3.80 3.83
C VAL K 42 91.95 -5.03 4.44
N SER K 43 92.10 -5.02 5.76
CA SER K 43 92.73 -6.11 6.50
C SER K 43 91.74 -6.70 7.49
N LEU K 44 91.58 -8.01 7.45
CA LEU K 44 90.72 -8.73 8.38
C LEU K 44 91.18 -10.18 8.45
N ASN K 45 91.16 -10.74 9.67
CA ASN K 45 91.57 -12.11 9.98
C ASN K 45 93.00 -12.40 9.53
N SER K 46 93.87 -11.39 9.68
CA SER K 46 95.27 -11.35 9.23
C SER K 46 95.41 -11.56 7.72
N MET K 47 94.37 -11.28 6.95
CA MET K 47 94.38 -11.46 5.51
C MET K 47 94.05 -10.13 4.86
N SER K 48 94.88 -9.71 3.91
CA SER K 48 94.82 -8.37 3.36
C SER K 48 94.49 -8.45 1.88
N ILE K 49 93.30 -7.98 1.51
CA ILE K 49 93.01 -7.67 0.12
C ILE K 49 93.89 -6.50 -0.28
N VAL K 50 94.79 -6.73 -1.22
CA VAL K 50 95.78 -5.74 -1.63
C VAL K 50 95.80 -5.62 -3.15
N MET K 51 96.25 -4.47 -3.64
CA MET K 51 96.45 -4.21 -5.06
C MET K 51 97.96 -4.13 -5.28
N THR K 52 98.52 -5.13 -5.94
CA THR K 52 99.97 -5.26 -6.07
C THR K 52 100.43 -5.22 -7.51
N PHE K 53 101.65 -4.73 -7.69
CA PHE K 53 102.33 -4.66 -8.97
C PHE K 53 103.67 -5.38 -8.84
N LEU K 54 103.89 -6.38 -9.69
CA LEU K 54 105.17 -7.09 -9.76
C LEU K 54 105.93 -6.62 -10.98
N PHE K 55 107.05 -5.95 -10.76
CA PHE K 55 107.87 -5.44 -11.84
C PHE K 55 109.03 -6.42 -12.03
N ASP K 56 108.78 -7.43 -12.86
CA ASP K 56 109.80 -8.36 -13.30
C ASP K 56 110.25 -7.99 -14.71
N TRP K 57 111.39 -8.56 -15.12
CA TRP K 57 111.89 -8.34 -16.48
C TRP K 57 110.94 -8.93 -17.51
N MET K 58 110.34 -10.09 -17.19
CA MET K 58 109.36 -10.73 -18.06
C MET K 58 108.12 -9.86 -18.23
N SER K 59 107.61 -9.31 -17.12
CA SER K 59 106.43 -8.46 -17.16
C SER K 59 106.70 -7.15 -17.90
N LEU K 60 107.88 -6.55 -17.70
CA LEU K 60 108.18 -5.29 -18.37
C LEU K 60 108.43 -5.49 -19.86
N LEU K 61 109.10 -6.60 -20.24
CA LEU K 61 109.30 -6.91 -21.65
C LEU K 61 107.97 -7.19 -22.36
N PHE K 62 107.07 -7.94 -21.71
CA PHE K 62 105.76 -8.18 -22.29
C PHE K 62 104.91 -6.93 -22.34
N MET K 63 105.06 -6.03 -21.36
CA MET K 63 104.32 -4.76 -21.38
C MET K 63 104.77 -3.89 -22.54
N SER K 64 106.09 -3.82 -22.77
CA SER K 64 106.63 -3.07 -23.89
C SER K 64 106.17 -3.65 -25.22
N PHE K 65 106.14 -4.98 -25.33
CA PHE K 65 105.66 -5.62 -26.57
C PHE K 65 104.17 -5.38 -26.79
N VAL K 66 103.34 -5.47 -25.74
CA VAL K 66 101.91 -5.20 -25.85
C VAL K 66 101.65 -3.76 -26.27
N LEU K 67 102.39 -2.81 -25.68
CA LEU K 67 102.23 -1.41 -26.01
C LEU K 67 102.66 -1.12 -27.44
N MET K 68 103.73 -1.77 -27.92
CA MET K 68 104.19 -1.51 -29.29
C MET K 68 103.27 -2.14 -30.33
N ILE K 69 102.78 -3.37 -30.09
CA ILE K 69 101.78 -4.00 -30.95
C ILE K 69 100.50 -3.16 -30.99
N SER K 70 100.09 -2.64 -29.84
CA SER K 70 98.87 -1.86 -29.76
C SER K 70 99.02 -0.51 -30.45
N SER K 71 100.20 0.11 -30.36
CA SER K 71 100.46 1.36 -31.05
C SER K 71 100.47 1.18 -32.56
N LEU K 72 101.05 0.07 -33.04
CA LEU K 72 101.03 -0.21 -34.47
C LEU K 72 99.63 -0.54 -34.96
N VAL K 73 98.81 -1.20 -34.13
CA VAL K 73 97.42 -1.46 -34.46
C VAL K 73 96.61 -0.16 -34.51
N ILE K 74 96.90 0.78 -33.60
CA ILE K 74 96.21 2.07 -33.60
C ILE K 74 96.59 2.91 -34.82
N PHE K 75 97.89 2.91 -35.18
CA PHE K 75 98.33 3.61 -36.39
C PHE K 75 97.80 2.96 -37.66
N TYR K 76 97.58 1.65 -37.62
CA TYR K 76 96.84 0.96 -38.69
C TYR K 76 95.39 1.43 -38.75
N SER K 77 94.76 1.55 -37.58
CA SER K 77 93.34 1.90 -37.48
C SER K 77 93.07 3.32 -37.93
N LYS K 78 94.09 4.19 -37.86
CA LYS K 78 94.00 5.58 -38.32
C LYS K 78 93.50 5.72 -39.75
N GLU K 79 93.93 4.82 -40.64
CA GLU K 79 93.43 4.84 -42.00
C GLU K 79 92.51 3.66 -42.31
N TYR K 80 92.54 2.60 -41.48
CA TYR K 80 91.57 1.52 -41.65
C TYR K 80 90.14 1.97 -41.35
N MET K 81 89.95 2.83 -40.34
CA MET K 81 88.62 3.36 -40.04
C MET K 81 88.45 4.77 -40.61
N MET K 82 88.48 4.86 -41.94
CA MET K 82 88.15 6.13 -42.58
C MET K 82 86.67 6.23 -42.92
N ASN K 83 86.06 5.11 -43.33
CA ASN K 83 84.63 5.09 -43.60
C ASN K 83 83.79 4.85 -42.35
N ASP K 84 84.42 4.59 -41.21
CA ASP K 84 83.70 4.39 -39.96
C ASP K 84 83.23 5.73 -39.40
N ASN K 85 82.32 5.66 -38.43
CA ASN K 85 81.73 6.84 -37.83
C ASN K 85 81.97 6.95 -36.33
N HIS K 86 82.44 5.89 -35.68
CA HIS K 86 82.59 5.85 -34.23
C HIS K 86 84.03 5.61 -33.83
N ILE K 87 84.96 6.16 -34.60
CA ILE K 87 86.38 6.03 -34.29
C ILE K 87 86.68 6.58 -32.90
N ASN K 88 85.98 7.65 -32.48
CA ASN K 88 86.20 8.27 -31.18
C ASN K 88 85.73 7.40 -30.02
N ARG K 89 84.91 6.36 -30.26
CA ARG K 89 84.71 5.36 -29.24
C ARG K 89 85.62 4.15 -29.43
N PHE K 90 86.05 3.90 -30.67
CA PHE K 90 86.84 2.70 -30.95
C PHE K 90 88.24 2.82 -30.37
N ILE K 91 88.85 4.01 -30.48
CA ILE K 91 90.21 4.24 -29.98
C ILE K 91 90.22 4.18 -28.46
N MET K 92 89.22 4.76 -27.80
CA MET K 92 89.15 4.73 -26.35
C MET K 92 88.89 3.32 -25.83
N LEU K 93 88.05 2.54 -26.53
CA LEU K 93 87.82 1.15 -26.14
C LEU K 93 89.07 0.31 -26.29
N VAL K 94 89.83 0.51 -27.38
CA VAL K 94 91.07 -0.24 -27.59
C VAL K 94 92.14 0.15 -26.56
N LEU K 95 92.27 1.45 -26.25
CA LEU K 95 93.23 1.90 -25.26
C LEU K 95 92.90 1.39 -23.87
N MET K 96 91.61 1.35 -23.52
CA MET K 96 91.15 0.79 -22.27
C MET K 96 91.39 -0.72 -22.19
N PHE K 97 91.21 -1.42 -23.31
CA PHE K 97 91.51 -2.86 -23.40
C PHE K 97 92.98 -3.13 -23.12
N VAL K 98 93.86 -2.29 -23.68
CA VAL K 98 95.29 -2.44 -23.46
C VAL K 98 95.65 -2.09 -22.01
N LEU K 99 94.99 -1.08 -21.43
CA LEU K 99 95.20 -0.71 -20.04
C LEU K 99 94.79 -1.83 -19.08
N SER K 100 93.67 -2.50 -19.37
CA SER K 100 93.28 -3.67 -18.60
C SER K 100 94.27 -4.82 -18.78
N MET K 101 94.89 -4.92 -19.96
CA MET K 101 95.92 -5.94 -20.14
C MET K 101 97.16 -5.67 -19.31
N MET K 102 97.63 -4.41 -19.23
CA MET K 102 98.73 -4.11 -18.30
C MET K 102 98.33 -4.34 -16.84
N LEU K 103 97.08 -4.06 -16.48
CA LEU K 103 96.61 -4.34 -15.12
C LEU K 103 96.58 -5.84 -14.84
N LEU K 104 96.46 -6.67 -15.88
CA LEU K 104 96.59 -8.11 -15.68
C LEU K 104 98.05 -8.55 -15.62
N ILE K 105 98.93 -7.95 -16.43
CA ILE K 105 100.33 -8.42 -16.50
C ILE K 105 101.10 -8.09 -15.23
N ILE K 106 101.04 -6.84 -14.77
CA ILE K 106 101.90 -6.42 -13.62
C ILE K 106 101.36 -6.92 -12.27
N SER K 107 100.25 -7.66 -12.23
CA SER K 107 99.64 -8.12 -10.99
C SER K 107 100.05 -9.54 -10.62
N PRO K 108 100.66 -9.77 -9.45
CA PRO K 108 100.79 -11.15 -8.96
C PRO K 108 99.66 -11.57 -8.03
N ASN K 109 98.88 -10.61 -7.52
CA ASN K 109 97.77 -10.91 -6.64
C ASN K 109 96.64 -11.53 -7.44
N LEU K 110 95.99 -12.56 -6.87
CA LEU K 110 94.87 -13.19 -7.56
C LEU K 110 93.66 -12.27 -7.68
N ILE K 111 93.45 -11.37 -6.71
CA ILE K 111 92.36 -10.40 -6.79
C ILE K 111 92.61 -9.37 -7.89
N SER K 112 93.85 -8.94 -8.04
CA SER K 112 94.19 -8.00 -9.11
C SER K 112 94.27 -8.65 -10.48
N ILE K 113 94.64 -9.93 -10.56
CA ILE K 113 94.49 -10.68 -11.80
C ILE K 113 93.02 -10.85 -12.14
N LEU K 114 92.14 -11.00 -11.13
CA LEU K 114 90.71 -10.99 -11.36
C LEU K 114 90.21 -9.63 -11.87
N LEU K 115 90.81 -8.55 -11.38
CA LEU K 115 90.52 -7.20 -11.90
C LEU K 115 90.87 -7.08 -13.38
N GLY K 116 92.11 -7.43 -13.74
CA GLY K 116 92.51 -7.39 -15.13
C GLY K 116 91.77 -8.39 -16.00
N TRP K 117 91.39 -9.52 -15.41
CA TRP K 117 90.62 -10.57 -16.06
C TRP K 117 89.23 -10.09 -16.47
N ASP K 118 88.51 -9.49 -15.51
CA ASP K 118 87.19 -8.93 -15.77
C ASP K 118 87.27 -7.76 -16.74
N GLY K 119 88.32 -6.95 -16.63
CA GLY K 119 88.50 -5.85 -17.57
C GLY K 119 88.73 -6.31 -19.00
N LEU K 120 89.59 -7.32 -19.18
CA LEU K 120 89.85 -7.91 -20.49
C LEU K 120 88.58 -8.52 -21.07
N GLY K 121 87.83 -9.27 -20.26
CA GLY K 121 86.61 -9.90 -20.74
C GLY K 121 85.54 -8.91 -21.14
N LEU K 122 85.33 -7.87 -20.34
CA LEU K 122 84.27 -6.90 -20.61
C LEU K 122 84.60 -6.02 -21.81
N VAL K 123 85.85 -5.51 -21.89
CA VAL K 123 86.17 -4.66 -23.03
C VAL K 123 86.37 -5.49 -24.31
N SER K 124 86.76 -6.76 -24.19
CA SER K 124 86.81 -7.63 -25.37
C SER K 124 85.42 -7.93 -25.90
N TYR K 125 84.44 -8.15 -25.00
CA TYR K 125 83.06 -8.33 -25.40
C TYR K 125 82.51 -7.07 -26.08
N CYS K 126 82.81 -5.90 -25.52
CA CYS K 126 82.34 -4.64 -26.10
C CYS K 126 82.96 -4.39 -27.48
N LEU K 127 84.25 -4.67 -27.63
CA LEU K 127 84.89 -4.45 -28.93
C LEU K 127 84.51 -5.52 -29.95
N VAL K 128 84.06 -6.69 -29.50
CA VAL K 128 83.46 -7.63 -30.45
C VAL K 128 82.10 -7.13 -30.91
N ILE K 129 81.27 -6.62 -29.99
CA ILE K 129 79.92 -6.17 -30.36
C ILE K 129 79.90 -4.72 -30.85
N TYR K 130 81.09 -4.15 -31.10
CA TYR K 130 81.21 -2.84 -31.73
C TYR K 130 80.47 -2.73 -33.07
N PHE K 131 80.52 -3.77 -33.89
CA PHE K 131 79.70 -3.79 -35.10
C PHE K 131 78.26 -4.17 -34.76
N GLN K 132 77.31 -3.55 -35.46
CA GLN K 132 75.90 -3.60 -35.08
C GLN K 132 75.14 -4.60 -35.95
N ASN K 133 75.34 -5.88 -35.65
CA ASN K 133 74.54 -6.95 -36.26
C ASN K 133 74.48 -8.15 -35.33
N ILE K 134 73.59 -9.09 -35.69
CA ILE K 134 73.31 -10.22 -34.82
C ILE K 134 74.45 -11.23 -34.82
N LYS K 135 75.30 -11.22 -35.86
CA LYS K 135 76.51 -12.05 -35.84
C LYS K 135 77.49 -11.57 -34.77
N SER K 136 77.68 -10.25 -34.66
CA SER K 136 78.51 -9.69 -33.61
C SER K 136 77.87 -9.86 -32.24
N TYR K 137 76.53 -9.82 -32.18
CA TYR K 137 75.80 -10.15 -30.95
C TYR K 137 76.14 -11.55 -30.45
N ASN K 138 76.00 -12.55 -31.32
CA ASN K 138 76.26 -13.94 -30.94
C ASN K 138 77.73 -14.16 -30.61
N ALA K 139 78.62 -13.49 -31.35
CA ALA K 139 80.05 -13.58 -31.07
C ALA K 139 80.39 -12.97 -29.71
N GLY K 140 79.79 -11.84 -29.37
CA GLY K 140 80.03 -11.23 -28.07
C GLY K 140 79.48 -12.05 -26.92
N MET K 141 78.32 -12.67 -27.13
CA MET K 141 77.74 -13.54 -26.10
C MET K 141 78.61 -14.77 -25.86
N LEU K 142 79.15 -15.35 -26.93
CA LEU K 142 80.05 -16.51 -26.82
C LEU K 142 81.37 -16.13 -26.14
N THR K 143 82.01 -15.05 -26.59
CA THR K 143 83.27 -14.61 -26.00
C THR K 143 83.10 -13.98 -24.62
N ALA K 144 81.87 -13.68 -24.21
CA ALA K 144 81.65 -13.20 -22.86
C ALA K 144 81.42 -14.35 -21.89
N LEU K 145 80.69 -15.39 -22.32
CA LEU K 145 80.48 -16.54 -21.43
C LEU K 145 81.73 -17.40 -21.28
N SER K 146 82.53 -17.51 -22.36
CA SER K 146 83.76 -18.29 -22.30
C SER K 146 84.83 -17.65 -21.41
N ASN K 147 84.70 -16.35 -21.13
CA ASN K 147 85.54 -15.69 -20.14
C ASN K 147 84.86 -15.53 -18.79
N ARG K 148 83.52 -15.59 -18.73
CA ARG K 148 82.82 -15.60 -17.45
C ARG K 148 83.09 -16.89 -16.68
N ILE K 149 83.29 -18.00 -17.38
CA ILE K 149 83.71 -19.22 -16.70
C ILE K 149 85.14 -19.07 -16.15
N GLY K 150 85.97 -18.29 -16.82
CA GLY K 150 87.25 -17.90 -16.23
C GLY K 150 87.11 -17.02 -15.01
N ASP K 151 86.12 -16.12 -15.02
CA ASP K 151 85.83 -15.27 -13.86
C ASP K 151 85.42 -16.10 -12.65
N VAL K 152 84.53 -17.08 -12.86
CA VAL K 152 84.10 -17.89 -11.73
C VAL K 152 85.20 -18.86 -11.29
N ALA K 153 86.12 -19.21 -12.19
CA ALA K 153 87.25 -20.05 -11.77
C ALA K 153 88.27 -19.27 -10.96
N LEU K 154 88.52 -17.99 -11.30
CA LEU K 154 89.29 -17.14 -10.38
C LEU K 154 88.58 -16.90 -9.05
N LEU K 155 87.25 -16.81 -9.06
CA LEU K 155 86.50 -16.65 -7.81
C LEU K 155 86.67 -17.87 -6.89
N LEU K 156 86.58 -19.08 -7.46
CA LEU K 156 86.80 -20.28 -6.67
C LEU K 156 88.27 -20.46 -6.29
N SER K 157 89.20 -19.99 -7.13
CA SER K 157 90.62 -20.05 -6.80
C SER K 157 90.96 -19.12 -5.64
N ILE K 158 90.34 -17.93 -5.59
CA ILE K 158 90.46 -17.05 -4.45
C ILE K 158 89.83 -17.68 -3.20
N ALA K 159 88.68 -18.35 -3.39
CA ALA K 159 88.00 -19.03 -2.29
C ALA K 159 88.81 -20.19 -1.73
N TRP K 160 89.68 -20.79 -2.53
CA TRP K 160 90.58 -21.83 -2.01
C TRP K 160 91.97 -21.32 -1.63
N MET K 161 92.35 -20.11 -2.06
CA MET K 161 93.53 -19.43 -1.53
C MET K 161 93.23 -18.75 -0.19
N LEU K 162 91.97 -18.77 0.22
CA LEU K 162 91.57 -18.44 1.59
C LEU K 162 92.33 -19.25 2.66
N ASN K 163 92.72 -20.49 2.34
CA ASN K 163 93.47 -21.33 3.27
C ASN K 163 94.82 -20.72 3.61
N TYR K 164 95.56 -20.24 2.60
CA TYR K 164 96.89 -19.72 2.84
C TYR K 164 96.91 -18.20 3.00
N GLY K 165 95.77 -17.54 2.84
CA GLY K 165 95.65 -16.17 3.27
C GLY K 165 96.02 -15.11 2.25
N SER K 166 97.31 -14.93 2.01
CA SER K 166 97.74 -14.04 0.96
C SER K 166 97.49 -14.71 -0.39
N TRP K 167 96.84 -13.98 -1.30
CA TRP K 167 96.59 -14.51 -2.63
C TRP K 167 97.76 -14.29 -3.57
N ASN K 168 98.87 -13.74 -3.08
CA ASN K 168 100.12 -13.66 -3.81
C ASN K 168 100.71 -15.07 -3.89
N TYR K 169 100.42 -15.79 -4.98
CA TYR K 169 100.69 -17.22 -5.03
C TYR K 169 102.17 -17.55 -5.22
N ILE K 170 102.97 -16.60 -5.71
CA ILE K 170 104.35 -16.87 -6.09
C ILE K 170 105.26 -17.16 -4.90
N PHE K 171 104.87 -16.72 -3.71
CA PHE K 171 105.66 -17.00 -2.51
C PHE K 171 105.27 -18.32 -1.86
N TYR K 172 104.22 -18.97 -2.36
CA TYR K 172 103.76 -20.25 -1.82
C TYR K 172 103.81 -21.38 -2.83
N LEU K 173 104.13 -21.09 -4.10
CA LEU K 173 104.25 -22.11 -5.15
C LEU K 173 105.28 -23.18 -4.80
N GLU K 174 106.54 -22.77 -4.66
CA GLU K 174 107.65 -23.70 -4.44
C GLU K 174 107.60 -24.33 -3.06
N ILE K 175 106.88 -23.73 -2.11
CA ILE K 175 106.71 -24.35 -0.81
C ILE K 175 105.61 -25.39 -0.86
N MET K 176 104.38 -24.97 -1.13
CA MET K 176 103.22 -25.87 -1.12
C MET K 176 102.85 -26.33 -2.52
N GLN K 177 103.81 -26.79 -3.32
CA GLN K 177 103.46 -27.52 -4.53
C GLN K 177 102.84 -28.89 -4.27
N ASN K 178 103.02 -29.46 -3.08
CA ASN K 178 102.59 -30.82 -2.79
C ASN K 178 101.28 -30.90 -2.00
N GLU K 179 100.60 -29.78 -1.76
CA GLU K 179 99.41 -29.78 -0.93
C GLU K 179 98.14 -29.92 -1.77
N PHE K 180 97.13 -30.57 -1.18
CA PHE K 180 95.85 -30.78 -1.86
C PHE K 180 95.10 -29.47 -2.07
N GLU K 181 95.19 -28.56 -1.10
CA GLU K 181 94.50 -27.28 -1.22
C GLU K 181 95.08 -26.45 -2.35
N MET K 182 96.41 -26.42 -2.46
CA MET K 182 97.05 -25.71 -3.56
C MET K 182 96.88 -26.44 -4.88
N LEU K 183 96.70 -27.77 -4.85
CA LEU K 183 96.35 -28.49 -6.08
C LEU K 183 94.95 -28.12 -6.56
N MET K 184 94.01 -27.92 -5.63
CA MET K 184 92.69 -27.40 -5.97
C MET K 184 92.77 -26.00 -6.56
N ILE K 185 93.60 -25.14 -5.96
CA ILE K 185 93.86 -23.80 -6.48
C ILE K 185 94.42 -23.86 -7.90
N GLY K 186 95.40 -24.75 -8.11
CA GLY K 186 96.03 -24.88 -9.41
C GLY K 186 95.10 -25.43 -10.46
N SER K 187 94.22 -26.38 -10.08
CA SER K 187 93.23 -26.91 -11.01
C SER K 187 92.21 -25.85 -11.41
N LEU K 188 91.76 -25.03 -10.45
CA LEU K 188 90.82 -23.97 -10.78
C LEU K 188 91.44 -22.89 -11.66
N VAL K 189 92.70 -22.51 -11.38
CA VAL K 189 93.30 -21.44 -12.18
C VAL K 189 93.76 -21.99 -13.53
N MET K 190 94.03 -23.29 -13.61
CA MET K 190 94.34 -23.93 -14.88
C MET K 190 93.09 -24.04 -15.75
N LEU K 191 91.92 -24.32 -15.16
CA LEU K 191 90.66 -24.26 -15.88
C LEU K 191 90.36 -22.83 -16.35
N ALA K 192 90.72 -21.84 -15.51
CA ALA K 192 90.53 -20.43 -15.87
C ALA K 192 91.35 -20.04 -17.09
N ALA K 193 92.64 -20.39 -17.09
CA ALA K 193 93.47 -20.14 -18.25
C ALA K 193 93.05 -20.98 -19.45
N MET K 194 92.53 -22.18 -19.19
CA MET K 194 92.06 -23.10 -20.21
C MET K 194 90.84 -22.57 -20.95
N THR K 195 89.98 -21.80 -20.28
CA THR K 195 88.84 -21.23 -20.97
C THR K 195 89.06 -19.77 -21.40
N LYS K 196 90.05 -19.08 -20.84
CA LYS K 196 90.39 -17.74 -21.32
C LYS K 196 91.23 -17.82 -22.59
N SER K 197 92.10 -18.82 -22.67
CA SER K 197 92.84 -19.09 -23.88
C SER K 197 92.47 -20.48 -24.37
N ALA K 198 91.94 -20.54 -25.59
CA ALA K 198 91.08 -21.65 -25.99
C ALA K 198 91.85 -22.95 -26.17
N GLN K 199 91.21 -24.04 -25.76
CA GLN K 199 91.76 -25.38 -25.76
C GLN K 199 90.69 -26.28 -26.39
N ILE K 200 90.82 -27.60 -26.20
CA ILE K 200 89.82 -28.53 -26.73
C ILE K 200 88.45 -28.33 -26.09
N PRO K 201 88.31 -28.16 -24.77
CA PRO K 201 87.10 -27.47 -24.32
C PRO K 201 87.24 -25.97 -24.54
N PHE K 202 86.12 -25.35 -24.88
CA PHE K 202 85.88 -23.91 -25.01
C PHE K 202 86.67 -23.27 -26.15
N SER K 203 86.58 -23.79 -27.37
CA SER K 203 87.29 -23.17 -28.49
C SER K 203 86.35 -22.44 -29.42
N SER K 204 85.06 -22.42 -29.10
CA SER K 204 84.08 -21.87 -30.03
C SER K 204 84.15 -20.34 -30.09
N TRP K 205 84.64 -19.72 -29.03
CA TRP K 205 84.62 -18.27 -28.92
C TRP K 205 85.67 -17.61 -29.80
N LEU K 206 86.76 -18.33 -30.11
CA LEU K 206 87.83 -17.70 -30.87
C LEU K 206 87.50 -17.47 -32.34
N PRO K 207 86.92 -18.39 -33.13
CA PRO K 207 86.50 -18.01 -34.48
C PRO K 207 85.25 -17.14 -34.52
N ALA K 208 84.56 -16.98 -33.39
CA ALA K 208 83.40 -16.07 -33.35
C ALA K 208 83.81 -14.63 -33.56
N ALA K 209 85.00 -14.24 -33.10
CA ALA K 209 85.46 -12.86 -33.06
C ALA K 209 85.85 -12.29 -34.45
N MET K 210 85.49 -12.96 -35.54
CA MET K 210 85.66 -12.40 -36.87
C MET K 210 84.69 -11.28 -37.15
N ALA K 211 83.55 -11.26 -36.45
CA ALA K 211 82.59 -10.18 -36.58
C ALA K 211 83.05 -8.89 -35.90
N ALA K 212 84.06 -8.98 -35.05
CA ALA K 212 84.76 -7.79 -34.59
C ALA K 212 85.54 -7.18 -35.76
N PRO K 213 85.77 -5.87 -35.74
CA PRO K 213 86.66 -5.26 -36.74
C PRO K 213 88.09 -5.74 -36.58
N THR K 214 88.79 -5.81 -37.71
CA THR K 214 90.08 -6.49 -37.86
C THR K 214 91.23 -5.95 -36.99
N PRO K 215 91.45 -4.63 -36.78
CA PRO K 215 92.54 -4.24 -35.84
C PRO K 215 92.32 -4.65 -34.39
N VAL K 216 91.09 -4.55 -33.88
CA VAL K 216 90.90 -5.03 -32.52
C VAL K 216 90.81 -6.55 -32.50
N SER K 217 90.45 -7.19 -33.62
CA SER K 217 90.57 -8.64 -33.72
C SER K 217 92.03 -9.08 -33.70
N ALA K 218 92.91 -8.28 -34.32
CA ALA K 218 94.35 -8.50 -34.24
C ALA K 218 94.86 -8.40 -32.81
N LEU K 219 94.40 -7.37 -32.08
CA LEU K 219 94.79 -7.24 -30.68
C LEU K 219 94.19 -8.34 -29.80
N VAL K 220 92.99 -8.80 -30.12
CA VAL K 220 92.39 -9.91 -29.37
C VAL K 220 93.16 -11.20 -29.62
N HIS K 221 93.60 -11.42 -30.86
CA HIS K 221 94.18 -12.73 -31.17
C HIS K 221 95.69 -12.74 -31.04
N SER K 222 96.32 -11.59 -30.80
CA SER K 222 97.75 -11.53 -30.54
C SER K 222 98.04 -10.49 -29.46
N SER K 223 98.83 -10.91 -28.46
CA SER K 223 99.43 -10.14 -27.37
C SER K 223 98.45 -9.67 -26.29
N THR K 224 97.14 -9.84 -26.49
CA THR K 224 96.17 -9.41 -25.49
C THR K 224 95.07 -10.47 -25.45
N LEU K 225 94.41 -10.62 -24.29
CA LEU K 225 93.29 -11.54 -24.02
C LEU K 225 93.64 -13.02 -24.19
N VAL K 226 93.95 -13.40 -25.43
CA VAL K 226 94.34 -14.77 -25.75
C VAL K 226 95.64 -15.16 -25.07
N THR K 227 96.56 -14.20 -24.90
CA THR K 227 97.87 -14.53 -24.34
C THR K 227 97.85 -14.49 -22.81
N ALA K 228 96.74 -14.04 -22.22
CA ALA K 228 96.61 -13.90 -20.77
C ALA K 228 96.65 -15.25 -20.07
N GLY K 229 95.99 -16.25 -20.63
CA GLY K 229 96.02 -17.60 -20.10
C GLY K 229 97.39 -18.24 -20.14
N VAL K 230 98.12 -17.99 -21.24
CA VAL K 230 99.49 -18.49 -21.37
C VAL K 230 100.40 -17.83 -20.34
N TYR K 231 100.25 -16.52 -20.14
CA TYR K 231 101.05 -15.80 -19.14
C TYR K 231 100.75 -16.28 -17.72
N LEU K 232 99.46 -16.52 -17.44
CA LEU K 232 99.05 -17.02 -16.13
C LEU K 232 99.58 -18.43 -15.88
N LEU K 233 99.62 -19.27 -16.91
CA LEU K 233 100.16 -20.61 -16.73
C LEU K 233 101.69 -20.60 -16.63
N ILE K 234 102.34 -19.61 -17.25
CA ILE K 234 103.77 -19.37 -16.98
C ILE K 234 103.98 -19.00 -15.51
N ARG K 235 103.06 -18.20 -14.96
CA ARG K 235 103.13 -17.89 -13.53
C ARG K 235 102.86 -19.12 -12.66
N PHE K 236 101.97 -20.01 -13.08
CA PHE K 236 101.60 -21.19 -12.29
C PHE K 236 102.34 -22.47 -12.72
N ASN K 237 103.46 -22.33 -13.45
CA ASN K 237 104.27 -23.46 -13.88
C ASN K 237 104.82 -24.31 -12.75
N ILE K 238 104.95 -23.79 -11.52
CA ILE K 238 105.44 -24.61 -10.42
C ILE K 238 104.40 -25.67 -10.02
N ILE K 239 103.13 -25.30 -10.01
CA ILE K 239 102.07 -26.29 -9.82
C ILE K 239 101.95 -27.19 -11.04
N LEU K 240 102.01 -26.61 -12.24
CA LEU K 240 101.79 -27.40 -13.46
C LEU K 240 102.95 -28.35 -13.78
N SER K 241 104.12 -28.14 -13.17
CA SER K 241 105.20 -29.10 -13.33
C SER K 241 104.97 -30.31 -12.43
N THR K 242 105.41 -31.49 -12.92
CA THR K 242 105.26 -32.84 -12.34
C THR K 242 103.91 -33.07 -11.66
N SER K 243 102.82 -32.91 -12.41
CA SER K 243 101.48 -33.06 -11.85
C SER K 243 100.54 -33.66 -12.89
N TRP K 244 99.42 -34.18 -12.39
CA TRP K 244 98.35 -34.70 -13.25
C TRP K 244 97.70 -33.54 -14.01
N LEU K 245 97.69 -32.35 -13.40
CA LEU K 245 97.28 -31.13 -14.09
C LEU K 245 98.17 -30.83 -15.29
N GLY K 246 99.49 -30.98 -15.12
CA GLY K 246 100.40 -30.78 -16.23
C GLY K 246 100.27 -31.83 -17.31
N GLN K 247 100.02 -33.08 -16.92
CA GLN K 247 99.80 -34.16 -17.88
C GLN K 247 98.53 -33.93 -18.70
N LEU K 248 97.43 -33.60 -18.02
CA LEU K 248 96.17 -33.32 -18.70
C LEU K 248 96.25 -32.08 -19.58
N MET K 249 96.94 -31.04 -19.10
CA MET K 249 97.10 -29.82 -19.88
C MET K 249 97.98 -30.05 -21.09
N LEU K 250 99.00 -30.91 -20.96
CA LEU K 250 99.87 -31.27 -22.08
C LEU K 250 99.09 -32.02 -23.15
N LEU K 251 98.25 -32.97 -22.74
CA LEU K 251 97.43 -33.70 -23.70
C LEU K 251 96.43 -32.79 -24.40
N LEU K 252 95.75 -31.92 -23.65
CA LEU K 252 94.77 -31.03 -24.26
C LEU K 252 95.41 -29.95 -25.13
N SER K 253 96.64 -29.54 -24.80
CA SER K 253 97.36 -28.57 -25.62
C SER K 253 97.85 -29.19 -26.93
N GLY K 254 98.39 -30.41 -26.89
CA GLY K 254 98.73 -31.10 -28.13
C GLY K 254 97.52 -31.46 -28.96
N LEU K 255 96.39 -31.76 -28.29
CA LEU K 255 95.16 -32.07 -29.02
C LEU K 255 94.60 -30.83 -29.68
N THR K 256 94.72 -29.65 -29.05
CA THR K 256 94.27 -28.46 -29.75
C THR K 256 95.26 -28.03 -30.84
N MET K 257 96.55 -28.42 -30.75
CA MET K 257 97.44 -28.28 -31.90
C MET K 257 96.97 -29.08 -33.10
N PHE K 258 96.63 -30.36 -32.87
CA PHE K 258 96.17 -31.23 -33.96
C PHE K 258 94.84 -30.74 -34.53
N MET K 259 93.93 -30.32 -33.64
CA MET K 259 92.66 -29.72 -34.00
C MET K 259 92.84 -28.47 -34.86
N ALA K 260 93.77 -27.58 -34.45
CA ALA K 260 93.96 -26.33 -35.16
C ALA K 260 94.61 -26.55 -36.53
N GLY K 261 95.55 -27.49 -36.61
CA GLY K 261 96.17 -27.81 -37.90
C GLY K 261 95.17 -28.38 -38.90
N LEU K 262 94.36 -29.34 -38.46
CA LEU K 262 93.35 -29.92 -39.35
C LEU K 262 92.25 -28.92 -39.70
N GLY K 263 91.84 -28.11 -38.73
CA GLY K 263 90.80 -27.12 -38.97
C GLY K 263 91.24 -26.01 -39.89
N ALA K 264 92.48 -25.55 -39.77
CA ALA K 264 92.97 -24.54 -40.69
C ALA K 264 93.33 -25.12 -42.05
N ASN K 265 93.62 -26.42 -42.13
CA ASN K 265 93.79 -27.03 -43.44
C ASN K 265 92.45 -27.19 -44.16
N PHE K 266 91.36 -27.32 -43.41
CA PHE K 266 90.04 -27.45 -44.03
C PHE K 266 89.20 -26.18 -44.00
N GLU K 267 89.68 -25.10 -43.42
CA GLU K 267 88.92 -23.86 -43.33
C GLU K 267 89.02 -23.07 -44.62
N PHE K 268 87.91 -22.45 -45.02
CA PHE K 268 87.85 -21.67 -46.25
C PHE K 268 87.66 -20.18 -45.99
N ASP K 269 87.95 -19.70 -44.78
CA ASP K 269 87.88 -18.29 -44.43
C ASP K 269 89.26 -17.82 -43.99
N LEU K 270 89.64 -16.62 -44.46
CA LEU K 270 90.98 -16.08 -44.22
C LEU K 270 91.25 -15.84 -42.74
N LYS K 271 90.41 -15.04 -42.11
CA LYS K 271 90.64 -14.66 -40.72
C LYS K 271 90.35 -15.82 -39.77
N LYS K 272 89.49 -16.77 -40.18
CA LYS K 272 89.30 -17.98 -39.39
C LYS K 272 90.50 -18.92 -39.48
N ILE K 273 91.18 -18.96 -40.63
CA ILE K 273 92.44 -19.69 -40.76
C ILE K 273 93.50 -19.08 -39.83
N ILE K 274 93.56 -17.75 -39.78
CA ILE K 274 94.55 -17.10 -38.91
C ILE K 274 94.19 -17.26 -37.42
N ALA K 275 92.90 -17.31 -37.08
CA ALA K 275 92.52 -17.63 -35.70
C ALA K 275 92.82 -19.08 -35.33
N LEU K 276 92.71 -19.99 -36.30
CA LEU K 276 93.15 -21.36 -36.07
C LEU K 276 94.66 -21.45 -35.94
N SER K 277 95.40 -20.58 -36.63
CA SER K 277 96.84 -20.52 -36.44
C SER K 277 97.19 -20.02 -35.04
N THR K 278 96.39 -19.07 -34.54
CA THR K 278 96.52 -18.63 -33.15
C THR K 278 96.29 -19.79 -32.18
N LEU K 279 95.26 -20.61 -32.44
CA LEU K 279 95.01 -21.82 -31.63
C LEU K 279 96.18 -22.80 -31.66
N SER K 280 96.79 -22.99 -32.84
CA SER K 280 97.95 -23.90 -32.95
C SER K 280 99.15 -23.38 -32.15
N GLN K 281 99.38 -22.07 -32.20
CA GLN K 281 100.48 -21.51 -31.42
C GLN K 281 100.19 -21.54 -29.92
N LEU K 282 98.93 -21.37 -29.51
CA LEU K 282 98.53 -21.55 -28.11
C LEU K 282 98.79 -22.97 -27.64
N GLY K 283 98.49 -23.95 -28.49
CA GLY K 283 98.81 -25.32 -28.16
C GLY K 283 100.30 -25.56 -28.00
N LEU K 284 101.12 -24.92 -28.87
CA LEU K 284 102.57 -25.03 -28.75
C LEU K 284 103.09 -24.44 -27.43
N MET K 285 102.63 -23.25 -27.06
CA MET K 285 103.10 -22.63 -25.82
C MET K 285 102.60 -23.34 -24.58
N MET K 286 101.34 -23.79 -24.58
CA MET K 286 100.86 -24.50 -23.39
C MET K 286 101.45 -25.88 -23.25
N SER K 287 101.82 -26.53 -24.36
CA SER K 287 102.50 -27.81 -24.20
C SER K 287 103.95 -27.63 -23.78
N ILE K 288 104.63 -26.56 -24.21
CA ILE K 288 106.02 -26.41 -23.76
C ILE K 288 106.06 -25.92 -22.30
N LEU K 289 105.07 -25.16 -21.84
CA LEU K 289 105.03 -24.90 -20.40
C LEU K 289 104.53 -26.12 -19.61
N SER K 290 103.80 -27.02 -20.24
CA SER K 290 103.46 -28.27 -19.56
C SER K 290 104.66 -29.19 -19.44
N MET K 291 105.61 -29.09 -20.39
CA MET K 291 106.96 -29.62 -20.12
C MET K 291 107.61 -28.89 -18.95
N GLY K 292 107.45 -27.57 -18.90
CA GLY K 292 107.94 -26.82 -17.76
C GLY K 292 108.99 -25.77 -18.08
N PHE K 293 108.89 -25.15 -19.25
CA PHE K 293 109.91 -24.22 -19.72
C PHE K 293 109.31 -22.83 -19.91
N LEU K 294 109.42 -22.02 -18.85
CA LEU K 294 108.87 -20.67 -18.82
C LEU K 294 109.51 -19.77 -19.86
N LYS K 295 110.84 -19.87 -20.02
CA LYS K 295 111.55 -19.00 -20.95
C LYS K 295 111.23 -19.34 -22.40
N LEU K 296 111.10 -20.64 -22.71
CA LEU K 296 110.67 -21.06 -24.05
C LEU K 296 109.25 -20.60 -24.36
N ALA K 297 108.34 -20.73 -23.38
CA ALA K 297 106.97 -20.27 -23.57
C ALA K 297 106.90 -18.76 -23.75
N MET K 298 107.70 -18.01 -22.99
CA MET K 298 107.70 -16.55 -23.10
C MET K 298 108.31 -16.08 -24.42
N PHE K 299 109.38 -16.74 -24.87
CA PHE K 299 110.01 -16.40 -26.14
C PHE K 299 109.08 -16.65 -27.32
N HIS K 300 108.40 -17.81 -27.32
CA HIS K 300 107.43 -18.08 -28.38
C HIS K 300 106.21 -17.19 -28.26
N LEU K 301 105.86 -16.75 -27.04
CA LEU K 301 104.75 -15.82 -26.84
C LEU K 301 105.00 -14.48 -27.51
N LEU K 302 106.18 -13.90 -27.24
CA LEU K 302 106.56 -12.63 -27.84
C LEU K 302 106.69 -12.74 -29.36
N THR K 303 107.27 -13.84 -29.84
CA THR K 303 107.43 -14.08 -31.27
C THR K 303 106.08 -14.23 -31.99
N HIS K 304 105.17 -15.02 -31.40
CA HIS K 304 103.84 -15.23 -31.97
C HIS K 304 103.04 -13.94 -31.99
N ALA K 305 103.16 -13.11 -30.94
CA ALA K 305 102.48 -11.82 -30.91
C ALA K 305 102.92 -10.93 -32.06
N LEU K 306 104.25 -10.89 -32.31
CA LEU K 306 104.79 -10.12 -33.43
C LEU K 306 104.26 -10.60 -34.78
N PHE K 307 104.48 -11.88 -35.13
CA PHE K 307 104.14 -12.29 -36.49
C PHE K 307 102.63 -12.45 -36.68
N LYS K 308 101.87 -12.56 -35.59
CA LYS K 308 100.44 -12.80 -35.76
C LYS K 308 99.68 -11.49 -35.85
N ALA K 309 100.18 -10.44 -35.16
CA ALA K 309 99.68 -9.10 -35.46
C ALA K 309 100.04 -8.68 -36.88
N LEU K 310 101.22 -9.12 -37.37
CA LEU K 310 101.60 -8.84 -38.76
C LEU K 310 100.68 -9.54 -39.77
N LEU K 311 100.35 -10.82 -39.51
CA LEU K 311 99.42 -11.55 -40.38
C LEU K 311 98.02 -10.94 -40.37
N PHE K 312 97.54 -10.53 -39.20
CA PHE K 312 96.20 -9.98 -39.15
C PHE K 312 96.13 -8.59 -39.78
N MET K 313 97.20 -7.81 -39.71
CA MET K 313 97.26 -6.54 -40.44
C MET K 313 97.27 -6.77 -41.95
N CYS K 314 98.01 -7.79 -42.40
CA CYS K 314 98.00 -8.19 -43.81
C CYS K 314 96.60 -8.61 -44.28
N ALA K 315 95.92 -9.43 -43.47
CA ALA K 315 94.58 -9.91 -43.79
C ALA K 315 93.57 -8.79 -43.81
N GLY K 316 93.72 -7.81 -42.91
CA GLY K 316 92.83 -6.67 -42.91
C GLY K 316 92.99 -5.77 -44.11
N ALA K 317 94.24 -5.54 -44.54
CA ALA K 317 94.46 -4.76 -45.76
C ALA K 317 93.92 -5.47 -46.99
N ILE K 318 94.11 -6.79 -47.07
CA ILE K 318 93.63 -7.56 -48.21
C ILE K 318 92.11 -7.62 -48.24
N ILE K 319 91.47 -7.76 -47.07
CA ILE K 319 90.01 -7.75 -46.97
C ILE K 319 89.45 -6.37 -47.28
N HIS K 320 90.13 -5.31 -46.83
CA HIS K 320 89.68 -3.94 -47.08
C HIS K 320 89.80 -3.56 -48.55
N ASN K 321 90.71 -4.19 -49.29
CA ASN K 321 90.74 -3.97 -50.73
C ASN K 321 89.89 -4.95 -51.53
N MET K 322 89.56 -6.12 -50.98
CA MET K 322 88.61 -7.03 -51.59
C MET K 322 87.17 -6.79 -51.15
N ASN K 323 86.93 -5.71 -50.40
CA ASN K 323 85.61 -5.21 -50.01
C ASN K 323 84.85 -6.20 -49.15
N ASN K 324 85.40 -6.47 -47.96
CA ASN K 324 84.80 -7.20 -46.84
C ASN K 324 84.52 -8.67 -47.13
N SER K 325 85.09 -9.22 -48.20
CA SER K 325 84.89 -10.63 -48.53
C SER K 325 86.02 -11.44 -47.91
N GLN K 326 85.72 -12.10 -46.79
CA GLN K 326 86.71 -12.89 -46.07
C GLN K 326 86.83 -14.31 -46.59
N ASP K 327 86.06 -14.68 -47.62
CA ASP K 327 86.15 -16.01 -48.20
C ASP K 327 87.44 -16.15 -48.99
N ILE K 328 88.17 -17.24 -48.76
CA ILE K 328 89.46 -17.44 -49.40
C ILE K 328 89.31 -17.94 -50.84
N ARG K 329 88.11 -18.39 -51.21
CA ARG K 329 87.90 -18.87 -52.58
C ARG K 329 87.80 -17.70 -53.55
N LEU K 330 87.20 -16.59 -53.13
CA LEU K 330 87.03 -15.43 -54.00
C LEU K 330 88.36 -14.73 -54.28
N MET K 331 89.22 -14.67 -53.27
CA MET K 331 90.52 -14.02 -53.42
C MET K 331 91.43 -14.87 -54.28
N GLY K 332 92.38 -14.22 -54.97
CA GLY K 332 93.29 -14.94 -55.84
C GLY K 332 94.31 -14.04 -56.47
N GLY K 333 95.54 -14.54 -56.53
CA GLY K 333 96.61 -13.91 -57.28
C GLY K 333 97.04 -12.54 -56.80
N LEU K 334 97.16 -12.36 -55.48
CA LEU K 334 97.40 -11.03 -54.94
C LEU K 334 98.87 -10.63 -54.98
N SER K 335 99.75 -11.54 -55.43
CA SER K 335 101.18 -11.26 -55.44
C SER K 335 101.54 -10.19 -56.47
N ILE K 336 100.83 -10.17 -57.60
CA ILE K 336 101.04 -9.11 -58.59
C ILE K 336 100.41 -7.81 -58.11
N HIS K 337 99.17 -7.87 -57.62
CA HIS K 337 98.39 -6.68 -57.30
C HIS K 337 98.82 -5.99 -56.01
N MET K 338 99.44 -6.71 -55.08
CA MET K 338 99.92 -6.13 -53.82
C MET K 338 101.37 -6.55 -53.66
N PRO K 339 102.32 -5.77 -54.20
CA PRO K 339 103.73 -6.13 -54.07
C PRO K 339 104.24 -6.06 -52.63
N LEU K 340 104.05 -4.93 -51.97
CA LEU K 340 104.56 -4.76 -50.62
C LEU K 340 103.74 -5.52 -49.59
N THR K 341 102.41 -5.54 -49.75
CA THR K 341 101.56 -6.33 -48.84
C THR K 341 101.80 -7.82 -49.01
N SER K 342 102.01 -8.27 -50.26
CA SER K 342 102.36 -9.66 -50.50
C SER K 342 103.74 -10.00 -49.96
N ALA K 343 104.68 -9.05 -50.02
CA ALA K 343 105.99 -9.27 -49.41
C ALA K 343 105.91 -9.39 -47.90
N CYS K 344 105.09 -8.54 -47.25
CA CYS K 344 104.87 -8.65 -45.81
C CYS K 344 104.23 -9.97 -45.43
N PHE K 345 103.25 -10.42 -46.22
CA PHE K 345 102.51 -11.65 -45.98
C PHE K 345 103.45 -12.84 -46.19
N ASN K 346 104.37 -12.72 -47.16
CA ASN K 346 105.42 -13.69 -47.41
C ASN K 346 106.37 -13.85 -46.23
N VAL K 347 106.90 -12.72 -45.73
CA VAL K 347 107.84 -12.72 -44.61
C VAL K 347 107.18 -13.29 -43.36
N SER K 348 105.92 -12.92 -43.12
CA SER K 348 105.26 -13.40 -41.92
C SER K 348 104.87 -14.88 -41.99
N ASN K 349 104.46 -15.39 -43.18
CA ASN K 349 104.20 -16.82 -43.28
C ASN K 349 105.48 -17.65 -43.14
N LEU K 350 106.58 -17.22 -43.76
CA LEU K 350 107.80 -17.99 -43.61
C LEU K 350 108.40 -17.86 -42.21
N ALA K 351 108.14 -16.74 -41.52
CA ALA K 351 108.44 -16.65 -40.09
C ALA K 351 107.61 -17.64 -39.29
N LEU K 352 106.33 -17.78 -39.62
CA LEU K 352 105.47 -18.77 -38.96
C LEU K 352 105.87 -20.21 -39.26
N CYS K 353 106.23 -20.55 -40.49
CA CYS K 353 106.62 -21.90 -40.86
C CYS K 353 108.01 -22.27 -40.35
N GLY K 354 108.88 -21.28 -40.14
CA GLY K 354 110.24 -21.62 -39.77
C GLY K 354 111.18 -21.60 -40.96
N MET K 355 111.28 -20.39 -41.54
CA MET K 355 112.29 -20.13 -42.58
C MET K 355 113.53 -19.86 -41.74
N PRO K 356 114.63 -20.60 -41.93
CA PRO K 356 115.79 -20.53 -41.03
C PRO K 356 116.29 -19.12 -40.75
N PHE K 357 116.64 -18.91 -39.47
CA PHE K 357 117.15 -17.67 -38.91
C PHE K 357 116.16 -16.52 -39.03
N LEU K 358 114.90 -16.81 -38.70
CA LEU K 358 113.90 -15.81 -38.38
C LEU K 358 113.40 -16.06 -36.95
N ALA K 359 112.44 -15.24 -36.55
CA ALA K 359 111.98 -15.25 -35.16
C ALA K 359 111.21 -16.53 -34.82
N GLY K 360 110.33 -16.96 -35.73
CA GLY K 360 109.58 -18.17 -35.50
C GLY K 360 110.45 -19.41 -35.51
N PHE K 361 111.51 -19.41 -36.33
CA PHE K 361 112.47 -20.51 -36.29
C PHE K 361 113.23 -20.52 -34.97
N TYR K 362 113.67 -19.34 -34.51
CA TYR K 362 114.42 -19.24 -33.26
C TYR K 362 113.60 -19.66 -32.05
N SER K 363 112.28 -19.45 -32.09
CA SER K 363 111.44 -19.96 -31.02
C SER K 363 111.12 -21.44 -31.20
N LYS K 364 110.82 -21.87 -32.43
CA LYS K 364 110.32 -23.22 -32.67
C LYS K 364 111.42 -24.27 -32.57
N ASP K 365 112.65 -23.98 -32.98
CA ASP K 365 113.71 -24.97 -32.83
C ASP K 365 114.15 -25.08 -31.37
N MET K 366 114.09 -23.97 -30.64
CA MET K 366 114.44 -24.02 -29.24
C MET K 366 113.35 -24.65 -28.39
N ILE K 367 112.11 -24.67 -28.88
CA ILE K 367 111.07 -25.46 -28.23
C ILE K 367 111.21 -26.94 -28.60
N LEU K 368 111.34 -27.24 -29.89
CA LEU K 368 111.17 -28.61 -30.37
C LEU K 368 112.37 -29.50 -30.08
N GLU K 369 113.60 -28.97 -30.12
CA GLU K 369 114.75 -29.83 -29.84
C GLU K 369 114.97 -30.02 -28.34
N ILE K 370 114.37 -29.17 -27.49
CA ILE K 370 114.35 -29.41 -26.05
C ILE K 370 113.43 -30.60 -25.75
N VAL K 371 112.37 -30.78 -26.54
CA VAL K 371 111.49 -31.94 -26.41
C VAL K 371 112.24 -33.24 -26.70
N SER K 372 113.07 -33.24 -27.75
CA SER K 372 113.78 -34.45 -28.16
C SER K 372 114.86 -34.88 -27.16
N ILE K 373 115.35 -33.96 -26.31
CA ILE K 373 116.31 -34.34 -25.28
C ILE K 373 115.65 -34.57 -23.92
N SER K 374 114.35 -34.34 -23.80
CA SER K 374 113.62 -34.54 -22.55
C SER K 374 112.66 -35.72 -22.69
N ASN K 375 112.02 -36.07 -21.57
CA ASN K 375 111.08 -37.17 -21.52
C ASN K 375 109.74 -36.71 -22.10
N VAL K 376 109.38 -37.24 -23.26
CA VAL K 376 108.14 -36.90 -23.93
C VAL K 376 107.39 -38.19 -24.27
N ASN K 377 106.06 -38.14 -24.18
CA ASN K 377 105.22 -39.24 -24.58
C ASN K 377 105.29 -39.49 -26.08
N MET K 378 104.96 -40.74 -26.47
CA MET K 378 104.82 -41.10 -27.87
C MET K 378 103.74 -40.28 -28.55
N PHE K 379 102.58 -40.16 -27.92
CA PHE K 379 101.47 -39.41 -28.50
C PHE K 379 101.77 -37.91 -28.49
N SER K 380 102.47 -37.42 -27.47
CA SER K 380 102.84 -36.01 -27.40
C SER K 380 103.89 -35.66 -28.47
N PHE K 381 104.82 -36.57 -28.74
CA PHE K 381 105.79 -36.33 -29.81
C PHE K 381 105.13 -36.47 -31.17
N PHE K 382 104.07 -37.27 -31.27
CA PHE K 382 103.30 -37.31 -32.51
C PHE K 382 102.54 -36.01 -32.72
N LEU K 383 102.02 -35.41 -31.63
CA LEU K 383 101.19 -34.21 -31.78
C LEU K 383 102.03 -32.96 -32.02
N TYR K 384 103.34 -33.04 -31.83
CA TYR K 384 104.18 -31.87 -32.10
C TYR K 384 104.51 -31.74 -33.58
N TYR K 385 105.21 -32.73 -34.13
CA TYR K 385 105.83 -32.62 -35.44
C TYR K 385 104.81 -32.76 -36.56
N PHE K 386 103.81 -33.63 -36.38
CA PHE K 386 102.75 -33.80 -37.36
C PHE K 386 101.92 -32.52 -37.44
N SER K 387 101.70 -31.86 -36.30
CA SER K 387 101.01 -30.57 -36.35
C SER K 387 101.89 -29.45 -36.87
N THR K 388 103.21 -29.58 -36.80
CA THR K 388 104.09 -28.62 -37.47
C THR K 388 104.02 -28.80 -39.00
N GLY K 389 103.94 -30.05 -39.45
CA GLY K 389 103.68 -30.30 -40.86
C GLY K 389 102.32 -29.82 -41.31
N LEU K 390 101.30 -29.98 -40.46
CA LEU K 390 100.00 -29.36 -40.69
C LEU K 390 100.11 -27.84 -40.75
N THR K 391 100.97 -27.25 -39.91
CA THR K 391 101.13 -25.80 -39.86
C THR K 391 101.71 -25.25 -41.16
N VAL K 392 102.77 -25.89 -41.67
CA VAL K 392 103.33 -25.49 -42.96
C VAL K 392 102.35 -25.80 -44.09
N SER K 393 101.56 -26.88 -43.94
CA SER K 393 100.59 -27.27 -44.97
C SER K 393 99.44 -26.27 -45.09
N TYR K 394 98.90 -25.80 -43.97
CA TYR K 394 97.85 -24.79 -44.05
C TYR K 394 98.41 -23.41 -44.35
N SER K 395 99.65 -23.13 -43.93
CA SER K 395 100.20 -21.80 -44.16
C SER K 395 100.62 -21.61 -45.62
N PHE K 396 101.00 -22.70 -46.29
CA PHE K 396 101.27 -22.57 -47.72
C PHE K 396 99.99 -22.70 -48.55
N ARG K 397 98.96 -23.35 -47.99
CA ARG K 397 97.64 -23.32 -48.62
C ARG K 397 97.02 -21.93 -48.47
N LEU K 398 97.33 -21.24 -47.36
CA LEU K 398 96.91 -19.87 -47.17
C LEU K 398 97.58 -18.94 -48.18
N VAL K 399 98.80 -19.27 -48.60
CA VAL K 399 99.43 -18.57 -49.72
C VAL K 399 98.66 -18.81 -51.01
N TYR K 400 98.39 -20.08 -51.34
CA TYR K 400 98.07 -20.46 -52.72
C TYR K 400 96.70 -19.94 -53.16
N TYR K 401 95.72 -19.96 -52.27
CA TYR K 401 94.42 -19.41 -52.64
C TYR K 401 94.47 -17.90 -52.74
N SER K 402 95.30 -17.26 -51.93
CA SER K 402 95.40 -15.80 -51.98
C SER K 402 96.41 -15.34 -53.03
N MET K 403 97.66 -15.82 -52.98
CA MET K 403 98.68 -15.42 -53.93
C MET K 403 99.08 -16.60 -54.79
N THR K 404 99.76 -16.30 -55.91
CA THR K 404 100.29 -17.27 -56.88
C THR K 404 99.21 -18.22 -57.40
N GLY K 405 98.03 -17.69 -57.65
CA GLY K 405 96.90 -18.50 -58.06
C GLY K 405 96.01 -17.72 -58.99
N ASP K 406 94.99 -18.40 -59.50
CA ASP K 406 94.04 -17.73 -60.38
C ASP K 406 93.04 -16.93 -59.57
N LEU K 407 92.75 -15.71 -60.04
CA LEU K 407 91.75 -14.86 -59.41
C LEU K 407 90.37 -15.47 -59.59
N ASN K 408 89.52 -15.36 -58.56
CA ASN K 408 88.14 -15.84 -58.66
C ASN K 408 87.14 -14.81 -58.14
N CYS K 409 87.54 -13.54 -58.05
CA CYS K 409 86.67 -12.51 -57.50
C CYS K 409 85.72 -12.00 -58.58
N GLY K 410 85.00 -10.92 -58.27
CA GLY K 410 84.07 -10.34 -59.21
C GLY K 410 84.76 -9.55 -60.31
N SER K 411 83.94 -9.02 -61.21
CA SER K 411 84.46 -8.25 -62.33
C SER K 411 84.98 -6.89 -61.89
N LEU K 412 84.44 -6.33 -60.82
CA LEU K 412 84.85 -5.04 -60.30
C LEU K 412 85.61 -5.25 -58.99
N ASN K 413 86.88 -4.86 -58.98
CA ASN K 413 87.71 -4.98 -57.78
C ASN K 413 88.38 -3.64 -57.49
N MET K 414 88.70 -3.42 -56.22
CA MET K 414 89.28 -2.17 -55.75
C MET K 414 90.69 -2.38 -55.21
N LEU K 415 91.51 -3.13 -55.93
CA LEU K 415 92.86 -3.46 -55.47
C LEU K 415 93.79 -2.28 -55.68
N ASN K 416 94.39 -1.80 -54.59
CA ASN K 416 95.35 -0.71 -54.63
C ASN K 416 96.30 -0.87 -53.45
N ASP K 417 97.44 -0.19 -53.54
CA ASP K 417 98.50 -0.29 -52.54
C ASP K 417 99.06 1.09 -52.21
N GLU K 418 98.17 2.07 -51.99
CA GLU K 418 98.59 3.43 -51.71
C GLU K 418 98.18 3.90 -50.31
N SER K 419 97.83 2.98 -49.41
CA SER K 419 97.44 3.35 -48.05
C SER K 419 98.69 3.40 -47.18
N TRP K 420 99.35 4.55 -47.23
CA TRP K 420 100.75 4.58 -46.78
C TRP K 420 100.89 4.70 -45.27
N ILE K 421 99.89 5.23 -44.54
CA ILE K 421 99.93 5.20 -43.08
C ILE K 421 99.81 3.75 -42.58
N MET K 422 98.89 3.01 -43.18
CA MET K 422 98.71 1.57 -42.94
C MET K 422 100.01 0.80 -43.21
N LEU K 423 100.59 0.99 -44.39
CA LEU K 423 101.84 0.30 -44.70
C LEU K 423 103.05 0.84 -43.93
N ARG K 424 103.01 2.06 -43.39
CA ARG K 424 104.07 2.50 -42.47
C ARG K 424 104.02 1.72 -41.16
N GLY K 425 102.81 1.49 -40.63
CA GLY K 425 102.66 0.60 -39.49
C GLY K 425 103.10 -0.82 -39.81
N MET K 426 102.83 -1.27 -41.03
CA MET K 426 103.30 -2.59 -41.48
C MET K 426 104.82 -2.65 -41.57
N MET K 427 105.48 -1.56 -41.99
CA MET K 427 106.95 -1.54 -42.02
C MET K 427 107.56 -1.58 -40.64
N GLY K 428 106.97 -0.87 -39.69
CA GLY K 428 107.45 -0.93 -38.31
C GLY K 428 107.33 -2.32 -37.71
N LEU K 429 106.16 -2.95 -37.90
CA LEU K 429 106.00 -4.31 -37.37
C LEU K 429 106.79 -5.33 -38.18
N LEU K 430 107.05 -5.07 -39.47
CA LEU K 430 107.81 -5.99 -40.29
C LEU K 430 109.28 -6.02 -39.90
N ILE K 431 109.87 -4.84 -39.69
CA ILE K 431 111.27 -4.82 -39.27
C ILE K 431 111.41 -5.32 -37.82
N MET K 432 110.38 -5.11 -36.98
CA MET K 432 110.46 -5.64 -35.62
C MET K 432 110.31 -7.15 -35.60
N SER K 433 109.45 -7.70 -36.46
CA SER K 433 109.30 -9.15 -36.57
C SER K 433 110.52 -9.81 -37.19
N ILE K 434 111.24 -9.10 -38.06
CA ILE K 434 112.47 -9.64 -38.60
C ILE K 434 113.56 -9.69 -37.53
N ILE K 435 113.74 -8.60 -36.78
CA ILE K 435 114.86 -8.56 -35.82
C ILE K 435 114.53 -9.14 -34.45
N GLY K 436 113.26 -9.49 -34.19
CA GLY K 436 112.87 -9.96 -32.86
C GLY K 436 113.24 -11.39 -32.54
N GLY K 437 113.85 -12.11 -33.48
CA GLY K 437 114.38 -13.41 -33.13
C GLY K 437 115.72 -13.32 -32.44
N SER K 438 116.70 -12.75 -33.13
CA SER K 438 118.02 -12.60 -32.54
C SER K 438 118.10 -11.46 -31.53
N MET K 439 117.13 -10.54 -31.52
CA MET K 439 117.18 -9.47 -30.54
C MET K 439 116.78 -9.97 -29.15
N LEU K 440 115.93 -11.00 -29.09
CA LEU K 440 115.47 -11.57 -27.83
C LEU K 440 116.15 -12.86 -27.43
N ASN K 441 116.77 -13.57 -28.38
CA ASN K 441 117.47 -14.81 -28.05
C ASN K 441 118.72 -14.53 -27.22
N TRP K 442 119.33 -13.36 -27.40
CA TRP K 442 120.47 -12.93 -26.62
C TRP K 442 120.07 -12.28 -25.29
N LEU K 443 118.78 -12.07 -25.07
CA LEU K 443 118.28 -11.31 -23.93
C LEU K 443 117.47 -12.16 -22.95
N ILE K 444 116.56 -12.99 -23.45
CA ILE K 444 115.71 -13.80 -22.58
C ILE K 444 116.44 -15.03 -22.05
N PHE K 445 117.62 -15.33 -22.57
CA PHE K 445 118.43 -16.47 -22.14
C PHE K 445 119.71 -15.99 -21.47
N PRO K 446 119.74 -15.87 -20.14
CA PRO K 446 121.04 -15.72 -19.46
C PRO K 446 121.89 -16.97 -19.54
N PHE K 447 121.28 -18.15 -19.63
CA PHE K 447 121.99 -19.42 -19.71
C PHE K 447 121.38 -20.22 -20.84
N PRO K 448 122.08 -20.38 -21.97
CA PRO K 448 121.49 -21.06 -23.12
C PRO K 448 121.40 -22.57 -22.92
N TYR K 449 120.37 -23.15 -23.52
CA TYR K 449 120.19 -24.60 -23.48
C TYR K 449 121.15 -25.27 -24.44
N MET K 450 121.67 -26.42 -24.04
CA MET K 450 122.66 -27.15 -24.84
C MET K 450 121.93 -28.32 -25.50
N ILE K 451 122.13 -28.47 -26.81
CA ILE K 451 121.45 -29.47 -27.61
C ILE K 451 122.50 -30.40 -28.21
N CYS K 452 122.38 -31.70 -27.93
CA CYS K 452 123.23 -32.73 -28.51
C CYS K 452 122.30 -33.82 -29.04
N LEU K 453 122.02 -33.78 -30.33
CA LEU K 453 121.04 -34.65 -30.96
C LEU K 453 121.63 -35.29 -32.21
N PRO K 454 121.16 -36.48 -32.59
CA PRO K 454 121.68 -37.12 -33.81
C PRO K 454 121.19 -36.44 -35.08
N ILE K 455 121.67 -36.97 -36.21
CA ILE K 455 121.46 -36.33 -37.51
C ILE K 455 120.03 -36.48 -37.99
N TYR K 456 119.28 -37.46 -37.48
CA TYR K 456 117.91 -37.68 -37.90
C TYR K 456 116.88 -36.96 -37.04
N MET K 457 117.32 -36.22 -36.03
CA MET K 457 116.41 -35.50 -35.15
C MET K 457 116.62 -33.99 -35.12
N LYS K 458 117.82 -33.50 -35.41
CA LYS K 458 118.05 -32.06 -35.41
C LYS K 458 117.42 -31.41 -36.62
N LEU K 459 117.55 -32.01 -37.80
CA LEU K 459 116.93 -31.53 -39.02
C LEU K 459 115.59 -32.19 -39.29
N LEU K 460 115.03 -32.88 -38.29
CA LEU K 460 113.75 -33.55 -38.47
C LEU K 460 112.62 -32.54 -38.67
N THR K 461 112.63 -31.47 -37.86
CA THR K 461 111.61 -30.43 -38.02
C THR K 461 111.78 -29.66 -39.33
N LEU K 462 113.02 -29.53 -39.83
CA LEU K 462 113.24 -28.90 -41.12
C LEU K 462 112.73 -29.78 -42.26
N PHE K 463 112.93 -31.10 -42.15
CA PHE K 463 112.40 -32.02 -43.16
C PHE K 463 110.89 -32.07 -43.13
N VAL K 464 110.28 -32.00 -41.94
CA VAL K 464 108.83 -31.95 -41.82
C VAL K 464 108.28 -30.65 -42.40
N CYS K 465 108.98 -29.53 -42.17
CA CYS K 465 108.57 -28.26 -42.79
C CYS K 465 108.72 -28.29 -44.31
N ILE K 466 109.74 -28.99 -44.82
CA ILE K 466 109.94 -29.12 -46.26
C ILE K 466 108.83 -29.96 -46.89
N VAL K 467 108.49 -31.10 -46.28
CA VAL K 467 107.46 -31.95 -46.87
C VAL K 467 106.07 -31.35 -46.65
N GLY K 468 105.89 -30.51 -45.62
CA GLY K 468 104.65 -29.79 -45.48
C GLY K 468 104.51 -28.65 -46.47
N GLY K 469 105.60 -27.99 -46.82
CA GLY K 469 105.56 -26.98 -47.87
C GLY K 469 105.32 -27.57 -49.24
N LEU K 470 105.96 -28.69 -49.55
CA LEU K 470 105.73 -29.37 -50.82
C LEU K 470 104.44 -30.15 -50.83
N PHE K 471 103.83 -30.40 -49.68
CA PHE K 471 102.58 -31.15 -49.61
C PHE K 471 101.37 -30.22 -49.59
N GLY K 472 101.43 -29.16 -48.79
CA GLY K 472 100.29 -28.26 -48.64
C GLY K 472 100.06 -27.34 -49.81
N TYR K 473 101.01 -27.25 -50.75
CA TYR K 473 100.85 -26.43 -51.93
C TYR K 473 100.31 -27.23 -53.12
N LEU K 474 101.00 -28.34 -53.46
CA LEU K 474 100.66 -29.08 -54.68
C LEU K 474 99.38 -29.89 -54.54
N ILE K 475 98.94 -30.19 -53.32
CA ILE K 475 97.64 -30.83 -53.14
C ILE K 475 96.52 -29.85 -53.46
N SER K 476 96.70 -28.59 -53.05
CA SER K 476 95.72 -27.55 -53.36
C SER K 476 95.68 -27.17 -54.84
N LEU K 477 96.72 -27.53 -55.61
CA LEU K 477 96.65 -27.41 -57.06
C LEU K 477 95.60 -28.35 -57.62
N SER K 478 94.71 -27.81 -58.44
CA SER K 478 93.58 -28.55 -58.99
C SER K 478 93.63 -28.52 -60.51
N ASN K 479 93.43 -29.69 -61.11
CA ASN K 479 93.34 -29.84 -62.56
C ASN K 479 91.96 -30.38 -62.91
N LEU K 480 91.78 -30.71 -64.19
CA LEU K 480 90.55 -31.34 -64.64
C LEU K 480 90.61 -32.85 -64.42
N PHE K 481 89.42 -33.46 -64.35
CA PHE K 481 89.21 -34.90 -64.18
C PHE K 481 89.89 -35.43 -62.91
N PHE K 482 89.78 -34.68 -61.83
CA PHE K 482 90.37 -35.06 -60.56
C PHE K 482 89.28 -35.50 -59.59
N LEU K 483 89.69 -36.27 -58.57
CA LEU K 483 88.81 -36.74 -57.53
C LEU K 483 88.81 -35.72 -56.40
N ASN K 484 87.63 -35.19 -56.07
CA ASN K 484 87.49 -34.25 -54.96
C ASN K 484 87.62 -35.01 -53.65
N LYS K 485 88.75 -34.83 -52.96
CA LYS K 485 88.99 -35.55 -51.72
C LYS K 485 88.26 -34.93 -50.54
N SER K 486 87.61 -33.79 -50.70
CA SER K 486 86.77 -33.22 -49.66
C SER K 486 85.31 -33.60 -49.83
N LEU K 487 84.85 -33.74 -51.08
CA LEU K 487 83.50 -34.25 -51.33
C LEU K 487 83.40 -35.73 -50.97
N PHE K 488 84.39 -36.51 -51.40
CA PHE K 488 84.57 -37.84 -50.84
C PHE K 488 85.07 -37.72 -49.40
N MET K 489 84.73 -38.73 -48.59
CA MET K 489 84.88 -38.70 -47.12
C MET K 489 84.24 -37.46 -46.52
N TYR K 490 82.96 -37.26 -46.83
CA TYR K 490 82.27 -36.02 -46.48
C TYR K 490 82.01 -35.95 -44.98
N ASN K 491 81.82 -37.10 -44.33
CA ASN K 491 81.60 -37.11 -42.88
C ASN K 491 82.89 -36.79 -42.13
N LEU K 492 84.03 -37.22 -42.65
CA LEU K 492 85.30 -36.92 -42.00
C LEU K 492 85.71 -35.47 -42.22
N SER K 493 85.44 -34.93 -43.41
CA SER K 493 85.82 -33.56 -43.70
C SER K 493 84.91 -32.56 -43.02
N THR K 494 83.67 -32.97 -42.69
CA THR K 494 82.79 -32.10 -41.92
C THR K 494 83.26 -31.98 -40.47
N PHE K 495 83.71 -33.11 -39.89
CA PHE K 495 84.24 -33.10 -38.53
C PHE K 495 85.53 -32.30 -38.43
N LEU K 496 86.43 -32.49 -39.38
CA LEU K 496 87.69 -31.74 -39.36
C LEU K 496 87.49 -30.30 -39.83
N GLY K 497 86.43 -30.06 -40.62
CA GLY K 497 86.23 -28.72 -41.16
C GLY K 497 85.47 -27.80 -40.22
N SER K 498 84.52 -28.34 -39.47
CA SER K 498 83.73 -27.55 -38.54
C SER K 498 84.35 -27.46 -37.15
N MET K 499 85.68 -27.61 -37.06
CA MET K 499 86.49 -27.42 -35.86
C MET K 499 86.07 -28.41 -34.78
N TRP K 500 86.06 -29.70 -35.13
CA TRP K 500 85.67 -30.85 -34.29
C TRP K 500 84.27 -30.75 -33.69
N PHE K 501 83.29 -30.21 -34.43
CA PHE K 501 81.86 -30.04 -34.08
C PHE K 501 81.66 -29.19 -32.82
N MET K 502 82.60 -28.33 -32.49
CA MET K 502 82.69 -27.64 -31.21
C MET K 502 81.84 -26.36 -31.16
N PRO K 503 81.71 -25.54 -32.23
CA PRO K 503 80.67 -24.49 -32.17
C PRO K 503 79.24 -25.01 -32.07
N TYR K 504 78.94 -26.21 -32.57
CA TYR K 504 77.60 -26.74 -32.37
C TYR K 504 77.37 -27.15 -30.92
N ILE K 505 78.41 -27.67 -30.27
CA ILE K 505 78.27 -28.15 -28.91
C ILE K 505 78.07 -26.97 -27.95
N SER K 506 78.80 -25.87 -28.16
CA SER K 506 78.58 -24.68 -27.35
C SER K 506 77.31 -23.95 -27.76
N THR K 507 77.10 -23.73 -29.06
CA THR K 507 76.00 -22.92 -29.56
C THR K 507 75.05 -23.78 -30.38
N TYR K 508 73.77 -23.77 -30.01
CA TYR K 508 72.60 -24.59 -30.41
C TYR K 508 72.67 -25.98 -29.77
N GLY K 509 73.78 -26.34 -29.14
CA GLY K 509 73.81 -27.47 -28.22
C GLY K 509 74.03 -26.94 -26.83
N MET K 510 73.49 -27.67 -25.85
CA MET K 510 73.46 -27.40 -24.40
C MET K 510 73.06 -25.97 -24.01
N ILE K 511 72.32 -25.28 -24.87
CA ILE K 511 71.72 -24.01 -24.52
C ILE K 511 70.20 -24.08 -24.50
N PHE K 512 69.58 -25.05 -25.17
CA PHE K 512 68.15 -25.28 -25.02
C PHE K 512 67.82 -25.78 -23.63
N TYR K 513 68.70 -26.58 -23.05
CA TYR K 513 68.50 -27.17 -21.74
C TYR K 513 68.56 -26.19 -20.56
N PRO K 514 69.34 -25.06 -20.60
CA PRO K 514 69.07 -24.01 -19.59
C PRO K 514 67.93 -23.07 -19.92
N LEU K 515 67.74 -22.75 -21.20
CA LEU K 515 66.78 -21.69 -21.56
C LEU K 515 65.34 -22.16 -21.45
N ASN K 516 65.06 -23.42 -21.81
CA ASN K 516 63.72 -23.94 -21.62
C ASN K 516 63.44 -24.21 -20.15
N TYR K 517 64.47 -24.60 -19.40
CA TYR K 517 64.30 -24.92 -17.98
C TYR K 517 64.11 -23.66 -17.15
N GLY K 518 64.54 -22.50 -17.66
CA GLY K 518 64.16 -21.25 -17.04
C GLY K 518 62.70 -20.91 -17.23
N GLN K 519 62.10 -21.38 -18.32
CA GLN K 519 60.67 -21.15 -18.55
C GLN K 519 59.82 -22.07 -17.68
N LEU K 520 60.35 -23.25 -17.35
CA LEU K 520 59.59 -24.18 -16.50
C LEU K 520 59.53 -23.69 -15.06
N VAL K 521 60.48 -22.86 -14.64
CA VAL K 521 60.40 -22.24 -13.32
C VAL K 521 59.29 -21.19 -13.31
N VAL K 522 59.19 -20.43 -14.41
CA VAL K 522 58.20 -19.37 -14.57
C VAL K 522 56.79 -19.94 -14.66
N LYS K 523 56.61 -20.95 -15.50
CA LYS K 523 55.29 -21.48 -15.77
C LYS K 523 54.76 -22.32 -14.62
N SER K 524 55.63 -23.13 -14.01
CA SER K 524 55.16 -24.05 -12.98
C SER K 524 55.30 -23.47 -11.58
N PHE K 525 56.48 -22.99 -11.21
CA PHE K 525 56.74 -22.68 -9.81
C PHE K 525 56.64 -21.20 -9.49
N ASP K 526 57.01 -20.31 -10.42
CA ASP K 526 56.94 -18.89 -10.11
C ASP K 526 55.50 -18.38 -10.13
N GLN K 527 54.70 -18.85 -11.08
CA GLN K 527 53.35 -18.35 -11.26
C GLN K 527 52.30 -19.40 -10.92
N GLY K 528 52.57 -20.68 -11.18
CA GLY K 528 51.59 -21.70 -10.84
C GLY K 528 51.67 -22.15 -9.39
N TRP K 529 52.81 -22.71 -8.98
CA TRP K 529 52.88 -23.37 -7.68
C TRP K 529 53.30 -22.41 -6.58
N SER K 530 53.34 -21.11 -6.86
CA SER K 530 53.53 -20.14 -5.79
C SER K 530 52.24 -19.42 -5.45
N GLU K 531 51.50 -18.98 -6.48
CA GLU K 531 50.21 -18.34 -6.23
C GLU K 531 49.20 -19.34 -5.72
N TYR K 532 49.27 -20.58 -6.19
CA TYR K 532 48.73 -21.70 -5.44
C TYR K 532 49.71 -22.03 -4.32
N PHE K 533 49.18 -22.20 -3.10
CA PHE K 533 49.88 -21.95 -1.83
C PHE K 533 50.47 -20.54 -1.79
N GLY K 534 49.74 -19.57 -2.33
CA GLY K 534 50.16 -18.18 -2.28
C GLY K 534 48.98 -17.24 -2.23
N GLY K 535 49.27 -16.00 -2.64
CA GLY K 535 48.32 -14.91 -2.43
C GLY K 535 47.05 -15.02 -3.25
N GLN K 536 47.18 -15.47 -4.51
CA GLN K 536 46.02 -15.58 -5.39
C GLN K 536 45.04 -16.65 -4.92
N HIS K 537 45.56 -17.82 -4.53
CA HIS K 537 44.67 -18.88 -4.07
C HIS K 537 44.18 -18.60 -2.66
N LEU K 538 44.95 -17.85 -1.86
CA LEU K 538 44.47 -17.39 -0.55
C LEU K 538 43.32 -16.42 -0.72
N TYR K 539 43.41 -15.52 -1.70
CA TYR K 539 42.32 -14.60 -1.98
C TYR K 539 41.09 -15.32 -2.51
N GLN K 540 41.29 -16.34 -3.35
CA GLN K 540 40.16 -17.12 -3.87
C GLN K 540 39.48 -17.92 -2.76
N LYS K 541 40.26 -18.52 -1.85
CA LYS K 541 39.68 -19.27 -0.74
C LYS K 541 38.98 -18.34 0.26
N LEU K 542 39.54 -17.14 0.49
CA LEU K 542 38.89 -16.19 1.37
C LEU K 542 37.60 -15.63 0.76
N SER K 543 37.59 -15.45 -0.57
CA SER K 543 36.37 -15.01 -1.25
C SER K 543 35.30 -16.09 -1.20
N MET K 544 35.68 -17.36 -1.34
CA MET K 544 34.72 -18.46 -1.22
C MET K 544 34.20 -18.59 0.21
N TYR K 545 35.07 -18.39 1.21
CA TYR K 545 34.63 -18.46 2.60
C TYR K 545 33.76 -17.28 2.98
N SER K 546 33.98 -16.12 2.37
CA SER K 546 33.10 -14.98 2.59
C SER K 546 31.77 -15.14 1.86
N LYS K 547 31.77 -15.79 0.69
CA LYS K 547 30.54 -16.03 -0.03
C LYS K 547 29.68 -17.07 0.68
N THR K 548 30.31 -18.09 1.26
CA THR K 548 29.54 -19.13 1.95
C THR K 548 29.13 -18.71 3.36
N LEU K 549 29.65 -17.60 3.89
CA LEU K 549 29.20 -17.12 5.18
C LEU K 549 28.09 -16.09 5.04
N PHE K 550 27.94 -15.48 3.86
CA PHE K 550 26.80 -14.62 3.59
C PHE K 550 25.49 -15.40 3.53
N LEU K 551 25.56 -16.69 3.20
CA LEU K 551 24.38 -17.54 3.25
C LEU K 551 23.94 -17.84 4.68
N MET K 552 24.86 -17.75 5.66
CA MET K 552 24.47 -17.88 7.05
C MET K 552 23.68 -16.67 7.53
N HIS K 553 23.96 -15.49 6.98
CA HIS K 553 23.37 -14.25 7.46
C HIS K 553 22.12 -13.84 6.69
N ASN K 554 21.68 -14.66 5.73
CA ASN K 554 20.45 -14.38 5.00
C ASN K 554 19.22 -15.00 5.64
N ASN K 555 19.37 -15.65 6.78
CA ASN K 555 18.27 -16.32 7.44
C ASN K 555 17.57 -15.40 8.43
N SER K 556 16.47 -15.88 9.00
CA SER K 556 15.70 -15.13 9.96
C SER K 556 16.38 -15.14 11.32
N LEU K 557 15.90 -14.26 12.21
CA LEU K 557 16.47 -14.13 13.55
C LEU K 557 16.19 -15.35 14.41
N LYS K 558 15.08 -16.05 14.14
CA LYS K 558 14.65 -17.19 14.94
C LYS K 558 15.63 -18.35 14.86
N ILE K 559 16.34 -18.49 13.74
CA ILE K 559 17.33 -19.56 13.60
C ILE K 559 18.53 -19.32 14.52
N TYR K 560 19.02 -18.09 14.58
CA TYR K 560 20.17 -17.78 15.43
C TYR K 560 19.78 -17.81 16.91
N LEU K 561 18.57 -17.34 17.22
CA LEU K 561 18.08 -17.44 18.60
C LEU K 561 17.82 -18.90 18.98
N LEU K 562 17.44 -19.74 18.02
CA LEU K 562 17.30 -21.17 18.25
C LEU K 562 18.66 -21.81 18.53
N LEU K 563 19.69 -21.37 17.82
CA LEU K 563 21.05 -21.84 18.08
C LEU K 563 21.51 -21.46 19.48
N PHE K 564 21.18 -20.25 19.92
CA PHE K 564 21.46 -19.85 21.30
C PHE K 564 20.69 -20.71 22.31
N VAL K 565 19.44 -21.05 21.98
CA VAL K 565 18.61 -21.85 22.88
C VAL K 565 19.15 -23.28 23.01
N PHE K 566 19.62 -23.86 21.90
CA PHE K 566 20.34 -25.14 22.00
C PHE K 566 21.64 -25.03 22.80
N TRP K 567 22.39 -23.93 22.64
CA TRP K 567 23.62 -23.80 23.42
C TRP K 567 23.35 -23.66 24.91
N ILE K 568 22.21 -23.05 25.28
CA ILE K 568 21.76 -23.10 26.67
C ILE K 568 21.35 -24.53 27.05
N LEU K 569 20.76 -25.26 26.10
CA LEU K 569 20.20 -26.59 26.38
C LEU K 569 21.26 -27.64 26.69
N ILE K 570 22.35 -27.69 25.91
CA ILE K 570 23.48 -28.55 26.29
C ILE K 570 24.14 -28.05 27.59
N LEU K 571 24.19 -26.73 27.81
CA LEU K 571 24.75 -26.20 29.06
C LEU K 571 23.88 -26.47 30.28
N LEU K 572 22.63 -26.89 30.11
CA LEU K 572 21.79 -27.30 31.24
C LEU K 572 21.65 -28.81 31.37
N ILE K 573 21.85 -29.56 30.28
CA ILE K 573 21.90 -31.02 30.37
C ILE K 573 23.13 -31.46 31.16
N LEU K 574 24.28 -30.82 30.92
CA LEU K 574 25.49 -31.12 31.67
C LEU K 574 25.42 -30.67 33.11
N LEU K 575 24.56 -29.70 33.44
CA LEU K 575 24.35 -29.33 34.83
C LEU K 575 23.62 -30.42 35.60
N PHE K 576 22.75 -31.18 34.93
CA PHE K 576 22.14 -32.36 35.54
C PHE K 576 23.17 -33.44 35.81
N LEU K 577 24.07 -33.68 34.87
CA LEU K 577 25.01 -34.78 34.96
C LEU K 577 26.20 -34.42 35.83
N VAL L 2 23.35 -28.98 64.15
CA VAL L 2 22.16 -29.82 64.12
C VAL L 2 22.47 -30.92 65.15
N ILE L 3 21.44 -31.56 65.71
CA ILE L 3 21.58 -32.42 66.88
C ILE L 3 22.33 -33.70 66.53
N THR L 4 23.50 -33.86 67.13
CA THR L 4 24.34 -35.05 67.02
C THR L 4 24.49 -35.67 68.41
N ASN L 5 25.36 -36.68 68.51
CA ASN L 5 25.63 -37.30 69.80
C ASN L 5 26.52 -36.44 70.69
N ASN L 6 27.23 -35.47 70.11
CA ASN L 6 28.09 -34.59 70.90
C ASN L 6 27.28 -33.57 71.69
N THR L 7 26.12 -33.14 71.17
CA THR L 7 25.30 -32.18 71.88
C THR L 7 24.61 -32.84 73.07
N THR L 8 24.51 -32.11 74.18
CA THR L 8 23.99 -32.63 75.43
C THR L 8 22.55 -32.14 75.61
N LEU L 9 21.60 -32.87 75.04
CA LEU L 9 20.20 -32.59 75.30
C LEU L 9 19.84 -33.06 76.71
N PRO L 10 18.92 -32.35 77.38
CA PRO L 10 18.47 -32.79 78.70
C PRO L 10 17.63 -34.05 78.62
N GLU L 11 17.63 -34.81 79.73
CA GLU L 11 16.85 -36.02 79.81
C GLU L 11 15.36 -35.70 79.92
N GLU L 12 14.53 -36.67 79.53
CA GLU L 12 13.09 -36.50 79.57
C GLU L 12 12.55 -36.46 81.00
N SER L 13 13.28 -36.99 81.98
CA SER L 13 12.87 -36.88 83.37
C SER L 13 13.02 -35.45 83.89
N GLU L 14 13.99 -34.70 83.35
CA GLU L 14 14.12 -33.28 83.70
C GLU L 14 13.01 -32.45 83.08
N LEU L 15 12.46 -32.90 81.95
CA LEU L 15 11.41 -32.18 81.24
C LEU L 15 10.02 -32.57 81.71
N ASN L 16 9.91 -33.49 82.67
CA ASN L 16 8.61 -33.95 83.17
C ASN L 16 8.13 -32.99 84.25
N VAL L 17 7.60 -31.85 83.81
CA VAL L 17 7.11 -30.80 84.68
C VAL L 17 5.62 -30.65 84.43
N GLN L 18 4.85 -30.50 85.52
CA GLN L 18 3.43 -30.18 85.40
C GLN L 18 3.24 -28.84 84.70
N GLU L 19 2.43 -28.84 83.65
CA GLU L 19 2.32 -27.71 82.74
C GLU L 19 1.00 -26.97 82.94
N LEU L 20 0.99 -25.70 82.54
CA LEU L 20 -0.21 -24.89 82.56
C LEU L 20 -1.05 -25.29 81.35
N ASN L 21 -2.10 -26.08 81.59
CA ASN L 21 -2.91 -26.65 80.51
C ASN L 21 -4.24 -25.91 80.36
N LEU L 22 -4.23 -24.59 80.53
CA LEU L 22 -5.45 -23.81 80.42
C LEU L 22 -5.71 -23.44 78.96
N SER L 23 -6.97 -23.13 78.66
CA SER L 23 -7.37 -22.78 77.31
C SER L 23 -7.05 -21.31 77.02
N SER L 24 -7.49 -20.83 75.86
CA SER L 24 -7.18 -19.46 75.47
C SER L 24 -8.01 -18.44 76.23
N ALA L 25 -9.29 -18.77 76.49
CA ALA L 25 -10.14 -17.85 77.23
C ALA L 25 -9.74 -17.77 78.70
N ALA L 26 -9.24 -18.87 79.26
CA ALA L 26 -8.77 -18.84 80.64
C ALA L 26 -7.38 -18.24 80.77
N LEU L 27 -6.66 -18.05 79.67
CA LEU L 27 -5.38 -17.36 79.70
C LEU L 27 -5.53 -15.89 79.35
N ARG L 28 -6.46 -15.54 78.47
CA ARG L 28 -6.70 -14.14 78.15
C ARG L 28 -7.40 -13.42 79.30
N ALA L 29 -8.43 -14.05 79.87
CA ALA L 29 -9.04 -13.53 81.09
C ALA L 29 -8.13 -13.80 82.27
N GLY L 30 -8.03 -12.82 83.17
CA GLY L 30 -7.13 -12.95 84.30
C GLY L 30 -5.67 -12.79 83.97
N ALA L 31 -5.35 -12.28 82.78
CA ALA L 31 -3.95 -12.08 82.41
C ALA L 31 -3.33 -10.88 83.10
N PHE L 32 -4.11 -9.80 83.26
CA PHE L 32 -3.58 -8.57 83.82
C PHE L 32 -3.25 -8.70 85.31
N HIS L 33 -3.92 -9.62 86.00
CA HIS L 33 -3.53 -9.96 87.36
C HIS L 33 -2.42 -11.01 87.40
N LEU L 34 -2.27 -11.79 86.32
CA LEU L 34 -1.21 -12.78 86.25
C LEU L 34 0.14 -12.12 86.02
N GLY L 35 0.19 -11.12 85.13
CA GLY L 35 1.45 -10.50 84.78
C GLY L 35 2.06 -9.67 85.91
N LYS L 36 1.21 -8.96 86.66
CA LYS L 36 1.69 -8.18 87.80
C LYS L 36 2.19 -9.09 88.92
N GLN L 37 1.50 -10.20 89.15
CA GLN L 37 1.92 -11.12 90.20
C GLN L 37 3.14 -11.92 89.78
N CYS L 38 3.35 -12.12 88.48
CA CYS L 38 4.40 -13.00 87.98
C CYS L 38 5.35 -12.25 87.05
N GLU L 39 5.73 -11.04 87.44
CA GLU L 39 6.66 -10.23 86.65
C GLU L 39 8.11 -10.48 87.00
N GLN L 40 8.40 -11.15 88.11
CA GLN L 40 9.78 -11.39 88.51
C GLN L 40 10.44 -12.50 87.71
N ALA L 41 9.65 -13.47 87.24
CA ALA L 41 10.19 -14.63 86.53
C ALA L 41 10.03 -14.53 85.02
N ASN L 42 8.97 -13.87 84.54
CA ASN L 42 8.75 -13.72 83.10
C ASN L 42 9.84 -12.89 82.44
N ASN L 43 10.23 -11.78 83.08
CA ASN L 43 11.25 -10.90 82.53
C ASN L 43 12.62 -11.58 82.52
N GLU L 44 12.95 -12.32 83.58
CA GLU L 44 14.24 -13.02 83.64
C GLU L 44 14.29 -14.17 82.63
N PHE L 45 13.17 -14.89 82.46
CA PHE L 45 13.13 -15.98 81.50
C PHE L 45 13.20 -15.48 80.06
N MET L 46 12.52 -14.37 79.75
CA MET L 46 12.61 -13.84 78.40
C MET L 46 13.94 -13.15 78.15
N LEU L 47 14.60 -12.62 79.19
CA LEU L 47 15.96 -12.13 79.03
C LEU L 47 16.94 -13.27 78.78
N CYS L 48 16.70 -14.42 79.42
CA CYS L 48 17.47 -15.63 79.13
C CYS L 48 17.25 -16.10 77.69
N ARG L 49 16.01 -16.03 77.21
CA ARG L 49 15.71 -16.49 75.86
C ARG L 49 16.23 -15.54 74.80
N GLN L 50 16.24 -14.23 75.08
CA GLN L 50 16.68 -13.25 74.08
C GLN L 50 18.19 -13.03 74.10
N GLU L 51 18.85 -13.20 75.25
CA GLU L 51 20.28 -12.92 75.31
C GLU L 51 21.10 -14.12 74.84
N LEU L 52 20.91 -15.27 75.49
CA LEU L 52 21.69 -16.46 75.14
C LEU L 52 21.21 -17.11 73.85
N ASP L 53 19.90 -17.04 73.58
CA ASP L 53 19.23 -17.71 72.45
C ASP L 53 19.53 -19.22 72.45
N ASP L 54 19.43 -19.80 73.65
CA ASP L 54 19.72 -21.22 73.84
C ASP L 54 18.49 -21.87 74.47
N PRO L 55 17.90 -22.89 73.82
CA PRO L 55 16.75 -23.58 74.43
C PRO L 55 17.12 -24.41 75.64
N ARG L 56 18.36 -24.88 75.74
CA ARG L 56 18.78 -25.66 76.90
C ARG L 56 19.11 -24.80 78.11
N ALA L 57 19.26 -23.49 77.92
CA ALA L 57 19.63 -22.59 79.01
C ALA L 57 18.38 -21.95 79.61
N CYS L 58 18.47 -21.70 80.92
CA CYS L 58 17.39 -21.11 81.76
C CYS L 58 16.10 -21.95 81.68
N LEU L 59 16.29 -23.27 81.62
CA LEU L 59 15.17 -24.20 81.78
C LEU L 59 14.59 -24.14 83.18
N ALA L 60 15.44 -23.86 84.18
CA ALA L 60 14.95 -23.60 85.54
C ALA L 60 14.12 -22.32 85.59
N GLU L 61 14.48 -21.32 84.79
CA GLU L 61 13.67 -20.11 84.70
C GLU L 61 12.32 -20.38 84.04
N GLY L 62 12.30 -21.23 83.01
CA GLY L 62 11.03 -21.63 82.41
C GLY L 62 10.16 -22.44 83.35
N LYS L 63 10.76 -23.33 84.14
CA LYS L 63 10.05 -24.06 85.17
C LYS L 63 9.51 -23.13 86.25
N ALA L 64 10.27 -22.09 86.59
CA ALA L 64 9.81 -21.10 87.57
C ALA L 64 8.63 -20.30 87.04
N VAL L 65 8.64 -19.97 85.74
CA VAL L 65 7.50 -19.28 85.12
C VAL L 65 6.25 -20.15 85.14
N THR L 66 6.41 -21.43 84.78
CA THR L 66 5.28 -22.36 84.77
C THR L 66 4.73 -22.60 86.18
N SER L 67 5.62 -22.75 87.17
CA SER L 67 5.18 -22.95 88.55
C SER L 67 4.54 -21.70 89.14
N CYS L 68 5.02 -20.52 88.77
CA CYS L 68 4.41 -19.27 89.24
C CYS L 68 3.02 -19.06 88.65
N ALA L 69 2.86 -19.38 87.36
CA ALA L 69 1.53 -19.30 86.73
C ALA L 69 0.57 -20.32 87.33
N LEU L 70 1.07 -21.53 87.63
CA LEU L 70 0.25 -22.54 88.28
C LEU L 70 -0.16 -22.12 89.69
N ASP L 71 0.75 -21.47 90.43
CA ASP L 71 0.44 -20.98 91.77
C ASP L 71 -0.61 -19.87 91.73
N PHE L 72 -0.49 -18.95 90.76
CA PHE L 72 -1.50 -17.90 90.62
C PHE L 72 -2.87 -18.46 90.24
N PHE L 73 -2.90 -19.45 89.33
CA PHE L 73 -4.18 -20.02 88.94
C PHE L 73 -4.79 -20.88 90.04
N ARG L 74 -3.96 -21.52 90.88
CA ARG L 74 -4.49 -22.24 92.03
C ARG L 74 -5.03 -21.27 93.09
N LYS L 75 -4.38 -20.11 93.25
CA LYS L 75 -4.89 -19.09 94.16
C LYS L 75 -6.20 -18.50 93.67
N VAL L 76 -6.34 -18.35 92.34
CA VAL L 76 -7.62 -17.91 91.76
C VAL L 76 -8.68 -19.01 91.95
N LYS L 77 -8.28 -20.27 91.79
CA LYS L 77 -9.20 -21.40 91.95
C LYS L 77 -9.70 -21.55 93.38
N LYS L 78 -8.88 -21.15 94.37
CA LYS L 78 -9.30 -21.27 95.76
C LYS L 78 -10.40 -20.28 96.11
N THR L 79 -10.27 -19.02 95.69
CA THR L 79 -11.18 -17.97 96.13
C THR L 79 -12.24 -17.60 95.10
N CYS L 80 -11.81 -17.14 93.92
CA CYS L 80 -12.73 -16.59 92.90
C CYS L 80 -12.72 -17.52 91.69
N HIS L 81 -13.60 -18.53 91.72
CA HIS L 81 -13.68 -19.54 90.67
C HIS L 81 -14.85 -19.30 89.72
N GLU L 82 -16.05 -19.06 90.26
CA GLU L 82 -17.23 -18.87 89.43
C GLU L 82 -17.17 -17.56 88.67
N GLU L 83 -16.63 -16.50 89.29
CA GLU L 83 -16.49 -15.21 88.63
C GLU L 83 -15.49 -15.28 87.48
N PHE L 84 -14.37 -15.97 87.68
CA PHE L 84 -13.40 -16.14 86.61
C PHE L 84 -13.93 -17.03 85.49
N THR L 85 -14.72 -18.05 85.85
CA THR L 85 -15.35 -18.91 84.84
C THR L 85 -16.35 -18.13 84.00
N GLN L 86 -17.15 -17.26 84.64
CA GLN L 86 -18.09 -16.42 83.92
C GLN L 86 -17.38 -15.38 83.05
N TYR L 87 -16.24 -14.86 83.54
CA TYR L 87 -15.47 -13.89 82.77
C TYR L 87 -14.83 -14.52 81.54
N ALA L 88 -14.27 -15.73 81.69
CA ALA L 88 -13.70 -16.43 80.54
C ALA L 88 -14.79 -16.87 79.55
N THR L 89 -15.96 -17.27 80.06
CA THR L 89 -17.08 -17.63 79.21
C THR L 89 -17.59 -16.43 78.42
N CYS L 90 -17.70 -15.26 79.05
CA CYS L 90 -18.16 -14.08 78.32
C CYS L 90 -17.09 -13.59 77.36
N LEU L 91 -15.81 -13.81 77.70
CA LEU L 91 -14.73 -13.41 76.81
C LEU L 91 -14.66 -14.28 75.56
N ASP L 92 -14.99 -15.56 75.70
CA ASP L 92 -14.96 -16.48 74.52
C ASP L 92 -16.25 -16.33 73.70
N LYS L 93 -17.40 -16.15 74.34
CA LYS L 93 -18.66 -16.02 73.60
C LYS L 93 -18.92 -14.59 73.14
N SER L 94 -18.07 -13.64 73.51
CA SER L 94 -18.32 -12.24 73.16
C SER L 94 -18.06 -11.97 71.69
N SER L 95 -16.95 -12.47 71.16
CA SER L 95 -16.56 -12.19 69.78
C SER L 95 -15.64 -13.30 69.29
N GLY L 96 -15.20 -13.15 68.03
CA GLY L 96 -14.29 -14.11 67.42
C GLY L 96 -12.93 -14.10 68.07
N THR L 97 -12.22 -12.98 67.96
CA THR L 97 -11.05 -12.78 68.80
C THR L 97 -11.51 -12.43 70.22
N MET L 98 -10.69 -12.81 71.20
CA MET L 98 -11.04 -12.60 72.59
C MET L 98 -10.68 -11.17 72.98
N ALA L 99 -11.57 -10.25 72.66
CA ALA L 99 -11.36 -8.82 72.91
C ALA L 99 -12.02 -8.43 74.22
N PHE L 100 -11.30 -7.64 75.00
CA PHE L 100 -11.76 -7.23 76.34
C PHE L 100 -12.86 -6.18 76.30
N SER L 101 -13.04 -5.48 75.17
CA SER L 101 -13.97 -4.37 75.13
C SER L 101 -15.40 -4.80 74.84
N HIS L 102 -15.63 -6.07 74.47
CA HIS L 102 -16.97 -6.49 74.11
C HIS L 102 -17.86 -6.70 75.33
N CYS L 103 -17.32 -7.22 76.42
CA CYS L 103 -18.05 -7.23 77.68
C CYS L 103 -17.14 -6.80 78.82
N ARG L 104 -17.47 -5.67 79.42
CA ARG L 104 -16.79 -5.14 80.60
C ARG L 104 -17.59 -5.36 81.87
N LYS L 105 -18.76 -5.99 81.78
CA LYS L 105 -19.63 -6.15 82.94
C LYS L 105 -19.09 -7.19 83.92
N THR L 106 -18.52 -8.27 83.42
CA THR L 106 -18.01 -9.34 84.28
C THR L 106 -16.55 -9.10 84.67
N GLN L 107 -15.84 -8.27 83.91
CA GLN L 107 -14.48 -7.87 84.27
C GLN L 107 -14.47 -7.07 85.56
N GLY L 108 -15.46 -6.19 85.75
CA GLY L 108 -15.59 -5.47 87.00
C GLY L 108 -15.90 -6.35 88.18
N VAL L 109 -16.69 -7.41 87.98
CA VAL L 109 -16.98 -8.35 89.05
C VAL L 109 -15.74 -9.16 89.41
N PHE L 110 -14.94 -9.54 88.40
CA PHE L 110 -13.70 -10.27 88.65
C PHE L 110 -12.68 -9.41 89.39
N ASP L 111 -12.53 -8.14 88.98
CA ASP L 111 -11.63 -7.24 89.70
C ASP L 111 -12.15 -6.90 91.09
N LYS L 112 -13.48 -6.88 91.27
CA LYS L 112 -14.04 -6.68 92.61
C LYS L 112 -13.77 -7.87 93.52
N CYS L 113 -13.85 -9.09 92.96
CA CYS L 113 -13.53 -10.30 93.73
C CYS L 113 -12.05 -10.33 94.12
N ILE L 114 -11.17 -9.94 93.20
CA ILE L 114 -9.73 -9.92 93.48
C ILE L 114 -9.40 -8.82 94.48
N LYS L 115 -10.04 -7.65 94.36
CA LYS L 115 -9.80 -6.55 95.29
C LYS L 115 -10.33 -6.86 96.69
N ASP L 116 -11.45 -7.59 96.78
CA ASP L 116 -11.96 -7.96 98.09
C ASP L 116 -11.17 -9.10 98.72
N ASN L 117 -10.62 -10.01 97.94
CA ASN L 117 -9.93 -11.16 98.53
C ASN L 117 -8.43 -10.93 98.69
N PHE L 118 -7.72 -10.69 97.58
CA PHE L 118 -6.27 -10.57 97.62
C PHE L 118 -5.77 -9.13 97.76
N ASP L 119 -6.67 -8.14 97.66
CA ASP L 119 -6.36 -6.71 97.70
C ASP L 119 -5.32 -6.33 96.64
N TRP L 120 -5.57 -6.76 95.40
CA TRP L 120 -4.70 -6.47 94.27
C TRP L 120 -5.38 -5.48 93.34
N ASP L 121 -4.60 -4.58 92.76
CA ASP L 121 -5.09 -3.60 91.80
C ASP L 121 -4.77 -4.08 90.40
N ARG L 122 -5.77 -4.01 89.52
CA ARG L 122 -5.55 -4.31 88.11
C ARG L 122 -4.75 -3.18 87.47
N PRO L 123 -3.68 -3.49 86.72
CA PRO L 123 -2.89 -2.42 86.08
C PRO L 123 -3.61 -1.77 84.91
N SER L 124 -2.93 -0.83 84.25
CA SER L 124 -3.51 -0.12 83.13
C SER L 124 -3.53 -0.99 81.88
N TYR L 125 -4.04 -0.43 80.78
CA TYR L 125 -4.22 -1.19 79.55
C TYR L 125 -2.88 -1.51 78.89
N GLY L 126 -1.90 -0.62 79.00
CA GLY L 126 -0.62 -0.84 78.35
C GLY L 126 0.55 -0.92 79.30
N TYR L 127 0.34 -1.53 80.46
CA TYR L 127 1.41 -1.65 81.44
C TYR L 127 2.42 -2.72 81.05
N PHE L 128 1.97 -3.79 80.41
CA PHE L 128 2.82 -4.93 80.09
C PHE L 128 3.44 -4.86 78.71
N SER L 129 3.14 -3.83 77.93
CA SER L 129 3.68 -3.68 76.58
C SER L 129 4.76 -2.62 76.49
N ARG L 130 5.25 -2.11 77.62
CA ARG L 130 6.36 -1.17 77.63
C ARG L 130 7.67 -1.94 77.74
N ALA L 131 8.77 -1.22 77.99
CA ALA L 131 10.06 -1.84 78.17
C ALA L 131 10.30 -2.11 79.65
N LYS L 132 10.70 -3.33 79.97
CA LYS L 132 10.92 -3.77 81.34
C LYS L 132 12.39 -3.68 81.68
N VAL L 133 12.70 -3.05 82.81
CA VAL L 133 14.07 -2.93 83.31
C VAL L 133 14.17 -3.75 84.59
N ILE L 134 15.07 -4.72 84.61
CA ILE L 134 15.20 -5.64 85.74
C ILE L 134 16.66 -5.71 86.17
N GLN L 135 16.86 -6.14 87.42
CA GLN L 135 18.18 -6.38 87.97
C GLN L 135 18.40 -7.90 87.98
N SER L 136 18.86 -8.40 86.83
CA SER L 136 19.04 -9.83 86.65
C SER L 136 20.28 -10.32 87.40
N ALA L 137 20.15 -11.43 88.13
CA ALA L 137 21.29 -11.98 88.84
C ALA L 137 22.25 -12.70 87.90
N ARG L 138 21.77 -13.18 86.77
CA ARG L 138 22.63 -13.88 85.82
C ARG L 138 23.49 -12.87 85.06
N GLU L 139 24.79 -13.14 85.01
CA GLU L 139 25.73 -12.25 84.33
C GLU L 139 25.55 -12.35 82.82
N ALA L 140 25.73 -11.22 82.13
CA ALA L 140 25.73 -11.20 80.68
C ALA L 140 26.90 -12.02 80.15
N PRO L 141 26.71 -12.82 79.08
CA PRO L 141 27.73 -13.81 78.68
C PRO L 141 29.06 -13.25 78.19
N LYS L 142 29.04 -12.43 77.16
CA LYS L 142 30.28 -11.93 76.56
C LYS L 142 29.99 -10.71 75.71
N LYS L 143 30.94 -9.79 75.67
CA LYS L 143 30.92 -8.71 74.70
C LYS L 143 31.39 -9.22 73.35
N GLU L 144 30.79 -8.71 72.28
CA GLU L 144 31.16 -9.12 70.92
C GLU L 144 32.54 -8.58 70.59
N GLU L 145 33.54 -9.45 70.60
CA GLU L 145 34.92 -9.07 70.34
C GLU L 145 35.17 -8.99 68.84
N LYS L 146 36.05 -8.06 68.46
CA LYS L 146 36.43 -7.92 67.06
C LYS L 146 37.33 -9.08 66.64
N VAL L 147 37.05 -9.64 65.47
CA VAL L 147 37.83 -10.77 64.97
C VAL L 147 39.20 -10.26 64.49
N SER L 148 40.25 -11.00 64.84
CA SER L 148 41.62 -10.60 64.56
C SER L 148 42.08 -11.28 63.28
N TYR L 149 42.50 -10.48 62.30
CA TYR L 149 43.09 -10.98 61.06
C TYR L 149 44.52 -10.46 60.99
N PRO L 150 45.51 -11.25 61.40
CA PRO L 150 46.89 -10.72 61.46
C PRO L 150 47.54 -10.58 60.10
N ASP L 151 47.17 -11.40 59.12
CA ASP L 151 47.69 -11.29 57.76
C ASP L 151 46.59 -10.92 56.77
N ALA L 152 46.27 -9.63 56.73
CA ALA L 152 45.31 -9.12 55.77
C ALA L 152 46.02 -8.73 54.49
N THR L 153 45.33 -8.02 53.61
CA THR L 153 45.95 -7.50 52.41
C THR L 153 46.58 -6.14 52.71
N PRO L 154 47.90 -6.02 52.68
CA PRO L 154 48.53 -4.75 53.09
C PRO L 154 48.58 -3.74 51.95
N GLY L 155 48.04 -2.54 52.19
CA GLY L 155 48.12 -1.47 51.23
C GLY L 155 49.33 -0.58 51.47
N LEU L 156 49.51 0.37 50.56
CA LEU L 156 50.56 1.35 50.72
C LEU L 156 50.14 2.35 51.79
N PRO L 157 50.91 2.53 52.86
CA PRO L 157 50.51 3.45 53.93
C PRO L 157 50.62 4.90 53.52
N GLU L 158 49.88 5.76 54.22
CA GLU L 158 49.93 7.19 53.97
C GLU L 158 51.24 7.81 54.42
N ASP L 159 51.93 7.20 55.37
CA ASP L 159 53.20 7.71 55.87
C ASP L 159 54.40 7.18 55.08
N TYR L 160 54.16 6.38 54.05
CA TYR L 160 55.27 5.83 53.26
C TYR L 160 55.83 6.91 52.34
N PRO L 161 57.15 7.15 52.37
CA PRO L 161 57.74 8.16 51.48
C PRO L 161 57.74 7.70 50.03
N LYS L 162 57.67 8.66 49.13
CA LYS L 162 57.62 8.40 47.69
C LYS L 162 58.75 9.17 47.00
N PRO L 163 59.95 8.58 46.91
CA PRO L 163 60.98 9.16 46.05
C PRO L 163 60.64 8.95 44.59
N PRO L 164 61.26 9.71 43.68
CA PRO L 164 61.03 9.48 42.24
C PRO L 164 61.55 8.13 41.79
N ALA L 165 60.92 7.60 40.74
CA ALA L 165 61.18 6.22 40.31
C ALA L 165 62.54 6.11 39.65
N LYS L 166 63.17 4.95 39.83
CA LYS L 166 64.53 4.74 39.34
C LYS L 166 64.52 4.48 37.83
N TYR L 167 65.19 5.35 37.09
CA TYR L 167 65.09 5.52 35.62
C TYR L 167 63.66 5.68 35.13
N GLY L 168 62.82 6.37 35.91
CA GLY L 168 61.51 6.77 35.44
C GLY L 168 60.55 5.62 35.23
N SER L 169 59.97 5.57 34.03
CA SER L 169 58.90 4.62 33.75
C SER L 169 59.43 3.24 33.40
N ARG L 170 60.71 3.15 33.02
CA ARG L 170 61.40 1.95 32.52
C ARG L 170 60.71 1.33 31.31
N PHE L 171 60.09 2.15 30.46
CA PHE L 171 59.45 1.69 29.25
C PHE L 171 60.48 1.62 28.11
N HIS L 172 60.01 1.28 26.91
CA HIS L 172 60.85 1.39 25.73
C HIS L 172 61.14 2.85 25.45
N TRP L 173 62.43 3.17 25.28
CA TRP L 173 63.01 4.47 24.90
C TRP L 173 62.68 5.63 25.84
N LEU L 174 62.06 5.40 27.00
CA LEU L 174 61.60 6.48 27.86
C LEU L 174 62.38 6.46 29.16
N GLU L 175 62.87 7.65 29.57
CA GLU L 175 63.59 7.91 30.81
C GLU L 175 64.85 7.06 30.99
N MET M 1 -50.40 2.61 46.09
CA MET M 1 -50.00 3.86 45.46
C MET M 1 -48.47 3.87 45.32
N TRP M 2 -47.77 4.31 46.36
CA TRP M 2 -46.30 4.30 46.37
C TRP M 2 -45.76 3.31 47.39
N PHE M 3 -46.61 2.67 48.17
CA PHE M 3 -46.21 1.67 49.15
C PHE M 3 -46.10 0.28 48.54
N GLU M 4 -46.29 0.15 47.22
CA GLU M 4 -46.09 -1.11 46.53
C GLU M 4 -44.62 -1.42 46.25
N ILE M 5 -43.74 -0.43 46.43
CA ILE M 5 -42.30 -0.69 46.34
C ILE M 5 -41.82 -1.55 47.49
N LEU M 6 -42.39 -1.37 48.68
CA LEU M 6 -41.99 -2.06 49.90
C LEU M 6 -42.22 -3.57 49.90
N PRO M 7 -43.18 -4.13 49.13
CA PRO M 7 -43.07 -5.56 48.81
C PRO M 7 -41.77 -5.95 48.11
N GLY M 8 -41.27 -5.12 47.19
CA GLY M 8 -40.08 -5.48 46.44
C GLY M 8 -38.76 -5.14 47.10
N ALA M 9 -38.77 -4.45 48.23
CA ALA M 9 -37.54 -3.99 48.88
C ALA M 9 -37.28 -4.65 50.22
N VAL M 10 -38.31 -4.80 51.06
CA VAL M 10 -38.17 -5.36 52.40
C VAL M 10 -37.75 -6.82 52.34
N ILE M 11 -38.20 -7.55 51.32
CA ILE M 11 -37.75 -8.92 51.05
C ILE M 11 -36.25 -8.96 50.80
N ILE M 12 -35.72 -7.94 50.08
CA ILE M 12 -34.29 -7.77 49.90
C ILE M 12 -33.59 -7.54 51.24
N THR M 13 -34.26 -6.81 52.15
CA THR M 13 -33.75 -6.64 53.50
C THR M 13 -33.76 -7.96 54.29
N THR M 14 -34.70 -8.86 54.00
CA THR M 14 -34.76 -10.10 54.76
C THR M 14 -33.70 -11.09 54.29
N LEU M 15 -33.61 -11.32 52.97
CA LEU M 15 -32.78 -12.38 52.41
C LEU M 15 -31.30 -12.16 52.69
N LEU M 16 -30.83 -10.92 52.54
CA LEU M 16 -29.43 -10.62 52.83
C LEU M 16 -29.17 -10.59 54.33
N SER M 17 -30.23 -10.53 55.15
CA SER M 17 -30.05 -10.68 56.58
C SER M 17 -29.95 -12.16 56.96
N VAL M 18 -30.29 -13.05 56.02
CA VAL M 18 -30.19 -14.49 56.29
C VAL M 18 -28.76 -15.01 56.49
N PRO M 19 -27.75 -14.75 55.62
CA PRO M 19 -26.49 -15.52 55.74
C PRO M 19 -25.61 -15.19 56.94
N ILE M 20 -25.95 -14.18 57.74
CA ILE M 20 -25.24 -14.03 59.01
C ILE M 20 -26.08 -14.61 60.15
N TYR M 21 -27.38 -14.29 60.19
CA TYR M 21 -28.23 -14.59 61.34
C TYR M 21 -28.41 -16.08 61.53
N ALA M 22 -28.59 -16.82 60.43
CA ALA M 22 -28.65 -18.27 60.48
C ALA M 22 -27.34 -18.86 61.00
N MET M 23 -26.21 -18.28 60.58
CA MET M 23 -24.92 -18.69 61.14
C MET M 23 -24.81 -18.34 62.61
N TYR M 24 -25.45 -17.23 63.03
CA TYR M 24 -25.47 -16.91 64.45
C TYR M 24 -26.36 -17.87 65.23
N GLY M 25 -27.27 -18.57 64.53
CA GLY M 25 -27.87 -19.76 65.11
C GLY M 25 -26.97 -20.97 64.98
N LEU M 26 -26.37 -21.15 63.80
CA LEU M 26 -25.78 -22.45 63.44
C LEU M 26 -24.47 -22.70 64.17
N ASP M 27 -23.66 -21.65 64.36
CA ASP M 27 -22.49 -21.75 65.21
C ASP M 27 -22.86 -21.98 66.67
N LYS M 28 -24.06 -21.60 67.09
CA LYS M 28 -24.54 -21.95 68.41
C LYS M 28 -25.08 -23.38 68.48
N LEU M 29 -25.17 -24.09 67.36
CA LEU M 29 -25.70 -25.45 67.36
C LEU M 29 -24.61 -26.51 67.37
N MET M 30 -23.70 -26.48 66.38
CA MET M 30 -22.73 -27.56 66.27
C MET M 30 -21.44 -27.25 67.01
N ILE M 31 -21.06 -25.96 67.08
CA ILE M 31 -19.93 -25.59 67.91
C ILE M 31 -20.36 -25.39 69.36
N GLY M 32 -21.36 -24.54 69.58
CA GLY M 32 -21.73 -24.09 70.90
C GLY M 32 -21.25 -22.68 71.21
N ASN M 33 -20.23 -22.20 70.52
CA ASN M 33 -19.77 -20.82 70.59
C ASN M 33 -20.22 -20.11 69.32
N ALA M 34 -20.85 -18.93 69.49
CA ALA M 34 -21.50 -18.25 68.38
C ALA M 34 -20.52 -17.67 67.37
N PHE M 35 -19.27 -17.43 67.75
CA PHE M 35 -18.28 -16.82 66.89
C PHE M 35 -17.15 -17.79 66.63
N ARG M 36 -16.80 -17.98 65.36
CA ARG M 36 -15.61 -18.74 65.01
C ARG M 36 -14.37 -17.89 65.26
N ARG M 37 -13.26 -18.57 65.52
CA ARG M 37 -12.05 -17.89 66.01
C ARG M 37 -11.36 -17.12 64.90
N ASN M 38 -10.99 -15.88 65.18
CA ASN M 38 -10.39 -15.00 64.18
C ASN M 38 -8.95 -15.41 63.90
N MET M 39 -8.62 -15.57 62.62
CA MET M 39 -7.31 -16.04 62.18
C MET M 39 -6.48 -14.94 61.53
N ASP M 40 -6.64 -13.69 61.99
CA ASP M 40 -5.92 -12.59 61.37
C ASP M 40 -4.49 -12.49 61.89
N GLU M 41 -4.33 -12.26 63.19
CA GLU M 41 -3.01 -12.20 63.79
C GLU M 41 -2.46 -13.60 63.96
N ARG M 42 -1.12 -13.72 64.00
CA ARG M 42 -0.50 -15.02 64.14
C ARG M 42 -0.65 -15.57 65.55
N PHE M 43 -0.72 -14.70 66.56
CA PHE M 43 -0.88 -15.14 67.94
C PHE M 43 -2.21 -15.81 68.18
N SER M 44 -3.27 -15.34 67.51
CA SER M 44 -4.57 -15.98 67.60
C SER M 44 -4.55 -17.38 66.97
N ARG M 45 -3.81 -17.54 65.87
CA ARG M 45 -3.68 -18.85 65.24
C ARG M 45 -2.87 -19.81 66.10
N VAL M 46 -1.83 -19.31 66.78
CA VAL M 46 -1.03 -20.15 67.67
C VAL M 46 -1.84 -20.56 68.89
N MET M 47 -2.66 -19.65 69.44
CA MET M 47 -3.45 -20.02 70.60
C MET M 47 -4.62 -20.93 70.23
N TYR M 48 -5.17 -20.78 69.01
CA TYR M 48 -6.15 -21.72 68.50
C TYR M 48 -5.54 -23.10 68.27
N GLN M 49 -4.28 -23.13 67.81
CA GLN M 49 -3.53 -24.38 67.70
C GLN M 49 -3.32 -25.02 69.06
N ARG M 50 -3.06 -24.20 70.08
CA ARG M 50 -2.91 -24.69 71.45
C ARG M 50 -4.21 -25.29 71.99
N ASP M 51 -5.35 -24.63 71.69
CA ASP M 51 -6.64 -25.17 72.10
C ASP M 51 -6.97 -26.49 71.39
N PHE M 52 -6.68 -26.58 70.09
CA PHE M 52 -6.97 -27.82 69.38
C PHE M 52 -5.96 -28.91 69.73
N ARG M 53 -4.79 -28.54 70.23
CA ARG M 53 -3.89 -29.51 70.84
C ARG M 53 -4.43 -30.03 72.16
N LEU M 54 -4.95 -29.13 73.00
CA LEU M 54 -5.41 -29.51 74.34
C LEU M 54 -6.68 -30.35 74.29
N THR M 55 -7.68 -29.91 73.53
CA THR M 55 -8.92 -30.65 73.38
C THR M 55 -9.19 -30.85 71.89
N ASP M 56 -9.95 -31.91 71.58
CA ASP M 56 -10.30 -32.18 70.19
C ASP M 56 -11.28 -31.15 69.64
N ASN M 57 -12.04 -30.47 70.50
CA ASN M 57 -12.82 -29.31 70.12
C ASN M 57 -12.08 -28.07 70.61
N PRO M 58 -11.61 -27.19 69.73
CA PRO M 58 -10.87 -25.99 70.21
C PRO M 58 -11.74 -24.97 70.90
N TYR M 59 -13.06 -25.03 70.71
CA TYR M 59 -13.98 -24.11 71.36
C TYR M 59 -14.52 -24.67 72.67
N LYS M 60 -14.07 -25.86 73.07
CA LYS M 60 -14.41 -26.42 74.37
C LYS M 60 -13.44 -25.88 75.41
N MET M 61 -13.99 -25.40 76.53
CA MET M 61 -13.18 -24.68 77.50
C MET M 61 -12.44 -25.63 78.43
N ASN M 62 -11.18 -25.31 78.70
CA ASN M 62 -10.42 -25.91 79.80
C ASN M 62 -10.38 -24.87 80.91
N GLY M 63 -11.32 -24.96 81.84
CA GLY M 63 -11.41 -24.01 82.93
C GLY M 63 -10.51 -24.38 84.08
N LEU M 64 -10.84 -23.85 85.25
CA LEU M 64 -10.04 -24.08 86.45
C LEU M 64 -10.20 -25.49 87.01
N GLU M 65 -11.20 -26.25 86.57
CA GLU M 65 -11.38 -27.62 87.03
C GLU M 65 -10.33 -28.57 86.46
N GLN M 66 -9.63 -28.16 85.40
CA GLN M 66 -8.56 -28.98 84.83
C GLN M 66 -7.34 -29.03 85.75
N ILE M 67 -7.13 -27.98 86.55
CA ILE M 67 -5.96 -27.87 87.43
C ILE M 67 -6.09 -28.86 88.57
N PRO M 68 -5.10 -29.75 88.76
CA PRO M 68 -5.16 -30.68 89.89
C PRO M 68 -4.91 -29.98 91.22
N ASP M 69 -5.44 -30.57 92.28
CA ASP M 69 -5.31 -30.00 93.61
C ASP M 69 -3.91 -30.24 94.15
N GLU M 70 -3.27 -29.18 94.64
CA GLU M 70 -1.92 -29.28 95.18
C GLU M 70 -1.70 -28.21 96.25
N LYS N 11 -76.70 27.40 22.11
CA LYS N 11 -75.38 27.60 22.70
C LYS N 11 -74.29 27.02 21.82
N GLN N 12 -73.21 27.76 21.66
CA GLN N 12 -72.02 27.32 20.94
C GLN N 12 -70.83 27.32 21.89
N ASP N 13 -69.76 26.66 21.47
CA ASP N 13 -68.55 26.54 22.29
C ASP N 13 -67.84 27.89 22.29
N LEU N 14 -68.03 28.65 23.36
CA LEU N 14 -67.59 30.03 23.49
C LEU N 14 -66.87 30.21 24.81
N PRO N 15 -65.99 31.21 24.93
CA PRO N 15 -65.39 31.51 26.23
C PRO N 15 -66.43 32.08 27.18
N PRO N 16 -66.25 31.93 28.49
CA PRO N 16 -67.19 32.50 29.46
C PRO N 16 -67.09 34.02 29.49
N PRO N 17 -68.14 34.71 29.93
CA PRO N 17 -68.07 36.17 30.08
C PRO N 17 -67.03 36.57 31.13
N GLY N 18 -66.25 37.60 30.80
CA GLY N 18 -65.08 37.96 31.57
C GLY N 18 -63.81 37.27 31.13
N GLY N 19 -63.91 36.29 30.24
CA GLY N 19 -62.74 35.61 29.72
C GLY N 19 -62.17 34.58 30.67
N TYR N 20 -61.22 33.81 30.14
CA TYR N 20 -60.47 32.87 30.97
C TYR N 20 -59.42 33.61 31.78
N LYS N 21 -58.85 32.92 32.76
CA LYS N 21 -57.77 33.49 33.54
C LYS N 21 -56.47 33.43 32.76
N LYS N 22 -55.45 34.12 33.29
CA LYS N 22 -54.16 34.19 32.60
C LYS N 22 -53.43 32.87 32.72
N ILE N 23 -53.22 32.21 31.58
CA ILE N 23 -52.54 30.91 31.54
C ILE N 23 -51.05 31.15 31.75
N PRO N 24 -50.43 30.51 32.75
CA PRO N 24 -49.01 30.77 33.02
C PRO N 24 -48.12 30.13 31.97
N PHE N 25 -47.14 30.90 31.50
CA PHE N 25 -46.19 30.43 30.49
C PHE N 25 -44.74 30.73 30.84
N ALA N 26 -44.49 31.60 31.81
CA ALA N 26 -43.12 31.98 32.15
C ALA N 26 -42.44 30.87 32.94
N ARG N 27 -41.11 30.97 33.02
CA ARG N 27 -40.29 30.01 33.74
C ARG N 27 -40.01 30.54 35.14
N VAL N 28 -40.56 29.87 36.14
CA VAL N 28 -40.26 30.16 37.54
C VAL N 28 -39.18 29.20 38.02
N PRO N 29 -38.16 29.67 38.73
CA PRO N 29 -37.12 28.76 39.23
C PRO N 29 -37.53 28.15 40.55
N PRO N 30 -37.04 26.96 40.87
CA PRO N 30 -37.22 26.43 42.22
C PRO N 30 -36.38 27.20 43.22
N LYS N 31 -36.80 27.14 44.48
CA LYS N 31 -36.13 27.89 45.53
C LYS N 31 -34.79 27.25 45.88
N SER N 32 -33.73 28.07 45.83
CA SER N 32 -32.37 27.63 46.11
C SER N 32 -31.97 28.15 47.47
N TYR N 33 -31.93 27.26 48.46
CA TYR N 33 -31.59 27.66 49.82
C TYR N 33 -30.10 27.90 49.99
N PHE N 34 -29.26 27.15 49.27
CA PHE N 34 -27.83 27.15 49.52
C PHE N 34 -27.13 28.32 48.83
N THR N 35 -25.96 28.65 49.34
CA THR N 35 -25.06 29.65 48.79
C THR N 35 -23.68 29.02 48.75
N GLY N 36 -22.88 29.39 47.74
CA GLY N 36 -21.59 28.74 47.52
C GLY N 36 -20.59 28.96 48.64
N PHE N 37 -20.53 30.18 49.17
CA PHE N 37 -19.71 30.45 50.35
C PHE N 37 -20.23 29.69 51.56
N THR N 38 -21.55 29.63 51.71
CA THR N 38 -22.16 28.87 52.80
C THR N 38 -21.90 27.37 52.66
N THR N 39 -21.98 26.85 51.44
CA THR N 39 -21.73 25.43 51.20
C THR N 39 -20.28 25.06 51.47
N ILE N 40 -19.34 25.90 51.02
CA ILE N 40 -17.91 25.66 51.25
C ILE N 40 -17.58 25.76 52.74
N GLY N 41 -18.12 26.78 53.43
CA GLY N 41 -17.87 26.93 54.85
C GLY N 41 -18.47 25.82 55.70
N THR N 42 -19.68 25.37 55.35
CA THR N 42 -20.29 24.26 56.08
C THR N 42 -19.57 22.96 55.82
N TYR N 43 -19.06 22.75 54.60
CA TYR N 43 -18.25 21.55 54.32
C TYR N 43 -16.96 21.56 55.11
N VAL N 44 -16.31 22.73 55.21
CA VAL N 44 -15.07 22.86 55.98
C VAL N 44 -15.32 22.63 57.47
N VAL N 45 -16.41 23.19 58.01
CA VAL N 45 -16.75 23.02 59.42
C VAL N 45 -17.11 21.57 59.74
N VAL N 46 -17.89 20.93 58.86
CA VAL N 46 -18.29 19.53 59.05
C VAL N 46 -17.09 18.59 58.99
N THR N 47 -16.18 18.79 58.03
CA THR N 47 -15.00 17.93 58.00
C THR N 47 -14.01 18.27 59.11
N ALA N 48 -14.01 19.49 59.64
CA ALA N 48 -13.14 19.81 60.76
C ALA N 48 -13.63 19.18 62.06
N VAL N 49 -14.95 19.08 62.24
CA VAL N 49 -15.48 18.32 63.36
C VAL N 49 -15.23 16.83 63.17
N GLY N 50 -15.37 16.34 61.92
CA GLY N 50 -15.17 14.94 61.63
C GLY N 50 -13.76 14.44 61.82
N LEU N 51 -12.76 15.30 61.56
CA LEU N 51 -11.37 14.93 61.83
C LEU N 51 -11.12 14.72 63.32
N GLY N 52 -11.68 15.58 64.17
CA GLY N 52 -11.54 15.40 65.61
C GLY N 52 -12.27 14.18 66.14
N ILE N 53 -13.46 13.89 65.61
CA ILE N 53 -14.20 12.71 66.02
C ILE N 53 -13.48 11.44 65.58
N TYR N 54 -12.89 11.45 64.38
CA TYR N 54 -12.07 10.33 63.94
C TYR N 54 -10.79 10.19 64.77
N TYR N 55 -10.23 11.32 65.24
CA TYR N 55 -9.07 11.27 66.14
C TYR N 55 -9.41 10.59 67.47
N LEU N 56 -10.58 10.92 68.03
CA LEU N 56 -11.03 10.27 69.26
C LEU N 56 -11.30 8.78 69.05
N THR N 57 -11.91 8.42 67.91
CA THR N 57 -12.18 7.02 67.60
C THR N 57 -10.89 6.23 67.37
N ALA N 58 -9.90 6.86 66.72
CA ALA N 58 -8.61 6.21 66.51
C ALA N 58 -7.84 6.07 67.82
N LYS N 59 -8.01 7.02 68.75
CA LYS N 59 -7.41 6.87 70.08
C LYS N 59 -8.04 5.70 70.85
N LYS N 60 -9.35 5.52 70.72
CA LYS N 60 -10.03 4.39 71.35
C LYS N 60 -9.58 3.05 70.75
N VAL N 61 -9.45 3.00 69.42
CA VAL N 61 -8.98 1.78 68.75
C VAL N 61 -7.52 1.49 69.11
N LYS N 62 -6.71 2.53 69.23
CA LYS N 62 -5.31 2.37 69.62
C LYS N 62 -5.18 1.85 71.05
N ARG N 63 -5.98 2.35 71.99
CA ARG N 63 -5.88 1.83 73.35
C ARG N 63 -6.45 0.42 73.47
N ASP N 64 -7.42 0.06 72.62
CA ASP N 64 -7.90 -1.32 72.58
C ASP N 64 -6.83 -2.28 72.06
N GLU N 65 -6.12 -1.91 70.99
CA GLU N 65 -5.11 -2.82 70.46
C GLU N 65 -3.86 -2.84 71.33
N ILE N 66 -3.57 -1.76 72.08
CA ILE N 66 -2.48 -1.80 73.05
C ILE N 66 -2.84 -2.70 74.23
N GLU N 67 -4.11 -2.70 74.64
CA GLU N 67 -4.57 -3.63 75.68
C GLU N 67 -4.45 -5.09 75.22
N MET N 68 -4.83 -5.36 73.97
CA MET N 68 -4.70 -6.71 73.43
C MET N 68 -3.23 -7.14 73.30
N ARG N 69 -2.36 -6.21 72.91
CA ARG N 69 -0.93 -6.53 72.79
C ARG N 69 -0.29 -6.77 74.16
N SER N 70 -0.72 -6.03 75.18
CA SER N 70 -0.21 -6.26 76.54
C SER N 70 -0.69 -7.59 77.09
N ALA N 71 -1.93 -7.99 76.78
CA ALA N 71 -2.41 -9.31 77.18
C ALA N 71 -1.64 -10.41 76.46
N GLN N 72 -1.31 -10.20 75.18
CA GLN N 72 -0.49 -11.15 74.43
C GLN N 72 0.91 -11.28 75.03
N ASN N 73 1.49 -10.15 75.47
CA ASN N 73 2.81 -10.18 76.09
C ASN N 73 2.78 -10.85 77.45
N VAL N 74 1.64 -10.79 78.15
CA VAL N 74 1.50 -11.57 79.39
C VAL N 74 1.44 -13.07 79.08
N ILE N 75 0.63 -13.47 78.10
CA ILE N 75 0.40 -14.88 77.81
C ILE N 75 1.66 -15.54 77.24
N PHE N 76 2.48 -14.76 76.52
CA PHE N 76 3.58 -15.31 75.72
C PHE N 76 4.68 -16.13 76.42
N PRO N 77 5.28 -15.74 77.57
CA PRO N 77 6.44 -16.52 78.06
C PRO N 77 6.13 -17.90 78.61
N ILE N 78 4.91 -18.11 79.12
CA ILE N 78 4.49 -19.45 79.56
C ILE N 78 4.43 -20.40 78.38
N LEU N 79 3.86 -19.93 77.27
CA LEU N 79 3.79 -20.72 76.06
C LEU N 79 5.17 -20.91 75.43
N VAL N 80 6.08 -19.94 75.60
CA VAL N 80 7.46 -20.09 75.15
C VAL N 80 8.18 -21.18 75.95
N ALA N 81 7.97 -21.23 77.27
CA ALA N 81 8.59 -22.27 78.09
C ALA N 81 8.01 -23.66 77.78
N GLU N 82 6.70 -23.73 77.53
CA GLU N 82 6.07 -25.00 77.15
C GLU N 82 6.58 -25.50 75.81
N ARG N 83 6.72 -24.59 74.82
CA ARG N 83 7.32 -24.93 73.54
C ARG N 83 8.78 -25.36 73.70
N ASP N 84 9.51 -24.73 74.63
CA ASP N 84 10.91 -25.08 74.89
C ASP N 84 11.04 -26.51 75.40
N ARG N 85 10.19 -26.88 76.37
CA ARG N 85 10.25 -28.23 76.92
C ARG N 85 9.82 -29.28 75.89
N GLU N 86 8.77 -29.00 75.12
CA GLU N 86 8.35 -29.94 74.10
C GLU N 86 9.35 -30.03 72.95
N PHE N 87 10.02 -28.93 72.62
CA PHE N 87 11.01 -28.92 71.56
C PHE N 87 12.25 -29.73 71.93
N LEU N 88 12.71 -29.59 73.20
CA LEU N 88 13.85 -30.39 73.66
C LEU N 88 13.49 -31.87 73.73
N ARG N 89 12.28 -32.19 74.20
CA ARG N 89 11.84 -33.60 74.25
C ARG N 89 11.71 -34.20 72.86
N GLN N 90 11.16 -33.45 71.91
CA GLN N 90 10.99 -33.94 70.55
C GLN N 90 12.32 -34.06 69.83
N LEU N 91 13.29 -33.19 70.16
CA LEU N 91 14.64 -33.35 69.61
C LEU N 91 15.30 -34.61 70.14
N ARG N 92 15.07 -34.95 71.41
CA ARG N 92 15.59 -36.19 71.97
C ARG N 92 14.99 -37.42 71.29
N ARG N 93 13.67 -37.45 71.10
CA ARG N 93 13.06 -38.59 70.40
C ARG N 93 13.42 -38.63 68.92
N ASN N 94 13.64 -37.49 68.29
CA ASN N 94 14.06 -37.47 66.88
C ASN N 94 15.48 -38.01 66.73
N ARG N 95 16.38 -37.67 67.66
CA ARG N 95 17.72 -38.22 67.64
C ARG N 95 17.72 -39.72 67.91
N ASP N 96 16.87 -40.19 68.83
CA ASP N 96 16.77 -41.62 69.10
C ASP N 96 16.19 -42.39 67.92
N GLU N 97 15.19 -41.81 67.24
CA GLU N 97 14.59 -42.45 66.07
C GLU N 97 15.56 -42.50 64.90
N GLU N 98 16.33 -41.44 64.69
CA GLU N 98 17.36 -41.42 63.64
C GLU N 98 18.48 -42.41 63.96
N ALA N 99 18.83 -42.56 65.24
CA ALA N 99 19.85 -43.52 65.65
C ALA N 99 19.39 -44.96 65.46
N GLU N 100 18.11 -45.27 65.76
CA GLU N 100 17.68 -46.66 65.61
C GLU N 100 17.37 -46.99 64.15
N LEU N 101 17.01 -46.00 63.35
CA LEU N 101 16.68 -46.26 61.95
C LEU N 101 17.93 -46.52 61.13
N MET N 102 19.01 -45.80 61.40
CA MET N 102 20.20 -45.81 60.56
C MET N 102 21.26 -46.80 61.05
N LYS N 103 20.85 -47.91 61.64
CA LYS N 103 21.80 -48.90 62.15
C LYS N 103 22.35 -49.82 61.07
N ASN N 104 21.86 -49.73 59.84
CA ASN N 104 22.31 -50.59 58.76
C ASN N 104 23.02 -49.85 57.63
N VAL N 105 22.84 -48.54 57.49
CA VAL N 105 23.49 -47.77 56.44
C VAL N 105 24.95 -47.55 56.82
N PRO N 106 25.89 -47.97 55.97
CA PRO N 106 27.31 -47.79 56.30
C PRO N 106 27.76 -46.34 56.14
N GLY N 107 28.71 -45.95 56.97
CA GLY N 107 29.27 -44.61 56.90
C GLY N 107 28.40 -43.52 57.45
N TRP N 108 27.34 -43.86 58.19
CA TRP N 108 26.40 -42.90 58.71
C TRP N 108 26.51 -42.84 60.22
N GLU N 109 26.60 -41.64 60.76
CA GLU N 109 26.48 -41.39 62.19
C GLU N 109 25.46 -40.28 62.40
N VAL N 110 24.92 -40.22 63.61
CA VAL N 110 23.79 -39.33 63.90
C VAL N 110 24.26 -37.90 63.97
N GLY N 111 23.62 -37.02 63.20
CA GLY N 111 23.85 -35.60 63.26
C GLY N 111 24.71 -35.03 62.15
N THR N 112 25.50 -35.88 61.48
CA THR N 112 26.37 -35.42 60.41
C THR N 112 25.98 -36.09 59.10
N TRP N 113 26.26 -35.39 57.99
CA TRP N 113 25.99 -35.91 56.66
C TRP N 113 27.16 -36.82 56.26
N TYR N 114 26.98 -38.12 56.53
CA TYR N 114 27.91 -39.20 56.16
C TYR N 114 29.32 -38.98 56.72
N GLY N 115 29.40 -38.48 57.95
CA GLY N 115 30.68 -38.26 58.58
C GLY N 115 31.10 -36.80 58.58
N GLU N 116 30.86 -36.12 57.47
CA GLU N 116 31.18 -34.69 57.38
C GLU N 116 30.16 -33.90 58.19
N PRO N 117 30.61 -33.02 59.10
CA PRO N 117 29.66 -32.27 59.94
C PRO N 117 28.89 -31.23 59.13
N VAL N 118 27.69 -30.93 59.62
CA VAL N 118 26.84 -29.97 58.93
C VAL N 118 27.34 -28.54 59.15
N PHE N 119 27.54 -28.16 60.41
CA PHE N 119 27.94 -26.81 60.76
C PHE N 119 29.34 -26.82 61.38
N LYS N 120 30.22 -25.99 60.83
CA LYS N 120 31.55 -25.77 61.37
C LYS N 120 31.66 -24.34 61.89
N THR N 121 32.84 -24.02 62.44
CA THR N 121 33.17 -22.72 63.06
C THR N 121 32.16 -22.34 64.15
N LEU N 122 31.77 -23.33 64.95
CA LEU N 122 30.79 -23.19 66.00
C LEU N 122 31.36 -23.84 67.26
N PRO N 123 30.83 -23.49 68.44
CA PRO N 123 31.22 -24.21 69.66
C PRO N 123 30.77 -25.67 69.63
N GLU N 124 31.48 -26.51 70.38
CA GLU N 124 31.26 -27.95 70.32
C GLU N 124 29.95 -28.39 70.95
N ASP N 125 29.36 -27.56 71.83
CA ASP N 125 28.11 -27.92 72.49
C ASP N 125 26.98 -26.97 72.13
N THR N 126 27.09 -26.24 71.02
CA THR N 126 26.03 -25.32 70.65
C THR N 126 24.87 -26.07 70.03
N LEU N 127 23.73 -25.38 69.92
CA LEU N 127 22.52 -25.94 69.33
C LEU N 127 21.99 -24.95 68.32
N VAL N 128 21.70 -25.44 67.11
CA VAL N 128 20.95 -24.68 66.14
C VAL N 128 19.64 -25.42 65.88
N THR N 129 18.60 -24.66 65.58
CA THR N 129 17.29 -25.24 65.37
C THR N 129 17.26 -25.96 64.02
N PRO N 130 16.82 -27.22 63.97
CA PRO N 130 16.67 -27.90 62.69
C PRO N 130 15.53 -27.30 61.88
N ILE N 131 15.59 -27.53 60.57
CA ILE N 131 14.60 -26.96 59.65
C ILE N 131 13.29 -27.73 59.80
N PHE N 132 12.21 -27.16 59.24
CA PHE N 132 10.88 -27.71 59.45
C PHE N 132 10.68 -29.05 58.77
N LYS N 133 11.37 -29.29 57.65
CA LYS N 133 11.26 -30.60 57.01
C LYS N 133 12.01 -31.66 57.78
N GLU N 134 13.18 -31.32 58.32
CA GLU N 134 13.97 -32.29 59.06
C GLU N 134 13.40 -32.54 60.46
N PHE N 135 12.84 -31.51 61.10
CA PHE N 135 12.20 -31.70 62.40
C PHE N 135 10.92 -32.51 62.28
N TYR N 136 10.11 -32.26 61.25
CA TYR N 136 8.90 -33.02 61.00
C TYR N 136 9.15 -34.20 60.07
N ALA N 137 10.37 -34.71 60.04
CA ALA N 137 10.65 -36.00 59.43
C ALA N 137 10.22 -37.12 60.38
N HIS N 138 10.34 -38.37 59.88
CA HIS N 138 9.96 -39.61 60.58
C HIS N 138 8.49 -39.60 60.95
N SER N 139 7.66 -38.94 60.13
CA SER N 139 6.26 -38.72 60.44
C SER N 139 5.46 -38.69 59.14
N ASP N 140 4.15 -38.85 59.28
CA ASP N 140 3.27 -38.85 58.12
C ASP N 140 3.03 -37.44 57.58
N TRP N 141 2.36 -37.37 56.44
CA TRP N 141 2.05 -36.09 55.81
C TRP N 141 0.98 -35.32 56.59
N LYS N 142 0.10 -36.05 57.30
CA LYS N 142 -0.98 -35.41 58.04
C LYS N 142 -0.47 -34.58 59.20
N SER N 143 0.66 -34.97 59.81
CA SER N 143 1.27 -34.15 60.84
C SER N 143 2.01 -32.94 60.25
N TYR N 144 2.52 -33.05 59.02
CA TYR N 144 3.15 -31.92 58.36
C TYR N 144 2.10 -30.88 57.96
N ALA N 145 1.01 -31.32 57.34
CA ALA N 145 -0.07 -30.41 56.96
C ALA N 145 -0.97 -30.06 58.13
N LYS N 146 -0.80 -30.73 59.28
CA LYS N 146 -1.49 -30.33 60.51
C LYS N 146 -1.00 -28.98 61.00
N ARG N 147 0.29 -28.70 60.84
CA ARG N 147 0.91 -27.47 61.30
C ARG N 147 1.13 -26.48 60.16
N ALA N 148 1.65 -26.95 59.01
CA ALA N 148 2.03 -26.07 57.92
C ALA N 148 0.84 -25.46 57.20
N HIS N 149 -0.34 -26.06 57.29
CA HIS N 149 -1.49 -25.59 56.53
C HIS N 149 -2.61 -25.10 57.44
N LEU N 150 -2.27 -24.34 58.48
CA LEU N 150 -3.31 -23.74 59.31
C LEU N 150 -3.73 -22.37 58.78
N LYS N 151 -2.78 -21.54 58.35
CA LYS N 151 -3.12 -20.27 57.72
C LYS N 151 -3.71 -20.48 56.33
N LEU N 152 -3.27 -21.52 55.62
CA LEU N 152 -3.73 -21.74 54.26
C LEU N 152 -5.13 -22.31 54.18
N TRP N 153 -5.65 -22.89 55.26
CA TRP N 153 -7.00 -23.44 55.25
C TRP N 153 -8.05 -22.49 55.83
N SER N 154 -7.66 -21.63 56.75
CA SER N 154 -8.61 -20.69 57.35
C SER N 154 -7.92 -19.43 57.85
N SER O 2 29.91 -11.45 47.54
CA SER O 2 29.29 -10.45 46.69
C SER O 2 30.26 -9.98 45.61
N LEU O 3 29.71 -9.57 44.47
CA LEU O 3 30.52 -9.12 43.35
C LEU O 3 31.18 -7.78 43.66
N THR O 4 32.45 -7.66 43.31
CA THR O 4 33.11 -6.37 43.34
C THR O 4 32.75 -5.62 42.05
N PRO O 5 32.14 -4.44 42.15
CA PRO O 5 31.88 -3.66 40.93
C PRO O 5 33.17 -3.13 40.34
N PHE O 6 33.14 -2.88 39.03
CA PHE O 6 34.33 -2.35 38.38
C PHE O 6 34.57 -0.91 38.81
N LEU O 7 33.57 -0.06 38.68
CA LEU O 7 33.65 1.34 39.06
C LEU O 7 32.93 1.53 40.38
N ARG O 8 33.46 2.43 41.20
CA ARG O 8 32.83 2.80 42.46
C ARG O 8 32.38 4.25 42.31
N LEU O 9 31.21 4.43 41.73
CA LEU O 9 30.56 5.71 41.47
C LEU O 9 29.51 5.97 42.55
N PRO O 10 28.86 7.15 42.54
CA PRO O 10 27.67 7.32 43.38
C PRO O 10 26.50 6.39 43.06
N LEU O 11 26.46 5.77 41.88
CA LEU O 11 25.31 4.97 41.47
C LEU O 11 25.33 3.54 42.01
N THR O 12 26.36 3.13 42.76
CA THR O 12 26.30 1.84 43.43
C THR O 12 25.73 1.93 44.84
N ASP O 13 25.43 3.14 45.30
CA ASP O 13 24.99 3.34 46.68
C ASP O 13 23.60 2.78 46.92
N LEU O 14 22.78 2.81 45.87
CA LEU O 14 21.38 2.32 45.98
C LEU O 14 21.31 0.82 45.70
N THR O 15 21.96 0.34 44.64
CA THR O 15 21.93 -1.09 44.24
C THR O 15 22.55 -1.98 45.32
N GLY O 16 23.58 -1.53 46.01
CA GLY O 16 24.33 -2.41 46.93
C GLY O 16 23.51 -2.99 48.06
N CYS O 17 22.60 -2.23 48.67
CA CYS O 17 21.87 -2.72 49.86
C CYS O 17 20.63 -3.53 49.48
N LEU O 18 20.33 -3.69 48.19
CA LEU O 18 19.05 -4.31 47.77
C LEU O 18 18.86 -5.75 48.24
N ILE O 19 19.86 -6.62 48.15
CA ILE O 19 19.63 -7.99 48.69
C ILE O 19 20.73 -8.32 49.70
N ASN O 20 20.37 -8.78 50.89
CA ASN O 20 21.39 -8.98 51.94
C ASN O 20 20.71 -9.69 53.11
N HIS O 21 21.43 -10.57 53.77
CA HIS O 21 20.87 -11.35 54.90
C HIS O 21 20.95 -10.49 56.17
N GLN O 22 21.50 -9.28 56.09
CA GLN O 22 21.72 -8.40 57.27
C GLN O 22 20.40 -8.01 57.94
N THR O 23 19.34 -7.79 57.17
CA THR O 23 18.02 -7.48 57.76
C THR O 23 17.69 -8.75 58.54
N TYR O 24 16.82 -8.71 59.54
CA TYR O 24 16.76 -9.87 60.46
C TYR O 24 16.58 -11.16 59.66
N ASP O 25 17.42 -12.16 59.99
CA ASP O 25 17.43 -13.45 59.25
C ASP O 25 18.02 -14.53 60.17
N LYS O 26 17.81 -15.81 59.88
CA LYS O 26 18.25 -16.91 60.78
C LYS O 26 19.76 -16.88 61.02
N CYS O 27 20.54 -16.44 60.05
CA CYS O 27 22.00 -16.46 60.15
C CYS O 27 22.69 -15.39 59.32
N GLY O 28 22.16 -14.15 59.31
CA GLY O 28 22.91 -13.04 58.74
C GLY O 28 24.19 -12.75 59.48
N LYS O 29 24.22 -13.07 60.79
CA LYS O 29 25.44 -13.02 61.58
C LYS O 29 26.50 -14.00 61.10
N PHE O 30 26.10 -15.07 60.38
CA PHE O 30 27.10 -15.86 59.67
C PHE O 30 27.65 -15.10 58.47
N GLU O 31 26.75 -14.45 57.71
CA GLU O 31 27.13 -13.77 56.46
C GLU O 31 28.07 -12.61 56.73
N MET O 32 27.82 -11.88 57.82
CA MET O 32 28.71 -10.81 58.26
C MET O 32 30.11 -11.36 58.55
N LYS O 33 30.19 -12.53 59.19
CA LYS O 33 31.47 -13.19 59.43
C LYS O 33 32.14 -13.65 58.14
N MET O 34 31.39 -13.82 57.06
CA MET O 34 32.02 -13.99 55.77
C MET O 34 32.42 -12.66 55.16
N MET O 35 31.53 -11.66 55.28
CA MET O 35 31.66 -10.42 54.50
C MET O 35 32.85 -9.58 54.97
N GLU O 36 33.03 -9.47 56.29
CA GLU O 36 34.22 -8.81 56.83
C GLU O 36 35.49 -9.56 56.46
N CYS O 37 35.39 -10.88 56.33
CA CYS O 37 36.51 -11.67 55.83
C CYS O 37 36.85 -11.28 54.40
N PHE O 38 35.83 -10.97 53.59
CA PHE O 38 36.09 -10.46 52.25
C PHE O 38 36.62 -9.02 52.27
N GLU O 39 36.49 -8.29 53.37
CA GLU O 39 37.24 -7.05 53.50
C GLU O 39 38.69 -7.31 53.87
N ALA O 40 38.99 -8.44 54.52
CA ALA O 40 40.35 -8.68 54.98
C ALA O 40 41.25 -9.15 53.85
N TYR O 41 40.87 -10.24 53.20
CA TYR O 41 41.69 -10.84 52.16
C TYR O 41 41.32 -10.39 50.76
N GLY O 42 40.24 -9.63 50.60
CA GLY O 42 39.74 -9.33 49.28
C GLY O 42 38.89 -10.45 48.74
N LEU O 43 38.46 -10.29 47.49
CA LEU O 43 37.56 -11.26 46.89
C LEU O 43 38.28 -12.53 46.47
N GLU O 44 39.51 -12.40 45.95
CA GLU O 44 40.18 -13.55 45.35
C GLU O 44 40.98 -14.37 46.35
N ARG O 45 41.63 -13.73 47.32
CA ARG O 45 42.24 -14.48 48.41
C ARG O 45 41.19 -14.93 49.42
N GLY O 46 40.01 -14.31 49.43
CA GLY O 46 38.93 -14.78 50.28
C GLY O 46 38.27 -16.05 49.79
N LYS O 47 38.47 -16.40 48.51
CA LYS O 47 37.97 -17.67 48.00
C LYS O 47 38.81 -18.84 48.48
N ARG O 48 40.07 -18.61 48.86
CA ARG O 48 40.97 -19.67 49.29
C ARG O 48 41.21 -19.66 50.79
N GLU O 49 41.58 -18.51 51.35
CA GLU O 49 41.93 -18.42 52.76
C GLU O 49 40.73 -18.37 53.68
N CYS O 50 39.53 -18.18 53.15
CA CYS O 50 38.32 -18.01 53.95
C CYS O 50 37.24 -18.98 53.50
N ALA O 51 37.61 -20.25 53.30
CA ALA O 51 36.68 -21.23 52.77
C ALA O 51 35.82 -21.88 53.85
N ASP O 52 36.25 -21.81 55.12
CA ASP O 52 35.47 -22.43 56.18
C ASP O 52 34.25 -21.61 56.53
N LEU O 53 34.37 -20.28 56.49
CA LEU O 53 33.24 -19.41 56.78
C LEU O 53 32.29 -19.28 55.60
N ILE O 54 32.75 -19.61 54.39
CA ILE O 54 31.88 -19.59 53.22
C ILE O 54 30.88 -20.74 53.28
N SER O 55 31.35 -21.93 53.67
CA SER O 55 30.52 -23.13 53.63
C SER O 55 29.45 -23.13 54.72
N ASP O 56 29.69 -22.43 55.83
CA ASP O 56 28.69 -22.37 56.89
C ASP O 56 27.49 -21.52 56.50
N PHE O 57 27.75 -20.38 55.85
CA PHE O 57 26.69 -19.50 55.40
C PHE O 57 25.86 -20.15 54.28
N GLN O 58 26.54 -20.83 53.35
CA GLN O 58 25.85 -21.55 52.29
C GLN O 58 25.09 -22.74 52.84
N GLU O 59 25.63 -23.39 53.87
CA GLU O 59 24.92 -24.48 54.53
C GLU O 59 23.68 -23.97 55.25
N CYS O 60 23.77 -22.79 55.85
CA CYS O 60 22.64 -22.25 56.61
C CYS O 60 21.51 -21.80 55.69
N VAL O 61 21.80 -20.91 54.73
CA VAL O 61 20.69 -20.32 53.99
C VAL O 61 20.40 -21.15 52.74
N GLY O 62 21.40 -21.84 52.20
CA GLY O 62 21.15 -22.74 51.08
C GLY O 62 20.47 -24.02 51.47
N MET O 63 20.72 -24.49 52.70
CA MET O 63 20.06 -25.67 53.32
C MET O 63 20.29 -26.94 52.51
N GLN O 64 21.55 -27.16 52.13
CA GLN O 64 21.89 -28.24 51.22
C GLN O 64 22.01 -29.59 51.93
N LYS O 65 22.93 -29.68 52.88
CA LYS O 65 23.19 -30.98 53.52
C LYS O 65 22.09 -31.38 54.49
N GLN O 66 21.38 -30.40 55.07
CA GLN O 66 20.24 -30.73 55.92
C GLN O 66 19.10 -31.35 55.12
N LEU O 67 18.80 -30.79 53.94
CA LEU O 67 17.78 -31.37 53.09
C LEU O 67 18.24 -32.69 52.48
N MET O 68 19.54 -32.82 52.19
CA MET O 68 20.06 -34.09 51.69
C MET O 68 20.00 -35.18 52.76
N ARG O 69 20.26 -34.81 54.02
CA ARG O 69 20.15 -35.76 55.13
C ARG O 69 18.69 -36.14 55.38
N PHE O 70 17.77 -35.18 55.24
CA PHE O 70 16.34 -35.46 55.35
C PHE O 70 15.87 -36.41 54.25
N HIS O 71 16.34 -36.21 53.03
CA HIS O 71 15.97 -37.09 51.93
C HIS O 71 16.66 -38.45 52.04
N ALA O 72 17.82 -38.50 52.67
CA ALA O 72 18.45 -39.79 52.95
C ALA O 72 17.70 -40.54 54.04
N MET O 73 17.16 -39.83 55.03
CA MET O 73 16.38 -40.50 56.07
C MET O 73 15.00 -40.91 55.60
N ARG O 74 14.43 -40.21 54.61
CA ARG O 74 13.12 -40.60 54.10
C ARG O 74 13.19 -41.68 53.03
N ASN O 75 14.23 -41.68 52.19
CA ASN O 75 14.35 -42.72 51.17
C ASN O 75 14.78 -44.05 51.76
N GLU O 76 15.55 -44.04 52.85
CA GLU O 76 15.95 -45.29 53.50
C GLU O 76 14.77 -45.95 54.19
N ARG O 77 13.86 -45.13 54.76
CA ARG O 77 12.64 -45.66 55.36
C ARG O 77 11.73 -46.29 54.32
N TYR O 78 11.60 -45.66 53.15
CA TYR O 78 10.81 -46.24 52.08
C TYR O 78 11.48 -47.46 51.46
N LYS O 79 12.83 -47.49 51.44
CA LYS O 79 13.53 -48.68 50.97
C LYS O 79 13.35 -49.85 51.94
N GLN O 80 13.32 -49.57 53.24
CA GLN O 80 13.03 -50.60 54.23
C GLN O 80 11.57 -51.06 54.13
N TRP O 81 10.67 -50.15 53.75
CA TRP O 81 9.29 -50.56 53.51
C TRP O 81 9.16 -51.45 52.29
N LEU O 82 9.87 -51.11 51.21
CA LEU O 82 9.80 -51.90 49.99
C LEU O 82 10.53 -53.24 50.13
N LYS O 83 11.53 -53.30 50.99
CA LYS O 83 12.28 -54.53 51.20
C LYS O 83 11.67 -55.42 52.28
N GLY O 84 10.55 -55.03 52.87
CA GLY O 84 9.82 -55.87 53.79
C GLY O 84 10.28 -55.82 55.23
N GLU O 85 11.26 -54.98 55.57
CA GLU O 85 11.71 -54.89 56.95
C GLU O 85 10.74 -54.11 57.83
N ARG O 86 10.08 -53.09 57.28
CA ARG O 86 9.19 -52.24 58.05
C ARG O 86 7.83 -52.20 57.35
N LYS O 87 6.78 -52.56 58.08
CA LYS O 87 5.45 -52.64 57.48
C LYS O 87 4.40 -52.47 58.57
N GLY O 88 3.18 -52.15 58.13
CA GLY O 88 2.05 -52.05 59.05
C GLY O 88 1.85 -50.67 59.62
N GLN O 89 1.36 -50.60 60.86
CA GLN O 89 1.12 -49.32 61.52
C GLN O 89 2.38 -48.72 62.12
N GLU O 90 3.50 -49.46 62.14
CA GLU O 90 4.76 -48.94 62.62
C GLU O 90 5.63 -48.41 61.48
N PHE O 91 5.03 -48.12 60.32
CA PHE O 91 5.78 -47.52 59.22
C PHE O 91 6.21 -46.10 59.55
N PHE O 92 5.36 -45.34 60.22
CA PHE O 92 5.68 -43.98 60.66
C PHE O 92 5.79 -43.95 62.17
N ALA O 93 6.72 -43.14 62.66
CA ALA O 93 7.05 -43.11 64.08
C ALA O 93 6.05 -42.25 64.85
N ASP O 94 6.39 -41.92 66.09
CA ASP O 94 5.54 -41.09 66.93
C ASP O 94 5.58 -39.67 66.38
N PRO O 95 4.45 -39.08 65.99
CA PRO O 95 4.49 -37.75 65.40
C PRO O 95 4.75 -36.69 66.45
N PRO O 96 5.35 -35.56 66.07
CA PRO O 96 5.60 -34.48 67.03
C PRO O 96 4.31 -33.76 67.40
N ARG O 97 4.40 -32.97 68.46
CA ARG O 97 3.28 -32.12 68.84
C ARG O 97 3.15 -30.97 67.85
N VAL O 98 1.94 -30.41 67.78
CA VAL O 98 1.62 -29.44 66.75
C VAL O 98 2.29 -28.09 67.02
N ASP O 99 2.65 -27.81 68.28
CA ASP O 99 3.40 -26.62 68.63
C ASP O 99 4.82 -26.94 69.12
N ALA O 100 5.37 -28.07 68.68
CA ALA O 100 6.71 -28.46 69.12
C ALA O 100 7.78 -27.60 68.48
N TYR O 101 7.68 -27.36 67.18
CA TYR O 101 8.66 -26.51 66.50
C TYR O 101 8.17 -25.07 66.49
N LEU P 3 36.53 -45.13 30.74
CA LEU P 3 36.91 -45.47 29.38
C LEU P 3 36.68 -44.29 28.44
N LEU P 4 35.53 -43.62 28.59
CA LEU P 4 35.18 -42.48 27.76
C LEU P 4 35.79 -41.18 28.25
N ARG P 5 36.46 -41.19 29.41
CA ARG P 5 37.13 -40.02 29.94
C ARG P 5 38.64 -40.07 29.71
N SER P 6 39.12 -40.98 28.86
CA SER P 6 40.54 -41.14 28.62
C SER P 6 41.06 -40.02 27.74
N LYS P 7 42.26 -39.54 28.07
CA LYS P 7 42.91 -38.50 27.30
C LYS P 7 43.88 -39.11 26.29
N TYR P 8 44.44 -38.26 25.43
CA TYR P 8 45.42 -38.73 24.45
C TYR P 8 46.79 -38.94 25.08
N TYR P 9 47.16 -38.11 26.05
CA TYR P 9 48.53 -38.11 26.58
C TYR P 9 48.61 -38.56 28.03
N ASP P 10 47.63 -39.33 28.50
CA ASP P 10 47.75 -39.94 29.82
C ASP P 10 48.73 -41.11 29.82
N HIS P 11 49.00 -41.68 28.65
CA HIS P 11 49.95 -42.76 28.44
C HIS P 11 50.89 -42.34 27.32
N PRO P 12 52.13 -42.90 27.29
CA PRO P 12 53.05 -42.55 26.19
C PRO P 12 52.62 -43.07 24.83
N ASP P 13 53.36 -42.68 23.79
CA ASP P 13 53.02 -43.06 22.43
C ASP P 13 53.28 -44.53 22.20
N GLY P 14 52.30 -45.24 21.65
CA GLY P 14 52.40 -46.67 21.45
C GLY P 14 52.06 -47.52 22.64
N GLU P 15 51.64 -46.91 23.76
CA GLU P 15 51.32 -47.69 24.95
C GLU P 15 49.95 -48.33 24.84
N ASP P 16 48.91 -47.52 24.59
CA ASP P 16 47.57 -48.03 24.41
C ASP P 16 46.98 -47.43 23.14
N ALA P 17 46.15 -48.21 22.45
CA ALA P 17 45.52 -47.73 21.23
C ALA P 17 44.13 -47.17 21.49
N PHE P 18 43.33 -47.89 22.30
CA PHE P 18 41.91 -47.64 22.42
C PHE P 18 41.59 -46.31 23.07
N GLY P 19 42.38 -45.92 24.09
CA GLY P 19 42.18 -44.62 24.73
C GLY P 19 42.47 -43.47 23.79
N LYS P 20 43.50 -43.63 22.94
CA LYS P 20 43.81 -42.60 21.95
C LYS P 20 42.73 -42.51 20.88
N ILE P 21 42.19 -43.66 20.45
CA ILE P 21 41.08 -43.66 19.48
C ILE P 21 39.84 -42.98 20.06
N VAL P 22 39.51 -43.30 21.32
CA VAL P 22 38.33 -42.70 21.96
C VAL P 22 38.52 -41.20 22.18
N ALA P 23 39.72 -40.77 22.58
CA ALA P 23 39.96 -39.33 22.81
C ALA P 23 39.93 -38.54 21.51
N THR P 24 40.65 -39.01 20.48
CA THR P 24 40.69 -38.26 19.23
C THR P 24 39.35 -38.32 18.50
N ASN P 25 38.65 -39.46 18.60
CA ASN P 25 37.33 -39.58 18.00
C ASN P 25 36.28 -38.75 18.74
N LYS P 26 36.39 -38.60 20.06
CA LYS P 26 35.41 -37.77 20.75
C LYS P 26 35.67 -36.29 20.51
N TYR P 27 36.93 -35.90 20.27
CA TYR P 27 37.20 -34.54 19.81
C TYR P 27 36.64 -34.31 18.41
N ALA P 28 36.75 -35.32 17.54
CA ALA P 28 36.18 -35.22 16.19
C ALA P 28 34.66 -35.17 16.22
N VAL P 29 34.02 -35.94 17.11
CA VAL P 29 32.56 -35.91 17.25
C VAL P 29 32.09 -34.57 17.79
N SER P 30 32.82 -34.00 18.77
CA SER P 30 32.48 -32.67 19.29
C SER P 30 32.61 -31.59 18.23
N ALA P 31 33.69 -31.62 17.44
CA ALA P 31 33.85 -30.64 16.37
C ALA P 31 32.82 -30.82 15.26
N GLY P 32 32.49 -32.07 14.91
CA GLY P 32 31.51 -32.33 13.88
C GLY P 32 30.10 -31.93 14.30
N VAL P 33 29.73 -32.18 15.55
CA VAL P 33 28.43 -31.77 16.05
C VAL P 33 28.33 -30.25 16.16
N ALA P 34 29.42 -29.60 16.61
CA ALA P 34 29.43 -28.14 16.71
C ALA P 34 29.37 -27.46 15.35
N TRP P 35 29.99 -28.05 14.32
CA TRP P 35 29.85 -27.48 12.99
C TRP P 35 28.51 -27.84 12.34
N SER P 36 27.98 -29.04 12.61
CA SER P 36 26.75 -29.48 11.97
C SER P 36 25.53 -28.78 12.54
N MET P 37 25.59 -28.33 13.79
CA MET P 37 24.48 -27.57 14.35
C MET P 37 24.39 -26.19 13.70
N PHE P 38 25.53 -25.58 13.39
CA PHE P 38 25.55 -24.34 12.63
C PHE P 38 25.38 -24.55 11.13
N ASP P 39 25.50 -25.80 10.67
CA ASP P 39 25.37 -26.08 9.24
C ASP P 39 23.89 -26.16 8.85
N VAL P 40 23.15 -27.11 9.44
CA VAL P 40 21.82 -27.45 8.96
C VAL P 40 20.76 -26.40 9.27
N LEU P 41 21.07 -25.41 10.10
CA LEU P 41 20.15 -24.31 10.33
C LEU P 41 20.42 -23.08 9.47
N THR P 42 21.63 -22.95 8.92
CA THR P 42 22.02 -21.73 8.21
C THR P 42 22.16 -21.93 6.70
N LEU P 43 22.98 -22.87 6.25
CA LEU P 43 23.20 -23.08 4.83
C LEU P 43 22.88 -24.52 4.47
N SER P 44 22.19 -24.69 3.33
CA SER P 44 21.66 -25.96 2.84
C SER P 44 20.81 -26.65 3.90
N LYS P 45 19.72 -25.98 4.27
CA LYS P 45 18.84 -26.46 5.33
C LYS P 45 18.00 -27.62 4.81
N PRO P 46 18.07 -28.80 5.41
CA PRO P 46 17.23 -29.91 4.96
C PRO P 46 15.90 -29.95 5.68
N GLN P 47 14.96 -30.68 5.09
CA GLN P 47 13.64 -30.88 5.66
C GLN P 47 13.39 -32.37 5.87
N GLY P 48 12.87 -32.72 7.03
CA GLY P 48 12.64 -34.11 7.37
C GLY P 48 13.71 -34.65 8.31
N TYR P 49 13.40 -35.79 8.92
CA TYR P 49 14.30 -36.39 9.90
C TYR P 49 15.47 -37.11 9.24
N LEU P 50 15.26 -37.70 8.06
CA LEU P 50 16.30 -38.50 7.41
C LEU P 50 17.45 -37.70 6.80
N PRO P 51 17.25 -36.65 5.97
CA PRO P 51 18.43 -35.94 5.45
C PRO P 51 19.11 -35.04 6.48
N THR P 52 18.44 -34.67 7.56
CA THR P 52 19.11 -33.95 8.64
C THR P 52 20.13 -34.84 9.34
N LEU P 53 19.73 -36.07 9.68
CA LEU P 53 20.67 -37.04 10.24
C LEU P 53 21.70 -37.49 9.21
N GLY P 54 21.33 -37.47 7.92
CA GLY P 54 22.30 -37.74 6.87
C GLY P 54 23.37 -36.67 6.77
N ARG P 55 22.99 -35.40 6.91
CA ARG P 55 23.95 -34.31 6.92
C ARG P 55 24.81 -34.33 8.17
N PHE P 56 24.21 -34.71 9.31
CA PHE P 56 24.98 -34.87 10.55
C PHE P 56 26.03 -35.97 10.43
N ALA P 57 25.65 -37.11 9.84
CA ALA P 57 26.61 -38.19 9.61
C ALA P 57 27.67 -37.78 8.59
N TYR P 58 27.25 -37.10 7.52
CA TYR P 58 28.14 -36.66 6.45
C TYR P 58 29.14 -35.62 6.92
N ASN P 59 28.79 -34.83 7.93
CA ASN P 59 29.69 -33.83 8.48
C ASN P 59 30.46 -34.29 9.70
N THR P 60 30.02 -35.36 10.37
CA THR P 60 30.69 -35.84 11.58
C THR P 60 31.59 -37.05 11.34
N GLY P 61 31.06 -38.08 10.68
CA GLY P 61 31.77 -39.32 10.42
C GLY P 61 33.05 -39.25 9.63
N PRO P 62 33.13 -38.43 8.56
CA PRO P 62 34.44 -38.17 7.94
C PRO P 62 35.48 -37.54 8.86
N LEU P 63 35.07 -36.67 9.79
CA LEU P 63 36.01 -36.16 10.78
C LEU P 63 36.47 -37.27 11.73
N MET P 64 35.57 -38.19 12.07
CA MET P 64 35.94 -39.38 12.84
C MET P 64 36.93 -40.25 12.07
N GLY P 65 36.73 -40.37 10.75
CA GLY P 65 37.64 -41.15 9.93
C GLY P 65 39.02 -40.52 9.83
N MET P 66 39.07 -39.18 9.71
CA MET P 66 40.33 -38.46 9.76
C MET P 66 41.04 -38.65 11.10
N ALA P 67 40.28 -38.59 12.19
CA ALA P 67 40.84 -38.76 13.53
C ALA P 67 41.41 -40.15 13.74
N THR P 68 40.63 -41.19 13.40
CA THR P 68 41.10 -42.55 13.61
C THR P 68 42.19 -42.94 12.61
N ALA P 69 42.22 -42.32 11.42
CA ALA P 69 43.28 -42.62 10.47
C ALA P 69 44.59 -41.98 10.90
N PHE P 70 44.53 -40.74 11.39
CA PHE P 70 45.71 -40.07 11.93
C PHE P 70 46.26 -40.82 13.14
N THR P 71 45.39 -41.26 14.05
CA THR P 71 45.84 -41.98 15.23
C THR P 71 46.40 -43.35 14.88
N LEU P 72 45.77 -44.05 13.92
CA LEU P 72 46.24 -45.38 13.54
C LEU P 72 47.59 -45.33 12.82
N THR P 73 47.77 -44.42 11.87
CA THR P 73 49.07 -44.34 11.22
C THR P 73 50.13 -43.70 12.11
N THR P 74 49.73 -42.89 13.11
CA THR P 74 50.69 -42.42 14.11
C THR P 74 51.18 -43.57 14.97
N LEU P 75 50.27 -44.46 15.39
CA LEU P 75 50.66 -45.64 16.17
C LEU P 75 51.50 -46.61 15.34
N VAL P 76 51.18 -46.75 14.04
CA VAL P 76 51.95 -47.62 13.15
C VAL P 76 53.36 -47.07 12.93
N ALA P 77 53.49 -45.75 12.71
CA ALA P 77 54.81 -45.16 12.54
C ALA P 77 55.61 -45.13 13.84
N THR P 78 54.93 -45.07 14.99
CA THR P 78 55.64 -45.13 16.27
C THR P 78 56.13 -46.54 16.58
N ASN P 79 55.28 -47.56 16.36
CA ASN P 79 55.64 -48.92 16.71
C ASN P 79 56.42 -49.64 15.61
N ALA P 80 56.54 -49.05 14.42
CA ALA P 80 57.30 -49.70 13.36
C ALA P 80 58.81 -49.58 13.60
N ARG P 81 59.23 -48.61 14.40
CA ARG P 81 60.63 -48.39 14.72
C ARG P 81 60.76 -48.13 16.22
N GLY P 82 61.98 -47.79 16.65
CA GLY P 82 62.20 -47.45 18.04
C GLY P 82 62.15 -45.98 18.35
N LYS P 83 62.15 -45.13 17.33
CA LYS P 83 62.17 -43.68 17.52
C LYS P 83 60.77 -43.13 17.72
N ASP P 84 60.65 -42.15 18.63
CA ASP P 84 59.42 -41.43 18.90
C ASP P 84 59.73 -39.96 18.64
N ASP P 85 59.42 -39.49 17.43
CA ASP P 85 59.82 -38.14 17.03
C ASP P 85 58.68 -37.53 16.22
N LYS P 86 58.90 -36.31 15.71
CA LYS P 86 57.85 -35.50 15.11
C LYS P 86 57.45 -35.97 13.72
N ILE P 87 58.31 -36.69 13.00
CA ILE P 87 57.97 -37.11 11.64
C ILE P 87 56.93 -38.22 11.62
N ASN P 88 56.73 -38.93 12.74
CA ASN P 88 55.57 -39.80 12.87
C ASN P 88 54.27 -39.00 12.87
N TYR P 89 54.28 -37.84 13.55
CA TYR P 89 53.13 -36.95 13.50
C TYR P 89 52.97 -36.32 12.11
N LEU P 90 54.08 -36.11 11.40
CA LEU P 90 54.01 -35.65 10.01
C LEU P 90 53.36 -36.70 9.10
N ILE P 91 53.71 -37.97 9.29
CA ILE P 91 53.12 -39.07 8.53
C ILE P 91 51.63 -39.20 8.86
N GLY P 92 51.28 -39.03 10.14
CA GLY P 92 49.88 -39.07 10.54
C GLY P 92 49.07 -37.91 9.98
N GLY P 93 49.65 -36.71 9.94
CA GLY P 93 48.97 -35.59 9.32
C GLY P 93 48.80 -35.75 7.83
N PHE P 94 49.80 -36.33 7.16
CA PHE P 94 49.68 -36.65 5.73
C PHE P 94 48.58 -37.68 5.48
N ALA P 95 48.48 -38.69 6.36
CA ALA P 95 47.44 -39.70 6.23
C ALA P 95 46.05 -39.13 6.46
N ALA P 96 45.90 -38.25 7.46
CA ALA P 96 44.61 -37.62 7.72
C ALA P 96 44.21 -36.69 6.59
N GLY P 97 45.17 -35.96 6.03
CA GLY P 97 44.89 -35.15 4.85
C GLY P 97 44.51 -35.98 3.64
N GLY P 98 45.16 -37.14 3.47
CA GLY P 98 44.79 -38.03 2.37
C GLY P 98 43.41 -38.65 2.53
N VAL P 99 42.99 -38.95 3.77
CA VAL P 99 41.64 -39.44 4.01
C VAL P 99 40.61 -38.33 3.75
N PHE P 100 40.94 -37.11 4.20
CA PHE P 100 40.04 -35.95 3.97
C PHE P 100 39.86 -35.77 2.47
N GLY P 101 40.93 -36.01 1.72
CA GLY P 101 40.87 -35.83 0.27
C GLY P 101 39.83 -36.77 -0.32
N ALA P 102 39.78 -38.00 0.19
CA ALA P 102 38.85 -39.00 -0.36
C ALA P 102 37.41 -38.53 -0.17
N TRP P 103 37.11 -37.96 1.01
CA TRP P 103 35.75 -37.41 1.25
C TRP P 103 35.52 -36.27 0.26
N LYS P 104 36.53 -35.44 0.05
CA LYS P 104 36.45 -34.36 -0.96
C LYS P 104 36.31 -34.98 -2.35
N HIS P 105 37.01 -36.09 -2.60
CA HIS P 105 37.06 -36.74 -3.94
C HIS P 105 38.11 -36.02 -4.80
N ASN P 106 38.88 -35.12 -4.19
CA ASN P 106 39.95 -34.43 -4.95
C ASN P 106 41.31 -34.87 -4.42
N HIS P 107 42.19 -35.35 -5.32
CA HIS P 107 43.56 -35.76 -4.92
C HIS P 107 44.32 -34.54 -4.41
N VAL P 108 44.15 -33.40 -5.08
CA VAL P 108 44.91 -32.17 -4.70
C VAL P 108 44.50 -31.79 -3.28
N ALA P 109 43.20 -31.91 -2.98
CA ALA P 109 42.71 -31.48 -1.65
C ALA P 109 43.37 -32.33 -0.58
N GLY P 110 43.53 -33.63 -0.83
CA GLY P 110 44.07 -34.54 0.19
C GLY P 110 45.50 -34.20 0.59
N LEU P 111 46.35 -33.85 -0.38
CA LEU P 111 47.77 -33.60 -0.01
C LEU P 111 47.83 -32.20 0.60
N CYS P 112 47.34 -31.21 -0.12
CA CYS P 112 47.20 -29.84 0.40
C CYS P 112 46.72 -29.83 1.84
N ALA P 113 45.81 -30.73 2.21
CA ALA P 113 45.41 -30.85 3.61
C ALA P 113 46.47 -31.55 4.45
N GLY P 114 47.17 -32.54 3.86
CA GLY P 114 48.16 -33.29 4.61
C GLY P 114 49.38 -32.49 4.99
N LEU P 115 49.75 -31.48 4.18
CA LEU P 115 50.86 -30.61 4.52
C LEU P 115 50.55 -29.78 5.78
N PHE P 116 49.36 -29.18 5.83
CA PHE P 116 48.98 -28.37 6.99
C PHE P 116 48.74 -29.23 8.22
N LEU P 117 48.17 -30.43 8.04
CA LEU P 117 47.96 -31.32 9.18
C LEU P 117 49.28 -31.89 9.70
N GLY P 118 50.25 -32.14 8.83
CA GLY P 118 51.56 -32.53 9.29
C GLY P 118 52.30 -31.42 10.00
N ILE P 119 52.11 -30.18 9.54
CA ILE P 119 52.69 -29.02 10.24
C ILE P 119 52.08 -28.86 11.63
N ALA P 120 50.76 -29.04 11.74
CA ALA P 120 50.10 -29.03 13.05
C ALA P 120 50.57 -30.17 13.93
N GLY P 121 50.81 -31.35 13.33
CA GLY P 121 51.30 -32.48 14.10
C GLY P 121 52.71 -32.29 14.63
N VAL P 122 53.61 -31.74 13.80
CA VAL P 122 54.99 -31.54 14.29
C VAL P 122 55.05 -30.39 15.29
N ILE P 123 54.16 -29.40 15.18
CA ILE P 123 54.12 -28.33 16.18
C ILE P 123 53.57 -28.85 17.52
N LYS P 124 52.54 -29.73 17.46
CA LYS P 124 52.02 -30.32 18.70
C LYS P 124 53.03 -31.29 19.33
N LYS P 125 53.78 -32.02 18.52
CA LYS P 125 54.81 -32.89 19.07
C LYS P 125 55.99 -32.10 19.61
N MET P 126 56.27 -30.92 19.03
CA MET P 126 57.23 -30.00 19.62
C MET P 126 56.75 -29.48 20.97
N SER P 127 55.45 -29.22 21.09
CA SER P 127 54.86 -28.81 22.36
C SER P 127 54.96 -29.91 23.41
N ILE P 128 54.79 -31.16 22.99
CA ILE P 128 54.91 -32.30 23.90
C ILE P 128 56.35 -32.50 24.33
N GLU P 129 57.30 -32.39 23.39
CA GLU P 129 58.71 -32.63 23.70
C GLU P 129 59.29 -31.52 24.56
N GLN P 130 59.05 -30.26 24.20
CA GLN P 130 59.64 -29.15 24.93
C GLN P 130 58.96 -28.88 26.26
N GLY P 131 57.65 -29.06 26.33
CA GLY P 131 56.93 -28.97 27.59
C GLY P 131 56.04 -27.74 27.78
N TRP P 132 55.83 -26.94 26.75
CA TRP P 132 54.95 -25.79 26.88
C TRP P 132 53.54 -26.13 26.41
N GLU P 133 52.60 -25.22 26.68
CA GLU P 133 51.20 -25.42 26.37
C GLU P 133 50.72 -24.40 25.35
N PHE P 134 49.72 -24.79 24.57
CA PHE P 134 49.14 -23.88 23.59
C PHE P 134 48.29 -22.81 24.26
N PHE P 135 47.47 -23.20 25.21
CA PHE P 135 46.59 -22.28 25.94
C PHE P 135 46.84 -22.43 27.43
N PRO P 136 47.90 -21.83 27.95
CA PRO P 136 48.18 -21.93 29.38
C PRO P 136 47.32 -20.97 30.19
N ASN P 137 47.22 -21.25 31.48
CA ASN P 137 46.61 -20.31 32.40
C ASN P 137 47.51 -19.09 32.56
N THR P 138 46.89 -17.93 32.72
CA THR P 138 47.64 -16.69 32.79
C THR P 138 48.32 -16.56 34.15
N PRO P 139 49.64 -16.43 34.20
CA PRO P 139 50.30 -16.22 35.50
C PRO P 139 50.08 -14.84 36.07
N ILE P 140 49.78 -13.86 35.21
CA ILE P 140 49.51 -12.49 35.61
C ILE P 140 48.13 -12.13 35.08
N LYS P 141 47.25 -11.65 35.97
CA LYS P 141 45.91 -11.21 35.57
C LYS P 141 45.60 -9.92 36.31
N GLN P 142 45.81 -8.79 35.65
CA GLN P 142 45.63 -7.46 36.24
C GLN P 142 44.14 -7.23 36.48
N TYR P 143 43.73 -7.36 37.74
CA TYR P 143 42.33 -7.14 38.09
C TYR P 143 41.99 -5.66 38.06
N GLY P 144 42.99 -4.80 38.23
CA GLY P 144 42.79 -3.36 38.11
C GLY P 144 44.14 -2.67 38.13
N GLY P 145 44.09 -1.36 37.90
CA GLY P 145 45.28 -0.55 37.90
C GLY P 145 45.69 -0.13 39.30
N LEU P 146 46.61 0.83 39.35
CA LEU P 146 47.05 1.39 40.62
C LEU P 146 45.98 2.32 41.18
N ASN P 147 46.16 2.68 42.46
CA ASN P 147 45.20 3.44 43.27
C ASN P 147 43.83 2.78 43.28
N ILE P 148 43.82 1.45 43.43
CA ILE P 148 42.58 0.70 43.37
C ILE P 148 41.80 0.79 44.68
N ALA P 149 42.44 1.21 45.77
CA ALA P 149 41.75 1.44 47.02
C ALA P 149 41.24 2.87 47.16
N GLY P 150 41.90 3.82 46.51
CA GLY P 150 41.50 5.22 46.51
C GLY P 150 40.54 5.61 45.42
N ASN P 151 40.03 4.64 44.65
CA ASN P 151 39.08 4.92 43.59
C ASN P 151 37.63 4.80 44.05
N ASP P 152 37.40 4.64 45.35
CA ASP P 152 36.06 4.47 45.89
C ASP P 152 35.41 5.86 46.03
N TRP P 153 34.68 6.26 44.99
CA TRP P 153 33.95 7.52 45.00
C TRP P 153 32.50 7.25 45.37
N THR P 154 32.26 7.01 46.66
CA THR P 154 30.93 6.72 47.17
C THR P 154 30.53 7.77 48.19
N ILE P 155 29.24 8.08 48.23
CA ILE P 155 28.75 9.13 49.12
C ILE P 155 28.42 8.56 50.50
N MET P 156 28.11 7.27 50.59
CA MET P 156 27.70 6.67 51.86
C MET P 156 28.88 6.54 52.81
N ALA P 157 28.67 6.97 54.05
CA ALA P 157 29.71 6.86 55.07
C ALA P 157 29.87 5.41 55.52
N ASP P 158 31.10 5.01 55.73
CA ASP P 158 31.40 3.64 56.13
C ASP P 158 31.18 3.47 57.63
N PRO P 159 30.36 2.51 58.04
CA PRO P 159 30.31 2.14 59.47
C PRO P 159 31.60 1.51 59.91
N PRO P 160 31.94 1.57 61.21
CA PRO P 160 33.20 0.98 61.68
C PRO P 160 33.21 -0.54 61.56
N LYS P 161 34.35 -1.06 61.10
CA LYS P 161 34.49 -2.47 60.78
C LYS P 161 34.56 -3.32 62.05
N ASN P 162 34.23 -4.60 61.89
CA ASN P 162 34.26 -5.56 62.98
C ASN P 162 35.54 -6.37 63.02
N TRP P 163 36.52 -6.07 62.15
CA TRP P 163 37.78 -6.78 62.12
C TRP P 163 38.94 -5.79 62.26
N THR P 164 39.99 -6.24 62.94
CA THR P 164 41.22 -5.49 63.11
C THR P 164 42.40 -6.31 62.61
N THR P 165 43.56 -5.66 62.52
CA THR P 165 44.80 -6.32 62.16
C THR P 165 45.67 -6.61 63.37
N GLU P 166 45.16 -6.42 64.58
CA GLU P 166 45.93 -6.67 65.79
C GLU P 166 45.63 -8.05 66.35
N PRO Q 4 128.24 1.98 -14.13
CA PRO Q 4 129.27 2.62 -14.95
C PRO Q 4 130.11 1.61 -15.73
N ARG Q 5 129.90 0.33 -15.46
CA ARG Q 5 130.62 -0.73 -16.16
C ARG Q 5 129.93 -1.18 -17.43
N SER Q 6 128.73 -0.70 -17.71
CA SER Q 6 127.96 -1.06 -18.89
C SER Q 6 127.35 0.20 -19.49
N PRO Q 7 127.11 0.22 -20.81
CA PRO Q 7 126.31 1.32 -21.39
C PRO Q 7 124.90 1.39 -20.84
N MET Q 8 124.27 0.24 -20.60
CA MET Q 8 122.93 0.22 -20.01
C MET Q 8 122.97 0.68 -18.55
N ALA Q 9 124.00 0.27 -17.81
CA ALA Q 9 124.14 0.71 -16.43
C ALA Q 9 124.45 2.20 -16.34
N SER Q 10 125.26 2.72 -17.26
CA SER Q 10 125.55 4.16 -17.28
C SER Q 10 124.32 4.96 -17.67
N PHE Q 11 123.53 4.45 -18.62
CA PHE Q 11 122.29 5.12 -19.01
C PHE Q 11 121.27 5.11 -17.87
N ALA Q 12 121.17 3.99 -17.14
CA ALA Q 12 120.28 3.92 -15.98
C ALA Q 12 120.75 4.82 -14.85
N GLU Q 13 122.07 4.95 -14.67
CA GLU Q 13 122.61 5.87 -13.67
C GLU Q 13 122.32 7.32 -14.03
N SER Q 14 122.42 7.66 -15.33
CA SER Q 14 122.10 9.01 -15.78
C SER Q 14 120.61 9.33 -15.61
N VAL Q 15 119.75 8.36 -15.94
CA VAL Q 15 118.30 8.54 -15.77
C VAL Q 15 117.95 8.67 -14.29
N LEU Q 16 118.62 7.89 -13.43
CA LEU Q 16 118.39 7.97 -11.99
C LEU Q 16 118.88 9.29 -11.42
N ASN Q 17 119.98 9.84 -11.95
CA ASN Q 17 120.45 11.15 -11.49
C ASN Q 17 119.51 12.28 -11.90
N VAL Q 18 119.03 12.24 -13.15
CA VAL Q 18 118.07 13.25 -13.63
C VAL Q 18 116.74 13.14 -12.87
N ILE Q 19 116.34 11.93 -12.51
CA ILE Q 19 115.15 11.75 -11.69
C ILE Q 19 115.37 12.25 -10.27
N ASP Q 20 116.53 11.94 -9.68
CA ASP Q 20 116.79 12.18 -8.27
C ASP Q 20 117.07 13.65 -7.95
N GLY Q 21 117.59 14.40 -8.92
CA GLY Q 21 118.00 15.79 -8.70
C GLY Q 21 116.92 16.78 -8.27
N PRO Q 22 115.96 17.06 -9.15
CA PRO Q 22 114.90 18.04 -8.83
C PRO Q 22 114.01 17.68 -7.65
N ILE Q 23 113.75 16.41 -7.38
CA ILE Q 23 112.91 16.06 -6.25
C ILE Q 23 113.66 16.27 -4.93
N THR Q 24 114.97 16.02 -4.93
CA THR Q 24 115.78 16.30 -3.74
C THR Q 24 115.92 17.80 -3.53
N TRP Q 25 116.01 18.57 -4.64
CA TRP Q 25 116.00 20.02 -4.55
C TRP Q 25 114.68 20.54 -3.99
N PHE Q 26 113.56 19.95 -4.44
CA PHE Q 26 112.24 20.36 -3.95
C PHE Q 26 112.03 20.00 -2.49
N ARG Q 27 112.63 18.89 -2.03
CA ARG Q 27 112.49 18.52 -0.63
C ARG Q 27 113.37 19.40 0.25
N GLU Q 28 114.68 19.44 -0.01
CA GLU Q 28 115.60 20.15 0.88
C GLU Q 28 115.50 21.66 0.74
N SER Q 29 114.92 22.13 -0.37
CA SER Q 29 114.88 23.58 -0.60
C SER Q 29 113.54 24.17 -0.19
N ILE Q 30 112.45 23.44 -0.38
CA ILE Q 30 111.10 23.95 -0.18
C ILE Q 30 110.36 23.17 0.91
N VAL Q 31 110.38 21.84 0.85
CA VAL Q 31 109.60 21.03 1.78
C VAL Q 31 110.25 21.00 3.16
N GLU Q 32 111.58 20.78 3.22
CA GLU Q 32 112.28 20.77 4.51
C GLU Q 32 112.29 22.13 5.24
N PRO Q 33 112.48 23.30 4.59
CA PRO Q 33 112.14 24.53 5.31
C PRO Q 33 110.63 24.72 5.40
N ASN Q 34 110.23 25.63 6.30
CA ASN Q 34 108.86 26.04 6.61
C ASN Q 34 107.99 24.93 7.18
N GLN Q 35 108.57 23.81 7.63
CA GLN Q 35 107.82 22.73 8.25
C GLN Q 35 108.03 22.80 9.76
N GLN Q 36 106.95 23.00 10.49
CA GLN Q 36 107.02 23.09 11.94
C GLN Q 36 107.23 21.72 12.57
N LYS Q 37 107.80 21.72 13.77
CA LYS Q 37 108.13 20.50 14.49
C LYS Q 37 107.03 20.20 15.50
N GLN Q 38 106.40 19.04 15.35
CA GLN Q 38 105.36 18.59 16.26
C GLN Q 38 105.63 17.14 16.63
N ASN Q 39 105.04 16.70 17.73
CA ASN Q 39 105.22 15.35 18.24
C ASN Q 39 103.89 14.62 18.25
N TRP Q 40 103.88 13.43 17.64
CA TRP Q 40 102.74 12.54 17.71
C TRP Q 40 103.18 11.23 18.34
N TYR Q 41 102.27 10.59 19.07
CA TYR Q 41 102.62 9.49 19.95
C TYR Q 41 101.80 8.25 19.63
N HIS Q 42 102.41 7.10 19.86
CA HIS Q 42 101.70 5.82 19.78
C HIS Q 42 100.83 5.66 21.02
N GLN Q 43 99.56 5.30 20.81
CA GLN Q 43 98.61 5.21 21.91
C GLN Q 43 98.86 3.96 22.74
N ARG Q 44 98.91 4.12 24.06
CA ARG Q 44 99.09 3.02 24.99
C ARG Q 44 97.82 2.83 25.81
N PHE Q 45 97.36 1.58 25.90
CA PHE Q 45 96.14 1.24 26.60
C PHE Q 45 96.47 0.40 27.83
N ARG Q 46 95.90 0.78 28.97
CA ARG Q 46 96.05 -0.02 30.19
C ARG Q 46 95.24 -1.30 30.08
N ARG Q 47 95.66 -2.32 30.82
CA ARG Q 47 95.01 -3.62 30.79
C ARG Q 47 93.86 -3.65 31.78
N VAL Q 48 92.63 -3.54 31.28
CA VAL Q 48 91.42 -3.70 32.06
C VAL Q 48 91.30 -5.18 32.40
N PRO Q 49 90.80 -5.55 33.59
CA PRO Q 49 90.60 -6.98 33.91
C PRO Q 49 89.63 -7.68 32.97
N THR Q 50 89.88 -8.96 32.75
CA THR Q 50 89.29 -9.71 31.65
C THR Q 50 87.86 -10.16 31.99
N ILE Q 51 87.36 -11.09 31.17
CA ILE Q 51 85.96 -11.49 31.24
C ILE Q 51 85.73 -12.47 32.37
N ASP Q 52 86.82 -13.07 32.90
CA ASP Q 52 86.64 -14.05 33.96
C ASP Q 52 86.67 -13.38 35.34
N GLN Q 53 87.32 -12.22 35.45
CA GLN Q 53 87.41 -11.55 36.74
C GLN Q 53 86.31 -10.51 36.93
N CYS Q 54 85.06 -10.89 36.64
CA CYS Q 54 83.89 -10.06 36.89
C CYS Q 54 82.61 -10.89 36.84
N TYR Q 55 81.51 -10.31 37.31
CA TYR Q 55 80.29 -11.05 37.54
C TYR Q 55 79.44 -11.12 36.27
N THR Q 56 78.43 -11.99 36.30
CA THR Q 56 77.55 -12.17 35.15
C THR Q 56 76.57 -11.03 34.99
N ASP Q 57 76.12 -10.43 36.09
CA ASP Q 57 75.11 -9.38 36.03
C ASP Q 57 75.68 -8.04 35.57
N ASP Q 58 77.00 -7.87 35.60
CA ASP Q 58 77.62 -6.60 35.23
C ASP Q 58 77.87 -6.54 33.74
N ALA Q 59 77.38 -5.48 33.10
CA ALA Q 59 77.63 -5.24 31.68
C ALA Q 59 78.71 -4.21 31.44
N VAL Q 60 79.24 -3.59 32.49
CA VAL Q 60 80.38 -2.69 32.36
C VAL Q 60 81.64 -3.48 32.03
N CYS Q 61 81.84 -4.62 32.71
CA CYS Q 61 83.02 -5.45 32.47
C CYS Q 61 82.96 -6.13 31.11
N ARG Q 62 81.76 -6.51 30.65
CA ARG Q 62 81.61 -7.20 29.38
C ARG Q 62 81.99 -6.32 28.20
N PHE Q 63 81.66 -5.03 28.27
CA PHE Q 63 82.05 -4.10 27.21
C PHE Q 63 83.55 -3.88 27.18
N GLU Q 64 84.17 -3.72 28.35
CA GLU Q 64 85.60 -3.46 28.42
C GLU Q 64 86.43 -4.68 28.03
N ALA Q 65 86.01 -5.86 28.49
CA ALA Q 65 86.71 -7.08 28.11
C ALA Q 65 86.47 -7.45 26.65
N ASP Q 66 85.28 -7.15 26.12
CA ASP Q 66 85.03 -7.33 24.69
C ASP Q 66 85.89 -6.40 23.86
N GLN Q 67 86.07 -5.16 24.32
CA GLN Q 67 86.89 -4.21 23.58
C GLN Q 67 88.37 -4.59 23.62
N GLN Q 68 88.86 -5.08 24.76
CA GLN Q 68 90.26 -5.52 24.74
C GLN Q 68 90.43 -6.84 24.02
N PHE Q 69 89.36 -7.66 23.92
CA PHE Q 69 89.45 -8.86 23.10
C PHE Q 69 89.50 -8.51 21.62
N ARG Q 70 88.73 -7.51 21.20
CA ARG Q 70 88.79 -7.02 19.82
C ARG Q 70 90.15 -6.39 19.51
N ARG Q 71 90.69 -5.63 20.47
CA ARG Q 71 92.01 -5.01 20.28
C ARG Q 71 93.11 -6.05 20.23
N ASP Q 72 93.04 -7.07 21.09
CA ASP Q 72 94.01 -8.16 21.05
C ASP Q 72 93.87 -9.01 19.80
N ARG Q 73 92.64 -9.12 19.27
CA ARG Q 73 92.42 -9.80 18.00
C ARG Q 73 93.08 -9.05 16.85
N MET Q 74 92.95 -7.71 16.85
CA MET Q 74 93.57 -6.93 15.78
C MET Q 74 95.10 -6.92 15.89
N VAL Q 75 95.62 -6.89 17.12
CA VAL Q 75 97.07 -6.98 17.33
C VAL Q 75 97.61 -8.35 16.89
N ASP Q 76 96.94 -9.44 17.27
CA ASP Q 76 97.39 -10.78 16.88
C ASP Q 76 97.25 -11.02 15.38
N ASN Q 77 96.24 -10.42 14.75
CA ASN Q 77 96.13 -10.44 13.30
C ASN Q 77 97.31 -9.71 12.67
N GLU Q 78 97.75 -8.61 13.27
CA GLU Q 78 98.93 -7.93 12.75
C GLU Q 78 100.21 -8.72 13.03
N ILE Q 79 100.26 -9.51 14.11
CA ILE Q 79 101.39 -10.41 14.35
C ILE Q 79 101.50 -11.44 13.23
N VAL Q 80 100.36 -12.06 12.87
CA VAL Q 80 100.35 -13.07 11.81
C VAL Q 80 100.64 -12.43 10.46
N ASN Q 81 100.16 -11.20 10.23
CA ASN Q 81 100.41 -10.50 8.98
C ASN Q 81 101.89 -10.12 8.82
N ILE Q 82 102.53 -9.63 9.87
CA ILE Q 82 103.94 -9.28 9.80
C ILE Q 82 104.80 -10.54 9.68
N LEU Q 83 104.40 -11.63 10.35
CA LEU Q 83 105.14 -12.89 10.23
C LEU Q 83 104.97 -13.52 8.84
N ARG Q 84 103.86 -13.24 8.16
CA ARG Q 84 103.71 -13.67 6.77
C ARG Q 84 104.52 -12.79 5.82
N GLN Q 85 104.55 -11.48 6.08
CA GLN Q 85 105.33 -10.57 5.25
C GLN Q 85 106.82 -10.81 5.39
N ARG Q 86 107.27 -11.29 6.55
CA ARG Q 86 108.66 -11.70 6.73
C ARG Q 86 109.01 -12.87 5.81
N PHE Q 87 108.10 -13.83 5.68
CA PHE Q 87 108.32 -14.96 4.78
C PHE Q 87 108.28 -14.53 3.32
N GLU Q 88 107.41 -13.58 2.98
CA GLU Q 88 107.36 -13.05 1.61
C GLU Q 88 108.64 -12.29 1.26
N ASP Q 89 109.17 -11.50 2.21
CA ASP Q 89 110.43 -10.80 1.98
C ASP Q 89 111.61 -11.76 1.94
N CYS Q 90 111.53 -12.88 2.69
CA CYS Q 90 112.54 -13.93 2.57
C CYS Q 90 112.51 -14.58 1.20
N THR Q 91 111.30 -14.79 0.65
CA THR Q 91 111.17 -15.39 -0.67
C THR Q 91 111.68 -14.47 -1.76
N LEU Q 92 111.43 -13.16 -1.64
CA LEU Q 92 111.93 -12.23 -2.64
C LEU Q 92 113.42 -11.98 -2.52
N TYR Q 93 113.94 -11.84 -1.29
CA TYR Q 93 115.35 -11.49 -1.12
C TYR Q 93 116.25 -12.70 -1.40
N GLU Q 94 115.86 -13.87 -0.94
CA GLU Q 94 116.57 -15.11 -1.29
C GLU Q 94 115.83 -15.80 -2.43
N ALA Q 95 116.07 -15.30 -3.65
CA ALA Q 95 115.23 -15.72 -4.78
C ALA Q 95 115.54 -17.14 -5.27
N PRO Q 96 116.82 -17.58 -5.53
CA PRO Q 96 116.99 -18.99 -5.91
C PRO Q 96 116.93 -19.95 -4.74
N ASP Q 97 117.43 -19.51 -3.59
CA ASP Q 97 117.69 -20.35 -2.42
C ASP Q 97 116.66 -20.15 -1.30
N HIS Q 98 115.39 -19.98 -1.70
CA HIS Q 98 114.32 -19.74 -0.72
C HIS Q 98 113.96 -21.00 0.05
N MET Q 99 114.42 -22.17 -0.40
CA MET Q 99 114.06 -23.44 0.24
C MET Q 99 114.71 -23.58 1.60
N VAL Q 100 115.95 -23.11 1.76
CA VAL Q 100 116.70 -23.38 2.97
C VAL Q 100 116.48 -22.29 4.01
N LYS Q 101 116.56 -21.02 3.58
CA LYS Q 101 116.61 -19.91 4.54
C LYS Q 101 115.24 -19.59 5.12
N CYS Q 102 114.18 -19.83 4.37
CA CYS Q 102 112.86 -19.35 4.79
C CYS Q 102 112.16 -20.35 5.71
N ARG Q 103 112.77 -21.52 5.94
CA ARG Q 103 112.20 -22.56 6.78
C ARG Q 103 111.98 -22.19 8.26
N PRO Q 104 112.94 -21.49 9.00
CA PRO Q 104 112.58 -21.04 10.36
C PRO Q 104 111.45 -20.02 10.40
N LEU Q 105 111.41 -19.14 9.39
CA LEU Q 105 110.33 -18.17 9.29
C LEU Q 105 109.00 -18.83 8.98
N MET Q 106 109.01 -19.84 8.11
CA MET Q 106 107.78 -20.57 7.80
C MET Q 106 107.31 -21.39 8.98
N ASP Q 107 108.23 -21.95 9.76
CA ASP Q 107 107.86 -22.68 10.97
C ASP Q 107 107.29 -21.75 12.03
N GLN Q 108 107.89 -20.55 12.18
CA GLN Q 108 107.36 -19.56 13.11
C GLN Q 108 105.99 -19.06 12.68
N TYR Q 109 105.80 -18.86 11.37
CA TYR Q 109 104.49 -18.44 10.86
C TYR Q 109 103.44 -19.53 11.03
N GLU Q 110 103.82 -20.80 10.84
CA GLU Q 110 102.87 -21.90 11.02
C GLU Q 110 102.50 -22.07 12.48
N LYS Q 111 103.46 -21.86 13.40
CA LYS Q 111 103.15 -21.85 14.82
C LYS Q 111 102.23 -20.69 15.18
N ALA Q 112 102.43 -19.53 14.54
CA ALA Q 112 101.56 -18.39 14.75
C ALA Q 112 100.13 -18.65 14.27
N THR Q 113 99.99 -19.30 13.11
CA THR Q 113 98.66 -19.66 12.60
C THR Q 113 97.99 -20.68 13.50
N GLU Q 114 98.76 -21.65 14.02
CA GLU Q 114 98.22 -22.65 14.93
C GLU Q 114 97.75 -22.03 16.24
N ASN Q 115 98.53 -21.11 16.80
CA ASN Q 115 98.13 -20.46 18.05
C ASN Q 115 96.96 -19.49 17.85
N TRP Q 116 96.89 -18.83 16.69
CA TRP Q 116 95.73 -18.01 16.36
C TRP Q 116 94.47 -18.86 16.24
N PHE Q 117 94.58 -20.05 15.65
CA PHE Q 117 93.41 -20.92 15.59
C PHE Q 117 93.10 -21.59 16.92
N ILE Q 118 94.07 -21.68 17.83
CA ILE Q 118 93.76 -22.09 19.21
C ILE Q 118 92.89 -21.03 19.88
N LYS Q 119 93.33 -19.77 19.82
CA LYS Q 119 92.62 -18.76 20.59
C LYS Q 119 91.33 -18.31 19.90
N TYR Q 120 91.44 -17.76 18.68
CA TYR Q 120 90.28 -17.15 18.03
C TYR Q 120 89.59 -18.07 17.03
N GLY Q 121 90.03 -19.31 16.91
CA GLY Q 121 89.49 -20.20 15.88
C GLY Q 121 88.10 -20.69 16.23
N ASP Q 122 87.27 -20.84 15.18
CA ASP Q 122 85.91 -21.36 15.22
C ASP Q 122 84.98 -20.55 16.13
N LEU Q 123 85.25 -19.26 16.33
CA LEU Q 123 84.41 -18.45 17.18
C LEU Q 123 83.26 -17.82 16.41
N GLY Q 124 83.44 -17.57 15.12
CA GLY Q 124 82.40 -16.97 14.31
C GLY Q 124 82.59 -15.48 14.15
N GLY Q 125 81.59 -14.86 13.52
CA GLY Q 125 81.63 -13.42 13.30
C GLY Q 125 81.37 -12.64 14.58
N TYR Q 126 80.58 -13.20 15.49
CA TYR Q 126 80.28 -12.56 16.77
C TYR Q 126 81.13 -13.26 17.82
N ALA Q 127 82.36 -12.80 18.00
CA ALA Q 127 83.31 -13.38 18.93
C ALA Q 127 83.42 -12.46 20.14
N ASN Q 128 82.71 -12.79 21.20
CA ASN Q 128 82.82 -12.03 22.45
C ASN Q 128 84.07 -12.47 23.21
N ALA Q 129 84.38 -11.74 24.28
CA ALA Q 129 85.47 -12.15 25.16
C ALA Q 129 85.10 -13.38 25.97
N LYS Q 130 83.82 -13.55 26.27
CA LYS Q 130 83.38 -14.72 27.03
C LYS Q 130 83.35 -15.97 26.16
N THR Q 131 83.17 -15.83 24.84
CA THR Q 131 83.09 -17.01 23.97
C THR Q 131 84.45 -17.68 23.84
N ALA Q 132 85.51 -16.88 23.71
CA ALA Q 132 86.87 -17.43 23.70
C ALA Q 132 87.24 -18.02 25.06
N TYR Q 133 86.72 -17.46 26.15
CA TYR Q 133 86.99 -18.01 27.46
C TYR Q 133 86.31 -19.35 27.67
N MET Q 134 85.04 -19.49 27.23
CA MET Q 134 84.37 -20.78 27.31
C MET Q 134 84.99 -21.81 26.37
N LYS Q 135 85.49 -21.36 25.20
CA LYS Q 135 86.22 -22.26 24.31
C LYS Q 135 87.52 -22.72 24.94
N GLN Q 136 88.20 -21.83 25.67
CA GLN Q 136 89.41 -22.21 26.41
C GLN Q 136 89.10 -23.18 27.54
N LYS Q 137 87.96 -22.98 28.22
CA LYS Q 137 87.54 -23.88 29.29
C LYS Q 137 87.27 -25.29 28.76
N HIS Q 138 86.52 -25.38 27.66
CA HIS Q 138 86.23 -26.68 27.07
C HIS Q 138 87.47 -27.31 26.44
N ARG Q 139 88.37 -26.50 25.89
CA ARG Q 139 89.61 -27.01 25.34
C ARG Q 139 90.53 -27.57 26.41
N LEU Q 140 90.63 -26.88 27.56
CA LEU Q 140 91.45 -27.38 28.65
C LEU Q 140 90.84 -28.61 29.31
N ILE Q 141 89.50 -28.68 29.37
CA ILE Q 141 88.83 -29.88 29.89
C ILE Q 141 89.07 -31.08 28.97
N TRP Q 142 88.93 -30.86 27.65
CA TRP Q 142 89.20 -31.93 26.68
C TRP Q 142 90.66 -32.33 26.65
N GLU Q 143 91.57 -31.39 26.91
CA GLU Q 143 92.97 -31.74 27.06
C GLU Q 143 93.25 -32.51 28.33
N ARG Q 144 92.46 -32.26 29.38
CA ARG Q 144 92.65 -32.98 30.64
C ARG Q 144 92.14 -34.42 30.52
N ARG Q 145 90.96 -34.62 29.93
CA ARG Q 145 90.36 -35.96 29.99
C ARG Q 145 90.61 -36.80 28.75
N HIS Q 146 90.90 -36.18 27.60
CA HIS Q 146 91.05 -36.93 26.35
C HIS Q 146 92.41 -36.75 25.71
N GLY Q 147 93.35 -36.09 26.37
CA GLY Q 147 94.65 -35.82 25.80
C GLY Q 147 94.59 -34.70 24.78
N PRO Q 148 95.65 -34.51 24.01
CA PRO Q 148 95.65 -33.47 22.99
C PRO Q 148 94.70 -33.78 21.84
N VAL Q 149 94.14 -32.72 21.25
CA VAL Q 149 93.17 -32.87 20.16
C VAL Q 149 93.91 -33.26 18.89
N GLY Q 150 93.39 -34.27 18.21
CA GLY Q 150 94.06 -34.91 17.10
C GLY Q 150 94.27 -36.39 17.30
N SER Q 151 94.32 -36.83 18.56
CA SER Q 151 94.39 -38.24 18.92
C SER Q 151 93.34 -38.57 19.97
N GLY Q 152 92.27 -37.77 20.03
CA GLY Q 152 91.25 -37.96 21.05
C GLY Q 152 90.32 -39.12 20.75
N MET Q 153 89.55 -39.48 21.76
CA MET Q 153 88.62 -40.60 21.65
C MET Q 153 87.18 -40.11 21.48
N GLY R 5 58.82 29.22 -22.30
CA GLY R 5 58.69 27.93 -22.95
C GLY R 5 60.02 27.28 -23.26
N ALA R 6 60.06 25.95 -23.12
CA ALA R 6 61.28 25.18 -23.36
C ALA R 6 61.05 24.28 -24.57
N SER R 7 61.86 24.45 -25.60
CA SER R 7 61.76 23.67 -26.82
C SER R 7 62.95 22.72 -26.89
N GLU R 8 62.69 21.42 -26.75
CA GLU R 8 63.75 20.43 -26.82
C GLU R 8 64.23 20.18 -28.25
N THR R 9 63.42 20.53 -29.24
CA THR R 9 63.70 20.22 -30.64
C THR R 9 64.13 21.44 -31.45
N GLY R 10 64.40 22.57 -30.80
CA GLY R 10 64.88 23.74 -31.50
C GLY R 10 63.80 24.57 -32.17
N GLY R 11 62.53 24.31 -31.89
CA GLY R 11 61.44 25.09 -32.44
C GLY R 11 60.85 24.58 -33.74
N VAL R 12 61.41 23.53 -34.32
CA VAL R 12 60.88 22.95 -35.56
C VAL R 12 60.23 21.61 -35.24
N LYS R 13 59.28 21.23 -36.07
CA LYS R 13 58.52 20.01 -35.82
C LYS R 13 59.33 18.79 -36.27
N PRO R 14 59.62 17.84 -35.37
CA PRO R 14 60.40 16.66 -35.78
C PRO R 14 59.52 15.66 -36.51
N MET R 15 60.02 15.17 -37.65
CA MET R 15 59.31 14.16 -38.42
C MET R 15 60.32 13.41 -39.28
N VAL R 16 59.92 12.22 -39.71
CA VAL R 16 60.68 11.48 -40.71
C VAL R 16 60.42 12.12 -42.07
N ILE R 17 61.37 11.97 -43.00
CA ILE R 17 61.27 12.57 -44.32
C ILE R 17 61.43 11.52 -45.43
N ALA R 18 62.46 10.69 -45.34
CA ALA R 18 62.77 9.75 -46.41
C ALA R 18 61.78 8.59 -46.49
N GLY R 19 61.01 8.34 -45.44
CA GLY R 19 59.92 7.39 -45.50
C GLY R 19 60.33 5.93 -45.51
N ARG R 20 59.65 5.12 -46.33
CA ARG R 20 59.88 3.68 -46.38
C ARG R 20 61.05 3.29 -47.27
N MET R 21 61.69 4.24 -47.92
CA MET R 21 62.76 3.97 -48.88
C MET R 21 64.12 3.82 -48.22
N VAL R 22 64.21 3.93 -46.89
CA VAL R 22 65.49 3.75 -46.21
C VAL R 22 65.88 2.27 -46.10
N ARG R 23 64.93 1.36 -46.25
CA ARG R 23 65.22 -0.07 -46.18
C ARG R 23 65.55 -0.59 -47.58
N GLU R 24 66.52 -1.49 -47.65
CA GLU R 24 66.97 -2.01 -48.92
C GLU R 24 65.94 -2.97 -49.55
N ARG R 25 65.24 -3.73 -48.70
CA ARG R 25 64.23 -4.65 -49.21
C ARG R 25 62.96 -3.95 -49.66
N GLU R 26 62.60 -2.83 -49.03
CA GLU R 26 61.47 -2.05 -49.50
C GLU R 26 61.80 -1.26 -50.77
N ARG R 27 63.08 -1.05 -51.05
CA ARG R 27 63.46 -0.38 -52.29
C ARG R 27 63.32 -1.29 -53.50
N LEU R 28 63.40 -2.60 -53.30
CA LEU R 28 63.47 -3.55 -54.40
C LEU R 28 62.14 -4.18 -54.78
N ILE R 29 61.15 -4.14 -53.89
CA ILE R 29 59.88 -4.79 -54.20
C ILE R 29 59.03 -3.97 -55.16
N GLY R 30 59.31 -2.67 -55.30
CA GLY R 30 58.59 -1.83 -56.24
C GLY R 30 58.63 -0.37 -55.85
N MET R 31 58.79 0.50 -56.84
CA MET R 31 58.81 1.94 -56.60
C MET R 31 57.88 2.65 -57.58
N SER R 32 57.00 3.49 -57.04
CA SER R 32 56.32 4.49 -57.85
C SER R 32 57.34 5.57 -58.22
N PRO R 33 57.18 6.22 -59.39
CA PRO R 33 58.18 7.23 -59.79
C PRO R 33 58.23 8.48 -58.93
N GLU R 34 57.15 8.79 -58.20
CA GLU R 34 57.24 9.86 -57.20
C GLU R 34 58.15 9.46 -56.04
N GLU R 35 58.17 8.18 -55.67
CA GLU R 35 59.11 7.70 -54.67
C GLU R 35 60.54 7.68 -55.21
N ARG R 36 60.71 7.41 -56.51
CA ARG R 36 62.02 7.51 -57.14
C ARG R 36 62.53 8.95 -57.12
N ALA R 37 61.66 9.90 -57.42
CA ALA R 37 62.03 11.31 -57.36
C ALA R 37 62.32 11.75 -55.93
N TRP R 38 61.56 11.24 -54.95
CA TRP R 38 61.80 11.57 -53.55
C TRP R 38 63.11 10.99 -53.04
N ARG R 39 63.44 9.76 -53.45
CA ARG R 39 64.71 9.16 -53.04
C ARG R 39 65.90 9.85 -53.70
N LYS R 40 65.76 10.25 -54.98
CA LYS R 40 66.81 10.99 -55.65
C LYS R 40 67.01 12.37 -55.02
N GLN R 41 65.92 13.04 -54.63
CA GLN R 41 66.01 14.33 -53.97
C GLN R 41 66.61 14.20 -52.58
N TRP R 42 66.31 13.11 -51.87
CA TRP R 42 66.90 12.87 -50.56
C TRP R 42 68.40 12.58 -50.66
N LEU R 43 68.82 11.83 -51.68
CA LEU R 43 70.25 11.57 -51.87
C LEU R 43 71.00 12.82 -52.33
N LYS R 44 70.36 13.69 -53.12
CA LYS R 44 71.01 14.96 -53.45
C LYS R 44 71.01 15.91 -52.27
N ASP R 45 70.05 15.78 -51.35
CA ASP R 45 70.03 16.60 -50.15
C ASP R 45 71.07 16.16 -49.14
N GLN R 46 71.36 14.85 -49.07
CA GLN R 46 72.27 14.33 -48.06
C GLN R 46 73.72 14.68 -48.33
N GLU R 47 74.06 15.10 -49.55
CA GLU R 47 75.43 15.52 -49.84
C GLU R 47 75.71 16.90 -49.26
N LEU R 48 76.96 17.12 -48.88
CA LEU R 48 77.41 18.40 -48.35
C LEU R 48 78.57 18.92 -49.20
N HIS R 49 78.51 20.22 -49.53
CA HIS R 49 79.54 20.82 -50.35
C HIS R 49 80.75 21.22 -49.51
N HIS R 50 80.54 22.11 -48.54
CA HIS R 50 81.61 22.60 -47.68
C HIS R 50 81.42 22.06 -46.26
N GLY R 51 82.49 22.16 -45.47
CA GLY R 51 82.49 21.60 -44.14
C GLY R 51 81.75 22.46 -43.15
N PRO R 52 81.71 22.00 -41.89
CA PRO R 52 81.00 22.76 -40.85
C PRO R 52 81.76 24.03 -40.47
N ARG R 53 81.00 25.11 -40.33
CA ARG R 53 81.58 26.39 -39.94
C ARG R 53 81.89 26.41 -38.44
N LYS R 54 82.91 27.17 -38.07
CA LYS R 54 83.36 27.25 -36.69
C LYS R 54 82.43 28.18 -35.93
N VAL R 55 81.43 27.61 -35.27
CA VAL R 55 80.49 28.38 -34.46
C VAL R 55 81.18 28.75 -33.15
N PRO R 56 81.33 30.04 -32.83
CA PRO R 56 82.00 30.41 -31.57
C PRO R 56 81.16 30.18 -30.34
N ALA R 57 79.82 30.10 -30.47
CA ALA R 57 78.97 29.87 -29.31
C ALA R 57 79.10 28.46 -28.79
N LEU R 58 79.35 27.49 -29.67
CA LEU R 58 79.61 26.12 -29.23
C LEU R 58 80.92 26.02 -28.46
N GLU R 59 81.95 26.75 -28.91
CA GLU R 59 83.21 26.78 -28.18
C GLU R 59 83.08 27.54 -26.87
N LEU R 60 82.19 28.53 -26.81
CA LEU R 60 81.98 29.26 -25.56
C LEU R 60 81.23 28.41 -24.54
N GLU R 61 80.16 27.73 -24.97
CA GLU R 61 79.35 26.95 -24.05
C GLU R 61 80.00 25.62 -23.70
N LEU R 62 80.82 25.06 -24.59
CA LEU R 62 81.48 23.78 -24.36
C LEU R 62 82.87 23.93 -23.78
N ASN R 63 83.14 25.02 -23.05
CA ASN R 63 84.42 25.24 -22.39
C ASN R 63 84.18 26.08 -21.16
N ASN R 64 84.49 25.51 -19.99
CA ASN R 64 84.36 26.24 -18.74
C ASN R 64 85.49 27.28 -18.63
N PRO R 65 85.30 28.33 -17.83
CA PRO R 65 86.37 29.33 -17.64
C PRO R 65 87.64 28.78 -16.99
N ILE R 66 87.56 27.68 -16.23
CA ILE R 66 88.75 27.06 -15.67
C ILE R 66 89.60 26.45 -16.78
N LYS R 67 88.95 25.87 -17.80
CA LYS R 67 89.66 25.30 -18.95
C LYS R 67 90.42 26.36 -19.73
N ARG R 68 89.79 27.52 -19.97
CA ARG R 68 90.48 28.64 -20.59
C ARG R 68 91.57 29.19 -19.70
N PHE R 69 91.36 29.17 -18.37
CA PHE R 69 92.35 29.67 -17.42
C PHE R 69 93.62 28.82 -17.41
N TYR R 70 93.48 27.50 -17.53
CA TYR R 70 94.68 26.65 -17.55
C TYR R 70 95.16 26.33 -18.96
N ARG R 71 94.44 26.76 -20.00
CA ARG R 71 94.89 26.58 -21.38
C ARG R 71 95.30 27.88 -22.06
N ALA R 72 95.21 29.02 -21.38
CA ALA R 72 95.62 30.30 -21.98
C ALA R 72 97.10 30.43 -22.36
N PRO R 73 98.11 30.06 -21.53
CA PRO R 73 99.49 30.30 -21.98
C PRO R 73 99.95 29.39 -23.11
N LEU R 74 99.48 28.15 -23.14
CA LEU R 74 99.79 27.29 -24.27
C LEU R 74 99.03 27.73 -25.53
N ASP R 75 97.86 28.36 -25.36
CA ASP R 75 97.18 28.97 -26.51
C ASP R 75 97.97 30.16 -27.03
N LYS R 76 98.62 30.92 -26.13
CA LYS R 76 99.49 32.00 -26.58
C LYS R 76 100.73 31.46 -27.28
N VAL R 77 101.26 30.32 -26.82
CA VAL R 77 102.39 29.67 -27.47
C VAL R 77 102.00 29.18 -28.86
N CYS R 78 100.80 28.61 -29.01
CA CYS R 78 100.31 28.19 -30.32
C CYS R 78 100.01 29.38 -31.22
N ASN R 79 99.56 30.51 -30.65
CA ASN R 79 99.23 31.67 -31.46
C ASN R 79 100.49 32.41 -31.93
N VAL R 80 101.55 32.40 -31.13
CA VAL R 80 102.78 33.08 -31.55
C VAL R 80 103.54 32.24 -32.57
N LEU R 81 103.27 30.94 -32.66
CA LEU R 81 103.84 30.08 -33.69
C LEU R 81 102.86 29.81 -34.82
N GLU R 82 101.71 30.50 -34.83
CA GLU R 82 100.71 30.28 -35.88
C GLU R 82 101.15 30.70 -37.29
N PRO R 83 101.73 31.89 -37.54
CA PRO R 83 102.16 32.16 -38.92
C PRO R 83 103.48 31.51 -39.31
N VAL R 84 104.20 30.91 -38.36
CA VAL R 84 105.51 30.35 -38.67
C VAL R 84 105.37 28.99 -39.35
N LEU R 85 104.55 28.11 -38.79
CA LEU R 85 104.42 26.74 -39.28
C LEU R 85 103.00 26.39 -39.71
N GLY R 86 102.08 27.35 -39.72
CA GLY R 86 100.71 27.07 -40.04
C GLY R 86 99.92 26.61 -38.82
N PHE R 87 98.64 26.33 -39.05
CA PHE R 87 97.77 25.91 -37.95
C PHE R 87 98.03 24.45 -37.55
N GLN R 88 98.28 23.58 -38.54
CA GLN R 88 98.37 22.15 -38.25
C GLN R 88 99.68 21.78 -37.57
N ARG R 89 100.78 22.42 -37.96
CA ARG R 89 102.08 22.09 -37.41
C ARG R 89 102.40 22.84 -36.12
N ALA R 90 101.58 23.83 -35.75
CA ALA R 90 101.76 24.51 -34.47
C ALA R 90 100.87 23.96 -33.37
N TYR R 91 99.68 23.46 -33.72
CA TYR R 91 98.84 22.81 -32.72
C TYR R 91 99.43 21.47 -32.28
N THR R 92 100.16 20.80 -33.17
CA THR R 92 100.83 19.56 -32.80
C THR R 92 101.95 19.80 -31.79
N VAL R 93 102.79 20.80 -32.03
CA VAL R 93 103.87 21.11 -31.10
C VAL R 93 103.34 21.80 -29.85
N ARG R 94 102.14 22.40 -29.91
CA ARG R 94 101.51 22.89 -28.69
C ARG R 94 100.95 21.74 -27.86
N PHE R 95 100.32 20.76 -28.52
CA PHE R 95 99.67 19.66 -27.83
C PHE R 95 100.69 18.67 -27.26
N TRP R 96 101.85 18.54 -27.89
CA TRP R 96 102.90 17.68 -27.37
C TRP R 96 103.89 18.41 -26.46
N THR R 97 103.62 19.67 -26.14
CA THR R 97 104.38 20.38 -25.12
C THR R 97 103.71 20.26 -23.75
N GLY R 98 102.41 20.56 -23.69
CA GLY R 98 101.68 20.44 -22.43
C GLY R 98 101.53 19.01 -21.97
N LYS R 99 101.36 18.08 -22.91
CA LYS R 99 101.27 16.66 -22.55
C LYS R 99 102.60 16.11 -22.08
N ALA R 100 103.72 16.57 -22.69
CA ALA R 100 105.03 16.18 -22.20
C ALA R 100 105.32 16.79 -20.83
N LEU R 101 104.85 18.02 -20.59
CA LEU R 101 104.98 18.63 -19.28
C LEU R 101 104.16 17.88 -18.23
N LEU R 102 102.96 17.42 -18.60
CA LEU R 102 102.15 16.61 -17.69
C LEU R 102 102.79 15.25 -17.41
N ALA R 103 103.41 14.64 -18.44
CA ALA R 103 104.09 13.36 -18.25
C ALA R 103 105.31 13.51 -17.34
N LEU R 104 106.10 14.57 -17.53
CA LEU R 104 107.25 14.80 -16.66
C LEU R 104 106.83 15.18 -15.25
N THR R 105 105.71 15.91 -15.10
CA THR R 105 105.19 16.23 -13.78
C THR R 105 104.72 14.99 -13.06
N GLY R 106 104.04 14.08 -13.77
CA GLY R 106 103.63 12.82 -13.17
C GLY R 106 104.80 11.92 -12.82
N ILE R 107 105.84 11.90 -13.67
CA ILE R 107 107.04 11.12 -13.39
C ILE R 107 107.77 11.65 -12.16
N TYR R 108 107.92 12.98 -12.05
CA TYR R 108 108.58 13.57 -10.90
C TYR R 108 107.78 13.39 -9.62
N ALA R 109 106.44 13.51 -9.70
CA ALA R 109 105.60 13.30 -8.53
C ALA R 109 105.61 11.86 -8.07
N GLY R 110 105.56 10.91 -9.01
CA GLY R 110 105.64 9.50 -8.65
C GLY R 110 107.00 9.11 -8.10
N ALA R 111 108.07 9.69 -8.64
CA ALA R 111 109.42 9.44 -8.13
C ALA R 111 109.57 9.96 -6.71
N TYR R 112 109.09 11.18 -6.47
CA TYR R 112 109.12 11.78 -5.14
C TYR R 112 108.29 10.98 -4.14
N TYR R 113 107.13 10.48 -4.57
CA TYR R 113 106.27 9.73 -3.67
C TYR R 113 106.83 8.35 -3.34
N PHE R 114 107.27 7.59 -4.35
CA PHE R 114 107.81 6.26 -4.08
C PHE R 114 109.22 6.24 -3.50
N LYS R 115 109.97 7.35 -3.48
CA LYS R 115 111.22 7.23 -2.75
C LYS R 115 111.37 8.14 -1.55
N TYR R 116 110.43 9.06 -1.31
CA TYR R 116 110.52 9.87 -0.10
C TYR R 116 109.36 9.68 0.87
N ASN R 117 108.20 9.20 0.40
CA ASN R 117 107.05 9.01 1.29
C ASN R 117 106.40 7.65 0.94
N GLN R 118 107.22 6.60 0.98
CA GLN R 118 106.68 5.26 0.79
C GLN R 118 106.07 4.75 2.10
N ASN R 119 105.56 3.53 2.07
CA ASN R 119 104.89 2.96 3.24
C ASN R 119 105.91 2.55 4.30
N ASP R 120 105.63 2.94 5.54
CA ASP R 120 106.44 2.58 6.70
C ASP R 120 105.60 1.75 7.66
N TRP R 121 106.15 1.49 8.84
CA TRP R 121 105.47 0.65 9.82
C TRP R 121 104.35 1.37 10.57
N THR R 122 104.25 2.69 10.44
CA THR R 122 103.22 3.45 11.14
C THR R 122 101.97 3.68 10.31
N ARG R 123 101.91 3.14 9.09
CA ARG R 123 100.79 3.39 8.20
C ARG R 123 100.54 2.14 7.35
N LYS R 124 99.26 1.79 7.18
CA LYS R 124 98.90 0.63 6.38
C LYS R 124 98.69 0.96 4.91
N GLY R 125 98.09 2.10 4.60
CA GLY R 125 97.59 2.40 3.28
C GLY R 125 98.58 2.84 2.23
N GLY R 126 99.86 2.94 2.57
CA GLY R 126 100.84 3.34 1.58
C GLY R 126 101.24 2.20 0.67
N TRP R 127 102.06 2.53 -0.32
CA TRP R 127 102.59 1.54 -1.24
C TRP R 127 103.83 0.90 -0.62
N ARG R 128 103.72 -0.37 -0.25
CA ARG R 128 104.79 -1.07 0.46
C ARG R 128 105.72 -1.72 -0.56
N VAL R 129 106.91 -1.14 -0.72
CA VAL R 129 107.85 -1.59 -1.75
C VAL R 129 108.76 -2.66 -1.16
N ILE R 130 108.84 -3.80 -1.84
CA ILE R 130 109.77 -4.87 -1.49
C ILE R 130 110.69 -5.08 -2.68
N HIS R 131 111.99 -5.08 -2.42
CA HIS R 131 113.00 -5.23 -3.46
C HIS R 131 113.75 -6.56 -3.28
N SER R 132 114.15 -7.16 -4.40
CA SER R 132 114.94 -8.38 -4.40
C SER R 132 116.42 -8.05 -4.45
N ARG R 133 117.23 -9.06 -4.19
CA ARG R 133 118.67 -8.88 -4.18
C ARG R 133 119.21 -8.79 -5.60
N LYS R 134 120.09 -7.82 -5.83
CA LYS R 134 120.72 -7.66 -7.14
C LYS R 134 121.76 -8.76 -7.37
N GLN R 135 121.86 -9.19 -8.63
CA GLN R 135 122.84 -10.22 -8.98
C GLN R 135 124.24 -9.62 -9.03
N CYS R 136 125.18 -10.29 -8.35
CA CYS R 136 126.56 -9.83 -8.28
C CYS R 136 127.44 -10.75 -9.11
N VAL R 137 128.07 -10.17 -10.13
CA VAL R 137 128.97 -10.89 -11.04
C VAL R 137 130.37 -10.35 -10.77
N PRO R 138 131.46 -11.04 -11.14
CA PRO R 138 132.79 -10.45 -10.95
C PRO R 138 133.00 -9.24 -11.84
N GLY R 139 133.80 -8.30 -11.34
CA GLY R 139 133.83 -6.95 -11.88
C GLY R 139 133.01 -5.96 -11.09
N ASP R 140 132.18 -6.43 -10.16
CA ASP R 140 131.46 -5.57 -9.23
C ASP R 140 132.21 -5.54 -7.91
N GLU R 141 131.87 -4.56 -7.08
CA GLU R 141 132.54 -4.42 -5.79
C GLU R 141 132.00 -5.45 -4.80
N GLY R 142 132.89 -6.27 -4.26
CA GLY R 142 132.51 -7.29 -3.30
C GLY R 142 131.81 -8.48 -3.92
N TYR R 143 132.51 -9.20 -4.81
CA TYR R 143 131.92 -10.40 -5.39
C TYR R 143 131.80 -11.59 -4.44
N PRO R 144 132.73 -11.88 -3.51
CA PRO R 144 132.37 -12.80 -2.43
C PRO R 144 131.34 -12.15 -1.51
N LYS R 145 130.09 -12.58 -1.65
CA LYS R 145 128.95 -11.89 -1.07
C LYS R 145 127.94 -12.89 -0.57
N VAL R 146 127.45 -12.66 0.63
CA VAL R 146 126.34 -13.43 1.19
C VAL R 146 125.18 -12.46 1.42
N SER R 147 124.09 -13.00 1.96
CA SER R 147 122.96 -12.16 2.31
C SER R 147 123.30 -11.30 3.52
N ASP R 148 123.08 -9.99 3.39
CA ASP R 148 123.41 -9.05 4.46
C ASP R 148 122.44 -9.22 5.62
N ARG R 149 121.15 -9.33 5.31
CA ARG R 149 120.15 -9.59 6.34
C ARG R 149 120.06 -11.09 6.63
N SER R 150 120.06 -11.44 7.92
CA SER R 150 119.95 -12.83 8.32
C SER R 150 118.99 -12.99 9.49
N ALA R 151 118.80 -11.90 10.24
CA ALA R 151 117.88 -11.93 11.37
C ALA R 151 116.43 -11.93 10.89
N PRO R 152 115.53 -12.57 11.64
CA PRO R 152 114.09 -12.48 11.30
C PRO R 152 113.52 -11.08 11.42
N SER R 153 114.07 -10.22 12.28
CA SER R 153 113.57 -8.86 12.40
C SER R 153 113.99 -7.97 11.24
N ASP R 154 115.06 -8.34 10.52
CA ASP R 154 115.51 -7.54 9.39
C ASP R 154 114.62 -7.73 8.17
N TYR R 155 113.96 -8.88 8.06
CA TYR R 155 113.05 -9.16 6.96
C TYR R 155 111.74 -8.40 7.15
N ALA R 156 111.34 -7.65 6.10
CA ALA R 156 110.09 -6.89 6.02
C ALA R 156 109.92 -5.92 7.19
N ALA R 157 110.97 -5.13 7.43
CA ALA R 157 110.97 -4.23 8.58
C ALA R 157 110.06 -3.03 8.35
N ARG R 158 110.06 -2.49 7.12
CA ARG R 158 109.40 -1.24 6.72
C ARG R 158 109.83 -0.07 7.61
N GLY R 159 111.13 0.01 7.89
CA GLY R 159 111.66 1.07 8.70
C GLY R 159 111.43 0.93 10.19
N PHE R 160 111.16 -0.28 10.67
CA PHE R 160 110.98 -0.49 12.11
C PHE R 160 112.28 -0.45 12.87
N ASN R 161 113.41 -0.76 12.22
CA ASN R 161 114.69 -0.78 12.91
C ASN R 161 115.23 0.61 13.23
N GLU R 162 114.66 1.66 12.66
CA GLU R 162 115.02 3.03 12.98
C GLU R 162 113.93 3.75 13.78
N SER R 163 113.10 2.99 14.49
CA SER R 163 112.00 3.59 15.24
C SER R 163 112.53 4.25 16.51
N PRO R 164 111.96 5.40 16.90
CA PRO R 164 112.38 6.03 18.15
C PRO R 164 111.84 5.34 19.40
N LEU R 165 110.79 4.54 19.27
CA LEU R 165 110.21 3.85 20.42
C LEU R 165 111.07 2.67 20.85
N SER S 4 47.31 -28.76 -53.48
CA SER S 4 45.90 -28.59 -53.12
C SER S 4 45.42 -27.17 -53.45
N ASN S 5 44.21 -27.07 -53.97
CA ASN S 5 43.64 -25.77 -54.31
C ASN S 5 43.15 -25.00 -53.09
N GLU S 6 42.95 -25.68 -51.95
CA GLU S 6 42.56 -25.00 -50.74
C GLU S 6 43.73 -24.23 -50.12
N GLU S 7 44.96 -24.66 -50.41
CA GLU S 7 46.14 -24.00 -49.84
C GLU S 7 46.35 -22.62 -50.46
N GLN S 8 46.14 -22.49 -51.77
CA GLN S 8 46.40 -21.23 -52.45
C GLN S 8 45.40 -20.14 -52.07
N GLU S 9 44.14 -20.52 -51.81
CA GLU S 9 43.15 -19.53 -51.36
C GLU S 9 43.46 -19.04 -49.95
N PHE S 10 43.92 -19.95 -49.08
CA PHE S 10 44.32 -19.58 -47.71
C PHE S 10 45.52 -18.64 -47.72
N ILE S 11 46.50 -18.93 -48.58
CA ILE S 11 47.69 -18.09 -48.70
C ILE S 11 47.33 -16.73 -49.31
N LYS S 12 46.40 -16.71 -50.27
CA LYS S 12 45.96 -15.45 -50.87
C LYS S 12 45.18 -14.59 -49.88
N ARG S 13 44.33 -15.21 -49.05
CA ARG S 13 43.61 -14.45 -48.02
C ARG S 13 44.55 -13.92 -46.95
N LYS S 14 45.56 -14.73 -46.56
CA LYS S 14 46.56 -14.27 -45.61
C LYS S 14 47.40 -13.14 -46.20
N HIS S 15 47.67 -13.19 -47.52
CA HIS S 15 48.41 -12.12 -48.16
C HIS S 15 47.59 -10.83 -48.25
N GLU S 16 46.28 -10.94 -48.47
CA GLU S 16 45.43 -9.74 -48.45
C GLU S 16 45.36 -9.11 -47.07
N ALA S 17 45.26 -9.95 -46.02
CA ALA S 17 45.27 -9.44 -44.65
C ALA S 17 46.61 -8.82 -44.30
N THR S 18 47.71 -9.43 -44.75
CA THR S 18 49.04 -8.89 -44.53
C THR S 18 49.25 -7.57 -45.28
N LEU S 19 48.66 -7.46 -46.48
CA LEU S 19 48.73 -6.21 -47.24
C LEU S 19 47.95 -5.09 -46.56
N LYS S 20 46.79 -5.40 -45.99
CA LYS S 20 46.01 -4.40 -45.26
C LYS S 20 46.74 -3.95 -43.99
N LEU S 21 47.34 -4.89 -43.25
CA LEU S 21 48.10 -4.53 -42.06
C LEU S 21 49.38 -3.78 -42.41
N ARG S 22 49.99 -4.10 -43.55
CA ARG S 22 51.17 -3.38 -44.01
C ARG S 22 50.82 -1.95 -44.42
N GLN S 23 49.66 -1.75 -45.06
CA GLN S 23 49.21 -0.41 -45.41
C GLN S 23 48.88 0.41 -44.16
N GLU S 24 48.32 -0.24 -43.14
CA GLU S 24 48.10 0.42 -41.85
C GLU S 24 49.43 0.82 -41.19
N PHE S 25 50.44 -0.05 -41.29
CA PHE S 25 51.75 0.27 -40.71
C PHE S 25 52.45 1.40 -41.45
N LEU S 26 52.34 1.42 -42.78
CA LEU S 26 52.94 2.52 -43.54
C LEU S 26 52.18 3.82 -43.35
N LYS S 27 50.89 3.76 -43.04
CA LYS S 27 50.15 4.97 -42.70
C LYS S 27 50.56 5.50 -41.34
N GLN S 28 50.68 4.62 -40.34
CA GLN S 28 50.88 5.06 -38.96
C GLN S 28 52.33 5.29 -38.59
N SER S 29 53.29 4.64 -39.27
CA SER S 29 54.68 4.73 -38.87
C SER S 29 55.31 6.05 -39.30
N SER S 30 54.92 6.57 -40.46
CA SER S 30 55.44 7.83 -40.97
C SER S 30 54.46 8.97 -40.78
N ASN S 31 53.71 8.97 -39.68
CA ASN S 31 52.75 10.01 -39.39
C ASN S 31 53.48 11.29 -38.99
N PRO S 32 53.33 12.40 -39.72
CA PRO S 32 54.09 13.61 -39.37
C PRO S 32 53.51 14.34 -38.15
N TYR S 33 52.20 14.20 -37.93
CA TYR S 33 51.58 14.85 -36.77
C TYR S 33 51.95 14.13 -35.48
N ARG S 34 51.92 12.79 -35.50
CA ARG S 34 52.28 12.01 -34.32
C ARG S 34 53.78 12.11 -34.01
N HIS S 35 54.62 12.23 -35.05
CA HIS S 35 56.02 12.55 -34.83
C HIS S 35 56.18 13.98 -34.31
N ALA S 36 55.36 14.91 -34.77
CA ALA S 36 55.50 16.32 -34.43
C ALA S 36 54.87 16.69 -33.09
N THR S 37 54.15 15.76 -32.45
CA THR S 37 53.68 16.02 -31.08
C THR S 37 54.84 16.11 -30.10
N GLY S 38 55.93 15.39 -30.34
CA GLY S 38 57.11 15.43 -29.50
C GLY S 38 57.13 14.41 -28.39
N GLU S 39 55.98 13.83 -28.05
CA GLU S 39 55.93 12.77 -27.06
C GLU S 39 56.32 11.45 -27.71
N GLY S 40 57.31 10.78 -27.13
CA GLY S 40 57.77 9.53 -27.69
C GLY S 40 56.80 8.39 -27.47
N GLY S 41 56.96 7.35 -28.28
CA GLY S 41 56.07 6.21 -28.21
C GLY S 41 56.31 5.29 -29.38
N THR S 42 55.38 4.36 -29.56
CA THR S 42 55.46 3.37 -30.63
C THR S 42 54.11 3.28 -31.33
N VAL S 43 54.15 2.73 -32.55
CA VAL S 43 52.92 2.38 -33.26
C VAL S 43 52.20 1.28 -32.50
N PHE S 44 50.89 1.41 -32.35
CA PHE S 44 50.09 0.49 -31.54
C PHE S 44 50.02 -0.87 -32.22
N ASP S 45 50.77 -1.82 -31.69
CA ASP S 45 50.79 -3.20 -32.17
C ASP S 45 50.02 -4.06 -31.18
N ALA S 46 49.08 -4.84 -31.70
CA ALA S 46 48.25 -5.67 -30.82
C ALA S 46 49.05 -6.86 -30.29
N GLY S 47 49.90 -7.46 -31.14
CA GLY S 47 50.64 -8.66 -30.75
C GLY S 47 51.67 -8.41 -29.68
N LEU S 48 52.21 -7.18 -29.60
CA LEU S 48 53.12 -6.82 -28.52
C LEU S 48 52.41 -6.79 -27.17
N ALA S 49 51.18 -6.24 -27.14
CA ALA S 49 50.41 -6.22 -25.91
C ALA S 49 49.94 -7.63 -25.53
N ARG S 50 49.60 -8.44 -26.52
CA ARG S 50 49.25 -9.84 -26.26
C ARG S 50 50.44 -10.61 -25.69
N PHE S 51 51.65 -10.34 -26.21
CA PHE S 51 52.86 -10.97 -25.68
C PHE S 51 53.17 -10.51 -24.26
N GLN S 52 52.94 -9.22 -23.99
CA GLN S 52 53.18 -8.68 -22.65
C GLN S 52 52.24 -9.31 -21.61
N ALA S 53 50.94 -9.35 -21.93
CA ALA S 53 50.00 -9.96 -20.99
C ALA S 53 50.10 -11.48 -20.95
N MET S 54 50.64 -12.10 -22.00
CA MET S 54 50.98 -13.52 -21.95
C MET S 54 52.11 -13.76 -20.97
N ARG S 55 53.13 -12.90 -21.00
CA ARG S 55 54.28 -13.09 -20.12
C ARG S 55 53.96 -12.75 -18.67
N VAL S 56 53.09 -11.76 -18.43
CA VAL S 56 52.78 -11.38 -17.05
C VAL S 56 51.75 -12.33 -16.44
N SER S 57 50.56 -12.40 -17.03
CA SER S 57 49.44 -13.12 -16.45
C SER S 57 49.46 -14.57 -16.92
N ASN S 58 49.71 -15.50 -15.99
CA ASN S 58 49.71 -16.92 -16.31
C ASN S 58 49.04 -17.80 -15.26
N TYR S 59 48.58 -17.23 -14.15
CA TYR S 59 47.92 -18.05 -13.13
C TYR S 59 46.50 -18.42 -13.54
N GLU S 60 45.87 -17.59 -14.38
CA GLU S 60 44.47 -17.80 -14.76
C GLU S 60 44.26 -19.03 -15.63
N HIS S 61 45.31 -19.53 -16.27
CA HIS S 61 45.25 -20.75 -17.06
C HIS S 61 45.93 -21.93 -16.38
N PHE S 62 46.16 -21.83 -15.07
CA PHE S 62 46.89 -22.84 -14.31
C PHE S 62 45.91 -23.71 -13.52
N LYS S 63 46.12 -25.03 -13.59
CA LYS S 63 45.34 -25.97 -12.79
C LYS S 63 46.28 -27.03 -12.24
N PRO S 64 46.06 -27.50 -11.00
CA PRO S 64 46.96 -28.52 -10.43
C PRO S 64 46.77 -29.92 -11.00
N THR S 65 47.35 -30.15 -12.17
CA THR S 65 47.29 -31.45 -12.82
C THR S 65 48.52 -32.28 -12.45
N GLY S 66 48.59 -33.49 -12.99
CA GLY S 66 49.73 -34.35 -12.72
C GLY S 66 50.97 -33.93 -13.48
N LYS S 67 50.80 -33.39 -14.68
CA LYS S 67 51.94 -32.90 -15.46
C LYS S 67 52.58 -31.68 -14.81
N SER S 68 51.75 -30.76 -14.31
CA SER S 68 52.26 -29.58 -13.62
C SER S 68 52.92 -29.95 -12.29
N PHE S 69 52.35 -30.94 -11.59
CA PHE S 69 52.97 -31.41 -10.35
C PHE S 69 54.30 -32.09 -10.61
N ARG S 70 54.39 -32.88 -11.70
CA ARG S 70 55.65 -33.51 -12.08
C ARG S 70 56.71 -32.47 -12.47
N THR S 71 56.29 -31.42 -13.19
CA THR S 71 57.23 -30.35 -13.56
C THR S 71 57.70 -29.57 -12.34
N GLY S 72 56.78 -29.23 -11.43
CA GLY S 72 57.16 -28.51 -10.23
C GLY S 72 57.95 -29.35 -9.24
N LEU S 73 57.81 -30.67 -9.30
CA LEU S 73 58.60 -31.53 -8.45
C LEU S 73 60.01 -31.72 -9.01
N PHE S 74 60.10 -32.12 -10.29
CA PHE S 74 61.40 -32.44 -10.87
C PHE S 74 62.20 -31.20 -11.29
N ALA S 75 61.58 -30.01 -11.29
CA ALA S 75 62.29 -28.82 -11.73
C ALA S 75 62.86 -28.05 -10.54
N VAL S 76 62.13 -27.98 -9.44
CA VAL S 76 62.44 -27.08 -8.33
C VAL S 76 62.69 -27.84 -7.03
N VAL S 77 61.71 -28.64 -6.60
CA VAL S 77 61.75 -29.21 -5.25
C VAL S 77 62.81 -30.30 -5.14
N LEU S 78 62.93 -31.15 -6.17
CA LEU S 78 63.93 -32.22 -6.15
C LEU S 78 65.39 -31.74 -6.17
N PRO S 79 65.83 -30.76 -6.98
CA PRO S 79 67.21 -30.27 -6.80
C PRO S 79 67.44 -29.57 -5.47
N ILE S 80 66.43 -28.87 -4.93
CA ILE S 80 66.51 -28.27 -3.61
C ILE S 80 66.68 -29.34 -2.53
N ALA S 81 65.89 -30.41 -2.61
CA ALA S 81 65.95 -31.48 -1.62
C ALA S 81 67.26 -32.25 -1.71
N LEU S 82 67.73 -32.55 -2.93
CA LEU S 82 68.98 -33.27 -3.11
C LEU S 82 70.17 -32.42 -2.66
N TYR S 83 70.16 -31.12 -2.96
CA TYR S 83 71.24 -30.23 -2.55
C TYR S 83 71.26 -30.04 -1.04
N ALA S 84 70.09 -29.91 -0.41
CA ALA S 84 70.02 -29.77 1.04
C ALA S 84 70.46 -31.05 1.75
N TRP S 85 70.08 -32.21 1.21
CA TRP S 85 70.52 -33.50 1.76
C TRP S 85 72.04 -33.67 1.64
N ALA S 86 72.61 -33.28 0.49
CA ALA S 86 74.05 -33.38 0.29
C ALA S 86 74.81 -32.45 1.22
N LEU S 87 74.34 -31.21 1.37
CA LEU S 87 74.99 -30.25 2.26
C LEU S 87 74.92 -30.68 3.71
N LYS S 88 73.75 -31.18 4.14
CA LYS S 88 73.58 -31.65 5.51
C LYS S 88 74.43 -32.90 5.79
N ALA S 89 74.52 -33.81 4.81
CA ALA S 89 75.33 -35.02 4.98
C ALA S 89 76.82 -34.69 5.05
N GLU S 90 77.30 -33.79 4.20
CA GLU S 90 78.71 -33.40 4.23
C GLU S 90 79.05 -32.64 5.50
N ARG S 91 78.16 -31.72 5.93
CA ARG S 91 78.45 -30.97 7.15
C ARG S 91 78.35 -31.83 8.39
N ASP S 92 77.46 -32.83 8.42
CA ASP S 92 77.39 -33.73 9.55
C ASP S 92 78.61 -34.66 9.59
N GLY S 93 79.06 -35.13 8.42
CA GLY S 93 80.26 -35.95 8.36
C GLY S 93 81.53 -35.20 8.75
N ARG S 94 81.62 -33.91 8.41
CA ARG S 94 82.74 -33.12 8.88
C ARG S 94 82.60 -32.73 10.35
N GLU S 95 81.36 -32.52 10.82
CA GLU S 95 81.14 -32.06 12.18
C GLU S 95 81.37 -33.17 13.20
N GLU S 96 81.05 -34.42 12.86
CA GLU S 96 81.36 -35.51 13.78
C GLU S 96 82.87 -35.77 13.88
N LYS S 97 83.60 -35.53 12.80
CA LYS S 97 85.06 -35.63 12.85
C LYS S 97 85.66 -34.46 13.63
N TYR S 98 85.04 -33.29 13.52
CA TYR S 98 85.52 -32.13 14.28
C TYR S 98 85.24 -32.27 15.77
N ARG S 99 84.04 -32.75 16.13
CA ARG S 99 83.65 -32.88 17.53
C ARG S 99 84.28 -34.08 18.20
N THR S 100 84.56 -35.16 17.45
CA THR S 100 85.22 -36.32 18.03
C THR S 100 86.68 -36.00 18.35
N GLY S 101 87.39 -35.37 17.42
CA GLY S 101 88.77 -35.00 17.64
C GLY S 101 89.72 -35.79 16.77
N GLN S 102 89.25 -36.23 15.61
CA GLN S 102 90.07 -37.02 14.70
C GLN S 102 91.00 -36.17 13.84
N VAL S 103 90.87 -34.85 13.88
CA VAL S 103 91.70 -33.96 13.08
C VAL S 103 92.57 -33.14 14.02
N ALA S 104 93.80 -32.87 13.58
CA ALA S 104 94.74 -32.10 14.37
C ALA S 104 94.40 -30.62 14.32
N TYR S 105 95.09 -29.84 15.17
CA TYR S 105 94.86 -28.41 15.21
C TYR S 105 95.48 -27.70 14.01
N LYS S 106 96.68 -28.10 13.62
CA LYS S 106 97.41 -27.47 12.53
C LYS S 106 97.10 -28.11 11.17
N ASP S 107 96.19 -29.08 11.13
CA ASP S 107 95.89 -29.82 9.90
C ASP S 107 94.40 -29.75 9.57
N ARG S 108 93.77 -28.61 9.85
CA ARG S 108 92.35 -28.41 9.57
C ARG S 108 92.20 -27.32 8.51
N GLN S 109 91.39 -27.61 7.49
CA GLN S 109 91.18 -26.67 6.40
C GLN S 109 90.38 -25.45 6.86
N PHE S 110 90.63 -24.33 6.19
CA PHE S 110 89.91 -23.05 6.34
C PHE S 110 90.00 -22.52 7.77
N LYS S 111 91.22 -22.16 8.15
CA LYS S 111 91.48 -21.56 9.45
C LYS S 111 91.15 -20.08 9.50
N PHE S 112 90.77 -19.50 8.35
CA PHE S 112 90.61 -18.06 8.14
C PHE S 112 91.88 -17.30 8.55
N ILE S 113 93.01 -17.85 8.13
CA ILE S 113 94.31 -17.27 8.41
C ILE S 113 95.04 -17.06 7.09
N MET T 1 108.80 -44.77 -31.96
CA MET T 1 109.19 -45.86 -31.08
C MET T 1 110.65 -45.71 -30.66
N GLY T 2 111.33 -46.84 -30.45
CA GLY T 2 112.75 -46.80 -30.15
C GLY T 2 113.10 -47.19 -28.72
N ASN T 3 113.73 -46.25 -27.99
CA ASN T 3 114.28 -46.53 -26.67
C ASN T 3 113.21 -46.82 -25.64
N ALA T 4 112.00 -46.29 -25.83
CA ALA T 4 110.89 -46.68 -24.98
C ALA T 4 110.40 -48.08 -25.33
N LEU T 5 110.37 -48.39 -26.64
CA LEU T 5 109.76 -49.63 -27.12
C LEU T 5 110.51 -50.87 -26.64
N THR T 6 111.85 -50.82 -26.68
CA THR T 6 112.66 -51.89 -26.12
C THR T 6 112.46 -52.02 -24.62
N HIS T 7 112.16 -50.91 -23.93
CA HIS T 7 111.83 -50.95 -22.52
C HIS T 7 110.52 -51.68 -22.26
N TYR T 8 109.63 -51.75 -23.26
CA TYR T 8 108.46 -52.62 -23.16
C TYR T 8 108.81 -54.06 -23.50
N MET T 9 109.78 -54.28 -24.39
CA MET T 9 110.08 -55.64 -24.83
C MET T 9 111.13 -56.30 -23.97
N LYS T 10 112.27 -55.64 -23.76
CA LYS T 10 113.36 -56.16 -22.94
C LYS T 10 113.65 -55.16 -21.84
N PRO T 11 112.90 -55.22 -20.73
CA PRO T 11 113.15 -54.28 -19.63
C PRO T 11 114.43 -54.59 -18.86
N ASP T 12 114.82 -55.87 -18.83
CA ASP T 12 116.02 -56.26 -18.09
C ASP T 12 117.29 -56.00 -18.90
N VAL T 13 117.16 -55.73 -20.20
CA VAL T 13 118.32 -55.42 -21.02
C VAL T 13 118.56 -53.91 -21.06
N MET T 14 117.51 -53.13 -21.33
CA MET T 14 117.63 -51.68 -21.49
C MET T 14 117.28 -50.97 -20.20
N PRO T 15 118.14 -50.09 -19.69
CA PRO T 15 117.83 -49.39 -18.44
C PRO T 15 116.74 -48.33 -18.64
N GLY T 16 116.17 -47.89 -17.52
CA GLY T 16 115.07 -46.95 -17.53
C GLY T 16 115.49 -45.52 -17.80
N PRO T 17 114.51 -44.62 -17.91
CA PRO T 17 114.82 -43.20 -18.16
C PRO T 17 115.46 -42.53 -16.95
N ASP T 18 116.55 -41.79 -17.22
CA ASP T 18 117.31 -41.01 -16.23
C ASP T 18 117.80 -41.88 -15.07
N VAL T 19 118.32 -43.06 -15.39
CA VAL T 19 118.68 -44.03 -14.37
C VAL T 19 120.00 -43.63 -13.71
N VAL T 20 120.08 -43.82 -12.41
CA VAL T 20 121.31 -43.61 -11.65
C VAL T 20 122.20 -44.83 -11.86
N PRO T 21 123.53 -44.71 -11.67
CA PRO T 21 124.37 -45.91 -11.73
C PRO T 21 124.10 -46.86 -10.57
N THR T 22 123.51 -48.01 -10.87
CA THR T 22 123.11 -48.96 -9.84
C THR T 22 124.31 -49.70 -9.26
N PHE T 23 125.27 -50.05 -10.12
CA PHE T 23 126.41 -50.85 -9.71
C PHE T 23 127.50 -49.97 -9.11
N ASP T 24 128.65 -50.59 -8.83
CA ASP T 24 129.75 -49.87 -8.19
C ASP T 24 130.42 -48.92 -9.18
N PRO T 25 130.77 -47.70 -8.76
CA PRO T 25 131.51 -46.80 -9.66
C PRO T 25 132.93 -47.25 -9.93
N LEU T 26 133.53 -48.03 -9.03
CA LEU T 26 134.88 -48.55 -9.20
C LEU T 26 134.90 -50.00 -9.69
N LEU T 27 133.78 -50.48 -10.23
CA LEU T 27 133.72 -51.87 -10.71
C LEU T 27 134.51 -52.05 -11.99
N GLY T 28 134.65 -50.99 -12.78
CA GLY T 28 135.37 -51.09 -14.04
C GLY T 28 136.87 -50.97 -13.88
N PHE T 29 137.33 -50.71 -12.65
CA PHE T 29 138.74 -50.63 -12.24
C PHE T 29 139.54 -49.58 -12.99
N LYS T 30 138.90 -48.47 -13.39
CA LYS T 30 139.64 -47.39 -14.03
C LYS T 30 140.46 -46.60 -13.01
N SER T 31 140.00 -46.59 -11.74
CA SER T 31 140.36 -45.58 -10.73
C SER T 31 140.21 -44.18 -11.30
N ARG T 32 139.02 -43.88 -11.80
CA ARG T 32 138.77 -42.66 -12.55
C ARG T 32 138.74 -41.45 -11.64
N LYS T 33 139.07 -40.29 -12.21
CA LYS T 33 139.32 -39.09 -11.43
C LYS T 33 138.01 -38.49 -10.91
N GLU T 34 138.14 -37.65 -9.88
CA GLU T 34 137.01 -37.02 -9.22
C GLU T 34 136.81 -35.61 -9.76
N ARG T 35 135.56 -35.28 -10.09
CA ARG T 35 135.24 -33.93 -10.55
C ARG T 35 135.27 -32.97 -9.37
N VAL T 36 136.09 -31.93 -9.47
CA VAL T 36 136.31 -30.98 -8.39
C VAL T 36 135.77 -29.63 -8.84
N MET T 37 134.92 -29.03 -8.01
CA MET T 37 134.32 -27.74 -8.34
C MET T 37 135.33 -26.62 -8.20
N ILE T 38 135.31 -25.68 -9.13
CA ILE T 38 136.13 -24.49 -9.03
C ILE T 38 135.45 -23.42 -8.18
N ALA T 39 134.19 -23.11 -8.48
CA ALA T 39 133.44 -22.14 -7.71
C ALA T 39 132.67 -22.82 -6.58
N THR T 40 132.80 -22.29 -5.37
CA THR T 40 132.16 -22.88 -4.20
C THR T 40 130.75 -22.34 -4.04
N GLN T 41 130.14 -22.58 -2.88
CA GLN T 41 128.71 -22.32 -2.70
C GLN T 41 128.39 -20.83 -2.55
N GLU T 42 129.25 -20.06 -1.88
CA GLU T 42 128.89 -18.69 -1.54
C GLU T 42 128.94 -17.76 -2.75
N GLU T 43 129.87 -17.99 -3.68
CA GLU T 43 129.85 -17.21 -4.91
C GLU T 43 128.95 -17.83 -5.97
N MET T 44 128.49 -19.06 -5.76
CA MET T 44 127.41 -19.59 -6.59
C MET T 44 126.08 -18.93 -6.23
N GLU T 45 125.83 -18.74 -4.93
CA GLU T 45 124.61 -18.06 -4.49
C GLU T 45 124.75 -16.54 -4.50
N SER T 46 125.96 -16.02 -4.67
CA SER T 46 126.12 -14.58 -4.85
C SER T 46 125.70 -14.13 -6.25
N ALA T 47 125.88 -15.01 -7.23
CA ALA T 47 125.59 -14.69 -8.63
C ALA T 47 124.15 -15.00 -9.02
N LYS T 48 123.34 -15.45 -8.07
CA LYS T 48 121.92 -15.81 -8.26
C LYS T 48 121.72 -16.86 -9.34
N LEU T 49 122.59 -17.87 -9.33
CA LEU T 49 122.45 -19.00 -10.23
C LEU T 49 121.24 -19.84 -9.82
N PRO T 50 120.36 -20.22 -10.74
CA PRO T 50 119.23 -21.08 -10.40
C PRO T 50 119.69 -22.50 -10.08
N LEU T 51 118.84 -23.22 -9.36
CA LEU T 51 119.19 -24.56 -8.87
C LEU T 51 119.25 -25.59 -9.99
N GLU T 52 118.66 -25.32 -11.15
CA GLU T 52 118.78 -26.22 -12.29
C GLU T 52 120.03 -25.97 -13.10
N PHE T 53 120.81 -24.93 -12.78
CA PHE T 53 122.02 -24.60 -13.51
C PHE T 53 123.27 -24.64 -12.64
N ARG T 54 123.18 -25.18 -11.43
CA ARG T 54 124.35 -25.33 -10.55
C ARG T 54 125.03 -26.67 -10.84
N ASP T 55 125.67 -26.72 -12.01
CA ASP T 55 126.33 -27.93 -12.48
C ASP T 55 127.76 -27.98 -11.97
N TYR T 56 128.56 -28.91 -12.49
CA TYR T 56 129.95 -29.04 -12.05
C TYR T 56 130.85 -27.96 -12.62
N CYS T 57 130.46 -27.32 -13.72
CA CYS T 57 131.15 -26.13 -14.20
C CYS T 57 130.14 -24.97 -14.22
N ALA T 58 129.98 -24.33 -13.07
CA ALA T 58 129.21 -23.10 -12.96
C ALA T 58 130.10 -21.86 -12.99
N HIS T 59 131.42 -22.04 -12.92
CA HIS T 59 132.34 -20.91 -13.03
C HIS T 59 132.33 -20.32 -14.43
N LEU T 60 132.17 -21.16 -15.46
CA LEU T 60 132.03 -20.67 -16.82
C LEU T 60 130.73 -19.91 -17.02
N ALA T 61 129.65 -20.35 -16.37
CA ALA T 61 128.41 -19.59 -16.39
C ALA T 61 128.53 -18.28 -15.64
N ILE T 62 129.32 -18.26 -14.56
CA ILE T 62 129.57 -17.02 -13.82
C ILE T 62 130.38 -16.03 -14.67
N ALA T 63 131.39 -16.54 -15.38
CA ALA T 63 132.16 -15.69 -16.29
C ALA T 63 131.33 -15.23 -17.48
N TYR T 64 130.39 -16.06 -17.96
CA TYR T 64 129.48 -15.64 -19.01
C TYR T 64 128.53 -14.55 -18.53
N GLN T 65 128.05 -14.65 -17.28
CA GLN T 65 127.23 -13.59 -16.70
C GLN T 65 128.03 -12.30 -16.52
N ALA T 66 129.31 -12.43 -16.15
CA ALA T 66 130.17 -11.26 -16.00
C ALA T 66 130.44 -10.57 -17.34
N CYS T 67 130.65 -11.35 -18.39
CA CYS T 67 130.88 -10.74 -19.70
C CYS T 67 129.58 -10.23 -20.32
N ARG T 68 128.44 -10.83 -19.98
CA ARG T 68 127.16 -10.30 -20.41
C ARG T 68 126.86 -8.97 -19.72
N SER T 69 127.18 -8.87 -18.43
CA SER T 69 127.01 -7.61 -17.71
C SER T 69 128.09 -6.60 -18.00
N ASP T 70 129.15 -7.02 -18.70
CA ASP T 70 130.27 -6.09 -19.01
C ASP T 70 129.96 -5.31 -20.28
N THR T 71 129.23 -5.92 -21.22
CA THR T 71 128.90 -5.28 -22.49
C THR T 71 127.40 -5.25 -22.75
N PHE T 72 126.59 -5.13 -21.70
CA PHE T 72 125.14 -5.13 -21.80
C PHE T 72 124.66 -3.84 -22.47
N PRO T 73 123.67 -3.91 -23.38
CA PRO T 73 122.90 -5.07 -23.83
C PRO T 73 123.48 -5.83 -25.01
N PHE T 74 124.58 -5.36 -25.58
CA PHE T 74 125.19 -6.00 -26.75
C PHE T 74 126.07 -7.15 -26.28
N VAL T 75 125.40 -8.26 -25.90
CA VAL T 75 126.09 -9.37 -25.24
C VAL T 75 126.73 -10.35 -26.22
N TYR T 76 126.68 -10.08 -27.52
CA TYR T 76 127.28 -10.98 -28.50
C TYR T 76 128.78 -10.79 -28.64
N LYS T 77 129.36 -9.78 -27.99
CA LYS T 77 130.76 -9.40 -28.19
C LYS T 77 131.72 -10.47 -27.67
N CYS T 78 131.30 -11.28 -26.71
CA CYS T 78 132.03 -12.46 -26.27
C CYS T 78 131.17 -13.70 -26.47
N ALA T 79 130.49 -13.76 -27.63
CA ALA T 79 129.50 -14.80 -27.93
C ALA T 79 130.11 -16.19 -27.94
N HIS T 80 131.37 -16.30 -28.41
CA HIS T 80 132.08 -17.57 -28.42
C HIS T 80 132.29 -18.12 -27.02
N GLN T 81 132.41 -17.24 -26.02
CA GLN T 81 132.53 -17.68 -24.63
C GLN T 81 131.26 -18.37 -24.15
N LYS T 82 130.10 -17.96 -24.70
CA LYS T 82 128.85 -18.69 -24.47
C LYS T 82 128.96 -20.12 -24.94
N HIS T 83 129.54 -20.31 -26.14
CA HIS T 83 129.81 -21.63 -26.67
C HIS T 83 130.76 -22.41 -25.78
N GLU T 84 131.71 -21.70 -25.13
CA GLU T 84 132.61 -22.32 -24.16
C GLU T 84 131.82 -22.90 -23.00
N TYR T 85 130.88 -22.12 -22.45
CA TYR T 85 130.00 -22.64 -21.41
C TYR T 85 129.15 -23.76 -21.96
N LEU T 86 128.69 -23.60 -23.21
CA LEU T 86 127.88 -24.60 -23.87
C LEU T 86 128.65 -25.89 -24.05
N THR T 87 129.95 -25.80 -24.40
CA THR T 87 130.63 -27.06 -24.67
C THR T 87 130.99 -27.76 -23.37
N CYS T 88 131.06 -27.00 -22.25
CA CYS T 88 131.20 -27.65 -20.95
C CYS T 88 129.98 -28.50 -20.64
N GLU T 89 128.79 -27.96 -20.95
CA GLU T 89 127.56 -28.73 -20.80
C GLU T 89 127.58 -29.93 -21.74
N TYR T 90 128.12 -29.72 -22.95
CA TYR T 90 128.26 -30.81 -23.92
C TYR T 90 129.19 -31.88 -23.39
N GLU T 91 130.28 -31.45 -22.73
CA GLU T 91 131.19 -32.40 -22.11
C GLU T 91 130.50 -33.18 -21.01
N ASP T 92 129.68 -32.47 -20.21
CA ASP T 92 128.89 -33.12 -19.17
C ASP T 92 127.89 -34.08 -19.79
N TYR T 93 127.29 -33.67 -20.92
CA TYR T 93 126.36 -34.53 -21.65
C TYR T 93 127.08 -35.77 -22.17
N VAL T 94 128.33 -35.58 -22.61
CA VAL T 94 129.14 -36.71 -23.09
C VAL T 94 129.39 -37.68 -21.95
N LEU T 95 129.66 -37.15 -20.75
CA LEU T 95 129.82 -37.99 -19.56
C LEU T 95 128.52 -38.71 -19.25
N ARG T 96 127.39 -38.00 -19.38
CA ARG T 96 126.09 -38.63 -19.18
C ARG T 96 125.83 -39.65 -20.28
N MET T 97 126.26 -39.34 -21.51
CA MET T 97 126.08 -40.28 -22.61
C MET T 97 127.02 -41.48 -22.50
N LYS T 98 128.03 -41.40 -21.62
CA LYS T 98 128.77 -42.60 -21.26
C LYS T 98 128.19 -43.28 -20.02
N GLU T 99 127.63 -42.49 -19.08
CA GLU T 99 127.24 -43.03 -17.78
C GLU T 99 126.02 -43.94 -17.90
N PHE T 100 125.14 -43.66 -18.86
CA PHE T 100 124.10 -44.61 -19.22
C PHE T 100 124.71 -45.83 -19.89
N GLU T 101 125.59 -45.61 -20.87
CA GLU T 101 125.88 -46.62 -21.90
C GLU T 101 126.65 -47.80 -21.32
N ARG T 102 127.72 -47.52 -20.56
CA ARG T 102 128.48 -48.57 -19.89
C ARG T 102 127.63 -49.29 -18.84
N GLU T 103 126.64 -48.59 -18.27
CA GLU T 103 125.70 -49.23 -17.36
C GLU T 103 124.91 -50.32 -18.06
N ARG T 104 124.50 -50.05 -19.31
CA ARG T 104 123.88 -51.08 -20.13
C ARG T 104 124.85 -52.21 -20.40
N ARG T 105 126.12 -51.88 -20.63
CA ARG T 105 127.16 -52.90 -20.73
C ARG T 105 127.33 -53.63 -19.41
N LEU T 106 127.24 -52.89 -18.29
CA LEU T 106 127.25 -53.53 -16.99
C LEU T 106 125.96 -54.31 -16.74
N LEU T 107 124.88 -53.97 -17.44
CA LEU T 107 123.67 -54.76 -17.35
C LEU T 107 123.65 -55.85 -18.41
N GLU T 108 124.62 -55.84 -19.34
CA GLU T 108 124.74 -56.93 -20.30
C GLU T 108 125.69 -58.02 -19.84
N ARG T 109 126.76 -57.64 -19.13
CA ARG T 109 127.74 -58.62 -18.65
C ARG T 109 127.15 -59.55 -17.59
N GLN T 110 126.18 -59.06 -16.82
CA GLN T 110 125.45 -59.90 -15.88
C GLN T 110 124.28 -60.61 -16.52
N LYS T 111 124.04 -60.41 -17.83
CA LYS T 111 122.97 -61.11 -18.52
C LYS T 111 123.52 -62.15 -19.48
N HIS U 44 80.83 15.24 -49.40
CA HIS U 44 80.87 14.72 -48.01
C HIS U 44 79.44 14.46 -47.53
N GLN U 45 79.01 13.20 -47.52
CA GLN U 45 77.61 12.88 -47.14
C GLN U 45 77.43 13.21 -45.66
N MET U 46 76.23 13.64 -45.25
CA MET U 46 76.08 14.05 -43.84
C MET U 46 75.54 12.85 -43.07
N ILE U 47 76.30 12.37 -42.08
CA ILE U 47 75.90 11.19 -41.27
C ILE U 47 74.73 11.56 -40.36
N ILE U 48 73.77 10.65 -40.18
CA ILE U 48 72.60 10.92 -39.30
C ILE U 48 72.99 10.52 -37.89
N LYS U 49 73.51 11.47 -37.11
CA LYS U 49 73.91 11.23 -35.74
C LYS U 49 72.95 11.91 -34.79
N PRO U 50 72.72 11.33 -33.61
CA PRO U 50 71.93 12.02 -32.59
C PRO U 50 72.72 13.15 -31.95
N SER U 51 72.02 13.94 -31.14
CA SER U 51 72.62 15.12 -30.53
C SER U 51 73.60 14.75 -29.43
N ARG U 52 74.79 15.33 -29.49
CA ARG U 52 75.82 15.14 -28.47
C ARG U 52 76.15 16.43 -27.74
N PHE U 53 75.28 17.44 -27.82
CA PHE U 53 75.53 18.70 -27.13
C PHE U 53 75.37 18.54 -25.62
N GLN U 54 74.35 17.78 -25.19
CA GLN U 54 74.07 17.64 -23.76
C GLN U 54 75.14 16.83 -23.05
N TRP U 55 75.70 15.82 -23.71
CA TRP U 55 76.78 15.03 -23.11
C TRP U 55 78.05 15.85 -22.97
N ASP U 56 78.37 16.66 -23.99
CA ASP U 56 79.55 17.52 -23.91
C ASP U 56 79.39 18.63 -22.88
N LYS U 57 78.17 19.18 -22.76
CA LYS U 57 77.92 20.19 -21.72
C LYS U 57 77.95 19.57 -20.33
N PHE U 58 77.49 18.32 -20.20
CA PHE U 58 77.60 17.60 -18.93
C PHE U 58 79.06 17.33 -18.57
N LYS U 59 79.88 16.97 -19.57
CA LYS U 59 81.31 16.74 -19.34
C LYS U 59 82.02 18.02 -18.94
N ASP U 60 81.67 19.15 -19.57
CA ASP U 60 82.31 20.41 -19.24
C ASP U 60 81.85 20.94 -17.88
N LEU U 61 80.57 20.74 -17.54
CA LEU U 61 80.07 21.11 -16.21
C LEU U 61 80.70 20.26 -15.12
N LEU U 62 80.86 18.96 -15.39
CA LEU U 62 81.51 18.05 -14.44
C LEU U 62 82.98 18.40 -14.26
N HIS U 63 83.66 18.76 -15.36
CA HIS U 63 85.06 19.18 -15.26
C HIS U 63 85.20 20.48 -14.49
N PHE U 64 84.28 21.42 -14.71
CA PHE U 64 84.26 22.68 -13.98
C PHE U 64 84.03 22.45 -12.49
N TYR U 65 83.09 21.58 -12.15
CA TYR U 65 82.77 21.34 -10.75
C TYR U 65 83.65 20.28 -10.09
N VAL U 66 84.58 19.67 -10.81
CA VAL U 66 85.58 18.86 -10.13
C VAL U 66 86.83 19.73 -9.98
N MET U 67 87.05 20.69 -10.89
CA MET U 67 88.20 21.58 -10.74
C MET U 67 87.97 22.61 -9.65
N LEU U 68 86.72 23.08 -9.52
CA LEU U 68 86.33 23.97 -8.43
C LEU U 68 86.37 23.29 -7.07
N GLY U 69 86.38 21.96 -7.03
CA GLY U 69 86.63 21.24 -5.80
C GLY U 69 88.11 20.99 -5.57
N VAL U 70 88.83 20.60 -6.62
CA VAL U 70 90.23 20.19 -6.47
C VAL U 70 91.13 21.37 -6.10
N ILE U 71 90.87 22.55 -6.68
CA ILE U 71 91.77 23.71 -6.48
C ILE U 71 91.83 24.20 -5.02
N PRO U 72 90.72 24.38 -4.28
CA PRO U 72 90.90 24.66 -2.84
C PRO U 72 91.39 23.46 -2.05
N VAL U 73 91.03 22.24 -2.47
CA VAL U 73 91.55 21.04 -1.82
C VAL U 73 93.06 20.92 -2.00
N THR U 74 93.56 21.13 -3.23
CA THR U 74 95.00 21.03 -3.43
C THR U 74 95.74 22.20 -2.80
N ALA U 75 95.09 23.38 -2.68
CA ALA U 75 95.68 24.48 -1.94
C ALA U 75 95.82 24.14 -0.46
N LEU U 76 94.80 23.51 0.13
CA LEU U 76 94.86 23.10 1.52
C LEU U 76 95.86 21.97 1.76
N VAL U 77 96.01 21.06 0.77
CA VAL U 77 96.96 19.96 0.92
C VAL U 77 98.41 20.45 0.87
N LEU U 78 98.75 21.34 -0.08
CA LEU U 78 100.10 21.89 -0.05
C LEU U 78 100.33 22.86 1.10
N TYR U 79 99.28 23.53 1.59
CA TYR U 79 99.45 24.38 2.77
C TYR U 79 99.69 23.54 4.02
N ALA U 80 99.04 22.37 4.11
CA ALA U 80 99.23 21.51 5.26
C ALA U 80 100.58 20.79 5.22
N ASN U 81 100.99 20.29 4.06
CA ASN U 81 102.24 19.55 4.00
C ASN U 81 103.46 20.46 4.01
N ILE U 82 103.42 21.58 3.30
CA ILE U 82 104.61 22.40 3.14
C ILE U 82 104.76 23.36 4.31
N PHE U 83 103.71 24.11 4.64
CA PHE U 83 103.81 25.17 5.62
C PHE U 83 103.55 24.72 7.06
N VAL U 84 103.01 23.51 7.25
CA VAL U 84 102.83 22.99 8.61
C VAL U 84 103.67 21.73 8.77
N GLY U 85 103.39 20.70 7.97
CA GLY U 85 104.18 19.50 7.97
C GLY U 85 103.75 18.49 9.02
N PRO U 86 103.98 17.20 8.74
CA PRO U 86 103.55 16.17 9.68
C PRO U 86 104.41 16.11 10.92
N ALA U 87 103.82 15.57 11.98
CA ALA U 87 104.50 15.45 13.26
C ALA U 87 105.53 14.32 13.23
N GLN U 88 106.46 14.38 14.18
CA GLN U 88 107.51 13.38 14.30
C GLN U 88 107.17 12.44 15.46
N LEU U 89 107.33 11.13 15.22
CA LEU U 89 107.03 10.14 16.24
C LEU U 89 108.07 10.20 17.36
N ALA U 90 107.61 10.09 18.60
CA ALA U 90 108.49 10.11 19.76
C ALA U 90 107.83 9.34 20.90
N GLU U 91 108.64 8.99 21.90
CA GLU U 91 108.14 8.30 23.08
C GLU U 91 107.30 9.24 23.93
N ILE U 92 106.34 8.68 24.67
CA ILE U 92 105.51 9.50 25.54
C ILE U 92 106.31 9.89 26.78
N PRO U 93 106.42 11.17 27.10
CA PRO U 93 107.07 11.55 28.36
C PRO U 93 106.23 11.15 29.56
N GLU U 94 106.90 10.94 30.69
CA GLU U 94 106.22 10.45 31.89
C GLU U 94 105.38 11.56 32.52
N GLY U 95 104.10 11.27 32.72
CA GLY U 95 103.17 12.21 33.29
C GLY U 95 102.58 13.22 32.32
N TYR U 96 102.70 12.99 31.02
CA TYR U 96 102.13 13.92 30.04
C TYR U 96 100.60 13.79 30.00
N GLU U 97 100.10 12.56 29.96
CA GLU U 97 98.70 12.24 29.64
C GLU U 97 98.23 12.93 28.36
N PRO U 98 98.65 12.44 27.19
CA PRO U 98 98.41 13.17 25.93
C PRO U 98 96.94 13.13 25.53
N LYS U 99 96.55 14.13 24.74
CA LYS U 99 95.18 14.22 24.26
C LYS U 99 94.97 13.29 23.06
N HIS U 100 93.74 13.24 22.57
CA HIS U 100 93.40 12.31 21.50
C HIS U 100 93.97 12.75 20.16
N TRP U 101 93.95 14.07 19.87
CA TRP U 101 94.48 14.58 18.62
C TRP U 101 95.99 14.56 18.56
N GLU U 102 96.67 14.30 19.69
CA GLU U 102 98.09 14.02 19.66
C GLU U 102 98.41 12.65 19.09
N TYR U 103 97.41 11.77 18.95
CA TYR U 103 97.65 10.40 18.53
C TYR U 103 97.62 10.21 17.02
N GLU U 104 97.71 11.29 16.23
CA GLU U 104 97.76 11.18 14.78
C GLU U 104 98.83 12.10 14.23
N LYS U 105 99.32 11.77 13.04
CA LYS U 105 100.51 12.39 12.46
C LYS U 105 100.20 13.58 11.57
N HIS U 106 99.26 13.43 10.64
CA HIS U 106 99.03 14.46 9.63
C HIS U 106 98.31 15.67 10.26
N PRO U 107 98.65 16.89 9.83
CA PRO U 107 97.95 18.08 10.36
C PRO U 107 96.47 18.14 10.03
N ILE U 108 96.06 17.63 8.88
CA ILE U 108 94.63 17.60 8.55
C ILE U 108 93.92 16.58 9.43
N SER U 109 94.55 15.42 9.68
CA SER U 109 93.99 14.42 10.58
C SER U 109 93.93 14.93 12.01
N ARG U 110 94.97 15.68 12.44
CA ARG U 110 94.97 16.28 13.77
C ARG U 110 93.87 17.33 13.91
N PHE U 111 93.68 18.16 12.88
CA PHE U 111 92.66 19.20 12.91
C PHE U 111 91.26 18.60 12.90
N ILE U 112 91.06 17.52 12.14
CA ILE U 112 89.77 16.84 12.10
C ILE U 112 89.47 16.16 13.43
N SER U 113 90.47 15.49 14.00
CA SER U 113 90.27 14.81 15.28
C SER U 113 90.16 15.77 16.45
N ARG U 114 90.70 16.98 16.34
CA ARG U 114 90.60 17.95 17.41
C ARG U 114 89.33 18.78 17.34
N TYR U 115 89.02 19.34 16.17
CA TYR U 115 87.97 20.34 16.07
C TYR U 115 86.63 19.79 15.60
N ILE U 116 86.61 18.67 14.87
CA ILE U 116 85.39 18.17 14.24
C ILE U 116 84.93 16.86 14.89
N LEU U 117 85.75 15.82 14.82
CA LEU U 117 85.32 14.50 15.27
C LEU U 117 85.47 14.35 16.78
N ASN U 118 84.56 13.58 17.36
CA ASN U 118 84.63 13.27 18.78
C ASN U 118 85.75 12.26 19.06
N SER U 119 86.24 12.28 20.29
CA SER U 119 87.32 11.39 20.68
C SER U 119 86.78 9.97 20.88
N ASP U 120 87.71 9.00 20.87
CA ASP U 120 87.35 7.62 21.17
C ASP U 120 87.00 7.44 22.63
N GLN U 121 87.64 8.20 23.52
CA GLN U 121 87.38 8.12 24.96
C GLN U 121 85.96 8.57 25.30
N GLN U 122 85.49 9.63 24.62
CA GLN U 122 84.15 10.16 24.89
C GLN U 122 83.07 9.17 24.47
N ASN U 123 83.19 8.59 23.26
CA ASN U 123 82.24 7.60 22.80
C ASN U 123 82.32 6.32 23.62
N TYR U 124 83.52 5.95 24.05
CA TYR U 124 83.74 4.75 24.86
C TYR U 124 83.06 4.87 26.22
N GLU U 125 83.29 5.98 26.92
CA GLU U 125 82.71 6.14 28.25
C GLU U 125 81.22 6.46 28.18
N LYS U 126 80.77 7.11 27.11
CA LYS U 126 79.34 7.32 26.88
C LYS U 126 78.62 6.01 26.64
N SER U 127 79.21 5.11 25.84
CA SER U 127 78.64 3.79 25.63
C SER U 127 78.68 2.94 26.90
N LEU U 128 79.73 3.09 27.72
CA LEU U 128 79.80 2.37 28.99
C LEU U 128 78.70 2.82 29.94
N HIS U 129 78.46 4.13 30.03
CA HIS U 129 77.39 4.65 30.87
C HIS U 129 76.01 4.23 30.36
N TYR U 130 75.80 4.26 29.04
CA TYR U 130 74.50 3.87 28.49
C TYR U 130 74.25 2.37 28.67
N LEU U 131 75.30 1.55 28.54
CA LEU U 131 75.17 0.13 28.78
C LEU U 131 74.91 -0.19 30.25
N TYR U 132 75.53 0.57 31.17
CA TYR U 132 75.26 0.38 32.59
C TYR U 132 73.83 0.77 32.94
N GLU U 133 73.33 1.87 32.37
CA GLU U 133 71.95 2.29 32.59
C GLU U 133 70.95 1.28 32.02
N GLU U 134 71.21 0.77 30.81
CA GLU U 134 70.31 -0.20 30.20
C GLU U 134 70.36 -1.55 30.92
N ASN U 135 71.53 -1.93 31.43
CA ASN U 135 71.64 -3.18 32.18
C ASN U 135 70.91 -3.09 33.52
N GLU U 136 71.04 -1.95 34.21
CA GLU U 136 70.31 -1.78 35.47
C GLU U 136 68.80 -1.70 35.22
N LYS U 137 68.39 -1.09 34.11
CA LYS U 137 66.98 -1.09 33.73
C LYS U 137 66.48 -2.50 33.42
N ALA U 138 67.34 -3.34 32.83
CA ALA U 138 66.99 -4.74 32.58
C ALA U 138 66.80 -5.52 33.87
N GLN U 139 67.68 -5.31 34.86
CA GLN U 139 67.52 -5.99 36.14
C GLN U 139 66.27 -5.54 36.89
N ILE U 140 65.97 -4.23 36.86
CA ILE U 140 64.75 -3.76 37.53
C ILE U 140 63.50 -4.24 36.81
N ARG U 141 63.55 -4.35 35.47
CA ARG U 141 62.41 -4.89 34.72
C ARG U 141 62.18 -6.37 35.02
N LEU U 142 63.26 -7.16 35.10
CA LEU U 142 63.14 -8.57 35.48
C LEU U 142 62.62 -8.71 36.90
N LEU U 143 63.07 -7.85 37.81
CA LEU U 143 62.65 -7.93 39.20
C LEU U 143 61.20 -7.52 39.38
N GLU U 144 60.74 -6.50 38.63
CA GLU U 144 59.34 -6.13 38.75
C GLU U 144 58.43 -7.13 38.05
N ASP U 145 58.92 -7.83 37.02
CA ASP U 145 58.17 -8.94 36.44
C ASP U 145 58.03 -10.08 37.44
N GLU U 146 59.11 -10.39 38.18
CA GLU U 146 59.03 -11.42 39.22
C GLU U 146 58.11 -11.01 40.37
N VAL U 147 58.17 -9.75 40.78
CA VAL U 147 57.31 -9.24 41.86
C VAL U 147 55.85 -9.25 41.44
N ARG U 148 55.56 -8.87 40.19
CA ARG U 148 54.20 -8.90 39.68
C ARG U 148 53.68 -10.32 39.52
N ARG U 149 54.56 -11.27 39.15
CA ARG U 149 54.14 -12.67 39.07
C ARG U 149 53.83 -13.24 40.44
N LYS U 150 54.65 -12.92 41.45
CA LYS U 150 54.36 -13.40 42.80
C LYS U 150 53.17 -12.67 43.42
N MET U 151 52.87 -11.45 42.99
CA MET U 151 51.68 -10.75 43.47
C MET U 151 50.42 -11.33 42.83
N SER U 152 50.47 -11.66 41.54
CA SER U 152 49.30 -12.23 40.89
C SER U 152 49.11 -13.71 41.24
N GLU U 153 50.16 -14.38 41.73
CA GLU U 153 50.01 -15.77 42.13
C GLU U 153 49.18 -15.88 43.41
N ARG U 154 49.37 -14.94 44.34
CA ARG U 154 48.75 -15.03 45.66
C ARG U 154 47.63 -14.04 45.91
N ASN U 155 47.53 -12.97 45.10
CA ASN U 155 46.61 -11.84 45.27
C ASN U 155 46.76 -11.21 46.66
N ASP U 156 48.00 -10.95 47.05
CA ASP U 156 48.32 -10.52 48.41
C ASP U 156 48.26 -9.00 48.57
N TYR U 157 49.02 -8.27 47.75
CA TYR U 157 49.10 -6.84 47.90
C TYR U 157 47.85 -6.14 47.37
N GLN U 158 47.64 -4.91 47.84
CA GLN U 158 46.45 -4.14 47.55
C GLN U 158 46.61 -3.18 46.38
N ALA U 159 47.67 -3.29 45.58
CA ALA U 159 47.82 -2.38 44.45
C ALA U 159 47.33 -3.02 43.15
N TYR U 160 47.96 -4.11 42.74
CA TYR U 160 47.56 -4.85 41.55
C TYR U 160 47.06 -6.22 41.98
N TYR U 161 46.34 -6.86 41.07
CA TYR U 161 45.83 -8.23 41.19
C TYR U 161 44.97 -8.43 42.43
N TYR U 162 44.20 -7.41 42.80
CA TYR U 162 43.43 -7.40 44.03
C TYR U 162 42.03 -6.90 43.72
N ARG U 163 41.02 -7.70 44.06
CA ARG U 163 39.64 -7.31 43.86
C ARG U 163 39.08 -6.82 45.18
N PRO U 164 38.85 -5.52 45.36
CA PRO U 164 38.40 -5.02 46.68
C PRO U 164 36.93 -5.31 46.91
N SER U 165 36.66 -6.29 47.76
CA SER U 165 35.30 -6.61 48.18
C SER U 165 35.04 -5.91 49.50
N VAL U 166 34.01 -5.08 49.53
CA VAL U 166 33.70 -4.27 50.70
C VAL U 166 32.33 -4.68 51.24
N ALA U 167 32.22 -4.71 52.57
CA ALA U 167 30.97 -4.95 53.25
C ALA U 167 30.41 -3.66 53.86
N LYS U 168 30.62 -2.54 53.17
CA LYS U 168 30.06 -1.27 53.62
C LYS U 168 28.54 -1.26 53.54
N TYR U 169 28.00 -1.84 52.46
CA TYR U 169 26.55 -1.90 52.29
C TYR U 169 25.90 -2.87 53.27
N HIS U 170 26.59 -3.97 53.60
CA HIS U 170 26.08 -4.90 54.61
C HIS U 170 26.07 -4.27 55.99
N ARG U 171 27.12 -3.51 56.34
CA ARG U 171 27.16 -2.83 57.63
C ARG U 171 26.14 -1.70 57.69
N ILE U 172 25.89 -1.02 56.55
CA ILE U 172 24.87 0.01 56.48
C ILE U 172 23.47 -0.59 56.68
N SER U 173 23.21 -1.73 56.04
CA SER U 173 21.92 -2.40 56.19
C SER U 173 21.73 -2.96 57.60
N LYS U 174 22.81 -3.46 58.21
CA LYS U 174 22.72 -3.95 59.59
C LYS U 174 22.49 -2.80 60.58
N GLU U 175 23.13 -1.65 60.34
CA GLU U 175 22.90 -0.48 61.18
C GLU U 175 21.49 0.07 61.01
N ALA U 176 20.95 0.02 59.79
CA ALA U 176 19.56 0.43 59.56
C ALA U 176 18.58 -0.53 60.22
N ALA U 177 18.84 -1.83 60.14
CA ALA U 177 17.96 -2.80 60.79
C ALA U 177 18.05 -2.72 62.31
N ASP U 178 19.20 -2.33 62.84
CA ASP U 178 19.29 -2.08 64.28
C ASP U 178 18.61 -0.77 64.67
N GLU U 179 18.61 0.23 63.78
CA GLU U 179 17.93 1.49 64.04
C GLU U 179 16.41 1.36 63.99
N LEU U 180 15.89 0.46 63.15
CA LEU U 180 14.44 0.30 63.06
C LEU U 180 13.86 -0.59 64.16
N GLU U 181 14.72 -1.17 65.01
CA GLU U 181 14.19 -1.84 66.19
C GLU U 181 13.72 -0.84 67.24
N ALA U 182 14.38 0.32 67.32
CA ALA U 182 13.90 1.37 68.20
C ALA U 182 12.63 2.01 67.66
N LEU U 183 12.47 2.03 66.34
CA LEU U 183 11.32 2.67 65.71
C LEU U 183 10.07 1.80 65.83
N ARG U 184 10.25 0.51 66.14
CA ARG U 184 9.12 -0.39 66.31
C ARG U 184 8.39 -0.08 67.62
N GLY U 185 7.14 0.33 67.49
CA GLY U 185 6.34 0.68 68.65
C GLY U 185 5.00 1.26 68.24
N ASP U 186 4.31 1.84 69.22
CA ASP U 186 3.01 2.46 68.99
C ASP U 186 2.76 3.56 70.01
N ALA V 2 55.27 -1.25 -55.59
CA ALA V 2 55.33 -1.89 -54.28
C ALA V 2 54.67 -3.25 -54.30
N GLN V 3 55.27 -4.20 -55.02
CA GLN V 3 54.73 -5.54 -55.16
C GLN V 3 55.30 -6.42 -54.07
N VAL V 4 54.49 -6.69 -53.04
CA VAL V 4 54.87 -7.65 -52.00
C VAL V 4 54.86 -9.06 -52.59
N PRO V 5 55.92 -9.85 -52.38
CA PRO V 5 55.96 -11.20 -52.98
C PRO V 5 54.92 -12.14 -52.39
N LEU V 6 54.39 -13.02 -53.25
CA LEU V 6 53.36 -13.97 -52.86
C LEU V 6 54.00 -15.28 -52.45
N ALA V 7 53.44 -15.90 -51.41
CA ALA V 7 54.08 -17.03 -50.77
C ALA V 7 53.93 -18.35 -51.52
N ILE V 8 53.06 -18.43 -52.53
CA ILE V 8 52.91 -19.67 -53.28
C ILE V 8 54.08 -19.81 -54.24
N VAL V 9 54.65 -21.02 -54.31
CA VAL V 9 55.81 -21.31 -55.13
C VAL V 9 55.43 -22.40 -56.12
N SER V 10 55.64 -22.12 -57.41
CA SER V 10 55.32 -23.09 -58.44
C SER V 10 56.34 -24.23 -58.46
N HIS V 11 56.00 -25.31 -59.18
CA HIS V 11 56.91 -26.44 -59.31
C HIS V 11 58.12 -26.07 -60.17
N LYS V 12 57.90 -25.27 -61.20
CA LYS V 12 59.03 -24.76 -62.00
C LYS V 12 59.88 -23.81 -61.17
N ARG V 13 59.26 -23.02 -60.30
CA ARG V 13 60.02 -22.17 -59.39
C ARG V 13 60.77 -23.00 -58.35
N GLN V 14 60.19 -24.12 -57.92
CA GLN V 14 60.89 -25.02 -57.00
C GLN V 14 62.11 -25.67 -57.65
N VAL V 15 61.97 -26.12 -58.90
CA VAL V 15 63.12 -26.77 -59.54
C VAL V 15 64.16 -25.73 -59.98
N CYS V 16 63.73 -24.49 -60.24
CA CYS V 16 64.69 -23.41 -60.50
C CYS V 16 65.47 -23.05 -59.24
N SER V 17 64.79 -23.03 -58.08
CA SER V 17 65.48 -22.78 -56.82
C SER V 17 66.42 -23.92 -56.45
N LEU V 18 66.03 -25.16 -56.76
CA LEU V 18 66.92 -26.29 -56.53
C LEU V 18 68.13 -26.24 -57.44
N TYR V 19 67.94 -25.81 -58.70
CA TYR V 19 69.05 -25.65 -59.64
C TYR V 19 70.00 -24.56 -59.18
N LYS V 20 69.46 -23.44 -58.69
CA LYS V 20 70.27 -22.34 -58.18
C LYS V 20 71.06 -22.74 -56.94
N ARG V 21 70.41 -23.42 -55.99
CA ARG V 21 71.10 -23.85 -54.78
C ARG V 21 72.10 -24.96 -55.05
N ALA V 22 71.82 -25.84 -56.02
CA ALA V 22 72.77 -26.87 -56.40
C ALA V 22 74.01 -26.28 -57.05
N LEU V 23 73.84 -25.26 -57.91
CA LEU V 23 75.03 -24.63 -58.49
C LEU V 23 75.77 -23.76 -57.48
N ARG V 24 75.07 -23.21 -56.49
CA ARG V 24 75.77 -22.48 -55.43
C ARG V 24 76.58 -23.43 -54.54
N ASN V 25 76.03 -24.60 -54.25
CA ASN V 25 76.78 -25.62 -53.51
C ASN V 25 77.94 -26.16 -54.33
N LEU V 26 77.75 -26.27 -55.64
CA LEU V 26 78.82 -26.71 -56.53
C LEU V 26 79.93 -25.67 -56.63
N GLU V 27 79.57 -24.38 -56.58
CA GLU V 27 80.55 -23.31 -56.55
C GLU V 27 81.31 -23.30 -55.22
N SER V 28 80.60 -23.60 -54.12
CA SER V 28 81.25 -23.71 -52.82
C SER V 28 82.21 -24.89 -52.76
N TRP V 29 81.84 -26.02 -53.37
CA TRP V 29 82.69 -27.21 -53.31
C TRP V 29 83.91 -27.08 -54.21
N TYR V 30 83.72 -26.56 -55.42
CA TYR V 30 84.80 -26.45 -56.41
C TYR V 30 85.18 -24.97 -56.53
N ASP V 31 86.34 -24.63 -55.96
CA ASP V 31 86.76 -23.23 -55.90
C ASP V 31 87.30 -22.71 -57.22
N ARG V 32 87.99 -23.55 -58.00
CA ARG V 32 88.52 -23.13 -59.29
C ARG V 32 87.38 -22.94 -60.29
N ARG V 33 87.48 -21.87 -61.09
CA ARG V 33 86.37 -21.47 -61.95
C ARG V 33 86.17 -22.40 -63.14
N ASN V 34 87.24 -22.97 -63.69
CA ASN V 34 87.11 -23.86 -64.83
C ASN V 34 86.53 -25.23 -64.43
N VAL V 35 86.94 -25.75 -63.26
CA VAL V 35 86.39 -27.00 -62.75
C VAL V 35 84.93 -26.81 -62.36
N TYR V 36 84.61 -25.65 -61.76
CA TYR V 36 83.22 -25.32 -61.43
C TYR V 36 82.37 -25.17 -62.69
N ARG V 37 82.94 -24.60 -63.75
CA ARG V 37 82.21 -24.47 -65.02
C ARG V 37 81.95 -25.83 -65.65
N TYR V 38 82.95 -26.72 -65.61
CA TYR V 38 82.80 -28.07 -66.16
C TYR V 38 81.75 -28.87 -65.39
N ARG V 39 81.78 -28.80 -64.05
CA ARG V 39 80.77 -29.48 -63.25
C ARG V 39 79.40 -28.83 -63.37
N ALA V 40 79.35 -27.52 -63.64
CA ALA V 40 78.07 -26.84 -63.83
C ALA V 40 77.43 -27.25 -65.15
N VAL V 41 78.23 -27.43 -66.20
CA VAL V 41 77.69 -27.94 -67.46
C VAL V 41 77.26 -29.39 -67.32
N GLN V 42 78.00 -30.18 -66.51
CA GLN V 42 77.58 -31.55 -66.21
C GLN V 42 76.24 -31.60 -65.47
N LEU V 43 76.05 -30.71 -64.49
CA LEU V 43 74.79 -30.64 -63.75
C LEU V 43 73.66 -30.09 -64.62
N ARG V 44 73.98 -29.17 -65.53
CA ARG V 44 72.97 -28.66 -66.46
C ARG V 44 72.52 -29.73 -67.44
N ALA V 45 73.46 -30.57 -67.89
CA ALA V 45 73.09 -31.71 -68.74
C ALA V 45 72.28 -32.75 -67.96
N ARG V 46 72.60 -32.93 -66.68
CA ARG V 46 71.81 -33.81 -65.81
C ARG V 46 70.38 -33.30 -65.64
N PHE V 47 70.20 -31.98 -65.55
CA PHE V 47 68.86 -31.43 -65.51
C PHE V 47 68.17 -31.50 -66.87
N ASP V 48 68.92 -31.29 -67.95
CA ASP V 48 68.35 -31.21 -69.29
C ASP V 48 68.00 -32.57 -69.87
N GLU V 49 68.54 -33.67 -69.35
CA GLU V 49 68.12 -34.99 -69.77
C GLU V 49 66.87 -35.47 -69.04
N ASN V 50 66.32 -34.65 -68.14
CA ASN V 50 65.41 -35.12 -67.11
C ASN V 50 64.16 -34.23 -67.12
N ARG V 51 64.13 -33.20 -67.97
CA ARG V 51 63.03 -32.24 -67.97
C ARG V 51 61.82 -32.68 -68.78
N SER V 52 61.88 -33.86 -69.41
CA SER V 52 60.80 -34.32 -70.28
C SER V 52 59.80 -35.24 -69.59
N LYS V 53 59.93 -35.44 -68.28
CA LYS V 53 59.06 -36.37 -67.57
C LYS V 53 57.74 -35.70 -67.19
N ASP V 54 56.91 -36.44 -66.47
CA ASP V 54 55.57 -35.99 -66.09
C ASP V 54 55.64 -35.16 -64.81
N LEU V 55 54.48 -34.90 -64.21
CA LEU V 55 54.40 -33.99 -63.06
C LEU V 55 54.60 -34.71 -61.73
N GLY V 56 53.96 -35.87 -61.53
CA GLY V 56 54.12 -36.60 -60.29
C GLY V 56 55.50 -37.20 -60.12
N GLU V 57 56.06 -37.74 -61.21
CA GLU V 57 57.44 -38.21 -61.20
C GLU V 57 58.41 -37.05 -61.02
N GLY V 58 58.08 -35.88 -61.58
CA GLY V 58 58.89 -34.69 -61.36
C GLY V 58 58.85 -34.22 -59.92
N ILE V 59 57.69 -34.33 -59.26
CA ILE V 59 57.57 -33.95 -57.85
C ILE V 59 58.37 -34.90 -56.96
N ARG V 60 58.25 -36.21 -57.21
CA ARG V 60 58.99 -37.21 -56.42
C ARG V 60 60.50 -37.08 -56.63
N LEU V 61 60.92 -36.85 -57.88
CA LEU V 61 62.35 -36.72 -58.14
C LEU V 61 62.87 -35.35 -57.69
N LEU V 62 61.98 -34.35 -57.60
CA LEU V 62 62.34 -33.08 -56.98
C LEU V 62 62.60 -33.24 -55.49
N ALA V 63 61.77 -34.04 -54.82
CA ALA V 63 62.00 -34.36 -53.41
C ALA V 63 63.29 -35.15 -53.21
N CYS V 64 63.57 -36.08 -54.14
CA CYS V 64 64.83 -36.82 -54.11
C CYS V 64 66.03 -35.91 -54.35
N GLY V 65 65.90 -34.94 -55.25
CA GLY V 65 66.97 -33.98 -55.47
C GLY V 65 67.18 -33.04 -54.28
N GLN V 66 66.09 -32.67 -53.60
CA GLN V 66 66.21 -31.89 -52.36
C GLN V 66 66.92 -32.68 -51.27
N ARG V 67 66.61 -33.98 -51.14
CA ARG V 67 67.30 -34.84 -50.19
C ARG V 67 68.78 -35.00 -50.54
N GLU V 68 69.08 -35.12 -51.84
CA GLU V 68 70.47 -35.24 -52.29
C GLU V 68 71.26 -33.95 -52.02
N LEU V 69 70.65 -32.80 -52.31
CA LEU V 69 71.30 -31.51 -52.05
C LEU V 69 71.48 -31.24 -50.57
N PHE V 70 70.54 -31.70 -49.74
CA PHE V 70 70.74 -31.66 -48.29
C PHE V 70 71.86 -32.59 -47.85
N GLU V 71 72.03 -33.72 -48.54
CA GLU V 71 73.09 -34.66 -48.18
C GLU V 71 74.48 -34.13 -48.56
N THR V 72 74.59 -33.43 -49.70
CA THR V 72 75.89 -33.01 -50.20
C THR V 72 76.22 -31.55 -49.86
N ARG V 73 75.48 -30.95 -48.93
CA ARG V 73 75.66 -29.53 -48.61
C ARG V 73 76.98 -29.27 -47.91
N HIS V 74 77.68 -28.22 -48.36
CA HIS V 74 78.98 -27.88 -47.83
C HIS V 74 78.87 -27.32 -46.42
N PHE V 75 79.90 -27.56 -45.60
CA PHE V 75 79.89 -27.10 -44.22
C PHE V 75 80.12 -25.60 -44.13
N GLN V 76 80.81 -25.02 -45.11
CA GLN V 76 81.03 -23.57 -45.19
C GLN V 76 80.62 -23.11 -46.59
N PRO V 77 79.33 -22.85 -46.81
CA PRO V 77 78.89 -22.44 -48.14
C PRO V 77 79.32 -21.01 -48.46
N ARG V 78 79.69 -20.80 -49.72
CA ARG V 78 80.15 -19.48 -50.14
C ARG V 78 78.97 -18.55 -50.33
N ASN V 79 79.05 -17.37 -49.72
CA ASN V 79 78.01 -16.37 -49.83
C ASN V 79 78.62 -15.00 -50.08
N PHE V 80 77.85 -14.12 -50.70
CA PHE V 80 78.30 -12.76 -50.94
C PHE V 80 78.32 -11.97 -49.63
N ALA V 81 79.35 -11.16 -49.45
CA ALA V 81 79.56 -10.50 -48.16
C ALA V 81 78.58 -9.35 -47.97
N ASN V 82 78.27 -8.61 -49.03
CA ASN V 82 77.40 -7.44 -48.90
C ASN V 82 75.93 -7.79 -48.84
N SER V 83 75.54 -9.00 -49.21
CA SER V 83 74.14 -9.40 -49.19
C SER V 83 73.78 -9.93 -47.81
N ALA V 84 72.52 -10.34 -47.65
CA ALA V 84 72.04 -10.87 -46.38
C ALA V 84 72.61 -12.26 -46.12
N GLY V 85 72.95 -12.52 -44.86
CA GLY V 85 73.56 -13.78 -44.50
C GLY V 85 75.05 -13.87 -44.76
N GLY V 86 75.68 -12.78 -45.20
CA GLY V 86 77.09 -12.80 -45.52
C GLY V 86 77.96 -12.56 -44.30
N CYS V 87 79.26 -12.38 -44.58
CA CYS V 87 80.22 -12.18 -43.51
C CYS V 87 80.15 -10.77 -42.93
N ALA V 88 79.74 -9.79 -43.72
CA ALA V 88 79.75 -8.39 -43.31
C ALA V 88 78.44 -7.71 -43.69
N PHE V 89 77.32 -8.37 -43.40
CA PHE V 89 76.01 -7.79 -43.66
C PHE V 89 75.63 -6.84 -42.52
N GLU V 90 75.10 -5.66 -42.91
CA GLU V 90 74.55 -4.60 -42.03
C GLU V 90 75.49 -4.24 -40.86
N ARG V 91 76.76 -3.96 -41.21
CA ARG V 91 77.77 -3.63 -40.21
C ARG V 91 77.52 -2.29 -39.55
N GLU V 92 76.85 -1.37 -40.24
CA GLU V 92 76.47 -0.10 -39.67
C GLU V 92 74.95 0.05 -39.74
N VAL V 93 74.39 0.68 -38.71
CA VAL V 93 72.96 0.90 -38.61
C VAL V 93 72.71 2.40 -38.67
N ILE V 94 71.92 2.83 -39.65
CA ILE V 94 71.62 4.23 -39.86
C ILE V 94 70.36 4.56 -39.07
N PRO V 95 70.43 5.47 -38.09
CA PRO V 95 69.22 5.91 -37.38
C PRO V 95 68.35 6.77 -38.28
N PRO V 96 67.05 6.87 -38.00
CA PRO V 96 66.19 7.74 -38.82
C PRO V 96 66.51 9.20 -38.59
N ASP V 97 66.09 10.02 -39.56
CA ASP V 97 66.57 11.40 -39.66
C ASP V 97 65.93 12.34 -38.64
N TRP V 98 64.91 11.90 -37.89
CA TRP V 98 64.26 12.80 -36.94
C TRP V 98 65.14 13.15 -35.75
N VAL V 99 66.18 12.35 -35.48
CA VAL V 99 67.17 12.72 -34.46
C VAL V 99 67.96 13.95 -34.89
N LEU V 100 68.06 14.19 -36.21
CA LEU V 100 68.63 15.44 -36.72
C LEU V 100 67.78 16.63 -36.33
N ASP V 101 66.47 16.42 -36.14
CA ASP V 101 65.61 17.48 -35.64
C ASP V 101 65.78 17.74 -34.15
N TYR V 102 66.49 16.88 -33.43
CA TYR V 102 66.69 17.05 -31.99
C TYR V 102 68.09 17.55 -31.66
N TRP V 103 68.80 18.10 -32.65
CA TRP V 103 70.10 18.72 -32.39
C TRP V 103 69.91 20.06 -31.69
N HIS V 104 71.00 20.54 -31.11
CA HIS V 104 71.02 21.89 -30.58
C HIS V 104 71.02 22.90 -31.74
N PRO V 105 70.40 24.07 -31.55
CA PRO V 105 70.47 25.12 -32.59
C PRO V 105 71.88 25.61 -32.87
N LEU V 106 72.76 25.64 -31.86
CA LEU V 106 74.17 25.93 -32.13
C LEU V 106 74.84 24.79 -32.88
N GLU V 107 74.40 23.55 -32.64
CA GLU V 107 74.86 22.43 -33.45
C GLU V 107 74.19 22.44 -34.83
N LYS V 108 72.97 22.97 -34.91
CA LYS V 108 72.31 23.12 -36.20
C LYS V 108 72.91 24.23 -37.04
N ALA V 109 73.62 25.17 -36.42
CA ALA V 109 74.27 26.26 -37.14
C ALA V 109 75.49 25.82 -37.95
N GLN V 110 75.99 24.60 -37.72
CA GLN V 110 77.14 24.13 -38.47
C GLN V 110 76.76 23.73 -39.90
N TYR V 111 75.52 23.33 -40.13
CA TYR V 111 75.02 23.01 -41.47
C TYR V 111 73.71 23.75 -41.74
N PRO V 112 73.76 25.08 -41.90
CA PRO V 112 72.51 25.83 -42.01
C PRO V 112 71.81 25.67 -43.36
N GLU V 113 72.56 25.51 -44.45
CA GLU V 113 71.95 25.25 -45.75
C GLU V 113 71.28 23.89 -45.78
N TYR V 114 71.91 22.88 -45.17
CA TYR V 114 71.32 21.54 -45.10
C TYR V 114 70.07 21.54 -44.24
N PHE V 115 70.08 22.26 -43.12
CA PHE V 115 68.89 22.29 -42.29
C PHE V 115 67.78 23.15 -42.89
N ALA V 116 68.12 24.17 -43.67
CA ALA V 116 67.12 24.94 -44.39
C ALA V 116 66.49 24.12 -45.50
N LYS V 117 67.30 23.30 -46.19
CA LYS V 117 66.75 22.39 -47.20
C LYS V 117 65.88 21.30 -46.57
N ARG V 118 66.25 20.85 -45.37
CA ARG V 118 65.42 19.89 -44.64
C ARG V 118 64.08 20.50 -44.23
N GLU V 119 64.10 21.76 -43.76
CA GLU V 119 62.87 22.44 -43.39
C GLU V 119 62.00 22.75 -44.61
N GLN V 120 62.63 22.98 -45.77
CA GLN V 120 61.87 23.10 -47.02
C GLN V 120 61.24 21.76 -47.41
N ARG V 121 61.98 20.66 -47.24
CA ARG V 121 61.51 19.34 -47.62
C ARG V 121 60.42 18.82 -46.69
N LYS V 122 60.34 19.35 -45.46
CA LYS V 122 59.31 18.92 -44.50
C LYS V 122 57.91 19.25 -44.98
N LYS V 123 57.71 20.43 -45.58
CA LYS V 123 56.41 20.81 -46.11
C LYS V 123 56.02 19.96 -47.30
N GLU V 124 56.99 19.63 -48.16
CA GLU V 124 56.74 18.72 -49.28
C GLU V 124 56.38 17.33 -48.80
N PHE V 125 57.02 16.87 -47.72
CA PHE V 125 56.68 15.55 -47.17
C PHE V 125 55.29 15.55 -46.53
N VAL V 126 54.91 16.63 -45.85
CA VAL V 126 53.60 16.61 -45.20
C VAL V 126 52.47 16.74 -46.24
N THR V 127 52.71 17.48 -47.34
CA THR V 127 51.72 17.48 -48.42
C THR V 127 51.69 16.14 -49.16
N TRP V 128 52.85 15.48 -49.30
CA TRP V 128 52.87 14.16 -49.93
C TRP V 128 52.18 13.12 -49.06
N TRP V 129 52.31 13.22 -47.74
CA TRP V 129 51.63 12.29 -46.84
C TRP V 129 50.13 12.55 -46.80
N GLU V 130 49.73 13.82 -46.87
CA GLU V 130 48.30 14.14 -46.98
C GLU V 130 47.71 13.67 -48.30
N LYS V 131 48.50 13.71 -49.37
CA LYS V 131 48.05 13.17 -50.65
C LYS V 131 47.95 11.65 -50.63
N GLN V 132 48.93 10.99 -50.01
CA GLN V 132 49.01 9.53 -50.06
C GLN V 132 48.02 8.88 -49.09
N TYR V 133 48.16 9.16 -47.79
CA TYR V 133 47.36 8.49 -46.77
C TYR V 133 46.31 9.38 -46.13
N GLY V 134 46.38 10.69 -46.30
CA GLY V 134 45.43 11.60 -45.69
C GLY V 134 44.07 11.60 -46.37
N LEU W 45 61.40 28.36 -42.40
CA LEU W 45 62.69 28.85 -41.92
C LEU W 45 63.72 28.83 -43.04
N THR W 46 64.60 29.82 -43.05
CA THR W 46 65.56 30.03 -44.13
C THR W 46 66.99 29.81 -43.61
N THR W 47 67.95 30.11 -44.49
CA THR W 47 69.36 29.82 -44.20
C THR W 47 69.91 30.75 -43.12
N GLU W 48 69.56 32.03 -43.16
CA GLU W 48 70.08 32.99 -42.18
C GLU W 48 69.43 32.82 -40.80
N ASP W 49 68.30 32.12 -40.72
CA ASP W 49 67.72 31.85 -39.41
C ASP W 49 68.48 30.75 -38.67
N PHE W 50 68.99 29.75 -39.40
CA PHE W 50 69.79 28.70 -38.79
C PHE W 50 71.25 29.10 -38.58
N ALA W 51 71.76 30.04 -39.38
CA ALA W 51 73.14 30.47 -39.22
C ALA W 51 73.33 31.29 -37.95
N ASN W 52 72.36 32.15 -37.63
CA ASN W 52 72.34 32.86 -36.36
C ASN W 52 71.12 32.41 -35.58
N PRO W 53 71.26 31.50 -34.63
CA PRO W 53 70.09 30.99 -33.90
C PRO W 53 69.50 32.03 -32.95
N SER W 54 68.19 31.95 -32.77
CA SER W 54 67.51 32.89 -31.90
C SER W 54 67.80 32.55 -30.43
N PRO W 55 67.97 33.55 -29.57
CA PRO W 55 68.17 33.26 -28.14
C PRO W 55 66.91 32.77 -27.44
N LYS W 56 65.73 33.00 -28.01
CA LYS W 56 64.50 32.50 -27.41
C LYS W 56 64.25 31.03 -27.70
N ASN W 57 64.97 30.45 -28.67
CA ASN W 57 64.86 29.02 -28.96
C ASN W 57 65.99 28.30 -28.23
N TRP W 58 65.76 28.07 -26.95
CA TRP W 58 66.75 27.50 -26.04
C TRP W 58 66.39 26.08 -25.67
N GLN W 59 67.38 25.19 -25.72
CA GLN W 59 67.19 23.79 -25.34
C GLN W 59 67.40 23.64 -23.85
N SER W 60 66.41 23.07 -23.18
CA SER W 60 66.42 22.97 -21.73
C SER W 60 67.38 21.87 -21.27
N TYR W 61 67.83 22.00 -20.03
CA TYR W 61 68.51 20.91 -19.35
C TYR W 61 67.44 20.04 -18.69
N GLY W 62 67.85 19.08 -17.88
CA GLY W 62 66.88 18.14 -17.36
C GLY W 62 66.05 18.60 -16.19
N PHE W 63 66.25 19.82 -15.71
CA PHE W 63 65.73 20.20 -14.40
C PHE W 63 64.37 20.90 -14.46
N ASP W 64 64.20 21.87 -15.36
CA ASP W 64 62.92 22.57 -15.48
C ASP W 64 62.61 22.82 -16.95
N TYR W 65 61.32 22.80 -17.29
CA TYR W 65 60.87 22.98 -18.67
C TYR W 65 59.92 24.16 -18.82
N LYS W 66 60.05 25.17 -17.96
CA LYS W 66 59.19 26.35 -18.04
C LYS W 66 59.96 27.62 -18.34
N ASP W 67 61.08 27.87 -17.67
CA ASP W 67 61.89 29.06 -17.93
C ASP W 67 63.38 28.73 -17.79
N GLN W 68 64.19 29.56 -18.46
CA GLN W 68 65.63 29.31 -18.54
C GLN W 68 66.35 29.66 -17.25
N VAL W 69 65.76 30.51 -16.42
CA VAL W 69 66.41 30.95 -15.19
C VAL W 69 66.48 29.82 -14.17
N GLU W 70 65.41 29.03 -14.06
CA GLU W 70 65.37 27.95 -13.08
C GLU W 70 66.23 26.76 -13.51
N ASP W 71 66.51 26.63 -14.80
CA ASP W 71 67.41 25.56 -15.26
C ASP W 71 68.84 25.80 -14.81
N ARG W 72 69.34 27.03 -15.02
CA ARG W 72 70.75 27.31 -14.76
C ARG W 72 71.05 27.30 -13.27
N LYS W 73 70.14 27.88 -12.46
CA LYS W 73 70.34 27.94 -11.01
C LYS W 73 70.31 26.54 -10.38
N ALA W 74 69.32 25.73 -10.75
CA ALA W 74 69.22 24.38 -10.23
C ALA W 74 70.32 23.48 -10.74
N THR W 75 70.76 23.68 -12.00
CA THR W 75 71.84 22.88 -12.56
C THR W 75 73.16 23.17 -11.86
N LYS W 76 73.50 24.46 -11.69
CA LYS W 76 74.74 24.83 -11.03
C LYS W 76 74.72 24.47 -9.55
N SER W 77 73.57 24.62 -8.88
CA SER W 77 73.50 24.28 -7.47
C SER W 77 73.49 22.77 -7.23
N THR W 78 72.86 21.99 -8.12
CA THR W 78 72.87 20.54 -7.98
C THR W 78 74.24 19.97 -8.30
N PHE W 79 74.95 20.57 -9.27
CA PHE W 79 76.34 20.18 -9.48
C PHE W 79 77.26 20.64 -8.36
N PHE W 80 76.86 21.70 -7.63
CA PHE W 80 77.63 22.12 -6.46
C PHE W 80 77.46 21.15 -5.30
N VAL W 81 76.22 20.72 -5.02
CA VAL W 81 76.00 19.93 -3.80
C VAL W 81 76.36 18.46 -3.96
N THR W 82 76.68 18.01 -5.17
CA THR W 82 77.04 16.61 -5.41
C THR W 82 78.50 16.43 -5.77
N VAL W 83 79.03 17.22 -6.70
CA VAL W 83 80.38 16.97 -7.21
C VAL W 83 81.43 17.59 -6.31
N THR W 84 81.38 18.90 -6.10
CA THR W 84 82.41 19.59 -5.33
C THR W 84 82.12 19.61 -3.83
N LEU W 85 81.07 18.95 -3.37
CA LEU W 85 80.88 18.76 -1.94
C LEU W 85 80.90 17.28 -1.55
N CYS W 86 80.07 16.45 -2.17
CA CYS W 86 79.94 15.06 -1.76
C CYS W 86 80.95 14.13 -2.40
N LEU W 87 81.65 14.56 -3.45
CA LEU W 87 82.59 13.68 -4.15
C LEU W 87 84.04 14.14 -4.08
N VAL W 88 84.30 15.43 -3.83
CA VAL W 88 85.67 15.92 -3.87
C VAL W 88 86.09 16.39 -2.48
N TRP W 89 85.29 17.27 -1.88
CA TRP W 89 85.58 17.72 -0.52
C TRP W 89 85.30 16.62 0.49
N GLY W 90 84.25 15.82 0.25
CA GLY W 90 83.99 14.67 1.10
C GLY W 90 85.04 13.58 0.97
N SER W 91 85.56 13.37 -0.24
CA SER W 91 86.63 12.41 -0.42
C SER W 91 87.96 12.91 0.13
N PHE W 92 88.18 14.23 0.10
CA PHE W 92 89.36 14.81 0.74
C PHE W 92 89.27 14.68 2.25
N TYR W 93 88.06 14.84 2.81
CA TYR W 93 87.84 14.61 4.23
C TYR W 93 88.05 13.15 4.60
N TRP W 94 87.55 12.23 3.77
CA TRP W 94 87.72 10.81 4.07
C TRP W 94 89.12 10.31 3.81
N ALA W 95 89.91 11.02 3.00
CA ALA W 95 91.32 10.65 2.82
C ALA W 95 92.11 10.93 4.09
N TYR W 96 91.90 12.09 4.70
CA TYR W 96 92.60 12.48 5.92
C TYR W 96 91.76 12.25 7.17
N LEU W 97 90.84 11.29 7.10
CA LEU W 97 90.10 10.87 8.27
C LEU W 97 91.04 10.18 9.25
N PRO W 98 90.88 10.41 10.57
CA PRO W 98 91.76 9.77 11.55
C PRO W 98 91.47 8.29 11.74
N ASP W 99 92.19 7.65 12.66
CA ASP W 99 92.01 6.23 12.93
C ASP W 99 90.73 6.03 13.74
N THR W 100 89.60 5.96 13.01
CA THR W 100 88.34 5.60 13.64
C THR W 100 88.35 4.12 14.04
N GLN W 101 88.50 3.24 13.05
CA GLN W 101 89.03 1.92 13.34
C GLN W 101 90.51 2.05 13.68
N PHE W 102 90.99 1.12 14.49
CA PHE W 102 92.35 1.21 15.04
C PHE W 102 93.34 0.40 14.23
N ARG W 103 93.18 0.37 12.90
CA ARG W 103 94.00 -0.48 12.03
C ARG W 103 95.44 -0.01 11.97
N ASN W 104 95.68 1.30 11.96
CA ASN W 104 97.05 1.81 12.02
C ASN W 104 97.67 1.55 13.39
N TRP W 105 96.89 1.75 14.45
CA TRP W 105 97.34 1.42 15.80
C TRP W 105 97.56 -0.08 15.97
N ALA W 106 96.75 -0.90 15.29
CA ALA W 106 96.97 -2.35 15.35
C ALA W 106 98.29 -2.74 14.70
N GLN W 107 98.65 -2.10 13.59
CA GLN W 107 99.93 -2.41 12.94
C GLN W 107 101.12 -1.93 13.77
N ARG W 108 101.00 -0.74 14.37
CA ARG W 108 102.08 -0.24 15.23
C ARG W 108 102.23 -1.09 16.49
N GLU W 109 101.12 -1.47 17.12
CA GLU W 109 101.16 -2.33 18.29
C GLU W 109 101.61 -3.74 17.95
N GLY W 110 101.31 -4.22 16.74
CA GLY W 110 101.81 -5.51 16.31
C GLY W 110 103.31 -5.51 16.09
N PHE W 111 103.83 -4.42 15.51
CA PHE W 111 105.28 -4.29 15.34
C PHE W 111 106.00 -4.19 16.69
N LEU W 112 105.45 -3.42 17.62
CA LEU W 112 106.06 -3.30 18.95
C LEU W 112 105.93 -4.60 19.75
N GLU W 113 104.81 -5.30 19.60
CA GLU W 113 104.61 -6.56 20.31
C GLU W 113 105.51 -7.66 19.76
N LEU W 114 105.68 -7.72 18.43
CA LEU W 114 106.60 -8.69 17.86
C LEU W 114 108.04 -8.32 18.14
N ARG W 115 108.33 -7.04 18.40
CA ARG W 115 109.63 -6.68 18.95
C ARG W 115 109.80 -7.22 20.37
N ARG W 116 108.75 -7.14 21.19
CA ARG W 116 108.93 -7.49 22.59
C ARG W 116 108.62 -8.97 22.90
N ARG W 117 107.83 -9.65 22.08
CA ARG W 117 107.48 -11.04 22.39
C ARG W 117 108.63 -11.99 22.03
N GLU W 118 109.33 -11.74 20.93
CA GLU W 118 110.42 -12.62 20.55
C GLU W 118 111.68 -12.30 21.35
N LEU W 119 111.72 -11.14 22.00
CA LEU W 119 112.78 -10.85 22.96
C LEU W 119 112.60 -11.68 24.22
N ALA W 120 111.37 -11.76 24.72
CA ALA W 120 111.07 -12.68 25.81
C ALA W 120 111.09 -14.13 25.32
N GLY W 121 110.60 -14.36 24.11
CA GLY W 121 110.69 -15.66 23.49
C GLY W 121 109.67 -16.68 23.95
N VAL W 122 108.56 -16.26 24.56
CA VAL W 122 107.60 -17.24 25.06
C VAL W 122 106.64 -17.68 23.94
N ASP W 123 106.11 -16.72 23.16
CA ASP W 123 105.12 -16.96 22.12
C ASP W 123 105.04 -15.74 21.23
N LEU W 124 105.05 -15.96 19.92
CA LEU W 124 104.75 -14.88 18.99
C LEU W 124 103.25 -14.56 19.00
N VAL W 125 102.41 -15.58 18.99
CA VAL W 125 100.99 -15.45 19.27
C VAL W 125 100.69 -16.33 20.48
N SER W 126 100.06 -15.73 21.50
CA SER W 126 99.66 -16.47 22.67
C SER W 126 98.46 -17.35 22.32
N PRO W 127 98.53 -18.66 22.59
CA PRO W 127 97.37 -19.51 22.31
C PRO W 127 96.26 -19.39 23.34
N ASN W 128 96.56 -18.98 24.56
CA ASN W 128 95.59 -18.98 25.65
C ASN W 128 95.10 -17.56 25.97
N TYR W 129 93.79 -17.46 26.25
CA TYR W 129 93.18 -16.18 26.57
C TYR W 129 93.59 -15.70 27.95
N VAL W 130 93.60 -16.61 28.93
CA VAL W 130 94.08 -16.32 30.28
C VAL W 130 95.19 -17.31 30.60
N ASP W 131 95.80 -17.13 31.75
CA ASP W 131 96.87 -18.02 32.19
C ASP W 131 96.28 -19.38 32.57
N PRO W 132 96.93 -20.49 32.17
CA PRO W 132 96.39 -21.82 32.50
C PRO W 132 96.43 -22.16 33.98
N ALA W 133 97.25 -21.48 34.79
CA ALA W 133 97.22 -21.70 36.22
C ALA W 133 96.15 -20.88 36.93
N SER W 134 95.74 -19.75 36.34
CA SER W 134 94.73 -18.90 36.97
C SER W 134 93.32 -19.47 36.83
N ILE W 135 93.06 -20.21 35.76
CA ILE W 135 91.73 -20.72 35.49
C ILE W 135 91.47 -21.95 36.36
N THR W 136 90.32 -21.98 37.03
CA THR W 136 89.94 -23.09 37.89
C THR W 136 88.96 -23.97 37.13
N LEU W 137 89.47 -25.07 36.58
CA LEU W 137 88.63 -26.01 35.85
C LEU W 137 87.77 -26.82 36.81
N PRO W 138 86.53 -27.14 36.44
CA PRO W 138 85.73 -28.05 37.26
C PRO W 138 86.26 -29.48 37.20
N SER W 139 85.99 -30.24 38.25
CA SER W 139 86.41 -31.62 38.33
C SER W 139 85.52 -32.50 37.45
N ASP W 140 85.97 -33.75 37.25
CA ASP W 140 85.20 -34.69 36.44
C ASP W 140 83.92 -35.12 37.13
N GLU W 141 83.93 -35.20 38.46
CA GLU W 141 82.70 -35.49 39.19
C GLU W 141 81.76 -34.29 39.20
N ASP W 142 82.31 -33.10 39.01
CA ASP W 142 81.48 -31.87 39.04
C ASP W 142 80.70 -31.76 37.73
N LEU W 143 81.35 -32.09 36.61
CA LEU W 143 80.71 -31.97 35.30
C LEU W 143 79.64 -33.04 35.10
N GLY W 144 79.99 -34.30 35.37
CA GLY W 144 79.05 -35.37 35.10
C GLY W 144 78.91 -35.60 33.62
N ASP W 145 77.67 -35.58 33.13
CA ASP W 145 77.40 -35.73 31.70
C ASP W 145 77.06 -34.34 31.13
N THR W 146 78.10 -33.60 30.79
CA THR W 146 77.97 -32.31 30.13
C THR W 146 78.70 -32.37 28.78
N GLU W 147 78.15 -31.67 27.79
CA GLU W 147 78.71 -31.70 26.45
C GLU W 147 79.96 -30.83 26.40
N ILE W 148 81.13 -31.46 26.35
CA ILE W 148 82.40 -30.78 26.18
C ILE W 148 82.67 -30.69 24.68
N ILE W 149 82.84 -29.47 24.19
CA ILE W 149 82.86 -29.19 22.75
C ILE W 149 84.29 -28.82 22.35
N ILE W 150 84.81 -29.52 21.34
CA ILE W 150 86.10 -29.16 20.77
C ILE W 150 86.05 -29.43 19.27
N GLY X 31 43.44 -0.18 -23.21
CA GLY X 31 44.79 -0.09 -23.75
C GLY X 31 45.86 -0.54 -22.77
N TRP X 32 45.51 -1.49 -21.91
CA TRP X 32 46.42 -1.97 -20.88
C TRP X 32 46.53 -3.48 -20.90
N ASN X 33 47.20 -4.05 -19.89
CA ASN X 33 47.36 -5.50 -19.84
C ASN X 33 46.07 -6.21 -19.46
N LYS X 34 45.19 -5.53 -18.73
CA LYS X 34 43.90 -6.12 -18.39
C LYS X 34 42.92 -6.11 -19.56
N ASP X 35 43.13 -5.23 -20.55
CA ASP X 35 42.25 -5.18 -21.71
C ASP X 35 42.61 -6.25 -22.72
N TYR X 36 43.83 -6.18 -23.26
CA TYR X 36 44.35 -7.19 -24.18
C TYR X 36 45.08 -8.23 -23.35
N LYS X 37 44.49 -9.41 -23.21
CA LYS X 37 45.09 -10.51 -22.45
C LYS X 37 44.52 -11.81 -22.98
N PRO X 38 45.24 -12.93 -22.79
CA PRO X 38 44.64 -14.23 -23.10
C PRO X 38 43.48 -14.56 -22.19
N GLY X 39 42.43 -15.14 -22.77
CA GLY X 39 41.22 -15.45 -22.04
C GLY X 39 41.07 -16.93 -21.74
N PRO X 40 39.84 -17.39 -21.53
CA PRO X 40 39.61 -18.81 -21.26
C PRO X 40 39.75 -19.64 -22.52
N TYR X 41 39.91 -20.95 -22.31
CA TYR X 41 40.17 -21.86 -23.41
C TYR X 41 38.94 -22.03 -24.30
N PRO X 42 39.12 -22.06 -25.63
CA PRO X 42 37.97 -22.23 -26.54
C PRO X 42 37.46 -23.66 -26.58
N GLN X 43 36.54 -24.01 -25.68
CA GLN X 43 35.90 -25.33 -25.72
C GLN X 43 35.07 -25.50 -26.99
N THR X 44 34.32 -24.48 -27.37
CA THR X 44 33.45 -24.55 -28.54
C THR X 44 34.14 -23.92 -29.75
N GLU X 45 33.53 -24.15 -30.92
CA GLU X 45 34.12 -23.69 -32.18
C GLU X 45 33.95 -22.19 -32.39
N LYS X 46 32.84 -21.62 -31.92
CA LYS X 46 32.61 -20.18 -32.08
C LYS X 46 33.59 -19.35 -31.26
N GLU X 47 33.95 -19.85 -30.07
CA GLU X 47 35.00 -19.21 -29.28
C GLU X 47 36.36 -19.32 -29.96
N ARG X 48 36.62 -20.42 -30.66
CA ARG X 48 37.85 -20.57 -31.43
C ARG X 48 37.90 -19.60 -32.60
N LEU X 49 36.75 -19.39 -33.28
CA LEU X 49 36.69 -18.41 -34.37
C LEU X 49 36.86 -16.98 -33.85
N ALA X 50 36.26 -16.67 -32.69
CA ALA X 50 36.40 -15.35 -32.09
C ALA X 50 37.83 -15.09 -31.62
N ALA X 51 38.49 -16.12 -31.08
CA ALA X 51 39.88 -15.98 -30.68
C ALA X 51 40.81 -15.88 -31.89
N ALA X 52 40.48 -16.56 -32.99
CA ALA X 52 41.26 -16.42 -34.21
C ALA X 52 41.13 -15.02 -34.80
N LYS X 53 39.91 -14.47 -34.80
CA LYS X 53 39.71 -13.10 -35.28
C LYS X 53 40.29 -12.07 -34.32
N LYS X 54 40.43 -12.41 -33.03
CA LYS X 54 40.97 -11.48 -32.06
C LYS X 54 42.48 -11.31 -32.24
N TYR X 55 43.19 -12.39 -32.57
CA TYR X 55 44.64 -12.36 -32.70
C TYR X 55 45.11 -12.04 -34.12
N TYR X 56 44.24 -11.47 -34.94
CA TYR X 56 44.59 -11.11 -36.34
C TYR X 56 45.20 -12.33 -37.01
N LEU X 57 44.57 -13.49 -36.85
CA LEU X 57 45.04 -14.74 -37.50
C LEU X 57 43.86 -15.36 -38.24
N LEU X 58 44.09 -15.99 -39.39
CA LEU X 58 43.01 -16.69 -40.12
C LEU X 58 42.59 -17.88 -39.27
N PRO X 59 41.34 -18.36 -39.32
CA PRO X 59 40.90 -19.41 -38.41
C PRO X 59 41.72 -20.67 -38.62
N GLU X 60 42.07 -21.00 -39.87
CA GLU X 60 42.81 -22.25 -40.12
C GLU X 60 44.19 -22.20 -39.42
N GLU X 61 44.87 -21.05 -39.47
CA GLU X 61 46.19 -20.89 -38.80
C GLU X 61 46.09 -21.04 -37.29
N TYR X 62 45.04 -20.50 -36.67
CA TYR X 62 44.98 -20.47 -35.18
C TYR X 62 45.00 -21.88 -34.63
N LYS X 63 45.74 -22.08 -33.54
CA LYS X 63 45.81 -23.41 -32.88
C LYS X 63 46.18 -23.16 -31.42
N PRO X 64 45.23 -23.31 -30.48
CA PRO X 64 45.49 -23.05 -29.06
C PRO X 64 46.40 -24.14 -28.48
N TYR X 65 46.72 -23.98 -27.20
CA TYR X 65 47.62 -24.89 -26.51
C TYR X 65 46.82 -26.04 -25.91
N ALA X 66 47.45 -26.85 -25.08
CA ALA X 66 46.77 -27.96 -24.43
C ALA X 66 46.02 -27.46 -23.19
N ASP X 67 45.25 -28.36 -22.58
CA ASP X 67 44.47 -28.06 -21.39
C ASP X 67 45.19 -28.48 -20.11
N ASP X 68 46.50 -28.66 -20.18
CA ASP X 68 47.27 -29.04 -19.00
C ASP X 68 47.50 -27.84 -18.08
N GLY X 69 48.17 -28.10 -16.96
CA GLY X 69 48.39 -27.04 -15.98
C GLY X 69 49.35 -25.97 -16.45
N LEU X 70 50.41 -26.37 -17.15
CA LEU X 70 51.39 -25.39 -17.61
C LEU X 70 50.88 -24.61 -18.83
N GLY X 71 50.12 -25.29 -19.70
CA GLY X 71 49.71 -24.75 -20.98
C GLY X 71 48.82 -23.51 -20.93
N TYR X 72 49.05 -22.60 -21.87
CA TYR X 72 48.33 -21.34 -21.88
C TYR X 72 46.91 -21.55 -22.40
N GLY X 73 46.03 -20.63 -22.02
CA GLY X 73 44.68 -20.64 -22.55
C GLY X 73 44.50 -19.51 -23.54
N ASP X 74 43.87 -19.80 -24.68
CA ASP X 74 43.34 -18.92 -25.73
C ASP X 74 44.47 -18.30 -26.58
N TYR X 75 45.75 -18.43 -26.18
CA TYR X 75 46.85 -17.88 -26.95
C TYR X 75 47.19 -18.79 -28.12
N PRO X 76 47.53 -18.25 -29.28
CA PRO X 76 47.87 -19.10 -30.43
C PRO X 76 49.21 -19.82 -30.24
N LYS X 77 49.31 -21.01 -30.81
CA LYS X 77 50.56 -21.77 -30.84
C LYS X 77 51.23 -21.53 -32.18
N LEU X 78 52.26 -20.67 -32.16
CA LEU X 78 52.95 -20.32 -33.39
C LEU X 78 54.00 -21.35 -33.76
N GLY X 79 54.89 -20.97 -34.68
CA GLY X 79 55.82 -21.94 -35.23
C GLY X 79 56.95 -22.26 -34.25
N TYR X 80 56.98 -23.52 -33.82
CA TYR X 80 58.05 -24.03 -32.97
C TYR X 80 59.04 -24.90 -33.73
N GLY X 81 59.02 -24.86 -35.06
CA GLY X 81 59.89 -25.74 -35.82
C GLY X 81 61.34 -25.32 -35.78
N LEU X 82 61.63 -24.08 -36.17
CA LEU X 82 62.98 -23.54 -36.16
C LEU X 82 62.85 -22.03 -36.00
N GLY X 83 63.94 -21.39 -35.60
CA GLY X 83 63.88 -20.03 -35.10
C GLY X 83 63.69 -18.97 -36.17
N VAL X 84 63.98 -17.73 -35.75
CA VAL X 84 63.78 -16.53 -36.58
C VAL X 84 64.71 -16.53 -37.78
N GLU X 85 65.90 -17.13 -37.66
CA GLU X 85 66.85 -17.21 -38.77
C GLU X 85 66.33 -18.09 -39.90
N ALA X 86 65.43 -19.02 -39.60
CA ALA X 86 64.82 -19.83 -40.65
C ALA X 86 63.83 -19.03 -41.47
N LYS X 87 63.24 -17.98 -40.88
CA LYS X 87 62.28 -17.15 -41.59
C LYS X 87 62.99 -16.30 -42.64
N ASP X 88 62.23 -15.90 -43.67
CA ASP X 88 62.81 -15.26 -44.83
C ASP X 88 63.24 -13.83 -44.53
N SER X 89 64.53 -13.57 -44.71
CA SER X 89 65.09 -12.24 -44.53
C SER X 89 64.95 -11.37 -45.77
N TYR X 90 64.58 -11.95 -46.91
CA TYR X 90 64.36 -11.19 -48.13
C TYR X 90 62.91 -10.73 -48.27
N TYR X 91 62.02 -11.19 -47.40
CA TYR X 91 60.65 -10.70 -47.41
C TYR X 91 60.62 -9.28 -46.84
N PRO X 92 59.83 -8.39 -47.45
CA PRO X 92 59.69 -7.05 -46.87
C PRO X 92 58.83 -7.06 -45.61
N TRP X 93 59.50 -6.95 -44.46
CA TRP X 93 58.80 -6.96 -43.18
C TRP X 93 58.45 -5.55 -42.76
N ASP X 94 57.36 -5.44 -41.99
CA ASP X 94 57.08 -4.17 -41.31
C ASP X 94 58.14 -3.87 -40.27
N TYR X 95 58.55 -4.88 -39.52
CA TYR X 95 59.67 -4.78 -38.60
C TYR X 95 60.77 -5.71 -39.08
N PRO X 96 61.86 -5.19 -39.69
CA PRO X 96 62.98 -6.06 -40.09
C PRO X 96 63.66 -6.73 -38.91
N GLU X 97 63.74 -6.03 -37.79
CA GLU X 97 64.09 -6.69 -36.54
C GLU X 97 62.89 -7.49 -36.04
N HIS X 98 63.17 -8.66 -35.47
CA HIS X 98 62.27 -9.74 -34.99
C HIS X 98 61.58 -10.50 -36.12
N LYS X 99 61.71 -10.04 -37.38
CA LYS X 99 61.07 -10.57 -38.57
C LYS X 99 59.56 -10.79 -38.42
N ARG X 100 58.80 -9.72 -38.22
CA ARG X 100 57.37 -9.83 -38.05
C ARG X 100 56.70 -8.60 -38.64
N ASN X 101 55.42 -8.75 -39.00
CA ASN X 101 54.63 -7.66 -39.52
C ASN X 101 53.86 -6.98 -38.39
N GLN X 102 53.09 -5.95 -38.72
CA GLN X 102 52.24 -5.32 -37.73
C GLN X 102 51.05 -6.20 -37.42
N HIS X 103 50.63 -6.20 -36.14
CA HIS X 103 49.45 -6.92 -35.62
C HIS X 103 49.56 -8.43 -35.82
N GLU X 104 50.79 -8.95 -35.88
CA GLU X 104 51.05 -10.38 -35.98
C GLU X 104 51.30 -10.93 -34.59
N PRO X 105 50.66 -12.04 -34.21
CA PRO X 105 50.82 -12.55 -32.84
C PRO X 105 52.21 -13.12 -32.61
N ILE X 106 52.88 -12.59 -31.60
CA ILE X 106 54.22 -13.04 -31.22
C ILE X 106 54.09 -14.41 -30.55
N SER X 107 55.01 -15.31 -30.88
CA SER X 107 55.05 -16.64 -30.28
C SER X 107 55.33 -16.55 -28.79
N ALA X 108 54.83 -17.56 -28.05
CA ALA X 108 54.92 -17.52 -26.59
C ALA X 108 56.34 -17.72 -26.11
N ASP X 109 57.08 -18.64 -26.72
CA ASP X 109 58.51 -18.79 -26.45
C ASP X 109 59.32 -18.02 -27.50
N HIS X 110 59.07 -16.71 -27.56
CA HIS X 110 59.78 -15.86 -28.51
C HIS X 110 61.22 -15.65 -28.10
N ASP X 111 61.49 -15.73 -26.79
CA ASP X 111 62.87 -15.61 -26.32
C ASP X 111 63.71 -16.80 -26.74
N LEU X 112 63.20 -18.02 -26.51
CA LEU X 112 63.95 -19.23 -26.83
C LEU X 112 64.10 -19.43 -28.34
N TYR X 113 63.07 -19.06 -29.11
CA TYR X 113 63.11 -19.17 -30.56
C TYR X 113 63.47 -17.85 -31.23
N SER X 114 64.24 -17.00 -30.56
CA SER X 114 64.68 -15.75 -31.15
C SER X 114 65.83 -15.99 -32.11
N GLU X 115 66.25 -14.92 -32.79
CA GLU X 115 67.36 -15.00 -33.73
C GLU X 115 68.68 -15.15 -32.98
N ASP X 116 68.76 -14.60 -31.77
CA ASP X 116 69.98 -14.64 -30.98
C ASP X 116 70.29 -16.05 -30.49
N ARG X 117 69.31 -16.71 -29.84
CA ARG X 117 69.58 -17.95 -29.15
C ARG X 117 68.78 -19.10 -29.75
N TRP X 118 69.50 -20.21 -29.99
CA TRP X 118 68.99 -21.53 -30.39
C TRP X 118 68.16 -21.46 -31.66
N SER X 119 68.74 -20.88 -32.71
CA SER X 119 68.11 -20.83 -34.02
C SER X 119 69.16 -21.10 -35.09
N GLN X 120 68.73 -21.67 -36.21
CA GLN X 120 69.62 -21.97 -37.32
C GLN X 120 68.98 -21.50 -38.61
N ALA X 121 69.80 -20.93 -39.50
CA ALA X 121 69.27 -20.45 -40.79
C ALA X 121 68.88 -21.61 -41.69
N GLU X 122 69.68 -22.67 -41.72
CA GLU X 122 69.38 -23.90 -42.42
C GLU X 122 69.25 -25.02 -41.40
N PRO X 123 68.44 -26.04 -41.68
CA PRO X 123 68.36 -27.20 -40.78
C PRO X 123 69.69 -27.93 -40.70
N PRO X 124 70.02 -28.50 -39.53
CA PRO X 124 71.33 -29.14 -39.37
C PRO X 124 71.43 -30.42 -40.19
N ARG X 125 72.66 -30.72 -40.63
CA ARG X 125 72.92 -31.86 -41.51
C ARG X 125 72.68 -33.18 -40.80
N TYR X 126 73.10 -33.27 -39.55
CA TYR X 126 72.99 -34.50 -38.77
C TYR X 126 72.01 -34.33 -37.62
N SER X 127 71.86 -35.39 -36.84
CA SER X 127 71.06 -35.35 -35.62
C SER X 127 71.85 -34.69 -34.49
N ASN X 128 71.17 -34.52 -33.35
CA ASN X 128 71.80 -33.87 -32.22
C ASN X 128 72.80 -34.78 -31.51
N ALA X 129 72.54 -36.10 -31.51
CA ALA X 129 73.38 -37.02 -30.78
C ALA X 129 74.64 -37.44 -31.53
N TYR X 130 74.67 -37.26 -32.86
CA TYR X 130 75.82 -37.68 -33.66
C TYR X 130 77.02 -36.79 -33.37
N TYR X 131 76.76 -35.49 -33.18
CA TYR X 131 77.80 -34.49 -32.94
C TYR X 131 78.52 -34.75 -31.62
N PHE X 132 77.74 -34.87 -30.54
CA PHE X 132 78.27 -35.21 -29.22
C PHE X 132 78.90 -36.59 -29.20
N ALA X 133 78.30 -37.56 -29.93
CA ALA X 133 78.82 -38.92 -29.96
C ALA X 133 80.21 -38.97 -30.59
N CYS X 134 80.40 -38.25 -31.72
CA CYS X 134 81.72 -38.19 -32.36
C CYS X 134 82.73 -37.46 -31.49
N PHE X 135 82.30 -36.37 -30.83
CA PHE X 135 83.24 -35.61 -30.01
C PHE X 135 83.72 -36.40 -28.79
N LEU X 136 82.79 -37.03 -28.05
CA LEU X 136 83.22 -37.82 -26.90
C LEU X 136 83.86 -39.14 -27.31
N GLY X 137 83.58 -39.64 -28.52
CA GLY X 137 84.32 -40.79 -29.02
C GLY X 137 85.78 -40.48 -29.30
N VAL X 138 86.04 -39.34 -29.97
CA VAL X 138 87.40 -38.91 -30.24
C VAL X 138 88.12 -38.57 -28.93
N MET X 139 87.40 -37.93 -28.00
CA MET X 139 87.97 -37.62 -26.69
C MET X 139 88.31 -38.86 -25.88
N SER X 140 87.42 -39.87 -25.87
CA SER X 140 87.69 -41.09 -25.12
C SER X 140 88.84 -41.87 -25.72
N GLY X 141 88.94 -41.90 -27.06
CA GLY X 141 90.09 -42.53 -27.69
C GLY X 141 91.41 -41.82 -27.40
N CYS X 142 91.39 -40.48 -27.40
CA CYS X 142 92.63 -39.73 -27.18
C CYS X 142 93.09 -39.81 -25.73
N LEU X 143 92.15 -39.67 -24.77
CA LEU X 143 92.48 -39.88 -23.35
C LEU X 143 92.96 -41.30 -23.07
N ALA X 144 92.32 -42.31 -23.66
CA ALA X 144 92.75 -43.70 -23.47
C ALA X 144 94.13 -43.98 -24.04
N LEU X 145 94.41 -43.48 -25.24
CA LEU X 145 95.68 -43.78 -25.89
C LEU X 145 96.81 -42.96 -25.27
N TYR X 146 96.48 -41.78 -24.73
CA TYR X 146 97.50 -41.01 -24.02
C TYR X 146 97.82 -41.62 -22.66
N TYR X 147 96.79 -41.96 -21.88
CA TYR X 147 97.03 -42.43 -20.53
C TYR X 147 97.45 -43.90 -20.48
N TRP X 148 97.31 -44.64 -21.58
CA TRP X 148 97.97 -45.94 -21.66
C TRP X 148 99.47 -45.76 -21.85
N LEU X 149 99.88 -44.77 -22.64
CA LEU X 149 101.29 -44.55 -22.96
C LEU X 149 101.97 -43.57 -22.02
N ASP X 150 101.40 -43.31 -20.84
CA ASP X 150 101.97 -42.33 -19.92
C ASP X 150 103.27 -42.82 -19.29
N ASP X 151 103.48 -44.13 -19.20
CA ASP X 151 104.72 -44.69 -18.69
C ASP X 151 105.59 -45.33 -19.76
N LYS X 152 105.34 -45.03 -21.04
CA LYS X 152 106.22 -45.39 -22.15
C LYS X 152 106.77 -44.13 -22.84
N LYS X 153 107.19 -43.15 -22.04
CA LYS X 153 107.88 -42.00 -22.58
C LYS X 153 109.27 -42.40 -23.05
N MET X 154 109.72 -41.82 -24.16
CA MET X 154 111.05 -42.17 -24.62
C MET X 154 112.09 -41.35 -23.86
N TYR X 155 113.35 -41.67 -24.11
CA TYR X 155 114.47 -41.03 -23.43
C TYR X 155 115.72 -41.22 -24.27
N ARG X 156 116.60 -40.23 -24.21
CA ARG X 156 117.89 -40.33 -24.87
C ARG X 156 118.79 -41.32 -24.12
N PRO X 157 119.84 -41.83 -24.78
CA PRO X 157 120.86 -42.60 -24.03
C PRO X 157 121.65 -41.72 -23.08
N VAL X 158 121.03 -41.41 -21.93
CA VAL X 158 121.52 -40.41 -20.99
C VAL X 158 121.22 -40.91 -19.59
N ALA X 159 122.11 -40.61 -18.65
CA ALA X 159 121.93 -41.02 -17.27
C ALA X 159 121.17 -39.93 -16.51
N ALA X 160 121.10 -40.06 -15.19
CA ALA X 160 120.52 -39.01 -14.37
C ALA X 160 121.46 -37.81 -14.31
N LYS X 161 120.86 -36.62 -14.14
CA LYS X 161 121.65 -35.40 -14.07
C LYS X 161 122.36 -35.33 -12.73
N GLN X 162 123.69 -35.30 -12.77
CA GLN X 162 124.50 -35.32 -11.56
C GLN X 162 124.64 -33.91 -11.01
N TYR X 163 124.20 -33.73 -9.77
CA TYR X 163 124.33 -32.46 -9.07
C TYR X 163 125.27 -32.63 -7.88
N PRO X 164 126.11 -31.63 -7.61
CA PRO X 164 127.12 -31.80 -6.55
C PRO X 164 126.51 -31.74 -5.16
N SER X 165 126.96 -32.64 -4.30
CA SER X 165 126.54 -32.73 -2.91
C SER X 165 127.77 -32.86 -2.02
N PRO X 166 127.72 -32.32 -0.80
CA PRO X 166 128.87 -32.46 0.11
C PRO X 166 129.05 -33.86 0.66
N GLY X 167 128.03 -34.71 0.59
CA GLY X 167 128.13 -36.07 1.09
C GLY X 167 128.41 -37.10 0.02
N VAL X 168 127.90 -36.87 -1.18
CA VAL X 168 128.02 -37.81 -2.30
C VAL X 168 128.86 -37.15 -3.37
N LYS X 169 129.93 -37.83 -3.79
CA LYS X 169 130.82 -37.34 -4.83
C LYS X 169 130.63 -38.15 -6.11
N HIS X 170 130.96 -37.52 -7.24
CA HIS X 170 130.82 -38.14 -8.55
C HIS X 170 132.17 -38.11 -9.27
N TYR X 171 132.28 -38.93 -10.30
CA TYR X 171 133.54 -39.13 -11.00
C TYR X 171 133.40 -38.78 -12.48
N THR X 172 134.53 -38.38 -13.08
CA THR X 172 134.61 -38.18 -14.51
C THR X 172 135.13 -39.46 -15.17
N PHE X 173 135.32 -39.42 -16.49
CA PHE X 173 135.75 -40.60 -17.22
C PHE X 173 137.22 -40.54 -17.65
N GLU X 174 137.87 -39.41 -17.52
CA GLU X 174 139.27 -39.29 -17.93
C GLU X 174 140.19 -39.91 -16.87
N PRO Y 8 83.75 0.53 -63.15
CA PRO Y 8 83.41 0.09 -64.51
C PRO Y 8 83.72 1.16 -65.54
N TYR Y 9 84.95 1.66 -65.54
CA TYR Y 9 85.37 2.72 -66.44
C TYR Y 9 86.02 2.09 -67.66
N THR Y 10 85.59 2.53 -68.85
CA THR Y 10 86.01 2.02 -70.17
C THR Y 10 85.80 0.50 -70.27
N VAL Y 11 84.54 0.10 -70.22
CA VAL Y 11 84.21 -1.33 -70.32
C VAL Y 11 84.44 -1.80 -71.74
N PRO Y 12 84.85 -3.05 -71.95
CA PRO Y 12 85.12 -3.55 -73.30
C PRO Y 12 83.90 -4.22 -73.92
N HIS Y 13 84.07 -4.61 -75.18
CA HIS Y 13 83.04 -5.32 -75.93
C HIS Y 13 83.29 -6.82 -75.85
N ALA Y 14 82.33 -7.60 -76.34
CA ALA Y 14 82.44 -9.06 -76.33
C ALA Y 14 83.37 -9.59 -77.42
N SER Y 15 83.72 -8.77 -78.41
CA SER Y 15 84.63 -9.23 -79.45
C SER Y 15 86.08 -9.29 -78.97
N THR Y 16 86.40 -8.63 -77.86
CA THR Y 16 87.74 -8.72 -77.29
C THR Y 16 88.00 -10.08 -76.67
N TYR Y 17 87.01 -10.63 -75.97
CA TYR Y 17 87.18 -11.89 -75.24
C TYR Y 17 86.99 -13.07 -76.17
N LYS Y 18 88.03 -13.88 -76.31
CA LYS Y 18 88.01 -15.05 -77.17
C LYS Y 18 88.43 -16.28 -76.38
N VAL Y 19 87.75 -17.40 -76.64
CA VAL Y 19 88.01 -18.63 -75.89
C VAL Y 19 89.37 -19.23 -76.27
N GLU Y 20 89.72 -19.17 -77.56
CA GLU Y 20 90.90 -19.84 -78.08
C GLU Y 20 92.22 -19.20 -77.67
N SER Y 21 92.19 -18.00 -77.06
CA SER Y 21 93.43 -17.36 -76.64
C SER Y 21 94.03 -18.05 -75.41
N VAL Y 22 93.19 -18.51 -74.49
CA VAL Y 22 93.67 -19.09 -73.24
C VAL Y 22 93.68 -20.62 -73.34
N PRO Y 23 94.65 -21.30 -72.71
CA PRO Y 23 94.64 -22.78 -72.75
C PRO Y 23 93.73 -23.41 -71.73
N GLN Y 24 93.57 -22.75 -70.57
CA GLN Y 24 92.86 -23.34 -69.44
C GLN Y 24 91.35 -23.40 -69.66
N LEU Y 25 90.81 -22.64 -70.61
CA LEU Y 25 89.40 -22.73 -70.92
C LEU Y 25 89.13 -23.54 -72.18
N VAL Y 26 90.07 -23.57 -73.12
CA VAL Y 26 89.88 -24.41 -74.29
C VAL Y 26 90.13 -25.88 -73.93
N GLU Y 27 90.85 -26.16 -72.83
CA GLU Y 27 90.91 -27.52 -72.31
C GLU Y 27 89.55 -28.00 -71.81
N VAL Y 28 88.81 -27.11 -71.12
CA VAL Y 28 87.46 -27.44 -70.66
C VAL Y 28 86.50 -27.56 -71.85
N LYS Y 29 86.68 -26.70 -72.86
CA LYS Y 29 85.86 -26.79 -74.07
C LYS Y 29 86.13 -28.07 -74.84
N GLU Y 30 87.39 -28.51 -74.91
CA GLU Y 30 87.72 -29.76 -75.57
C GLU Y 30 87.21 -30.96 -74.79
N ALA Y 31 87.25 -30.90 -73.46
CA ALA Y 31 86.69 -31.97 -72.64
C ALA Y 31 85.17 -32.06 -72.77
N LEU Y 32 84.50 -30.91 -72.89
CA LEU Y 32 83.05 -30.92 -73.07
C LEU Y 32 82.67 -31.34 -74.48
N GLY Y 33 83.50 -31.02 -75.48
CA GLY Y 33 83.26 -31.52 -76.82
C GLY Y 33 83.49 -33.02 -76.93
N ARG Y 34 84.45 -33.54 -76.17
CA ARG Y 34 84.64 -34.99 -76.06
C ARG Y 34 83.45 -35.63 -75.36
N GLN Y 35 82.90 -34.97 -74.33
CA GLN Y 35 81.71 -35.49 -73.67
C GLN Y 35 80.44 -35.19 -74.46
N GLY Y 36 80.51 -34.28 -75.43
CA GLY Y 36 79.37 -33.97 -76.27
C GLY Y 36 78.49 -32.87 -75.71
N LEU Y 37 79.12 -31.87 -75.09
CA LEU Y 37 78.40 -30.76 -74.48
C LEU Y 37 79.04 -29.45 -74.89
N LYS Y 38 78.26 -28.37 -74.81
CA LYS Y 38 78.74 -27.04 -75.11
C LYS Y 38 78.47 -26.13 -73.92
N ASP Y 39 79.24 -25.04 -73.84
CA ASP Y 39 79.10 -24.07 -72.78
C ASP Y 39 79.10 -22.60 -73.18
N PRO Y 40 78.10 -21.82 -72.71
CA PRO Y 40 77.98 -20.43 -73.18
C PRO Y 40 78.73 -19.41 -72.34
N TRP Y 41 79.20 -19.77 -71.15
CA TRP Y 41 79.79 -18.80 -70.23
C TRP Y 41 81.30 -18.84 -70.21
N LEU Y 42 81.93 -19.41 -71.24
CA LEU Y 42 83.39 -19.37 -71.31
C LEU Y 42 83.90 -17.98 -71.63
N ARG Y 43 83.15 -17.21 -72.42
CA ARG Y 43 83.55 -15.86 -72.79
C ARG Y 43 83.39 -14.86 -71.66
N ASN Y 44 82.68 -15.23 -70.59
CA ASN Y 44 82.58 -14.38 -69.41
C ASN Y 44 83.81 -14.51 -68.51
N GLU Y 45 84.65 -15.54 -68.72
CA GLU Y 45 85.81 -15.78 -67.88
C GLU Y 45 87.12 -15.71 -68.66
N VAL Y 46 87.11 -15.11 -69.85
CA VAL Y 46 88.33 -14.99 -70.65
C VAL Y 46 89.30 -13.99 -70.02
N TRP Y 47 88.76 -12.88 -69.50
CA TRP Y 47 89.55 -11.83 -68.83
C TRP Y 47 90.22 -12.32 -67.56
N ARG Y 48 89.67 -13.37 -66.93
CA ARG Y 48 90.14 -13.85 -65.65
C ARG Y 48 91.52 -14.48 -65.74
N TYR Y 49 91.87 -15.04 -66.90
CA TYR Y 49 93.18 -15.61 -67.16
C TYR Y 49 93.84 -14.75 -68.26
N GLU Y 50 94.66 -13.80 -67.84
CA GLU Y 50 95.36 -12.94 -68.79
C GLU Y 50 96.85 -13.01 -68.51
N PRO Y 51 97.67 -13.32 -69.51
CA PRO Y 51 99.12 -13.42 -69.26
C PRO Y 51 99.80 -12.07 -69.09
N LYS Y 52 99.18 -10.98 -69.56
CA LYS Y 52 99.80 -9.68 -69.42
C LYS Y 52 99.35 -8.97 -68.15
N ALA Y 53 98.04 -8.89 -67.93
CA ALA Y 53 97.53 -8.19 -66.75
C ALA Y 53 97.69 -8.99 -65.48
N PHE Y 54 97.51 -10.31 -65.56
CA PHE Y 54 97.52 -11.16 -64.37
C PHE Y 54 98.66 -12.17 -64.33
N GLY Y 55 99.35 -12.39 -65.44
CA GLY Y 55 100.46 -13.33 -65.45
C GLY Y 55 100.00 -14.78 -65.43
N THR Y 56 100.97 -15.65 -65.16
CA THR Y 56 100.73 -17.09 -65.08
C THR Y 56 101.09 -17.59 -63.68
N HIS Y 57 101.02 -18.91 -63.51
CA HIS Y 57 101.32 -19.51 -62.20
C HIS Y 57 102.81 -19.51 -61.92
N ARG Y 58 103.64 -19.79 -62.94
CA ARG Y 58 105.07 -19.90 -62.73
C ARG Y 58 105.74 -18.55 -62.54
N SER Y 59 105.22 -17.50 -63.17
CA SER Y 59 105.79 -16.17 -62.99
C SER Y 59 105.44 -15.61 -61.61
N ARG Y 60 104.24 -15.92 -61.12
CA ARG Y 60 103.81 -15.43 -59.81
C ARG Y 60 104.59 -16.10 -58.68
N LEU Y 61 104.91 -17.39 -58.81
CA LEU Y 61 105.72 -18.07 -57.81
C LEU Y 61 107.15 -17.53 -57.76
N ASN Y 62 107.73 -17.23 -58.93
CA ASN Y 62 109.06 -16.64 -58.96
C ASN Y 62 109.05 -15.19 -58.48
N THR Y 63 107.92 -14.48 -58.66
CA THR Y 63 107.79 -13.15 -58.10
C THR Y 63 107.62 -13.19 -56.59
N PHE Y 64 106.93 -14.19 -56.06
CA PHE Y 64 106.55 -14.21 -54.66
C PHE Y 64 107.66 -14.80 -53.78
N LEU Y 65 108.19 -15.96 -54.17
CA LEU Y 65 109.19 -16.63 -53.35
C LEU Y 65 110.55 -15.93 -53.42
N PHE Y 66 110.87 -15.31 -54.55
CA PHE Y 66 112.19 -14.73 -54.80
C PHE Y 66 112.04 -13.26 -55.21
N ARG Y 67 111.29 -12.50 -54.40
CA ARG Y 67 111.07 -11.08 -54.68
C ARG Y 67 112.34 -10.27 -54.52
N GLY Y 68 113.06 -10.49 -53.42
CA GLY Y 68 114.28 -9.75 -53.18
C GLY Y 68 115.49 -10.63 -52.96
N LEU Y 69 115.58 -11.73 -53.72
CA LEU Y 69 116.71 -12.64 -53.59
C LEU Y 69 117.98 -12.03 -54.18
N GLY Y 70 117.87 -11.35 -55.32
CA GLY Y 70 119.03 -10.71 -55.92
C GLY Y 70 119.53 -9.52 -55.12
N VAL Y 71 118.61 -8.71 -54.59
CA VAL Y 71 118.99 -7.58 -53.75
C VAL Y 71 119.55 -8.08 -52.42
N GLY Y 72 118.97 -9.15 -51.88
CA GLY Y 72 119.50 -9.75 -50.67
C GLY Y 72 120.88 -10.36 -50.87
N PHE Y 73 121.11 -10.98 -52.03
CA PHE Y 73 122.43 -11.55 -52.31
C PHE Y 73 123.47 -10.44 -52.54
N CYS Y 74 123.05 -9.34 -53.17
CA CYS Y 74 123.95 -8.20 -53.36
C CYS Y 74 124.31 -7.55 -52.03
N ALA Y 75 123.32 -7.40 -51.12
CA ALA Y 75 123.60 -6.87 -49.80
C ALA Y 75 124.43 -7.83 -48.97
N PHE Y 76 124.27 -9.14 -49.18
CA PHE Y 76 125.08 -10.12 -48.47
C PHE Y 76 126.54 -10.08 -48.95
N LEU Y 77 126.74 -9.90 -50.26
CA LEU Y 77 128.09 -9.70 -50.79
C LEU Y 77 128.70 -8.39 -50.28
N ALA Y 78 127.89 -7.35 -50.15
CA ALA Y 78 128.38 -6.08 -49.58
C ALA Y 78 128.76 -6.23 -48.12
N THR Y 79 127.97 -6.99 -47.35
CA THR Y 79 128.27 -7.24 -45.94
C THR Y 79 129.52 -8.10 -45.78
N VAL Y 80 129.70 -9.08 -46.68
CA VAL Y 80 130.92 -9.90 -46.67
C VAL Y 80 132.14 -9.06 -47.04
N ALA Y 81 132.00 -8.16 -48.03
CA ALA Y 81 133.12 -7.33 -48.46
C ALA Y 81 133.50 -6.30 -47.41
N VAL Y 82 132.52 -5.75 -46.69
CA VAL Y 82 132.87 -4.79 -45.64
C VAL Y 82 133.30 -5.51 -44.37
N GLU Y 83 132.93 -6.78 -44.20
CA GLU Y 83 133.34 -7.52 -43.01
C GLU Y 83 134.78 -7.96 -43.07
N TYR Y 84 135.28 -8.30 -44.27
CA TYR Y 84 136.67 -8.73 -44.40
C TYR Y 84 137.64 -7.57 -44.29
N ALA Y 85 137.19 -6.35 -44.62
CA ALA Y 85 138.05 -5.18 -44.50
C ALA Y 85 138.23 -4.74 -43.05
N LEU Y 86 137.28 -5.07 -42.17
CA LEU Y 86 137.33 -4.63 -40.79
C LEU Y 86 137.51 -5.80 -39.82
N GLY Y 87 136.64 -6.80 -39.87
CA GLY Y 87 136.76 -7.94 -38.98
C GLY Y 87 137.96 -8.83 -39.29
N ILE Y 88 138.27 -9.01 -40.56
CA ILE Y 88 139.39 -9.84 -40.96
C ILE Y 88 140.59 -8.97 -41.34
N PRO Z 69 81.29 5.02 -56.97
CA PRO Z 69 80.49 5.91 -57.82
C PRO Z 69 80.12 5.24 -59.14
N LEU Z 70 78.82 5.13 -59.42
CA LEU Z 70 78.32 4.46 -60.61
C LEU Z 70 77.43 5.42 -61.39
N SER Z 71 76.83 4.90 -62.46
CA SER Z 71 75.92 5.66 -63.30
C SER Z 71 74.95 4.69 -63.96
N LEU Z 72 73.87 5.25 -64.51
CA LEU Z 72 72.88 4.43 -65.21
C LEU Z 72 73.43 3.91 -66.54
N LYS Z 73 74.23 4.73 -67.22
CA LYS Z 73 74.86 4.32 -68.47
C LYS Z 73 75.88 3.20 -68.23
N LEU Z 74 76.64 3.30 -67.13
CA LEU Z 74 77.61 2.27 -66.78
C LEU Z 74 76.93 0.95 -66.45
N ILE Z 75 75.86 0.99 -65.65
CA ILE Z 75 75.13 -0.21 -65.27
C ILE Z 75 74.42 -0.84 -66.47
N ASN Z 76 73.93 0.00 -67.39
CA ASN Z 76 73.37 -0.48 -68.65
C ASN Z 76 74.44 -1.18 -69.48
N GLU Z 77 75.66 -0.64 -69.50
CA GLU Z 77 76.78 -1.28 -70.19
C GLU Z 77 77.14 -2.62 -69.55
N ARG Z 78 77.05 -2.69 -68.21
CA ARG Z 78 77.29 -3.95 -67.49
C ARG Z 78 76.29 -5.02 -67.91
N VAL Z 79 75.01 -4.64 -67.94
CA VAL Z 79 73.93 -5.58 -68.21
C VAL Z 79 73.98 -6.08 -69.65
N LEU Z 80 74.18 -5.16 -70.62
CA LEU Z 80 74.30 -5.61 -72.01
C LEU Z 80 75.59 -6.37 -72.27
N LEU Z 81 76.68 -6.08 -71.53
CA LEU Z 81 77.90 -6.87 -71.69
C LEU Z 81 77.74 -8.30 -71.20
N VAL Z 82 77.11 -8.48 -70.02
CA VAL Z 82 76.90 -9.82 -69.49
C VAL Z 82 75.90 -10.59 -70.34
N LEU Z 83 74.83 -9.93 -70.81
CA LEU Z 83 73.86 -10.62 -71.65
C LEU Z 83 74.34 -10.85 -73.08
N LYS Z 84 75.34 -10.11 -73.55
CA LYS Z 84 75.91 -10.39 -74.86
C LYS Z 84 77.12 -11.33 -74.80
N LEU Z 85 77.62 -11.62 -73.60
CA LEU Z 85 78.61 -12.69 -73.46
C LEU Z 85 77.98 -14.08 -73.37
N TYR Z 86 76.65 -14.15 -73.37
CA TYR Z 86 75.93 -15.42 -73.33
C TYR Z 86 75.77 -15.95 -74.75
N ASP Z 87 76.28 -17.16 -75.02
CA ASP Z 87 76.28 -17.70 -76.37
C ASP Z 87 74.91 -18.20 -76.81
N LYS Z 88 73.97 -18.41 -75.89
CA LYS Z 88 72.63 -18.81 -76.26
C LYS Z 88 71.73 -17.62 -76.59
N ILE Z 89 72.25 -16.40 -76.50
CA ILE Z 89 71.52 -15.19 -76.84
C ILE Z 89 72.22 -14.53 -78.03
N ASP Z 90 71.48 -14.30 -79.10
CA ASP Z 90 72.04 -13.63 -80.26
C ASP Z 90 72.18 -12.14 -79.98
N PRO Z 91 73.35 -11.55 -80.21
CA PRO Z 91 73.52 -10.10 -79.94
C PRO Z 91 72.78 -9.21 -80.92
N SER Z 92 72.39 -9.72 -82.10
CA SER Z 92 71.60 -8.93 -83.03
C SER Z 92 70.17 -8.77 -82.52
N LYS Z 93 69.60 -9.81 -81.92
CA LYS Z 93 68.26 -9.78 -81.37
C LYS Z 93 68.22 -9.13 -79.98
N LEU Z 94 69.38 -8.99 -79.33
CA LEU Z 94 69.44 -8.47 -77.97
C LEU Z 94 69.12 -6.99 -77.92
N ASN Z 95 68.32 -6.60 -76.93
CA ASN Z 95 67.88 -5.22 -76.75
C ASN Z 95 67.59 -4.99 -75.27
N VAL Z 96 67.46 -3.71 -74.91
CA VAL Z 96 67.18 -3.38 -73.51
C VAL Z 96 65.73 -3.70 -73.15
N GLU Z 97 64.83 -3.72 -74.14
CA GLU Z 97 63.42 -4.00 -73.89
C GLU Z 97 63.01 -5.38 -74.38
N SER Z 98 63.98 -6.25 -74.66
CA SER Z 98 63.68 -7.57 -75.21
C SER Z 98 63.26 -8.54 -74.11
N HIS Z 99 62.13 -9.20 -74.31
CA HIS Z 99 61.62 -10.12 -73.31
C HIS Z 99 62.39 -11.43 -73.34
N PHE Z 100 62.58 -12.03 -72.17
CA PHE Z 100 63.47 -13.18 -72.04
C PHE Z 100 62.87 -14.49 -72.52
N ILE Z 101 61.56 -14.57 -72.69
CA ILE Z 101 60.87 -15.81 -73.06
C ILE Z 101 60.16 -15.68 -74.40
N ASN Z 102 59.35 -14.63 -74.56
CA ASN Z 102 58.59 -14.48 -75.80
C ASN Z 102 59.47 -14.00 -76.95
N ASP Z 103 60.37 -13.06 -76.69
CA ASP Z 103 61.22 -12.50 -77.74
C ASP Z 103 62.47 -13.32 -77.97
N LEU Z 104 63.01 -13.93 -76.92
CA LEU Z 104 64.24 -14.70 -77.00
C LEU Z 104 63.99 -16.12 -76.50
N GLY Z 105 64.64 -17.08 -77.14
CA GLY Z 105 64.46 -18.47 -76.77
C GLY Z 105 65.35 -18.87 -75.61
N LEU Z 106 64.79 -18.90 -74.41
CA LEU Z 106 65.51 -19.27 -73.20
C LEU Z 106 64.69 -20.29 -72.41
N ASP Z 107 65.41 -21.23 -71.80
CA ASP Z 107 64.78 -22.22 -70.95
C ASP Z 107 64.48 -21.59 -69.58
N SER Z 108 63.74 -22.34 -68.76
CA SER Z 108 63.48 -21.89 -67.39
C SER Z 108 64.76 -21.90 -66.55
N LEU Z 109 65.67 -22.82 -66.82
CA LEU Z 109 66.96 -22.85 -66.15
C LEU Z 109 67.97 -21.89 -66.75
N ASP Z 110 67.73 -21.38 -67.96
CA ASP Z 110 68.63 -20.40 -68.55
C ASP Z 110 68.52 -19.04 -67.86
N HIS Z 111 67.30 -18.68 -67.45
CA HIS Z 111 67.09 -17.43 -66.73
C HIS Z 111 67.72 -17.46 -65.35
N VAL Z 112 67.78 -18.65 -64.74
CA VAL Z 112 68.50 -18.81 -63.47
C VAL Z 112 70.00 -18.61 -63.68
N GLU Z 113 70.53 -19.09 -64.81
CA GLU Z 113 71.93 -18.86 -65.14
C GLU Z 113 72.21 -17.38 -65.37
N VAL Z 114 71.28 -16.68 -66.00
CA VAL Z 114 71.39 -15.23 -66.17
C VAL Z 114 71.35 -14.51 -64.82
N ILE Z 115 70.49 -14.97 -63.91
CA ILE Z 115 70.35 -14.36 -62.58
C ILE Z 115 71.61 -14.55 -61.74
N MET Z 116 72.19 -15.76 -61.74
CA MET Z 116 73.44 -15.96 -61.02
C MET Z 116 74.62 -15.30 -61.72
N ALA Z 117 74.53 -15.10 -63.04
CA ALA Z 117 75.53 -14.30 -63.73
C ALA Z 117 75.50 -12.85 -63.27
N MET Z 118 74.30 -12.29 -63.10
CA MET Z 118 74.18 -10.93 -62.56
C MET Z 118 74.58 -10.87 -61.09
N GLU Z 119 74.38 -11.96 -60.36
CA GLU Z 119 74.81 -12.02 -58.96
C GLU Z 119 76.33 -12.03 -58.85
N ASP Z 120 77.00 -12.82 -59.70
CA ASP Z 120 78.45 -12.87 -59.70
C ASP Z 120 79.06 -11.61 -60.30
N GLU Z 121 78.33 -10.94 -61.20
CA GLU Z 121 78.82 -9.72 -61.81
C GLU Z 121 78.69 -8.52 -60.87
N PHE Z 122 77.51 -8.35 -60.27
CA PHE Z 122 77.23 -7.17 -59.47
C PHE Z 122 77.51 -7.35 -57.99
N GLY Z 123 77.84 -8.57 -57.57
CA GLY Z 123 78.26 -8.83 -56.20
C GLY Z 123 77.20 -8.72 -55.12
N PHE Z 124 76.01 -9.24 -55.36
CA PHE Z 124 75.03 -9.43 -54.29
C PHE Z 124 74.25 -10.70 -54.57
N GLU Z 125 73.15 -10.88 -53.83
CA GLU Z 125 72.27 -12.03 -53.97
C GLU Z 125 70.88 -11.55 -54.36
N ILE Z 126 70.32 -12.15 -55.40
CA ILE Z 126 68.98 -11.84 -55.88
C ILE Z 126 68.04 -12.93 -55.38
N PRO Z 127 66.96 -12.59 -54.67
CA PRO Z 127 66.03 -13.63 -54.21
C PRO Z 127 65.20 -14.20 -55.35
N ASP Z 128 64.48 -15.27 -55.04
CA ASP Z 128 63.76 -16.03 -56.06
C ASP Z 128 62.55 -15.26 -56.60
N SER Z 129 61.85 -14.52 -55.74
CA SER Z 129 60.75 -13.68 -56.21
C SER Z 129 61.26 -12.54 -57.09
N ASP Z 130 62.38 -11.93 -56.69
CA ASP Z 130 63.02 -10.95 -57.55
C ASP Z 130 63.76 -11.60 -58.72
N ALA Z 131 64.00 -12.91 -58.70
CA ALA Z 131 64.48 -13.59 -59.89
C ALA Z 131 63.36 -13.78 -60.91
N GLU Z 132 62.17 -14.15 -60.46
CA GLU Z 132 61.07 -14.37 -61.39
C GLU Z 132 60.35 -13.08 -61.77
N LYS Z 133 60.60 -11.98 -61.07
CA LYS Z 133 60.00 -10.71 -61.45
C LYS Z 133 60.82 -9.93 -62.47
N LEU Z 134 61.96 -10.44 -62.90
CA LEU Z 134 62.79 -9.80 -63.91
C LEU Z 134 62.60 -10.50 -65.25
N LEU Z 135 62.09 -9.78 -66.24
CA LEU Z 135 61.87 -10.35 -67.56
C LEU Z 135 62.56 -9.59 -68.68
N LYS Z 136 63.12 -8.42 -68.41
CA LYS Z 136 63.82 -7.61 -69.39
C LYS Z 136 65.16 -7.17 -68.84
N PRO Z 137 66.15 -6.89 -69.70
CA PRO Z 137 67.40 -6.29 -69.22
C PRO Z 137 67.22 -4.91 -68.61
N ALA Z 138 66.23 -4.13 -69.06
CA ALA Z 138 65.94 -2.84 -68.42
C ALA Z 138 65.36 -3.05 -67.03
N ASP Z 139 64.63 -4.14 -66.81
CA ASP Z 139 64.18 -4.50 -65.47
C ASP Z 139 65.36 -4.84 -64.57
N ILE Z 140 66.38 -5.50 -65.12
CA ILE Z 140 67.60 -5.80 -64.36
C ILE Z 140 68.36 -4.52 -64.03
N ILE Z 141 68.37 -3.57 -64.96
CA ILE Z 141 68.99 -2.26 -64.72
C ILE Z 141 68.25 -1.50 -63.62
N LYS Z 142 66.92 -1.52 -63.66
CA LYS Z 142 66.11 -0.87 -62.62
C LYS Z 142 66.25 -1.57 -61.27
N TYR Z 143 66.44 -2.90 -61.27
CA TYR Z 143 66.60 -3.62 -60.01
C TYR Z 143 67.98 -3.37 -59.40
N VAL Z 144 69.02 -3.31 -60.23
CA VAL Z 144 70.36 -3.06 -59.74
C VAL Z 144 70.51 -1.62 -59.26
N ALA Z 145 69.93 -0.66 -60.00
CA ALA Z 145 70.01 0.74 -59.62
C ALA Z 145 69.21 1.06 -58.37
N ASP Z 146 68.17 0.28 -58.09
CA ASP Z 146 67.43 0.46 -56.84
C ASP Z 146 68.19 -0.12 -55.65
N LYS Z 147 68.88 -1.24 -55.84
CA LYS Z 147 69.61 -1.87 -54.75
C LYS Z 147 70.87 -1.09 -54.39
N GLU Z 148 71.62 -0.65 -55.39
CA GLU Z 148 72.88 0.02 -55.17
C GLU Z 148 72.74 1.54 -55.12
N ASP Z 149 71.50 2.05 -55.21
CA ASP Z 149 71.10 3.41 -54.87
C ASP Z 149 71.79 4.46 -55.75
N VAL Z 150 71.58 4.34 -57.06
CA VAL Z 150 72.03 5.32 -58.02
C VAL Z 150 70.88 5.61 -59.00
N TYR Z 151 70.71 6.89 -59.34
CA TYR Z 151 69.65 7.31 -60.24
C TYR Z 151 70.11 8.31 -61.30
N GLU Z 152 71.37 8.74 -61.27
CA GLU Z 152 71.87 9.71 -62.23
C GLU Z 152 72.97 9.11 -63.11
N SER AA 2 79.25 -4.09 44.46
CA SER AA 2 78.64 -5.02 45.41
C SER AA 2 78.73 -6.46 44.89
N ALA AA 3 79.01 -7.38 45.80
CA ALA AA 3 79.13 -8.80 45.47
C ALA AA 3 77.82 -9.56 45.64
N VAL AA 4 76.74 -8.89 46.03
CA VAL AA 4 75.45 -9.54 46.21
C VAL AA 4 74.43 -8.90 45.27
N ASN AA 5 73.47 -9.71 44.85
CA ASN AA 5 72.38 -9.24 43.99
C ASN AA 5 71.15 -8.97 44.85
N ASP AA 6 71.26 -7.93 45.67
CA ASP AA 6 70.21 -7.58 46.63
C ASP AA 6 69.02 -6.98 45.90
N PRO AA 7 67.80 -7.51 46.08
CA PRO AA 7 66.64 -6.97 45.37
C PRO AA 7 66.18 -5.61 45.89
N LEU AA 8 66.49 -5.26 47.13
CA LEU AA 8 66.02 -3.98 47.67
C LEU AA 8 66.81 -2.79 47.14
N GLU AA 9 68.10 -2.96 46.87
CA GLU AA 9 68.89 -1.85 46.36
C GLU AA 9 68.70 -1.60 44.88
N LEU AA 10 68.08 -2.54 44.15
CA LEU AA 10 67.80 -2.31 42.74
C LEU AA 10 66.67 -1.31 42.55
N LEU AA 11 65.66 -1.33 43.42
CA LEU AA 11 64.54 -0.40 43.33
C LEU AA 11 64.78 0.89 44.12
N THR AA 12 65.79 0.93 44.99
CA THR AA 12 66.03 2.10 45.81
C THR AA 12 66.81 3.14 45.00
N ASN AA 13 66.26 4.34 44.90
CA ASN AA 13 66.87 5.40 44.09
C ASN AA 13 68.02 6.03 44.88
N LYS AA 14 69.24 5.85 44.38
CA LYS AA 14 70.41 6.47 45.03
C LYS AA 14 70.47 7.96 44.74
N GLY AA 15 69.93 8.40 43.62
CA GLY AA 15 69.96 9.80 43.25
C GLY AA 15 71.03 10.19 42.25
N THR AA 16 71.76 9.22 41.70
CA THR AA 16 72.82 9.51 40.74
C THR AA 16 72.33 9.60 39.30
N HIS AA 17 71.03 9.40 39.07
CA HIS AA 17 70.47 9.47 37.73
C HIS AA 17 70.01 10.90 37.46
N GLU AA 18 70.67 11.56 36.52
CA GLU AA 18 70.31 12.91 36.13
C GLU AA 18 69.27 12.88 35.02
N PRO AA 19 68.16 13.60 35.16
CA PRO AA 19 67.18 13.67 34.07
C PRO AA 19 67.73 14.46 32.88
N SER AA 20 67.25 14.09 31.69
CA SER AA 20 67.74 14.71 30.47
C SER AA 20 67.13 16.09 30.28
N PHE AA 21 67.64 16.80 29.26
CA PHE AA 21 67.15 18.14 28.96
C PHE AA 21 65.73 18.10 28.42
N LEU AA 22 65.39 17.07 27.63
CA LEU AA 22 64.06 16.96 27.07
C LEU AA 22 63.05 16.30 28.00
N SER AA 23 63.52 15.70 29.11
CA SER AA 23 62.61 14.98 30.00
C SER AA 23 61.55 15.85 30.70
N PRO AA 24 61.86 17.02 31.30
CA PRO AA 24 60.76 17.80 31.88
C PRO AA 24 59.98 18.62 30.86
N ILE AA 25 60.52 18.85 29.66
CA ILE AA 25 59.94 19.81 28.73
C ILE AA 25 59.44 19.17 27.45
N TRP AA 26 59.47 17.85 27.31
CA TRP AA 26 59.08 17.23 26.04
C TRP AA 26 57.57 17.22 25.86
N ASN AA 27 56.83 16.74 26.87
CA ASN AA 27 55.38 16.64 26.77
C ASN AA 27 54.63 17.98 26.59
N PRO AA 28 54.94 19.09 27.30
CA PRO AA 28 54.24 20.34 26.96
C PRO AA 28 54.53 20.88 25.57
N ILE AA 29 55.77 20.76 25.07
CA ILE AA 29 56.01 21.29 23.73
C ILE AA 29 55.47 20.34 22.66
N ALA AA 30 55.41 19.02 22.92
CA ALA AA 30 54.81 18.11 21.95
C ALA AA 30 53.29 18.29 21.90
N CYS AA 31 52.66 18.53 23.05
CA CYS AA 31 51.23 18.79 23.04
C CYS AA 31 50.90 20.19 22.50
N GLY AA 32 51.80 21.15 22.66
CA GLY AA 32 51.60 22.45 22.04
C GLY AA 32 51.73 22.41 20.53
N VAL AA 33 52.71 21.66 20.02
CA VAL AA 33 52.83 21.44 18.58
C VAL AA 33 51.65 20.64 18.05
N ALA AA 34 51.13 19.69 18.85
CA ALA AA 34 49.92 18.96 18.47
C ALA AA 34 48.69 19.85 18.42
N GLY AA 35 48.57 20.80 19.37
CA GLY AA 35 47.45 21.73 19.33
C GLY AA 35 47.52 22.71 18.16
N VAL AA 36 48.73 23.19 17.86
CA VAL AA 36 48.93 24.07 16.72
C VAL AA 36 48.64 23.33 15.41
N GLY AA 37 49.11 22.09 15.30
CA GLY AA 37 48.81 21.27 14.13
C GLY AA 37 47.36 20.89 14.01
N ALA AA 38 46.66 20.73 15.14
CA ALA AA 38 45.22 20.48 15.11
C ALA AA 38 44.45 21.70 14.62
N ALA AA 39 44.88 22.90 15.04
CA ALA AA 39 44.26 24.13 14.54
C ALA AA 39 44.54 24.33 13.06
N ILE AA 40 45.75 24.00 12.61
CA ILE AA 40 46.10 24.07 11.19
C ILE AA 40 45.29 23.05 10.40
N PHE AA 41 45.06 21.86 10.97
CA PHE AA 41 44.24 20.83 10.35
C PHE AA 41 42.78 21.26 10.24
N ILE AA 42 42.25 21.96 11.26
CA ILE AA 42 40.90 22.50 11.22
C ILE AA 42 40.78 23.55 10.12
N ASN AA 43 41.77 24.46 10.04
CA ASN AA 43 41.76 25.50 9.02
C ASN AA 43 41.94 24.94 7.62
N TRP AA 44 42.65 23.81 7.49
CA TRP AA 44 42.79 23.17 6.18
C TRP AA 44 41.52 22.45 5.78
N GLY AA 45 40.82 21.84 6.74
CA GLY AA 45 39.61 21.10 6.42
C GLY AA 45 38.42 21.98 6.05
N PHE AA 46 38.41 23.23 6.51
CA PHE AA 46 37.35 24.17 6.20
C PHE AA 46 37.68 25.05 5.02
N ARG AA 47 38.81 24.79 4.35
CA ARG AA 47 39.37 25.59 3.25
C ARG AA 47 39.62 27.04 3.65
N LYS AA 48 39.96 27.26 4.91
CA LYS AA 48 40.46 28.53 5.39
C LYS AA 48 41.97 28.59 5.16
N PRO AA 49 42.58 29.77 5.20
CA PRO AA 49 44.04 29.84 5.29
C PRO AA 49 44.53 29.19 6.58
N VAL AA 50 45.68 28.52 6.48
CA VAL AA 50 46.18 27.69 7.58
C VAL AA 50 46.66 28.50 8.76
N PHE AA 51 46.99 29.78 8.57
CA PHE AA 51 47.36 30.66 9.67
C PHE AA 51 46.33 31.76 9.89
N SER AA 52 45.11 31.55 9.41
CA SER AA 52 44.00 32.47 9.67
C SER AA 52 43.37 32.15 11.01
N GLY AA 53 43.13 33.18 11.82
CA GLY AA 53 42.62 32.96 13.15
C GLY AA 53 43.65 32.36 14.08
N ILE AA 54 44.69 33.12 14.40
CA ILE AA 54 45.78 32.62 15.24
C ILE AA 54 45.40 32.52 16.71
N GLN AA 55 44.26 33.08 17.11
CA GLN AA 55 43.78 32.93 18.48
C GLN AA 55 43.42 31.48 18.80
N LYS AA 56 42.91 30.74 17.81
CA LYS AA 56 42.66 29.32 17.98
C LYS AA 56 43.94 28.54 18.16
N HIS AA 57 44.99 28.91 17.40
CA HIS AA 57 46.31 28.28 17.56
C HIS AA 57 46.91 28.57 18.93
N ILE AA 58 46.78 29.81 19.41
CA ILE AA 58 47.31 30.19 20.71
C ILE AA 58 46.57 29.48 21.84
N ALA AA 59 45.24 29.39 21.74
CA ALA AA 59 44.45 28.71 22.76
C ALA AA 59 44.71 27.21 22.76
N PHE AA 60 44.86 26.61 21.58
CA PHE AA 60 45.15 25.17 21.50
C PHE AA 60 46.54 24.86 22.02
N GLY AA 61 47.52 25.72 21.73
CA GLY AA 61 48.86 25.53 22.26
C GLY AA 61 48.93 25.70 23.78
N ALA AA 62 48.19 26.67 24.31
CA ALA AA 62 48.16 26.88 25.76
C ALA AA 62 47.47 25.73 26.48
N ILE AA 63 46.37 25.22 25.89
CA ILE AA 63 45.67 24.06 26.44
C ILE AA 63 46.57 22.83 26.40
N GLY AA 64 47.32 22.66 25.31
CA GLY AA 64 48.25 21.55 25.21
C GLY AA 64 49.40 21.62 26.21
N VAL AA 65 49.97 22.82 26.40
CA VAL AA 65 51.06 23.00 27.35
C VAL AA 65 50.59 22.75 28.78
N GLY AA 66 49.41 23.28 29.15
CA GLY AA 66 48.88 23.05 30.48
C GLY AA 66 48.50 21.61 30.75
N ALA AA 67 47.86 20.95 29.78
CA ALA AA 67 47.48 19.55 29.93
C ALA AA 67 48.70 18.64 29.96
N GLY AA 68 49.72 18.95 29.16
CA GLY AA 68 50.95 18.18 29.17
C GLY AA 68 51.71 18.30 30.48
N ALA AA 69 51.78 19.51 31.04
CA ALA AA 69 52.44 19.70 32.33
C ALA AA 69 51.68 19.01 33.46
N TYR AA 70 50.34 19.12 33.44
CA TYR AA 70 49.52 18.50 34.49
C TYR AA 70 49.59 16.98 34.45
N PHE AA 71 49.45 16.40 33.26
CA PHE AA 71 49.51 14.94 33.15
C PHE AA 71 50.92 14.40 33.26
N ASP AA 72 51.95 15.23 32.99
CA ASP AA 72 53.32 14.79 33.25
C ASP AA 72 53.61 14.75 34.75
N GLN AA 73 53.09 15.73 35.51
CA GLN AA 73 53.23 15.70 36.97
C GLN AA 73 52.47 14.52 37.57
N LYS AA 74 51.26 14.25 37.05
CA LYS AA 74 50.50 13.08 37.51
C LYS AA 74 51.17 11.77 37.11
N ARG AA 75 51.85 11.74 35.96
CA ARG AA 75 52.63 10.58 35.54
C ARG AA 75 53.81 10.34 36.47
N ASN AA 76 54.50 11.40 36.87
CA ASN AA 76 55.63 11.26 37.80
C ASN AA 76 55.16 10.79 39.18
N GLU AA 77 54.00 11.28 39.64
CA GLU AA 77 53.45 10.80 40.92
C GLU AA 77 53.01 9.33 40.82
N TYR AA 78 52.46 8.93 39.66
CA TYR AA 78 52.08 7.54 39.43
C TYR AA 78 53.29 6.61 39.47
N LEU AA 79 54.40 7.03 38.83
CA LEU AA 79 55.59 6.19 38.82
C LEU AA 79 56.26 6.13 40.19
N ALA AA 80 56.19 7.24 40.95
CA ALA AA 80 56.70 7.22 42.33
C ALA AA 80 55.89 6.29 43.22
N LYS AA 81 54.56 6.29 43.06
CA LYS AA 81 53.73 5.37 43.82
C LYS AA 81 53.95 3.91 43.41
N ARG AA 82 54.20 3.67 42.11
CA ARG AA 82 54.52 2.31 41.66
C ARG AA 82 55.84 1.82 42.25
N ASP AA 83 56.85 2.71 42.30
CA ASP AA 83 58.13 2.36 42.90
C ASP AA 83 57.99 2.09 44.39
N ALA AA 84 57.16 2.88 45.08
CA ALA AA 84 56.90 2.63 46.50
C ALA AA 84 56.17 1.32 46.73
N VAL AA 85 55.25 0.96 45.83
CA VAL AA 85 54.54 -0.32 45.91
C VAL AA 85 55.50 -1.50 45.73
N LEU AA 86 56.40 -1.40 44.73
CA LEU AA 86 57.37 -2.47 44.49
C LEU AA 86 58.35 -2.63 45.64
N ARG AA 87 58.83 -1.50 46.20
CA ARG AA 87 59.72 -1.55 47.35
C ARG AA 87 59.04 -2.10 48.59
N HIS AA 88 57.76 -1.74 48.80
CA HIS AA 88 57.03 -2.24 49.95
C HIS AA 88 56.72 -3.73 49.84
N TYR AA 89 56.42 -4.23 48.63
CA TYR AA 89 56.18 -5.66 48.49
C TYR AA 89 57.47 -6.46 48.56
N ILE AA 90 58.60 -5.86 48.15
CA ILE AA 90 59.88 -6.53 48.33
C ILE AA 90 60.26 -6.59 49.81
N GLU AA 91 59.98 -5.51 50.54
CA GLU AA 91 60.29 -5.46 51.97
C GLU AA 91 59.38 -6.37 52.79
N LEU AA 92 58.12 -6.51 52.39
CA LEU AA 92 57.16 -7.31 53.15
C LEU AA 92 57.36 -8.82 52.97
N HIS AA 93 57.98 -9.25 51.88
CA HIS AA 93 58.15 -10.67 51.58
C HIS AA 93 59.63 -10.95 51.36
N PRO AA 94 60.41 -11.14 52.42
CA PRO AA 94 61.85 -11.39 52.25
C PRO AA 94 62.19 -12.83 51.91
N ASP AA 95 61.22 -13.74 51.90
CA ASP AA 95 61.48 -15.13 51.58
C ASP AA 95 61.33 -15.43 50.10
N ASP AA 96 60.35 -14.81 49.43
CA ASP AA 96 60.13 -15.04 48.01
C ASP AA 96 61.14 -14.32 47.13
N PHE AA 97 61.79 -13.28 47.64
CA PHE AA 97 62.81 -12.53 46.90
C PHE AA 97 64.07 -12.46 47.74
N PRO AA 98 64.97 -13.45 47.63
CA PRO AA 98 66.16 -13.50 48.46
C PRO AA 98 67.37 -12.83 47.80
N VAL AA 99 68.31 -12.30 48.58
CA VAL AA 99 69.54 -11.74 47.98
C VAL AA 99 70.26 -12.92 47.32
N LYS AA 100 70.78 -12.76 46.12
CA LYS AA 100 71.39 -13.92 45.41
C LYS AA 100 72.86 -13.61 45.17
N GLU AA 101 73.76 -14.55 45.48
CA GLU AA 101 75.20 -14.24 45.36
C GLU AA 101 75.52 -14.01 43.89
N ARG AA 102 76.31 -12.98 43.59
CA ARG AA 102 76.73 -12.72 42.18
C ARG AA 102 77.76 -13.79 41.81
N LYS AA 103 77.77 -14.25 40.56
CA LYS AA 103 78.70 -15.31 40.12
C LYS AA 103 79.62 -14.75 39.04
N THR AA 104 80.92 -14.95 39.17
CA THR AA 104 81.90 -14.49 38.15
C THR AA 104 81.73 -15.39 36.94
N TYR AA 105 82.17 -14.97 35.76
CA TYR AA 105 82.08 -15.84 34.56
C TYR AA 105 82.94 -17.06 34.86
N GLY AA 106 84.01 -16.87 35.60
CA GLY AA 106 84.96 -17.98 35.82
C GLY AA 106 84.28 -19.15 36.49
N GLN AA 107 83.39 -18.95 37.45
CA GLN AA 107 82.66 -20.12 38.03
C GLN AA 107 81.80 -20.85 36.99
N VAL AA 108 81.07 -20.15 36.11
CA VAL AA 108 80.17 -20.78 35.09
C VAL AA 108 80.96 -21.44 33.95
N LEU AA 109 80.48 -22.56 33.36
CA LEU AA 109 81.12 -23.17 32.16
C LEU AA 109 80.07 -23.50 31.10
N GLU AA 110 79.62 -22.56 30.26
CA GLU AA 110 78.54 -23.01 29.34
C GLU AA 110 78.59 -22.80 27.82
N SER AA 111 78.46 -23.86 27.02
CA SER AA 111 78.08 -23.81 25.58
C SER AA 111 78.73 -22.92 24.51
N TRP AA 112 80.03 -22.91 24.30
CA TRP AA 112 80.46 -22.06 23.17
C TRP AA 112 79.74 -22.70 21.98
N VAL AA 113 79.17 -21.93 21.06
CA VAL AA 113 78.53 -22.58 19.87
C VAL AA 113 79.57 -22.55 18.76
N PRO AA 114 80.12 -23.71 18.35
CA PRO AA 114 81.21 -23.66 17.41
C PRO AA 114 80.65 -23.23 16.06
N VAL AA 115 81.29 -22.30 15.35
CA VAL AA 115 80.87 -21.99 13.97
C VAL AA 115 82.00 -22.60 13.18
N ARG AA 116 81.71 -23.56 12.32
CA ARG AA 116 82.78 -24.31 11.63
C ARG AA 116 82.09 -25.45 10.89
N VAL BA 2 80.03 29.54 -10.71
CA VAL BA 2 79.82 29.27 -9.29
C VAL BA 2 78.39 28.84 -9.05
N LEU BA 3 78.05 28.61 -7.78
CA LEU BA 3 76.70 28.18 -7.42
C LEU BA 3 75.73 29.35 -7.54
N GLY BA 4 74.48 29.02 -7.86
CA GLY BA 4 73.45 30.03 -8.01
C GLY BA 4 72.34 29.89 -6.99
N LEU BA 5 72.23 30.85 -6.08
CA LEU BA 5 71.22 30.84 -5.04
C LEU BA 5 70.39 32.12 -5.15
N ASP BA 6 69.06 31.96 -5.26
CA ASP BA 6 68.14 33.07 -5.42
C ASP BA 6 67.64 33.53 -4.07
N LYS BA 7 66.56 34.32 -4.07
CA LYS BA 7 65.94 34.79 -2.84
C LYS BA 7 65.29 33.65 -2.06
N ARG BA 8 64.91 32.57 -2.75
CA ARG BA 8 64.33 31.40 -2.09
C ARG BA 8 65.32 30.62 -1.25
N ALA BA 9 66.63 30.88 -1.38
CA ALA BA 9 67.64 30.24 -0.53
C ALA BA 9 67.62 30.76 0.90
N LEU BA 10 66.92 31.86 1.17
CA LEU BA 10 66.76 32.34 2.55
C LEU BA 10 65.79 31.47 3.34
N TRP BA 11 65.00 30.63 2.67
CA TRP BA 11 64.16 29.65 3.35
C TRP BA 11 64.95 28.50 3.94
N GLY BA 12 66.22 28.33 3.55
CA GLY BA 12 67.09 27.29 4.05
C GLY BA 12 67.66 27.50 5.43
N ALA BA 13 67.27 28.57 6.12
CA ALA BA 13 67.66 28.77 7.51
C ALA BA 13 66.89 27.86 8.46
N LEU BA 14 65.73 27.36 8.06
CA LEU BA 14 65.00 26.40 8.89
C LEU BA 14 65.73 25.07 9.09
N PRO BA 15 66.27 24.39 8.05
CA PRO BA 15 67.07 23.18 8.35
C PRO BA 15 68.37 23.47 9.09
N LEU BA 16 68.97 24.64 8.91
CA LEU BA 16 70.14 24.99 9.70
C LEU BA 16 69.78 25.23 11.16
N LEU BA 17 68.60 25.81 11.41
CA LEU BA 17 68.09 25.95 12.78
C LEU BA 17 67.80 24.59 13.40
N GLY BA 18 67.25 23.67 12.61
CA GLY BA 18 67.04 22.31 13.10
C GLY BA 18 68.35 21.58 13.36
N PHE BA 19 69.38 21.83 12.54
CA PHE BA 19 70.70 21.27 12.77
C PHE BA 19 71.32 21.83 14.04
N ALA BA 20 71.12 23.12 14.30
CA ALA BA 20 71.62 23.73 15.54
C ALA BA 20 70.89 23.19 16.76
N ILE BA 21 69.58 22.96 16.65
CA ILE BA 21 68.80 22.37 17.74
C ILE BA 21 69.25 20.94 18.02
N GLY BA 22 69.48 20.15 16.96
CA GLY BA 22 69.97 18.79 17.15
C GLY BA 22 71.38 18.72 17.71
N HIS BA 23 72.24 19.65 17.30
CA HIS BA 23 73.59 19.73 17.85
C HIS BA 23 73.58 20.15 19.31
N PHE BA 24 72.67 21.07 19.68
CA PHE BA 24 72.52 21.48 21.08
C PHE BA 24 71.99 20.34 21.93
N LEU BA 25 71.05 19.55 21.39
CA LEU BA 25 70.55 18.39 22.13
C LEU BA 25 71.60 17.30 22.27
N ASP BA 26 72.45 17.11 21.24
CA ASP BA 26 73.56 16.17 21.36
C ASP BA 26 74.60 16.63 22.36
N LYS BA 27 74.85 17.95 22.43
CA LYS BA 27 75.76 18.50 23.42
C LYS BA 27 75.21 18.35 24.84
N LYS BA 28 73.88 18.52 25.00
CA LYS BA 28 73.27 18.28 26.30
C LYS BA 28 73.30 16.80 26.67
N GLU BA 29 73.16 15.92 25.68
CA GLU BA 29 73.22 14.48 25.95
C GLU BA 29 74.62 14.03 26.36
N THR BA 30 75.65 14.55 25.70
CA THR BA 30 77.00 14.21 26.12
C THR BA 30 77.44 14.99 27.35
N GLU BA 31 76.72 16.05 27.72
CA GLU BA 31 76.94 16.69 29.01
C GLU BA 31 76.36 15.86 30.15
N ARG BA 32 75.18 15.26 29.93
CA ARG BA 32 74.55 14.45 30.97
C ARG BA 32 75.29 13.12 31.17
N MET BA 33 75.70 12.48 30.08
CA MET BA 33 76.14 11.09 30.08
C MET BA 33 77.61 11.03 30.54
N THR BA 34 77.83 11.26 31.86
CA THR BA 34 79.20 11.54 32.27
C THR BA 34 79.65 10.94 33.61
N MET BA 35 78.94 9.94 34.16
CA MET BA 35 79.40 9.42 35.46
C MET BA 35 80.60 8.49 35.30
N PHE BA 36 80.78 7.91 34.11
CA PHE BA 36 81.95 7.10 33.82
C PHE BA 36 83.07 7.89 33.15
N ARG BA 37 82.97 9.22 33.15
CA ARG BA 37 84.01 10.06 32.54
C ARG BA 37 85.25 10.05 33.41
N ASP BA 38 86.37 9.57 32.83
CA ASP BA 38 87.68 9.42 33.48
C ASP BA 38 87.61 8.52 34.70
N LYS BA 39 86.70 7.54 34.70
CA LYS BA 39 86.59 6.56 35.77
C LYS BA 39 86.55 5.13 35.27
N SER BA 40 86.53 4.91 33.96
CA SER BA 40 86.61 3.55 33.43
C SER BA 40 88.02 3.00 33.61
N ALA BA 41 88.14 1.68 33.55
CA ALA BA 41 89.42 1.05 33.83
C ALA BA 41 90.35 1.01 32.62
N LEU BA 42 89.91 1.47 31.45
CA LEU BA 42 90.78 1.54 30.28
C LEU BA 42 91.38 2.93 30.11
N TYR BA 43 90.55 3.97 30.14
CA TYR BA 43 91.00 5.36 30.01
C TYR BA 43 91.10 6.06 31.35
N GLY BA 44 91.54 5.34 32.38
CA GLY BA 44 91.49 5.84 33.73
C GLY BA 44 92.54 6.89 34.05
N ARG BA 45 92.38 7.48 35.23
CA ARG BA 45 93.20 8.56 35.72
C ARG BA 45 93.55 8.27 37.17
N PRO BA 46 94.78 8.58 37.62
CA PRO BA 46 95.13 8.36 39.03
C PRO BA 46 94.48 9.35 39.99
N ALA BA 47 94.89 9.28 41.27
CA ALA BA 47 94.29 10.10 42.31
C ALA BA 47 94.59 11.58 42.11
N GLY BA 48 93.58 12.41 42.32
CA GLY BA 48 93.64 13.80 41.97
C GLY BA 48 92.88 14.17 40.72
N SER BA 49 91.84 13.43 40.36
CA SER BA 49 91.12 13.66 39.12
C SER BA 49 90.25 14.91 39.15
N GLU BA 50 89.87 15.37 40.34
CA GLU BA 50 89.04 16.57 40.43
C GLU BA 50 89.86 17.83 40.15
N GLY BA 51 91.16 17.82 40.47
CA GLY BA 51 92.01 18.94 40.14
C GLY BA 51 92.24 19.09 38.65
N LYS BA 52 92.40 17.97 37.95
CA LYS BA 52 92.67 17.98 36.53
C LYS BA 52 91.40 18.28 35.73
N ALA BA 53 91.59 18.73 34.49
CA ALA BA 53 90.48 19.01 33.60
C ALA BA 53 89.85 17.70 33.12
N PRO BA 54 88.55 17.72 32.82
CA PRO BA 54 87.93 16.56 32.17
C PRO BA 54 88.46 16.34 30.76
N SER BA 55 88.49 15.08 30.34
CA SER BA 55 89.05 14.74 29.04
C SER BA 55 88.12 15.13 27.90
N TRP BA 56 86.81 15.16 28.16
CA TRP BA 56 85.84 15.50 27.12
C TRP BA 56 84.59 16.13 27.72
N GLY CA 58 -21.67 23.61 -27.68
CA GLY CA 58 -21.44 22.19 -27.49
C GLY CA 58 -22.67 21.34 -27.77
N LYS CA 59 -22.94 21.09 -29.05
CA LYS CA 59 -24.08 20.31 -29.48
C LYS CA 59 -23.61 19.19 -30.40
N ILE CA 60 -24.39 18.12 -30.45
CA ILE CA 60 -24.07 16.99 -31.32
C ILE CA 60 -25.17 16.80 -32.35
N THR CA 61 -25.00 15.81 -33.22
CA THR CA 61 -26.02 15.43 -34.20
C THR CA 61 -26.63 14.09 -33.83
N VAL CA 62 -27.96 14.06 -33.75
CA VAL CA 62 -28.71 12.84 -33.44
C VAL CA 62 -29.90 12.72 -34.37
N PRO CA 63 -30.36 11.50 -34.63
CA PRO CA 63 -31.68 11.33 -35.22
C PRO CA 63 -32.76 11.75 -34.24
N THR CA 64 -33.89 12.23 -34.77
CA THR CA 64 -34.98 12.70 -33.92
C THR CA 64 -35.87 11.56 -33.44
N ALA CA 65 -35.69 10.35 -33.94
CA ALA CA 65 -36.47 9.20 -33.51
C ALA CA 65 -35.59 8.32 -32.63
N VAL CA 66 -35.95 8.22 -31.35
CA VAL CA 66 -35.19 7.45 -30.38
C VAL CA 66 -36.05 6.31 -29.87
N ASN CA 67 -35.40 5.36 -29.18
CA ASN CA 67 -36.08 4.23 -28.56
C ASN CA 67 -35.66 4.18 -27.10
N LEU CA 68 -36.58 4.57 -26.21
CA LEU CA 68 -36.28 4.68 -24.79
C LEU CA 68 -36.74 3.46 -24.00
N SER CA 69 -37.10 2.38 -24.67
CA SER CA 69 -37.47 1.12 -24.03
C SER CA 69 -36.37 0.42 -23.21
N PRO CA 70 -35.06 0.49 -23.54
CA PRO CA 70 -34.09 -0.05 -22.56
C PRO CA 70 -33.94 0.79 -21.32
N ILE CA 71 -33.93 2.13 -21.43
CA ILE CA 71 -33.69 2.97 -20.26
C ILE CA 71 -34.91 3.12 -19.37
N SER CA 72 -36.09 2.69 -19.83
CA SER CA 72 -37.28 2.70 -19.00
C SER CA 72 -37.35 1.40 -18.20
N GLY CA 73 -38.36 1.31 -17.34
CA GLY CA 73 -38.53 0.13 -16.50
C GLY CA 73 -39.44 -0.93 -17.06
N VAL CA 74 -39.82 -0.84 -18.33
CA VAL CA 74 -40.73 -1.81 -18.93
C VAL CA 74 -39.96 -3.10 -19.20
N PRO CA 75 -40.45 -4.25 -18.72
CA PRO CA 75 -39.81 -5.52 -19.05
C PRO CA 75 -40.07 -5.91 -20.50
N GLU CA 76 -39.38 -6.97 -20.93
CA GLU CA 76 -39.50 -7.42 -22.32
C GLU CA 76 -40.87 -8.05 -22.58
N GLU CA 77 -41.46 -8.70 -21.58
CA GLU CA 77 -42.75 -9.35 -21.71
C GLU CA 77 -43.92 -8.37 -21.79
N HIS CA 78 -43.69 -7.10 -21.49
CA HIS CA 78 -44.70 -6.07 -21.69
C HIS CA 78 -44.42 -5.15 -22.86
N ILE CA 79 -43.15 -5.04 -23.30
CA ILE CA 79 -42.87 -4.20 -24.44
C ILE CA 79 -43.03 -4.97 -25.75
N ARG CA 80 -42.95 -6.31 -25.70
CA ARG CA 80 -42.98 -7.08 -26.94
C ARG CA 80 -44.38 -7.50 -27.38
N GLU CA 81 -45.40 -7.41 -26.51
CA GLU CA 81 -46.69 -7.98 -26.88
C GLU CA 81 -47.90 -7.14 -26.45
N ARG CA 82 -47.71 -5.86 -26.13
CA ARG CA 82 -48.83 -5.01 -25.72
C ARG CA 82 -49.18 -4.03 -26.83
N ARG CA 83 -50.47 -3.92 -27.12
CA ARG CA 83 -50.97 -3.02 -28.14
C ARG CA 83 -51.59 -1.79 -27.48
N VAL CA 84 -51.21 -0.62 -27.94
CA VAL CA 84 -51.68 0.65 -27.38
C VAL CA 84 -52.74 1.22 -28.31
N ARG CA 85 -53.91 1.52 -27.76
CA ARG CA 85 -54.98 2.15 -28.52
C ARG CA 85 -54.94 3.64 -28.28
N ILE CA 86 -54.76 4.41 -29.36
CA ILE CA 86 -54.88 5.86 -29.30
C ILE CA 86 -56.29 6.22 -29.73
N HIS CA 87 -57.03 6.89 -28.85
CA HIS CA 87 -58.44 7.13 -29.13
C HIS CA 87 -58.93 8.37 -28.42
N ILE CA 88 -59.99 8.94 -28.97
CA ILE CA 88 -60.84 9.88 -28.25
C ILE CA 88 -61.83 9.08 -27.40
N PRO CA 89 -61.95 9.36 -26.10
CA PRO CA 89 -62.88 8.61 -25.27
C PRO CA 89 -64.32 8.90 -25.67
N PRO CA 90 -65.23 7.93 -25.52
CA PRO CA 90 -66.60 8.13 -25.97
C PRO CA 90 -67.37 9.05 -25.04
N LYS CA 91 -68.17 9.93 -25.64
CA LYS CA 91 -69.08 10.75 -24.88
C LYS CA 91 -70.17 9.88 -24.27
N ASN CA 92 -70.50 10.14 -23.00
CA ASN CA 92 -71.58 9.44 -22.33
C ASN CA 92 -72.91 9.81 -22.97
N ALA CA 93 -73.60 8.83 -23.53
CA ALA CA 93 -74.81 9.09 -24.34
C ALA CA 93 -75.99 9.55 -23.50
N MET CA 94 -75.94 9.38 -22.18
CA MET CA 94 -76.97 9.90 -21.29
C MET CA 94 -76.67 11.32 -20.81
N GLN CA 95 -75.58 11.92 -21.31
CA GLN CA 95 -75.22 13.30 -21.01
C GLN CA 95 -75.06 14.08 -22.31
N SER CA 96 -75.36 15.37 -22.25
CA SER CA 96 -75.23 16.24 -23.41
C SER CA 96 -73.95 17.06 -23.41
N GLY CA 97 -73.11 16.92 -22.38
CA GLY CA 97 -71.87 17.66 -22.34
C GLY CA 97 -70.74 16.96 -23.08
N THR CA 98 -69.73 17.74 -23.47
CA THR CA 98 -68.65 17.21 -24.27
C THR CA 98 -67.27 17.74 -23.85
N ASP CA 99 -67.10 18.16 -22.60
CA ASP CA 99 -65.83 18.69 -22.16
C ASP CA 99 -64.79 17.60 -21.89
N ASN CA 100 -65.21 16.35 -21.75
CA ASN CA 100 -64.29 15.24 -21.53
C ASN CA 100 -63.98 14.48 -22.81
N VAL CA 101 -64.35 15.03 -23.97
CA VAL CA 101 -64.26 14.31 -25.23
C VAL CA 101 -63.07 14.87 -26.04
N ASN CA 102 -62.78 16.15 -25.86
CA ASN CA 102 -61.81 16.84 -26.71
C ASN CA 102 -60.37 16.40 -26.48
N THR CA 103 -60.09 15.72 -25.37
CA THR CA 103 -58.73 15.28 -25.04
C THR CA 103 -58.51 13.89 -25.60
N TRP CA 104 -57.48 13.73 -26.45
CA TRP CA 104 -57.10 12.39 -26.88
C TRP CA 104 -56.44 11.65 -25.72
N GLN CA 105 -56.46 10.32 -25.78
CA GLN CA 105 -55.75 9.55 -24.77
C GLN CA 105 -55.31 8.23 -25.34
N ILE CA 106 -54.24 7.69 -24.78
CA ILE CA 106 -53.76 6.35 -25.08
C ILE CA 106 -54.13 5.44 -23.92
N GLU CA 107 -54.44 4.19 -24.25
CA GLU CA 107 -54.78 3.18 -23.27
C GLU CA 107 -54.22 1.85 -23.76
N PHE CA 108 -54.25 0.86 -22.87
CA PHE CA 108 -53.71 -0.46 -23.20
C PHE CA 108 -54.85 -1.47 -23.32
N ASP CA 109 -54.54 -2.58 -23.99
CA ASP CA 109 -55.54 -3.62 -24.23
C ASP CA 109 -55.90 -4.34 -22.94
N ASN CA 110 -57.15 -4.77 -22.86
CA ASN CA 110 -57.63 -5.45 -21.67
C ASN CA 110 -57.05 -6.86 -21.59
N ARG CA 111 -56.72 -7.29 -20.38
CA ARG CA 111 -56.11 -8.58 -20.13
C ARG CA 111 -57.05 -9.40 -19.25
N GLU CA 112 -56.55 -10.55 -18.77
CA GLU CA 112 -57.38 -11.49 -18.05
C GLU CA 112 -57.67 -10.99 -16.64
N ARG CA 113 -58.95 -10.85 -16.32
CA ARG CA 113 -59.42 -10.51 -14.99
C ARG CA 113 -60.28 -11.66 -14.47
N TRP CA 114 -59.95 -12.16 -13.28
CA TRP CA 114 -60.57 -13.38 -12.79
C TRP CA 114 -61.17 -13.16 -11.41
N GLU CA 115 -62.09 -14.05 -11.06
CA GLU CA 115 -62.67 -14.05 -9.72
C GLU CA 115 -61.62 -14.52 -8.71
N ASN CA 116 -61.58 -13.83 -7.57
CA ASN CA 116 -60.72 -14.25 -6.48
C ASN CA 116 -61.20 -15.58 -5.90
N PRO CA 117 -60.30 -16.49 -5.53
CA PRO CA 117 -60.76 -17.74 -4.91
C PRO CA 117 -61.35 -17.54 -3.52
N LEU CA 118 -60.85 -16.57 -2.74
CA LEU CA 118 -61.32 -16.40 -1.37
C LEU CA 118 -62.61 -15.59 -1.33
N MET CA 119 -62.57 -14.35 -1.79
CA MET CA 119 -63.70 -13.45 -1.77
C MET CA 119 -64.18 -13.25 -3.21
N GLY CA 120 -65.15 -12.35 -3.39
CA GLY CA 120 -65.69 -12.14 -4.71
C GLY CA 120 -65.05 -11.04 -5.52
N TRP CA 121 -63.86 -10.59 -5.14
CA TRP CA 121 -63.20 -9.50 -5.83
C TRP CA 121 -62.66 -9.94 -7.18
N ALA CA 122 -62.37 -8.97 -8.03
CA ALA CA 122 -61.79 -9.22 -9.35
C ALA CA 122 -60.30 -8.92 -9.29
N SER CA 123 -59.50 -9.91 -9.64
CA SER CA 123 -58.04 -9.80 -9.59
C SER CA 123 -57.48 -9.82 -11.00
N SER CA 124 -56.45 -9.00 -11.23
CA SER CA 124 -55.78 -8.97 -12.52
C SER CA 124 -54.29 -8.82 -12.31
N GLY CA 125 -53.51 -9.62 -13.05
CA GLY CA 125 -52.08 -9.52 -13.05
C GLY CA 125 -51.52 -8.51 -14.02
N ASP CA 126 -52.40 -7.82 -14.74
CA ASP CA 126 -51.97 -6.79 -15.68
C ASP CA 126 -51.69 -5.50 -14.92
N PRO CA 127 -50.46 -4.97 -14.96
CA PRO CA 127 -50.18 -3.73 -14.24
C PRO CA 127 -50.66 -2.48 -14.96
N LEU CA 128 -51.04 -2.57 -16.23
CA LEU CA 128 -51.27 -1.40 -17.07
C LEU CA 128 -52.72 -1.28 -17.50
N SER CA 129 -53.63 -1.93 -16.77
CA SER CA 129 -55.05 -1.87 -17.13
C SER CA 129 -55.69 -0.54 -16.77
N ASN CA 130 -55.11 0.20 -15.82
CA ASN CA 130 -55.71 1.40 -15.28
C ASN CA 130 -54.96 2.67 -15.69
N MET CA 131 -54.11 2.59 -16.70
CA MET CA 131 -53.23 3.70 -17.06
C MET CA 131 -53.67 4.26 -18.42
N ASN CA 132 -54.36 5.40 -18.38
CA ASN CA 132 -54.71 6.16 -19.57
C ASN CA 132 -53.94 7.47 -19.55
N VAL CA 133 -53.25 7.76 -20.65
CA VAL CA 133 -52.36 8.92 -20.73
C VAL CA 133 -52.94 9.92 -21.71
N GLN CA 134 -53.12 11.16 -21.26
CA GLN CA 134 -53.79 12.19 -22.03
C GLN CA 134 -52.83 12.91 -22.98
N PHE CA 135 -53.36 13.30 -24.15
CA PHE CA 135 -52.62 14.00 -25.18
C PHE CA 135 -53.57 14.96 -25.90
N GLY CA 136 -52.99 16.01 -26.49
CA GLY CA 136 -53.78 17.04 -27.12
C GLY CA 136 -53.97 16.86 -28.61
N SER CA 137 -53.23 15.92 -29.20
CA SER CA 137 -53.31 15.66 -30.63
C SER CA 137 -52.91 14.21 -30.86
N PRO CA 138 -53.38 13.58 -31.94
CA PRO CA 138 -52.93 12.20 -32.23
C PRO CA 138 -51.45 12.09 -32.53
N GLU CA 139 -50.85 13.09 -33.18
CA GLU CA 139 -49.46 12.98 -33.64
C GLU CA 139 -48.47 13.00 -32.47
N GLU CA 140 -48.80 13.73 -31.41
CA GLU CA 140 -47.98 13.69 -30.20
C GLU CA 140 -48.08 12.33 -29.51
N ALA CA 141 -49.24 11.69 -29.58
CA ALA CA 141 -49.36 10.33 -29.06
C ALA CA 141 -48.57 9.33 -29.90
N ILE CA 142 -48.52 9.55 -31.22
CA ILE CA 142 -47.70 8.70 -32.09
C ILE CA 142 -46.23 8.87 -31.76
N THR CA 143 -45.78 10.12 -31.53
CA THR CA 143 -44.41 10.39 -31.15
C THR CA 143 -44.06 9.78 -29.80
N PHE CA 144 -45.00 9.85 -28.84
CA PHE CA 144 -44.79 9.23 -27.53
C PHE CA 144 -44.70 7.70 -27.63
N CYS CA 145 -45.57 7.09 -28.44
CA CYS CA 145 -45.59 5.63 -28.56
C CYS CA 145 -44.35 5.13 -29.29
N GLU CA 146 -43.86 5.87 -30.29
CA GLU CA 146 -42.62 5.49 -30.94
C GLU CA 146 -41.39 5.82 -30.11
N ARG CA 147 -41.48 6.81 -29.22
CA ARG CA 147 -40.34 7.13 -28.36
C ARG CA 147 -40.19 6.13 -27.23
N ASN CA 148 -41.30 5.65 -26.68
CA ASN CA 148 -41.25 4.67 -25.60
C ASN CA 148 -41.25 3.23 -26.09
N GLY CA 149 -41.24 3.01 -27.40
CA GLY CA 149 -41.11 1.68 -27.96
C GLY CA 149 -42.37 0.84 -27.95
N TRP CA 150 -43.51 1.43 -27.62
CA TRP CA 150 -44.76 0.68 -27.58
C TRP CA 150 -45.25 0.37 -28.99
N ARG CA 151 -45.95 -0.76 -29.13
CA ARG CA 151 -46.61 -1.09 -30.38
C ARG CA 151 -47.99 -0.45 -30.39
N TRP CA 152 -48.19 0.50 -31.29
CA TRP CA 152 -49.35 1.37 -31.29
C TRP CA 152 -50.32 1.02 -32.41
N TYR CA 153 -51.57 1.48 -32.23
CA TYR CA 153 -52.56 1.56 -33.29
C TYR CA 153 -53.59 2.61 -32.89
N VAL CA 154 -54.18 3.25 -33.90
CA VAL CA 154 -55.16 4.31 -33.70
C VAL CA 154 -56.55 3.72 -33.90
N ASP CA 155 -57.44 3.96 -32.93
CA ASP CA 155 -58.79 3.42 -33.01
C ASP CA 155 -59.60 4.13 -34.09
N GLY CA 156 -59.48 5.46 -34.18
CA GLY CA 156 -60.21 6.20 -35.18
C GLY CA 156 -60.01 7.70 -35.08
N ALA CA 157 -59.92 8.37 -36.22
CA ALA CA 157 -59.77 9.81 -36.24
C ALA CA 157 -61.09 10.48 -35.87
N ALA CA 158 -60.99 11.76 -35.49
CA ALA CA 158 -62.17 12.52 -35.10
C ALA CA 158 -63.01 12.88 -36.33
N LYS CA 159 -64.29 13.10 -36.09
CA LYS CA 159 -65.18 13.56 -37.15
C LYS CA 159 -64.85 15.01 -37.48
N PRO CA 160 -64.57 15.34 -38.76
CA PRO CA 160 -64.17 16.71 -39.12
C PRO CA 160 -65.26 17.76 -38.90
N LYS CA 161 -66.42 17.59 -39.53
CA LYS CA 161 -67.52 18.54 -39.42
C LYS CA 161 -68.80 17.87 -39.87
N LYS CA 162 -69.87 18.04 -39.08
CA LYS CA 162 -71.21 17.62 -39.46
C LYS CA 162 -72.04 18.89 -39.62
N GLU CA 163 -72.30 19.28 -40.86
CA GLU CA 163 -73.05 20.48 -41.15
C GLU CA 163 -74.54 20.22 -40.93
N ARG CA 164 -75.13 20.91 -39.95
CA ARG CA 164 -76.53 20.74 -39.62
C ARG CA 164 -77.18 22.11 -39.50
N VAL CA 165 -78.46 22.18 -39.85
CA VAL CA 165 -79.25 23.40 -39.71
C VAL CA 165 -80.44 23.09 -38.80
N LYS CA 166 -80.69 24.00 -37.86
CA LYS CA 166 -81.79 23.87 -36.90
C LYS CA 166 -82.70 25.09 -37.08
N ASN CA 167 -83.86 24.88 -37.69
CA ASN CA 167 -84.83 25.92 -37.93
C ASN CA 167 -86.06 25.65 -37.10
N TYR CA 168 -86.55 26.68 -36.40
CA TYR CA 168 -87.78 26.54 -35.64
C TYR CA 168 -89.02 26.55 -36.53
N GLY CA 169 -88.93 27.15 -37.72
CA GLY CA 169 -90.08 27.27 -38.60
C GLY CA 169 -90.46 26.01 -39.33
N ILE CA 170 -89.61 24.98 -39.33
CA ILE CA 170 -89.96 23.73 -39.99
C ILE CA 170 -90.89 22.86 -39.17
N ASN CA 171 -91.10 23.19 -37.88
CA ASN CA 171 -92.07 22.46 -37.07
C ASN CA 171 -93.50 22.76 -37.48
N PHE CA 172 -93.74 23.92 -38.10
CA PHE CA 172 -95.07 24.37 -38.50
C PHE CA 172 -94.97 24.80 -39.95
N ALA CA 173 -95.12 23.85 -40.87
CA ALA CA 173 -94.89 24.10 -42.28
C ALA CA 173 -96.10 23.66 -43.10
N TRP CA 174 -96.22 24.25 -44.28
CA TRP CA 174 -97.33 24.00 -45.20
C TRP CA 174 -96.85 23.13 -46.34
N ASN CA 175 -97.58 22.03 -46.57
CA ASN CA 175 -97.27 21.00 -47.58
C ASN CA 175 -95.86 20.42 -47.40
N LYS CA 176 -95.48 20.20 -46.14
CA LYS CA 176 -94.20 19.58 -45.81
C LYS CA 176 -94.43 18.52 -44.76
N ARG CA 177 -93.60 17.47 -44.81
CA ARG CA 177 -93.74 16.34 -43.91
C ARG CA 177 -92.91 16.48 -42.64
N THR CA 178 -92.23 17.60 -42.46
CA THR CA 178 -91.46 17.89 -41.27
C THR CA 178 -92.28 18.57 -40.18
N ARG CA 179 -93.58 18.72 -40.40
CA ARG CA 179 -94.46 19.34 -39.42
C ARG CA 179 -94.65 18.43 -38.22
N VAL CA 180 -94.48 18.99 -37.02
CA VAL CA 180 -94.61 18.20 -35.80
C VAL CA 180 -96.08 18.00 -35.45
N SER CA 181 -96.34 16.97 -34.63
CA SER CA 181 -97.68 16.68 -34.17
C SER CA 181 -97.89 17.04 -32.70
N THR CA 182 -96.83 17.22 -31.93
CA THR CA 182 -96.90 17.58 -30.52
C THR CA 182 -96.23 18.92 -30.30
N LYS CA 183 -96.11 19.30 -29.03
CA LYS CA 183 -95.42 20.52 -28.66
C LYS CA 183 -94.84 20.41 -27.25
N PRO DA 40 -60.17 -39.05 -23.40
CA PRO DA 40 -60.85 -37.86 -22.90
C PRO DA 40 -61.12 -37.92 -21.40
N ARG DA 41 -60.30 -37.23 -20.62
CA ARG DA 41 -60.45 -37.24 -19.17
C ARG DA 41 -61.58 -36.30 -18.77
N PRO DA 42 -62.62 -36.78 -18.10
CA PRO DA 42 -63.75 -35.92 -17.74
C PRO DA 42 -63.44 -35.07 -16.52
N LEU DA 43 -64.17 -33.95 -16.41
CA LEU DA 43 -64.12 -33.10 -15.24
C LEU DA 43 -65.07 -33.63 -14.18
N LYS DA 44 -64.79 -33.28 -12.92
CA LYS DA 44 -65.55 -33.83 -11.81
C LYS DA 44 -66.83 -33.03 -11.54
N THR DA 45 -66.69 -31.72 -11.32
CA THR DA 45 -67.81 -30.91 -10.84
C THR DA 45 -68.26 -29.81 -11.78
N THR DA 46 -67.45 -29.45 -12.79
CA THR DA 46 -67.58 -28.35 -13.77
C THR DA 46 -68.12 -27.04 -13.20
N ASN DA 47 -67.73 -26.73 -11.97
CA ASN DA 47 -68.10 -25.48 -11.32
C ASN DA 47 -67.21 -24.37 -11.88
N PRO DA 48 -67.77 -23.34 -12.53
CA PRO DA 48 -66.89 -22.31 -13.11
C PRO DA 48 -66.32 -21.30 -12.13
N ALA DA 49 -66.57 -21.45 -10.84
CA ALA DA 49 -65.78 -20.79 -9.80
C ALA DA 49 -64.66 -21.68 -9.30
N ALA DA 50 -64.45 -22.85 -9.90
CA ALA DA 50 -63.45 -23.81 -9.45
C ALA DA 50 -62.49 -24.25 -10.55
N MET DA 51 -62.53 -23.64 -11.73
CA MET DA 51 -61.59 -24.00 -12.78
C MET DA 51 -60.32 -23.14 -12.68
N LYS DA 52 -59.37 -23.42 -13.57
CA LYS DA 52 -58.09 -22.75 -13.56
C LYS DA 52 -58.24 -21.35 -14.16
N ARG DA 53 -57.69 -20.35 -13.46
CA ARG DA 53 -57.74 -18.96 -13.90
C ARG DA 53 -56.45 -18.27 -13.52
N GLY DA 54 -56.15 -17.18 -14.24
CA GLY DA 54 -55.03 -16.35 -13.89
C GLY DA 54 -53.77 -16.64 -14.68
N THR DA 55 -52.74 -15.88 -14.37
CA THR DA 55 -51.45 -15.96 -15.03
C THR DA 55 -50.54 -17.01 -14.39
N GLY DA 56 -50.61 -17.18 -13.07
CA GLY DA 56 -49.79 -18.16 -12.38
C GLY DA 56 -49.08 -17.65 -11.15
N GLY DA 57 -49.53 -16.54 -10.56
CA GLY DA 57 -48.93 -16.06 -9.34
C GLY DA 57 -49.65 -16.60 -8.11
N ARG DA 58 -49.51 -15.86 -7.01
CA ARG DA 58 -50.14 -16.22 -5.74
C ARG DA 58 -51.66 -16.06 -5.79
N SER DA 59 -52.12 -14.97 -6.40
CA SER DA 59 -53.54 -14.64 -6.42
C SER DA 59 -54.34 -15.47 -7.42
N SER DA 60 -53.67 -16.19 -8.32
CA SER DA 60 -54.37 -17.02 -9.29
C SER DA 60 -54.79 -18.34 -8.65
N PHE DA 61 -55.49 -19.15 -9.44
CA PHE DA 61 -55.96 -20.46 -9.00
C PHE DA 61 -55.77 -21.47 -10.13
N ASN DA 62 -55.12 -22.59 -9.82
CA ASN DA 62 -54.83 -23.61 -10.82
C ASN DA 62 -55.76 -24.81 -10.74
N GLY DA 63 -56.85 -24.72 -9.97
CA GLY DA 63 -57.81 -25.80 -9.92
C GLY DA 63 -57.41 -26.97 -9.05
N ILE DA 64 -56.38 -26.82 -8.23
CA ILE DA 64 -55.88 -27.88 -7.37
C ILE DA 64 -56.16 -27.49 -5.93
N VAL DA 65 -56.76 -28.41 -5.17
CA VAL DA 65 -56.90 -28.22 -3.74
C VAL DA 65 -56.04 -29.27 -3.05
N ALA DA 66 -54.86 -28.87 -2.59
CA ALA DA 66 -53.90 -29.82 -2.05
C ALA DA 66 -54.13 -30.02 -0.55
N THR DA 67 -53.81 -31.23 -0.09
CA THR DA 67 -53.85 -31.58 1.33
C THR DA 67 -52.52 -32.25 1.64
N VAL DA 68 -51.52 -31.44 2.00
CA VAL DA 68 -50.16 -31.93 2.20
C VAL DA 68 -50.08 -32.45 3.64
N PHE DA 69 -50.10 -33.77 3.79
CA PHE DA 69 -49.94 -34.39 5.09
C PHE DA 69 -48.48 -34.37 5.51
N GLY DA 70 -48.24 -34.00 6.76
CA GLY DA 70 -46.87 -33.84 7.24
C GLY DA 70 -46.15 -32.69 6.58
N ALA DA 71 -46.82 -31.56 6.41
CA ALA DA 71 -46.26 -30.42 5.70
C ALA DA 71 -45.29 -29.60 6.53
N THR DA 72 -45.18 -29.87 7.83
CA THR DA 72 -44.26 -29.16 8.71
C THR DA 72 -42.85 -29.71 8.65
N GLY DA 73 -42.61 -30.75 7.85
CA GLY DA 73 -41.31 -31.37 7.78
C GLY DA 73 -40.38 -30.69 6.78
N PHE DA 74 -39.32 -31.41 6.43
CA PHE DA 74 -38.28 -30.88 5.56
C PHE DA 74 -38.74 -30.80 4.11
N VAL DA 75 -39.37 -31.85 3.59
CA VAL DA 75 -39.86 -31.81 2.21
C VAL DA 75 -41.15 -30.98 2.16
N GLY DA 76 -41.88 -30.92 3.28
CA GLY DA 76 -43.16 -30.23 3.32
C GLY DA 76 -43.03 -28.74 3.13
N ARG DA 77 -41.96 -28.14 3.66
CA ARG DA 77 -41.72 -26.71 3.52
C ARG DA 77 -41.50 -26.32 2.05
N TYR DA 78 -40.68 -27.10 1.35
CA TYR DA 78 -40.38 -26.81 -0.05
C TYR DA 78 -41.57 -27.08 -0.95
N VAL DA 79 -42.33 -28.15 -0.67
CA VAL DA 79 -43.51 -28.41 -1.50
C VAL DA 79 -44.64 -27.43 -1.19
N CYS DA 80 -44.69 -26.88 0.04
CA CYS DA 80 -45.68 -25.88 0.37
C CYS DA 80 -45.38 -24.55 -0.32
N ASN DA 81 -44.10 -24.16 -0.33
CA ASN DA 81 -43.73 -22.93 -1.02
C ASN DA 81 -43.89 -23.06 -2.53
N LYS DA 82 -43.57 -24.25 -3.07
CA LYS DA 82 -43.73 -24.48 -4.51
C LYS DA 82 -45.22 -24.53 -4.90
N LEU DA 83 -46.09 -25.02 -4.03
CA LEU DA 83 -47.52 -25.00 -4.32
C LEU DA 83 -48.10 -23.60 -4.15
N GLY DA 84 -47.61 -22.85 -3.15
CA GLY DA 84 -48.13 -21.52 -2.92
C GLY DA 84 -47.66 -20.48 -3.92
N LYS DA 85 -46.53 -20.73 -4.61
CA LYS DA 85 -46.09 -19.81 -5.64
C LYS DA 85 -46.88 -19.94 -6.94
N SER DA 86 -47.70 -20.98 -7.09
CA SER DA 86 -48.48 -21.19 -8.30
C SER DA 86 -49.96 -20.88 -8.15
N GLY DA 87 -50.47 -20.77 -6.94
CA GLY DA 87 -51.86 -20.49 -6.70
C GLY DA 87 -52.70 -21.67 -6.25
N THR DA 88 -52.11 -22.64 -5.54
CA THR DA 88 -52.82 -23.82 -5.09
C THR DA 88 -53.27 -23.65 -3.65
N GLN DA 89 -54.57 -23.82 -3.40
CA GLN DA 89 -55.07 -23.77 -2.03
C GLN DA 89 -54.74 -25.08 -1.31
N MET DA 90 -54.13 -24.94 -0.14
CA MET DA 90 -53.68 -26.08 0.65
C MET DA 90 -54.41 -26.09 1.99
N ILE DA 91 -54.84 -27.29 2.40
CA ILE DA 91 -55.57 -27.48 3.64
C ILE DA 91 -54.63 -27.61 4.83
N LEU DA 92 -53.49 -28.28 4.62
CA LEU DA 92 -52.34 -28.43 5.52
C LEU DA 92 -52.67 -28.95 6.91
N PRO DA 93 -52.94 -30.25 7.06
CA PRO DA 93 -53.22 -30.78 8.40
C PRO DA 93 -51.94 -30.89 9.23
N TYR DA 94 -51.98 -30.37 10.44
CA TYR DA 94 -50.84 -30.41 11.35
C TYR DA 94 -51.21 -31.21 12.60
N ARG DA 95 -50.20 -31.86 13.18
CA ARG DA 95 -50.39 -32.75 14.32
C ARG DA 95 -49.98 -32.13 15.64
N GLY DA 96 -48.84 -31.43 15.69
CA GLY DA 96 -48.35 -30.88 16.94
C GLY DA 96 -48.92 -29.52 17.26
N ASP DA 97 -48.06 -28.55 17.54
CA ASP DA 97 -48.47 -27.22 17.92
C ASP DA 97 -48.70 -26.34 16.69
N ASP DA 98 -49.38 -25.21 16.91
CA ASP DA 98 -49.64 -24.24 15.87
C ASP DA 98 -48.37 -23.44 15.52
N SER DA 99 -47.41 -23.37 16.45
CA SER DA 99 -46.19 -22.59 16.20
C SER DA 99 -45.27 -23.29 15.21
N ASP DA 100 -45.36 -24.62 15.09
CA ASP DA 100 -44.56 -25.34 14.12
C ASP DA 100 -45.13 -25.26 12.71
N VAL DA 101 -46.38 -24.82 12.55
CA VAL DA 101 -47.04 -24.81 11.25
C VAL DA 101 -47.42 -23.40 10.81
N ILE DA 102 -47.37 -22.40 11.71
CA ILE DA 102 -47.74 -21.03 11.39
C ILE DA 102 -46.75 -20.33 10.46
N ARG DA 103 -45.57 -20.90 10.26
CA ARG DA 103 -44.61 -20.37 9.30
C ARG DA 103 -45.00 -20.61 7.86
N LEU DA 104 -46.00 -21.45 7.59
CA LEU DA 104 -46.41 -21.79 6.24
C LEU DA 104 -47.48 -20.86 5.69
N LYS DA 105 -47.88 -19.85 6.44
CA LYS DA 105 -48.86 -18.88 5.94
C LYS DA 105 -48.28 -17.92 4.93
N VAL DA 106 -46.95 -17.77 4.89
CA VAL DA 106 -46.31 -16.87 3.94
C VAL DA 106 -46.12 -17.50 2.57
N THR DA 107 -46.37 -18.80 2.44
CA THR DA 107 -46.20 -19.47 1.15
C THR DA 107 -47.32 -19.11 0.18
N GLY DA 108 -48.57 -19.10 0.66
CA GLY DA 108 -49.71 -18.84 -0.18
C GLY DA 108 -50.26 -17.43 -0.01
N ASP DA 109 -51.33 -17.17 -0.75
CA ASP DA 109 -51.99 -15.87 -0.73
C ASP DA 109 -53.04 -15.90 0.37
N LEU DA 110 -53.91 -14.89 0.43
CA LEU DA 110 -54.97 -14.85 1.43
C LEU DA 110 -56.04 -15.87 1.10
N GLY DA 111 -56.30 -16.77 2.05
CA GLY DA 111 -57.30 -17.81 1.88
C GLY DA 111 -56.80 -19.07 1.22
N GLN DA 112 -55.58 -19.07 0.68
CA GLN DA 112 -55.00 -20.25 0.06
C GLN DA 112 -54.33 -21.17 1.06
N VAL DA 113 -54.16 -20.74 2.30
CA VAL DA 113 -53.53 -21.55 3.34
C VAL DA 113 -54.55 -21.76 4.45
N LEU DA 114 -54.86 -23.01 4.75
CA LEU DA 114 -55.69 -23.35 5.89
C LEU DA 114 -54.87 -24.15 6.89
N PHE DA 115 -55.48 -24.42 8.05
CA PHE DA 115 -54.86 -25.25 9.07
C PHE DA 115 -55.89 -26.19 9.65
N HIS DA 116 -55.46 -27.37 10.06
CA HIS DA 116 -56.38 -28.37 10.56
C HIS DA 116 -55.66 -29.27 11.55
N PHE DA 117 -56.25 -29.47 12.73
CA PHE DA 117 -55.64 -30.29 13.76
C PHE DA 117 -56.07 -31.74 13.57
N TYR DA 118 -55.12 -32.66 13.58
CA TYR DA 118 -55.43 -34.06 13.36
C TYR DA 118 -54.46 -34.94 14.12
N ASN DA 119 -54.88 -36.18 14.35
CA ASN DA 119 -54.03 -37.25 14.83
C ASN DA 119 -54.03 -38.36 13.80
N LEU DA 120 -52.91 -39.08 13.69
CA LEU DA 120 -52.79 -40.11 12.67
C LEU DA 120 -53.65 -41.32 12.99
N GLU DA 121 -53.85 -41.62 14.27
CA GLU DA 121 -54.71 -42.74 14.67
C GLU DA 121 -56.19 -42.40 14.57
N ASP DA 122 -56.54 -41.12 14.46
CA ASP DA 122 -57.94 -40.71 14.41
C ASP DA 122 -58.40 -40.63 12.96
N PRO DA 123 -59.35 -41.46 12.52
CA PRO DA 123 -59.77 -41.42 11.11
C PRO DA 123 -60.76 -40.32 10.79
N ALA DA 124 -61.57 -39.89 11.76
CA ALA DA 124 -62.57 -38.86 11.51
C ALA DA 124 -61.96 -37.50 11.22
N SER DA 125 -60.84 -37.16 11.87
CA SER DA 125 -60.14 -35.93 11.59
C SER DA 125 -59.49 -35.92 10.20
N ILE DA 126 -58.97 -37.07 9.74
CA ILE DA 126 -58.46 -37.17 8.39
C ILE DA 126 -59.57 -37.05 7.37
N ARG DA 127 -60.73 -37.67 7.66
CA ARG DA 127 -61.90 -37.55 6.78
C ARG DA 127 -62.45 -36.12 6.77
N ASP DA 128 -62.32 -35.39 7.88
CA ASP DA 128 -62.64 -33.98 7.86
C ASP DA 128 -61.62 -33.17 7.08
N ALA DA 129 -60.37 -33.64 7.05
CA ALA DA 129 -59.32 -32.90 6.35
C ALA DA 129 -59.44 -33.02 4.83
N VAL DA 130 -59.78 -34.21 4.32
CA VAL DA 130 -59.70 -34.46 2.89
C VAL DA 130 -61.08 -34.50 2.22
N LYS DA 131 -62.13 -34.00 2.88
CA LYS DA 131 -63.47 -34.13 2.31
C LYS DA 131 -63.72 -33.14 1.18
N HIS DA 132 -62.88 -32.12 1.01
CA HIS DA 132 -63.04 -31.12 -0.05
C HIS DA 132 -61.74 -30.96 -0.83
N SER DA 133 -61.15 -32.07 -1.26
CA SER DA 133 -59.87 -32.02 -1.96
C SER DA 133 -59.88 -32.99 -3.14
N ASN DA 134 -58.99 -32.71 -4.09
CA ASN DA 134 -58.76 -33.60 -5.22
C ASN DA 134 -57.34 -34.11 -5.32
N VAL DA 135 -56.38 -33.49 -4.64
CA VAL DA 135 -54.99 -33.93 -4.62
C VAL DA 135 -54.57 -34.04 -3.17
N VAL DA 136 -54.10 -35.23 -2.76
CA VAL DA 136 -53.60 -35.46 -1.42
C VAL DA 136 -52.14 -35.89 -1.54
N ILE DA 137 -51.24 -35.14 -0.90
CA ILE DA 137 -49.82 -35.43 -0.91
C ILE DA 137 -49.45 -35.97 0.47
N ASN DA 138 -48.88 -37.17 0.49
CA ASN DA 138 -48.57 -37.88 1.74
C ASN DA 138 -47.07 -37.84 1.97
N LEU DA 139 -46.64 -37.02 2.93
CA LEU DA 139 -45.26 -36.93 3.35
C LEU DA 139 -45.05 -37.45 4.76
N VAL DA 140 -46.00 -38.24 5.26
CA VAL DA 140 -45.94 -38.73 6.64
C VAL DA 140 -44.90 -39.83 6.74
N GLY DA 141 -43.85 -39.58 7.52
CA GLY DA 141 -42.78 -40.53 7.71
C GLY DA 141 -41.95 -40.14 8.90
N ARG DA 142 -41.21 -41.12 9.43
CA ARG DA 142 -40.35 -40.86 10.56
C ARG DA 142 -39.16 -41.80 10.51
N ASP DA 143 -37.96 -41.25 10.71
CA ASP DA 143 -36.73 -42.02 10.56
C ASP DA 143 -36.41 -42.87 11.78
N PHE DA 144 -37.09 -42.66 12.91
CA PHE DA 144 -36.80 -43.39 14.12
C PHE DA 144 -38.10 -43.83 14.77
N GLU DA 145 -38.01 -44.90 15.56
CA GLU DA 145 -39.18 -45.37 16.30
C GLU DA 145 -39.49 -44.45 17.47
N THR DA 146 -40.77 -44.22 17.69
CA THR DA 146 -41.25 -43.34 18.75
C THR DA 146 -42.07 -44.19 19.72
N LYS DA 147 -42.19 -43.71 20.97
CA LYS DA 147 -42.92 -44.43 22.01
C LYS DA 147 -44.42 -44.54 21.72
N ASN DA 148 -44.98 -43.62 20.93
CA ASN DA 148 -46.38 -43.68 20.55
C ASN DA 148 -46.59 -44.28 19.17
N PHE DA 149 -45.68 -44.03 18.23
CA PHE DA 149 -45.79 -44.49 16.86
C PHE DA 149 -44.57 -45.32 16.48
N LYS DA 150 -44.79 -46.54 16.03
CA LYS DA 150 -43.71 -47.38 15.53
C LYS DA 150 -43.53 -47.12 14.04
N PHE DA 151 -42.72 -47.95 13.37
CA PHE DA 151 -42.59 -47.83 11.92
C PHE DA 151 -43.84 -48.32 11.21
N LYS DA 152 -44.48 -49.36 11.74
CA LYS DA 152 -45.71 -49.87 11.16
C LYS DA 152 -46.87 -48.91 11.38
N ASP DA 153 -46.87 -48.19 12.49
CA ASP DA 153 -47.95 -47.24 12.78
C ASP DA 153 -47.83 -45.95 11.99
N VAL DA 154 -46.68 -45.67 11.39
CA VAL DA 154 -46.50 -44.47 10.58
C VAL DA 154 -46.57 -44.83 9.10
N HIS DA 155 -45.64 -45.69 8.66
CA HIS DA 155 -45.51 -45.91 7.23
C HIS DA 155 -46.53 -46.92 6.70
N VAL DA 156 -46.81 -47.97 7.48
CA VAL DA 156 -47.68 -49.03 6.97
C VAL DA 156 -49.14 -48.71 7.25
N ASN DA 157 -49.50 -48.57 8.53
CA ASN DA 157 -50.90 -48.37 8.89
C ASN DA 157 -51.39 -46.97 8.58
N GLY DA 158 -50.56 -45.96 8.86
CA GLY DA 158 -51.00 -44.58 8.70
C GLY DA 158 -51.19 -44.16 7.24
N ALA DA 159 -50.27 -44.56 6.37
CA ALA DA 159 -50.39 -44.21 4.95
C ALA DA 159 -51.53 -44.98 4.29
N GLU DA 160 -51.75 -46.23 4.71
CA GLU DA 160 -52.89 -47.00 4.20
C GLU DA 160 -54.21 -46.40 4.67
N ARG DA 161 -54.25 -45.92 5.93
CA ARG DA 161 -55.45 -45.27 6.45
C ARG DA 161 -55.74 -43.96 5.72
N ILE DA 162 -54.70 -43.17 5.45
CA ILE DA 162 -54.84 -41.91 4.70
C ILE DA 162 -55.30 -42.19 3.27
N ALA DA 163 -54.73 -43.23 2.64
CA ALA DA 163 -55.09 -43.59 1.27
C ALA DA 163 -56.53 -44.09 1.18
N ARG DA 164 -56.98 -44.92 2.13
CA ARG DA 164 -58.35 -45.42 2.06
C ARG DA 164 -59.36 -44.35 2.43
N ILE DA 165 -58.98 -43.40 3.30
CA ILE DA 165 -59.86 -42.29 3.62
C ILE DA 165 -59.99 -41.34 2.44
N ALA DA 166 -58.87 -41.10 1.73
CA ALA DA 166 -58.91 -40.29 0.52
C ALA DA 166 -59.66 -40.98 -0.62
N ARG DA 167 -59.59 -42.30 -0.70
CA ARG DA 167 -60.37 -43.03 -1.70
C ARG DA 167 -61.86 -42.98 -1.38
N GLU DA 168 -62.21 -43.07 -0.09
CA GLU DA 168 -63.61 -42.96 0.30
C GLU DA 168 -64.14 -41.53 0.20
N ALA DA 169 -63.25 -40.53 0.21
CA ALA DA 169 -63.65 -39.14 0.15
C ALA DA 169 -63.70 -38.58 -1.27
N GLY DA 170 -63.42 -39.41 -2.28
CA GLY DA 170 -63.51 -38.96 -3.65
C GLY DA 170 -62.33 -38.14 -4.14
N VAL DA 171 -61.15 -38.34 -3.55
CA VAL DA 171 -59.95 -37.63 -3.99
C VAL DA 171 -59.47 -38.24 -5.31
N GLU DA 172 -59.22 -37.39 -6.30
CA GLU DA 172 -58.86 -37.86 -7.64
C GLU DA 172 -57.47 -38.49 -7.66
N ARG DA 173 -56.47 -37.80 -7.10
CA ARG DA 173 -55.08 -38.22 -7.21
C ARG DA 173 -54.41 -38.19 -5.85
N LEU DA 174 -53.55 -39.17 -5.60
CA LEU DA 174 -52.77 -39.23 -4.37
C LEU DA 174 -51.30 -39.36 -4.72
N ILE DA 175 -50.47 -38.65 -3.97
CA ILE DA 175 -49.02 -38.68 -4.12
C ILE DA 175 -48.42 -39.18 -2.83
N HIS DA 176 -47.69 -40.29 -2.90
CA HIS DA 176 -47.05 -40.92 -1.76
C HIS DA 176 -45.57 -41.09 -2.03
N LEU DA 177 -44.75 -40.95 -0.99
CA LEU DA 177 -43.30 -41.05 -1.12
C LEU DA 177 -42.77 -42.26 -0.36
N SER DA 178 -41.80 -42.93 -0.97
CA SER DA 178 -41.19 -44.15 -0.44
C SER DA 178 -39.67 -44.00 -0.44
N SER DA 179 -38.96 -45.11 -0.25
CA SER DA 179 -37.51 -45.12 -0.39
C SER DA 179 -37.12 -45.74 -1.73
N LEU DA 180 -35.87 -45.49 -2.12
CA LEU DA 180 -35.38 -45.98 -3.41
C LEU DA 180 -35.16 -47.49 -3.40
N ASN DA 181 -34.55 -48.01 -2.34
CA ASN DA 181 -34.06 -49.38 -2.27
C ASN DA 181 -35.03 -50.30 -1.53
N VAL DA 182 -36.34 -50.10 -1.71
CA VAL DA 182 -37.33 -50.93 -1.04
C VAL DA 182 -37.32 -52.34 -1.61
N GLU DA 183 -37.31 -53.33 -0.72
CA GLU DA 183 -37.37 -54.74 -1.06
C GLU DA 183 -38.37 -55.43 -0.14
N ALA DA 184 -38.75 -56.65 -0.51
CA ALA DA 184 -39.64 -57.43 0.34
C ALA DA 184 -38.93 -57.91 1.59
N ASN DA 185 -37.69 -58.37 1.46
CA ASN DA 185 -36.88 -58.86 2.58
C ASN DA 185 -35.46 -58.29 2.57
N PRO DA 186 -35.30 -57.00 2.89
CA PRO DA 186 -33.96 -56.39 2.84
C PRO DA 186 -33.08 -56.85 3.99
N LYS DA 187 -31.83 -57.15 3.66
CA LYS DA 187 -30.89 -57.72 4.60
C LYS DA 187 -30.06 -56.64 5.29
N ASP DA 188 -29.57 -56.97 6.47
CA ASP DA 188 -28.73 -56.06 7.23
C ASP DA 188 -27.32 -56.05 6.65
N LEU DA 189 -26.65 -54.91 6.78
CA LEU DA 189 -25.29 -54.75 6.29
C LEU DA 189 -24.29 -54.56 7.41
N TYR DA 190 -24.53 -53.61 8.31
CA TYR DA 190 -23.65 -53.40 9.46
C TYR DA 190 -24.37 -53.61 10.79
N VAL DA 191 -25.50 -52.95 11.01
CA VAL DA 191 -26.18 -52.97 12.30
C VAL DA 191 -27.25 -54.04 12.29
N LYS DA 192 -27.35 -54.76 13.40
CA LYS DA 192 -28.40 -55.75 13.60
C LYS DA 192 -29.68 -55.06 14.02
N GLY DA 193 -30.80 -55.53 13.48
CA GLY DA 193 -32.06 -54.84 13.65
C GLY DA 193 -32.31 -53.72 12.66
N GLY DA 194 -31.37 -53.48 11.75
CA GLY DA 194 -31.56 -52.46 10.75
C GLY DA 194 -32.48 -52.91 9.63
N SER DA 195 -32.70 -51.99 8.68
CA SER DA 195 -33.57 -52.10 7.50
C SER DA 195 -35.02 -52.37 7.88
N GLU DA 196 -35.45 -52.02 9.09
CA GLU DA 196 -36.87 -52.03 9.41
C GLU DA 196 -37.57 -50.87 8.74
N TRP DA 197 -36.84 -49.78 8.51
CA TRP DA 197 -37.39 -48.61 7.83
C TRP DA 197 -37.69 -48.92 6.37
N LEU DA 198 -36.78 -49.62 5.68
CA LEU DA 198 -36.99 -49.95 4.27
C LEU DA 198 -38.13 -50.95 4.09
N LYS DA 199 -38.21 -51.95 4.97
CA LYS DA 199 -39.32 -52.91 4.94
C LYS DA 199 -40.65 -52.24 5.28
N SER DA 200 -40.62 -51.28 6.21
CA SER DA 200 -41.83 -50.53 6.57
C SER DA 200 -42.31 -49.65 5.42
N LYS DA 201 -41.36 -49.00 4.72
CA LYS DA 201 -41.74 -48.17 3.57
C LYS DA 201 -42.25 -49.02 2.41
N TYR DA 202 -41.66 -50.20 2.21
CA TYR DA 202 -42.14 -51.09 1.15
C TYR DA 202 -43.53 -51.64 1.45
N GLU DA 203 -43.77 -52.04 2.70
CA GLU DA 203 -45.10 -52.53 3.09
C GLU DA 203 -46.14 -51.42 3.05
N GLY DA 204 -45.74 -50.20 3.43
CA GLY DA 204 -46.66 -49.07 3.33
C GLY DA 204 -46.99 -48.69 1.91
N GLU DA 205 -46.00 -48.77 1.00
CA GLU DA 205 -46.23 -48.53 -0.41
C GLU DA 205 -47.16 -49.58 -1.00
N LEU DA 206 -46.97 -50.85 -0.62
CA LEU DA 206 -47.86 -51.92 -1.08
C LEU DA 206 -49.28 -51.74 -0.57
N ARG DA 207 -49.43 -51.30 0.69
CA ARG DA 207 -50.79 -51.06 1.20
C ARG DA 207 -51.41 -49.80 0.60
N VAL DA 208 -50.61 -48.82 0.19
CA VAL DA 208 -51.15 -47.65 -0.51
C VAL DA 208 -51.66 -48.03 -1.88
N ARG DA 209 -50.88 -48.81 -2.65
CA ARG DA 209 -51.37 -49.27 -3.95
C ARG DA 209 -52.47 -50.32 -3.83
N ASP DA 210 -52.59 -51.00 -2.70
CA ASP DA 210 -53.75 -51.86 -2.49
C ASP DA 210 -54.99 -51.06 -2.14
N ALA DA 211 -54.84 -49.95 -1.40
CA ALA DA 211 -55.98 -49.11 -1.07
C ALA DA 211 -56.30 -48.14 -2.20
N PHE DA 212 -55.34 -47.28 -2.56
CA PHE DA 212 -55.53 -46.32 -3.63
C PHE DA 212 -54.86 -46.84 -4.89
N PRO DA 213 -55.61 -47.19 -5.93
CA PRO DA 213 -54.96 -47.77 -7.12
C PRO DA 213 -54.21 -46.75 -7.96
N ASN DA 214 -54.78 -45.56 -8.16
CA ASN DA 214 -54.13 -44.53 -8.98
C ASN DA 214 -53.33 -43.57 -8.08
N ALA DA 215 -52.34 -44.14 -7.40
CA ALA DA 215 -51.49 -43.38 -6.49
C ALA DA 215 -50.08 -43.31 -7.06
N THR DA 216 -49.56 -42.10 -7.20
CA THR DA 216 -48.21 -41.90 -7.70
C THR DA 216 -47.20 -42.12 -6.59
N ILE DA 217 -46.19 -42.95 -6.85
CA ILE DA 217 -45.19 -43.31 -5.86
C ILE DA 217 -43.85 -42.75 -6.35
N ILE DA 218 -43.44 -41.62 -5.78
CA ILE DA 218 -42.10 -41.08 -5.99
C ILE DA 218 -41.17 -41.70 -4.97
N ARG DA 219 -40.03 -42.22 -5.43
CA ARG DA 219 -39.05 -42.87 -4.56
C ARG DA 219 -37.76 -42.05 -4.54
N PRO DA 220 -37.59 -41.14 -3.58
CA PRO DA 220 -36.30 -40.44 -3.45
C PRO DA 220 -35.22 -41.36 -2.92
N ALA DA 221 -33.99 -41.12 -3.39
CA ALA DA 221 -32.84 -41.87 -2.91
C ALA DA 221 -32.34 -41.32 -1.59
N ASP DA 222 -31.87 -40.08 -1.60
CA ASP DA 222 -31.41 -39.39 -0.41
C ASP DA 222 -31.46 -37.91 -0.75
N ILE DA 223 -32.18 -37.13 0.03
CA ILE DA 223 -32.51 -35.77 -0.37
C ILE DA 223 -31.60 -34.81 0.38
N TYR DA 224 -30.88 -33.98 -0.35
CA TYR DA 224 -29.99 -32.99 0.23
C TYR DA 224 -30.59 -31.61 0.13
N GLY DA 225 -30.03 -30.68 0.90
CA GLY DA 225 -30.50 -29.31 0.89
C GLY DA 225 -30.20 -28.65 2.22
N SER DA 226 -30.92 -27.56 2.47
CA SER DA 226 -30.85 -26.91 3.77
C SER DA 226 -31.85 -27.56 4.72
N GLU DA 227 -31.52 -27.53 6.02
CA GLU DA 227 -32.23 -28.19 7.14
C GLU DA 227 -32.64 -29.64 6.83
N ASP DA 228 -31.72 -30.39 6.22
CA ASP DA 228 -31.95 -31.77 5.82
C ASP DA 228 -31.44 -32.75 6.87
N ARG DA 229 -31.54 -34.04 6.57
CA ARG DA 229 -30.93 -35.09 7.37
C ARG DA 229 -29.77 -35.77 6.65
N PHE DA 230 -29.20 -35.12 5.65
CA PHE DA 230 -28.03 -35.63 4.94
C PHE DA 230 -26.81 -34.75 5.16
N LEU DA 231 -26.89 -33.47 4.76
CA LEU DA 231 -25.77 -32.57 4.91
C LEU DA 231 -25.60 -32.12 6.36
N ARG DA 232 -26.71 -31.93 7.08
CA ARG DA 232 -26.61 -31.63 8.50
C ARG DA 232 -26.15 -32.84 9.30
N TYR DA 233 -26.52 -34.05 8.87
CA TYR DA 233 -26.08 -35.26 9.54
C TYR DA 233 -24.60 -35.52 9.32
N TYR DA 234 -24.07 -35.18 8.14
CA TYR DA 234 -22.64 -35.24 7.90
C TYR DA 234 -21.92 -33.95 8.30
N ALA DA 235 -22.65 -32.97 8.82
CA ALA DA 235 -22.08 -31.69 9.23
C ALA DA 235 -22.00 -31.51 10.73
N HIS DA 236 -22.43 -32.51 11.51
CA HIS DA 236 -22.61 -32.32 12.94
C HIS DA 236 -21.37 -32.77 13.69
N ILE DA 237 -21.19 -32.21 14.89
CA ILE DA 237 -20.10 -32.59 15.79
C ILE DA 237 -20.30 -34.00 16.30
N TRP DA 238 -21.55 -34.39 16.56
CA TRP DA 238 -21.85 -35.69 17.15
C TRP DA 238 -21.66 -36.84 16.16
N ARG DA 239 -21.59 -36.54 14.86
CA ARG DA 239 -21.26 -37.56 13.87
C ARG DA 239 -19.78 -37.90 13.88
N ARG DA 240 -18.92 -36.91 14.11
CA ARG DA 240 -17.49 -37.14 14.08
C ARG DA 240 -17.02 -37.80 15.36
N GLN DA 241 -15.77 -38.28 15.34
CA GLN DA 241 -15.14 -38.93 16.49
C GLN DA 241 -13.67 -38.51 16.52
N PHE DA 242 -13.37 -37.47 17.32
CA PHE DA 242 -12.04 -36.88 17.48
C PHE DA 242 -11.45 -36.42 16.15
N ARG DA 243 -12.22 -35.56 15.47
CA ARG DA 243 -11.90 -34.98 14.15
C ARG DA 243 -11.67 -36.03 13.08
N SER DA 244 -12.36 -37.16 13.18
CA SER DA 244 -12.25 -38.23 12.21
C SER DA 244 -13.62 -38.87 11.99
N MET DA 245 -14.00 -39.06 10.73
CA MET DA 245 -15.34 -39.52 10.40
C MET DA 245 -15.32 -41.00 10.09
N PRO DA 246 -15.99 -41.84 10.87
CA PRO DA 246 -16.11 -43.25 10.50
C PRO DA 246 -17.07 -43.44 9.34
N LEU DA 247 -16.67 -44.28 8.39
CA LEU DA 247 -17.50 -44.59 7.25
C LEU DA 247 -17.42 -46.09 6.97
N TRP DA 248 -18.51 -46.65 6.46
CA TRP DA 248 -18.64 -48.08 6.24
C TRP DA 248 -17.82 -48.47 5.02
N HIS DA 249 -16.85 -49.38 5.22
CA HIS DA 249 -15.81 -49.75 4.26
C HIS DA 249 -15.04 -48.55 3.73
N LYS DA 250 -14.77 -47.57 4.60
CA LYS DA 250 -14.20 -46.24 4.35
C LYS DA 250 -15.02 -45.43 3.36
N GLY DA 251 -16.31 -45.73 3.16
CA GLY DA 251 -17.13 -45.00 2.23
C GLY DA 251 -16.92 -45.34 0.77
N GLU DA 252 -16.09 -46.34 0.46
CA GLU DA 252 -15.74 -46.60 -0.93
C GLU DA 252 -16.75 -47.54 -1.59
N LYS DA 253 -17.33 -48.45 -0.83
CA LYS DA 253 -18.21 -49.47 -1.41
C LYS DA 253 -19.56 -48.90 -1.80
N THR DA 254 -20.12 -48.03 -0.97
CA THR DA 254 -21.47 -47.53 -1.22
C THR DA 254 -21.45 -46.38 -2.23
N VAL DA 255 -22.35 -46.43 -3.19
CA VAL DA 255 -22.51 -45.40 -4.22
C VAL DA 255 -23.90 -44.82 -4.05
N LYS DA 256 -23.97 -43.50 -3.85
CA LYS DA 256 -25.22 -42.80 -3.60
C LYS DA 256 -25.49 -41.78 -4.69
N GLN DA 257 -26.76 -41.60 -5.02
CA GLN DA 257 -27.18 -40.65 -6.06
C GLN DA 257 -28.22 -39.73 -5.44
N PRO DA 258 -27.78 -38.68 -4.74
CA PRO DA 258 -28.72 -37.84 -4.00
C PRO DA 258 -29.41 -36.81 -4.88
N VAL DA 259 -30.59 -36.39 -4.42
CA VAL DA 259 -31.46 -35.50 -5.19
C VAL DA 259 -31.79 -34.27 -4.32
N TYR DA 260 -32.00 -33.13 -4.98
CA TYR DA 260 -32.34 -31.91 -4.28
C TYR DA 260 -33.82 -31.90 -3.90
N VAL DA 261 -34.17 -31.11 -2.88
CA VAL DA 261 -35.54 -31.07 -2.40
C VAL DA 261 -36.43 -30.24 -3.31
N SER DA 262 -35.87 -29.24 -4.00
CA SER DA 262 -36.65 -28.49 -4.98
C SER DA 262 -36.97 -29.32 -6.21
N ASP DA 263 -36.07 -30.23 -6.59
CA ASP DA 263 -36.32 -31.13 -7.72
C ASP DA 263 -37.45 -32.11 -7.41
N VAL DA 264 -37.46 -32.68 -6.21
CA VAL DA 264 -38.54 -33.62 -5.88
C VAL DA 264 -39.84 -32.87 -5.58
N ALA DA 265 -39.79 -31.61 -5.14
CA ALA DA 265 -41.01 -30.82 -4.99
C ALA DA 265 -41.61 -30.46 -6.36
N GLN DA 266 -40.76 -30.11 -7.33
CA GLN DA 266 -41.21 -29.89 -8.69
C GLN DA 266 -41.71 -31.18 -9.33
N ALA DA 267 -41.13 -32.32 -8.97
CA ALA DA 267 -41.62 -33.62 -9.44
C ALA DA 267 -43.00 -33.93 -8.87
N ILE DA 268 -43.22 -33.60 -7.59
CA ILE DA 268 -44.53 -33.80 -6.95
C ILE DA 268 -45.59 -32.94 -7.62
N ILE DA 269 -45.25 -31.68 -7.91
CA ILE DA 269 -46.19 -30.77 -8.58
C ILE DA 269 -46.45 -31.20 -10.03
N ASN DA 270 -45.41 -31.64 -10.74
CA ASN DA 270 -45.58 -32.11 -12.11
C ASN DA 270 -46.35 -33.42 -12.19
N ALA DA 271 -46.28 -34.24 -11.13
CA ALA DA 271 -47.13 -35.41 -11.06
C ALA DA 271 -48.56 -35.04 -10.71
N ALA DA 272 -48.75 -34.00 -9.89
CA ALA DA 272 -50.10 -33.60 -9.50
C ALA DA 272 -50.85 -32.92 -10.64
N LYS DA 273 -50.13 -32.17 -11.49
CA LYS DA 273 -50.78 -31.47 -12.59
C LYS DA 273 -51.04 -32.39 -13.77
N ASP DA 274 -50.00 -33.08 -14.24
CA ASP DA 274 -50.14 -33.99 -15.37
C ASP DA 274 -50.84 -35.27 -14.93
N PRO DA 275 -51.96 -35.65 -15.54
CA PRO DA 275 -52.70 -36.82 -15.07
C PRO DA 275 -52.33 -38.14 -15.72
N ASP DA 276 -51.18 -38.19 -16.41
CA ASP DA 276 -50.66 -39.44 -16.93
C ASP DA 276 -49.76 -40.15 -15.93
N SER DA 277 -49.56 -39.57 -14.75
CA SER DA 277 -48.72 -40.14 -13.70
C SER DA 277 -49.54 -40.86 -12.64
N ALA DA 278 -50.62 -41.52 -13.05
CA ALA DA 278 -51.50 -42.24 -12.13
C ALA DA 278 -50.99 -43.67 -11.98
N GLY DA 279 -50.55 -44.02 -10.78
CA GLY DA 279 -50.08 -45.37 -10.53
C GLY DA 279 -48.72 -45.70 -11.10
N ARG DA 280 -47.90 -44.70 -11.39
CA ARG DA 280 -46.59 -44.91 -11.97
C ARG DA 280 -45.51 -44.60 -10.93
N ILE DA 281 -44.58 -45.52 -10.75
CA ILE DA 281 -43.48 -45.34 -9.81
C ILE DA 281 -42.40 -44.50 -10.49
N TYR DA 282 -41.96 -43.45 -9.82
CA TYR DA 282 -40.96 -42.53 -10.35
C TYR DA 282 -39.72 -42.58 -9.47
N GLN DA 283 -38.61 -43.07 -10.04
CA GLN DA 283 -37.35 -43.12 -9.31
C GLN DA 283 -36.77 -41.70 -9.23
N ALA DA 284 -36.72 -41.15 -8.03
CA ALA DA 284 -36.22 -39.79 -7.83
C ALA DA 284 -34.76 -39.85 -7.41
N VAL DA 285 -33.87 -39.72 -8.39
CA VAL DA 285 -32.44 -39.76 -8.18
C VAL DA 285 -31.80 -38.55 -8.86
N GLY DA 286 -30.56 -38.26 -8.50
CA GLY DA 286 -29.85 -37.13 -9.02
C GLY DA 286 -29.27 -37.36 -10.40
N PRO DA 287 -28.50 -36.40 -10.90
CA PRO DA 287 -27.94 -36.55 -12.25
C PRO DA 287 -26.79 -37.54 -12.34
N LYS DA 288 -25.87 -37.54 -11.38
CA LYS DA 288 -24.67 -38.34 -11.46
C LYS DA 288 -24.49 -39.16 -10.18
N ARG DA 289 -23.88 -40.34 -10.33
CA ARG DA 289 -23.59 -41.20 -9.21
C ARG DA 289 -22.28 -40.78 -8.55
N TYR DA 290 -22.25 -40.84 -7.21
CA TYR DA 290 -21.05 -40.57 -6.44
C TYR DA 290 -20.89 -41.63 -5.38
N GLN DA 291 -19.65 -41.97 -5.05
CA GLN DA 291 -19.44 -42.82 -3.89
C GLN DA 291 -19.33 -41.96 -2.64
N LEU DA 292 -19.52 -42.60 -1.48
CA LEU DA 292 -19.67 -41.86 -0.22
C LEU DA 292 -18.37 -41.28 0.27
N SER DA 293 -17.23 -41.93 -0.05
CA SER DA 293 -15.93 -41.42 0.39
C SER DA 293 -15.59 -40.11 -0.31
N GLU DA 294 -15.81 -40.05 -1.63
CA GLU DA 294 -15.57 -38.82 -2.37
C GLU DA 294 -16.55 -37.73 -1.99
N LEU DA 295 -17.79 -38.10 -1.65
CA LEU DA 295 -18.78 -37.12 -1.20
C LEU DA 295 -18.38 -36.51 0.13
N VAL DA 296 -17.95 -37.33 1.09
CA VAL DA 296 -17.58 -36.84 2.41
C VAL DA 296 -16.28 -36.03 2.35
N ASP DA 297 -15.33 -36.46 1.51
CA ASP DA 297 -14.09 -35.69 1.32
C ASP DA 297 -14.36 -34.37 0.62
N TRP DA 298 -15.32 -34.34 -0.33
CA TRP DA 298 -15.70 -33.09 -0.97
C TRP DA 298 -16.42 -32.16 -0.01
N PHE DA 299 -17.25 -32.72 0.88
CA PHE DA 299 -17.91 -31.91 1.90
C PHE DA 299 -16.91 -31.29 2.86
N HIS DA 300 -15.91 -32.06 3.29
CA HIS DA 300 -14.89 -31.52 4.18
C HIS DA 300 -13.93 -30.58 3.46
N ARG DA 301 -13.79 -30.69 2.13
CA ARG DA 301 -13.08 -29.65 1.39
C ARG DA 301 -13.88 -28.36 1.34
N LEU DA 302 -15.22 -28.48 1.25
CA LEU DA 302 -16.08 -27.31 1.26
C LEU DA 302 -16.12 -26.62 2.63
N MET DA 303 -16.05 -27.38 3.72
CA MET DA 303 -16.11 -26.78 5.04
C MET DA 303 -14.75 -26.32 5.56
N ARG DA 304 -13.73 -26.28 4.68
CA ARG DA 304 -12.34 -25.92 5.00
C ARG DA 304 -11.76 -26.81 6.10
N LYS DA 305 -12.10 -28.11 6.04
CA LYS DA 305 -11.52 -29.10 6.93
C LYS DA 305 -10.30 -29.78 6.32
N ASP DA 306 -9.90 -29.38 5.11
CA ASP DA 306 -8.78 -30.00 4.42
C ASP DA 306 -7.43 -29.46 4.87
N GLN DA 307 -7.42 -28.46 5.73
CA GLN DA 307 -6.17 -27.93 6.27
C GLN DA 307 -5.53 -28.96 7.21
N LYS DA 308 -4.18 -28.94 7.25
CA LYS DA 308 -3.45 -30.00 7.93
C LYS DA 308 -3.49 -29.89 9.45
N ARG DA 309 -3.83 -28.72 9.99
CA ARG DA 309 -3.95 -28.58 11.44
C ARG DA 309 -5.27 -29.12 11.97
N TRP DA 310 -6.26 -29.32 11.10
CA TRP DA 310 -7.54 -29.86 11.55
C TRP DA 310 -7.47 -31.35 11.86
N GLY DA 311 -6.65 -32.10 11.11
CA GLY DA 311 -6.47 -33.52 11.36
C GLY DA 311 -7.60 -34.38 10.84
N TYR DA 312 -8.01 -34.14 9.60
CA TYR DA 312 -9.06 -34.94 8.98
C TYR DA 312 -8.55 -36.33 8.64
N MET DA 313 -9.31 -37.36 9.01
CA MET DA 313 -8.94 -38.74 8.76
C MET DA 313 -10.20 -39.56 8.50
N ARG DA 314 -10.18 -40.37 7.45
CA ARG DA 314 -11.28 -41.26 7.12
C ARG DA 314 -10.86 -42.70 7.42
N TYR DA 315 -11.66 -43.41 8.22
CA TYR DA 315 -11.31 -44.75 8.66
C TYR DA 315 -12.54 -45.63 8.64
N ASP DA 316 -12.32 -46.92 8.81
CA ASP DA 316 -13.36 -47.93 8.65
C ASP DA 316 -14.27 -47.98 9.87
N MET DA 317 -15.57 -48.09 9.62
CA MET DA 317 -16.54 -48.03 10.70
C MET DA 317 -16.65 -49.37 11.42
N ARG DA 318 -16.43 -50.48 10.70
CA ARG DA 318 -16.61 -51.81 11.28
C ARG DA 318 -15.57 -52.15 12.33
N TRP DA 319 -14.46 -51.41 12.39
CA TRP DA 319 -13.45 -51.58 13.43
C TRP DA 319 -13.77 -50.80 14.69
N ASP DA 320 -14.87 -50.05 14.72
CA ASP DA 320 -15.14 -49.10 15.79
C ASP DA 320 -16.52 -49.41 16.38
N PRO DA 321 -16.60 -50.22 17.44
CA PRO DA 321 -17.90 -50.44 18.11
C PRO DA 321 -18.30 -49.30 19.04
N THR DA 322 -17.37 -48.42 19.39
CA THR DA 322 -17.66 -47.28 20.27
C THR DA 322 -18.62 -46.30 19.59
N PHE DA 323 -18.52 -46.16 18.27
CA PHE DA 323 -19.42 -45.28 17.53
C PHE DA 323 -20.85 -45.81 17.53
N LEU DA 324 -21.01 -47.14 17.37
CA LEU DA 324 -22.34 -47.73 17.44
C LEU DA 324 -22.90 -47.70 18.86
N LEU DA 325 -22.04 -47.84 19.86
CA LEU DA 325 -22.47 -47.68 21.26
C LEU DA 325 -22.92 -46.26 21.54
N LYS DA 326 -22.21 -45.28 20.98
CA LYS DA 326 -22.59 -43.87 21.11
C LYS DA 326 -23.93 -43.59 20.40
N ALA DA 327 -24.14 -44.19 19.24
CA ALA DA 327 -25.40 -44.03 18.52
C ALA DA 327 -26.57 -44.67 19.26
N LYS DA 328 -26.34 -45.84 19.88
CA LYS DA 328 -27.39 -46.49 20.66
C LYS DA 328 -27.72 -45.69 21.92
N LEU DA 329 -26.69 -45.15 22.59
CA LEU DA 329 -26.94 -44.31 23.76
C LEU DA 329 -27.61 -42.99 23.39
N ASN DA 330 -27.30 -42.45 22.22
CA ASN DA 330 -27.95 -41.24 21.74
C ASN DA 330 -29.41 -41.50 21.37
N SER DA 331 -29.71 -42.68 20.82
CA SER DA 331 -31.11 -43.03 20.59
C SER DA 331 -31.84 -43.31 21.90
N PHE DA 332 -31.11 -43.74 22.94
CA PHE DA 332 -31.75 -44.01 24.22
C PHE DA 332 -32.07 -42.71 24.97
N ILE DA 333 -31.07 -41.87 25.21
CA ILE DA 333 -31.25 -40.79 26.19
C ILE DA 333 -32.03 -39.59 25.65
N CYS DA 334 -32.21 -39.48 24.34
CA CYS DA 334 -32.92 -38.32 23.80
C CYS DA 334 -34.43 -38.53 23.92
N PRO DA 335 -35.15 -37.60 24.56
CA PRO DA 335 -36.61 -37.77 24.64
C PRO DA 335 -37.32 -37.52 23.32
N GLY DA 336 -36.93 -36.46 22.59
CA GLY DA 336 -37.52 -36.19 21.30
C GLY DA 336 -36.72 -36.81 20.17
N THR DA 337 -36.35 -36.00 19.19
CA THR DA 337 -35.49 -36.48 18.13
C THR DA 337 -34.06 -36.62 18.64
N PRO DA 338 -33.32 -37.64 18.21
CA PRO DA 338 -31.90 -37.73 18.57
C PRO DA 338 -31.09 -36.62 17.90
N ILE DA 339 -29.98 -36.26 18.55
CA ILE DA 339 -29.18 -35.15 18.06
C ILE DA 339 -28.39 -35.60 16.83
N GLY DA 340 -28.49 -34.82 15.75
CA GLY DA 340 -27.84 -35.13 14.51
C GLY DA 340 -28.48 -36.23 13.69
N GLY DA 341 -29.55 -36.85 14.17
CA GLY DA 341 -30.15 -37.99 13.50
C GLY DA 341 -29.25 -39.20 13.47
N LEU DA 342 -28.63 -39.54 14.60
CA LEU DA 342 -27.68 -40.64 14.67
C LEU DA 342 -28.35 -41.90 15.25
N HIS DA 343 -29.61 -42.09 14.88
CA HIS DA 343 -30.27 -43.36 15.10
C HIS DA 343 -29.66 -44.44 14.18
N PRO DA 344 -29.74 -45.71 14.56
CA PRO DA 344 -29.18 -46.78 13.69
C PRO DA 344 -29.88 -46.95 12.35
N ALA DA 345 -31.11 -46.45 12.19
CA ALA DA 345 -31.76 -46.50 10.89
C ALA DA 345 -31.05 -45.60 9.88
N ARG DA 346 -30.55 -44.45 10.33
CA ARG DA 346 -29.75 -43.60 9.45
C ARG DA 346 -28.40 -44.24 9.12
N ILE DA 347 -27.85 -45.00 10.07
CA ILE DA 347 -26.62 -45.76 9.85
C ILE DA 347 -26.82 -46.82 8.77
N GLU DA 348 -27.93 -47.57 8.86
CA GLU DA 348 -28.20 -48.59 7.84
C GLU DA 348 -28.58 -47.96 6.51
N ARG DA 349 -29.17 -46.76 6.53
CA ARG DA 349 -29.51 -46.06 5.30
C ARG DA 349 -28.24 -45.57 4.59
N GLU DA 350 -27.25 -45.09 5.35
CA GLU DA 350 -26.00 -44.70 4.72
C GLU DA 350 -25.16 -45.93 4.36
N ALA DA 351 -25.47 -47.08 4.96
CA ALA DA 351 -24.80 -48.31 4.56
C ALA DA 351 -25.34 -48.84 3.24
N VAL DA 352 -26.63 -48.60 2.96
CA VAL DA 352 -27.25 -49.14 1.77
C VAL DA 352 -26.98 -48.21 0.59
N THR DA 353 -26.40 -48.76 -0.48
CA THR DA 353 -26.13 -47.99 -1.68
C THR DA 353 -27.41 -47.76 -2.46
N ASP DA 354 -27.39 -46.72 -3.31
CA ASP DA 354 -28.56 -46.34 -4.09
C ASP DA 354 -28.56 -47.13 -5.40
N LYS DA 355 -29.59 -47.95 -5.59
CA LYS DA 355 -29.72 -48.79 -6.78
C LYS DA 355 -30.96 -48.34 -7.56
N VAL DA 356 -30.74 -47.97 -8.82
CA VAL DA 356 -31.82 -47.57 -9.71
C VAL DA 356 -32.33 -48.80 -10.45
N LEU DA 357 -33.60 -48.78 -10.83
CA LEU DA 357 -34.23 -49.89 -11.52
C LEU DA 357 -34.46 -49.51 -12.98
N THR DA 358 -34.03 -50.38 -13.89
CA THR DA 358 -34.23 -50.15 -15.31
C THR DA 358 -35.68 -50.44 -15.70
N GLY DA 359 -36.21 -49.63 -16.61
CA GLY DA 359 -37.59 -49.76 -17.03
C GLY DA 359 -38.59 -49.03 -16.16
N VAL DA 360 -38.16 -48.43 -15.07
CA VAL DA 360 -39.02 -47.66 -14.18
C VAL DA 360 -38.65 -46.19 -14.35
N PRO DA 361 -39.62 -45.29 -14.54
CA PRO DA 361 -39.31 -43.91 -14.94
C PRO DA 361 -38.59 -43.09 -13.88
N THR DA 362 -37.82 -42.12 -14.37
CA THR DA 362 -36.99 -41.20 -13.61
C THR DA 362 -37.65 -39.82 -13.74
N LEU DA 363 -37.30 -38.87 -12.85
CA LEU DA 363 -37.92 -37.54 -12.81
C LEU DA 363 -37.75 -36.72 -14.09
N GLU DA 364 -36.78 -37.06 -14.94
CA GLU DA 364 -36.65 -36.40 -16.23
C GLU DA 364 -37.82 -36.73 -17.17
N ASP DA 365 -38.56 -37.81 -16.91
CA ASP DA 365 -39.82 -38.06 -17.60
C ASP DA 365 -40.96 -37.21 -17.07
N LEU DA 366 -40.80 -36.58 -15.92
CA LEU DA 366 -41.78 -35.63 -15.38
C LEU DA 366 -41.51 -34.19 -15.80
N GLY DA 367 -40.49 -33.97 -16.63
CA GLY DA 367 -40.19 -32.64 -17.14
C GLY DA 367 -39.62 -31.67 -16.12
N VAL DA 368 -38.67 -32.12 -15.31
CA VAL DA 368 -37.94 -31.25 -14.38
C VAL DA 368 -36.45 -31.37 -14.69
N THR DA 369 -35.78 -30.22 -14.76
CA THR DA 369 -34.33 -30.18 -14.95
C THR DA 369 -33.67 -30.32 -13.58
N LEU DA 370 -32.94 -31.42 -13.40
CA LEU DA 370 -32.31 -31.70 -12.11
C LEU DA 370 -31.10 -30.80 -11.90
N THR DA 371 -31.06 -30.18 -10.73
CA THR DA 371 -29.94 -29.31 -10.37
C THR DA 371 -28.73 -30.17 -10.00
N THR DA 372 -27.57 -29.80 -10.53
CA THR DA 372 -26.35 -30.53 -10.23
C THR DA 372 -25.89 -30.23 -8.80
N MET DA 373 -25.05 -31.12 -8.28
CA MET DA 373 -24.64 -31.04 -6.88
C MET DA 373 -23.66 -29.90 -6.61
N GLU DA 374 -22.74 -29.65 -7.54
CA GLU DA 374 -21.67 -28.68 -7.32
C GLU DA 374 -22.16 -27.23 -7.37
N GLN DA 375 -23.36 -26.98 -7.90
CA GLN DA 375 -23.91 -25.64 -7.93
C GLN DA 375 -24.56 -25.30 -6.59
N GLN DA 376 -25.25 -26.28 -6.00
CA GLN DA 376 -26.09 -25.99 -4.84
C GLN DA 376 -25.35 -26.23 -3.52
N VAL DA 377 -24.55 -27.30 -3.45
CA VAL DA 377 -23.98 -27.73 -2.16
C VAL DA 377 -23.01 -26.75 -1.51
N PRO DA 378 -22.05 -26.04 -2.24
CA PRO DA 378 -21.26 -24.99 -1.58
C PRO DA 378 -22.03 -23.85 -0.94
N TRP DA 379 -23.22 -23.53 -1.46
CA TRP DA 379 -24.08 -22.56 -0.79
C TRP DA 379 -24.64 -23.12 0.51
N GLU DA 380 -24.95 -24.42 0.54
CA GLU DA 380 -25.46 -25.03 1.77
C GLU DA 380 -24.37 -25.12 2.84
N LEU DA 381 -23.15 -25.47 2.44
CA LEU DA 381 -22.07 -25.69 3.39
C LEU DA 381 -21.20 -24.46 3.58
N ARG DA 382 -21.57 -23.32 2.99
CA ARG DA 382 -20.90 -22.07 3.30
C ARG DA 382 -21.04 -21.61 4.76
N PRO DA 383 -22.20 -21.68 5.44
CA PRO DA 383 -22.18 -21.35 6.88
C PRO DA 383 -21.56 -22.43 7.76
N TYR DA 384 -21.33 -23.63 7.23
CA TYR DA 384 -20.80 -24.73 8.02
C TYR DA 384 -19.29 -24.79 8.04
N ARG DA 385 -18.61 -23.83 7.41
CA ARG DA 385 -17.16 -23.88 7.31
C ARG DA 385 -16.51 -23.58 8.65
N ALA DA 386 -15.37 -24.20 8.89
CA ALA DA 386 -14.65 -24.00 10.13
C ALA DA 386 -13.87 -22.70 10.09
N ALA DA 387 -13.46 -22.25 11.27
CA ALA DA 387 -12.57 -21.10 11.35
C ALA DA 387 -11.19 -21.48 10.85
N LEU DA 388 -10.58 -20.58 10.08
CA LEU DA 388 -9.28 -20.85 9.48
C LEU DA 388 -8.19 -20.86 10.54
N TYR DA 389 -7.28 -21.83 10.45
CA TYR DA 389 -6.16 -21.89 11.37
C TYR DA 389 -5.17 -20.78 11.08
N TYR DA 390 -4.42 -20.38 12.10
CA TYR DA 390 -3.56 -19.21 12.00
C TYR DA 390 -2.29 -19.49 11.21
N ASP DA 391 -1.93 -20.76 11.02
CA ASP DA 391 -0.76 -21.12 10.25
C ASP DA 391 -0.99 -20.94 8.76
N THR DA 399 -10.20 -22.40 -4.83
CA THR DA 399 -11.44 -23.15 -4.84
C THR DA 399 -11.17 -24.65 -4.60
N PRO DA 400 -12.08 -25.33 -3.88
CA PRO DA 400 -11.92 -26.77 -3.70
C PRO DA 400 -12.14 -27.54 -4.99
N SER DA 401 -11.47 -28.70 -5.08
CA SER DA 401 -11.57 -29.59 -6.22
C SER DA 401 -12.93 -30.28 -6.24
N PRO DA 402 -13.55 -30.42 -7.42
CA PRO DA 402 -14.82 -31.14 -7.50
C PRO DA 402 -14.65 -32.65 -7.40
N PRO DA 403 -15.65 -33.36 -6.90
CA PRO DA 403 -15.49 -34.80 -6.67
C PRO DA 403 -15.56 -35.60 -7.97
N LYS DA 404 -15.04 -36.82 -7.90
CA LYS DA 404 -14.99 -37.71 -9.06
C LYS DA 404 -16.25 -38.54 -9.11
N CYS DA 405 -16.99 -38.43 -10.21
CA CYS DA 405 -18.19 -39.23 -10.40
C CYS DA 405 -17.82 -40.66 -10.75
N ILE DA 406 -18.75 -41.58 -10.45
CA ILE DA 406 -18.55 -43.00 -10.69
C ILE DA 406 -19.49 -43.42 -11.81
N GLU DA 407 -18.92 -43.96 -12.89
CA GLU DA 407 -19.71 -44.41 -14.03
C GLU DA 407 -20.23 -45.82 -13.78
N ALA DA 408 -20.85 -46.40 -14.80
CA ALA DA 408 -21.41 -47.74 -14.66
C ALA DA 408 -20.33 -48.82 -14.66
N ARG DA 409 -19.33 -48.69 -15.54
CA ARG DA 409 -18.27 -49.68 -15.60
C ARG DA 409 -17.34 -49.60 -14.40
N ASP DA 410 -17.10 -48.38 -13.87
CA ASP DA 410 -16.31 -48.24 -12.66
C ASP DA 410 -17.06 -48.78 -11.45
N GLU DA 411 -18.38 -48.62 -11.40
CA GLU DA 411 -19.17 -49.21 -10.32
C GLU DA 411 -19.18 -50.73 -10.40
N LEU DA 412 -19.24 -51.29 -11.62
CA LEU DA 412 -19.17 -52.73 -11.79
C LEU DA 412 -17.79 -53.28 -11.46
N ARG DA 413 -16.74 -52.50 -11.72
CA ARG DA 413 -15.39 -52.90 -11.31
C ARG DA 413 -15.23 -52.82 -9.78
N LEU DA 414 -15.85 -51.81 -9.16
CA LEU DA 414 -15.75 -51.65 -7.71
C LEU DA 414 -16.54 -52.73 -6.97
N PHE DA 415 -17.68 -53.13 -7.51
CA PHE DA 415 -18.51 -54.14 -6.87
C PHE DA 415 -18.13 -55.56 -7.24
N ALA DA 416 -17.11 -55.74 -8.09
CA ALA DA 416 -16.65 -57.07 -8.46
C ALA DA 416 -15.79 -57.67 -7.36
N VAL EA 30 90.66 3.28 -55.90
CA VAL EA 30 90.46 3.13 -57.34
C VAL EA 30 89.58 1.91 -57.63
N VAL EA 31 89.01 1.87 -58.83
CA VAL EA 31 88.20 0.74 -59.29
C VAL EA 31 88.73 0.29 -60.64
N SER EA 32 88.67 -1.02 -60.88
CA SER EA 32 89.13 -1.62 -62.12
C SER EA 32 88.14 -2.69 -62.55
N TYR EA 33 87.91 -2.81 -63.85
CA TYR EA 33 86.92 -3.75 -64.38
C TYR EA 33 87.56 -4.61 -65.47
N ARG EA 34 87.56 -5.93 -65.20
CA ARG EA 34 87.98 -7.00 -66.13
C ARG EA 34 89.39 -6.75 -66.67
N ASN EA 35 90.26 -6.28 -65.77
CA ASN EA 35 91.60 -5.85 -66.12
C ASN EA 35 92.42 -5.86 -64.84
N GLY EA 36 93.69 -5.46 -64.96
CA GLY EA 36 94.55 -5.36 -63.82
C GLY EA 36 94.29 -4.09 -63.02
N PRO EA 37 95.10 -3.87 -62.00
CA PRO EA 37 94.97 -2.63 -61.23
C PRO EA 37 95.59 -1.47 -62.00
N PRO EA 38 95.41 -0.25 -61.52
CA PRO EA 38 96.25 0.85 -62.02
C PRO EA 38 97.70 0.59 -61.69
N PRO EA 39 98.63 1.07 -62.54
CA PRO EA 39 100.05 0.75 -62.36
C PRO EA 39 100.62 1.34 -61.07
N HIS EA 40 101.45 0.53 -60.40
CA HIS EA 40 101.91 0.85 -59.07
C HIS EA 40 102.96 1.95 -59.10
N SER EA 41 103.06 2.68 -58.00
CA SER EA 41 104.06 3.73 -57.88
C SER EA 41 105.44 3.12 -57.68
N LYS EA 42 106.45 3.97 -57.80
CA LYS EA 42 107.84 3.53 -57.64
C LYS EA 42 108.13 3.17 -56.19
N ALA EA 43 107.44 3.84 -55.26
CA ALA EA 43 107.70 3.65 -53.83
C ALA EA 43 107.29 2.25 -53.36
N THR EA 44 106.17 1.73 -53.88
CA THR EA 44 105.72 0.39 -53.49
C THR EA 44 106.66 -0.70 -53.99
N LYS EA 45 107.13 -0.57 -55.24
CA LYS EA 45 108.06 -1.53 -55.83
C LYS EA 45 109.43 -1.49 -55.14
N ILE EA 46 109.90 -0.28 -54.84
CA ILE EA 46 111.16 -0.04 -54.14
C ILE EA 46 111.08 -0.64 -52.74
N GLY EA 47 109.95 -0.42 -52.06
CA GLY EA 47 109.76 -1.00 -50.73
C GLY EA 47 109.66 -2.51 -50.74
N ALA EA 48 109.02 -3.08 -51.77
CA ALA EA 48 108.90 -4.53 -51.88
C ALA EA 48 110.24 -5.19 -52.10
N LEU EA 49 111.04 -4.64 -53.03
CA LEU EA 49 112.39 -5.15 -53.25
C LEU EA 49 113.29 -4.89 -52.05
N THR EA 50 113.06 -3.80 -51.32
CA THR EA 50 113.85 -3.49 -50.13
C THR EA 50 113.58 -4.48 -48.99
N VAL EA 51 112.31 -4.81 -48.74
CA VAL EA 51 112.03 -5.73 -47.64
C VAL EA 51 112.36 -7.18 -48.03
N GLY EA 52 112.23 -7.52 -49.33
CA GLY EA 52 112.70 -8.83 -49.77
C GLY EA 52 114.20 -8.97 -49.66
N GLY EA 53 114.94 -7.91 -50.04
CA GLY EA 53 116.37 -7.90 -49.85
C GLY EA 53 116.79 -7.91 -48.40
N ALA EA 54 116.00 -7.28 -47.52
CA ALA EA 54 116.29 -7.29 -46.09
C ALA EA 54 116.13 -8.68 -45.50
N MET EA 55 115.02 -9.37 -45.84
CA MET EA 55 114.81 -10.74 -45.36
C MET EA 55 115.86 -11.70 -45.90
N TRP EA 56 116.14 -11.64 -47.20
CA TRP EA 56 117.09 -12.59 -47.77
C TRP EA 56 118.52 -12.26 -47.38
N TRP EA 57 118.84 -10.98 -47.15
CA TRP EA 57 120.14 -10.60 -46.62
C TRP EA 57 120.33 -11.12 -45.20
N TRP EA 58 119.28 -11.04 -44.37
CA TRP EA 58 119.33 -11.59 -43.01
C TRP EA 58 119.51 -13.11 -43.05
N VAL EA 59 118.79 -13.80 -43.94
CA VAL EA 59 118.84 -15.25 -44.03
C VAL EA 59 120.22 -15.73 -44.49
N ILE EA 60 120.73 -15.15 -45.59
CA ILE EA 60 122.01 -15.60 -46.13
C ILE EA 60 123.17 -15.14 -45.25
N TRP EA 61 123.04 -13.98 -44.59
CA TRP EA 61 124.06 -13.51 -43.64
C TRP EA 61 124.16 -14.43 -42.43
N HIS EA 62 123.03 -14.87 -41.88
CA HIS EA 62 123.10 -15.81 -40.76
C HIS EA 62 123.44 -17.22 -41.22
N LEU EA 63 123.17 -17.55 -42.49
CA LEU EA 63 123.64 -18.82 -43.06
C LEU EA 63 125.16 -18.84 -43.15
N TRP EA 64 125.76 -17.73 -43.58
CA TRP EA 64 127.21 -17.66 -43.73
C TRP EA 64 127.92 -17.58 -42.38
N HIS EA 65 127.44 -16.71 -41.48
CA HIS EA 65 128.14 -16.53 -40.22
C HIS EA 65 127.88 -17.66 -39.24
N GLU EA 66 126.66 -18.22 -39.21
CA GLU EA 66 126.35 -19.32 -38.27
C GLU EA 66 125.70 -20.48 -39.03
N PRO EA 67 126.47 -21.32 -39.75
CA PRO EA 67 125.88 -22.48 -40.45
C PRO EA 67 125.61 -23.65 -39.53
N ASP EA 68 126.09 -23.58 -38.28
CA ASP EA 68 126.07 -24.75 -37.41
C ASP EA 68 124.73 -24.88 -36.68
N HIS EA 69 123.89 -23.85 -36.75
CA HIS EA 69 122.65 -23.84 -35.97
C HIS EA 69 121.59 -24.72 -36.62
N ILE EA 70 121.60 -24.82 -37.94
CA ILE EA 70 120.63 -25.68 -38.63
C ILE EA 70 120.92 -27.15 -38.39
N THR EA 71 122.18 -27.54 -38.53
CA THR EA 71 122.60 -28.89 -38.18
C THR EA 71 122.84 -28.98 -36.67
N GLY EA 72 123.42 -30.11 -36.25
CA GLY EA 72 123.83 -30.25 -34.87
C GLY EA 72 125.00 -29.34 -34.54
N GLU EA 73 124.82 -28.47 -33.54
CA GLU EA 73 125.90 -27.56 -33.14
C GLU EA 73 127.04 -28.33 -32.49
N PHE EA 74 126.72 -29.43 -31.81
CA PHE EA 74 127.70 -30.32 -31.23
C PHE EA 74 127.55 -31.70 -31.84
N ASP EA 75 128.68 -32.41 -31.95
CA ASP EA 75 128.70 -33.71 -32.58
C ASP EA 75 128.02 -34.76 -31.69
N TYR EA 76 127.45 -35.77 -32.33
CA TYR EA 76 126.76 -36.86 -31.65
C TYR EA 76 127.50 -38.16 -31.95
N PRO EA 77 128.47 -38.55 -31.12
CA PRO EA 77 129.18 -39.80 -31.36
C PRO EA 77 128.31 -41.02 -31.08
N ASN EA 78 128.65 -42.12 -31.75
CA ASN EA 78 127.89 -43.35 -31.61
C ASN EA 78 128.18 -44.01 -30.28
N SER EA 79 127.12 -44.46 -29.60
CA SER EA 79 127.27 -45.14 -28.32
C SER EA 79 127.78 -46.57 -28.48
N ARG EA 80 127.66 -47.15 -29.67
CA ARG EA 80 128.18 -48.48 -29.95
C ARG EA 80 129.60 -48.44 -30.50
N LYS EA 81 130.18 -47.25 -30.61
CA LYS EA 81 131.54 -47.08 -31.13
C LYS EA 81 132.60 -47.14 -30.03
N TRP EA 82 132.23 -46.83 -28.79
CA TRP EA 82 133.17 -46.81 -27.69
C TRP EA 82 133.63 -48.22 -27.32
N SER EA 83 134.89 -48.35 -26.97
CA SER EA 83 135.46 -49.66 -26.64
C SER EA 83 135.01 -50.11 -25.25
N ASN EA 84 134.85 -51.43 -25.11
CA ASN EA 84 134.48 -52.02 -23.83
C ASN EA 84 135.67 -52.22 -22.90
N THR EA 85 136.90 -52.04 -23.39
CA THR EA 85 138.08 -52.29 -22.58
C THR EA 85 138.43 -51.12 -21.66
N GLU EA 86 137.77 -49.97 -21.81
CA GLU EA 86 138.07 -48.83 -20.96
C GLU EA 86 137.23 -48.82 -19.69
N LEU EA 87 135.91 -48.95 -19.79
CA LEU EA 87 135.06 -49.35 -18.67
C LEU EA 87 134.17 -50.49 -19.12
N GLY EA 88 134.11 -51.55 -18.31
CA GLY EA 88 133.29 -52.70 -18.62
C GLY EA 88 133.64 -53.93 -17.79
N ALA FA 40 50.35 7.47 -13.25
CA ALA FA 40 49.73 8.71 -13.71
C ALA FA 40 49.15 8.55 -15.10
N LYS FA 41 49.34 7.36 -15.69
CA LYS FA 41 48.79 7.06 -17.00
C LYS FA 41 47.49 6.26 -16.92
N TRP FA 42 47.36 5.36 -15.95
CA TRP FA 42 46.10 4.68 -15.69
C TRP FA 42 45.44 5.29 -14.45
N TYR FA 43 44.15 5.52 -14.54
CA TYR FA 43 43.32 6.01 -13.46
C TYR FA 43 42.09 5.12 -13.39
N PRO FA 44 41.40 5.05 -12.23
CA PRO FA 44 40.24 4.17 -12.11
C PRO FA 44 39.07 4.51 -13.03
N ASP FA 45 38.86 3.63 -14.00
CA ASP FA 45 37.80 3.71 -14.98
C ASP FA 45 36.47 3.25 -14.35
N PRO FA 46 35.34 3.56 -14.99
CA PRO FA 46 34.07 2.97 -14.56
C PRO FA 46 34.00 1.45 -14.61
N GLU FA 47 34.84 0.80 -15.43
CA GLU FA 47 34.99 -0.65 -15.38
C GLU FA 47 35.56 -1.10 -14.03
N PHE FA 48 36.43 -0.30 -13.41
CA PHE FA 48 36.97 -0.66 -12.11
C PHE FA 48 35.94 -0.48 -10.99
N MET FA 49 35.14 0.58 -11.04
CA MET FA 49 34.09 0.80 -10.06
C MET FA 49 32.80 0.07 -10.38
N LYS FA 50 32.78 -0.70 -11.47
CA LYS FA 50 31.64 -1.58 -11.73
C LYS FA 50 31.54 -2.68 -10.68
N GLN FA 51 32.68 -3.20 -10.22
CA GLN FA 51 32.68 -4.32 -9.27
C GLN FA 51 32.26 -3.91 -7.87
N PHE FA 52 32.27 -2.62 -7.55
CA PHE FA 52 31.78 -2.14 -6.26
C PHE FA 52 30.32 -1.74 -6.28
N SER FA 53 29.65 -1.84 -7.44
CA SER FA 53 28.30 -1.34 -7.61
C SER FA 53 27.23 -2.36 -7.27
N GLY FA 54 27.59 -3.59 -6.95
CA GLY FA 54 26.61 -4.62 -6.68
C GLY FA 54 26.07 -4.53 -5.27
N PRO FA 55 25.18 -5.48 -4.93
CA PRO FA 55 24.69 -5.54 -3.55
C PRO FA 55 25.69 -6.17 -2.60
N VAL FA 56 26.53 -7.07 -3.13
CA VAL FA 56 27.66 -7.64 -2.41
C VAL FA 56 28.90 -7.49 -3.28
N MET FA 57 30.06 -7.73 -2.66
CA MET FA 57 31.32 -7.61 -3.39
C MET FA 57 31.50 -8.78 -4.36
N TYR FA 58 31.24 -10.00 -3.91
CA TYR FA 58 31.38 -11.19 -4.74
C TYR FA 58 30.00 -11.81 -4.94
N PRO FA 59 29.35 -11.58 -6.09
CA PRO FA 59 28.01 -12.14 -6.30
C PRO FA 59 28.05 -13.64 -6.53
N ASP FA 60 26.94 -14.29 -6.16
CA ASP FA 60 26.75 -15.72 -6.33
C ASP FA 60 25.46 -15.87 -7.11
N GLU FA 61 24.93 -17.09 -7.27
CA GLU FA 61 23.66 -17.27 -7.97
C GLU FA 61 22.47 -16.79 -7.15
N VAL FA 62 22.64 -16.60 -5.84
CA VAL FA 62 21.56 -16.11 -4.99
C VAL FA 62 21.53 -14.58 -4.96
N THR FA 63 22.70 -13.96 -4.78
CA THR FA 63 22.78 -12.52 -4.59
C THR FA 63 22.91 -11.73 -5.89
N SER FA 64 22.94 -12.40 -7.05
CA SER FA 64 22.99 -11.66 -8.31
C SER FA 64 21.65 -11.04 -8.66
N LEU FA 65 20.55 -11.62 -8.18
CA LEU FA 65 19.22 -11.09 -8.43
C LEU FA 65 18.81 -10.02 -7.41
N TRP FA 66 19.66 -9.73 -6.44
CA TRP FA 66 19.37 -8.70 -5.44
C TRP FA 66 19.53 -7.31 -6.04
N THR FA 67 18.99 -6.33 -5.33
CA THR FA 67 19.11 -4.93 -5.72
C THR FA 67 19.84 -4.16 -4.63
N VAL FA 68 20.38 -3.01 -5.01
CA VAL FA 68 21.12 -2.15 -4.09
C VAL FA 68 20.15 -1.47 -3.14
N PRO FA 69 20.56 -1.14 -1.91
CA PRO FA 69 19.70 -0.32 -1.04
C PRO FA 69 19.61 1.11 -1.55
N PRO FA 70 18.61 1.88 -1.13
CA PRO FA 70 18.55 3.30 -1.49
C PRO FA 70 19.73 4.08 -0.92
N TRP FA 71 20.19 5.06 -1.71
CA TRP FA 71 21.45 5.74 -1.45
C TRP FA 71 21.37 6.75 -0.30
N ASN FA 72 20.17 7.10 0.15
CA ASN FA 72 20.00 7.90 1.35
C ASN FA 72 19.74 7.04 2.58
N SER FA 73 19.83 5.71 2.43
CA SER FA 73 19.65 4.71 3.48
C SER FA 73 18.29 4.75 4.14
N LYS FA 74 17.27 5.22 3.41
CA LYS FA 74 15.90 5.25 3.91
C LYS FA 74 14.95 5.19 2.73
N LEU FA 85 -13.60 1.40 9.85
CA LEU FA 85 -14.73 0.55 10.19
C LEU FA 85 -16.00 1.08 9.52
N THR FA 86 -16.50 0.37 8.52
CA THR FA 86 -17.81 0.67 7.97
C THR FA 86 -18.88 0.05 8.85
N LEU FA 87 -19.95 0.80 9.08
CA LEU FA 87 -20.97 0.40 10.03
C LEU FA 87 -22.33 0.90 9.55
N ASN FA 88 -23.37 0.17 9.92
CA ASN FA 88 -24.74 0.52 9.55
C ASN FA 88 -25.51 0.85 10.82
N PHE FA 89 -25.86 2.13 10.98
CA PHE FA 89 -26.94 2.50 11.90
C PHE FA 89 -28.24 2.24 11.14
N GLY FA 90 -28.66 0.98 11.18
CA GLY FA 90 -29.72 0.52 10.33
C GLY FA 90 -31.09 0.83 10.86
N PRO FA 91 -32.12 0.26 10.23
CA PRO FA 91 -33.50 0.55 10.64
C PRO FA 91 -33.89 -0.04 11.99
N GLN FA 92 -33.16 -1.03 12.48
CA GLN FA 92 -33.47 -1.61 13.78
C GLN FA 92 -33.03 -0.68 14.90
N HIS FA 93 -32.02 0.15 14.64
CA HIS FA 93 -31.33 0.89 15.69
C HIS FA 93 -32.22 1.99 16.27
N PRO FA 94 -32.27 2.14 17.60
CA PRO FA 94 -33.28 3.02 18.20
C PRO FA 94 -32.97 4.51 18.14
N ALA FA 95 -31.69 4.88 17.99
CA ALA FA 95 -31.37 6.30 17.82
C ALA FA 95 -31.81 6.79 16.45
N ALA FA 96 -31.70 5.93 15.44
CA ALA FA 96 -32.41 6.16 14.19
C ALA FA 96 -33.91 6.00 14.44
N HIS FA 97 -34.70 6.67 13.62
CA HIS FA 97 -36.14 6.69 13.86
C HIS FA 97 -36.88 5.46 13.34
N GLY FA 98 -36.15 4.40 12.96
CA GLY FA 98 -36.75 3.13 12.61
C GLY FA 98 -36.62 2.76 11.15
N VAL FA 99 -36.30 3.71 10.28
CA VAL FA 99 -36.05 3.42 8.87
C VAL FA 99 -34.77 4.07 8.35
N LEU FA 100 -34.08 4.87 9.15
CA LEU FA 100 -32.83 5.47 8.72
C LEU FA 100 -31.74 4.41 8.64
N ARG FA 101 -31.00 4.41 7.53
CA ARG FA 101 -29.82 3.56 7.35
C ARG FA 101 -28.63 4.49 7.19
N LEU FA 102 -27.89 4.71 8.27
CA LEU FA 102 -26.71 5.55 8.22
C LEU FA 102 -25.50 4.66 7.99
N VAL FA 103 -24.96 4.66 6.77
CA VAL FA 103 -23.74 3.93 6.47
C VAL FA 103 -22.59 4.88 6.82
N LEU FA 104 -21.93 4.62 7.94
CA LEU FA 104 -20.93 5.53 8.47
C LEU FA 104 -19.58 4.82 8.58
N GLU FA 105 -18.54 5.52 8.15
CA GLU FA 105 -17.17 5.04 8.20
C GLU FA 105 -16.47 5.71 9.37
N LEU FA 106 -15.93 4.88 10.27
CA LEU FA 106 -15.47 5.26 11.60
C LEU FA 106 -13.99 4.96 11.74
N ASP FA 107 -13.21 5.96 12.12
CA ASP FA 107 -11.83 5.79 12.57
C ASP FA 107 -11.83 5.93 14.09
N GLY FA 108 -12.00 4.81 14.79
CA GLY FA 108 -12.18 4.85 16.22
C GLY FA 108 -13.59 5.28 16.59
N GLU FA 109 -13.71 6.15 17.59
CA GLU FA 109 -15.01 6.68 17.94
C GLU FA 109 -15.43 7.85 17.04
N THR FA 110 -14.50 8.45 16.32
CA THR FA 110 -14.82 9.57 15.45
C THR FA 110 -15.49 9.08 14.17
N VAL FA 111 -16.33 9.93 13.60
CA VAL FA 111 -17.07 9.62 12.39
C VAL FA 111 -16.36 10.28 11.23
N MET FA 112 -15.63 9.50 10.43
CA MET FA 112 -14.96 10.05 9.27
C MET FA 112 -15.95 10.36 8.15
N ARG FA 113 -16.90 9.46 7.92
CA ARG FA 113 -17.91 9.69 6.89
C ARG FA 113 -19.25 9.18 7.40
N ALA FA 114 -20.33 9.77 6.91
CA ALA FA 114 -21.68 9.35 7.30
C ALA FA 114 -22.62 9.62 6.12
N ASP FA 115 -22.98 8.57 5.39
CA ASP FA 115 -23.90 8.66 4.27
C ASP FA 115 -25.27 8.16 4.72
N PRO FA 116 -26.29 9.02 4.80
CA PRO FA 116 -27.63 8.54 5.13
C PRO FA 116 -28.28 7.88 3.92
N HIS FA 117 -28.79 6.67 4.13
CA HIS FA 117 -29.60 5.99 3.13
C HIS FA 117 -31.05 6.04 3.56
N ILE FA 118 -31.89 6.65 2.72
CA ILE FA 118 -33.29 6.89 3.03
C ILE FA 118 -34.13 6.18 1.99
N GLY FA 119 -35.43 6.37 2.07
CA GLY FA 119 -36.35 5.68 1.20
C GLY FA 119 -36.74 4.30 1.67
N LEU FA 120 -36.37 3.93 2.90
CA LEU FA 120 -36.87 2.68 3.48
C LEU FA 120 -38.33 2.81 3.88
N LEU FA 121 -38.81 4.05 4.03
CA LEU FA 121 -40.26 4.30 4.32
C LEU FA 121 -40.89 5.05 3.15
N HIS FA 122 -40.29 4.98 1.96
CA HIS FA 122 -40.92 5.59 0.80
C HIS FA 122 -42.13 4.79 0.36
N ARG FA 123 -43.29 5.46 0.36
CA ARG FA 123 -44.56 4.79 0.12
C ARG FA 123 -45.25 5.22 -1.16
N GLY FA 124 -44.61 6.03 -1.99
CA GLY FA 124 -45.19 6.47 -3.25
C GLY FA 124 -46.40 7.37 -3.10
N THR FA 125 -46.28 8.39 -2.23
CA THR FA 125 -47.36 9.31 -1.94
C THR FA 125 -47.75 10.17 -3.14
N GLU FA 126 -46.76 10.72 -3.85
CA GLU FA 126 -47.06 11.63 -4.96
C GLU FA 126 -47.60 10.89 -6.17
N LYS FA 127 -47.28 9.61 -6.32
CA LYS FA 127 -47.91 8.81 -7.36
C LYS FA 127 -49.35 8.48 -7.00
N LEU FA 128 -49.65 8.38 -5.71
CA LEU FA 128 -50.98 8.01 -5.25
C LEU FA 128 -51.93 9.20 -5.08
N ILE FA 129 -51.39 10.42 -4.99
CA ILE FA 129 -52.25 11.59 -4.89
C ILE FA 129 -52.97 11.86 -6.21
N GLU FA 130 -52.27 11.69 -7.33
CA GLU FA 130 -52.80 12.02 -8.65
C GLU FA 130 -53.93 11.09 -9.11
N TYR FA 131 -54.08 9.93 -8.50
CA TYR FA 131 -55.17 9.02 -8.81
C TYR FA 131 -56.38 9.21 -7.91
N LYS FA 132 -56.36 10.20 -7.03
CA LYS FA 132 -57.44 10.45 -6.08
C LYS FA 132 -57.81 11.94 -6.15
N THR FA 133 -58.94 12.28 -5.54
CA THR FA 133 -59.40 13.66 -5.55
C THR FA 133 -58.70 14.45 -4.44
N TYR FA 134 -59.15 15.69 -4.21
CA TYR FA 134 -58.51 16.54 -3.22
C TYR FA 134 -58.84 16.08 -1.80
N THR FA 135 -60.12 15.80 -1.54
CA THR FA 135 -60.52 15.34 -0.22
C THR FA 135 -60.10 13.90 0.05
N GLN FA 136 -59.82 13.12 -1.00
CA GLN FA 136 -59.23 11.80 -0.81
C GLN FA 136 -57.74 11.86 -0.57
N ALA FA 137 -57.06 12.88 -1.09
CA ALA FA 137 -55.63 13.05 -0.86
C ALA FA 137 -55.33 13.90 0.36
N LEU FA 138 -56.36 14.45 1.00
CA LEU FA 138 -56.16 15.10 2.30
C LEU FA 138 -55.62 14.19 3.42
N PRO FA 139 -56.06 12.94 3.62
CA PRO FA 139 -55.43 12.14 4.69
C PRO FA 139 -54.01 11.65 4.42
N TYR FA 140 -53.43 11.90 3.22
CA TYR FA 140 -52.01 11.61 3.01
C TYR FA 140 -51.12 12.50 3.86
N PHE FA 141 -51.52 13.76 4.04
CA PHE FA 141 -50.71 14.73 4.74
C PHE FA 141 -50.67 14.48 6.24
N ASP FA 142 -51.72 13.86 6.79
CA ASP FA 142 -51.67 13.40 8.17
C ASP FA 142 -50.60 12.33 8.36
N ARG FA 143 -50.40 11.49 7.36
CA ARG FA 143 -49.41 10.43 7.42
C ARG FA 143 -48.04 10.85 6.91
N LEU FA 144 -47.90 12.06 6.36
CA LEU FA 144 -46.59 12.49 5.87
C LEU FA 144 -45.65 12.84 7.02
N ASP FA 145 -45.95 13.90 7.76
CA ASP FA 145 -45.19 14.24 8.96
C ASP FA 145 -46.12 14.00 10.12
N TYR FA 146 -45.91 12.91 10.84
CA TYR FA 146 -46.95 12.38 11.69
C TYR FA 146 -46.83 12.79 13.14
N VAL FA 147 -45.95 13.72 13.44
CA VAL FA 147 -46.01 14.46 14.69
C VAL FA 147 -46.51 15.88 14.47
N SER FA 148 -46.68 16.30 13.22
CA SER FA 148 -47.34 17.56 12.88
C SER FA 148 -48.54 17.23 11.98
N MET FA 149 -49.69 16.95 12.60
CA MET FA 149 -50.87 16.54 11.84
C MET FA 149 -51.66 17.75 11.33
N MET FA 150 -52.13 18.58 12.25
CA MET FA 150 -53.00 19.71 11.89
C MET FA 150 -52.25 20.78 11.12
N CYS FA 151 -50.93 20.89 11.31
CA CYS FA 151 -50.13 21.78 10.49
C CYS FA 151 -50.08 21.32 9.04
N ASN FA 152 -49.97 20.00 8.81
CA ASN FA 152 -49.95 19.49 7.44
C ASN FA 152 -51.30 19.62 6.77
N GLU FA 153 -52.38 19.34 7.52
CA GLU FA 153 -53.73 19.56 6.99
C GLU FA 153 -53.99 21.03 6.73
N GLN FA 154 -53.45 21.91 7.59
CA GLN FA 154 -53.57 23.35 7.40
C GLN FA 154 -52.83 23.81 6.14
N CYS FA 155 -51.65 23.26 5.90
CA CYS FA 155 -50.87 23.65 4.71
C CYS FA 155 -51.54 23.18 3.43
N TYR FA 156 -52.07 21.95 3.42
CA TYR FA 156 -52.80 21.47 2.25
C TYR FA 156 -54.11 22.24 2.06
N SER FA 157 -54.77 22.61 3.15
CA SER FA 157 -56.00 23.38 3.07
C SER FA 157 -55.75 24.80 2.55
N LEU FA 158 -54.65 25.42 2.96
CA LEU FA 158 -54.29 26.73 2.39
C LEU FA 158 -53.87 26.62 0.93
N ALA FA 159 -53.27 25.49 0.53
CA ALA FA 159 -52.96 25.28 -0.89
C ALA FA 159 -54.23 25.21 -1.73
N VAL FA 160 -55.20 24.41 -1.30
CA VAL FA 160 -56.45 24.25 -2.05
C VAL FA 160 -57.29 25.53 -2.00
N GLU FA 161 -57.26 26.23 -0.86
CA GLU FA 161 -58.02 27.48 -0.74
C GLU FA 161 -57.39 28.61 -1.53
N LYS FA 162 -56.07 28.61 -1.69
CA LYS FA 162 -55.42 29.60 -2.53
C LYS FA 162 -55.63 29.29 -4.00
N LEU FA 163 -55.74 28.00 -4.36
CA LEU FA 163 -56.13 27.65 -5.71
C LEU FA 163 -57.58 28.01 -6.01
N LEU FA 164 -58.47 27.88 -5.02
CA LEU FA 164 -59.90 28.08 -5.22
C LEU FA 164 -60.36 29.51 -4.99
N ASN FA 165 -59.50 30.37 -4.42
CA ASN FA 165 -59.83 31.71 -3.93
C ASN FA 165 -61.02 31.68 -2.97
N ILE FA 166 -60.84 30.93 -1.88
CA ILE FA 166 -61.88 30.73 -0.87
C ILE FA 166 -61.34 31.22 0.46
N ASP FA 167 -62.09 32.12 1.10
CA ASP FA 167 -61.70 32.70 2.38
C ASP FA 167 -62.49 32.02 3.50
N VAL FA 168 -61.76 31.46 4.46
CA VAL FA 168 -62.36 30.75 5.60
C VAL FA 168 -62.92 31.74 6.60
N PRO FA 169 -63.92 31.37 7.41
CA PRO FA 169 -64.40 32.28 8.45
C PRO FA 169 -63.40 32.42 9.59
N LEU FA 170 -63.69 33.37 10.48
CA LEU FA 170 -62.76 33.73 11.55
C LEU FA 170 -62.70 32.67 12.64
N ARG FA 171 -63.82 31.99 12.91
CA ARG FA 171 -63.83 30.92 13.90
C ARG FA 171 -63.00 29.73 13.42
N ALA FA 172 -63.05 29.44 12.12
CA ALA FA 172 -62.20 28.41 11.54
C ALA FA 172 -60.73 28.79 11.63
N LYS FA 173 -60.41 30.07 11.42
CA LYS FA 173 -59.03 30.56 11.55
C LYS FA 173 -58.53 30.41 12.98
N TYR FA 174 -59.36 30.73 13.97
CA TYR FA 174 -58.95 30.62 15.36
C TYR FA 174 -58.82 29.17 15.81
N ILE FA 175 -59.72 28.30 15.33
CA ILE FA 175 -59.65 26.88 15.62
C ILE FA 175 -58.38 26.26 15.01
N ARG FA 176 -58.06 26.63 13.78
CA ARG FA 176 -56.86 26.12 13.12
C ARG FA 176 -55.59 26.66 13.78
N THR FA 177 -55.62 27.91 14.25
CA THR FA 177 -54.48 28.47 14.98
C THR FA 177 -54.24 27.75 16.30
N LEU FA 178 -55.33 27.51 17.06
CA LEU FA 178 -55.22 26.83 18.35
C LEU FA 178 -54.76 25.38 18.18
N PHE FA 179 -55.28 24.69 17.16
CA PHE FA 179 -54.85 23.32 16.95
C PHE FA 179 -53.46 23.23 16.31
N ALA FA 180 -53.04 24.24 15.56
CA ALA FA 180 -51.66 24.28 15.09
C ALA FA 180 -50.69 24.50 16.24
N GLU FA 181 -51.09 25.28 17.25
CA GLU FA 181 -50.21 25.47 18.40
C GLU FA 181 -50.18 24.24 19.31
N ILE FA 182 -51.34 23.57 19.46
CA ILE FA 182 -51.39 22.28 20.16
C ILE FA 182 -50.54 21.25 19.45
N THR FA 183 -50.59 21.26 18.11
CA THR FA 183 -49.75 20.40 17.28
C THR FA 183 -48.27 20.73 17.42
N ARG FA 184 -47.94 22.02 17.55
CA ARG FA 184 -46.56 22.44 17.75
C ARG FA 184 -46.01 21.94 19.08
N ILE FA 185 -46.84 21.99 20.13
CA ILE FA 185 -46.40 21.46 21.42
C ILE FA 185 -46.25 19.95 21.36
N LEU FA 186 -47.17 19.25 20.68
CA LEU FA 186 -47.08 17.79 20.53
C LEU FA 186 -45.82 17.36 19.79
N ASN FA 187 -45.49 18.08 18.72
CA ASN FA 187 -44.26 17.83 17.97
C ASN FA 187 -43.03 18.09 18.81
N HIS FA 188 -43.03 19.16 19.59
CA HIS FA 188 -41.82 19.46 20.36
C HIS FA 188 -41.69 18.57 21.61
N ILE FA 189 -42.80 18.08 22.16
CA ILE FA 189 -42.75 16.99 23.15
C ILE FA 189 -42.14 15.73 22.54
N MET FA 190 -42.52 15.37 21.31
CA MET FA 190 -41.91 14.22 20.65
C MET FA 190 -40.42 14.44 20.39
N ALA FA 191 -40.05 15.66 20.00
CA ALA FA 191 -38.64 15.99 19.76
C ALA FA 191 -37.81 15.94 21.03
N VAL FA 192 -38.32 16.50 22.14
CA VAL FA 192 -37.59 16.51 23.40
C VAL FA 192 -37.50 15.10 23.98
N GLY FA 193 -38.58 14.31 23.90
CA GLY FA 193 -38.53 12.94 24.37
C GLY FA 193 -37.63 12.04 23.56
N THR FA 194 -37.63 12.19 22.24
CA THR FA 194 -36.76 11.40 21.37
C THR FA 194 -35.29 11.79 21.57
N HIS FA 195 -35.01 13.10 21.70
CA HIS FA 195 -33.64 13.56 21.97
C HIS FA 195 -33.15 13.12 23.34
N ALA FA 196 -34.04 13.11 24.34
CA ALA FA 196 -33.63 12.67 25.67
C ALA FA 196 -33.45 11.16 25.73
N LEU FA 197 -34.21 10.40 24.93
CA LEU FA 197 -33.98 8.96 24.84
C LEU FA 197 -32.69 8.65 24.09
N ASP FA 198 -32.35 9.46 23.09
CA ASP FA 198 -31.11 9.25 22.35
C ASP FA 198 -29.89 9.65 23.17
N VAL FA 199 -30.01 10.74 23.95
CA VAL FA 199 -28.94 11.11 24.86
C VAL FA 199 -28.87 10.13 26.03
N GLY FA 200 -30.03 9.77 26.59
CA GLY FA 200 -30.06 8.74 27.61
C GLY FA 200 -31.04 8.92 28.75
N ALA FA 201 -31.43 10.17 29.03
CA ALA FA 201 -32.38 10.41 30.11
C ALA FA 201 -33.78 10.01 29.67
N LEU FA 202 -34.27 8.89 30.20
CA LEU FA 202 -35.53 8.32 29.75
C LEU FA 202 -36.73 8.78 30.56
N THR FA 203 -36.52 9.55 31.62
CA THR FA 203 -37.63 10.04 32.45
C THR FA 203 -38.50 11.14 31.82
N PRO FA 204 -37.97 12.22 31.19
CA PRO FA 204 -38.90 13.22 30.62
C PRO FA 204 -39.70 12.75 29.42
N PHE FA 205 -39.29 11.63 28.80
CA PHE FA 205 -40.07 10.96 27.77
C PHE FA 205 -41.46 10.57 28.27
N PHE FA 206 -41.53 9.85 29.39
CA PHE FA 206 -42.82 9.48 29.95
C PHE FA 206 -43.50 10.67 30.64
N TRP FA 207 -42.68 11.56 31.27
CA TRP FA 207 -43.20 12.74 31.95
C TRP FA 207 -43.94 13.67 30.99
N LEU FA 208 -43.48 13.75 29.75
CA LEU FA 208 -44.14 14.55 28.74
C LEU FA 208 -45.11 13.76 27.88
N PHE FA 209 -44.98 12.44 27.80
CA PHE FA 209 -45.94 11.68 27.03
C PHE FA 209 -47.27 11.50 27.74
N GLU FA 210 -47.32 11.66 29.07
CA GLU FA 210 -48.62 11.81 29.73
C GLU FA 210 -49.36 13.05 29.23
N GLU FA 211 -48.63 14.16 29.10
CA GLU FA 211 -49.19 15.42 28.63
C GLU FA 211 -49.59 15.33 27.16
N ARG FA 212 -48.77 14.60 26.38
CA ARG FA 212 -49.05 14.31 24.98
C ARG FA 212 -50.32 13.47 24.83
N GLU FA 213 -50.52 12.49 25.71
CA GLU FA 213 -51.76 11.72 25.70
C GLU FA 213 -52.97 12.55 26.09
N LYS FA 214 -52.80 13.56 26.94
CA LYS FA 214 -53.92 14.46 27.23
C LYS FA 214 -54.29 15.31 26.01
N MET FA 215 -53.30 15.82 25.25
CA MET FA 215 -53.67 16.49 24.00
C MET FA 215 -54.19 15.53 22.94
N MET FA 216 -53.79 14.27 22.95
CA MET FA 216 -54.37 13.32 22.01
C MET FA 216 -55.80 12.98 22.39
N GLU FA 217 -56.12 13.03 23.68
CA GLU FA 217 -57.51 12.98 24.11
C GLU FA 217 -58.30 14.19 23.61
N PHE FA 218 -57.67 15.38 23.60
CA PHE FA 218 -58.33 16.56 23.04
C PHE FA 218 -58.60 16.42 21.54
N TYR FA 219 -57.63 15.87 20.80
CA TYR FA 219 -57.82 15.57 19.37
C TYR FA 219 -58.93 14.55 19.17
N GLU FA 220 -59.00 13.57 20.07
CA GLU FA 220 -60.03 12.54 20.00
C GLU FA 220 -61.41 13.11 20.27
N ARG FA 221 -61.52 14.07 21.18
CA ARG FA 221 -62.79 14.73 21.42
C ARG FA 221 -63.22 15.57 20.23
N VAL FA 222 -62.27 16.29 19.61
CA VAL FA 222 -62.67 17.23 18.58
C VAL FA 222 -62.93 16.52 17.25
N SER FA 223 -62.30 15.36 17.03
CA SER FA 223 -62.38 14.76 15.70
C SER FA 223 -62.85 13.32 15.75
N GLY FA 224 -62.41 12.55 16.73
CA GLY FA 224 -62.71 11.14 16.78
C GLY FA 224 -61.53 10.22 16.58
N ALA FA 225 -60.33 10.76 16.39
CA ALA FA 225 -59.12 9.97 16.28
C ALA FA 225 -58.05 10.59 17.15
N ARG FA 226 -57.20 9.74 17.73
CA ARG FA 226 -56.12 10.22 18.58
C ARG FA 226 -55.05 10.93 17.75
N MET FA 227 -54.83 10.44 16.53
CA MET FA 227 -54.04 11.14 15.54
C MET FA 227 -54.61 10.82 14.16
N HIS FA 228 -54.12 11.53 13.15
CA HIS FA 228 -54.69 11.64 11.80
C HIS FA 228 -56.15 12.02 11.92
N ALA FA 229 -56.41 13.24 12.40
CA ALA FA 229 -57.75 13.67 12.74
C ALA FA 229 -58.65 13.79 11.51
N ALA FA 230 -58.05 14.13 10.36
CA ALA FA 230 -58.75 14.50 9.11
C ALA FA 230 -59.78 15.59 9.37
N TYR FA 231 -59.40 16.56 10.20
CA TYR FA 231 -60.30 17.53 10.78
C TYR FA 231 -60.27 18.85 10.03
N ILE FA 232 -59.07 19.30 9.65
CA ILE FA 232 -58.94 20.52 8.86
C ILE FA 232 -59.16 20.16 7.40
N ARG FA 233 -60.12 20.83 6.77
CA ARG FA 233 -60.51 20.59 5.40
C ARG FA 233 -60.32 21.87 4.60
N PRO FA 234 -60.17 21.78 3.27
CA PRO FA 234 -60.20 22.99 2.45
C PRO FA 234 -61.56 23.67 2.50
N GLY FA 235 -61.59 24.86 3.09
CA GLY FA 235 -62.82 25.57 3.35
C GLY FA 235 -63.14 25.77 4.81
N GLY FA 236 -62.26 25.36 5.73
CA GLY FA 236 -62.51 25.53 7.14
C GLY FA 236 -62.10 24.31 7.95
N VAL FA 237 -63.02 23.77 8.74
CA VAL FA 237 -62.82 22.54 9.48
C VAL FA 237 -64.00 21.61 9.21
N SER FA 238 -63.79 20.32 9.46
CA SER FA 238 -64.80 19.32 9.12
C SER FA 238 -65.99 19.40 10.07
N LEU FA 239 -65.74 19.49 11.37
CA LEU FA 239 -66.78 19.49 12.38
C LEU FA 239 -66.58 20.67 13.32
N ASP FA 240 -67.66 21.05 13.99
CA ASP FA 240 -67.57 22.10 15.00
C ASP FA 240 -66.95 21.53 16.27
N MET FA 241 -66.43 22.43 17.10
CA MET FA 241 -65.90 22.04 18.40
C MET FA 241 -67.02 21.55 19.30
N PRO FA 242 -66.82 20.47 20.05
CA PRO FA 242 -67.81 20.06 21.05
C PRO FA 242 -67.84 21.04 22.20
N LEU FA 243 -68.98 21.05 22.89
CA LEU FA 243 -69.17 21.95 24.03
C LEU FA 243 -68.29 21.53 25.20
N GLY FA 244 -67.67 22.51 25.84
CA GLY FA 244 -66.81 22.22 26.97
C GLY FA 244 -65.44 21.71 26.62
N LEU FA 245 -65.02 21.82 25.36
CA LEU FA 245 -63.65 21.43 25.00
C LEU FA 245 -62.64 22.44 25.53
N MET FA 246 -62.95 23.74 25.39
CA MET FA 246 -62.06 24.78 25.89
C MET FA 246 -62.03 24.84 27.41
N ASP FA 247 -63.09 24.36 28.08
CA ASP FA 247 -63.09 24.25 29.53
C ASP FA 247 -62.14 23.18 30.04
N ASP FA 248 -61.72 22.25 29.18
CA ASP FA 248 -60.64 21.33 29.49
C ASP FA 248 -59.29 21.81 28.99
N ILE FA 249 -59.28 22.50 27.84
CA ILE FA 249 -58.03 23.03 27.27
C ILE FA 249 -57.43 24.10 28.19
N TYR FA 250 -58.28 24.93 28.82
CA TYR FA 250 -57.80 25.94 29.75
C TYR FA 250 -57.19 25.32 31.01
N GLU FA 251 -57.84 24.30 31.59
CA GLU FA 251 -57.31 23.63 32.78
C GLU FA 251 -56.02 22.91 32.46
N PHE FA 252 -55.94 22.30 31.28
CA PHE FA 252 -54.74 21.63 30.84
C PHE FA 252 -53.58 22.60 30.62
N ALA FA 253 -53.86 23.75 29.99
CA ALA FA 253 -52.81 24.72 29.74
C ALA FA 253 -52.38 25.44 31.00
N SER FA 254 -53.27 25.52 32.00
CA SER FA 254 -52.87 26.01 33.31
C SER FA 254 -51.96 25.00 34.01
N LYS FA 255 -52.23 23.70 33.84
CA LYS FA 255 -51.42 22.68 34.48
C LYS FA 255 -50.11 22.36 33.74
N PHE FA 256 -49.97 22.80 32.48
CA PHE FA 256 -48.82 22.38 31.68
C PHE FA 256 -47.51 23.04 32.09
N ALA FA 257 -47.56 24.26 32.66
CA ALA FA 257 -46.34 25.02 32.93
C ALA FA 257 -45.52 24.42 34.07
N GLU FA 258 -46.19 23.85 35.08
CA GLU FA 258 -45.46 23.18 36.15
C GLU FA 258 -44.77 21.92 35.66
N ARG FA 259 -45.38 21.21 34.71
CA ARG FA 259 -44.73 20.06 34.10
C ARG FA 259 -43.55 20.49 33.25
N LEU FA 260 -43.67 21.65 32.59
CA LEU FA 260 -42.54 22.23 31.84
C LEU FA 260 -41.36 22.54 32.77
N ASP FA 261 -41.65 23.14 33.92
CA ASP FA 261 -40.61 23.46 34.89
C ASP FA 261 -40.00 22.20 35.49
N GLU FA 262 -40.80 21.15 35.66
CA GLU FA 262 -40.27 19.88 36.15
C GLU FA 262 -39.38 19.20 35.11
N VAL FA 263 -39.66 19.39 33.82
CA VAL FA 263 -38.76 18.87 32.79
C VAL FA 263 -37.45 19.65 32.76
N GLU FA 264 -37.51 20.99 32.84
CA GLU FA 264 -36.27 21.77 32.88
C GLU FA 264 -35.49 21.60 34.18
N ASP FA 265 -36.11 21.13 35.26
CA ASP FA 265 -35.35 20.87 36.47
C ASP FA 265 -34.46 19.64 36.36
N VAL FA 266 -34.72 18.76 35.40
CA VAL FA 266 -33.91 17.56 35.22
C VAL FA 266 -33.14 17.55 33.90
N LEU FA 267 -33.57 18.32 32.89
CA LEU FA 267 -32.92 18.33 31.58
C LEU FA 267 -32.09 19.59 31.36
N THR FA 268 -32.70 20.76 31.54
CA THR FA 268 -31.97 22.02 31.43
C THR FA 268 -31.00 22.13 32.61
N THR FA 269 -29.80 22.65 32.31
CA THR FA 269 -28.61 22.95 33.14
C THR FA 269 -28.07 21.76 33.92
N ASN FA 270 -28.58 20.55 33.68
CA ASN FA 270 -27.84 19.35 34.05
C ASN FA 270 -26.57 19.27 33.20
N ARG FA 271 -25.44 18.99 33.86
CA ARG FA 271 -24.15 19.15 33.19
C ARG FA 271 -23.91 18.05 32.15
N ILE FA 272 -24.53 16.89 32.33
CA ILE FA 272 -24.41 15.83 31.33
C ILE FA 272 -25.19 16.18 30.06
N TRP FA 273 -26.37 16.79 30.21
CA TRP FA 273 -27.15 17.23 29.06
C TRP FA 273 -26.45 18.36 28.31
N VAL FA 274 -25.77 19.24 29.05
CA VAL FA 274 -24.97 20.29 28.42
C VAL FA 274 -23.79 19.68 27.68
N GLN FA 275 -23.14 18.67 28.28
CA GLN FA 275 -22.00 18.02 27.63
C GLN FA 275 -22.41 17.23 26.39
N ARG FA 276 -23.66 16.77 26.34
CA ARG FA 276 -24.16 16.15 25.12
C ARG FA 276 -24.83 17.13 24.16
N THR FA 277 -25.05 18.40 24.55
CA THR FA 277 -25.75 19.32 23.67
C THR FA 277 -25.03 20.63 23.37
N GLU FA 278 -23.89 20.93 24.00
CA GLU FA 278 -23.21 22.19 23.76
C GLU FA 278 -22.02 22.00 22.83
N ASP FA 279 -21.84 22.96 21.90
CA ASP FA 279 -20.76 23.00 20.91
C ASP FA 279 -20.73 21.74 20.03
N ILE FA 280 -21.91 21.23 19.71
CA ILE FA 280 -22.05 19.97 19.00
C ILE FA 280 -22.95 20.23 17.80
N GLY FA 281 -22.43 19.97 16.59
CA GLY FA 281 -23.18 20.26 15.38
C GLY FA 281 -23.40 21.75 15.15
N ILE FA 282 -22.32 22.52 15.20
CA ILE FA 282 -22.41 23.97 15.07
C ILE FA 282 -22.77 24.34 13.64
N VAL FA 283 -23.90 25.03 13.47
CA VAL FA 283 -24.40 25.46 12.17
C VAL FA 283 -24.29 26.97 12.11
N THR FA 284 -23.55 27.47 11.12
CA THR FA 284 -23.40 28.91 10.98
C THR FA 284 -24.59 29.50 10.23
N ALA FA 285 -24.57 30.82 10.08
CA ALA FA 285 -25.67 31.51 9.40
C ALA FA 285 -25.65 31.24 7.90
N GLU FA 286 -24.48 31.30 7.28
CA GLU FA 286 -24.38 31.03 5.84
C GLU FA 286 -24.60 29.55 5.54
N GLU FA 287 -24.28 28.66 6.48
CA GLU FA 287 -24.61 27.24 6.34
C GLU FA 287 -26.11 27.02 6.28
N ALA FA 288 -26.86 27.61 7.20
CA ALA FA 288 -28.31 27.43 7.23
C ALA FA 288 -28.98 28.16 6.08
N LEU FA 289 -28.39 29.26 5.62
CA LEU FA 289 -28.97 29.98 4.49
C LEU FA 289 -28.72 29.24 3.17
N ASN FA 290 -27.51 28.74 2.95
CA ASN FA 290 -27.19 28.09 1.70
C ASN FA 290 -27.73 26.67 1.62
N TYR FA 291 -27.79 25.94 2.73
CA TYR FA 291 -28.14 24.52 2.69
C TYR FA 291 -29.64 24.29 2.83
N GLY FA 292 -30.46 25.34 2.74
CA GLY FA 292 -31.90 25.16 2.73
C GLY FA 292 -32.51 24.85 4.06
N PHE FA 293 -31.84 25.20 5.17
CA PHE FA 293 -32.40 24.96 6.49
C PHE FA 293 -33.60 25.86 6.74
N SER FA 294 -34.51 25.40 7.59
CA SER FA 294 -35.72 26.14 7.84
C SER FA 294 -36.19 25.88 9.27
N GLY FA 295 -36.89 26.86 9.84
CA GLY FA 295 -37.41 26.71 11.18
C GLY FA 295 -36.33 26.88 12.22
N VAL FA 296 -36.27 25.92 13.15
CA VAL FA 296 -35.40 26.01 14.32
C VAL FA 296 -33.92 26.01 13.92
N MET FA 297 -33.58 25.27 12.86
CA MET FA 297 -32.21 25.28 12.35
C MET FA 297 -31.80 26.65 11.80
N LEU FA 298 -32.78 27.45 11.32
CA LEU FA 298 -32.50 28.84 11.05
C LEU FA 298 -32.34 29.63 12.35
N ARG FA 299 -33.20 29.37 13.32
CA ARG FA 299 -33.27 30.21 14.51
C ARG FA 299 -32.34 29.75 15.62
N GLY FA 300 -31.74 28.57 15.50
CA GLY FA 300 -30.65 28.22 16.40
C GLY FA 300 -29.42 29.07 16.15
N SER FA 301 -29.13 29.35 14.87
CA SER FA 301 -27.93 30.09 14.49
C SER FA 301 -28.07 31.60 14.66
N GLY FA 302 -29.27 32.11 14.88
CA GLY FA 302 -29.48 33.54 15.08
C GLY FA 302 -30.35 34.22 14.05
N ILE FA 303 -30.81 33.52 13.01
CA ILE FA 303 -31.68 34.12 12.01
C ILE FA 303 -33.08 34.26 12.61
N LYS FA 304 -33.68 35.44 12.45
CA LYS FA 304 -34.96 35.78 13.07
C LYS FA 304 -36.16 35.42 12.20
N TRP FA 305 -36.05 34.35 11.41
CA TRP FA 305 -37.07 33.99 10.44
C TRP FA 305 -38.10 33.05 11.06
N ASP FA 306 -39.30 33.58 11.32
CA ASP FA 306 -40.43 32.75 11.72
C ASP FA 306 -41.56 33.02 10.74
N LEU FA 307 -42.06 31.97 10.09
CA LEU FA 307 -43.05 32.12 9.03
C LEU FA 307 -44.44 32.45 9.55
N ARG FA 308 -44.68 32.37 10.86
CA ARG FA 308 -45.96 32.78 11.42
C ARG FA 308 -46.11 34.28 11.54
N LYS FA 309 -45.01 35.04 11.41
CA LYS FA 309 -45.05 36.49 11.50
C LYS FA 309 -44.70 37.18 10.19
N GLN FA 310 -43.76 36.63 9.43
CA GLN FA 310 -43.34 37.23 8.17
C GLN FA 310 -44.42 37.10 7.10
N GLN FA 311 -44.96 35.90 6.94
CA GLN FA 311 -46.05 35.65 6.01
C GLN FA 311 -47.21 35.04 6.80
N PRO FA 312 -48.07 35.85 7.40
CA PRO FA 312 -49.10 35.32 8.31
C PRO FA 312 -50.20 34.56 7.59
N TYR FA 313 -50.83 33.67 8.34
CA TYR FA 313 -51.82 32.75 7.79
C TYR FA 313 -52.72 32.29 8.91
N ASP FA 314 -54.04 32.33 8.67
CA ASP FA 314 -55.09 31.75 9.53
C ASP FA 314 -55.05 32.31 10.95
N ALA FA 315 -55.26 33.62 11.08
CA ALA FA 315 -55.33 34.42 12.31
C ALA FA 315 -54.04 34.34 13.13
N TYR FA 316 -52.88 34.08 12.54
CA TYR FA 316 -51.62 34.25 13.25
C TYR FA 316 -51.20 35.70 13.37
N ASN FA 317 -51.77 36.59 12.54
CA ASN FA 317 -51.53 38.02 12.68
C ASN FA 317 -52.42 38.67 13.74
N LEU FA 318 -53.52 38.02 14.14
CA LEU FA 318 -54.31 38.53 15.26
C LEU FA 318 -53.84 38.04 16.62
N VAL FA 319 -52.84 37.17 16.70
CA VAL FA 319 -52.30 36.74 17.99
C VAL FA 319 -50.92 37.34 18.17
N ASN FA 320 -50.50 37.51 19.43
CA ASN FA 320 -49.24 38.14 19.77
C ASN FA 320 -48.36 37.15 20.52
N PHE FA 321 -47.12 36.98 20.06
CA PHE FA 321 -46.18 36.06 20.69
C PHE FA 321 -44.76 36.48 20.37
N ASP FA 322 -43.82 35.90 21.10
CA ASP FA 322 -42.39 36.11 20.88
C ASP FA 322 -41.80 34.89 20.20
N VAL FA 323 -40.68 35.09 19.53
CA VAL FA 323 -40.02 34.07 18.72
C VAL FA 323 -38.69 33.71 19.39
N PRO FA 324 -38.44 32.43 19.69
CA PRO FA 324 -37.17 32.06 20.32
C PRO FA 324 -36.02 32.05 19.32
N ILE FA 325 -34.97 32.80 19.62
CA ILE FA 325 -33.79 32.91 18.76
C ILE FA 325 -32.58 32.44 19.55
N GLY FA 326 -31.83 31.49 18.98
CA GLY FA 326 -30.61 31.03 19.59
C GLY FA 326 -29.40 31.86 19.16
N THR FA 327 -28.26 31.57 19.80
CA THR FA 327 -27.02 32.27 19.49
C THR FA 327 -25.91 31.32 19.03
N LYS FA 328 -25.66 30.25 19.78
CA LYS FA 328 -24.53 29.38 19.48
C LYS FA 328 -24.80 28.44 18.31
N GLY FA 329 -26.05 28.04 18.10
CA GLY FA 329 -26.38 27.15 17.02
C GLY FA 329 -26.12 25.69 17.29
N ASP FA 330 -25.85 25.31 18.54
CA ASP FA 330 -25.60 23.93 18.91
C ASP FA 330 -26.92 23.23 19.24
N CYS FA 331 -26.83 22.03 19.81
CA CYS FA 331 -28.05 21.31 20.19
C CYS FA 331 -28.71 21.92 21.41
N TYR FA 332 -27.94 22.57 22.28
CA TYR FA 332 -28.49 23.18 23.48
C TYR FA 332 -29.35 24.40 23.14
N ASP FA 333 -28.90 25.21 22.18
CA ASP FA 333 -29.68 26.37 21.75
C ASP FA 333 -30.95 25.95 21.02
N ARG FA 334 -30.88 24.86 20.24
CA ARG FA 334 -32.07 24.37 19.55
C ARG FA 334 -33.06 23.73 20.52
N TYR FA 335 -32.54 23.05 21.55
CA TYR FA 335 -33.40 22.48 22.59
C TYR FA 335 -34.08 23.58 23.40
N LEU FA 336 -33.34 24.64 23.75
CA LEU FA 336 -33.92 25.78 24.45
C LEU FA 336 -34.91 26.52 23.57
N CYS FA 337 -34.66 26.60 22.27
CA CYS FA 337 -35.61 27.21 21.33
C CYS FA 337 -36.89 26.38 21.23
N ARG FA 338 -36.79 25.06 21.27
CA ARG FA 338 -37.97 24.21 21.19
C ARG FA 338 -38.81 24.31 22.47
N VAL FA 339 -38.16 24.31 23.63
CA VAL FA 339 -38.91 24.44 24.89
C VAL FA 339 -39.50 25.85 25.02
N GLU FA 340 -38.79 26.87 24.51
CA GLU FA 340 -39.36 28.21 24.49
C GLU FA 340 -40.51 28.33 23.48
N GLU FA 341 -40.48 27.54 22.41
CA GLU FA 341 -41.63 27.45 21.51
C GLU FA 341 -42.83 26.83 22.22
N MET FA 342 -42.60 25.80 23.03
CA MET FA 342 -43.64 25.25 23.89
C MET FA 342 -44.15 26.27 24.91
N ARG FA 343 -43.30 27.18 25.36
CA ARG FA 343 -43.75 28.21 26.29
C ARG FA 343 -44.58 29.27 25.61
N GLN FA 344 -44.18 29.72 24.41
CA GLN FA 344 -44.93 30.75 23.70
C GLN FA 344 -46.21 30.21 23.07
N SER FA 345 -46.27 28.91 22.78
CA SER FA 345 -47.51 28.33 22.27
C SER FA 345 -48.60 28.32 23.33
N LEU FA 346 -48.23 28.32 24.62
CA LEU FA 346 -49.20 28.44 25.69
C LEU FA 346 -49.89 29.79 25.69
N ARG FA 347 -49.15 30.89 25.43
CA ARG FA 347 -49.82 32.18 25.37
C ARG FA 347 -50.57 32.40 24.06
N ILE FA 348 -50.17 31.74 22.97
CA ILE FA 348 -51.02 31.76 21.77
C ILE FA 348 -52.31 30.99 22.02
N ILE FA 349 -52.23 29.88 22.75
CA ILE FA 349 -53.40 29.11 23.16
C ILE FA 349 -54.30 29.95 24.07
N ASP FA 350 -53.69 30.71 24.99
CA ASP FA 350 -54.43 31.60 25.88
C ASP FA 350 -55.17 32.69 25.12
N GLN FA 351 -54.52 33.29 24.11
CA GLN FA 351 -55.19 34.29 23.29
C GLN FA 351 -56.31 33.67 22.44
N CYS FA 352 -56.10 32.44 21.94
CA CYS FA 352 -57.12 31.78 21.14
C CYS FA 352 -58.34 31.39 21.95
N LEU FA 353 -58.16 30.96 23.21
CA LEU FA 353 -59.32 30.73 24.06
C LEU FA 353 -59.93 32.03 24.57
N ASN FA 354 -59.14 33.10 24.66
CA ASN FA 354 -59.69 34.37 25.14
C ASN FA 354 -60.59 35.02 24.10
N GLN FA 355 -60.16 35.06 22.84
CA GLN FA 355 -61.03 35.56 21.77
C GLN FA 355 -61.33 34.42 20.78
N MET FA 356 -62.61 34.08 20.70
CA MET FA 356 -63.11 33.09 19.74
C MET FA 356 -64.48 33.57 19.28
N PRO FA 357 -64.65 33.91 18.02
CA PRO FA 357 -65.96 34.40 17.55
C PRO FA 357 -66.97 33.29 17.42
N ALA FA 358 -68.24 33.67 17.54
CA ALA FA 358 -69.36 32.75 17.36
C ALA FA 358 -69.82 32.83 15.92
N GLY FA 359 -69.60 31.76 15.17
CA GLY FA 359 -69.96 31.78 13.76
C GLY FA 359 -69.85 30.41 13.15
N GLU FA 360 -69.87 30.38 11.83
CA GLU FA 360 -69.81 29.15 11.06
C GLU FA 360 -68.39 28.58 11.07
N ILE FA 361 -68.30 27.29 10.72
CA ILE FA 361 -67.04 26.56 10.77
C ILE FA 361 -66.48 26.36 9.36
N LYS FA 362 -67.37 26.21 8.38
CA LYS FA 362 -66.98 25.98 7.00
C LYS FA 362 -67.33 27.21 6.17
N THR FA 363 -66.71 27.32 5.00
CA THR FA 363 -67.14 28.34 4.06
C THR FA 363 -68.51 27.99 3.51
N ASP FA 364 -69.26 29.01 3.10
CA ASP FA 364 -70.63 28.78 2.68
C ASP FA 364 -70.78 28.57 1.19
N ASP FA 365 -69.68 28.53 0.43
CA ASP FA 365 -69.74 28.03 -0.93
C ASP FA 365 -69.96 26.52 -0.87
N ALA FA 366 -71.17 26.08 -1.18
CA ALA FA 366 -71.53 24.67 -1.06
C ALA FA 366 -70.93 23.80 -2.16
N LYS FA 367 -70.33 24.39 -3.19
CA LYS FA 367 -69.66 23.63 -4.22
C LYS FA 367 -68.20 23.33 -3.90
N VAL FA 368 -67.66 23.90 -2.83
CA VAL FA 368 -66.33 23.54 -2.36
C VAL FA 368 -66.34 22.93 -0.97
N ALA FA 369 -67.43 23.05 -0.22
CA ALA FA 369 -67.56 22.48 1.11
C ALA FA 369 -68.86 21.68 1.18
N PRO FA 370 -68.86 20.54 1.88
CA PRO FA 370 -70.09 19.76 2.03
C PRO FA 370 -71.10 20.48 2.89
N PRO FA 371 -72.38 20.39 2.56
CA PRO FA 371 -73.41 21.08 3.34
C PRO FA 371 -73.74 20.31 4.61
N SER FA 372 -74.62 20.89 5.42
CA SER FA 372 -75.09 20.24 6.64
C SER FA 372 -76.00 19.08 6.30
N ARG FA 373 -76.10 18.14 7.24
CA ARG FA 373 -76.90 16.94 7.01
C ARG FA 373 -78.40 17.23 7.03
N SER FA 374 -78.82 18.26 7.77
CA SER FA 374 -80.22 18.68 7.72
C SER FA 374 -80.57 19.30 6.37
N GLU FA 375 -79.67 20.11 5.82
CA GLU FA 375 -79.87 20.65 4.47
C GLU FA 375 -79.76 19.57 3.41
N MET FA 376 -78.90 18.57 3.63
CA MET FA 376 -78.78 17.47 2.68
C MET FA 376 -80.03 16.60 2.67
N LYS FA 377 -80.61 16.34 3.85
CA LYS FA 377 -81.81 15.53 3.95
C LYS FA 377 -83.09 16.33 3.76
N THR FA 378 -83.00 17.65 3.65
CA THR FA 378 -84.19 18.48 3.47
C THR FA 378 -84.22 19.14 2.09
N SER FA 379 -83.17 19.85 1.69
CA SER FA 379 -83.21 20.60 0.46
C SER FA 379 -82.61 19.80 -0.69
N MET FA 380 -82.83 20.31 -1.91
CA MET FA 380 -82.45 19.59 -3.13
C MET FA 380 -81.03 19.92 -3.60
N GLU FA 381 -80.68 21.21 -3.61
CA GLU FA 381 -79.35 21.64 -4.06
C GLU FA 381 -78.25 21.14 -3.13
N ALA FA 382 -78.52 21.10 -1.83
CA ALA FA 382 -77.53 20.55 -0.90
C ALA FA 382 -77.38 19.04 -1.07
N LEU FA 383 -78.45 18.33 -1.43
CA LEU FA 383 -78.32 16.90 -1.70
C LEU FA 383 -77.53 16.65 -2.98
N ILE FA 384 -77.75 17.47 -4.01
CA ILE FA 384 -77.00 17.36 -5.26
C ILE FA 384 -75.53 17.66 -5.03
N HIS FA 385 -75.23 18.70 -4.25
CA HIS FA 385 -73.84 19.04 -3.96
C HIS FA 385 -73.17 18.02 -3.05
N HIS FA 386 -73.92 17.43 -2.10
CA HIS FA 386 -73.39 16.35 -1.27
C HIS FA 386 -73.06 15.12 -2.10
N PHE FA 387 -73.98 14.76 -3.02
CA PHE FA 387 -73.77 13.66 -3.95
C PHE FA 387 -72.54 13.89 -4.82
N LYS FA 388 -72.43 15.08 -5.41
CA LYS FA 388 -71.33 15.36 -6.33
C LYS FA 388 -70.00 15.43 -5.61
N LEU FA 389 -69.89 16.29 -4.59
CA LEU FA 389 -68.66 16.44 -3.82
C LEU FA 389 -68.27 15.21 -3.00
N PHE FA 390 -69.16 14.23 -2.84
CA PHE FA 390 -68.71 12.95 -2.27
C PHE FA 390 -68.65 11.82 -3.30
N THR FA 391 -68.85 12.09 -4.59
CA THR FA 391 -68.44 11.16 -5.63
C THR FA 391 -67.21 11.64 -6.39
N GLN FA 392 -67.28 12.81 -7.02
CA GLN FA 392 -66.15 13.36 -7.76
C GLN FA 392 -65.86 14.76 -7.24
N GLY FA 393 -64.57 15.04 -6.99
CA GLY FA 393 -64.17 16.19 -6.21
C GLY FA 393 -64.49 17.53 -6.85
N TYR FA 394 -64.41 18.57 -6.03
CA TYR FA 394 -64.74 19.92 -6.48
C TYR FA 394 -63.73 20.41 -7.51
N GLN FA 395 -64.25 21.05 -8.56
CA GLN FA 395 -63.44 21.46 -9.70
C GLN FA 395 -62.60 22.66 -9.31
N VAL FA 396 -61.33 22.41 -9.04
CA VAL FA 396 -60.34 23.46 -8.75
C VAL FA 396 -59.94 24.06 -10.09
N PRO FA 397 -59.82 25.39 -10.20
CA PRO FA 397 -59.37 26.00 -11.45
C PRO FA 397 -57.95 25.62 -11.78
N PRO FA 398 -57.59 25.53 -13.06
CA PRO FA 398 -56.25 25.05 -13.44
C PRO FA 398 -55.19 26.09 -13.11
N GLY FA 399 -54.16 25.67 -12.39
CA GLY FA 399 -53.12 26.59 -12.01
C GLY FA 399 -52.17 25.96 -11.03
N ALA FA 400 -51.06 26.66 -10.81
CA ALA FA 400 -50.00 26.21 -9.92
C ALA FA 400 -49.90 27.15 -8.73
N THR FA 401 -49.69 26.59 -7.55
CA THR FA 401 -49.35 27.40 -6.39
C THR FA 401 -48.37 26.64 -5.52
N TYR FA 402 -47.58 27.39 -4.75
CA TYR FA 402 -46.70 26.80 -3.74
C TYR FA 402 -46.95 27.56 -2.45
N THR FA 403 -47.65 26.94 -1.52
CA THR FA 403 -47.82 27.51 -0.19
C THR FA 403 -46.78 26.88 0.73
N ALA FA 404 -46.48 27.57 1.82
CA ALA FA 404 -45.49 27.10 2.78
C ALA FA 404 -45.78 27.75 4.11
N ILE FA 405 -45.94 26.95 5.15
CA ILE FA 405 -46.20 27.45 6.48
C ILE FA 405 -45.09 26.97 7.41
N GLU FA 406 -45.12 27.49 8.63
CA GLU FA 406 -44.14 27.12 9.65
C GLU FA 406 -44.61 25.83 10.32
N ALA FA 407 -44.03 24.72 9.89
CA ALA FA 407 -44.13 23.49 10.62
C ALA FA 407 -43.31 23.60 11.91
N PRO FA 408 -43.60 22.77 12.92
CA PRO FA 408 -42.69 22.72 14.07
C PRO FA 408 -41.31 22.19 13.73
N LYS FA 409 -41.20 21.37 12.69
CA LYS FA 409 -39.90 20.94 12.21
C LYS FA 409 -39.19 22.05 11.45
N GLY FA 410 -39.96 22.87 10.74
CA GLY FA 410 -39.38 23.88 9.87
C GLY FA 410 -40.40 24.51 8.95
N GLU FA 411 -40.12 24.54 7.66
CA GLU FA 411 -41.05 25.07 6.67
C GLU FA 411 -41.66 23.90 5.93
N PHE FA 412 -42.97 23.72 6.06
CA PHE FA 412 -43.69 22.68 5.34
C PHE FA 412 -44.35 23.31 4.14
N GLY FA 413 -44.04 22.82 2.95
CA GLY FA 413 -44.52 23.41 1.72
C GLY FA 413 -45.29 22.43 0.87
N VAL FA 414 -46.32 22.95 0.19
CA VAL FA 414 -47.08 22.19 -0.79
C VAL FA 414 -47.00 22.94 -2.11
N TYR FA 415 -46.42 22.30 -3.12
CA TYR FA 415 -46.44 22.77 -4.49
C TYR FA 415 -47.56 21.99 -5.19
N LEU FA 416 -48.74 22.59 -5.25
CA LEU FA 416 -49.92 21.94 -5.78
C LEU FA 416 -50.25 22.53 -7.14
N ILE FA 417 -50.34 21.66 -8.15
CA ILE FA 417 -50.61 22.07 -9.52
C ILE FA 417 -51.83 21.30 -9.99
N SER FA 418 -52.86 22.03 -10.44
CA SER FA 418 -54.14 21.45 -10.81
C SER FA 418 -54.41 21.69 -12.29
N ASP FA 419 -54.98 20.66 -12.93
CA ASP FA 419 -55.28 20.70 -14.36
C ASP FA 419 -56.74 21.01 -14.66
N GLY FA 420 -57.51 21.40 -13.65
CA GLY FA 420 -58.91 21.72 -13.83
C GLY FA 420 -59.88 20.59 -13.58
N SER FA 421 -59.39 19.38 -13.36
CA SER FA 421 -60.24 18.24 -13.09
C SER FA 421 -60.45 18.12 -11.59
N SER FA 422 -61.08 17.02 -11.16
CA SER FA 422 -61.34 16.78 -9.75
C SER FA 422 -60.14 16.21 -9.02
N ARG FA 423 -59.07 15.86 -9.72
CA ARG FA 423 -57.85 15.30 -9.16
C ARG FA 423 -56.68 16.26 -9.38
N PRO FA 424 -55.71 16.31 -8.45
CA PRO FA 424 -54.53 17.14 -8.68
C PRO FA 424 -53.62 16.51 -9.73
N TYR FA 425 -53.04 17.35 -10.58
CA TYR FA 425 -52.03 16.87 -11.51
C TYR FA 425 -50.72 16.59 -10.78
N ARG FA 426 -50.33 17.47 -9.87
CA ARG FA 426 -49.06 17.30 -9.16
C ARG FA 426 -49.20 17.87 -7.76
N CYS FA 427 -48.70 17.13 -6.77
CA CYS FA 427 -48.66 17.62 -5.39
C CYS FA 427 -47.28 17.30 -4.83
N LYS FA 428 -46.32 18.20 -5.01
CA LYS FA 428 -44.99 18.02 -4.47
C LYS FA 428 -44.95 18.55 -3.03
N ILE FA 429 -44.35 17.79 -2.12
CA ILE FA 429 -44.28 18.17 -0.72
C ILE FA 429 -42.85 18.54 -0.37
N LYS FA 430 -42.64 19.78 0.05
CA LYS FA 430 -41.39 20.21 0.65
C LYS FA 430 -41.45 19.88 2.14
N ALA FA 431 -40.73 18.86 2.53
CA ALA FA 431 -40.51 18.55 3.93
C ALA FA 431 -39.26 19.25 4.42
N PRO FA 432 -39.28 19.87 5.60
CA PRO FA 432 -38.06 20.50 6.11
C PRO FA 432 -37.02 19.49 6.57
N GLY FA 433 -37.46 18.28 6.95
CA GLY FA 433 -36.52 17.27 7.41
C GLY FA 433 -35.61 16.74 6.32
N PHE FA 434 -36.06 16.80 5.07
CA PHE FA 434 -35.22 16.43 3.92
C PHE FA 434 -34.02 17.37 3.78
N ALA FA 435 -34.27 18.67 3.84
CA ALA FA 435 -33.20 19.65 3.76
C ALA FA 435 -32.36 19.70 5.03
N HIS FA 436 -32.95 19.35 6.18
CA HIS FA 436 -32.15 19.24 7.40
C HIS FA 436 -31.23 18.03 7.36
N LEU FA 437 -31.71 16.93 6.78
CA LEU FA 437 -30.96 15.69 6.70
C LEU FA 437 -29.91 15.72 5.60
N ALA FA 438 -30.09 16.59 4.59
CA ALA FA 438 -29.13 16.68 3.50
C ALA FA 438 -27.78 17.28 3.91
N ALA FA 439 -27.69 17.92 5.08
CA ALA FA 439 -26.43 18.47 5.57
C ALA FA 439 -25.81 17.61 6.67
N LEU FA 440 -26.37 16.42 6.91
CA LEU FA 440 -25.81 15.49 7.88
C LEU FA 440 -24.44 14.97 7.45
N GLU FA 441 -24.21 14.90 6.13
CA GLU FA 441 -22.91 14.47 5.61
C GLU FA 441 -21.80 15.45 5.95
N LYS FA 442 -22.12 16.75 6.04
CA LYS FA 442 -21.05 17.68 6.37
C LYS FA 442 -20.97 17.91 7.89
N ILE FA 443 -22.13 17.91 8.56
CA ILE FA 443 -22.16 18.14 10.01
C ILE FA 443 -21.55 16.95 10.77
N GLY FA 444 -21.85 15.73 10.32
CA GLY FA 444 -21.41 14.55 11.03
C GLY FA 444 -19.95 14.18 10.87
N LYS FA 445 -19.21 14.83 9.97
CA LYS FA 445 -17.78 14.57 9.86
C LYS FA 445 -17.03 15.19 11.03
N GLN FA 446 -15.99 14.46 11.49
CA GLN FA 446 -15.10 14.85 12.59
C GLN FA 446 -15.85 15.07 13.89
N HIS FA 447 -16.93 14.31 14.08
CA HIS FA 447 -17.67 14.24 15.32
C HIS FA 447 -17.62 12.80 15.82
N MET FA 448 -17.98 12.61 17.08
CA MET FA 448 -17.94 11.27 17.64
C MET FA 448 -19.26 10.55 17.35
N LEU FA 449 -19.37 9.31 17.83
CA LEU FA 449 -20.55 8.50 17.55
C LEU FA 449 -21.75 8.97 18.36
N ALA FA 450 -21.53 9.28 19.64
CA ALA FA 450 -22.58 9.86 20.46
C ALA FA 450 -22.92 11.28 20.03
N ASP FA 451 -21.95 11.99 19.44
CA ASP FA 451 -22.21 13.28 18.82
C ASP FA 451 -23.22 13.17 17.68
N VAL FA 452 -23.04 12.17 16.81
CA VAL FA 452 -23.94 11.95 15.69
C VAL FA 452 -25.32 11.49 16.18
N VAL FA 453 -25.34 10.67 17.24
CA VAL FA 453 -26.61 10.26 17.85
C VAL FA 453 -27.37 11.47 18.40
N ALA FA 454 -26.65 12.40 19.04
CA ALA FA 454 -27.28 13.65 19.47
C ALA FA 454 -27.64 14.56 18.30
N ILE FA 455 -26.96 14.45 17.16
CA ILE FA 455 -27.26 15.30 16.00
C ILE FA 455 -28.58 14.88 15.35
N ILE FA 456 -28.77 13.58 15.09
CA ILE FA 456 -30.10 13.11 14.67
C ILE FA 456 -31.15 13.32 15.77
N GLY FA 457 -30.74 13.27 17.04
CA GLY FA 457 -31.65 13.64 18.12
C GLY FA 457 -32.10 15.09 18.10
N THR FA 458 -31.24 16.01 17.64
CA THR FA 458 -31.59 17.42 17.60
C THR FA 458 -31.98 17.92 16.21
N LEU FA 459 -31.84 17.09 15.17
CA LEU FA 459 -32.23 17.51 13.83
C LEU FA 459 -33.74 17.58 13.66
N ASP FA 460 -34.49 16.89 14.53
CA ASP FA 460 -35.94 16.82 14.54
C ASP FA 460 -36.48 16.31 13.21
N VAL FA 461 -35.99 15.13 12.82
CA VAL FA 461 -36.38 14.52 11.56
C VAL FA 461 -37.43 13.44 11.80
N VAL FA 462 -38.39 13.39 10.88
CA VAL FA 462 -39.40 12.35 10.77
C VAL FA 462 -39.40 11.86 9.34
N PHE FA 463 -39.15 10.57 9.16
CA PHE FA 463 -38.78 10.07 7.84
C PHE FA 463 -39.97 9.75 6.96
N GLY FA 464 -41.20 9.87 7.47
CA GLY FA 464 -42.37 9.73 6.61
C GLY FA 464 -42.47 10.85 5.59
N GLU FA 465 -42.21 12.09 6.01
CA GLU FA 465 -42.21 13.21 5.08
C GLU FA 465 -40.90 13.35 4.32
N ILE FA 466 -39.79 12.84 4.88
CA ILE FA 466 -38.53 12.82 4.16
C ILE FA 466 -38.58 11.84 3.01
N ASP FA 467 -39.10 10.64 3.25
CA ASP FA 467 -39.26 9.66 2.20
C ASP FA 467 -40.51 9.88 1.36
N ARG FA 468 -41.42 10.75 1.82
CA ARG FA 468 -42.64 11.18 1.14
C ARG FA 468 -43.56 10.03 0.70
N UNK GA 1 -132.59 37.55 -29.53
CA UNK GA 1 -132.39 36.24 -30.13
C UNK GA 1 -131.25 35.49 -29.44
N UNK GA 2 -130.69 36.11 -28.39
CA UNK GA 2 -129.61 35.47 -27.64
C UNK GA 2 -130.14 34.35 -26.76
N UNK GA 3 -131.29 34.56 -26.12
CA UNK GA 3 -131.85 33.56 -25.22
C UNK GA 3 -132.67 32.50 -25.94
N UNK GA 4 -132.92 32.67 -27.23
CA UNK GA 4 -133.71 31.71 -28.00
C UNK GA 4 -132.88 30.55 -28.55
N UNK GA 5 -131.57 30.56 -28.33
CA UNK GA 5 -130.73 29.48 -28.82
C UNK GA 5 -130.90 28.23 -27.98
N UNK GA 6 -130.86 27.07 -28.63
CA UNK GA 6 -131.01 25.79 -27.97
C UNK GA 6 -129.65 25.31 -27.46
N UNK GA 7 -129.58 24.05 -27.02
CA UNK GA 7 -128.32 23.50 -26.52
C UNK GA 7 -127.36 23.19 -27.65
N UNK GA 8 -127.88 22.76 -28.81
CA UNK GA 8 -127.06 22.44 -29.97
C UNK GA 8 -127.31 23.43 -31.11
N UNK GA 9 -127.51 24.70 -30.77
CA UNK GA 9 -127.81 25.72 -31.79
C UNK GA 9 -126.57 26.13 -32.57
N UNK GA 10 -125.39 26.11 -31.94
CA UNK GA 10 -124.17 26.52 -32.62
C UNK GA 10 -123.75 25.50 -33.67
N UNK GA 11 -123.86 24.21 -33.36
CA UNK GA 11 -123.54 23.17 -34.33
C UNK GA 11 -124.59 23.11 -35.44
N UNK GA 12 -125.84 23.43 -35.13
CA UNK GA 12 -126.87 23.49 -36.16
C UNK GA 12 -126.66 24.68 -37.09
N UNK GA 13 -126.18 25.80 -36.54
CA UNK GA 13 -125.86 26.95 -37.39
C UNK GA 13 -124.59 26.70 -38.21
N UNK GA 14 -123.64 25.95 -37.66
CA UNK GA 14 -122.45 25.57 -38.44
C UNK GA 14 -122.79 24.55 -39.51
N UNK GA 15 -123.81 23.72 -39.28
CA UNK GA 15 -124.28 22.81 -40.32
C UNK GA 15 -124.97 23.57 -41.45
N UNK GA 16 -125.67 24.66 -41.13
CA UNK GA 16 -126.27 25.49 -42.14
C UNK GA 16 -125.21 26.35 -42.82
N UNK GA 17 -125.59 26.93 -43.97
CA UNK GA 17 -124.77 27.79 -44.82
C UNK GA 17 -123.47 27.10 -45.28
N UNK GA 18 -123.53 25.77 -45.47
CA UNK GA 18 -122.38 25.05 -46.01
C UNK GA 18 -122.27 25.23 -47.52
N UNK GA 19 -123.40 25.38 -48.21
CA UNK GA 19 -123.37 25.60 -49.66
C UNK GA 19 -122.94 27.02 -50.00
N UNK GA 20 -123.17 27.97 -49.10
CA UNK GA 20 -122.84 29.38 -49.36
C UNK GA 20 -121.43 29.69 -48.86
N UNK GA 21 -120.45 28.98 -49.44
CA UNK GA 21 -119.06 29.20 -49.14
C UNK GA 21 -118.22 28.80 -50.35
N UNK GA 22 -117.02 29.35 -50.42
CA UNK GA 22 -116.11 29.08 -51.52
C UNK GA 22 -115.22 27.89 -51.17
N UNK GA 23 -114.31 27.53 -52.07
CA UNK GA 23 -113.41 26.41 -51.85
C UNK GA 23 -112.30 26.80 -50.89
N UNK GA 24 -111.92 25.86 -50.04
CA UNK GA 24 -110.84 26.07 -49.08
C UNK GA 24 -109.50 25.74 -49.72
N UNK GA 25 -108.44 25.69 -48.91
CA UNK GA 25 -107.12 25.35 -49.41
C UNK GA 25 -107.03 23.87 -49.75
N UNK GA 26 -106.20 23.56 -50.75
CA UNK GA 26 -106.15 22.22 -51.32
C UNK GA 26 -105.18 21.30 -50.57
N UNK GA 27 -103.90 21.70 -50.51
CA UNK GA 27 -102.77 20.92 -49.97
C UNK GA 27 -102.64 19.52 -50.56
N PRO HA 36 -96.56 58.41 -47.34
CA PRO HA 36 -96.43 57.89 -45.98
C PRO HA 36 -97.59 58.31 -45.08
N GLY HA 37 -97.80 57.57 -44.00
CA GLY HA 37 -98.86 57.88 -43.06
C GLY HA 37 -98.36 58.08 -41.65
N THR HA 38 -98.71 59.22 -41.05
CA THR HA 38 -98.29 59.54 -39.70
C THR HA 38 -99.48 60.03 -38.88
N PRO HA 39 -99.47 59.80 -37.57
CA PRO HA 39 -100.51 60.39 -36.72
C PRO HA 39 -100.29 61.88 -36.56
N PRO HA 40 -101.30 62.70 -36.82
CA PRO HA 40 -101.16 64.16 -36.63
C PRO HA 40 -101.10 64.52 -35.17
N PRO HA 41 -100.48 65.65 -34.83
CA PRO HA 41 -100.47 66.10 -33.43
C PRO HA 41 -101.85 66.51 -32.96
N GLN HA 42 -102.08 66.38 -31.65
CA GLN HA 42 -103.42 66.58 -31.12
C GLN HA 42 -103.75 68.05 -30.95
N THR HA 43 -102.92 68.79 -30.19
CA THR HA 43 -103.12 70.19 -29.80
C THR HA 43 -104.48 70.42 -29.13
N LYS HA 44 -104.85 69.52 -28.22
CA LYS HA 44 -106.05 69.68 -27.39
C LYS HA 44 -105.66 69.45 -25.95
N THR HA 45 -106.19 70.29 -25.06
CA THR HA 45 -105.78 70.22 -23.65
C THR HA 45 -106.65 69.24 -22.87
N LYS HA 46 -107.97 69.39 -22.94
CA LYS HA 46 -108.90 68.62 -22.12
C LYS HA 46 -109.47 67.47 -22.96
N PHE HA 47 -109.35 66.26 -22.44
CA PHE HA 47 -109.83 65.06 -23.11
C PHE HA 47 -111.06 64.46 -22.45
N GLY HA 48 -111.68 65.18 -21.50
CA GLY HA 48 -112.76 64.64 -20.70
C GLY HA 48 -114.08 64.43 -21.41
N PRO HA 49 -114.80 65.50 -21.78
CA PRO HA 49 -116.14 65.32 -22.35
C PRO HA 49 -116.13 64.76 -23.77
N LEU HA 50 -117.24 64.13 -24.13
CA LEU HA 50 -117.49 63.62 -25.47
C LEU HA 50 -118.90 63.97 -25.93
N ALA HA 51 -119.22 63.50 -27.13
CA ALA HA 51 -120.56 63.60 -27.69
C ALA HA 51 -121.02 62.20 -28.08
N ASP HA 52 -122.33 61.98 -28.09
CA ASP HA 52 -122.86 60.67 -28.44
C ASP HA 52 -122.76 60.39 -29.94
N GLU HA 53 -122.57 61.41 -30.77
CA GLU HA 53 -122.36 61.21 -32.20
C GLU HA 53 -120.97 60.68 -32.52
N ASP HA 54 -120.02 60.82 -31.59
CA ASP HA 54 -118.67 60.30 -31.77
C ASP HA 54 -118.52 58.87 -31.28
N ARG HA 55 -119.60 58.24 -30.84
CA ARG HA 55 -119.54 56.86 -30.39
C ARG HA 55 -119.41 55.92 -31.59
N ILE HA 56 -118.38 55.08 -31.58
CA ILE HA 56 -118.21 54.08 -32.62
C ILE HA 56 -119.26 52.99 -32.48
N PHE HA 57 -119.49 52.52 -31.25
CA PHE HA 57 -120.49 51.49 -30.98
C PHE HA 57 -121.76 52.17 -30.50
N THR HA 58 -122.66 52.48 -31.43
CA THR HA 58 -123.91 53.16 -31.09
C THR HA 58 -124.97 52.22 -30.55
N ASN HA 59 -124.73 50.91 -30.59
CA ASN HA 59 -125.65 49.94 -30.02
C ASN HA 59 -124.91 49.03 -29.06
N LEU HA 60 -124.14 49.63 -28.15
CA LEU HA 60 -123.37 48.84 -27.19
C LEU HA 60 -124.29 48.17 -26.17
N TYR HA 61 -125.26 48.91 -25.64
CA TYR HA 61 -126.14 48.39 -24.59
C TYR HA 61 -127.28 47.56 -25.14
N GLY HA 62 -127.42 47.46 -26.46
CA GLY HA 62 -128.49 46.69 -27.06
C GLY HA 62 -129.87 47.29 -26.87
N ARG HA 63 -129.99 48.61 -26.95
CA ARG HA 63 -131.28 49.27 -26.94
C ARG HA 63 -131.93 49.28 -28.32
N HIS HA 64 -131.22 48.84 -29.35
CA HIS HA 64 -131.71 48.79 -30.72
C HIS HA 64 -131.64 47.35 -31.24
N ASP HA 65 -131.93 47.20 -32.52
CA ASP HA 65 -131.91 45.88 -33.15
C ASP HA 65 -130.47 45.45 -33.43
N TRP HA 66 -130.11 44.25 -32.98
CA TRP HA 66 -128.74 43.76 -33.15
C TRP HA 66 -128.54 43.13 -34.53
N ARG HA 67 -129.62 42.83 -35.24
CA ARG HA 67 -129.52 42.10 -36.49
C ARG HA 67 -129.17 43.03 -37.66
N LEU HA 68 -129.36 42.51 -38.87
CA LEU HA 68 -128.90 43.18 -40.08
C LEU HA 68 -129.72 44.43 -40.39
N LYS HA 69 -131.02 44.42 -40.10
CA LYS HA 69 -131.85 45.59 -40.34
C LYS HA 69 -131.50 46.74 -39.39
N GLY HA 70 -131.19 46.41 -38.14
CA GLY HA 70 -130.74 47.42 -37.20
C GLY HA 70 -129.39 48.01 -37.56
N ALA HA 71 -128.50 47.18 -38.10
CA ALA HA 71 -127.21 47.66 -38.58
C ALA HA 71 -127.37 48.53 -39.82
N LEU HA 72 -128.29 48.16 -40.72
CA LEU HA 72 -128.52 48.93 -41.93
C LEU HA 72 -129.19 50.27 -41.64
N LYS HA 73 -130.07 50.31 -40.64
CA LYS HA 73 -130.66 51.58 -40.22
C LYS HA 73 -129.77 52.34 -39.23
N ARG HA 74 -128.69 51.72 -38.76
CA ARG HA 74 -127.77 52.34 -37.81
C ARG HA 74 -126.50 52.85 -38.46
N GLY HA 75 -126.40 52.81 -39.79
CA GLY HA 75 -125.24 53.30 -40.49
C GLY HA 75 -124.16 52.28 -40.75
N ASP HA 76 -124.30 51.05 -40.27
CA ASP HA 76 -123.32 50.01 -40.54
C ASP HA 76 -123.49 49.48 -41.96
N TRP HA 77 -122.43 48.82 -42.44
CA TRP HA 77 -122.33 48.21 -43.78
C TRP HA 77 -122.56 49.24 -44.89
N TYR HA 78 -122.02 50.44 -44.69
CA TYR HA 78 -122.20 51.54 -45.63
C TYR HA 78 -120.85 51.91 -46.23
N LYS HA 79 -120.83 52.05 -47.56
CA LYS HA 79 -119.63 52.36 -48.37
C LYS HA 79 -118.52 51.34 -48.17
N THR HA 80 -118.87 50.07 -47.98
CA THR HA 80 -117.88 49.02 -47.81
C THR HA 80 -117.23 48.65 -49.14
N LYS HA 81 -118.00 48.70 -50.23
CA LYS HA 81 -117.52 48.31 -51.55
C LYS HA 81 -116.42 49.24 -52.04
N GLU HA 82 -116.59 50.55 -51.86
CA GLU HA 82 -115.56 51.50 -52.27
C GLU HA 82 -114.33 51.42 -51.38
N ILE HA 83 -114.52 51.11 -50.09
CA ILE HA 83 -113.39 50.96 -49.16
C ILE HA 83 -112.53 49.75 -49.55
N VAL HA 84 -113.17 48.61 -49.82
CA VAL HA 84 -112.41 47.43 -50.24
C VAL HA 84 -112.01 47.49 -51.71
N LEU HA 85 -112.53 48.45 -52.49
CA LEU HA 85 -112.10 48.62 -53.87
C LEU HA 85 -110.99 49.65 -54.03
N LYS HA 86 -110.78 50.53 -53.05
CA LYS HA 86 -109.73 51.53 -53.17
C LYS HA 86 -108.32 50.98 -52.95
N GLY HA 87 -108.18 49.75 -52.50
CA GLY HA 87 -106.89 49.11 -52.39
C GLY HA 87 -106.48 48.89 -50.94
N ALA HA 88 -105.55 47.94 -50.76
CA ALA HA 88 -105.07 47.60 -49.43
C ALA HA 88 -104.13 48.66 -48.88
N ASP HA 89 -103.37 49.32 -49.75
CA ASP HA 89 -102.40 50.33 -49.32
C ASP HA 89 -103.10 51.55 -48.75
N TRP HA 90 -104.24 51.94 -49.32
CA TRP HA 90 -105.01 53.06 -48.80
C TRP HA 90 -105.60 52.75 -47.43
N ILE HA 91 -106.06 51.51 -47.23
CA ILE HA 91 -106.64 51.11 -45.94
C ILE HA 91 -105.55 51.06 -44.86
N VAL HA 92 -104.39 50.47 -45.18
CA VAL HA 92 -103.33 50.40 -44.18
C VAL HA 92 -102.71 51.78 -43.95
N ASN HA 93 -102.76 52.68 -44.94
CA ASN HA 93 -102.33 54.05 -44.71
C ASN HA 93 -103.32 54.83 -43.85
N GLU HA 94 -104.62 54.53 -43.98
CA GLU HA 94 -105.61 55.15 -43.11
C GLU HA 94 -105.45 54.69 -41.67
N ILE HA 95 -105.17 53.40 -41.46
CA ILE HA 95 -104.95 52.88 -40.11
C ILE HA 95 -103.64 53.44 -39.53
N LYS HA 96 -102.61 53.60 -40.36
CA LYS HA 96 -101.37 54.21 -39.89
C LYS HA 96 -101.53 55.71 -39.62
N THR HA 97 -102.41 56.38 -40.37
CA THR HA 97 -102.63 57.81 -40.14
C THR HA 97 -103.45 58.05 -38.88
N SER HA 98 -104.39 57.14 -38.57
CA SER HA 98 -105.16 57.30 -37.34
C SER HA 98 -104.37 56.97 -36.09
N GLY HA 99 -103.27 56.24 -36.22
CA GLY HA 99 -102.46 55.88 -35.06
C GLY HA 99 -103.14 54.93 -34.09
N LEU HA 100 -103.87 53.96 -34.61
CA LEU HA 100 -104.58 53.00 -33.77
C LEU HA 100 -103.60 51.99 -33.21
N ARG HA 101 -103.49 51.93 -31.89
CA ARG HA 101 -102.62 50.96 -31.24
C ARG HA 101 -103.39 49.69 -30.92
N GLY HA 102 -102.71 48.75 -30.26
CA GLY HA 102 -103.34 47.49 -29.92
C GLY HA 102 -104.30 47.63 -28.76
N ARG HA 103 -105.38 46.84 -28.82
CA ARG HA 103 -106.43 46.92 -27.83
C ARG HA 103 -106.59 45.62 -27.04
N GLY HA 104 -105.78 44.61 -27.34
CA GLY HA 104 -105.89 43.31 -26.69
C GLY HA 104 -104.88 43.04 -25.59
N GLY HA 105 -104.05 44.02 -25.23
CA GLY HA 105 -103.07 43.82 -24.20
C GLY HA 105 -101.67 44.27 -24.54
N ALA HA 106 -101.45 44.85 -25.72
CA ALA HA 106 -100.14 45.33 -26.13
C ALA HA 106 -100.27 46.71 -26.74
N GLY HA 107 -99.19 47.48 -26.65
CA GLY HA 107 -99.11 48.80 -27.23
C GLY HA 107 -98.57 48.83 -28.64
N PHE HA 108 -98.52 47.69 -29.31
CA PHE HA 108 -98.00 47.59 -30.68
C PHE HA 108 -99.03 48.20 -31.63
N PRO HA 109 -98.67 49.22 -32.42
CA PRO HA 109 -99.67 49.85 -33.29
C PRO HA 109 -100.13 48.94 -34.43
N SER HA 110 -101.41 49.08 -34.76
CA SER HA 110 -102.10 48.14 -35.63
C SER HA 110 -101.75 48.32 -37.11
N GLY HA 111 -101.45 49.55 -37.53
CA GLY HA 111 -101.13 49.78 -38.94
C GLY HA 111 -99.80 49.17 -39.35
N MET HA 112 -98.78 49.28 -38.50
CA MET HA 112 -97.49 48.69 -38.81
C MET HA 112 -97.53 47.17 -38.69
N LYS HA 113 -98.40 46.66 -37.80
CA LYS HA 113 -98.63 45.21 -37.73
C LYS HA 113 -99.35 44.70 -38.97
N TRP HA 114 -100.32 45.47 -39.49
CA TRP HA 114 -101.03 45.06 -40.70
C TRP HA 114 -100.18 45.22 -41.95
N SER HA 115 -99.18 46.09 -41.90
CA SER HA 115 -98.29 46.29 -43.04
C SER HA 115 -97.31 45.13 -43.25
N PHE HA 116 -97.21 44.18 -42.31
CA PHE HA 116 -96.31 43.05 -42.49
C PHE HA 116 -96.83 42.04 -43.49
N MET HA 117 -98.13 42.06 -43.78
CA MET HA 117 -98.70 41.18 -44.78
C MET HA 117 -99.08 41.89 -46.08
N ASN HA 118 -98.50 43.07 -46.35
CA ASN HA 118 -98.60 43.63 -47.69
C ASN HA 118 -97.49 43.11 -48.60
N LYS HA 119 -96.62 42.25 -48.08
CA LYS HA 119 -95.61 41.58 -48.88
C LYS HA 119 -96.29 40.58 -49.82
N PRO HA 120 -95.71 40.32 -51.00
CA PRO HA 120 -96.31 39.33 -51.91
C PRO HA 120 -96.23 37.92 -51.36
N GLY HA 121 -97.23 37.11 -51.72
CA GLY HA 121 -97.32 35.77 -51.17
C GLY HA 121 -96.36 34.82 -51.89
N ASP HA 122 -96.05 33.72 -51.21
CA ASP HA 122 -95.18 32.68 -51.75
C ASP HA 122 -95.94 31.43 -52.17
N GLY HA 123 -97.17 31.58 -52.64
CA GLY HA 123 -98.01 30.44 -52.97
C GLY HA 123 -98.86 29.92 -51.84
N ARG HA 124 -98.73 30.50 -50.64
CA ARG HA 124 -99.49 30.09 -49.48
C ARG HA 124 -100.63 31.08 -49.23
N PRO HA 125 -101.78 30.62 -48.74
CA PRO HA 125 -102.89 31.55 -48.51
C PRO HA 125 -102.63 32.46 -47.31
N LYS HA 126 -103.33 33.59 -47.28
CA LYS HA 126 -103.19 34.55 -46.20
C LYS HA 126 -104.42 34.52 -45.31
N TYR HA 127 -104.21 34.76 -44.01
CA TYR HA 127 -105.29 34.59 -43.04
C TYR HA 127 -105.36 35.78 -42.09
N LEU HA 128 -106.57 36.24 -41.84
CA LEU HA 128 -106.89 37.13 -40.74
C LEU HA 128 -107.54 36.30 -39.65
N VAL HA 129 -106.98 36.34 -38.45
CA VAL HA 129 -107.53 35.60 -37.31
C VAL HA 129 -107.83 36.60 -36.21
N VAL HA 130 -109.08 36.66 -35.78
CA VAL HA 130 -109.52 37.57 -34.73
C VAL HA 130 -109.64 36.78 -33.44
N ASN HA 131 -108.75 37.07 -32.48
CA ASN HA 131 -108.82 36.44 -31.17
C ASN HA 131 -109.93 37.09 -30.35
N ALA HA 132 -110.61 36.28 -29.55
CA ALA HA 132 -111.90 36.66 -29.02
C ALA HA 132 -112.17 36.10 -27.63
N ASP HA 133 -111.12 35.87 -26.84
CA ASP HA 133 -111.28 35.09 -25.63
C ASP HA 133 -111.60 35.97 -24.43
N GLU HA 134 -110.91 37.13 -24.33
CA GLU HA 134 -110.97 38.13 -23.23
C GLU HA 134 -110.99 37.48 -21.84
N GLY HA 135 -110.08 36.53 -21.64
CA GLY HA 135 -110.10 35.75 -20.41
C GLY HA 135 -109.39 36.44 -19.26
N GLU HA 136 -108.85 37.63 -19.52
CA GLU HA 136 -108.32 38.45 -18.44
C GLU HA 136 -109.46 38.88 -17.54
N PRO HA 137 -109.30 38.79 -16.21
CA PRO HA 137 -110.39 39.17 -15.31
C PRO HA 137 -110.64 40.67 -15.32
N GLY HA 138 -111.92 41.04 -15.36
CA GLY HA 138 -112.32 42.40 -15.55
C GLY HA 138 -112.56 42.81 -17.00
N THR HA 139 -112.25 41.94 -17.96
CA THR HA 139 -112.29 42.29 -19.38
C THR HA 139 -113.54 41.67 -20.01
N CYS HA 140 -114.50 42.52 -20.35
CA CYS HA 140 -115.80 42.05 -20.83
C CYS HA 140 -116.40 42.93 -21.92
N LYS HA 141 -115.62 43.79 -22.55
CA LYS HA 141 -116.17 44.74 -23.53
C LYS HA 141 -116.51 44.06 -24.85
N ASP HA 142 -115.62 43.22 -25.35
CA ASP HA 142 -115.81 42.63 -26.66
C ASP HA 142 -116.87 41.54 -26.68
N ARG HA 143 -117.15 40.92 -25.52
CA ARG HA 143 -118.32 40.06 -25.37
C ARG HA 143 -119.60 40.83 -25.63
N GLU HA 144 -119.68 42.06 -25.12
CA GLU HA 144 -120.84 42.90 -25.34
C GLU HA 144 -120.93 43.33 -26.80
N ILE HA 145 -119.78 43.51 -27.46
CA ILE HA 145 -119.81 43.73 -28.91
C ILE HA 145 -120.28 42.48 -29.68
N MET HA 146 -119.96 41.27 -29.18
CA MET HA 146 -120.53 40.06 -29.81
C MET HA 146 -122.04 40.01 -29.66
N ARG HA 147 -122.54 40.34 -28.47
CA ARG HA 147 -123.96 40.18 -28.22
C ARG HA 147 -124.77 41.28 -28.90
N HIS HA 148 -124.16 42.44 -29.15
CA HIS HA 148 -124.96 43.57 -29.60
C HIS HA 148 -124.51 44.27 -30.88
N ASP HA 149 -123.26 44.14 -31.31
CA ASP HA 149 -122.80 44.73 -32.58
C ASP HA 149 -121.94 43.75 -33.38
N PRO HA 150 -122.53 42.69 -33.95
CA PRO HA 150 -121.70 41.69 -34.65
C PRO HA 150 -121.37 42.04 -36.10
N HIS HA 151 -122.24 42.82 -36.74
CA HIS HA 151 -122.04 43.15 -38.15
C HIS HA 151 -120.90 44.13 -38.34
N LYS HA 152 -120.62 44.95 -37.31
CA LYS HA 152 -119.40 45.76 -37.31
C LYS HA 152 -118.16 44.88 -37.31
N LEU HA 153 -118.18 43.80 -36.54
CA LEU HA 153 -117.06 42.85 -36.51
C LEU HA 153 -116.90 42.14 -37.85
N VAL HA 154 -118.02 41.76 -38.49
CA VAL HA 154 -117.95 41.09 -39.78
C VAL HA 154 -117.44 42.03 -40.88
N GLU HA 155 -117.92 43.27 -40.89
CA GLU HA 155 -117.47 44.27 -41.87
C GLU HA 155 -116.01 44.64 -41.66
N GLY HA 156 -115.58 44.73 -40.39
CA GLY HA 156 -114.18 44.96 -40.12
C GLY HA 156 -113.30 43.79 -40.51
N CYS HA 157 -113.81 42.56 -40.36
CA CYS HA 157 -113.07 41.38 -40.82
C CYS HA 157 -112.88 41.41 -42.32
N LEU HA 158 -113.93 41.79 -43.08
CA LEU HA 158 -113.81 41.91 -44.52
C LEU HA 158 -112.85 43.02 -44.93
N ILE HA 159 -112.90 44.16 -44.23
CA ILE HA 159 -112.04 45.29 -44.55
C ILE HA 159 -110.57 44.97 -44.23
N ALA HA 160 -110.31 44.34 -43.08
CA ALA HA 160 -108.93 44.00 -42.72
C ALA HA 160 -108.39 42.88 -43.58
N GLY HA 161 -109.24 41.92 -43.98
CA GLY HA 161 -108.81 40.89 -44.90
C GLY HA 161 -108.50 41.41 -46.28
N ARG HA 162 -109.22 42.45 -46.73
CA ARG HA 162 -108.82 43.16 -47.93
C ARG HA 162 -107.51 43.90 -47.71
N ALA HA 163 -107.31 44.45 -46.50
CA ALA HA 163 -106.13 45.25 -46.20
C ALA HA 163 -104.85 44.42 -46.16
N MET HA 164 -104.93 43.16 -45.75
CA MET HA 164 -103.75 42.31 -45.72
C MET HA 164 -103.76 41.21 -46.76
N GLY HA 165 -104.75 41.21 -47.66
CA GLY HA 165 -104.80 40.20 -48.71
C GLY HA 165 -105.36 38.86 -48.29
N ALA HA 166 -105.89 38.75 -47.07
CA ALA HA 166 -106.44 37.49 -46.60
C ALA HA 166 -107.79 37.20 -47.25
N GLN HA 167 -108.07 35.91 -47.44
CA GLN HA 167 -109.34 35.49 -48.02
C GLN HA 167 -110.19 34.66 -47.05
N ALA HA 168 -109.79 34.57 -45.78
CA ALA HA 168 -110.58 33.84 -44.80
C ALA HA 168 -110.42 34.51 -43.43
N ALA HA 169 -111.46 34.39 -42.61
CA ALA HA 169 -111.46 34.95 -41.26
C ALA HA 169 -111.83 33.87 -40.26
N TYR HA 170 -110.98 33.68 -39.25
CA TYR HA 170 -111.22 32.72 -38.19
C TYR HA 170 -111.39 33.48 -36.88
N ILE HA 171 -112.54 33.31 -36.25
CA ILE HA 171 -112.84 33.92 -34.96
C ILE HA 171 -112.93 32.79 -33.93
N TYR HA 172 -112.21 32.92 -32.83
CA TYR HA 172 -112.05 31.82 -31.88
C TYR HA 172 -112.81 32.24 -30.63
N ILE HA 173 -114.03 31.77 -30.51
CA ILE HA 173 -114.89 32.08 -29.37
C ILE HA 173 -114.56 31.08 -28.26
N ARG HA 174 -114.68 31.49 -27.00
CA ARG HA 174 -114.63 30.52 -25.93
C ARG HA 174 -115.94 29.73 -25.88
N GLY HA 175 -115.89 28.56 -25.22
CA GLY HA 175 -117.08 27.76 -25.01
C GLY HA 175 -118.02 28.33 -23.97
N GLU HA 176 -117.55 29.25 -23.13
CA GLU HA 176 -118.42 29.97 -22.24
C GLU HA 176 -119.41 30.85 -23.00
N PHE HA 177 -118.92 31.51 -24.06
CA PHE HA 177 -119.76 32.42 -24.84
C PHE HA 177 -120.52 31.62 -25.90
N TYR HA 178 -121.54 30.91 -25.43
CA TYR HA 178 -122.35 30.11 -26.35
C TYR HA 178 -123.40 30.95 -27.05
N ASN HA 179 -124.08 31.82 -26.30
CA ASN HA 179 -125.07 32.71 -26.89
C ASN HA 179 -124.40 33.77 -27.77
N GLU HA 180 -123.21 34.22 -27.39
CA GLU HA 180 -122.45 35.16 -28.23
C GLU HA 180 -122.01 34.51 -29.53
N ALA HA 181 -121.58 33.25 -29.48
CA ALA HA 181 -121.22 32.52 -30.70
C ALA HA 181 -122.45 32.22 -31.55
N SER HA 182 -123.60 31.98 -30.93
CA SER HA 182 -124.84 31.80 -31.68
C SER HA 182 -125.25 33.10 -32.38
N ASN HA 183 -125.11 34.24 -31.70
CA ASN HA 183 -125.41 35.53 -32.30
C ASN HA 183 -124.45 35.85 -33.44
N MET HA 184 -123.17 35.51 -33.26
CA MET HA 184 -122.18 35.75 -34.32
C MET HA 184 -122.41 34.85 -35.52
N GLN HA 185 -122.79 33.59 -35.30
CA GLN HA 185 -123.12 32.70 -36.41
C GLN HA 185 -124.40 33.12 -37.12
N LEU HA 186 -125.37 33.65 -36.37
CA LEU HA 186 -126.58 34.19 -36.99
C LEU HA 186 -126.28 35.42 -37.84
N ALA HA 187 -125.39 36.29 -37.37
CA ALA HA 187 -124.99 37.46 -38.15
C ALA HA 187 -124.17 37.07 -39.37
N ILE HA 188 -123.34 36.03 -39.25
CA ILE HA 188 -122.55 35.54 -40.38
C ILE HA 188 -123.46 34.90 -41.43
N ALA HA 189 -124.50 34.18 -40.98
CA ALA HA 189 -125.48 33.62 -41.91
C ALA HA 189 -126.31 34.71 -42.58
N GLU HA 190 -126.64 35.79 -41.84
CA GLU HA 190 -127.33 36.92 -42.44
C GLU HA 190 -126.45 37.64 -43.45
N ALA HA 191 -125.15 37.75 -43.19
CA ALA HA 191 -124.25 38.38 -44.15
C ALA HA 191 -124.03 37.51 -45.37
N TYR HA 192 -124.04 36.18 -45.20
CA TYR HA 192 -124.00 35.28 -46.35
C TYR HA 192 -125.27 35.37 -47.19
N GLN HA 193 -126.43 35.49 -46.53
CA GLN HA 193 -127.69 35.62 -47.26
C GLN HA 193 -127.80 36.97 -47.95
N ALA HA 194 -127.21 38.02 -47.38
CA ALA HA 194 -127.24 39.34 -48.01
C ALA HA 194 -126.18 39.52 -49.07
N GLY HA 195 -125.23 38.60 -49.19
CA GLY HA 195 -124.19 38.71 -50.19
C GLY HA 195 -123.08 39.68 -49.85
N LEU HA 196 -122.99 40.12 -48.59
CA LEU HA 196 -121.94 41.05 -48.18
C LEU HA 196 -120.58 40.40 -48.05
N ILE HA 197 -120.52 39.10 -47.72
CA ILE HA 197 -119.27 38.36 -47.66
C ILE HA 197 -119.40 37.09 -48.49
N GLY HA 198 -118.30 36.38 -48.63
CA GLY HA 198 -118.27 35.21 -49.48
C GLY HA 198 -117.67 35.53 -50.83
N LYS HA 199 -118.12 34.77 -51.84
CA LYS HA 199 -117.75 35.08 -53.22
C LYS HA 199 -118.47 36.33 -53.67
N ASN HA 200 -117.71 37.22 -54.34
CA ASN HA 200 -118.14 38.57 -54.75
C ASN HA 200 -118.67 39.37 -53.56
N ALA HA 201 -117.78 39.66 -52.61
CA ALA HA 201 -118.16 40.39 -51.41
C ALA HA 201 -118.42 41.85 -51.74
N CYS HA 202 -119.67 42.28 -51.50
CA CYS HA 202 -120.19 43.62 -51.78
C CYS HA 202 -120.04 44.00 -53.26
N GLY HA 203 -120.15 43.02 -54.14
CA GLY HA 203 -120.06 43.25 -55.58
C GLY HA 203 -118.70 43.70 -56.08
N THR HA 204 -117.61 43.19 -55.49
CA THR HA 204 -116.27 43.63 -55.82
C THR HA 204 -115.39 42.55 -56.42
N GLY HA 205 -115.84 41.30 -56.47
CA GLY HA 205 -115.02 40.23 -56.99
C GLY HA 205 -113.98 39.70 -56.02
N TYR HA 206 -114.08 40.05 -54.74
CA TYR HA 206 -113.13 39.60 -53.72
C TYR HA 206 -113.79 38.51 -52.88
N ASP HA 207 -113.09 37.39 -52.72
CA ASP HA 207 -113.61 36.24 -51.99
C ASP HA 207 -113.15 36.31 -50.54
N PHE HA 208 -114.10 36.22 -49.61
CA PHE HA 208 -113.78 36.31 -48.18
C PHE HA 208 -114.84 35.54 -47.40
N ASP HA 209 -114.49 34.36 -46.91
CA ASP HA 209 -115.37 33.53 -46.11
C ASP HA 209 -114.99 33.64 -44.65
N VAL HA 210 -115.91 34.11 -43.82
CA VAL HA 210 -115.67 34.28 -42.39
C VAL HA 210 -116.09 32.99 -41.69
N PHE HA 211 -115.11 32.25 -41.16
CA PHE HA 211 -115.36 30.96 -40.55
C PHE HA 211 -115.58 31.12 -39.05
N MET HA 212 -115.66 30.00 -38.33
CA MET HA 212 -115.87 29.97 -36.88
C MET HA 212 -115.00 28.92 -36.23
N HIS HA 213 -114.68 29.15 -34.96
CA HIS HA 213 -114.02 28.16 -34.12
C HIS HA 213 -114.45 28.42 -32.69
N ARG HA 214 -114.67 27.35 -31.91
CA ARG HA 214 -115.06 27.48 -30.52
C ARG HA 214 -114.09 26.70 -29.64
N GLY HA 215 -113.17 27.43 -28.99
CA GLY HA 215 -112.31 26.81 -28.00
C GLY HA 215 -113.04 26.53 -26.70
N ALA HA 216 -112.41 25.75 -25.83
CA ALA HA 216 -113.05 25.27 -24.61
C ALA HA 216 -112.22 25.64 -23.39
N GLY HA 217 -112.51 26.82 -22.83
CA GLY HA 217 -112.08 27.18 -21.48
C GLY HA 217 -110.59 27.29 -21.22
N ALA HA 218 -109.86 27.99 -22.09
CA ALA HA 218 -108.43 28.19 -21.92
C ALA HA 218 -108.13 29.68 -21.94
N TYR HA 219 -107.55 30.18 -20.85
CA TYR HA 219 -107.09 31.57 -20.83
C TYR HA 219 -105.80 31.74 -21.63
N ILE HA 220 -104.99 30.68 -21.70
CA ILE HA 220 -103.75 30.74 -22.48
C ILE HA 220 -104.06 30.82 -23.96
N CYS HA 221 -105.14 30.19 -24.40
CA CYS HA 221 -105.75 30.55 -25.66
C CYS HA 221 -106.26 31.99 -25.54
N GLY HA 222 -105.82 32.83 -26.46
CA GLY HA 222 -106.01 34.27 -26.31
C GLY HA 222 -104.68 34.94 -26.59
N GLU HA 223 -103.60 34.30 -26.16
CA GLU HA 223 -102.28 34.57 -26.71
C GLU HA 223 -102.30 34.20 -28.18
N GLU HA 224 -101.52 34.94 -28.99
CA GLU HA 224 -101.62 34.82 -30.44
C GLU HA 224 -101.17 33.45 -30.94
N THR HA 225 -99.97 33.02 -30.58
CA THR HA 225 -99.44 31.76 -31.08
C THR HA 225 -100.09 30.54 -30.44
N ALA HA 226 -100.58 30.68 -29.21
CA ALA HA 226 -101.41 29.63 -28.61
C ALA HA 226 -102.70 29.44 -29.38
N LEU HA 227 -103.29 30.54 -29.83
CA LEU HA 227 -104.53 30.41 -30.56
C LEU HA 227 -104.28 29.93 -31.98
N ILE HA 228 -103.11 30.21 -32.55
CA ILE HA 228 -102.65 29.51 -33.76
C ILE HA 228 -102.57 28.01 -33.54
N GLU HA 229 -101.92 27.57 -32.46
CA GLU HA 229 -101.76 26.15 -32.21
C GLU HA 229 -103.08 25.47 -31.84
N SER HA 230 -104.05 26.25 -31.35
CA SER HA 230 -105.36 25.69 -31.08
C SER HA 230 -106.25 25.65 -32.32
N LEU HA 231 -106.05 26.59 -33.27
CA LEU HA 231 -106.71 26.45 -34.57
C LEU HA 231 -106.11 25.33 -35.40
N GLU HA 232 -104.83 25.02 -35.21
CA GLU HA 232 -104.23 23.89 -35.92
C GLU HA 232 -104.62 22.54 -35.35
N GLY HA 233 -105.27 22.51 -34.19
CA GLY HA 233 -105.73 21.28 -33.60
C GLY HA 233 -104.90 20.77 -32.43
N LYS HA 234 -103.73 21.34 -32.21
CA LYS HA 234 -102.92 21.01 -31.06
C LYS HA 234 -103.51 21.69 -29.81
N GLN HA 235 -102.96 21.40 -28.65
CA GLN HA 235 -103.44 22.01 -27.42
C GLN HA 235 -102.50 23.15 -27.08
N GLY HA 236 -103.09 24.30 -26.70
CA GLY HA 236 -102.43 25.35 -25.91
C GLY HA 236 -101.13 25.88 -26.49
N LYS HA 237 -100.10 25.93 -25.62
CA LYS HA 237 -98.68 25.94 -25.92
C LYS HA 237 -98.22 26.99 -26.93
N PRO HA 238 -98.08 28.29 -26.54
CA PRO HA 238 -97.52 29.30 -27.44
C PRO HA 238 -96.16 28.98 -28.04
N ARG HA 239 -95.99 29.36 -29.31
CA ARG HA 239 -94.77 29.13 -30.07
C ARG HA 239 -93.78 30.25 -29.78
N LEU HA 240 -92.52 30.00 -30.13
CA LEU HA 240 -91.50 31.01 -29.89
C LEU HA 240 -91.54 32.11 -30.95
N LYS HA 241 -90.86 33.21 -30.63
CA LYS HA 241 -91.02 34.45 -31.39
C LYS HA 241 -90.47 34.50 -32.83
N PRO HA 242 -89.22 34.12 -33.15
CA PRO HA 242 -88.63 34.53 -34.47
C PRO HA 242 -89.27 33.90 -35.70
N PRO HA 243 -89.90 32.72 -35.61
CA PRO HA 243 -91.00 32.48 -36.56
C PRO HA 243 -92.27 33.15 -36.05
N PHE HA 244 -92.59 34.26 -36.66
CA PHE HA 244 -93.66 35.18 -36.35
C PHE HA 244 -94.97 34.68 -36.94
N PRO HA 245 -96.13 35.12 -36.41
CA PRO HA 245 -97.40 34.79 -37.07
C PRO HA 245 -97.54 35.36 -38.48
N ALA HA 246 -96.84 36.46 -38.78
CA ALA HA 246 -96.82 36.95 -40.16
C ALA HA 246 -95.91 36.11 -41.04
N ASP HA 247 -95.04 35.30 -40.45
CA ASP HA 247 -94.14 34.47 -41.24
C ASP HA 247 -94.70 33.05 -41.44
N VAL HA 248 -94.93 32.30 -40.37
CA VAL HA 248 -95.40 30.93 -40.46
C VAL HA 248 -96.90 30.82 -40.22
N GLY HA 249 -97.41 31.44 -39.15
CA GLY HA 249 -98.86 31.59 -38.95
C GLY HA 249 -99.63 30.30 -38.74
N VAL HA 250 -100.89 30.32 -39.16
CA VAL HA 250 -101.83 29.22 -38.94
C VAL HA 250 -101.80 28.29 -40.15
N PHE HA 251 -101.75 26.98 -39.89
CA PHE HA 251 -101.64 25.91 -40.89
C PHE HA 251 -100.39 26.04 -41.76
N GLY HA 252 -99.33 26.66 -41.25
CA GLY HA 252 -98.16 26.93 -42.07
C GLY HA 252 -98.37 28.04 -43.08
N CYS HA 253 -99.39 28.87 -42.89
CA CYS HA 253 -99.75 29.95 -43.79
C CYS HA 253 -99.78 31.26 -43.03
N PRO HA 254 -99.33 32.37 -43.66
CA PRO HA 254 -99.17 33.63 -42.92
C PRO HA 254 -100.49 34.25 -42.50
N THR HA 255 -100.52 34.76 -41.28
CA THR HA 255 -101.75 35.27 -40.68
C THR HA 255 -101.46 36.49 -39.82
N THR HA 256 -102.52 37.19 -39.43
CA THR HA 256 -102.43 38.27 -38.45
C THR HA 256 -103.49 38.07 -37.39
N VAL HA 257 -103.07 38.06 -36.13
CA VAL HA 257 -103.97 37.89 -34.99
C VAL HA 257 -104.34 39.26 -34.46
N THR HA 258 -105.63 39.57 -34.49
CA THR HA 258 -106.15 40.89 -34.16
C THR HA 258 -107.28 40.77 -33.14
N ASN HA 259 -107.46 41.83 -32.35
CA ASN HA 259 -108.52 41.87 -31.36
C ASN HA 259 -109.88 42.12 -32.02
N VAL HA 260 -110.94 41.79 -31.27
CA VAL HA 260 -112.30 42.08 -31.69
C VAL HA 260 -112.54 43.58 -31.79
N GLU HA 261 -112.01 44.34 -30.83
CA GLU HA 261 -112.29 45.78 -30.76
C GLU HA 261 -111.60 46.55 -31.87
N THR HA 262 -110.35 46.18 -32.20
CA THR HA 262 -109.60 46.83 -33.28
C THR HA 262 -110.27 46.60 -34.63
N VAL HA 263 -110.68 45.36 -34.88
CA VAL HA 263 -111.40 45.00 -36.10
C VAL HA 263 -112.76 45.69 -36.16
N ALA HA 264 -113.43 45.80 -35.02
CA ALA HA 264 -114.76 46.40 -34.99
C ALA HA 264 -114.70 47.91 -35.14
N VAL HA 265 -113.61 48.56 -34.73
CA VAL HA 265 -113.49 50.00 -34.97
C VAL HA 265 -112.82 50.33 -36.29
N ALA HA 266 -112.26 49.33 -36.97
CA ALA HA 266 -111.68 49.56 -38.30
C ALA HA 266 -112.62 50.13 -39.39
N PRO HA 267 -113.90 49.72 -39.55
CA PRO HA 267 -114.73 50.42 -40.54
C PRO HA 267 -115.04 51.85 -40.20
N THR HA 268 -115.15 52.20 -38.91
CA THR HA 268 -115.39 53.58 -38.52
C THR HA 268 -114.16 54.45 -38.81
N ILE HA 269 -112.96 53.91 -38.62
CA ILE HA 269 -111.73 54.58 -39.03
C ILE HA 269 -111.67 54.74 -40.55
N CYS HA 270 -112.01 53.69 -41.28
CA CYS HA 270 -111.92 53.74 -42.74
C CYS HA 270 -113.02 54.61 -43.36
N ARG HA 271 -114.12 54.85 -42.65
CA ARG HA 271 -115.22 55.66 -43.16
C ARG HA 271 -115.15 57.11 -42.73
N ARG HA 272 -114.77 57.38 -41.48
CA ARG HA 272 -114.77 58.74 -40.94
C ARG HA 272 -113.43 59.44 -41.12
N GLY HA 273 -112.48 58.84 -41.80
CA GLY HA 273 -111.21 59.47 -42.12
C GLY HA 273 -110.13 59.13 -41.10
N GLY HA 274 -108.90 59.48 -41.49
CA GLY HA 274 -107.73 59.24 -40.66
C GLY HA 274 -107.43 60.28 -39.61
N VAL HA 275 -108.18 61.38 -39.59
CA VAL HA 275 -107.95 62.44 -38.62
C VAL HA 275 -109.04 62.51 -37.55
N TRP HA 276 -110.24 61.98 -37.81
CA TRP HA 276 -111.28 61.96 -36.79
C TRP HA 276 -110.92 61.00 -35.65
N PHE HA 277 -110.32 59.86 -36.00
CA PHE HA 277 -109.87 58.93 -34.97
C PHE HA 277 -108.63 59.45 -34.24
N ALA HA 278 -107.81 60.25 -34.93
CA ALA HA 278 -106.63 60.82 -34.31
C ALA HA 278 -106.91 62.12 -33.58
N SER HA 279 -108.14 62.64 -33.66
CA SER HA 279 -108.51 63.83 -32.91
C SER HA 279 -108.85 63.53 -31.45
N PHE HA 280 -108.94 62.26 -31.07
CA PHE HA 280 -109.18 61.87 -29.70
C PHE HA 280 -107.88 61.39 -29.06
N GLY HA 281 -107.79 61.50 -27.74
CA GLY HA 281 -106.60 61.08 -27.02
C GLY HA 281 -105.42 61.99 -27.25
N ARG HA 282 -104.24 61.50 -26.87
CA ARG HA 282 -103.00 62.23 -27.10
C ARG HA 282 -102.47 61.94 -28.51
N THR HA 283 -101.23 62.34 -28.77
CA THR HA 283 -100.60 62.18 -30.06
C THR HA 283 -100.27 60.72 -30.35
N ARG HA 284 -99.48 60.09 -29.49
CA ARG HA 284 -99.10 58.70 -29.69
C ARG HA 284 -100.27 57.77 -29.39
N ASN HA 285 -101.11 58.13 -28.43
CA ASN HA 285 -102.13 57.24 -27.89
C ASN HA 285 -103.52 57.57 -28.38
N SER HA 286 -103.66 57.93 -29.66
CA SER HA 286 -104.96 58.34 -30.18
C SER HA 286 -105.90 57.17 -30.35
N GLY HA 287 -107.14 57.35 -29.91
CA GLY HA 287 -108.15 56.32 -30.09
C GLY HA 287 -109.34 56.55 -29.17
N THR HA 288 -110.23 55.54 -29.17
CA THR HA 288 -111.38 55.49 -28.29
C THR HA 288 -111.50 54.08 -27.74
N LYS HA 289 -111.61 53.96 -26.41
CA LYS HA 289 -111.46 52.68 -25.75
C LYS HA 289 -112.69 52.39 -24.89
N LEU HA 290 -113.07 51.11 -24.84
CA LEU HA 290 -114.18 50.70 -23.98
C LEU HA 290 -113.62 50.37 -22.59
N PHE HA 291 -113.90 51.25 -21.63
CA PHE HA 291 -113.45 51.07 -20.26
C PHE HA 291 -114.58 50.48 -19.45
N ASN HA 292 -114.33 49.35 -18.80
CA ASN HA 292 -115.29 48.74 -17.88
C ASN HA 292 -114.76 48.78 -16.47
N ILE HA 293 -115.54 49.38 -15.57
CA ILE HA 293 -115.20 49.53 -14.16
C ILE HA 293 -115.99 48.47 -13.38
N SER HA 294 -115.27 47.64 -12.64
CA SER HA 294 -115.85 46.55 -11.89
C SER HA 294 -115.30 46.54 -10.46
N GLY HA 295 -116.13 46.08 -9.53
CA GLY HA 295 -115.73 45.91 -8.14
C GLY HA 295 -115.90 47.15 -7.31
N HIS HA 296 -116.65 47.03 -6.21
CA HIS HA 296 -116.77 48.03 -5.13
C HIS HA 296 -117.22 49.40 -5.61
N VAL HA 297 -118.07 49.42 -6.63
CA VAL HA 297 -118.74 50.62 -7.08
C VAL HA 297 -120.24 50.39 -6.96
N ASN HA 298 -121.00 51.46 -6.74
CA ASN HA 298 -122.44 51.33 -6.62
C ASN HA 298 -123.10 51.03 -7.96
N ARG HA 299 -122.50 51.50 -9.05
CA ARG HA 299 -122.97 51.21 -10.40
C ARG HA 299 -121.82 50.65 -11.24
N PRO HA 300 -121.81 49.34 -11.54
CA PRO HA 300 -120.77 48.78 -12.42
C PRO HA 300 -120.90 49.29 -13.84
N CYS HA 301 -119.80 49.32 -14.59
CA CYS HA 301 -119.70 50.27 -15.69
C CYS HA 301 -119.02 49.60 -16.87
N THR HA 302 -119.49 49.88 -18.09
CA THR HA 302 -118.94 49.30 -19.31
C THR HA 302 -118.91 50.32 -20.46
N VAL HA 303 -118.44 51.53 -20.13
CA VAL HA 303 -118.63 52.69 -21.00
C VAL HA 303 -117.64 52.64 -22.17
N GLU HA 304 -117.95 53.38 -23.23
CA GLU HA 304 -116.99 53.72 -24.28
C GLU HA 304 -116.54 55.16 -24.05
N GLU HA 305 -115.24 55.38 -23.96
CA GLU HA 305 -114.69 56.65 -23.50
C GLU HA 305 -113.47 57.01 -24.33
N GLU HA 306 -113.18 58.32 -24.39
CA GLU HA 306 -111.98 58.80 -25.04
C GLU HA 306 -110.75 58.39 -24.22
N MET HA 307 -109.64 58.09 -24.92
CA MET HA 307 -108.36 57.91 -24.26
C MET HA 307 -107.86 59.21 -23.65
N SER HA 308 -106.89 59.07 -22.73
CA SER HA 308 -106.26 60.12 -21.92
C SER HA 308 -107.26 60.86 -21.02
N ILE HA 309 -108.37 60.23 -20.66
CA ILE HA 309 -109.26 60.83 -19.66
C ILE HA 309 -108.66 60.63 -18.28
N PRO HA 310 -108.77 61.60 -17.35
CA PRO HA 310 -108.38 61.34 -15.96
C PRO HA 310 -109.24 60.25 -15.33
N LEU HA 311 -108.63 59.51 -14.41
CA LEU HA 311 -109.32 58.38 -13.79
C LEU HA 311 -110.45 58.83 -12.87
N LYS HA 312 -110.20 59.89 -12.07
CA LYS HA 312 -111.20 60.36 -11.13
C LYS HA 312 -112.40 60.96 -11.84
N GLU HA 313 -112.17 61.69 -12.94
CA GLU HA 313 -113.27 62.22 -13.75
C GLU HA 313 -114.05 61.11 -14.44
N LEU HA 314 -113.35 60.05 -14.87
CA LEU HA 314 -113.99 58.92 -15.53
C LEU HA 314 -114.89 58.15 -14.56
N ILE HA 315 -114.42 57.96 -13.32
CA ILE HA 315 -115.25 57.28 -12.32
C ILE HA 315 -116.40 58.19 -11.86
N GLU HA 316 -116.14 59.50 -11.73
CA GLU HA 316 -117.11 60.38 -11.08
C GLU HA 316 -118.18 60.90 -12.03
N ARG HA 317 -117.88 60.95 -13.34
CA ARG HA 317 -118.83 61.54 -14.29
C ARG HA 317 -120.06 60.66 -14.48
N HIS HA 318 -119.86 59.47 -15.03
CA HIS HA 318 -120.92 58.50 -15.24
C HIS HA 318 -120.74 57.37 -14.23
N CYS HA 319 -121.68 56.43 -14.26
CA CYS HA 319 -121.75 55.15 -13.52
C CYS HA 319 -121.36 55.23 -12.05
N GLY HA 320 -121.77 56.29 -11.36
CA GLY HA 320 -121.66 56.34 -9.90
C GLY HA 320 -120.28 56.71 -9.42
N GLY HA 321 -119.69 55.85 -8.61
CA GLY HA 321 -118.40 56.12 -8.03
C GLY HA 321 -118.01 55.05 -7.04
N VAL HA 322 -116.92 55.32 -6.31
CA VAL HA 322 -116.43 54.40 -5.30
C VAL HA 322 -117.37 54.41 -4.10
N THR HA 323 -117.75 53.23 -3.62
CA THR HA 323 -118.62 53.11 -2.46
C THR HA 323 -117.91 53.60 -1.20
N GLY HA 324 -118.60 54.43 -0.43
CA GLY HA 324 -117.99 55.11 0.70
C GLY HA 324 -117.25 56.38 0.35
N GLY HA 325 -117.36 56.86 -0.89
CA GLY HA 325 -116.67 58.05 -1.32
C GLY HA 325 -115.31 57.76 -1.91
N TRP HA 326 -114.69 58.83 -2.41
CA TRP HA 326 -113.35 58.70 -3.00
C TRP HA 326 -112.28 58.51 -1.91
N ASP HA 327 -112.55 58.97 -0.69
CA ASP HA 327 -111.63 58.76 0.41
C ASP HA 327 -111.61 57.32 0.90
N ASN HA 328 -112.63 56.53 0.57
CA ASN HA 328 -112.68 55.12 0.92
C ASN HA 328 -111.94 54.25 -0.08
N LEU HA 329 -111.47 54.82 -1.19
CA LEU HA 329 -110.80 54.03 -2.22
C LEU HA 329 -109.39 53.66 -1.77
N LEU HA 330 -109.06 52.37 -1.86
CA LEU HA 330 -107.73 51.88 -1.51
C LEU HA 330 -106.83 51.79 -2.72
N GLY HA 331 -107.28 51.13 -3.78
CA GLY HA 331 -106.44 50.99 -4.97
C GLY HA 331 -107.27 50.66 -6.19
N VAL HA 332 -106.63 50.78 -7.35
CA VAL HA 332 -107.24 50.37 -8.61
C VAL HA 332 -106.24 49.56 -9.41
N ILE HA 333 -106.76 48.58 -10.14
CA ILE HA 333 -106.00 47.87 -11.17
C ILE HA 333 -106.42 48.42 -12.53
N PRO HA 334 -105.54 49.10 -13.26
CA PRO HA 334 -105.96 49.75 -14.51
C PRO HA 334 -106.15 48.80 -15.68
N GLY HA 335 -105.67 47.56 -15.58
CA GLY HA 335 -105.93 46.53 -16.56
C GLY HA 335 -106.47 45.29 -15.87
N GLY HA 336 -106.30 44.16 -16.54
CA GLY HA 336 -106.79 42.91 -15.97
C GLY HA 336 -105.87 42.34 -14.92
N SER HA 337 -105.63 41.03 -14.98
CA SER HA 337 -104.70 40.41 -14.05
C SER HA 337 -103.25 40.54 -14.50
N SER HA 338 -103.00 41.10 -15.67
CA SER HA 338 -101.64 41.27 -16.16
C SER HA 338 -100.98 42.55 -15.65
N THR HA 339 -101.75 43.49 -15.11
CA THR HA 339 -101.16 44.77 -14.81
C THR HA 339 -101.04 45.01 -13.31
N PRO HA 340 -99.98 45.69 -12.86
CA PRO HA 340 -99.82 45.99 -11.44
C PRO HA 340 -100.86 46.98 -10.92
N ILE HA 341 -101.07 46.92 -9.62
CA ILE HA 341 -102.04 47.77 -8.93
C ILE HA 341 -101.41 49.12 -8.64
N ILE HA 342 -102.24 50.17 -8.56
CA ILE HA 342 -101.77 51.48 -8.10
C ILE HA 342 -102.68 51.98 -6.98
N PRO HA 343 -102.12 52.56 -5.91
CA PRO HA 343 -102.94 53.00 -4.78
C PRO HA 343 -103.64 54.33 -5.02
N LYS HA 344 -104.28 54.87 -3.97
CA LYS HA 344 -105.14 56.03 -4.11
C LYS HA 344 -104.35 57.30 -4.41
N ASN HA 345 -103.21 57.49 -3.73
CA ASN HA 345 -102.42 58.72 -3.92
C ASN HA 345 -101.73 58.75 -5.28
N VAL HA 346 -101.37 57.58 -5.81
CA VAL HA 346 -100.85 57.52 -7.17
C VAL HA 346 -101.97 57.78 -8.18
N CYS HA 347 -103.12 57.12 -8.00
CA CYS HA 347 -104.19 57.15 -8.99
C CYS HA 347 -105.09 58.36 -8.89
N ASP HA 348 -104.82 59.28 -7.96
CA ASP HA 348 -105.58 60.53 -7.91
C ASP HA 348 -105.29 61.43 -9.11
N ASP HA 349 -104.09 61.34 -9.69
CA ASP HA 349 -103.67 62.19 -10.81
C ASP HA 349 -103.10 61.36 -11.94
N VAL HA 350 -103.81 60.30 -12.33
CA VAL HA 350 -103.39 59.43 -13.42
C VAL HA 350 -104.22 59.73 -14.66
N ILE HA 351 -103.53 60.02 -15.76
CA ILE HA 351 -104.15 60.18 -17.07
C ILE HA 351 -104.10 58.83 -17.78
N MET HA 352 -105.27 58.30 -18.15
CA MET HA 352 -105.37 56.91 -18.59
C MET HA 352 -105.17 56.74 -20.08
N ASP HA 353 -103.96 56.98 -20.56
CA ASP HA 353 -103.49 56.47 -21.83
C ASP HA 353 -102.41 55.43 -21.56
N PHE HA 354 -101.75 54.96 -22.63
CA PHE HA 354 -100.65 54.01 -22.45
C PHE HA 354 -99.46 54.68 -21.78
N ASP HA 355 -99.04 55.84 -22.30
CA ASP HA 355 -97.78 56.45 -21.87
C ASP HA 355 -97.87 57.05 -20.48
N GLY HA 356 -99.01 57.64 -20.13
CA GLY HA 356 -99.21 58.14 -18.78
C GLY HA 356 -99.27 57.05 -17.74
N LEU HA 357 -99.84 55.89 -18.10
CA LEU HA 357 -99.84 54.77 -17.17
C LEU HA 357 -98.45 54.17 -17.01
N ILE HA 358 -97.67 54.10 -18.10
CA ILE HA 358 -96.28 53.66 -18.00
C ILE HA 358 -95.46 54.64 -17.16
N ALA HA 359 -95.76 55.94 -17.25
CA ALA HA 359 -95.19 56.91 -16.32
C ALA HA 359 -95.69 56.71 -14.89
N ALA HA 360 -96.87 56.11 -14.72
CA ALA HA 360 -97.36 55.78 -13.39
C ALA HA 360 -97.01 54.34 -13.00
N GLN HA 361 -95.99 53.76 -13.65
CA GLN HA 361 -95.38 52.46 -13.35
C GLN HA 361 -96.32 51.26 -13.40
N THR HA 362 -97.26 51.26 -14.36
CA THR HA 362 -98.14 50.11 -14.56
C THR HA 362 -98.56 50.05 -16.02
N SER HA 363 -98.75 48.84 -16.55
CA SER HA 363 -99.18 48.73 -17.93
C SER HA 363 -100.68 48.99 -18.04
N LEU HA 364 -101.10 49.52 -19.19
CA LEU HA 364 -102.53 49.56 -19.47
C LEU HA 364 -103.02 48.19 -19.93
N GLY HA 365 -102.45 47.68 -21.02
CA GLY HA 365 -102.88 46.40 -21.56
C GLY HA 365 -104.28 46.51 -22.13
N THR HA 366 -105.07 45.47 -21.90
CA THR HA 366 -106.50 45.57 -22.16
C THR HA 366 -107.16 46.46 -21.11
N ALA HA 367 -108.31 47.02 -21.46
CA ALA HA 367 -108.99 47.93 -20.55
C ALA HA 367 -109.86 47.19 -19.57
N ALA HA 368 -109.54 47.34 -18.27
CA ALA HA 368 -110.31 46.78 -17.17
C ALA HA 368 -109.99 47.53 -15.88
N ILE HA 369 -110.90 48.31 -15.35
CA ILE HA 369 -110.63 49.10 -14.16
C ILE HA 369 -111.25 48.38 -12.97
N ILE HA 370 -110.42 47.71 -12.19
CA ILE HA 370 -110.87 47.01 -10.98
C ILE HA 370 -110.68 47.95 -9.80
N VAL HA 371 -111.78 48.34 -9.16
CA VAL HA 371 -111.76 49.32 -8.08
C VAL HA 371 -111.87 48.58 -6.75
N MET HA 372 -110.93 48.85 -5.84
CA MET HA 372 -110.86 48.19 -4.54
C MET HA 372 -110.88 49.23 -3.46
N ASP HA 373 -111.86 49.15 -2.55
CA ASP HA 373 -111.96 50.07 -1.44
C ASP HA 373 -111.19 49.53 -0.24
N LYS HA 374 -111.25 50.26 0.88
CA LYS HA 374 -110.47 49.92 2.06
C LYS HA 374 -111.11 48.81 2.90
N SER HA 375 -112.32 48.37 2.58
CA SER HA 375 -113.00 47.37 3.39
C SER HA 375 -112.48 45.96 3.16
N THR HA 376 -111.80 45.70 2.03
CA THR HA 376 -111.31 44.38 1.71
C THR HA 376 -109.79 44.38 1.60
N ASP HA 377 -109.19 43.27 2.01
CA ASP HA 377 -107.74 43.13 1.96
C ASP HA 377 -107.26 42.92 0.53
N VAL HA 378 -106.12 43.52 0.20
CA VAL HA 378 -105.55 43.38 -1.12
C VAL HA 378 -104.82 42.03 -1.27
N ILE HA 379 -104.39 41.43 -0.16
CA ILE HA 379 -103.49 40.27 -0.19
C ILE HA 379 -104.22 39.04 -0.70
N LYS HA 380 -105.46 38.83 -0.24
CA LYS HA 380 -106.25 37.69 -0.70
C LYS HA 380 -106.65 37.82 -2.17
N ALA HA 381 -106.85 39.05 -2.63
CA ALA HA 381 -107.21 39.27 -4.03
C ALA HA 381 -106.02 39.06 -4.96
N ILE HA 382 -104.83 39.53 -4.56
CA ILE HA 382 -103.63 39.28 -5.36
C ILE HA 382 -103.28 37.79 -5.34
N ALA HA 383 -103.51 37.12 -4.20
CA ALA HA 383 -103.32 35.67 -4.14
C ALA HA 383 -104.33 34.93 -5.01
N ARG HA 384 -105.54 35.47 -5.14
CA ARG HA 384 -106.52 34.90 -6.06
C ARG HA 384 -106.11 35.07 -7.51
N LEU HA 385 -105.51 36.23 -7.84
CA LEU HA 385 -105.01 36.43 -9.20
C LEU HA 385 -103.83 35.51 -9.52
N ILE HA 386 -102.94 35.29 -8.55
CA ILE HA 386 -101.82 34.37 -8.76
C ILE HA 386 -102.31 32.92 -8.82
N SER HA 387 -103.35 32.57 -8.07
CA SER HA 387 -103.96 31.25 -8.20
C SER HA 387 -104.65 31.08 -9.56
N PHE HA 388 -105.22 32.16 -10.08
CA PHE HA 388 -105.78 32.15 -11.44
C PHE HA 388 -104.68 31.90 -12.48
N TYR HA 389 -103.52 32.55 -12.29
CA TYR HA 389 -102.40 32.34 -13.21
C TYR HA 389 -101.79 30.95 -13.05
N LYS HA 390 -101.84 30.38 -11.84
CA LYS HA 390 -101.40 29.01 -11.64
C LYS HA 390 -102.34 28.03 -12.31
N HIS HA 391 -103.64 28.31 -12.28
CA HIS HA 391 -104.60 27.42 -12.94
C HIS HA 391 -104.57 27.54 -14.45
N GLU HA 392 -104.22 28.72 -14.98
CA GLU HA 392 -104.33 28.97 -16.41
C GLU HA 392 -102.98 29.10 -17.13
N SER HA 393 -101.90 28.56 -16.56
CA SER HA 393 -100.64 28.48 -17.29
C SER HA 393 -100.58 27.15 -18.04
N CYS HA 394 -99.95 27.16 -19.24
CA CYS HA 394 -100.01 25.94 -20.02
C CYS HA 394 -98.91 24.96 -19.65
N GLY HA 395 -97.94 25.38 -18.84
CA GLY HA 395 -96.96 24.47 -18.29
C GLY HA 395 -95.79 24.13 -19.18
N GLN HA 396 -95.64 24.81 -20.32
CA GLN HA 396 -94.52 24.51 -21.22
C GLN HA 396 -93.21 25.03 -20.65
N CYS HA 397 -93.12 26.35 -20.46
CA CYS HA 397 -91.95 26.99 -19.86
C CYS HA 397 -91.77 26.59 -18.41
N THR HA 398 -90.54 26.22 -18.04
CA THR HA 398 -90.26 25.87 -16.65
C THR HA 398 -90.35 27.00 -15.61
N PRO HA 399 -90.02 28.29 -15.86
CA PRO HA 399 -90.24 29.28 -14.77
C PRO HA 399 -91.71 29.52 -14.51
N CYS HA 400 -92.51 29.58 -15.56
CA CYS HA 400 -93.94 29.71 -15.44
C CYS HA 400 -94.64 28.44 -14.96
N ARG HA 401 -94.05 27.26 -15.19
CA ARG HA 401 -94.64 26.05 -14.62
C ARG HA 401 -94.34 25.91 -13.14
N GLU HA 402 -93.13 26.29 -12.70
CA GLU HA 402 -92.75 26.02 -11.32
C GLU HA 402 -92.89 27.24 -10.41
N GLY HA 403 -92.31 28.37 -10.82
CA GLY HA 403 -92.31 29.55 -9.99
C GLY HA 403 -93.66 30.20 -9.81
N ILE HA 404 -94.61 29.98 -10.72
CA ILE HA 404 -95.95 30.50 -10.52
C ILE HA 404 -96.65 29.75 -9.39
N GLY HA 405 -96.46 28.44 -9.31
CA GLY HA 405 -96.92 27.68 -8.16
C GLY HA 405 -96.19 28.07 -6.88
N TRP HA 406 -94.90 28.41 -6.99
CA TRP HA 406 -94.15 28.93 -5.86
C TRP HA 406 -94.74 30.24 -5.34
N MET HA 407 -95.04 31.17 -6.25
CA MET HA 407 -95.64 32.44 -5.88
C MET HA 407 -97.06 32.27 -5.36
N ASN HA 408 -97.79 31.26 -5.85
CA ASN HA 408 -99.10 30.93 -5.29
C ASN HA 408 -98.98 30.44 -3.86
N LYS HA 409 -97.99 29.60 -3.56
CA LYS HA 409 -97.76 29.13 -2.19
C LYS HA 409 -97.34 30.27 -1.27
N ILE HA 410 -96.46 31.16 -1.75
CA ILE HA 410 -95.99 32.27 -0.93
C ILE HA 410 -97.11 33.28 -0.70
N MET HA 411 -97.97 33.51 -1.71
CA MET HA 411 -99.11 34.39 -1.52
C MET HA 411 -100.17 33.78 -0.61
N THR HA 412 -100.32 32.44 -0.63
CA THR HA 412 -101.20 31.78 0.32
C THR HA 412 -100.70 31.93 1.75
N ARG HA 413 -99.38 31.82 1.95
CA ARG HA 413 -98.80 32.09 3.27
C ARG HA 413 -98.95 33.55 3.66
N PHE HA 414 -98.90 34.46 2.68
CA PHE HA 414 -99.07 35.89 2.97
C PHE HA 414 -100.51 36.22 3.34
N VAL HA 415 -101.47 35.47 2.78
CA VAL HA 415 -102.84 35.53 3.26
C VAL HA 415 -102.92 35.02 4.70
N LYS HA 416 -102.28 33.87 4.97
CA LYS HA 416 -102.31 33.31 6.31
C LYS HA 416 -101.46 34.12 7.29
N GLY HA 417 -100.38 34.72 6.81
CA GLY HA 417 -99.51 35.53 7.65
C GLY HA 417 -98.27 34.83 8.16
N ASP HA 418 -98.12 33.55 7.77
CA ASP HA 418 -97.03 32.70 8.28
C ASP HA 418 -95.79 32.82 7.40
N ALA HA 419 -95.20 34.00 7.31
CA ALA HA 419 -93.94 34.11 6.55
C ALA HA 419 -92.95 35.01 7.29
N GLN HA 420 -91.67 34.90 7.01
CA GLN HA 420 -90.71 35.85 7.62
C GLN HA 420 -90.74 37.12 6.77
N PRO HA 421 -90.25 38.28 7.26
CA PRO HA 421 -90.22 39.54 6.51
C PRO HA 421 -89.34 39.41 5.26
N ALA HA 422 -88.26 38.64 5.34
CA ALA HA 422 -87.29 38.52 4.22
C ALA HA 422 -87.97 37.96 2.97
N GLU HA 423 -88.98 37.09 3.11
CA GLU HA 423 -89.53 36.45 1.90
C GLU HA 423 -90.07 37.52 0.94
N ILE HA 424 -90.71 38.57 1.41
CA ILE HA 424 -91.18 39.68 0.52
C ILE HA 424 -90.12 39.99 -0.56
N ASP HA 425 -88.96 40.56 -0.22
CA ASP HA 425 -87.98 40.94 -1.24
C ASP HA 425 -87.53 39.73 -2.05
N MET HA 426 -87.42 38.57 -1.39
CA MET HA 426 -87.07 37.33 -2.10
C MET HA 426 -88.16 36.97 -3.10
N LEU HA 427 -89.43 37.22 -2.75
CA LEU HA 427 -90.53 37.05 -3.68
C LEU HA 427 -90.40 37.99 -4.87
N TRP HA 428 -89.90 39.21 -4.60
CA TRP HA 428 -89.55 40.15 -5.68
C TRP HA 428 -88.51 39.55 -6.60
N GLU HA 429 -87.52 38.85 -6.02
CA GLU HA 429 -86.51 38.16 -6.80
C GLU HA 429 -87.13 37.08 -7.69
N ILE HA 430 -88.17 36.40 -7.18
CA ILE HA 430 -88.86 35.39 -7.98
C ILE HA 430 -89.53 36.03 -9.19
N SER HA 431 -90.07 37.25 -9.01
CA SER HA 431 -90.62 37.99 -10.14
C SER HA 431 -89.52 38.35 -11.13
N LYS HA 432 -88.34 38.71 -10.62
CA LYS HA 432 -87.21 39.01 -11.50
C LYS HA 432 -86.63 37.75 -12.13
N GLN HA 433 -87.02 36.57 -11.68
CA GLN HA 433 -86.63 35.33 -12.32
C GLN HA 433 -87.73 34.77 -13.21
N ILE HA 434 -88.88 35.44 -13.31
CA ILE HA 434 -89.97 35.03 -14.17
C ILE HA 434 -90.24 36.05 -15.27
N GLU HA 435 -90.15 37.34 -14.94
CA GLU HA 435 -90.39 38.40 -15.91
C GLU HA 435 -89.28 38.45 -16.95
N GLY HA 436 -89.64 38.20 -18.21
CA GLY HA 436 -88.70 38.24 -19.31
C GLY HA 436 -87.97 36.95 -19.61
N HIS HA 437 -88.13 35.93 -18.77
CA HIS HA 437 -87.45 34.66 -18.96
C HIS HA 437 -88.36 33.57 -19.52
N THR HA 438 -89.57 33.93 -19.94
CA THR HA 438 -90.58 32.95 -20.35
C THR HA 438 -90.91 33.12 -21.83
N ILE HA 439 -91.77 32.24 -22.34
CA ILE HA 439 -92.09 32.24 -23.77
C ILE HA 439 -93.09 33.34 -24.11
N CYS HA 440 -94.29 33.29 -23.52
CA CYS HA 440 -95.25 34.36 -23.74
C CYS HA 440 -95.33 35.20 -22.47
N ALA HA 441 -96.19 36.22 -22.51
CA ALA HA 441 -96.21 37.19 -21.42
C ALA HA 441 -97.18 36.82 -20.30
N LEU HA 442 -97.56 35.55 -20.16
CA LEU HA 442 -98.32 35.15 -18.99
C LEU HA 442 -97.42 35.12 -17.76
N GLY HA 443 -96.15 34.73 -17.94
CA GLY HA 443 -95.19 34.85 -16.85
C GLY HA 443 -94.92 36.30 -16.50
N ASP HA 444 -94.83 37.17 -17.51
CA ASP HA 444 -94.71 38.60 -17.27
C ASP HA 444 -95.96 39.16 -16.61
N GLY HA 445 -97.14 38.73 -17.08
CA GLY HA 445 -98.39 39.20 -16.52
C GLY HA 445 -98.72 38.63 -15.16
N ALA HA 446 -98.00 37.59 -14.72
CA ALA HA 446 -98.14 37.11 -13.36
C ALA HA 446 -97.05 37.63 -12.43
N ALA HA 447 -95.88 37.98 -12.96
CA ALA HA 447 -94.85 38.62 -12.14
C ALA HA 447 -95.10 40.10 -11.92
N TRP HA 448 -95.85 40.75 -12.81
CA TRP HA 448 -96.15 42.17 -12.64
C TRP HA 448 -97.02 42.55 -11.43
N PRO HA 449 -98.16 41.90 -11.12
CA PRO HA 449 -98.96 42.43 -10.00
C PRO HA 449 -98.37 42.16 -8.62
N VAL HA 450 -97.58 41.10 -8.47
CA VAL HA 450 -96.85 40.90 -7.22
C VAL HA 450 -95.76 41.95 -7.06
N GLN HA 451 -95.14 42.35 -8.18
CA GLN HA 451 -94.19 43.48 -8.15
C GLN HA 451 -94.87 44.77 -7.75
N GLY HA 452 -96.08 45.02 -8.26
CA GLY HA 452 -96.83 46.20 -7.84
C GLY HA 452 -97.27 46.14 -6.39
N LEU HA 453 -97.65 44.95 -5.91
CA LEU HA 453 -98.06 44.78 -4.51
C LEU HA 453 -96.89 44.99 -3.55
N ILE HA 454 -95.72 44.43 -3.88
CA ILE HA 454 -94.52 44.63 -3.06
C ILE HA 454 -94.07 46.09 -3.11
N ARG HA 455 -94.22 46.74 -4.28
CA ARG HA 455 -93.83 48.14 -4.40
C ARG HA 455 -94.76 49.08 -3.64
N HIS HA 456 -96.05 48.75 -3.55
CA HIS HA 456 -97.02 49.69 -2.98
C HIS HA 456 -97.50 49.30 -1.59
N PHE HA 457 -98.05 48.09 -1.41
CA PHE HA 457 -98.71 47.70 -0.16
C PHE HA 457 -97.84 46.79 0.69
N ARG HA 458 -96.53 47.04 0.71
CA ARG HA 458 -95.64 46.31 1.60
C ARG HA 458 -95.93 46.49 3.10
N PRO HA 459 -96.24 47.68 3.66
CA PRO HA 459 -96.63 47.73 5.08
C PRO HA 459 -97.91 46.98 5.41
N GLU HA 460 -98.82 46.75 4.46
CA GLU HA 460 -99.96 45.87 4.70
C GLU HA 460 -99.51 44.43 4.95
N ILE HA 461 -98.55 43.95 4.16
CA ILE HA 461 -97.98 42.61 4.35
C ILE HA 461 -97.25 42.52 5.68
N GLU HA 462 -96.47 43.56 6.01
CA GLU HA 462 -95.73 43.57 7.27
C GLU HA 462 -96.66 43.64 8.48
N LYS HA 463 -97.76 44.40 8.37
CA LYS HA 463 -98.73 44.50 9.46
C LYS HA 463 -99.47 43.19 9.67
N ARG HA 464 -99.88 42.53 8.58
CA ARG HA 464 -100.57 41.24 8.70
C ARG HA 464 -99.63 40.16 9.24
N MET HA 465 -98.36 40.18 8.81
CA MET HA 465 -97.40 39.19 9.28
C MET HA 465 -97.01 39.42 10.73
N GLN HA 466 -96.92 40.69 11.15
CA GLN HA 466 -96.67 41.00 12.55
C GLN HA 466 -97.87 40.62 13.43
N LEU HA 467 -99.09 40.79 12.90
CA LEU HA 467 -100.29 40.37 13.63
C LEU HA 467 -100.33 38.85 13.79
N HIS HA 468 -99.94 38.11 12.75
CA HIS HA 468 -99.89 36.66 12.85
C HIS HA 468 -98.78 36.19 13.79
N ALA HA 469 -97.65 36.91 13.80
CA ALA HA 469 -96.56 36.56 14.71
C ALA HA 469 -96.93 36.82 16.17
N LYS HA 470 -97.64 37.92 16.43
CA LYS HA 470 -98.11 38.19 17.79
C LYS HA 470 -99.26 37.26 18.18
N ARG HA 471 -100.01 36.76 17.20
CA ARG HA 471 -101.04 35.77 17.50
C ARG HA 471 -100.43 34.42 17.86
N VAL HA 472 -99.40 33.99 17.13
CA VAL HA 472 -98.83 32.67 17.37
C VAL HA 472 -97.83 32.69 18.54
N SER HA 473 -97.25 33.85 18.86
CA SER HA 473 -96.30 33.92 19.97
C SER HA 473 -97.01 33.90 21.33
N ASN HA 474 -98.17 34.55 21.43
CA ASN HA 474 -98.89 34.64 22.68
C ASN HA 474 -99.99 33.58 22.76
N MET IA 1 21.29 13.04 15.25
CA MET IA 1 20.32 12.37 16.11
C MET IA 1 19.76 13.31 17.17
N PHE IA 2 20.01 14.60 17.01
CA PHE IA 2 19.57 15.63 17.97
C PHE IA 2 18.36 16.41 17.46
N ASN IA 3 17.41 15.72 16.82
CA ASN IA 3 16.20 16.40 16.35
C ASN IA 3 15.27 16.80 17.48
N ASN IA 4 15.39 16.18 18.65
CA ASN IA 4 14.52 16.48 19.78
C ASN IA 4 15.33 16.46 21.07
N SER IA 5 14.82 17.17 22.08
CA SER IA 5 15.40 17.10 23.41
C SER IA 5 15.07 15.80 24.13
N SER IA 6 14.01 15.12 23.69
CA SER IA 6 13.66 13.82 24.26
C SER IA 6 14.73 12.77 23.94
N LYS IA 7 15.39 12.88 22.79
CA LYS IA 7 16.50 11.98 22.49
C LYS IA 7 17.71 12.24 23.36
N ILE IA 8 17.94 13.50 23.75
CA ILE IA 8 18.97 13.82 24.74
C ILE IA 8 18.61 13.24 26.10
N LEU IA 9 17.32 13.26 26.43
CA LEU IA 9 16.84 12.60 27.65
C LEU IA 9 17.06 11.10 27.61
N PHE IA 10 16.80 10.46 26.46
CA PHE IA 10 17.03 9.03 26.33
C PHE IA 10 18.53 8.69 26.38
N ILE IA 11 19.36 9.60 25.86
CA ILE IA 11 20.81 9.42 25.92
C ILE IA 11 21.32 9.48 27.35
N THR IA 12 20.85 10.45 28.15
CA THR IA 12 21.34 10.52 29.52
C THR IA 12 20.77 9.39 30.38
N ILE IA 13 19.55 8.91 30.09
CA ILE IA 13 19.05 7.78 30.89
C ILE IA 13 19.71 6.46 30.46
N MET IA 14 20.12 6.31 29.18
CA MET IA 14 20.87 5.10 28.82
C MET IA 14 22.29 5.15 29.37
N ILE IA 15 22.87 6.34 29.54
CA ILE IA 15 24.14 6.50 30.24
C ILE IA 15 23.98 6.12 31.71
N ILE IA 16 22.87 6.55 32.34
CA ILE IA 16 22.59 6.23 33.74
C ILE IA 16 22.37 4.73 33.92
N GLY IA 17 21.63 4.10 33.02
CA GLY IA 17 21.38 2.66 33.11
C GLY IA 17 22.62 1.82 32.89
N THR IA 18 23.49 2.24 31.95
CA THR IA 18 24.76 1.55 31.76
C THR IA 18 25.67 1.70 32.98
N LEU IA 19 25.68 2.89 33.59
CA LEU IA 19 26.47 3.08 34.81
C LEU IA 19 25.88 2.31 36.00
N ILE IA 20 24.57 2.07 36.01
CA ILE IA 20 23.97 1.21 37.02
C ILE IA 20 24.38 -0.24 36.80
N THR IA 21 24.48 -0.66 35.53
CA THR IA 21 24.91 -2.00 35.18
C THR IA 21 26.35 -2.27 35.62
N VAL IA 22 27.27 -1.36 35.27
CA VAL IA 22 28.69 -1.63 35.50
C VAL IA 22 29.15 -1.34 36.91
N THR IA 23 28.28 -0.83 37.79
CA THR IA 23 28.62 -0.59 39.18
C THR IA 23 27.82 -1.45 40.15
N SER IA 24 27.01 -2.38 39.65
CA SER IA 24 26.19 -3.20 40.53
C SER IA 24 27.06 -4.26 41.21
N ASN IA 25 26.89 -4.40 42.52
CA ASN IA 25 27.63 -5.38 43.30
C ASN IA 25 26.91 -6.72 43.39
N SER IA 26 25.78 -6.86 42.72
CA SER IA 26 25.04 -8.11 42.69
C SER IA 26 24.66 -8.42 41.25
N TRP IA 27 24.26 -9.67 41.02
CA TRP IA 27 23.90 -10.10 39.67
C TRP IA 27 22.49 -9.71 39.26
N LEU IA 28 21.71 -9.12 40.16
CA LEU IA 28 20.34 -8.73 39.84
C LEU IA 28 20.19 -7.23 39.59
N GLY IA 29 20.94 -6.40 40.33
CA GLY IA 29 20.98 -4.98 40.02
C GLY IA 29 21.63 -4.68 38.68
N ALA IA 30 22.55 -5.54 38.24
CA ALA IA 30 23.10 -5.43 36.90
C ALA IA 30 22.02 -5.68 35.85
N TRP IA 31 21.13 -6.64 36.11
CA TRP IA 31 20.00 -6.88 35.22
C TRP IA 31 19.01 -5.71 35.23
N MET IA 32 18.83 -5.10 36.41
CA MET IA 32 18.01 -3.89 36.53
C MET IA 32 18.54 -2.76 35.65
N GLY IA 33 19.86 -2.51 35.72
CA GLY IA 33 20.48 -1.53 34.85
C GLY IA 33 20.43 -1.89 33.38
N LEU IA 34 20.51 -3.19 33.07
CA LEU IA 34 20.38 -3.66 31.70
C LEU IA 34 18.99 -3.36 31.14
N GLU IA 35 17.95 -3.51 31.98
CA GLU IA 35 16.61 -3.16 31.52
C GLU IA 35 16.41 -1.66 31.38
N ILE IA 36 17.06 -0.85 32.23
CA ILE IA 36 17.02 0.60 32.06
C ILE IA 36 17.69 1.02 30.75
N ASN IA 37 18.84 0.41 30.45
CA ASN IA 37 19.57 0.69 29.21
C ASN IA 37 18.77 0.24 27.98
N LEU IA 38 18.09 -0.90 28.09
CA LEU IA 38 17.23 -1.38 27.01
C LEU IA 38 16.04 -0.46 26.77
N LEU IA 39 15.39 0.00 27.85
CA LEU IA 39 14.26 0.92 27.72
C LEU IA 39 14.69 2.23 27.06
N SER IA 40 15.88 2.73 27.40
CA SER IA 40 16.30 3.98 26.79
C SER IA 40 16.96 3.79 25.42
N PHE IA 41 17.31 2.57 25.03
CA PHE IA 41 17.83 2.35 23.68
C PHE IA 41 16.81 1.78 22.70
N ILE IA 42 15.58 1.51 23.13
CA ILE IA 42 14.52 1.24 22.14
C ILE IA 42 14.06 2.46 21.33
N PRO IA 43 13.82 3.70 21.90
CA PRO IA 43 13.36 4.79 21.01
C PRO IA 43 14.43 5.36 20.09
N LEU IA 44 15.67 5.46 20.54
CA LEU IA 44 16.78 5.60 19.61
C LEU IA 44 16.89 4.29 18.82
N LEU IA 45 17.31 4.32 17.56
CA LEU IA 45 17.27 3.06 16.74
C LEU IA 45 15.84 2.90 16.25
N SER IA 46 15.03 3.95 16.34
CA SER IA 46 13.69 3.94 15.76
C SER IA 46 13.38 5.33 15.24
N ASP IA 47 12.89 5.42 14.02
CA ASP IA 47 12.59 6.70 13.40
C ASP IA 47 11.49 6.52 12.37
N ASN IA 48 10.86 7.64 11.99
CA ASN IA 48 9.73 7.59 11.07
C ASN IA 48 10.15 7.62 9.60
N ASN IA 49 11.28 8.26 9.30
CA ASN IA 49 11.71 8.39 7.91
C ASN IA 49 12.28 7.10 7.35
N ASN IA 50 12.88 6.27 8.20
CA ASN IA 50 13.49 5.02 7.77
C ASN IA 50 12.57 3.86 8.12
N LEU IA 51 12.26 3.04 7.12
CA LEU IA 51 11.35 1.90 7.33
C LEU IA 51 12.05 0.74 8.04
N MET IA 52 13.33 0.52 7.77
CA MET IA 52 14.04 -0.63 8.32
C MET IA 52 14.38 -0.47 9.79
N SER IA 53 14.33 0.76 10.32
CA SER IA 53 14.73 1.01 11.70
C SER IA 53 13.74 0.40 12.70
N THR IA 54 12.46 0.32 12.34
CA THR IA 54 11.47 -0.25 13.25
C THR IA 54 11.65 -1.76 13.38
N GLU IA 55 11.86 -2.46 12.27
CA GLU IA 55 12.11 -3.89 12.35
C GLU IA 55 13.50 -4.19 12.92
N ALA IA 56 14.44 -3.26 12.77
CA ALA IA 56 15.73 -3.41 13.43
C ALA IA 56 15.61 -3.23 14.95
N SER IA 57 14.73 -2.33 15.39
CA SER IA 57 14.44 -2.22 16.82
C SER IA 57 13.71 -3.45 17.34
N LEU IA 58 12.87 -4.08 16.51
CA LEU IA 58 12.24 -5.34 16.89
C LEU IA 58 13.28 -6.45 17.04
N LYS IA 59 14.25 -6.51 16.12
CA LYS IA 59 15.35 -7.47 16.24
C LYS IA 59 16.20 -7.23 17.48
N TYR IA 60 16.49 -5.94 17.78
CA TYR IA 60 17.22 -5.58 18.99
C TYR IA 60 16.47 -5.96 20.25
N PHE IA 61 15.14 -5.74 20.27
CA PHE IA 61 14.33 -6.09 21.42
C PHE IA 61 14.32 -7.59 21.66
N LEU IA 62 14.10 -8.38 20.61
CA LEU IA 62 14.03 -9.84 20.77
C LEU IA 62 15.39 -10.42 21.15
N THR IA 63 16.47 -9.89 20.56
CA THR IA 63 17.81 -10.36 20.89
C THR IA 63 18.20 -10.01 22.32
N GLN IA 64 17.90 -8.79 22.78
CA GLN IA 64 18.30 -8.40 24.12
C GLN IA 64 17.43 -9.04 25.20
N VAL IA 65 16.12 -9.15 24.99
CA VAL IA 65 15.26 -9.75 26.02
C VAL IA 65 15.44 -11.27 26.05
N LEU IA 66 15.81 -11.90 24.92
CA LEU IA 66 16.26 -13.29 24.99
C LEU IA 66 17.53 -13.41 25.81
N ALA IA 67 18.47 -12.49 25.63
CA ALA IA 67 19.72 -12.55 26.37
C ALA IA 67 19.57 -12.12 27.83
N SER IA 68 18.66 -11.19 28.13
CA SER IA 68 18.52 -10.70 29.50
C SER IA 68 17.77 -11.70 30.39
N THR IA 69 16.80 -12.43 29.84
CA THR IA 69 16.09 -13.42 30.64
C THR IA 69 16.95 -14.64 30.94
N VAL IA 70 17.81 -15.04 29.98
CA VAL IA 70 18.75 -16.12 30.23
C VAL IA 70 19.81 -15.67 31.24
N LEU IA 71 20.21 -14.39 31.18
CA LEU IA 71 21.11 -13.81 32.17
C LEU IA 71 20.47 -13.78 33.56
N LEU IA 72 19.17 -13.50 33.63
CA LEU IA 72 18.49 -13.48 34.92
C LEU IA 72 18.30 -14.89 35.47
N PHE IA 73 17.91 -15.83 34.59
CA PHE IA 73 17.65 -17.21 34.99
C PHE IA 73 18.92 -17.89 35.50
N SER IA 74 20.04 -17.66 34.83
CA SER IA 74 21.29 -18.26 35.28
C SER IA 74 21.84 -17.59 36.52
N SER IA 75 21.60 -16.29 36.71
CA SER IA 75 22.04 -15.62 37.93
C SER IA 75 21.22 -16.09 39.13
N ILE IA 76 19.91 -16.29 38.95
CA ILE IA 76 19.08 -16.85 40.01
C ILE IA 76 19.47 -18.30 40.29
N LEU IA 77 19.87 -19.04 39.25
CA LEU IA 77 20.36 -20.40 39.44
C LEU IA 77 21.68 -20.46 40.21
N LEU IA 78 22.58 -19.52 39.93
CA LEU IA 78 23.83 -19.41 40.69
C LEU IA 78 23.53 -19.08 42.14
N MET IA 79 22.61 -18.14 42.37
CA MET IA 79 22.21 -17.76 43.73
C MET IA 79 21.49 -18.90 44.46
N LEU IA 80 20.80 -19.77 43.73
CA LEU IA 80 20.17 -20.95 44.32
C LEU IA 80 21.20 -22.01 44.66
N LYS IA 81 22.27 -22.14 43.87
CA LYS IA 81 23.31 -23.12 44.19
C LYS IA 81 24.19 -22.63 45.33
N ASN IA 82 24.84 -21.48 45.15
CA ASN IA 82 25.61 -20.83 46.21
C ASN IA 82 25.18 -19.37 46.39
N ASN IA 83 24.88 -19.00 47.64
CA ASN IA 83 24.02 -17.83 47.87
C ASN IA 83 24.80 -16.53 47.79
N MET IA 84 26.11 -16.60 47.67
CA MET IA 84 26.89 -15.41 47.34
C MET IA 84 26.93 -15.21 45.83
N ASN IA 85 27.30 -14.00 45.40
CA ASN IA 85 27.32 -13.69 43.97
C ASN IA 85 28.51 -14.32 43.28
N ASN IA 86 29.59 -14.57 44.02
CA ASN IA 86 30.74 -15.23 43.43
C ASN IA 86 30.60 -16.74 43.48
N GLU IA 87 31.57 -17.43 42.90
CA GLU IA 87 31.57 -18.88 42.83
C GLU IA 87 32.99 -19.37 43.05
N ILE IA 88 33.15 -20.38 43.93
CA ILE IA 88 34.48 -20.88 44.27
C ILE IA 88 35.06 -21.66 43.09
N ASN IA 89 34.43 -22.77 42.73
CA ASN IA 89 34.79 -23.50 41.52
C ASN IA 89 33.78 -23.21 40.41
N GLU IA 90 34.31 -22.87 39.23
CA GLU IA 90 33.45 -22.44 38.14
C GLU IA 90 32.73 -23.62 37.52
N SER IA 91 31.46 -23.41 37.17
CA SER IA 91 30.60 -24.49 36.73
C SER IA 91 29.76 -24.01 35.56
N PHE IA 92 28.69 -24.75 35.25
CA PHE IA 92 27.92 -24.52 34.04
C PHE IA 92 27.01 -23.30 34.14
N THR IA 93 26.62 -22.89 35.36
CA THR IA 93 25.78 -21.69 35.48
C THR IA 93 26.55 -20.42 35.13
N SER IA 94 27.87 -20.40 35.39
CA SER IA 94 28.69 -19.30 34.89
C SER IA 94 28.84 -19.36 33.38
N MET IA 95 28.79 -20.56 32.79
CA MET IA 95 28.81 -20.67 31.34
C MET IA 95 27.53 -20.13 30.72
N ILE IA 96 26.38 -20.37 31.37
CA ILE IA 96 25.12 -19.81 30.88
C ILE IA 96 25.09 -18.29 31.05
N ILE IA 97 25.66 -17.78 32.15
CA ILE IA 97 25.80 -16.34 32.36
C ILE IA 97 26.66 -15.71 31.28
N MET IA 98 27.78 -16.36 30.95
CA MET IA 98 28.71 -15.79 29.98
C MET IA 98 28.15 -15.88 28.56
N SER IA 99 27.40 -16.95 28.25
CA SER IA 99 26.76 -17.06 26.95
C SER IA 99 25.64 -16.03 26.79
N ALA IA 100 24.89 -15.75 27.87
CA ALA IA 100 23.89 -14.70 27.82
C ALA IA 100 24.53 -13.33 27.70
N LEU IA 101 25.72 -13.14 28.25
CA LEU IA 101 26.46 -11.90 28.04
C LEU IA 101 27.01 -11.80 26.62
N LEU IA 102 27.40 -12.94 26.03
CA LEU IA 102 27.94 -12.93 24.68
C LEU IA 102 26.85 -12.71 23.64
N LEU IA 103 25.61 -13.10 23.94
CA LEU IA 103 24.51 -12.70 23.07
C LEU IA 103 24.25 -11.20 23.16
N LYS IA 104 24.46 -10.60 24.34
CA LYS IA 104 24.31 -9.15 24.47
C LYS IA 104 25.43 -8.42 23.74
N SER IA 105 26.67 -8.89 23.90
CA SER IA 105 27.82 -8.19 23.31
C SER IA 105 27.90 -8.40 21.81
N GLY IA 106 27.68 -9.62 21.34
CA GLY IA 106 27.76 -9.90 19.92
C GLY IA 106 29.00 -10.68 19.52
N ALA IA 107 29.40 -11.65 20.34
CA ALA IA 107 30.47 -12.55 19.98
C ALA IA 107 30.01 -13.48 18.86
N ALA IA 108 30.97 -14.04 18.12
CA ALA IA 108 30.68 -14.64 16.82
C ALA IA 108 29.81 -15.90 16.79
N PRO IA 109 29.75 -16.77 17.82
CA PRO IA 109 28.65 -17.74 17.82
C PRO IA 109 27.26 -17.13 17.93
N PHE IA 110 27.15 -15.91 18.49
CA PHE IA 110 25.88 -15.24 18.70
C PHE IA 110 25.81 -13.87 18.03
N HIS IA 111 26.58 -13.64 16.97
CA HIS IA 111 26.73 -12.31 16.39
C HIS IA 111 25.84 -12.06 15.20
N PHE IA 112 25.00 -13.02 14.80
CA PHE IA 112 24.33 -12.95 13.51
C PHE IA 112 23.22 -11.89 13.46
N TRP IA 113 22.76 -11.43 14.63
CA TRP IA 113 21.83 -10.30 14.67
C TRP IA 113 22.52 -8.97 14.37
N PHE IA 114 23.85 -8.89 14.56
CA PHE IA 114 24.52 -7.60 14.63
C PHE IA 114 24.62 -6.92 13.25
N PRO IA 115 25.19 -7.53 12.19
CA PRO IA 115 25.19 -6.80 10.91
C PRO IA 115 23.84 -6.80 10.21
N ASN IA 116 22.99 -7.81 10.49
CA ASN IA 116 21.65 -7.85 9.93
C ASN IA 116 20.78 -6.74 10.48
N MET IA 117 21.01 -6.34 11.74
CA MET IA 117 20.37 -5.13 12.24
C MET IA 117 21.06 -3.88 11.71
N MET IA 118 22.39 -3.93 11.56
CA MET IA 118 23.15 -2.77 11.11
C MET IA 118 22.87 -2.39 9.65
N GLU IA 119 22.30 -3.30 8.85
CA GLU IA 119 22.02 -3.01 7.46
C GLU IA 119 20.94 -1.94 7.24
N GLY IA 120 20.18 -1.56 8.27
CA GLY IA 120 19.13 -0.57 8.10
C GLY IA 120 19.11 0.56 9.12
N LEU IA 121 20.27 1.06 9.54
CA LEU IA 121 20.32 2.10 10.55
C LEU IA 121 20.94 3.37 9.99
N THR IA 122 21.07 4.36 10.86
CA THR IA 122 21.85 5.56 10.59
C THR IA 122 23.24 5.41 11.20
N TRP IA 123 24.08 6.42 11.02
CA TRP IA 123 25.47 6.35 11.44
C TRP IA 123 25.72 6.89 12.84
N MET IA 124 24.69 7.38 13.53
CA MET IA 124 24.82 7.85 14.91
C MET IA 124 24.30 6.84 15.90
N ASN IA 125 23.21 6.14 15.54
CA ASN IA 125 22.74 5.03 16.36
C ASN IA 125 23.68 3.83 16.24
N ALA IA 126 24.36 3.69 15.10
CA ALA IA 126 25.46 2.72 15.01
C ALA IA 126 26.62 3.11 15.91
N LEU IA 127 26.90 4.42 16.00
CA LEU IA 127 27.92 4.93 16.92
C LEU IA 127 27.57 4.66 18.38
N MET IA 128 26.29 4.77 18.73
CA MET IA 128 25.86 4.34 20.05
C MET IA 128 25.89 2.83 20.21
N LEU IA 129 25.68 2.07 19.14
CA LEU IA 129 25.53 0.63 19.28
C LEU IA 129 26.88 -0.08 19.44
N MET IA 130 27.87 0.25 18.61
CA MET IA 130 29.15 -0.46 18.71
C MET IA 130 30.08 0.13 19.76
N THR IA 131 29.72 1.23 20.41
CA THR IA 131 30.57 1.82 21.43
C THR IA 131 29.95 1.76 22.83
N TRP IA 132 28.78 2.38 23.03
CA TRP IA 132 28.27 2.46 24.39
C TRP IA 132 27.54 1.20 24.80
N GLN IA 133 26.87 0.54 23.85
CA GLN IA 133 26.12 -0.67 24.16
C GLN IA 133 27.02 -1.88 24.32
N LYS IA 134 28.32 -1.73 24.02
CA LYS IA 134 29.27 -2.77 24.36
C LYS IA 134 29.86 -2.55 25.75
N ILE IA 135 29.48 -1.45 26.43
CA ILE IA 135 29.97 -1.25 27.78
C ILE IA 135 29.28 -2.19 28.76
N ALA IA 136 27.95 -2.25 28.70
CA ALA IA 136 27.18 -3.01 29.69
C ALA IA 136 27.42 -4.52 29.71
N PRO IA 137 27.53 -5.25 28.58
CA PRO IA 137 27.85 -6.68 28.73
C PRO IA 137 29.32 -6.98 29.02
N LEU IA 138 30.26 -6.23 28.42
CA LEU IA 138 31.67 -6.60 28.50
C LEU IA 138 32.24 -6.35 29.89
N MET IA 139 31.65 -5.44 30.64
CA MET IA 139 32.15 -5.12 31.96
C MET IA 139 31.64 -6.14 32.98
N LEU IA 140 30.67 -6.96 32.58
CA LEU IA 140 30.20 -8.05 33.43
C LEU IA 140 30.92 -9.36 33.11
N ILE IA 141 31.46 -9.47 31.89
CA ILE IA 141 32.26 -10.62 31.45
C ILE IA 141 33.55 -10.73 32.25
N SER IA 142 34.08 -9.59 32.70
CA SER IA 142 35.30 -9.57 33.51
C SER IA 142 35.12 -10.18 34.90
N TYR IA 143 33.90 -10.44 35.35
CA TYR IA 143 33.67 -11.02 36.67
C TYR IA 143 33.78 -12.55 36.67
N LEU IA 144 33.85 -13.19 35.51
CA LEU IA 144 33.89 -14.64 35.42
C LEU IA 144 35.28 -15.10 35.04
N ASN IA 145 35.60 -16.35 35.41
CA ASN IA 145 36.98 -16.84 35.36
C ASN IA 145 37.08 -18.12 34.52
N ILE IA 146 36.08 -18.40 33.69
CA ILE IA 146 36.19 -19.51 32.75
C ILE IA 146 36.96 -19.06 31.51
N LYS IA 147 37.79 -19.96 31.00
CA LYS IA 147 38.79 -19.65 29.98
C LYS IA 147 38.40 -20.13 28.59
N TYR IA 148 37.78 -21.31 28.48
CA TYR IA 148 37.55 -21.91 27.17
C TYR IA 148 36.42 -21.24 26.40
N LEU IA 149 35.41 -20.70 27.10
CA LEU IA 149 34.38 -19.91 26.43
C LEU IA 149 34.95 -18.63 25.84
N LEU IA 150 35.81 -17.95 26.59
CA LEU IA 150 36.51 -16.77 26.06
C LEU IA 150 37.44 -17.13 24.93
N LEU IA 151 38.08 -18.31 25.01
CA LEU IA 151 38.98 -18.78 23.95
C LEU IA 151 38.24 -19.02 22.65
N ILE IA 152 37.10 -19.74 22.73
CA ILE IA 152 36.27 -20.03 21.58
C ILE IA 152 35.68 -18.75 21.00
N SER IA 153 35.26 -17.83 21.87
CA SER IA 153 34.68 -16.57 21.41
C SER IA 153 35.72 -15.67 20.74
N VAL IA 154 36.95 -15.62 21.27
CA VAL IA 154 38.01 -14.82 20.67
C VAL IA 154 38.42 -15.37 19.31
N ILE IA 155 38.60 -16.70 19.23
CA ILE IA 155 39.01 -17.33 17.98
C ILE IA 155 37.92 -17.18 16.91
N LEU IA 156 36.67 -17.47 17.29
CA LEU IA 156 35.56 -17.35 16.34
C LEU IA 156 35.32 -15.90 15.96
N SER IA 157 35.55 -14.95 16.87
CA SER IA 157 35.39 -13.53 16.54
C SER IA 157 36.42 -13.06 15.55
N VAL IA 158 37.68 -13.48 15.70
CA VAL IA 158 38.69 -12.97 14.78
C VAL IA 158 38.69 -13.68 13.42
N ILE IA 159 38.27 -14.94 13.32
CA ILE IA 159 38.08 -15.49 11.97
C ILE IA 159 36.75 -15.05 11.34
N ILE IA 160 35.62 -15.17 12.05
CA ILE IA 160 34.32 -14.88 11.44
C ILE IA 160 34.14 -13.39 11.17
N GLY IA 161 34.60 -12.53 12.09
CA GLY IA 161 34.47 -11.10 11.89
C GLY IA 161 35.35 -10.53 10.79
N ALA IA 162 36.43 -11.23 10.44
CA ALA IA 162 37.31 -10.75 9.37
C ALA IA 162 36.92 -11.29 8.01
N ILE IA 163 36.57 -12.58 7.93
CA ILE IA 163 36.20 -13.18 6.66
C ILE IA 163 34.84 -12.66 6.19
N GLY IA 164 33.89 -12.53 7.12
CA GLY IA 164 32.52 -12.16 6.76
C GLY IA 164 32.36 -10.74 6.29
N GLY IA 165 33.32 -9.86 6.57
CA GLY IA 165 33.27 -8.50 6.07
C GLY IA 165 33.76 -8.30 4.66
N LEU IA 166 34.25 -9.36 4.01
CA LEU IA 166 34.78 -9.24 2.65
C LEU IA 166 33.69 -9.10 1.62
N ASN IA 167 32.61 -9.88 1.75
CA ASN IA 167 31.53 -9.85 0.78
C ASN IA 167 30.69 -8.59 0.88
N GLN IA 168 30.68 -7.94 2.05
CA GLN IA 168 29.82 -6.79 2.27
C GLN IA 168 30.37 -5.55 1.59
N THR IA 169 29.57 -4.94 0.73
CA THR IA 169 29.91 -3.66 0.14
C THR IA 169 29.17 -2.49 0.78
N SER IA 170 28.20 -2.76 1.64
CA SER IA 170 27.58 -1.72 2.45
C SER IA 170 28.53 -1.34 3.58
N LEU IA 171 28.59 -0.04 3.88
CA LEU IA 171 29.57 0.44 4.85
C LEU IA 171 29.15 0.10 6.28
N ARG IA 172 27.84 0.04 6.55
CA ARG IA 172 27.38 -0.24 7.90
C ARG IA 172 27.64 -1.69 8.30
N LYS IA 173 27.34 -2.64 7.41
CA LYS IA 173 27.61 -4.04 7.70
C LYS IA 173 29.11 -4.33 7.75
N LEU IA 174 29.90 -3.63 6.94
CA LEU IA 174 31.35 -3.78 6.98
C LEU IA 174 31.91 -3.25 8.29
N MET IA 175 31.40 -2.11 8.77
CA MET IA 175 31.84 -1.60 10.06
C MET IA 175 31.36 -2.46 11.22
N ALA IA 176 30.18 -3.09 11.09
CA ALA IA 176 29.73 -4.04 12.10
C ALA IA 176 30.63 -5.28 12.15
N PHE IA 177 31.01 -5.80 10.99
CA PHE IA 177 31.92 -6.95 10.94
C PHE IA 177 33.32 -6.57 11.42
N SER IA 178 33.76 -5.35 11.17
CA SER IA 178 35.03 -4.89 11.71
C SER IA 178 34.98 -4.70 13.21
N SER IA 179 33.83 -4.28 13.75
CA SER IA 179 33.67 -4.16 15.19
C SER IA 179 33.55 -5.52 15.86
N ILE IA 180 33.10 -6.54 15.12
CA ILE IA 180 33.08 -7.90 15.67
C ILE IA 180 34.51 -8.44 15.84
N ASN IA 181 35.39 -8.12 14.89
CA ASN IA 181 36.79 -8.52 15.02
C ASN IA 181 37.48 -7.72 16.13
N HIS IA 182 37.17 -6.42 16.24
CA HIS IA 182 37.71 -5.63 17.33
C HIS IA 182 37.07 -5.96 18.66
N LEU IA 183 35.92 -6.64 18.66
CA LEU IA 183 35.38 -7.19 19.91
C LEU IA 183 36.25 -8.33 20.43
N GLY IA 184 36.74 -9.19 19.53
CA GLY IA 184 37.55 -10.34 19.95
C GLY IA 184 38.88 -9.96 20.56
N TRP IA 185 39.47 -8.85 20.10
CA TRP IA 185 40.68 -8.32 20.73
C TRP IA 185 40.38 -7.79 22.13
N MET IA 186 39.15 -7.34 22.38
CA MET IA 186 38.80 -6.87 23.70
C MET IA 186 38.58 -8.03 24.67
N LEU IA 187 37.97 -9.13 24.20
CA LEU IA 187 37.84 -10.29 25.08
C LEU IA 187 39.14 -11.04 25.28
N SER IA 188 40.06 -10.96 24.30
CA SER IA 188 41.38 -11.55 24.53
C SER IA 188 42.18 -10.74 25.54
N SER IA 189 41.94 -9.43 25.59
CA SER IA 189 42.54 -8.60 26.61
C SER IA 189 41.86 -8.76 27.97
N LEU IA 190 40.61 -9.24 28.00
CA LEU IA 190 39.90 -9.41 29.26
C LEU IA 190 40.37 -10.62 30.06
N MET IA 191 40.99 -11.61 29.41
CA MET IA 191 41.51 -12.76 30.13
C MET IA 191 42.81 -12.47 30.86
N ILE IA 192 43.49 -11.37 30.50
CA ILE IA 192 44.79 -11.07 31.05
C ILE IA 192 44.83 -9.78 31.85
N SER IA 193 43.91 -8.85 31.61
CA SER IA 193 43.90 -7.59 32.35
C SER IA 193 42.51 -7.00 32.34
N GLU IA 194 42.23 -6.14 33.31
CA GLU IA 194 41.04 -5.31 33.30
C GLU IA 194 41.37 -3.85 32.98
N SER IA 195 42.64 -3.54 32.70
CA SER IA 195 43.06 -2.20 32.33
C SER IA 195 43.49 -2.09 30.88
N ILE IA 196 44.15 -3.12 30.34
CA ILE IA 196 44.48 -3.18 28.92
C ILE IA 196 43.20 -3.27 28.08
N TRP IA 197 42.15 -3.90 28.63
CA TRP IA 197 40.83 -3.86 28.00
C TRP IA 197 40.29 -2.44 27.93
N LEU IA 198 40.49 -1.66 28.99
CA LEU IA 198 40.04 -0.26 28.96
C LEU IA 198 40.84 0.57 27.97
N ILE IA 199 42.12 0.27 27.83
CA ILE IA 199 42.98 0.95 26.84
C ILE IA 199 42.48 0.67 25.43
N TYR IA 200 42.28 -0.62 25.11
CA TYR IA 200 41.82 -1.02 23.79
C TYR IA 200 40.42 -0.52 23.52
N PHE IA 201 39.55 -0.54 24.53
CA PHE IA 201 38.18 -0.11 24.32
C PHE IA 201 38.08 1.40 24.15
N PHE IA 202 38.87 2.17 24.91
CA PHE IA 202 38.83 3.62 24.79
C PHE IA 202 39.37 4.08 23.44
N PHE IA 203 40.48 3.51 22.99
CA PHE IA 203 40.98 3.96 21.69
C PHE IA 203 40.21 3.37 20.52
N TYR IA 204 39.63 2.16 20.67
CA TYR IA 204 38.72 1.64 19.66
C TYR IA 204 37.45 2.49 19.59
N SER IA 205 36.99 2.98 20.75
CA SER IA 205 35.88 3.92 20.78
C SER IA 205 36.22 5.22 20.09
N PHE IA 206 37.44 5.73 20.33
CA PHE IA 206 37.94 6.95 19.70
C PHE IA 206 38.00 6.81 18.18
N LEU IA 207 38.50 5.67 17.72
CA LEU IA 207 38.54 5.38 16.28
C LEU IA 207 37.14 5.20 15.71
N SER IA 208 36.21 4.67 16.51
CA SER IA 208 34.81 4.55 16.06
C SER IA 208 34.15 5.92 15.93
N PHE IA 209 34.39 6.84 16.88
CA PHE IA 209 33.86 8.20 16.75
C PHE IA 209 34.44 8.91 15.54
N VAL IA 210 35.75 8.80 15.32
CA VAL IA 210 36.34 9.58 14.23
C VAL IA 210 36.04 8.94 12.87
N LEU IA 211 35.79 7.63 12.82
CA LEU IA 211 35.54 7.03 11.52
C LEU IA 211 34.05 7.05 11.15
N THR IA 212 33.15 6.94 12.13
CA THR IA 212 31.73 7.04 11.82
C THR IA 212 31.27 8.47 11.63
N PHE IA 213 32.08 9.47 12.04
CA PHE IA 213 31.77 10.85 11.72
C PHE IA 213 32.04 11.19 10.27
N MET IA 214 32.94 10.45 9.60
CA MET IA 214 33.15 10.66 8.17
C MET IA 214 31.94 10.23 7.37
N PHE IA 215 31.27 9.15 7.79
CA PHE IA 215 30.10 8.65 7.07
C PHE IA 215 28.79 9.27 7.54
N ASN IA 216 28.79 10.04 8.62
CA ASN IA 216 27.56 10.65 9.11
C ASN IA 216 27.39 12.07 8.60
N ILE IA 217 28.48 12.84 8.52
CA ILE IA 217 28.42 14.20 8.04
C ILE IA 217 28.14 14.23 6.54
N PHE IA 218 28.83 13.37 5.78
CA PHE IA 218 28.71 13.34 4.33
C PHE IA 218 27.71 12.31 3.82
N LYS IA 219 27.09 11.55 4.73
CA LYS IA 219 26.01 10.58 4.46
C LYS IA 219 26.44 9.51 3.45
N LEU IA 220 27.44 8.72 3.86
CA LEU IA 220 28.01 7.67 3.04
C LEU IA 220 27.57 6.32 3.58
N PHE IA 221 26.98 5.50 2.70
CA PHE IA 221 26.49 4.18 3.10
C PHE IA 221 26.95 3.06 2.17
N HIS IA 222 27.84 3.35 1.22
CA HIS IA 222 28.20 2.35 0.22
C HIS IA 222 29.66 2.53 -0.16
N LEU IA 223 30.25 1.44 -0.67
CA LEU IA 223 31.62 1.52 -1.16
C LEU IA 223 31.71 2.33 -2.44
N ASN IA 224 30.70 2.21 -3.31
CA ASN IA 224 30.69 3.00 -4.54
C ASN IA 224 30.37 4.46 -4.26
N GLN IA 225 29.70 4.74 -3.14
CA GLN IA 225 29.41 6.11 -2.76
C GLN IA 225 30.64 6.87 -2.29
N LEU IA 226 31.69 6.15 -1.88
CA LEU IA 226 32.94 6.79 -1.51
C LEU IA 226 33.70 7.29 -2.73
N PHE IA 227 33.56 6.62 -3.87
CA PHE IA 227 34.23 7.04 -5.09
C PHE IA 227 33.59 8.30 -5.67
N SER IA 228 32.29 8.47 -5.48
CA SER IA 228 31.58 9.66 -5.96
C SER IA 228 31.59 10.81 -4.97
N TRP IA 229 32.21 10.63 -3.80
CA TRP IA 229 32.28 11.68 -2.82
C TRP IA 229 33.23 12.77 -3.29
N PHE IA 230 32.74 14.01 -3.29
CA PHE IA 230 33.49 15.14 -3.82
C PHE IA 230 34.18 15.88 -2.68
N VAL IA 231 35.51 15.88 -2.70
CA VAL IA 231 36.33 16.71 -1.83
C VAL IA 231 37.07 17.69 -2.73
N ASN IA 232 37.14 18.95 -2.31
CA ASN IA 232 37.68 20.02 -3.15
C ASN IA 232 39.17 19.83 -3.46
N SER IA 233 39.92 19.33 -2.49
CA SER IA 233 41.32 18.97 -2.69
C SER IA 233 41.47 17.47 -2.43
N LYS IA 234 42.06 16.76 -3.40
CA LYS IA 234 42.20 15.32 -3.29
C LYS IA 234 43.27 14.91 -2.28
N ILE IA 235 44.14 15.84 -1.88
CA ILE IA 235 45.09 15.58 -0.79
C ILE IA 235 44.34 15.47 0.54
N LEU IA 236 43.28 16.27 0.71
CA LEU IA 236 42.48 16.21 1.93
C LEU IA 236 41.70 14.91 2.03
N LYS IA 237 41.18 14.41 0.90
CA LYS IA 237 40.52 13.11 0.88
C LYS IA 237 41.50 11.98 1.14
N PHE IA 238 42.73 12.12 0.65
CA PHE IA 238 43.77 11.14 0.92
C PHE IA 238 44.19 11.16 2.39
N THR IA 239 44.22 12.35 3.00
CA THR IA 239 44.62 12.47 4.40
C THR IA 239 43.52 12.00 5.33
N LEU IA 240 42.25 12.31 5.01
CA LEU IA 240 41.12 11.90 5.84
C LEU IA 240 40.89 10.40 5.84
N PHE IA 241 41.37 9.69 4.82
CA PHE IA 241 41.21 8.24 4.73
C PHE IA 241 42.33 7.48 5.42
N MET IA 242 43.22 8.18 6.14
CA MET IA 242 44.25 7.51 6.91
C MET IA 242 43.74 6.96 8.24
N ASN IA 243 42.50 7.26 8.62
CA ASN IA 243 41.90 6.67 9.79
C ASN IA 243 41.61 5.19 9.61
N PHE IA 244 41.43 4.73 8.36
CA PHE IA 244 41.28 3.30 8.11
C PHE IA 244 42.60 2.57 8.35
N LEU IA 245 43.70 3.14 7.87
CA LEU IA 245 45.03 2.60 8.15
C LEU IA 245 45.38 2.75 9.63
N SER IA 246 44.84 3.77 10.29
CA SER IA 246 45.04 3.94 11.73
C SER IA 246 44.33 2.86 12.51
N LEU IA 247 43.06 2.61 12.20
CA LEU IA 247 42.27 1.63 12.94
C LEU IA 247 42.67 0.20 12.58
N GLY IA 248 43.25 -0.01 11.39
CA GLY IA 248 43.74 -1.34 11.04
C GLY IA 248 44.99 -1.79 11.77
N GLY IA 249 45.66 -0.88 12.48
CA GLY IA 249 46.81 -1.26 13.28
C GLY IA 249 48.13 -1.09 12.56
N LEU IA 250 48.35 0.09 11.98
CA LEU IA 250 49.61 0.34 11.30
C LEU IA 250 50.51 1.24 12.15
N PRO IA 251 51.81 0.95 12.21
CA PRO IA 251 52.72 1.52 13.26
C PRO IA 251 52.85 3.04 13.30
N PRO IA 252 52.88 3.81 12.19
CA PRO IA 252 53.05 5.27 12.40
C PRO IA 252 51.82 5.97 12.95
N PHE IA 253 50.63 5.44 12.73
CA PHE IA 253 49.42 6.09 13.21
C PHE IA 253 49.02 5.54 14.58
N LEU IA 254 48.07 6.20 15.22
CA LEU IA 254 47.44 5.68 16.43
C LEU IA 254 46.55 4.51 16.04
N GLY IA 255 46.27 3.63 16.99
CA GLY IA 255 45.53 2.42 16.68
C GLY IA 255 46.45 1.23 16.57
N PHE IA 256 47.74 1.51 16.33
CA PHE IA 256 48.76 0.49 16.54
C PHE IA 256 49.04 0.32 18.03
N LEU IA 257 48.93 1.42 18.80
CA LEU IA 257 49.20 1.42 20.23
C LEU IA 257 48.36 0.44 21.07
N PRO IA 258 46.99 0.34 20.93
CA PRO IA 258 46.27 -0.58 21.83
C PRO IA 258 46.46 -2.04 21.46
N LYS IA 259 46.50 -2.30 20.15
CA LYS IA 259 46.81 -3.64 19.65
C LYS IA 259 48.20 -4.07 20.09
N TRP IA 260 49.16 -3.14 20.04
CA TRP IA 260 50.51 -3.40 20.51
C TRP IA 260 50.58 -3.62 22.02
N LEU IA 261 49.77 -2.92 22.80
CA LEU IA 261 49.74 -3.18 24.23
C LEU IA 261 49.10 -4.52 24.55
N VAL IA 262 48.11 -4.94 23.74
CA VAL IA 262 47.54 -6.27 23.88
C VAL IA 262 48.58 -7.35 23.53
N ILE IA 263 49.37 -7.11 22.48
CA ILE IA 263 50.46 -8.03 22.09
C ILE IA 263 51.52 -8.11 23.20
N GLN IA 264 51.88 -6.96 23.78
CA GLN IA 264 52.86 -6.90 24.85
C GLN IA 264 52.37 -7.62 26.11
N GLN IA 265 51.10 -7.45 26.45
CA GLN IA 265 50.60 -8.08 27.66
C GLN IA 265 50.28 -9.56 27.46
N LEU IA 266 49.91 -9.99 26.25
CA LEU IA 266 49.61 -11.40 26.02
C LEU IA 266 50.88 -12.24 25.97
N THR IA 267 51.95 -11.71 25.38
CA THR IA 267 53.22 -12.44 25.32
C THR IA 267 53.83 -12.55 26.71
N LEU IA 268 53.68 -11.52 27.53
CA LEU IA 268 54.11 -11.57 28.92
C LEU IA 268 53.25 -12.52 29.76
N CYS IA 269 52.02 -12.82 29.31
CA CYS IA 269 51.15 -13.78 29.97
C CYS IA 269 51.22 -15.17 29.33
N ASN IA 270 52.26 -15.41 28.51
CA ASN IA 270 52.60 -16.71 27.93
C ASN IA 270 51.50 -17.28 27.04
N GLN IA 271 50.77 -16.42 26.34
CA GLN IA 271 49.73 -16.85 25.41
C GLN IA 271 50.16 -16.43 24.00
N TYR IA 272 50.74 -17.37 23.26
CA TYR IA 272 51.33 -17.08 21.95
C TYR IA 272 50.51 -17.59 20.79
N PHE IA 273 49.83 -18.73 20.92
CA PHE IA 273 49.10 -19.30 19.79
C PHE IA 273 47.83 -18.54 19.48
N MET IA 274 47.11 -18.09 20.51
CA MET IA 274 45.89 -17.30 20.30
C MET IA 274 46.22 -15.93 19.70
N LEU IA 275 47.36 -15.35 20.08
CA LEU IA 275 47.83 -14.11 19.48
C LEU IA 275 48.15 -14.29 18.00
N THR IA 276 48.77 -15.41 17.64
CA THR IA 276 49.05 -15.69 16.24
C THR IA 276 47.77 -15.96 15.46
N LEU IA 277 46.79 -16.60 16.11
CA LEU IA 277 45.49 -16.83 15.46
C LEU IA 277 44.74 -15.52 15.24
N MET IA 278 44.88 -14.55 16.15
CA MET IA 278 44.24 -13.26 15.92
C MET IA 278 44.96 -12.45 14.85
N MET IA 279 46.29 -12.43 14.87
CA MET IA 279 47.02 -11.57 13.94
C MET IA 279 47.17 -12.13 12.54
N MET IA 280 47.00 -13.43 12.34
CA MET IA 280 46.81 -13.92 10.98
C MET IA 280 45.40 -13.63 10.49
N SER IA 281 44.46 -13.37 11.38
CA SER IA 281 43.08 -13.06 11.03
C SER IA 281 42.74 -11.59 11.29
N THR IA 282 43.73 -10.72 11.37
CA THR IA 282 43.51 -9.28 11.34
C THR IA 282 44.00 -8.64 10.06
N LEU IA 283 44.72 -9.39 9.22
CA LEU IA 283 45.15 -8.87 7.92
C LEU IA 283 43.97 -8.73 6.97
N ILE IA 284 42.96 -9.59 7.12
CA ILE IA 284 41.74 -9.49 6.32
C ILE IA 284 40.97 -8.24 6.68
N THR IA 285 41.03 -7.82 7.95
CA THR IA 285 40.41 -6.57 8.37
C THR IA 285 41.09 -5.37 7.72
N LEU IA 286 42.42 -5.40 7.62
CA LEU IA 286 43.12 -4.36 6.87
C LEU IA 286 42.88 -4.48 5.37
N PHE IA 287 42.52 -5.68 4.90
CA PHE IA 287 42.20 -5.82 3.48
C PHE IA 287 40.87 -5.15 3.14
N PHE IA 288 39.85 -5.35 3.96
CA PHE IA 288 38.63 -4.59 3.65
C PHE IA 288 38.68 -3.16 4.16
N TYR IA 289 39.69 -2.79 4.95
CA TYR IA 289 39.96 -1.38 5.17
C TYR IA 289 40.64 -0.75 3.96
N LEU IA 290 41.56 -1.47 3.33
CA LEU IA 290 42.25 -0.96 2.14
C LEU IA 290 41.37 -1.00 0.90
N ARG IA 291 40.30 -1.80 0.91
CA ARG IA 291 39.34 -1.76 -0.18
C ARG IA 291 38.51 -0.48 -0.13
N ILE IA 292 38.28 0.05 1.08
CA ILE IA 292 37.73 1.39 1.22
C ILE IA 292 38.73 2.42 0.72
N CYS IA 293 40.01 2.21 1.02
CA CYS IA 293 41.08 3.13 0.67
C CYS IA 293 41.46 3.12 -0.82
N TYR IA 294 40.76 2.34 -1.64
CA TYR IA 294 40.88 2.49 -3.09
C TYR IA 294 40.34 3.84 -3.56
N SER IA 295 39.38 4.40 -2.82
CA SER IA 295 38.69 5.62 -3.23
C SER IA 295 39.44 6.90 -2.84
N ALA IA 296 40.59 6.80 -2.18
CA ALA IA 296 41.37 7.99 -1.87
C ALA IA 296 42.87 7.87 -2.10
N PHE IA 297 43.45 6.67 -2.14
CA PHE IA 297 44.90 6.56 -2.21
C PHE IA 297 45.43 6.87 -3.61
N MET IA 298 44.69 6.51 -4.64
CA MET IA 298 44.95 7.07 -5.97
C MET IA 298 44.59 8.55 -5.96
N MET IA 299 45.25 9.31 -6.81
CA MET IA 299 45.17 10.76 -6.68
C MET IA 299 44.19 11.39 -7.65
N ASN IA 300 43.65 10.63 -8.59
CA ASN IA 300 42.68 11.12 -9.57
C ASN IA 300 41.67 10.03 -9.86
N TYR IA 301 40.41 10.41 -10.02
CA TYR IA 301 39.33 9.46 -10.24
C TYR IA 301 38.40 9.94 -11.33
N PHE IA 302 37.60 9.01 -11.84
CA PHE IA 302 36.58 9.31 -12.86
C PHE IA 302 35.29 9.74 -12.16
N GLU IA 303 35.33 10.97 -11.65
CA GLU IA 303 34.26 11.50 -10.81
C GLU IA 303 33.03 11.88 -11.63
N ASN IA 304 31.88 11.84 -10.97
CA ASN IA 304 30.66 12.41 -11.53
C ASN IA 304 30.68 13.92 -11.37
N ASN IA 305 30.29 14.63 -12.42
CA ASN IA 305 30.57 16.05 -12.52
C ASN IA 305 29.40 16.96 -12.18
N TRP IA 306 28.27 16.42 -11.70
CA TRP IA 306 27.14 17.30 -11.41
C TRP IA 306 27.31 18.05 -10.10
N ILE IA 307 28.02 17.45 -9.13
CA ILE IA 307 28.24 18.07 -7.83
C ILE IA 307 29.64 18.69 -7.81
N MET IA 308 29.71 19.98 -7.48
CA MET IA 308 30.96 20.71 -7.46
C MET IA 308 31.21 21.46 -6.16
N LYS IA 309 30.32 21.33 -5.18
CA LYS IA 309 30.49 21.95 -3.86
C LYS IA 309 30.41 20.87 -2.80
N MET IA 310 31.29 20.94 -1.82
CA MET IA 310 31.28 20.00 -0.71
C MET IA 310 30.46 20.62 0.42
N ASN IA 311 29.38 19.95 0.79
CA ASN IA 311 28.46 20.43 1.82
C ASN IA 311 28.68 19.62 3.09
N MET IA 312 28.78 20.32 4.23
CA MET IA 312 29.16 19.67 5.47
C MET IA 312 28.62 20.47 6.65
N ASN IA 313 28.54 19.80 7.79
CA ASN IA 313 28.21 20.47 9.04
C ASN IA 313 29.42 21.25 9.53
N SER IA 314 29.19 22.21 10.43
CA SER IA 314 30.26 23.03 10.97
C SER IA 314 30.78 22.53 12.30
N ILE IA 315 29.89 22.31 13.27
CA ILE IA 315 30.30 21.88 14.61
C ILE IA 315 30.80 20.45 14.59
N ASN IA 316 30.10 19.57 13.86
CA ASN IA 316 30.46 18.15 13.81
C ASN IA 316 31.78 17.94 13.07
N TYR IA 317 32.02 18.68 11.99
CA TYR IA 317 33.27 18.54 11.26
C TYR IA 317 34.40 19.29 11.96
N ASN IA 318 34.07 20.30 12.77
CA ASN IA 318 35.07 20.92 13.63
C ASN IA 318 35.53 19.96 14.72
N MET IA 319 34.60 19.17 15.27
CA MET IA 319 34.97 18.11 16.19
C MET IA 319 35.68 16.95 15.48
N TYR IA 320 35.40 16.77 14.19
CA TYR IA 320 35.98 15.67 13.43
C TYR IA 320 37.46 15.89 13.16
N MET IA 321 37.87 17.12 12.82
CA MET IA 321 39.25 17.35 12.41
C MET IA 321 40.22 17.39 13.58
N ILE IA 322 39.73 17.62 14.81
CA ILE IA 322 40.59 17.45 15.98
C ILE IA 322 40.94 15.99 16.17
N MET IA 323 39.94 15.12 16.05
CA MET IA 323 40.13 13.70 16.31
C MET IA 323 40.81 12.97 15.16
N THR IA 324 40.74 13.52 13.95
CA THR IA 324 41.48 12.96 12.82
C THR IA 324 42.98 13.23 12.97
N PHE IA 325 43.34 14.38 13.53
CA PHE IA 325 44.75 14.70 13.79
C PHE IA 325 45.35 13.74 14.81
N PHE IA 326 44.62 13.47 15.89
CA PHE IA 326 45.12 12.56 16.91
C PHE IA 326 44.97 11.09 16.52
N SER IA 327 44.21 10.78 15.47
CA SER IA 327 44.15 9.41 14.98
C SER IA 327 45.39 9.03 14.20
N ILE IA 328 46.10 9.99 13.63
CA ILE IA 328 47.28 9.71 12.82
C ILE IA 328 48.56 10.31 13.39
N PHE IA 329 48.49 11.32 14.24
CA PHE IA 329 49.67 11.87 14.90
C PHE IA 329 49.64 11.62 16.40
N GLY IA 330 48.81 10.69 16.87
CA GLY IA 330 48.64 10.46 18.28
C GLY IA 330 49.68 9.58 18.94
N LEU IA 331 50.65 9.07 18.19
CA LEU IA 331 51.70 8.26 18.79
C LEU IA 331 52.79 9.12 19.41
N PHE IA 332 52.75 10.44 19.22
CA PHE IA 332 53.66 11.34 19.91
C PHE IA 332 53.29 11.53 21.38
N LEU IA 333 52.08 11.14 21.77
CA LEU IA 333 51.59 11.31 23.13
C LEU IA 333 51.84 10.09 24.00
N ILE IA 334 52.68 9.16 23.54
CA ILE IA 334 52.98 7.97 24.34
C ILE IA 334 53.89 8.32 25.52
N SER IA 335 54.66 9.40 25.40
CA SER IA 335 55.50 9.84 26.50
C SER IA 335 54.69 10.47 27.63
N LEU IA 336 53.52 11.02 27.32
CA LEU IA 336 52.66 11.63 28.32
C LEU IA 336 51.75 10.62 29.02
N PHE IA 337 51.45 9.50 28.35
CA PHE IA 337 50.57 8.49 28.91
C PHE IA 337 51.26 7.76 30.06
N TYR IA 338 50.47 7.43 31.09
CA TYR IA 338 50.95 6.67 32.23
C TYR IA 338 50.00 5.57 32.66
N PHE IA 339 48.93 5.34 31.91
CA PHE IA 339 47.89 4.38 32.25
C PHE IA 339 48.15 2.98 31.71
N MET IA 340 49.27 2.75 31.05
CA MET IA 340 49.63 1.39 30.66
C MET IA 340 50.12 0.57 31.85
N PHE IA 341 50.78 1.22 32.81
CA PHE IA 341 51.49 0.54 33.87
C PHE IA 341 50.55 0.04 34.95
N MET JA 1 18.63 -35.28 43.81
CA MET JA 1 19.27 -34.26 44.63
C MET JA 1 18.34 -33.06 44.86
N ILE JA 2 18.91 -31.95 45.32
CA ILE JA 2 18.13 -30.76 45.65
C ILE JA 2 17.59 -30.10 44.37
N MET JA 3 18.41 -30.05 43.32
CA MET JA 3 17.97 -29.45 42.07
C MET JA 3 16.94 -30.31 41.35
N ILE JA 4 17.02 -31.63 41.49
CA ILE JA 4 16.06 -32.52 40.84
C ILE JA 4 14.68 -32.44 41.49
N LEU JA 5 14.64 -32.34 42.82
CA LEU JA 5 13.35 -32.35 43.49
C LEU JA 5 12.78 -30.95 43.69
N TYR JA 6 13.62 -29.98 44.05
CA TYR JA 6 13.19 -28.60 44.21
C TYR JA 6 13.65 -27.75 43.02
N TRP JA 7 12.75 -26.88 42.56
CA TRP JA 7 12.94 -25.91 41.47
C TRP JA 7 13.40 -26.53 40.14
N SER JA 8 13.13 -27.82 39.94
CA SER JA 8 13.41 -28.42 38.63
C SER JA 8 12.37 -28.02 37.60
N LEU JA 9 11.10 -27.97 38.02
CA LEU JA 9 10.01 -27.61 37.12
C LEU JA 9 10.08 -26.19 36.52
N PRO JA 10 10.46 -25.11 37.24
CA PRO JA 10 10.65 -23.83 36.53
C PRO JA 10 11.74 -23.84 35.48
N MET JA 11 12.81 -24.64 35.66
CA MET JA 11 13.83 -24.79 34.62
C MET JA 11 13.28 -25.46 33.36
N ILE JA 12 12.51 -26.54 33.55
CA ILE JA 12 11.95 -27.28 32.42
C ILE JA 12 10.93 -26.43 31.66
N LEU JA 13 10.06 -25.72 32.38
CA LEU JA 13 9.09 -24.87 31.70
C LEU JA 13 9.73 -23.60 31.14
N PHE JA 14 10.86 -23.17 31.72
CA PHE JA 14 11.60 -22.06 31.13
C PHE JA 14 12.24 -22.45 29.80
N ILE JA 15 12.79 -23.67 29.72
CA ILE JA 15 13.33 -24.15 28.45
C ILE JA 15 12.22 -24.40 27.43
N LEU JA 16 11.05 -24.86 27.89
CA LEU JA 16 9.92 -25.03 26.98
C LEU JA 16 9.42 -23.68 26.45
N GLY JA 17 9.37 -22.66 27.31
CA GLY JA 17 8.99 -21.34 26.83
C GLY JA 17 10.06 -20.69 25.97
N LEU JA 18 11.34 -21.01 26.21
CA LEU JA 18 12.42 -20.54 25.35
C LEU JA 18 12.34 -21.18 23.98
N PHE JA 19 12.00 -22.47 23.92
CA PHE JA 19 11.85 -23.16 22.64
C PHE JA 19 10.60 -22.69 21.90
N CYS JA 20 9.55 -22.30 22.63
CA CYS JA 20 8.39 -21.70 21.99
C CYS JA 20 8.69 -20.28 21.53
N PHE JA 21 9.64 -19.61 22.19
CA PHE JA 21 10.05 -18.26 21.81
C PHE JA 21 10.78 -18.24 20.48
N VAL JA 22 11.54 -19.28 20.16
CA VAL JA 22 12.46 -19.26 19.03
C VAL JA 22 12.09 -20.23 17.93
N SER JA 23 10.97 -20.94 18.04
CA SER JA 23 10.58 -21.90 17.02
C SER JA 23 10.07 -21.18 15.78
N ASN JA 24 10.36 -21.76 14.61
CA ASN JA 24 9.96 -21.18 13.34
C ASN JA 24 8.52 -21.51 12.96
N ARG JA 25 7.84 -22.36 13.73
CA ARG JA 25 6.45 -22.70 13.48
C ARG JA 25 5.48 -21.72 14.13
N LYS JA 26 5.99 -20.72 14.85
CA LYS JA 26 5.16 -19.74 15.53
C LYS JA 26 5.28 -18.38 14.83
N HIS JA 27 4.64 -17.38 15.42
CA HIS JA 27 4.61 -16.02 14.90
C HIS JA 27 5.04 -15.05 15.99
N LEU JA 28 5.02 -13.74 15.67
CA LEU JA 28 5.60 -12.74 16.56
C LEU JA 28 4.77 -12.55 17.83
N LEU JA 29 3.44 -12.62 17.69
CA LEU JA 29 2.58 -12.55 18.87
C LEU JA 29 2.76 -13.77 19.76
N SER JA 30 2.98 -14.94 19.16
CA SER JA 30 3.30 -16.14 19.94
C SER JA 30 4.65 -16.02 20.63
N MET JA 31 5.62 -15.34 19.99
CA MET JA 31 6.88 -15.05 20.64
C MET JA 31 6.70 -14.15 21.84
N LEU JA 32 5.86 -13.12 21.73
CA LEU JA 32 5.64 -12.21 22.86
C LEU JA 32 4.87 -12.88 24.00
N LEU JA 33 3.89 -13.73 23.67
CA LEU JA 33 3.15 -14.42 24.72
C LEU JA 33 4.00 -15.49 25.40
N SER JA 34 4.85 -16.20 24.64
CA SER JA 34 5.80 -17.13 25.25
C SER JA 34 6.87 -16.39 26.05
N LEU JA 35 7.19 -15.15 25.64
CA LEU JA 35 8.10 -14.32 26.41
C LEU JA 35 7.50 -13.96 27.76
N GLU JA 36 6.20 -13.66 27.81
CA GLU JA 36 5.62 -13.39 29.12
C GLU JA 36 5.38 -14.67 29.91
N PHE JA 37 5.30 -15.81 29.23
CA PHE JA 37 5.32 -17.10 29.93
C PHE JA 37 6.65 -17.33 30.64
N ILE JA 38 7.78 -17.02 29.98
CA ILE JA 38 9.05 -17.16 30.68
C ILE JA 38 9.27 -16.03 31.70
N VAL JA 39 8.58 -14.89 31.55
CA VAL JA 39 8.56 -13.88 32.62
C VAL JA 39 7.86 -14.45 33.87
N LEU JA 40 6.74 -15.15 33.69
CA LEU JA 40 6.05 -15.79 34.81
C LEU JA 40 6.90 -16.87 35.46
N MET JA 41 7.60 -17.67 34.65
CA MET JA 41 8.48 -18.70 35.21
C MET JA 41 9.69 -18.10 35.90
N LEU JA 42 10.20 -16.96 35.39
CA LEU JA 42 11.27 -16.24 36.07
C LEU JA 42 10.81 -15.67 37.41
N PHE JA 43 9.56 -15.20 37.49
CA PHE JA 43 9.01 -14.76 38.78
C PHE JA 43 8.90 -15.91 39.76
N PHE JA 44 8.47 -17.08 39.27
CA PHE JA 44 8.39 -18.28 40.09
C PHE JA 44 9.75 -18.66 40.66
N MET JA 45 10.79 -18.70 39.81
CA MET JA 45 12.11 -19.10 40.26
C MET JA 45 12.76 -18.03 41.16
N LEU JA 46 12.56 -16.75 40.83
CA LEU JA 46 13.06 -15.66 41.66
C LEU JA 46 12.37 -15.62 43.02
N PHE JA 47 11.10 -15.99 43.09
CA PHE JA 47 10.43 -16.00 44.38
C PHE JA 47 10.87 -17.19 45.23
N ILE JA 48 11.16 -18.33 44.59
CA ILE JA 48 11.76 -19.47 45.29
C ILE JA 48 13.15 -19.10 45.84
N TYR JA 49 13.93 -18.33 45.07
CA TYR JA 49 15.19 -17.83 45.61
C TYR JA 49 14.99 -16.84 46.75
N LEU JA 50 14.11 -15.86 46.57
CA LEU JA 50 13.95 -14.77 47.52
C LEU JA 50 13.28 -15.20 48.82
N ASN JA 51 12.62 -16.36 48.84
CA ASN JA 51 12.02 -16.83 50.07
C ASN JA 51 12.92 -17.72 50.92
N MET JA 52 14.15 -18.01 50.47
CA MET JA 52 15.13 -18.56 51.40
C MET JA 52 15.55 -17.49 52.39
N LEU JA 53 15.69 -16.26 51.92
CA LEU JA 53 15.85 -15.12 52.82
C LEU JA 53 14.46 -14.74 53.34
N ASN JA 54 14.41 -14.19 54.56
CA ASN JA 54 13.12 -13.96 55.19
C ASN JA 54 12.43 -12.71 54.65
N TYR JA 55 13.08 -11.55 54.77
CA TYR JA 55 12.40 -10.29 54.53
C TYR JA 55 12.99 -9.51 53.35
N GLU JA 56 13.41 -10.20 52.30
CA GLU JA 56 13.83 -9.57 51.06
C GLU JA 56 12.90 -9.89 49.90
N SER JA 57 11.60 -10.06 50.17
CA SER JA 57 10.67 -10.41 49.09
C SER JA 57 10.19 -9.17 48.35
N TYR JA 58 10.60 -7.98 48.80
CA TYR JA 58 10.19 -6.71 48.21
C TYR JA 58 10.79 -6.49 46.83
N PHE JA 59 11.83 -7.25 46.48
CA PHE JA 59 12.44 -7.20 45.16
C PHE JA 59 11.52 -7.75 44.07
N SER JA 60 10.47 -8.49 44.45
CA SER JA 60 9.58 -9.15 43.49
C SER JA 60 8.78 -8.15 42.67
N MET JA 61 8.52 -6.95 43.20
CA MET JA 61 7.83 -5.92 42.43
C MET JA 61 8.79 -4.99 41.69
N MET JA 62 10.10 -5.21 41.80
CA MET JA 62 11.07 -4.48 41.01
C MET JA 62 11.25 -5.15 39.65
N PHE JA 63 11.50 -6.47 39.69
CA PHE JA 63 11.57 -7.30 38.49
C PHE JA 63 10.24 -7.29 37.74
N LEU JA 64 9.13 -7.22 38.49
CA LEU JA 64 7.81 -7.11 37.88
C LEU JA 64 7.66 -5.81 37.10
N THR JA 65 8.13 -4.70 37.67
CA THR JA 65 8.06 -3.41 36.99
C THR JA 65 8.92 -3.40 35.73
N PHE JA 66 10.14 -3.97 35.81
CA PHE JA 66 11.02 -3.99 34.64
C PHE JA 66 10.50 -4.90 33.54
N SER JA 67 9.99 -6.09 33.90
CA SER JA 67 9.51 -7.01 32.86
C SER JA 67 8.17 -6.58 32.28
N VAL JA 68 7.34 -5.89 33.07
CA VAL JA 68 6.09 -5.36 32.54
C VAL JA 68 6.35 -4.18 31.59
N CYS JA 69 7.36 -3.35 31.93
CA CYS JA 69 7.79 -2.32 30.98
C CYS JA 69 8.40 -2.94 29.72
N GLU JA 70 9.08 -4.08 29.85
CA GLU JA 70 9.55 -4.83 28.67
C GLU JA 70 8.39 -5.32 27.81
N GLY JA 71 7.34 -5.85 28.44
CA GLY JA 71 6.21 -6.35 27.68
C GLY JA 71 5.42 -5.27 26.97
N ALA JA 72 5.21 -4.13 27.65
CA ALA JA 72 4.57 -2.99 27.01
C ALA JA 72 5.45 -2.40 25.91
N LEU JA 73 6.77 -2.42 26.09
CA LEU JA 73 7.70 -2.00 25.06
C LEU JA 73 7.63 -2.90 23.83
N GLY JA 74 7.54 -4.21 24.04
CA GLY JA 74 7.44 -5.14 22.92
C GLY JA 74 6.13 -5.02 22.17
N LEU JA 75 5.02 -4.84 22.90
CA LEU JA 75 3.74 -4.61 22.25
C LEU JA 75 3.72 -3.30 21.47
N SER JA 76 4.31 -2.24 22.02
CA SER JA 76 4.34 -0.97 21.30
C SER JA 76 5.32 -0.97 20.14
N ILE JA 77 6.34 -1.82 20.18
CA ILE JA 77 7.17 -2.05 19.00
C ILE JA 77 6.37 -2.79 17.94
N LEU JA 78 5.61 -3.81 18.35
CA LEU JA 78 4.96 -4.69 17.39
C LEU JA 78 3.78 -4.02 16.70
N VAL JA 79 3.01 -3.18 17.42
CA VAL JA 79 1.88 -2.51 16.82
C VAL JA 79 2.26 -1.21 16.12
N SER JA 80 3.53 -0.78 16.22
CA SER JA 80 3.98 0.36 15.46
C SER JA 80 4.21 0.04 13.99
N MET JA 81 4.18 -1.24 13.62
CA MET JA 81 4.28 -1.68 12.23
C MET JA 81 2.90 -1.83 11.58
N ILE JA 82 1.83 -1.44 12.28
CA ILE JA 82 0.48 -1.54 11.71
C ILE JA 82 0.30 -0.53 10.58
N ARG JA 83 0.72 0.71 10.80
CA ARG JA 83 0.58 1.75 9.78
C ARG JA 83 1.63 1.63 8.68
N THR JA 84 2.63 0.78 8.83
CA THR JA 84 3.69 0.63 7.83
C THR JA 84 3.66 -0.73 7.14
N HIS JA 85 3.71 -1.82 7.90
CA HIS JA 85 3.70 -3.16 7.33
C HIS JA 85 2.30 -3.72 7.12
N GLY JA 86 1.26 -3.02 7.55
CA GLY JA 86 -0.09 -3.51 7.44
C GLY JA 86 -0.49 -4.38 8.62
N ASN JA 87 -1.73 -4.85 8.57
CA ASN JA 87 -2.28 -5.69 9.63
C ASN JA 87 -1.91 -7.16 9.47
N ASP JA 88 -1.26 -7.54 8.37
CA ASP JA 88 -0.91 -8.92 8.10
C ASP JA 88 0.49 -9.30 8.58
N TYR JA 89 1.19 -8.39 9.27
CA TYR JA 89 2.53 -8.69 9.76
C TYR JA 89 2.53 -9.56 11.00
N PHE JA 90 1.36 -9.73 11.65
CA PHE JA 90 1.28 -10.61 12.81
C PHE JA 90 1.41 -12.09 12.45
N GLN JA 91 1.16 -12.45 11.19
CA GLN JA 91 1.25 -13.83 10.73
C GLN JA 91 2.62 -14.15 10.14
N SER JA 92 3.61 -13.28 10.31
CA SER JA 92 4.93 -13.51 9.74
C SER JA 92 5.66 -14.60 10.52
N PHE JA 93 6.09 -15.63 9.80
CA PHE JA 93 6.81 -16.75 10.41
C PHE JA 93 8.32 -16.53 10.46
N SER JA 94 8.82 -15.47 9.83
CA SER JA 94 10.26 -15.22 9.77
C SER JA 94 10.50 -13.72 9.86
N ILE JA 95 11.71 -13.37 10.30
CA ILE JA 95 12.08 -11.97 10.46
C ILE JA 95 13.18 -11.61 9.47
N MET KA 1 -0.12 -31.25 48.96
CA MET KA 1 -1.01 -31.89 47.99
C MET KA 1 -1.50 -30.91 46.93
N ILE KA 2 -2.08 -29.79 47.39
CA ILE KA 2 -2.61 -28.78 46.49
C ILE KA 2 -1.48 -28.06 45.75
N GLN KA 3 -0.28 -28.03 46.35
CA GLN KA 3 0.91 -27.57 45.63
C GLN KA 3 1.22 -28.49 44.46
N LEU KA 4 1.07 -29.81 44.65
CA LEU KA 4 1.26 -30.74 43.54
C LEU KA 4 0.14 -30.64 42.50
N MET KA 5 -1.08 -30.29 42.94
CA MET KA 5 -2.16 -30.03 42.01
C MET KA 5 -1.87 -28.80 41.15
N LEU KA 6 -1.29 -27.76 41.76
CA LEU KA 6 -0.90 -26.58 40.99
C LEU KA 6 0.28 -26.87 40.07
N TYR KA 7 1.21 -27.73 40.49
CA TYR KA 7 2.28 -28.24 39.61
C TYR KA 7 1.70 -28.92 38.38
N SER KA 8 0.72 -29.81 38.59
CA SER KA 8 0.10 -30.54 37.50
C SER KA 8 -0.67 -29.62 36.57
N LEU KA 9 -1.39 -28.64 37.13
CA LEU KA 9 -2.14 -27.69 36.32
C LEU KA 9 -1.22 -26.80 35.50
N ILE KA 10 -0.09 -26.38 36.07
CA ILE KA 10 0.87 -25.55 35.35
C ILE KA 10 1.55 -26.34 34.23
N ILE KA 11 1.84 -27.63 34.48
CA ILE KA 11 2.41 -28.50 33.45
C ILE KA 11 1.44 -28.70 32.29
N THR KA 12 0.15 -28.94 32.62
CA THR KA 12 -0.87 -29.15 31.59
C THR KA 12 -1.12 -27.89 30.78
N THR KA 13 -1.21 -26.73 31.45
CA THR KA 13 -1.41 -25.49 30.73
C THR KA 13 -0.18 -25.10 29.93
N SER KA 14 1.02 -25.49 30.37
CA SER KA 14 2.22 -25.20 29.60
C SER KA 14 2.32 -26.06 28.35
N ILE KA 15 1.95 -27.35 28.44
CA ILE KA 15 2.04 -28.19 27.24
C ILE KA 15 0.93 -27.85 26.26
N ILE KA 16 -0.25 -27.41 26.74
CA ILE KA 16 -1.22 -26.92 25.77
C ILE KA 16 -0.86 -25.52 25.25
N PHE KA 17 -0.08 -24.74 26.02
CA PHE KA 17 0.45 -23.48 25.51
C PHE KA 17 1.46 -23.72 24.39
N LEU KA 18 2.26 -24.79 24.53
CA LEU KA 18 3.16 -25.18 23.45
C LEU KA 18 2.40 -25.71 22.25
N ASN KA 19 1.27 -26.39 22.47
CA ASN KA 19 0.57 -27.02 21.36
C ASN KA 19 -0.18 -26.00 20.48
N MET KA 20 -0.88 -25.05 21.10
CA MET KA 20 -1.80 -24.22 20.33
C MET KA 20 -1.08 -23.05 19.65
N ILE KA 21 -1.76 -22.46 18.66
CA ILE KA 21 -1.17 -21.46 17.79
C ILE KA 21 -2.01 -20.18 17.68
N HIS KA 22 -3.33 -20.23 17.97
CA HIS KA 22 -4.19 -19.06 17.86
C HIS KA 22 -3.86 -18.04 18.95
N PRO KA 23 -3.64 -16.77 18.61
CA PRO KA 23 -2.97 -15.84 19.55
C PRO KA 23 -3.81 -15.46 20.75
N LEU KA 24 -5.12 -15.30 20.57
CA LEU KA 24 -6.00 -15.09 21.72
C LEU KA 24 -6.10 -16.34 22.59
N ALA KA 25 -5.96 -17.52 22.00
CA ALA KA 25 -5.96 -18.74 22.80
C ALA KA 25 -4.70 -18.87 23.64
N LEU KA 26 -3.54 -18.44 23.12
CA LEU KA 26 -2.34 -18.33 23.95
C LEU KA 26 -2.50 -17.24 25.01
N GLY KA 27 -3.21 -16.16 24.70
CA GLY KA 27 -3.48 -15.16 25.72
C GLY KA 27 -4.38 -15.67 26.84
N LEU KA 28 -5.38 -16.48 26.49
CA LEU KA 28 -6.24 -17.12 27.48
C LEU KA 28 -5.46 -18.13 28.33
N THR KA 29 -4.53 -18.85 27.69
CA THR KA 29 -3.68 -19.79 28.42
C THR KA 29 -2.73 -19.05 29.36
N LEU KA 30 -2.25 -17.87 28.97
CA LEU KA 30 -1.44 -17.06 29.87
C LEU KA 30 -2.25 -16.53 31.05
N LEU KA 31 -3.49 -16.12 30.81
CA LEU KA 31 -4.28 -15.51 31.92
C LEU KA 31 -4.71 -16.63 32.88
N ILE KA 32 -4.89 -17.85 32.40
CA ILE KA 32 -5.19 -18.94 33.34
C ILE KA 32 -3.94 -19.57 33.93
N GLN KA 33 -2.75 -19.31 33.34
CA GLN KA 33 -1.50 -19.71 33.98
C GLN KA 33 -1.12 -18.75 35.11
N THR KA 34 -1.45 -17.47 34.96
CA THR KA 34 -1.06 -16.45 35.94
C THR KA 34 -1.74 -16.68 37.29
N ILE KA 35 -2.97 -17.21 37.28
CA ILE KA 35 -3.69 -17.51 38.52
C ILE KA 35 -3.00 -18.64 39.28
N PHE KA 36 -2.61 -19.70 38.57
CA PHE KA 36 -1.92 -20.82 39.20
C PHE KA 36 -0.52 -20.44 39.66
N VAL KA 37 0.16 -19.57 38.92
CA VAL KA 37 1.47 -19.08 39.33
C VAL KA 37 1.35 -18.21 40.58
N CYS KA 38 0.29 -17.38 40.65
CA CYS KA 38 0.03 -16.55 41.83
C CYS KA 38 -0.24 -17.39 43.06
N LEU KA 39 -1.08 -18.43 42.92
CA LEU KA 39 -1.36 -19.32 44.06
C LEU KA 39 -0.12 -20.12 44.47
N LEU KA 40 0.66 -20.60 43.50
CA LEU KA 40 1.82 -21.41 43.83
C LEU KA 40 2.94 -20.60 44.45
N THR KA 41 3.11 -19.33 44.05
CA THR KA 41 3.99 -18.45 44.80
C THR KA 41 3.38 -18.02 46.12
N GLY KA 42 2.06 -18.14 46.29
CA GLY KA 42 1.47 -17.94 47.59
C GLY KA 42 1.68 -19.08 48.56
N LEU KA 43 2.12 -20.24 48.08
CA LEU KA 43 2.27 -21.40 48.98
C LEU KA 43 3.61 -21.28 49.70
N MET KA 44 4.62 -20.64 49.10
CA MET KA 44 5.92 -20.59 49.76
C MET KA 44 6.02 -19.45 50.77
N THR KA 45 5.16 -18.45 50.66
CA THR KA 45 5.41 -17.17 51.32
C THR KA 45 4.68 -17.08 52.66
N LYS KA 46 5.06 -16.06 53.43
CA LYS KA 46 4.42 -15.80 54.72
C LYS KA 46 3.01 -15.27 54.53
N SER KA 47 2.79 -14.43 53.53
CA SER KA 47 1.48 -13.85 53.27
C SER KA 47 1.36 -13.48 51.81
N PHE KA 48 0.11 -13.34 51.37
CA PHE KA 48 -0.25 -13.34 49.96
C PHE KA 48 -0.20 -11.96 49.33
N TRP KA 49 0.66 -11.07 49.83
CA TRP KA 49 0.77 -9.73 49.26
C TRP KA 49 1.35 -9.75 47.85
N TYR KA 50 2.42 -10.50 47.65
CA TYR KA 50 3.13 -10.44 46.39
C TYR KA 50 2.40 -11.20 45.30
N SER KA 51 1.60 -12.20 45.69
CA SER KA 51 0.68 -12.83 44.75
C SER KA 51 -0.39 -11.85 44.27
N TYR KA 52 -0.91 -11.03 45.18
CA TYR KA 52 -1.84 -9.96 44.80
C TYR KA 52 -1.19 -8.92 43.91
N ILE KA 53 0.06 -8.57 44.22
CA ILE KA 53 0.79 -7.58 43.43
C ILE KA 53 1.05 -8.09 42.01
N LEU KA 54 1.48 -9.35 41.89
CA LEU KA 54 1.66 -10.01 40.60
C LEU KA 54 0.34 -10.12 39.87
N PHE KA 55 -0.76 -10.32 40.61
CA PHE KA 55 -2.08 -10.44 40.00
C PHE KA 55 -2.51 -9.12 39.35
N LEU KA 56 -2.55 -8.04 40.13
CA LEU KA 56 -2.95 -6.71 39.60
C LEU KA 56 -1.98 -6.26 38.51
N ILE KA 57 -0.67 -6.44 38.69
CA ILE KA 57 0.28 -5.92 37.71
C ILE KA 57 0.23 -6.73 36.42
N PHE KA 58 0.33 -8.06 36.51
CA PHE KA 58 0.46 -8.90 35.33
C PHE KA 58 -0.88 -9.15 34.66
N LEU KA 59 -1.85 -9.72 35.39
CA LEU KA 59 -3.05 -10.22 34.75
C LEU KA 59 -4.01 -9.07 34.44
N GLY KA 60 -4.51 -8.41 35.48
CA GLY KA 60 -5.49 -7.35 35.30
C GLY KA 60 -4.92 -6.07 34.74
N GLY KA 61 -3.60 -5.87 34.85
CA GLY KA 61 -2.99 -4.64 34.40
C GLY KA 61 -2.32 -4.72 33.05
N MET KA 62 -1.53 -5.77 32.81
CA MET KA 62 -0.67 -5.80 31.64
C MET KA 62 -1.20 -6.70 30.53
N LEU KA 63 -1.72 -7.87 30.87
CA LEU KA 63 -2.13 -8.83 29.85
C LEU KA 63 -3.39 -8.41 29.11
N VAL KA 64 -4.12 -7.41 29.61
CA VAL KA 64 -5.28 -6.87 28.88
C VAL KA 64 -4.84 -6.19 27.58
N LEU KA 65 -3.61 -5.65 27.55
CA LEU KA 65 -3.00 -5.18 26.31
C LEU KA 65 -2.79 -6.33 25.34
N PHE KA 66 -2.28 -7.45 25.85
CA PHE KA 66 -2.06 -8.64 25.03
C PHE KA 66 -3.39 -9.23 24.54
N ILE KA 67 -4.40 -9.25 25.41
CA ILE KA 67 -5.73 -9.76 25.01
C ILE KA 67 -6.36 -8.86 23.96
N TYR KA 68 -6.20 -7.53 24.09
CA TYR KA 68 -6.74 -6.60 23.11
C TYR KA 68 -6.05 -6.73 21.75
N VAL KA 69 -4.71 -6.81 21.75
CA VAL KA 69 -3.94 -6.92 20.51
C VAL KA 69 -4.20 -8.26 19.83
N THR KA 70 -4.24 -9.36 20.60
CA THR KA 70 -4.52 -10.66 20.03
C THR KA 70 -6.00 -10.84 19.65
N SER KA 71 -6.90 -10.06 20.25
CA SER KA 71 -8.31 -10.10 19.84
C SER KA 71 -8.50 -9.39 18.51
N LEU KA 72 -7.86 -8.23 18.33
CA LEU KA 72 -7.95 -7.53 17.06
C LEU KA 72 -7.05 -8.11 15.98
N ALA KA 73 -6.11 -9.00 16.36
CA ALA KA 73 -5.24 -9.62 15.36
C ALA KA 73 -5.95 -10.72 14.60
N SER KA 74 -6.80 -11.49 15.26
CA SER KA 74 -7.38 -12.71 14.70
C SER KA 74 -8.87 -12.50 14.45
N ASN KA 75 -9.28 -12.67 13.19
CA ASN KA 75 -10.69 -12.55 12.83
C ASN KA 75 -11.49 -13.77 13.22
N GLU KA 76 -10.87 -14.95 13.15
CA GLU KA 76 -11.51 -16.24 13.28
C GLU KA 76 -11.68 -16.65 14.75
N MET KA 77 -12.49 -17.68 14.95
CA MET KA 77 -12.76 -18.25 16.26
C MET KA 77 -11.79 -19.38 16.58
N PHE KA 78 -11.91 -19.91 17.80
CA PHE KA 78 -11.12 -21.06 18.20
C PHE KA 78 -11.68 -22.32 17.54
N ASN KA 79 -10.77 -23.19 17.10
CA ASN KA 79 -11.13 -24.52 16.62
C ASN KA 79 -10.87 -25.48 17.78
N LEU KA 80 -11.90 -25.70 18.60
CA LEU KA 80 -11.76 -26.57 19.76
C LEU KA 80 -11.67 -28.02 19.32
N SER KA 81 -10.67 -28.73 19.83
CA SER KA 81 -10.47 -30.14 19.54
C SER KA 81 -10.70 -30.94 20.81
N MET KA 82 -11.54 -31.98 20.71
CA MET KA 82 -11.76 -32.86 21.85
C MET KA 82 -10.59 -33.79 22.10
N LYS KA 83 -9.71 -33.96 21.11
CA LYS KA 83 -8.52 -34.79 21.28
C LYS KA 83 -7.54 -34.13 22.24
N LEU KA 84 -7.30 -32.82 22.10
CA LEU KA 84 -6.39 -32.12 22.99
C LEU KA 84 -6.97 -31.98 24.39
N THR KA 85 -8.30 -31.78 24.49
CA THR KA 85 -8.97 -31.75 25.78
C THR KA 85 -8.91 -33.09 26.48
N LEU KA 86 -9.08 -34.18 25.72
CA LEU KA 86 -8.97 -35.53 26.29
C LEU KA 86 -7.55 -35.85 26.72
N PHE KA 87 -6.55 -35.41 25.94
CA PHE KA 87 -5.16 -35.65 26.29
C PHE KA 87 -4.76 -34.85 27.52
N SER KA 88 -5.24 -33.60 27.62
CA SER KA 88 -4.99 -32.77 28.79
C SER KA 88 -5.65 -33.34 30.04
N SER KA 89 -6.89 -33.84 29.90
CA SER KA 89 -7.57 -34.47 31.02
C SER KA 89 -6.89 -35.77 31.43
N LEU KA 90 -6.41 -36.55 30.47
CA LEU KA 90 -5.74 -37.81 30.78
C LEU KA 90 -4.41 -37.57 31.48
N ILE KA 91 -3.62 -36.60 31.02
CA ILE KA 91 -2.35 -36.31 31.69
C ILE KA 91 -2.60 -35.63 33.04
N LEU KA 92 -3.72 -34.93 33.19
CA LEU KA 92 -4.04 -34.30 34.48
C LEU KA 92 -4.45 -35.35 35.51
N ILE KA 93 -5.32 -36.30 35.13
CA ILE KA 93 -5.69 -37.37 36.05
C ILE KA 93 -4.50 -38.28 36.35
N PHE KA 94 -3.62 -38.52 35.37
CA PHE KA 94 -2.40 -39.28 35.60
C PHE KA 94 -1.47 -38.58 36.59
N MET KA 95 -1.33 -37.26 36.47
CA MET KA 95 -0.44 -36.54 37.38
C MET KA 95 -1.05 -36.35 38.77
N LEU KA 96 -2.38 -36.22 38.89
CA LEU KA 96 -3.00 -36.24 40.22
C LEU KA 96 -2.91 -37.61 40.89
N ILE KA 97 -3.06 -38.72 40.15
CA ILE KA 97 -2.91 -40.00 40.84
C ILE KA 97 -1.43 -40.31 41.11
N LEU KA 98 -0.52 -39.73 40.31
CA LEU KA 98 0.90 -39.80 40.61
C LEU KA 98 1.24 -39.01 41.87
N SER KA 99 0.55 -37.89 42.10
CA SER KA 99 0.73 -37.16 43.35
C SER KA 99 0.05 -37.88 44.51
N PHE KA 100 -1.01 -38.65 44.25
CA PHE KA 100 -1.60 -39.51 45.27
C PHE KA 100 -0.65 -40.61 45.71
N ILE KA 101 0.10 -41.21 44.78
CA ILE KA 101 0.94 -42.35 45.15
C ILE KA 101 2.34 -41.91 45.56
N MET KA 102 2.55 -40.60 45.71
CA MET KA 102 3.84 -40.05 46.07
C MET KA 102 3.75 -39.43 47.46
N ASP KA 103 4.82 -39.56 48.24
CA ASP KA 103 4.88 -38.94 49.56
C ASP KA 103 4.94 -37.43 49.43
N LYS KA 104 4.00 -36.74 50.07
CA LYS KA 104 3.90 -35.29 49.97
C LYS KA 104 4.83 -34.56 50.94
N THR KA 105 5.40 -35.26 51.93
CA THR KA 105 6.30 -34.61 52.86
C THR KA 105 7.65 -34.33 52.20
N SER KA 106 8.17 -35.29 51.45
CA SER KA 106 9.42 -35.09 50.72
C SER KA 106 9.26 -34.16 49.53
N SER KA 107 8.06 -34.09 48.95
CA SER KA 107 7.82 -33.25 47.79
C SER KA 107 7.39 -31.83 48.17
N SER KA 108 7.14 -31.56 49.44
CA SER KA 108 6.79 -30.22 49.87
C SER KA 108 8.01 -29.31 49.83
N LEU KA 109 7.76 -28.02 49.67
CA LEU KA 109 8.84 -27.06 49.55
C LEU KA 109 9.44 -26.72 50.91
N PHE KA 110 10.74 -26.46 50.90
CA PHE KA 110 11.49 -26.14 52.11
C PHE KA 110 11.33 -24.70 52.56
N LEU KA 111 10.71 -23.86 51.74
CA LEU KA 111 10.51 -22.46 52.10
C LEU KA 111 9.41 -22.34 53.17
N MET KA 112 9.70 -21.56 54.20
CA MET KA 112 8.84 -21.49 55.37
C MET KA 112 7.65 -20.56 55.14
N ASN KA 113 6.49 -20.97 55.63
CA ASN KA 113 5.30 -20.14 55.64
C ASN KA 113 5.29 -19.29 56.90
N ASN KA 114 4.17 -18.62 57.17
CA ASN KA 114 4.04 -17.87 58.41
C ASN KA 114 3.83 -18.78 59.62
N ASP KA 115 3.25 -19.97 59.41
CA ASP KA 115 3.05 -20.92 60.50
C ASP KA 115 4.12 -22.00 60.56
N MET KA 116 4.91 -22.18 59.50
CA MET KA 116 6.03 -23.10 59.55
C MET KA 116 7.21 -22.57 60.35
N GLN KA 117 7.21 -21.29 60.71
CA GLN KA 117 8.28 -20.71 61.50
C GLN KA 117 8.19 -21.16 62.96
N SER KA 118 9.21 -20.80 63.72
CA SER KA 118 9.25 -21.14 65.14
C SER KA 118 8.22 -20.34 65.92
N ILE KA 119 7.76 -20.92 67.02
CA ILE KA 119 6.81 -20.24 67.89
C ILE KA 119 7.49 -19.10 68.65
N ILE KA 120 8.79 -19.25 68.95
CA ILE KA 120 9.52 -18.24 69.72
C ILE KA 120 10.07 -17.15 68.82
N ASN KA 121 9.71 -17.17 67.53
CA ASN KA 121 10.13 -16.13 66.59
C ASN KA 121 9.37 -14.85 66.90
N MET KA 122 10.09 -13.80 67.30
CA MET KA 122 9.45 -12.55 67.68
C MET KA 122 8.92 -11.78 66.49
N ASN KA 123 9.56 -11.91 65.33
CA ASN KA 123 9.26 -11.04 64.19
C ASN KA 123 7.96 -11.47 63.49
N SER KA 124 7.52 -12.70 63.71
CA SER KA 124 6.37 -13.21 62.98
C SER KA 124 5.05 -12.74 63.61
N TYR KA 125 5.11 -12.27 64.85
CA TYR KA 125 3.88 -11.94 65.57
C TYR KA 125 3.47 -10.49 65.41
N PHE KA 126 4.27 -9.69 64.71
CA PHE KA 126 4.12 -8.24 64.79
C PHE KA 126 2.95 -7.74 63.95
N MET KA 127 3.06 -7.90 62.63
CA MET KA 127 2.05 -7.40 61.70
C MET KA 127 2.27 -8.12 60.37
N GLU KA 128 1.18 -8.58 59.77
CA GLU KA 128 1.21 -9.30 58.51
C GLU KA 128 1.60 -8.32 57.40
N ASN KA 129 2.58 -8.75 56.58
CA ASN KA 129 3.15 -7.97 55.47
C ASN KA 129 3.72 -6.63 55.94
N SER KA 130 4.56 -6.67 56.97
CA SER KA 130 5.17 -5.47 57.51
C SER KA 130 6.67 -5.40 57.33
N LEU KA 131 7.40 -6.43 57.76
CA LEU KA 131 8.86 -6.40 57.69
C LEU KA 131 9.39 -6.70 56.29
N SER KA 132 8.64 -7.41 55.46
CA SER KA 132 9.09 -7.69 54.10
C SER KA 132 8.99 -6.44 53.23
N LEU KA 133 7.93 -5.65 53.41
CA LEU KA 133 7.72 -4.44 52.63
C LEU KA 133 8.45 -3.23 53.23
N ASN KA 134 9.11 -3.40 54.38
CA ASN KA 134 9.73 -2.29 55.10
C ASN KA 134 10.86 -1.65 54.31
N LYS KA 135 11.71 -2.46 53.68
CA LYS KA 135 12.87 -1.97 52.94
C LYS KA 135 12.51 -1.20 51.67
N LEU KA 136 11.25 -1.25 51.23
CA LEU KA 136 10.82 -0.36 50.15
C LEU KA 136 10.84 1.08 50.59
N TYR KA 137 10.50 1.36 51.86
CA TYR KA 137 10.32 2.73 52.31
C TYR KA 137 11.28 3.11 53.43
N ASN KA 138 12.54 2.69 53.34
CA ASN KA 138 13.54 3.00 54.33
C ASN KA 138 14.88 3.29 53.67
N PHE KA 139 15.73 3.99 54.41
CA PHE KA 139 17.07 4.30 53.93
C PHE KA 139 17.93 3.04 53.92
N PRO KA 140 18.75 2.81 52.88
CA PRO KA 140 18.92 3.62 51.66
C PRO KA 140 18.29 2.99 50.42
N THR KA 141 17.25 2.17 50.59
CA THR KA 141 16.67 1.51 49.43
C THR KA 141 15.42 2.19 48.90
N ASN KA 142 15.13 3.41 49.35
CA ASN KA 142 13.97 4.14 48.83
C ASN KA 142 14.28 4.79 47.49
N PHE KA 143 15.58 4.93 47.17
CA PHE KA 143 15.97 5.52 45.90
C PHE KA 143 15.61 4.60 44.74
N ILE KA 144 15.53 3.29 44.99
CA ILE KA 144 15.15 2.35 43.94
C ILE KA 144 13.67 2.49 43.59
N THR KA 145 12.80 2.66 44.59
CA THR KA 145 11.39 2.81 44.24
C THR KA 145 11.07 4.21 43.71
N ILE KA 146 11.85 5.24 44.11
CA ILE KA 146 11.74 6.54 43.47
C ILE KA 146 12.18 6.46 42.01
N LEU KA 147 13.28 5.73 41.75
CA LEU KA 147 13.74 5.46 40.40
C LEU KA 147 12.76 4.59 39.62
N LEU KA 148 11.99 3.76 40.31
CA LEU KA 148 11.00 2.91 39.64
C LEU KA 148 9.80 3.73 39.17
N MET KA 149 9.33 4.66 40.01
CA MET KA 149 8.25 5.56 39.59
C MET KA 149 8.71 6.49 38.47
N ASN KA 150 9.94 7.00 38.57
CA ASN KA 150 10.53 7.78 37.48
C ASN KA 150 10.69 6.93 36.22
N TYR KA 151 11.05 5.65 36.40
CA TYR KA 151 11.20 4.72 35.29
C TYR KA 151 9.87 4.46 34.60
N LEU KA 152 8.78 4.40 35.35
CA LEU KA 152 7.47 4.20 34.74
C LEU KA 152 7.02 5.43 33.96
N LEU KA 153 7.30 6.64 34.49
CA LEU KA 153 7.01 7.86 33.75
C LEU KA 153 7.85 7.96 32.47
N ILE KA 154 9.14 7.62 32.57
CA ILE KA 154 10.04 7.58 31.42
C ILE KA 154 9.62 6.51 30.42
N THR KA 155 9.08 5.38 30.91
CA THR KA 155 8.53 4.34 30.05
C THR KA 155 7.35 4.85 29.25
N LEU KA 156 6.45 5.60 29.88
CA LEU KA 156 5.33 6.21 29.17
C LEU KA 156 5.80 7.20 28.12
N ILE KA 157 6.85 7.99 28.44
CA ILE KA 157 7.45 8.91 27.48
C ILE KA 157 8.05 8.16 26.29
N VAL KA 158 8.70 7.02 26.54
CA VAL KA 158 9.22 6.17 25.47
C VAL KA 158 8.11 5.62 24.58
N ILE KA 159 7.01 5.16 25.20
CA ILE KA 159 5.94 4.49 24.48
C ILE KA 159 5.20 5.48 23.57
N VAL KA 160 4.99 6.71 24.05
CA VAL KA 160 4.35 7.75 23.22
C VAL KA 160 5.22 8.08 22.00
N LYS KA 161 6.54 8.08 22.18
CA LYS KA 161 7.43 8.37 21.05
C LYS KA 161 7.49 7.22 20.04
N ILE KA 162 7.46 5.97 20.50
CA ILE KA 162 7.72 4.87 19.56
C ILE KA 162 6.46 4.46 18.81
N THR KA 163 5.28 4.71 19.40
CA THR KA 163 4.04 4.41 18.67
C THR KA 163 3.70 5.51 17.68
N LYS KA 164 4.33 6.69 17.82
CA LYS KA 164 4.20 7.93 17.02
C LYS KA 164 2.84 8.60 17.15
N LEU KA 165 1.92 8.05 17.94
CA LEU KA 165 0.57 8.57 18.21
C LEU KA 165 -0.25 8.89 16.95
N LEU LA 4 -63.66 15.69 47.17
CA LEU LA 4 -62.36 15.17 47.60
C LEU LA 4 -61.57 14.64 46.41
N ARG LA 5 -60.26 14.47 46.61
CA ARG LA 5 -59.36 13.98 45.57
C ARG LA 5 -58.45 12.91 46.14
N ARG LA 6 -58.09 11.94 45.29
CA ARG LA 6 -57.17 10.88 45.67
C ARG LA 6 -55.77 11.47 45.82
N ASP LA 7 -55.28 11.54 47.05
CA ASP LA 7 -54.04 12.23 47.35
C ASP LA 7 -53.49 11.67 48.66
N VAL LA 8 -52.19 11.89 48.89
CA VAL LA 8 -51.53 11.46 50.11
C VAL LA 8 -51.93 12.34 51.30
N SER LA 9 -51.50 11.92 52.49
CA SER LA 9 -51.62 12.73 53.69
C SER LA 9 -50.68 13.93 53.60
N PRO LA 10 -50.96 15.03 54.34
CA PRO LA 10 -50.15 16.26 54.17
C PRO LA 10 -48.67 16.17 54.53
N LEU LA 11 -48.21 15.15 55.26
CA LEU LA 11 -46.78 14.99 55.50
C LEU LA 11 -46.04 14.64 54.21
N ILE LA 12 -46.55 13.65 53.47
CA ILE LA 12 -45.99 13.28 52.17
C ILE LA 12 -46.19 14.41 51.16
N GLN LA 13 -47.29 15.17 51.30
CA GLN LA 13 -47.51 16.36 50.46
C GLN LA 13 -46.44 17.43 50.68
N ARG LA 14 -46.09 17.70 51.95
CA ARG LA 14 -45.07 18.71 52.20
C ARG LA 14 -43.67 18.20 51.86
N ILE LA 15 -43.43 16.89 52.00
CA ILE LA 15 -42.17 16.31 51.55
C ILE LA 15 -42.01 16.43 50.03
N ARG LA 16 -43.08 16.13 49.30
CA ARG LA 16 -43.07 16.24 47.84
C ARG LA 16 -42.96 17.69 47.39
N ALA LA 17 -43.63 18.61 48.08
CA ALA LA 17 -43.53 20.03 47.74
C ALA LA 17 -42.17 20.61 48.09
N PHE LA 18 -41.50 20.08 49.11
CA PHE LA 18 -40.15 20.52 49.43
C PHE LA 18 -39.14 19.98 48.43
N LEU LA 19 -39.30 18.72 48.01
CA LEU LA 19 -38.38 18.14 47.04
C LEU LA 19 -38.60 18.70 45.64
N LEU LA 20 -39.82 19.12 45.32
CA LEU LA 20 -40.09 19.72 44.02
C LEU LA 20 -39.54 21.14 43.92
N GLY LA 21 -39.54 21.86 45.04
CA GLY LA 21 -39.11 23.25 45.03
C GLY LA 21 -40.19 24.25 44.67
N ARG LA 22 -41.43 23.80 44.48
CA ARG LA 22 -42.52 24.69 44.12
C ARG LA 22 -43.82 24.14 44.69
N GLU LA 23 -44.85 24.98 44.69
CA GLU LA 23 -46.17 24.55 45.12
C GLU LA 23 -46.78 23.64 44.07
N HIS LA 24 -47.06 22.40 44.46
CA HIS LA 24 -47.47 21.37 43.53
C HIS LA 24 -48.96 21.47 43.22
N ASN LA 25 -49.30 21.44 41.94
CA ASN LA 25 -50.67 21.28 41.46
C ASN LA 25 -50.81 19.93 40.79
N LEU LA 26 -52.01 19.35 40.89
CA LEU LA 26 -52.23 17.98 40.46
C LEU LA 26 -52.17 17.85 38.94
N ALA LA 27 -51.39 16.88 38.47
CA ALA LA 27 -51.16 16.68 37.05
C ALA LA 27 -52.22 15.82 36.37
N LEU LA 28 -53.14 15.24 37.14
CA LEU LA 28 -54.18 14.39 36.59
C LEU LA 28 -55.54 15.07 36.73
N ARG LA 29 -56.38 14.87 35.72
CA ARG LA 29 -57.72 15.43 35.73
C ARG LA 29 -58.61 14.67 36.71
N PHE LA 30 -59.69 15.33 37.11
CA PHE LA 30 -60.70 14.74 37.97
C PHE LA 30 -62.07 14.99 37.37
N GLU LA 31 -63.10 14.39 37.97
CA GLU LA 31 -64.45 14.51 37.43
C GLU LA 31 -65.03 15.89 37.69
N ASP LA 32 -64.76 16.45 38.87
CA ASP LA 32 -65.24 17.79 39.18
C ASP LA 32 -64.39 18.89 38.55
N GLY LA 33 -63.21 18.56 38.05
CA GLY LA 33 -62.36 19.54 37.41
C GLY LA 33 -62.38 19.45 35.89
N LEU LA 34 -63.37 18.76 35.35
CA LEU LA 34 -63.50 18.58 33.91
C LEU LA 34 -64.92 18.93 33.48
N ALA LA 35 -65.09 19.09 32.17
CA ALA LA 35 -66.39 19.39 31.60
C ALA LA 35 -67.29 18.16 31.62
N ASP LA 36 -68.59 18.40 31.53
CA ASP LA 36 -69.57 17.33 31.59
C ASP LA 36 -69.60 16.57 30.28
N ARG LA 37 -69.64 15.23 30.37
CA ARG LA 37 -69.63 14.40 29.16
C ARG LA 37 -70.98 14.43 28.45
N THR LA 38 -72.08 14.36 29.19
CA THR LA 38 -73.40 14.56 28.62
C THR LA 38 -73.76 16.04 28.74
N GLN LA 39 -74.46 16.55 27.73
CA GLN LA 39 -74.52 17.99 27.52
C GLN LA 39 -75.67 18.29 26.56
N PRO LA 40 -76.26 19.49 26.63
CA PRO LA 40 -77.38 19.81 25.74
C PRO LA 40 -76.95 19.98 24.30
N GLN LA 41 -77.94 19.84 23.41
CA GLN LA 41 -77.68 19.93 21.98
C GLN LA 41 -77.41 21.39 21.58
N PRO LA 42 -76.46 21.62 20.68
CA PRO LA 42 -76.15 22.98 20.24
C PRO LA 42 -76.95 23.39 19.02
N GLU LA 43 -76.83 24.67 18.67
CA GLU LA 43 -77.32 25.19 17.41
C GLU LA 43 -76.18 25.93 16.72
N ILE LA 44 -75.96 25.62 15.43
CA ILE LA 44 -74.89 26.22 14.67
C ILE LA 44 -75.43 27.49 14.00
N PRO LA 45 -74.82 28.65 14.22
CA PRO LA 45 -75.32 29.88 13.59
C PRO LA 45 -75.07 29.91 12.10
N ASP LA 46 -75.96 30.60 11.39
CA ASP LA 46 -75.85 30.73 9.95
C ASP LA 46 -74.77 31.73 9.58
N GLY LA 47 -74.27 31.61 8.34
CA GLY LA 47 -73.21 32.46 7.87
C GLY LA 47 -73.71 33.64 7.06
N PRO LA 48 -72.83 34.21 6.23
CA PRO LA 48 -73.22 35.42 5.48
C PRO LA 48 -74.17 35.16 4.31
N SER LA 49 -74.14 33.96 3.72
CA SER LA 49 -74.93 33.71 2.52
C SER LA 49 -76.19 32.92 2.79
N HIS LA 50 -76.62 32.78 4.04
CA HIS LA 50 -77.86 32.06 4.33
C HIS LA 50 -79.08 32.97 4.30
N LEU LA 51 -78.91 34.23 3.91
CA LEU LA 51 -80.06 35.12 3.73
C LEU LA 51 -80.89 34.69 2.53
N LEU LA 52 -82.21 34.86 2.65
CA LEU LA 52 -83.11 34.40 1.60
C LEU LA 52 -83.08 35.30 0.38
N SER LA 53 -82.94 36.61 0.59
CA SER LA 53 -82.98 37.57 -0.50
C SER LA 53 -81.57 38.10 -0.76
N ALA LA 54 -81.39 38.63 -1.98
CA ALA LA 54 -80.19 39.28 -2.50
C ALA LA 54 -78.95 38.40 -2.49
N ASN LA 55 -79.09 37.08 -2.51
CA ASN LA 55 -77.96 36.17 -2.60
C ASN LA 55 -77.95 35.52 -3.97
N TYR LA 56 -77.01 35.96 -4.82
CA TYR LA 56 -76.75 35.32 -6.10
C TYR LA 56 -75.36 34.71 -6.01
N TYR LA 57 -75.18 33.55 -6.66
CA TYR LA 57 -73.89 32.87 -6.57
C TYR LA 57 -72.80 33.60 -7.34
N CYS LA 58 -73.16 34.19 -8.49
CA CYS LA 58 -72.19 34.85 -9.36
C CYS LA 58 -71.60 36.11 -8.73
N GLN LA 59 -72.30 36.72 -7.78
CA GLN LA 59 -71.71 37.83 -7.04
C GLN LA 59 -70.68 37.36 -6.02
N ARG LA 60 -70.78 36.11 -5.55
CA ARG LA 60 -69.86 35.56 -4.56
C ARG LA 60 -69.14 34.32 -5.07
N ASP LA 61 -68.89 34.25 -6.37
CA ASP LA 61 -68.36 33.03 -6.99
C ASP LA 61 -66.83 33.04 -6.86
N GLY LA 62 -66.31 32.18 -5.99
CA GLY LA 62 -64.88 32.15 -5.75
C GLY LA 62 -64.08 31.45 -6.82
N ARG LA 63 -64.61 30.36 -7.39
CA ARG LA 63 -63.86 29.58 -8.36
C ARG LA 63 -63.80 30.25 -9.73
N ARG LA 64 -64.83 31.00 -10.09
CA ARG LA 64 -64.93 31.56 -11.43
C ARG LA 64 -64.34 32.95 -11.56
N GLU LA 65 -63.78 33.50 -10.48
CA GLU LA 65 -63.03 34.74 -10.55
C GLU LA 65 -61.54 34.52 -10.74
N VAL LA 66 -61.10 33.28 -10.92
CA VAL LA 66 -59.70 32.98 -11.15
C VAL LA 66 -59.39 33.16 -12.62
N LEU LA 67 -58.40 33.98 -12.92
CA LEU LA 67 -57.96 34.26 -14.27
C LEU LA 67 -56.68 33.51 -14.60
N PRO LA 68 -56.36 33.33 -15.87
CA PRO LA 68 -55.02 32.86 -16.24
C PRO LA 68 -53.98 33.89 -15.86
N PRO LA 69 -52.74 33.46 -15.60
CA PRO LA 69 -51.69 34.39 -15.17
C PRO LA 69 -51.32 35.41 -16.23
N ILE LA 70 -50.97 36.61 -15.76
CA ILE LA 70 -50.72 37.74 -16.64
C ILE LA 70 -49.26 37.73 -17.06
N ASP LA 71 -49.02 37.80 -18.37
CA ASP LA 71 -47.67 37.94 -18.90
C ASP LA 71 -47.15 39.33 -18.57
N LEU LA 72 -46.16 39.40 -17.68
CA LEU LA 72 -45.72 40.69 -17.15
C LEU LA 72 -44.90 41.48 -18.17
N VAL LA 73 -44.26 40.80 -19.11
CA VAL LA 73 -43.57 41.50 -20.19
C VAL LA 73 -44.57 42.13 -21.13
N GLU LA 74 -45.62 41.39 -21.51
CA GLU LA 74 -46.64 41.92 -22.40
C GLU LA 74 -47.61 42.87 -21.72
N GLN LA 75 -47.72 42.83 -20.39
CA GLN LA 75 -48.59 43.76 -19.68
C GLN LA 75 -48.09 45.19 -19.79
N GLN LA 76 -46.78 45.38 -19.67
CA GLN LA 76 -46.20 46.72 -19.86
C GLN LA 76 -46.33 47.18 -21.30
N LYS LA 77 -46.19 46.26 -22.26
CA LYS LA 77 -46.28 46.61 -23.68
C LYS LA 77 -47.69 47.01 -24.08
N GLN LA 78 -48.70 46.33 -23.53
CA GLN LA 78 -50.10 46.68 -23.81
C GLN LA 78 -50.69 47.69 -22.84
N LEU LA 79 -49.95 48.12 -21.82
CA LEU LA 79 -50.40 49.24 -20.99
C LEU LA 79 -49.65 50.54 -21.25
N ALA LA 80 -48.51 50.50 -21.94
CA ALA LA 80 -47.78 51.71 -22.29
C ALA LA 80 -48.12 52.22 -23.68
N ALA LA 81 -49.02 51.55 -24.40
CA ALA LA 81 -49.39 51.97 -25.75
C ALA LA 81 -50.39 53.12 -25.71
N LYS LA 92 -35.14 54.62 -6.46
CA LYS LA 92 -36.03 53.57 -5.98
C LYS LA 92 -36.00 52.35 -6.91
N LEU LA 93 -35.06 51.45 -6.66
CA LEU LA 93 -34.94 50.25 -7.48
C LEU LA 93 -36.06 49.26 -7.13
N PRO LA 94 -36.54 48.50 -8.12
CA PRO LA 94 -37.64 47.56 -7.85
C PRO LA 94 -37.18 46.36 -7.04
N THR LA 95 -37.90 46.09 -5.95
CA THR LA 95 -37.66 45.01 -5.02
C THR LA 95 -38.83 44.03 -5.06
N PRO LA 96 -38.60 42.74 -4.77
CA PRO LA 96 -39.71 41.79 -4.71
C PRO LA 96 -40.53 41.87 -3.43
N GLY LA 97 -40.19 42.74 -2.50
CA GLY LA 97 -40.98 42.91 -1.29
C GLY LA 97 -40.36 43.95 -0.40
N LYS LA 98 -41.01 44.16 0.75
CA LYS LA 98 -40.49 45.09 1.74
C LYS LA 98 -39.26 44.51 2.43
N VAL LA 99 -38.37 45.39 2.86
CA VAL LA 99 -37.12 44.99 3.47
C VAL LA 99 -37.38 44.51 4.89
N TYR LA 100 -37.03 43.26 5.18
CA TYR LA 100 -37.09 42.72 6.52
C TYR LA 100 -35.68 42.54 7.06
N ALA LA 101 -35.44 43.06 8.25
CA ALA LA 101 -34.11 43.00 8.87
C ALA LA 101 -34.05 41.78 9.77
N TRP LA 102 -33.50 40.68 9.24
CA TRP LA 102 -33.20 39.51 10.04
C TRP LA 102 -31.78 39.56 10.60
N ASP LA 103 -31.05 40.65 10.35
CA ASP LA 103 -29.69 40.94 10.83
C ASP LA 103 -28.69 39.86 10.42
N ILE MA 4 -17.11 52.58 19.14
CA ILE MA 4 -17.81 51.58 19.93
C ILE MA 4 -18.26 50.44 19.04
N ILE MA 5 -17.60 49.29 19.17
CA ILE MA 5 -17.93 48.12 18.36
C ILE MA 5 -18.90 47.24 19.13
N LYS MA 6 -19.70 46.48 18.39
CA LYS MA 6 -20.67 45.58 19.01
C LYS MA 6 -19.97 44.36 19.58
N ALA MA 7 -20.60 43.74 20.58
CA ALA MA 7 -20.03 42.55 21.20
C ALA MA 7 -20.14 41.34 20.29
N SER MA 8 -21.29 41.14 19.68
CA SER MA 8 -21.49 40.04 18.74
C SER MA 8 -22.57 40.45 17.74
N THR MA 9 -22.47 39.89 16.53
CA THR MA 9 -23.40 40.24 15.47
C THR MA 9 -24.75 39.54 15.60
N GLY MA 10 -24.88 38.56 16.49
CA GLY MA 10 -26.11 37.84 16.67
C GLY MA 10 -26.26 36.60 15.81
N LEU MA 11 -25.38 36.41 14.84
CA LEU MA 11 -25.42 35.26 13.96
C LEU MA 11 -24.22 34.35 14.22
N THR MA 12 -24.44 33.04 14.16
CA THR MA 12 -23.37 32.08 14.32
C THR MA 12 -22.48 32.08 13.08
N GLY MA 13 -21.17 32.12 13.30
CA GLY MA 13 -20.21 32.01 12.21
C GLY MA 13 -19.81 33.30 11.56
N LEU MA 14 -20.44 34.41 11.92
CA LEU MA 14 -20.09 35.72 11.38
C LEU MA 14 -19.29 36.47 12.42
N ALA MA 15 -18.09 36.93 12.04
CA ALA MA 15 -17.24 37.69 12.92
C ALA MA 15 -17.47 39.18 12.74
N VAL MA 16 -17.29 39.94 13.81
CA VAL MA 16 -17.47 41.39 13.77
C VAL MA 16 -16.30 42.00 13.01
N SER MA 17 -16.61 42.79 11.98
CA SER MA 17 -15.58 43.38 11.14
C SER MA 17 -14.90 44.54 11.86
N THR MA 18 -13.56 44.55 11.84
CA THR MA 18 -12.82 45.62 12.48
C THR MA 18 -12.88 46.90 11.66
N ASN MA 19 -12.78 46.79 10.34
CA ASN MA 19 -12.83 47.94 9.43
C ASN MA 19 -13.88 47.69 8.36
N PRO MA 20 -15.16 47.91 8.66
CA PRO MA 20 -16.21 47.62 7.68
C PRO MA 20 -16.33 48.66 6.59
N HIS MA 21 -15.95 49.91 6.88
CA HIS MA 21 -16.09 50.99 5.92
C HIS MA 21 -15.10 50.85 4.77
N HIS MA 22 -13.83 50.55 5.08
CA HIS MA 22 -12.82 50.36 4.05
C HIS MA 22 -13.10 49.12 3.22
N THR MA 23 -13.55 48.03 3.88
CA THR MA 23 -13.90 46.80 3.17
C THR MA 23 -15.08 47.01 2.24
N LEU MA 24 -16.11 47.76 2.69
CA LEU MA 24 -17.27 48.04 1.85
C LEU MA 24 -16.91 48.95 0.68
N SER MA 25 -16.06 49.96 0.92
CA SER MA 25 -15.65 50.85 -0.17
C SER MA 25 -14.78 50.14 -1.19
N ALA MA 26 -13.87 49.27 -0.73
CA ALA MA 26 -13.02 48.51 -1.65
C ALA MA 26 -13.85 47.50 -2.44
N LEU MA 27 -14.84 46.87 -1.80
CA LEU MA 27 -15.70 45.93 -2.51
C LEU MA 27 -16.58 46.62 -3.54
N TYR MA 28 -17.10 47.81 -3.21
CA TYR MA 28 -17.90 48.55 -4.18
C TYR MA 28 -17.04 49.07 -5.33
N GLY MA 29 -15.80 49.46 -5.05
CA GLY MA 29 -14.89 49.83 -6.12
C GLY MA 29 -14.52 48.66 -7.02
N LYS MA 30 -14.37 47.46 -6.44
CA LYS MA 30 -14.10 46.27 -7.25
C LYS MA 30 -15.32 45.87 -8.08
N ILE MA 31 -16.54 46.05 -7.55
CA ILE MA 31 -17.74 45.79 -8.33
C ILE MA 31 -17.87 46.78 -9.49
N LEU MA 32 -17.54 48.06 -9.24
CA LEU MA 32 -17.55 49.06 -10.30
C LEU MA 32 -16.50 48.78 -11.37
N ARG MA 33 -15.30 48.36 -10.96
CA ARG MA 33 -14.26 48.00 -11.92
C ARG MA 33 -14.60 46.71 -12.68
N ALA MA 34 -15.38 45.83 -12.08
CA ALA MA 34 -15.85 44.64 -12.80
C ALA MA 34 -16.90 45.01 -13.83
N VAL MA 35 -17.89 45.82 -13.45
CA VAL MA 35 -18.98 46.16 -14.36
C VAL MA 35 -18.62 47.25 -15.36
N SER MA 36 -17.45 47.86 -15.24
CA SER MA 36 -17.01 48.83 -16.24
C SER MA 36 -16.66 48.18 -17.58
N LYS MA 37 -16.36 46.88 -17.59
CA LYS MA 37 -16.02 46.20 -18.83
C LYS MA 37 -17.25 45.83 -19.65
N MET MA 38 -18.44 45.87 -19.06
CA MET MA 38 -19.68 45.48 -19.71
C MET MA 38 -20.17 46.57 -20.65
N PRO MA 39 -20.90 46.22 -21.71
CA PRO MA 39 -21.49 47.23 -22.58
C PRO MA 39 -22.56 48.05 -21.89
N GLN MA 40 -22.69 49.31 -22.33
CA GLN MA 40 -23.56 50.26 -21.65
C GLN MA 40 -25.04 50.02 -21.92
N ASP MA 41 -25.38 49.29 -22.98
CA ASP MA 41 -26.78 49.00 -23.27
C ASP MA 41 -27.34 47.86 -22.43
N ALA MA 42 -26.49 47.14 -21.70
CA ALA MA 42 -26.97 46.12 -20.78
C ALA MA 42 -27.62 46.76 -19.57
N SER MA 43 -28.78 46.22 -19.17
CA SER MA 43 -29.51 46.78 -18.05
C SER MA 43 -28.88 46.46 -16.70
N TYR MA 44 -28.22 45.30 -16.60
CA TYR MA 44 -27.61 44.88 -15.34
C TYR MA 44 -26.48 45.80 -14.93
N ARG MA 45 -25.68 46.27 -15.90
CA ARG MA 45 -24.59 47.20 -15.62
C ARG MA 45 -25.11 48.53 -15.10
N LYS MA 46 -26.19 49.04 -15.70
CA LYS MA 46 -26.78 50.31 -15.28
C LYS MA 46 -27.38 50.22 -13.88
N TYR MA 47 -28.13 49.13 -13.62
CA TYR MA 47 -28.75 48.97 -12.30
C TYR MA 47 -27.71 48.71 -11.21
N THR MA 48 -26.68 47.92 -11.52
CA THR MA 48 -25.61 47.64 -10.57
C THR MA 48 -24.79 48.89 -10.27
N GLU MA 49 -24.51 49.70 -11.31
CA GLU MA 49 -23.80 50.96 -11.12
C GLU MA 49 -24.61 51.94 -10.27
N GLN MA 50 -25.94 51.98 -10.49
CA GLN MA 50 -26.79 52.85 -9.69
C GLN MA 50 -26.83 52.44 -8.22
N LEU MA 51 -27.00 51.15 -7.94
CA LEU MA 51 -27.09 50.72 -6.54
C LEU MA 51 -25.73 50.79 -5.84
N VAL MA 52 -24.65 50.46 -6.54
CA VAL MA 52 -23.32 50.53 -5.94
C VAL MA 52 -22.91 51.99 -5.73
N LYS MA 53 -23.29 52.89 -6.63
CA LYS MA 53 -23.02 54.32 -6.43
C LYS MA 53 -23.79 54.89 -5.25
N GLN MA 54 -25.06 54.51 -5.09
CA GLN MA 54 -25.81 55.02 -3.94
C GLN MA 54 -25.35 54.40 -2.62
N ARG MA 55 -24.88 53.15 -2.64
CA ARG MA 55 -24.35 52.57 -1.41
C ARG MA 55 -22.95 53.10 -1.10
N ALA MA 56 -22.17 53.46 -2.11
CA ALA MA 56 -20.89 54.10 -1.87
C ALA MA 56 -21.07 55.52 -1.33
N ASP MA 57 -22.11 56.22 -1.80
CA ASP MA 57 -22.47 57.50 -1.19
C ASP MA 57 -22.95 57.32 0.24
N SER MA 58 -23.64 56.22 0.53
CA SER MA 58 -24.06 55.93 1.91
C SER MA 58 -22.88 55.64 2.82
N VAL MA 59 -21.88 54.88 2.34
CA VAL MA 59 -20.71 54.61 3.17
C VAL MA 59 -19.71 55.76 3.19
N ALA MA 60 -19.86 56.74 2.29
CA ALA MA 60 -19.01 57.93 2.35
C ALA MA 60 -19.61 59.04 3.20
N GLN MA 61 -20.94 59.16 3.23
CA GLN MA 61 -21.56 60.21 4.03
C GLN MA 61 -21.53 59.89 5.53
N HIS MA 62 -21.68 58.61 5.87
CA HIS MA 62 -21.77 58.19 7.27
C HIS MA 62 -20.49 57.47 7.66
N LYS MA 63 -19.73 58.07 8.58
CA LYS MA 63 -18.51 57.46 9.09
C LYS MA 63 -18.75 56.62 10.33
N ASP MA 64 -19.96 56.62 10.88
CA ASP MA 64 -20.31 55.77 12.01
C ASP MA 64 -20.93 54.48 11.51
N ILE MA 65 -20.75 53.41 12.29
CA ILE MA 65 -21.22 52.09 11.88
C ILE MA 65 -22.75 52.02 12.00
N THR MA 66 -23.29 52.43 13.15
CA THR MA 66 -24.72 52.30 13.41
C THR MA 66 -25.54 53.25 12.53
N ALA MA 67 -25.00 54.44 12.26
CA ALA MA 67 -25.65 55.36 11.33
C ALA MA 67 -25.63 54.81 9.91
N LEU MA 68 -24.58 54.08 9.54
CA LEU MA 68 -24.54 53.45 8.22
C LEU MA 68 -25.55 52.32 8.10
N GLU MA 69 -25.68 51.51 9.15
CA GLU MA 69 -26.69 50.44 9.14
C GLU MA 69 -28.11 51.00 9.16
N LYS MA 70 -28.31 52.16 9.79
CA LYS MA 70 -29.62 52.79 9.75
C LYS MA 70 -29.90 53.40 8.38
N ALA MA 71 -28.87 53.98 7.74
CA ALA MA 71 -29.07 54.66 6.47
C ALA MA 71 -29.27 53.70 5.32
N VAL MA 72 -28.48 52.61 5.27
CA VAL MA 72 -28.66 51.62 4.23
C VAL MA 72 -29.93 50.81 4.47
N GLY MA 73 -30.12 50.33 5.69
CA GLY MA 73 -31.34 49.66 6.07
C GLY MA 73 -31.45 48.20 5.68
N CYS MA 74 -30.40 47.61 5.09
CA CYS MA 74 -30.41 46.20 4.70
C CYS MA 74 -29.46 45.45 5.63
N GLY MA 75 -29.98 45.08 6.80
CA GLY MA 75 -29.23 44.28 7.75
C GLY MA 75 -28.07 45.01 8.41
N GLN MA 76 -27.20 44.22 9.03
CA GLN MA 76 -26.00 44.74 9.64
C GLN MA 76 -24.92 44.97 8.59
N VAL MA 77 -23.80 45.56 9.02
CA VAL MA 77 -22.74 45.91 8.08
C VAL MA 77 -21.93 44.69 7.67
N GLU MA 78 -21.90 43.63 8.49
CA GLU MA 78 -21.27 42.38 8.07
C GLU MA 78 -22.08 41.71 6.98
N GLU MA 79 -23.40 41.80 7.05
CA GLU MA 79 -24.25 41.35 5.96
C GLU MA 79 -24.08 42.22 4.71
N LEU MA 80 -23.75 43.50 4.88
CA LEU MA 80 -23.42 44.35 3.74
C LEU MA 80 -22.14 43.90 3.06
N ILE MA 81 -21.13 43.50 3.85
CA ILE MA 81 -19.90 42.95 3.30
C ILE MA 81 -20.16 41.64 2.57
N VAL MA 82 -21.02 40.79 3.14
CA VAL MA 82 -21.39 39.50 2.52
C VAL MA 82 -22.12 39.73 1.19
N GLN MA 83 -23.05 40.69 1.16
CA GLN MA 83 -23.77 41.02 -0.07
C GLN MA 83 -22.85 41.62 -1.13
N ALA MA 84 -21.87 42.43 -0.70
CA ALA MA 84 -20.92 43.01 -1.65
C ALA MA 84 -20.01 41.94 -2.26
N GLU MA 85 -19.55 40.97 -1.44
CA GLU MA 85 -18.76 39.87 -1.98
C GLU MA 85 -19.58 38.99 -2.92
N ASN MA 86 -20.86 38.77 -2.58
CA ASN MA 86 -21.76 38.00 -3.44
C ASN MA 86 -22.00 38.70 -4.78
N GLU MA 87 -22.18 40.02 -4.76
CA GLU MA 87 -22.37 40.77 -6.00
C GLU MA 87 -21.09 40.81 -6.83
N LEU MA 88 -19.92 40.86 -6.18
CA LEU MA 88 -18.66 40.80 -6.91
C LEU MA 88 -18.49 39.45 -7.61
N ILE MA 89 -18.85 38.36 -6.93
CA ILE MA 89 -18.84 37.03 -7.53
C ILE MA 89 -19.81 36.95 -8.70
N LEU MA 90 -21.01 37.55 -8.54
CA LEU MA 90 -22.02 37.56 -9.60
C LEU MA 90 -21.52 38.33 -10.82
N ALA MA 91 -20.88 39.48 -10.61
CA ALA MA 91 -20.41 40.31 -11.72
C ALA MA 91 -19.25 39.66 -12.47
N ARG MA 92 -18.32 39.04 -11.73
CA ARG MA 92 -17.24 38.30 -12.39
C ARG MA 92 -17.75 37.04 -13.09
N LYS MA 93 -18.93 36.53 -12.71
CA LYS MA 93 -19.56 35.50 -13.53
C LYS MA 93 -20.32 36.08 -14.73
N MET MA 94 -20.85 37.30 -14.61
CA MET MA 94 -21.53 37.93 -15.75
C MET MA 94 -20.58 38.28 -16.88
N LEU MA 95 -19.32 38.63 -16.55
CA LEU MA 95 -18.34 38.83 -17.62
C LEU MA 95 -17.98 37.57 -18.38
N GLY MA 96 -18.25 36.39 -17.82
CA GLY MA 96 -18.05 35.16 -18.56
C GLY MA 96 -19.30 34.64 -19.26
N TRP MA 97 -20.46 34.78 -18.60
CA TRP MA 97 -21.68 34.19 -19.13
C TRP MA 97 -22.30 35.01 -20.26
N LYS MA 98 -22.16 36.34 -20.21
CA LYS MA 98 -22.72 37.34 -21.13
C LYS MA 98 -24.23 37.19 -21.34
N PRO MA 99 -25.08 37.53 -20.38
CA PRO MA 99 -26.53 37.32 -20.54
C PRO MA 99 -27.31 38.49 -21.14
N TRP MA 100 -26.67 39.50 -21.71
CA TRP MA 100 -27.41 40.63 -22.25
C TRP MA 100 -27.77 40.44 -23.72
N GLU MA 101 -27.51 39.27 -24.29
CA GLU MA 101 -27.78 39.01 -25.69
C GLU MA 101 -29.21 38.47 -25.86
N LYS MA 102 -29.53 37.95 -27.04
CA LYS MA 102 -30.85 37.45 -27.33
C LYS MA 102 -31.05 36.06 -26.71
N LEU MA 103 -32.24 35.50 -26.92
CA LEU MA 103 -32.56 34.19 -26.37
C LEU MA 103 -31.86 33.09 -27.15
N VAL MA 104 -31.16 32.20 -26.44
CA VAL MA 104 -30.49 31.09 -27.10
C VAL MA 104 -31.44 29.96 -27.44
N GLN MA 105 -32.61 29.89 -26.81
CA GLN MA 105 -33.59 28.86 -27.12
C GLN MA 105 -34.98 29.44 -26.90
N ALA MA 106 -35.74 29.60 -27.97
CA ALA MA 106 -37.11 30.04 -27.86
C ALA MA 106 -37.98 28.91 -27.31
N ALA MA 107 -39.16 29.31 -26.81
CA ALA MA 107 -40.09 28.33 -26.26
C ALA MA 107 -40.70 27.49 -27.37
N PRO MA 108 -40.76 26.17 -27.22
CA PRO MA 108 -41.40 25.33 -28.25
C PRO MA 108 -42.92 25.49 -28.22
N ALA MA 109 -43.56 24.98 -29.27
CA ALA MA 109 -45.01 25.05 -29.37
C ALA MA 109 -45.67 24.14 -28.34
N LYS MA 110 -46.74 24.65 -27.72
CA LYS MA 110 -47.54 24.04 -26.65
C LYS MA 110 -46.69 23.68 -25.43
N GLN MA 111 -45.65 24.46 -25.11
CA GLN MA 111 -44.79 24.12 -23.99
C GLN MA 111 -45.28 24.74 -22.70
N TRP MA 112 -45.54 26.04 -22.69
CA TRP MA 112 -45.80 26.76 -21.45
C TRP MA 112 -47.27 27.00 -21.15
N ASP MA 113 -48.16 26.37 -21.94
CA ASP MA 113 -49.61 26.45 -21.64
C ASP MA 113 -49.89 25.33 -20.64
N TRP MA 114 -50.61 25.62 -19.54
CA TRP MA 114 -50.73 24.52 -18.59
C TRP MA 114 -51.71 23.40 -18.97
N PRO MA 115 -53.00 23.61 -19.33
CA PRO MA 115 -53.90 22.45 -19.54
C PRO MA 115 -53.53 21.69 -20.79
N PRO MA 116 -52.96 20.48 -20.63
CA PRO MA 116 -52.10 19.95 -21.69
C PRO MA 116 -52.83 19.29 -22.84
N ALA MA 117 -53.95 18.60 -22.58
CA ALA MA 117 -54.55 17.72 -23.55
C ALA MA 117 -55.69 18.37 -24.33
N GLN MA 118 -55.87 19.68 -24.18
CA GLN MA 118 -56.91 20.37 -24.93
C GLN MA 118 -56.54 20.45 -26.40
N ILE MA 119 -57.48 20.06 -27.26
CA ILE MA 119 -57.24 20.03 -28.70
C ILE MA 119 -57.25 21.45 -29.25
N MET MA 120 -56.42 21.70 -30.27
CA MET MA 120 -56.23 23.00 -30.94
C MET MA 120 -55.80 24.12 -29.99
N SER NA 11 -7.58 37.64 36.41
CA SER NA 11 -6.23 37.23 36.80
C SER NA 11 -5.99 35.78 36.41
N LEU NA 12 -5.07 35.13 37.12
CA LEU NA 12 -4.74 33.73 36.89
C LEU NA 12 -5.47 32.79 37.83
N LEU NA 13 -5.63 33.16 39.10
CA LEU NA 13 -6.34 32.31 40.04
C LEU NA 13 -7.84 32.35 39.79
N LYS NA 14 -8.35 33.46 39.26
CA LYS NA 14 -9.77 33.55 38.91
C LYS NA 14 -10.10 32.65 37.72
N ARG NA 15 -9.20 32.55 36.76
CA ARG NA 15 -9.39 31.66 35.61
C ARG NA 15 -9.35 30.19 36.03
N ALA NA 16 -8.44 29.85 36.95
CA ALA NA 16 -8.36 28.48 37.45
C ALA NA 16 -9.55 28.14 38.34
N TRP NA 17 -10.06 29.12 39.09
CA TRP NA 17 -11.25 28.90 39.89
C TRP NA 17 -12.52 28.87 39.04
N ASN NA 18 -12.49 29.47 37.86
CA ASN NA 18 -13.63 29.44 36.96
C ASN NA 18 -13.69 28.14 36.17
N GLU NA 19 -12.58 27.75 35.55
CA GLU NA 19 -12.61 26.57 34.68
C GLU NA 19 -12.49 25.28 35.47
N ILE NA 20 -11.53 25.21 36.40
CA ILE NA 20 -11.20 23.97 37.10
C ILE NA 20 -11.25 24.14 38.63
N PRO NA 21 -12.44 24.27 39.22
CA PRO NA 21 -12.51 24.58 40.66
C PRO NA 21 -12.21 23.39 41.56
N ASP NA 22 -12.48 22.17 41.10
CA ASP NA 22 -12.19 20.99 41.91
C ASP NA 22 -10.69 20.75 42.05
N ILE NA 23 -9.94 21.05 40.99
CA ILE NA 23 -8.48 20.93 41.04
C ILE NA 23 -7.88 22.02 41.93
N VAL NA 24 -8.47 23.21 41.95
CA VAL NA 24 -8.02 24.27 42.86
C VAL NA 24 -8.29 23.89 44.32
N GLY NA 25 -9.48 23.33 44.58
CA GLY NA 25 -9.78 22.87 45.93
C GLY NA 25 -8.93 21.69 46.37
N GLY NA 26 -8.62 20.78 45.43
CA GLY NA 26 -7.72 19.68 45.73
C GLY NA 26 -6.30 20.14 45.96
N SER NA 27 -5.85 21.17 45.23
CA SER NA 27 -4.52 21.72 45.46
C SER NA 27 -4.44 22.44 46.80
N ALA NA 28 -5.53 23.10 47.22
CA ALA NA 28 -5.59 23.68 48.56
C ALA NA 28 -5.54 22.60 49.64
N LEU NA 29 -6.24 21.48 49.42
CA LEU NA 29 -6.20 20.36 50.35
C LEU NA 29 -4.82 19.72 50.40
N ALA NA 30 -4.14 19.62 49.26
CA ALA NA 30 -2.81 19.03 49.20
C ALA NA 30 -1.78 19.93 49.86
N LEU NA 31 -1.91 21.26 49.68
CA LEU NA 31 -1.02 22.20 50.37
C LEU NA 31 -1.24 22.16 51.87
N ALA NA 32 -2.50 22.06 52.32
CA ALA NA 32 -2.80 21.94 53.73
C ALA NA 32 -2.26 20.63 54.30
N GLY NA 33 -2.36 19.54 53.53
CA GLY NA 33 -1.81 18.26 53.96
C GLY NA 33 -0.30 18.25 54.04
N ILE NA 34 0.37 18.95 53.11
CA ILE NA 34 1.83 19.08 53.17
C ILE NA 34 2.26 19.90 54.39
N VAL NA 35 1.51 20.98 54.69
CA VAL NA 35 1.82 21.83 55.85
C VAL NA 35 1.63 21.05 57.15
N MET NA 36 0.53 20.33 57.29
CA MET NA 36 0.35 19.55 58.51
C MET NA 36 1.18 18.28 58.53
N ALA NA 37 1.68 17.81 57.39
CA ALA NA 37 2.68 16.73 57.39
C ALA NA 37 4.01 17.22 57.96
N THR NA 38 4.44 18.42 57.56
CA THR NA 38 5.65 19.00 58.14
C THR NA 38 5.46 19.32 59.61
N ILE NA 39 4.25 19.75 59.99
CA ILE NA 39 3.92 20.01 61.39
C ILE NA 39 3.97 18.71 62.20
N GLY NA 40 3.44 17.61 61.64
CA GLY NA 40 3.50 16.33 62.31
C GLY NA 40 4.90 15.76 62.43
N VAL NA 41 5.73 15.98 61.40
CA VAL NA 41 7.13 15.54 61.46
C VAL NA 41 7.90 16.34 62.53
N ALA NA 42 7.68 17.66 62.58
CA ALA NA 42 8.33 18.47 63.60
C ALA NA 42 7.83 18.15 65.00
N ASN NA 43 6.56 17.80 65.15
CA ASN NA 43 6.03 17.41 66.46
C ASN NA 43 6.52 16.02 66.87
N TYR NA 44 6.72 15.13 65.89
CA TYR NA 44 7.25 13.80 66.17
C TYR NA 44 8.71 13.86 66.59
N TYR NA 45 9.51 14.70 65.93
CA TYR NA 45 10.92 14.79 66.24
C TYR NA 45 11.24 15.85 67.29
N ALA NA 46 10.25 16.64 67.73
CA ALA NA 46 10.49 17.58 68.83
C ALA NA 46 10.62 16.85 70.16
N LYS NA 47 9.77 15.85 70.38
CA LYS NA 47 9.91 14.96 71.52
C LYS NA 47 10.75 13.76 71.10
N ASP NA 48 10.82 12.74 71.96
CA ASP NA 48 11.54 11.51 71.64
C ASP NA 48 10.61 10.55 70.92
N GLY NA 49 10.30 10.88 69.67
CA GLY NA 49 9.45 10.05 68.84
C GLY NA 49 10.10 8.75 68.41
N ASP NA 50 11.43 8.73 68.36
CA ASP NA 50 12.15 7.50 68.00
C ASP NA 50 12.08 6.46 69.11
N ASN NA 51 11.79 6.86 70.34
CA ASN NA 51 11.62 5.96 71.47
C ASN NA 51 10.12 5.91 71.75
N ARG NA 52 9.44 4.93 71.14
CA ARG NA 52 8.00 4.78 71.34
C ARG NA 52 7.71 4.23 72.73
N ARG NA 53 6.54 4.61 73.25
CA ARG NA 53 6.17 4.21 74.60
C ARG NA 53 5.77 2.74 74.68
N TYR NA 54 5.10 2.23 73.65
CA TYR NA 54 4.49 0.91 73.69
C TYR NA 54 5.17 0.01 72.66
N LYS NA 55 6.17 -0.75 73.11
CA LYS NA 55 6.92 -1.62 72.22
C LYS NA 55 6.12 -2.87 71.87
N LEU NA 56 6.41 -3.44 70.70
CA LEU NA 56 5.86 -4.74 70.34
C LEU NA 56 6.76 -5.86 70.83
N GLY NA 57 6.18 -7.05 70.95
CA GLY NA 57 6.90 -8.20 71.46
C GLY NA 57 7.13 -8.08 72.95
N TYR NA 58 8.02 -8.93 73.44
CA TYR NA 58 8.46 -8.90 74.83
C TYR NA 58 9.85 -8.28 74.86
N VAL NA 59 9.94 -7.04 75.31
CA VAL NA 59 11.18 -6.27 75.28
C VAL NA 59 11.64 -6.05 76.71
N VAL NA 60 12.81 -6.59 77.04
CA VAL NA 60 13.42 -6.41 78.35
C VAL NA 60 14.84 -5.89 78.17
N TYR NA 61 15.24 -5.02 79.09
CA TYR NA 61 16.60 -4.50 79.15
C TYR NA 61 17.14 -4.71 80.56
N ARG NA 62 18.39 -5.15 80.65
CA ARG NA 62 19.04 -5.14 81.94
C ARG NA 62 19.52 -3.72 82.26
N HIS NA 63 19.86 -3.49 83.52
CA HIS NA 63 20.21 -2.15 83.98
C HIS NA 63 21.57 -1.69 83.49
N ASP NA 64 22.42 -2.60 83.00
CA ASP NA 64 23.70 -2.23 82.43
C ASP NA 64 23.58 -1.71 80.99
N ASP NA 65 22.44 -1.93 80.34
CA ASP NA 65 22.27 -1.48 78.97
C ASP NA 65 22.06 0.04 78.94
N PRO NA 66 22.58 0.72 77.90
CA PRO NA 66 22.29 2.17 77.77
C PRO NA 66 20.86 2.46 77.39
N ARG NA 67 20.14 1.51 76.78
CA ARG NA 67 18.75 1.73 76.39
C ARG NA 67 17.80 1.68 77.57
N ALA NA 68 18.22 1.11 78.70
CA ALA NA 68 17.36 1.04 79.88
C ALA NA 68 17.22 2.38 80.59
N LEU NA 69 18.15 3.30 80.35
CA LEU NA 69 18.09 4.63 80.94
C LEU NA 69 17.22 5.60 80.14
N LYS NA 70 16.76 5.19 78.96
CA LYS NA 70 15.97 6.05 78.10
C LYS NA 70 14.50 5.67 78.05
N VAL NA 71 14.04 4.80 78.96
CA VAL NA 71 12.65 4.35 78.94
C VAL NA 71 11.75 5.46 79.47
N ARG NA 72 10.48 5.42 79.05
CA ARG NA 72 9.51 6.44 79.41
C ARG NA 72 8.69 5.98 80.60
N ASN NA 73 8.59 6.84 81.62
CA ASN NA 73 7.82 6.56 82.81
C ASN NA 73 6.53 7.38 82.86
N ASP NA 74 6.01 7.76 81.69
CA ASP NA 74 4.81 8.58 81.61
C ASP NA 74 3.57 7.75 81.93
N GLU NA 75 2.53 8.45 82.40
CA GLU NA 75 1.25 7.81 82.67
C GLU NA 75 0.57 7.42 81.36
N ASP NA 76 -0.26 6.38 81.43
CA ASP NA 76 -1.00 5.92 80.26
C ASP NA 76 -2.07 6.94 79.88
N ASP NA 77 -2.09 7.32 78.60
CA ASP NA 77 -3.03 8.32 78.12
C ASP NA 77 -4.37 7.70 77.78
N ALA OA 10 -35.10 15.41 -39.84
CA ALA OA 10 -34.97 14.21 -39.04
C ALA OA 10 -33.76 14.31 -38.11
N VAL OA 11 -33.09 15.46 -38.14
CA VAL OA 11 -31.86 15.68 -37.40
C VAL OA 11 -32.06 16.91 -36.51
N GLN OA 12 -31.77 16.74 -35.21
CA GLN OA 12 -31.84 17.84 -34.25
C GLN OA 12 -30.51 17.95 -33.52
N GLN OA 13 -30.24 19.14 -33.00
CA GLN OA 13 -29.03 19.42 -32.24
C GLN OA 13 -29.39 19.44 -30.76
N VAL OA 14 -28.78 18.54 -29.98
CA VAL OA 14 -29.07 18.39 -28.57
C VAL OA 14 -27.79 18.56 -27.76
N ARG OA 15 -27.95 18.54 -26.44
CA ARG OA 15 -26.77 18.63 -25.53
C ARG OA 15 -26.33 17.21 -25.18
N PRO OA 16 -25.07 16.84 -25.45
CA PRO OA 16 -24.61 15.47 -25.22
C PRO OA 16 -24.57 15.09 -23.73
N ILE OA 17 -24.96 13.87 -23.37
CA ILE OA 17 -24.82 13.46 -21.94
C ILE OA 17 -23.70 12.45 -21.79
N LEU OA 18 -22.53 12.83 -21.26
CA LEU OA 18 -21.45 11.87 -20.90
C LEU OA 18 -20.70 11.34 -22.13
N SER OA 19 -21.01 11.82 -23.34
CA SER OA 19 -20.30 11.37 -24.56
C SER OA 19 -20.45 12.39 -25.70
N VAL OA 20 -19.59 12.33 -26.72
CA VAL OA 20 -19.80 13.22 -27.89
C VAL OA 20 -19.76 12.36 -29.17
N ASP OA 21 -19.34 11.10 -29.06
CA ASP OA 21 -19.38 10.24 -30.25
C ASP OA 21 -19.63 8.80 -29.80
N ARG OA 22 -20.04 7.98 -30.78
CA ARG OA 22 -20.40 6.59 -30.50
C ARG OA 22 -19.20 5.74 -30.14
N GLU OA 23 -18.02 6.07 -30.70
CA GLU OA 23 -16.80 5.36 -30.32
C GLU OA 23 -16.41 5.66 -28.86
N GLU OA 24 -16.59 6.92 -28.44
CA GLU OA 24 -16.37 7.29 -27.04
C GLU OA 24 -17.37 6.62 -26.11
N ALA OA 25 -18.63 6.53 -26.55
CA ALA OA 25 -19.65 5.85 -25.74
C ALA OA 25 -19.39 4.35 -25.64
N ARG OA 26 -18.93 3.74 -26.73
CA ARG OA 26 -18.54 2.32 -26.71
C ARG OA 26 -17.31 2.10 -25.83
N LYS OA 27 -16.37 3.05 -25.84
CA LYS OA 27 -15.19 2.96 -24.97
C LYS OA 27 -15.57 3.06 -23.50
N ARG OA 28 -16.53 3.94 -23.16
CA ARG OA 28 -16.95 4.03 -21.77
C ARG OA 28 -17.82 2.84 -21.35
N ALA OA 29 -18.55 2.24 -22.30
CA ALA OA 29 -19.24 0.99 -22.01
C ALA OA 29 -18.25 -0.15 -21.77
N LEU OA 30 -17.12 -0.13 -22.49
CA LEU OA 30 -16.06 -1.10 -22.24
C LEU OA 30 -15.38 -0.87 -20.89
N ASN OA 31 -15.26 0.40 -20.47
CA ASN OA 31 -14.82 0.70 -19.11
C ASN OA 31 -15.77 0.13 -18.06
N LEU OA 32 -17.08 0.26 -18.32
CA LEU OA 32 -18.09 -0.29 -17.42
C LEU OA 32 -18.02 -1.81 -17.35
N TYR OA 33 -17.84 -2.46 -18.50
CA TYR OA 33 -17.72 -3.92 -18.53
C TYR OA 33 -16.45 -4.40 -17.86
N LYS OA 34 -15.34 -3.66 -18.04
CA LYS OA 34 -14.08 -4.00 -17.39
C LYS OA 34 -14.17 -3.88 -15.88
N ALA OA 35 -14.82 -2.82 -15.39
CA ALA OA 35 -14.96 -2.66 -13.94
C ALA OA 35 -15.95 -3.66 -13.35
N TRP OA 36 -17.00 -4.02 -14.09
CA TRP OA 36 -17.92 -5.07 -13.64
C TRP OA 36 -17.23 -6.43 -13.59
N TYR OA 37 -16.41 -6.74 -14.60
CA TYR OA 37 -15.66 -7.99 -14.65
C TYR OA 37 -14.62 -8.05 -13.55
N ARG OA 38 -14.03 -6.92 -13.17
CA ARG OA 38 -13.12 -6.92 -12.03
C ARG OA 38 -13.87 -7.04 -10.70
N GLN OA 39 -15.11 -6.56 -10.65
CA GLN OA 39 -15.89 -6.59 -9.41
C GLN OA 39 -16.70 -7.87 -9.24
N ILE OA 40 -16.72 -8.77 -10.23
CA ILE OA 40 -17.40 -10.06 -10.06
C ILE OA 40 -16.88 -10.91 -8.89
N PRO OA 41 -15.55 -11.20 -8.76
CA PRO OA 41 -15.15 -12.11 -7.68
C PRO OA 41 -15.23 -11.51 -6.29
N TYR OA 42 -15.29 -10.18 -6.18
CA TYR OA 42 -15.59 -9.56 -4.89
C TYR OA 42 -17.08 -9.65 -4.57
N ILE OA 43 -17.93 -9.65 -5.59
CA ILE OA 43 -19.38 -9.82 -5.37
C ILE OA 43 -19.68 -11.25 -4.94
N VAL OA 44 -19.02 -12.24 -5.54
CA VAL OA 44 -19.22 -13.63 -5.14
C VAL OA 44 -18.67 -13.87 -3.73
N MET OA 45 -17.57 -13.21 -3.37
CA MET OA 45 -16.97 -13.40 -2.05
C MET OA 45 -17.76 -12.71 -0.95
N ASP OA 46 -18.22 -11.48 -1.18
CA ASP OA 46 -18.83 -10.69 -0.11
C ASP OA 46 -20.34 -10.87 0.02
N TYR OA 47 -20.96 -11.66 -0.85
CA TYR OA 47 -22.39 -11.93 -0.75
C TYR OA 47 -22.63 -13.42 -0.50
N ASP OA 48 -23.72 -13.71 0.20
CA ASP OA 48 -24.10 -15.09 0.48
C ASP OA 48 -25.11 -15.54 -0.57
N ILE OA 49 -24.61 -15.68 -1.79
CA ILE OA 49 -25.45 -16.01 -2.94
C ILE OA 49 -25.08 -17.40 -3.46
N PRO OA 50 -26.02 -18.17 -4.03
CA PRO OA 50 -25.65 -19.48 -4.56
C PRO OA 50 -24.90 -19.44 -5.87
N MET OA 51 -24.95 -18.33 -6.61
CA MET OA 51 -24.32 -18.24 -7.92
C MET OA 51 -22.81 -18.12 -7.79
N THR OA 52 -22.09 -18.79 -8.68
CA THR OA 52 -20.64 -18.80 -8.66
C THR OA 52 -20.09 -17.69 -9.56
N VAL OA 53 -18.75 -17.66 -9.66
CA VAL OA 53 -18.05 -16.62 -10.42
C VAL OA 53 -18.33 -16.74 -11.90
N GLU OA 54 -18.30 -17.98 -12.43
CA GLU OA 54 -18.54 -18.20 -13.85
C GLU OA 54 -20.00 -17.91 -14.22
N GLN OA 55 -20.93 -18.23 -13.33
CA GLN OA 55 -22.33 -17.90 -13.56
C GLN OA 55 -22.58 -16.40 -13.51
N CYS OA 56 -21.86 -15.69 -12.63
CA CYS OA 56 -21.95 -14.23 -12.58
C CYS OA 56 -21.39 -13.59 -13.84
N ARG OA 57 -20.27 -14.13 -14.37
CA ARG OA 57 -19.70 -13.60 -15.60
C ARG OA 57 -20.60 -13.89 -16.81
N ASP OA 58 -21.24 -15.08 -16.82
CA ASP OA 58 -22.20 -15.40 -17.87
C ASP OA 58 -23.43 -14.49 -17.81
N LYS OA 59 -23.90 -14.16 -16.61
CA LYS OA 59 -25.01 -13.24 -16.46
C LYS OA 59 -24.62 -11.83 -16.90
N LEU OA 60 -23.39 -11.41 -16.62
CA LEU OA 60 -22.91 -10.10 -17.07
C LEU OA 60 -22.83 -10.03 -18.59
N ARG OA 61 -22.35 -11.10 -19.23
CA ARG OA 61 -22.33 -11.16 -20.69
C ARG OA 61 -23.74 -11.18 -21.27
N GLU OA 62 -24.67 -11.87 -20.61
CA GLU OA 62 -26.05 -11.91 -21.08
C GLU OA 62 -26.73 -10.54 -20.98
N GLU OA 63 -26.49 -9.80 -19.88
CA GLU OA 63 -27.07 -8.46 -19.77
C GLU OA 63 -26.41 -7.47 -20.71
N PHE OA 64 -25.15 -7.69 -21.10
CA PHE OA 64 -24.58 -6.81 -22.11
C PHE OA 64 -25.10 -7.11 -23.51
N VAL OA 65 -25.22 -8.39 -23.88
CA VAL OA 65 -25.77 -8.72 -25.20
C VAL OA 65 -27.27 -8.56 -25.28
N LYS OA 66 -27.96 -8.39 -24.15
CA LYS OA 66 -29.36 -7.94 -24.20
C LYS OA 66 -29.46 -6.52 -24.72
N HIS OA 67 -28.54 -5.64 -24.29
CA HIS OA 67 -28.51 -4.25 -24.72
C HIS OA 67 -27.54 -4.01 -25.87
N ARG OA 68 -27.08 -5.09 -26.51
CA ARG OA 68 -26.28 -4.99 -27.74
C ARG OA 68 -27.01 -4.24 -28.87
N ASN OA 69 -28.33 -4.36 -28.92
CA ASN OA 69 -29.12 -3.89 -30.07
C ASN OA 69 -29.19 -2.37 -30.19
N VAL OA 70 -28.90 -1.62 -29.12
CA VAL OA 70 -29.12 -0.18 -29.13
C VAL OA 70 -28.05 0.53 -29.98
N THR OA 71 -28.41 1.73 -30.47
CA THR OA 71 -27.55 2.46 -31.39
C THR OA 71 -27.35 3.92 -30.96
N ASP OA 72 -28.35 4.50 -30.30
CA ASP OA 72 -28.33 5.93 -30.03
C ASP OA 72 -27.35 6.28 -28.92
N ILE OA 73 -26.70 7.44 -29.08
CA ILE OA 73 -25.60 7.84 -28.19
C ILE OA 73 -26.12 8.19 -26.80
N ARG OA 74 -27.21 8.95 -26.73
CA ARG OA 74 -27.78 9.34 -25.44
C ARG OA 74 -28.41 8.14 -24.73
N VAL OA 75 -29.00 7.21 -25.48
CA VAL OA 75 -29.57 6.01 -24.89
C VAL OA 75 -28.48 5.10 -24.33
N ILE OA 76 -27.39 4.92 -25.08
CA ILE OA 76 -26.31 4.06 -24.59
C ILE OA 76 -25.55 4.73 -23.45
N ASP OA 77 -25.51 6.06 -23.41
CA ASP OA 77 -24.90 6.75 -22.27
C ASP OA 77 -25.78 6.66 -21.04
N MET OA 78 -27.11 6.68 -21.24
CA MET OA 78 -28.06 6.46 -20.16
C MET OA 78 -27.89 5.05 -19.57
N LEU OA 79 -27.70 4.06 -20.44
CA LEU OA 79 -27.46 2.69 -20.00
C LEU OA 79 -26.14 2.56 -19.25
N VAL OA 80 -25.08 3.25 -19.73
CA VAL OA 80 -23.79 3.25 -19.05
C VAL OA 80 -23.89 3.91 -17.67
N ILE OA 81 -24.65 5.01 -17.57
CA ILE OA 81 -24.83 5.71 -16.30
C ILE OA 81 -25.58 4.84 -15.29
N LYS OA 82 -26.65 4.17 -15.73
CA LYS OA 82 -27.38 3.29 -14.82
C LYS OA 82 -26.57 2.05 -14.44
N GLY OA 83 -25.75 1.55 -15.37
CA GLY OA 83 -24.86 0.45 -15.05
C GLY OA 83 -23.78 0.83 -14.05
N GLN OA 84 -23.22 2.04 -14.17
CA GLN OA 84 -22.25 2.50 -13.19
C GLN OA 84 -22.89 2.76 -11.83
N MET OA 85 -24.15 3.20 -11.81
CA MET OA 85 -24.84 3.35 -10.53
C MET OA 85 -25.11 2.00 -9.86
N GLU OA 86 -25.49 0.99 -10.64
CA GLU OA 86 -25.66 -0.35 -10.07
C GLU OA 86 -24.33 -0.94 -9.62
N LEU OA 87 -23.25 -0.64 -10.35
CA LEU OA 87 -21.92 -1.06 -9.94
C LEU OA 87 -21.48 -0.40 -8.64
N LYS OA 88 -21.73 0.92 -8.51
CA LYS OA 88 -21.40 1.63 -7.28
C LYS OA 88 -22.27 1.15 -6.11
N GLU OA 89 -23.49 0.70 -6.40
CA GLU OA 89 -24.28 0.00 -5.39
C GLU OA 89 -23.78 -1.43 -5.13
N SER OA 90 -22.90 -1.96 -5.98
CA SER OA 90 -22.35 -3.29 -5.75
C SER OA 90 -20.94 -3.29 -5.14
N VAL OA 91 -20.13 -2.25 -5.38
CA VAL OA 91 -18.82 -2.17 -4.69
C VAL OA 91 -19.02 -1.88 -3.21
N GLU OA 92 -19.58 -0.72 -2.91
CA GLU OA 92 -20.07 -0.48 -1.56
C GLU OA 92 -21.32 -1.32 -1.35
N ILE OA 93 -21.34 -2.12 -0.29
CA ILE OA 93 -22.39 -3.12 -0.17
C ILE OA 93 -23.64 -2.47 0.40
N TRP OA 94 -24.47 -1.96 -0.49
CA TRP OA 94 -25.79 -1.44 -0.18
C TRP OA 94 -26.89 -2.37 -0.63
N LYS OA 95 -26.71 -3.02 -1.79
CA LYS OA 95 -27.60 -4.09 -2.20
C LYS OA 95 -27.41 -5.31 -1.30
N GLN OA 96 -28.46 -6.10 -1.19
CA GLN OA 96 -28.45 -7.29 -0.34
C GLN OA 96 -28.16 -8.52 -1.19
N LYS OA 97 -28.29 -9.70 -0.57
CA LYS OA 97 -28.18 -10.94 -1.33
C LYS OA 97 -29.39 -11.16 -2.22
N GLY OA 98 -30.55 -10.63 -1.83
CA GLY OA 98 -31.72 -10.72 -2.69
C GLY OA 98 -31.71 -9.75 -3.84
N HIS OA 99 -31.02 -8.61 -3.68
CA HIS OA 99 -30.90 -7.66 -4.78
C HIS OA 99 -29.90 -8.12 -5.83
N ILE OA 100 -28.85 -8.84 -5.40
CA ILE OA 100 -27.88 -9.38 -6.35
C ILE OA 100 -28.50 -10.50 -7.17
N MET OA 101 -29.29 -11.36 -6.53
CA MET OA 101 -29.94 -12.48 -7.19
C MET OA 101 -31.25 -12.09 -7.90
N ARG OA 102 -31.48 -10.81 -8.18
CA ARG OA 102 -32.61 -10.41 -8.99
C ARG OA 102 -32.30 -10.44 -10.48
N TYR OA 103 -31.01 -10.51 -10.86
CA TYR OA 103 -30.65 -10.64 -12.26
C TYR OA 103 -31.02 -12.02 -12.79
N TRP OA 104 -30.68 -13.06 -12.04
CA TRP OA 104 -31.21 -14.38 -12.32
C TRP OA 104 -32.66 -14.42 -11.86
N LYS OA 105 -33.57 -14.77 -12.76
CA LYS OA 105 -35.00 -14.74 -12.46
C LYS OA 105 -35.35 -15.95 -11.60
N GLU OA 106 -35.04 -15.85 -10.31
CA GLU OA 106 -35.35 -16.89 -9.35
C GLU OA 106 -36.81 -16.80 -8.92
N SER OA 107 -37.33 -17.94 -8.46
CA SER OA 107 -38.73 -18.14 -8.02
C SER OA 107 -39.74 -17.78 -9.10
N GLN OA 108 -39.38 -18.02 -10.36
CA GLN OA 108 -40.24 -17.72 -11.50
C GLN OA 108 -40.30 -18.95 -12.39
N ASP OA 109 -41.50 -19.43 -12.63
CA ASP OA 109 -41.68 -20.56 -13.54
C ASP OA 109 -41.41 -20.10 -14.97
N PRO OA 110 -40.64 -20.86 -15.76
CA PRO OA 110 -40.39 -20.46 -17.16
C PRO OA 110 -41.65 -20.62 -18.00
N LYS OA 111 -42.15 -19.51 -18.52
CA LYS OA 111 -43.35 -19.55 -19.35
C LYS OA 111 -43.05 -20.19 -20.69
N PRO OA 112 -43.92 -21.07 -21.18
CA PRO OA 112 -43.67 -21.74 -22.46
C PRO OA 112 -43.86 -20.80 -23.65
N THR OA 113 -43.21 -21.16 -24.75
CA THR OA 113 -43.27 -20.37 -25.97
C THR OA 113 -44.18 -20.96 -27.04
N ASP OA 114 -44.47 -22.26 -26.96
CA ASP OA 114 -45.34 -22.89 -27.95
C ASP OA 114 -46.79 -22.48 -27.72
N PHE OA 115 -47.58 -22.58 -28.80
CA PHE OA 115 -48.98 -22.18 -28.73
C PHE OA 115 -49.84 -23.18 -27.99
N LEU OA 116 -49.45 -24.46 -27.98
CA LEU OA 116 -50.28 -25.49 -27.34
C LEU OA 116 -50.24 -25.38 -25.82
N SER OA 117 -49.05 -25.19 -25.25
CA SER OA 117 -48.94 -25.08 -23.80
C SER OA 117 -49.54 -23.78 -23.29
N LYS OA 118 -49.41 -22.69 -24.05
CA LYS OA 118 -50.10 -21.46 -23.72
C LYS OA 118 -51.61 -21.57 -23.88
N PHE OA 119 -52.06 -22.43 -24.80
CA PHE OA 119 -53.49 -22.64 -24.98
C PHE OA 119 -54.08 -23.48 -23.84
N ILE OA 120 -53.34 -24.47 -23.36
CA ILE OA 120 -53.80 -25.26 -22.21
C ILE OA 120 -53.75 -24.42 -20.94
N GLN OA 121 -52.66 -23.68 -20.72
CA GLN OA 121 -52.54 -22.88 -19.51
C GLN OA 121 -53.32 -21.57 -19.57
N GLY OA 122 -53.86 -21.21 -20.73
CA GLY OA 122 -54.68 -20.02 -20.86
C GLY OA 122 -53.93 -18.74 -21.15
N VAL OA 123 -52.60 -18.78 -21.23
CA VAL OA 123 -51.81 -17.60 -21.51
C VAL OA 123 -51.89 -17.24 -22.98
N ILE PA 40 -4.99 32.97 3.84
CA ILE PA 40 -4.38 34.03 3.07
C ILE PA 40 -5.33 35.22 2.93
N SER PA 41 -4.86 36.39 3.36
CA SER PA 41 -5.61 37.63 3.26
C SER PA 41 -4.76 38.68 2.56
N GLY PA 42 -5.34 39.33 1.56
CA GLY PA 42 -4.60 40.33 0.79
C GLY PA 42 -4.47 41.65 1.53
N LYS PA 43 -3.67 42.53 0.93
CA LYS PA 43 -3.43 43.85 1.52
C LYS PA 43 -4.63 44.78 1.35
N THR PA 44 -5.42 44.57 0.30
CA THR PA 44 -6.53 45.49 0.02
C THR PA 44 -7.67 45.31 1.01
N MET PA 45 -8.01 44.06 1.34
CA MET PA 45 -9.06 43.83 2.34
C MET PA 45 -8.58 44.10 3.75
N ARG PA 46 -7.30 43.87 4.04
CA ARG PA 46 -6.79 44.10 5.38
C ARG PA 46 -6.61 45.58 5.69
N GLY PA 47 -6.44 46.41 4.66
CA GLY PA 47 -6.28 47.83 4.87
C GLY PA 47 -4.90 48.27 5.27
N GLY PA 48 -3.91 47.38 5.20
CA GLY PA 48 -2.55 47.72 5.55
C GLY PA 48 -1.65 46.51 5.48
N PRO PA 49 -0.38 46.67 5.85
CA PRO PA 49 0.54 45.53 5.83
C PRO PA 49 0.28 44.58 6.99
N ARG PA 50 0.73 43.35 6.82
CA ARG PA 50 0.56 42.34 7.85
C ARG PA 50 1.51 42.61 9.02
N VAL PA 51 1.13 42.13 10.20
CA VAL PA 51 1.92 42.24 11.41
C VAL PA 51 2.47 40.86 11.75
N PRO PA 52 3.74 40.73 12.12
CA PRO PA 52 4.24 39.43 12.56
C PRO PA 52 3.77 39.10 13.97
N LYS PA 53 3.54 37.81 14.20
CA LYS PA 53 3.15 37.34 15.52
C LYS PA 53 4.32 37.21 16.47
N ALA PA 54 5.55 37.24 15.97
CA ALA PA 54 6.74 37.15 16.80
C ALA PA 54 7.89 37.84 16.06
N ALA PA 55 9.04 37.91 16.73
CA ALA PA 55 10.21 38.51 16.11
C ALA PA 55 10.78 37.57 15.03
N PRO PA 56 11.26 38.12 13.92
CA PRO PA 56 11.86 37.25 12.89
C PRO PA 56 13.22 36.73 13.33
N TYR PA 57 13.39 35.42 13.26
CA TYR PA 57 14.66 34.81 13.64
C TYR PA 57 15.71 35.05 12.57
N PRO PA 58 16.92 35.48 12.93
CA PRO PA 58 17.98 35.60 11.92
C PRO PA 58 18.51 34.25 11.48
N TYR PA 59 17.80 33.60 10.57
CA TYR PA 59 18.13 32.25 10.14
C TYR PA 59 19.35 32.20 9.22
N LYS PA 60 19.75 33.33 8.64
CA LYS PA 60 20.95 33.39 7.82
C LYS PA 60 22.21 33.69 8.62
N THR PA 61 22.08 33.96 9.91
CA THR PA 61 23.22 34.26 10.78
C THR PA 61 23.38 33.26 11.91
N LYS PA 62 22.29 32.93 12.61
CA LYS PA 62 22.34 32.03 13.75
C LYS PA 62 21.82 30.66 13.37
N LYS PA 63 22.51 29.63 13.82
CA LYS PA 63 22.07 28.26 13.59
C LYS PA 63 20.88 27.92 14.49
N TYR PA 64 20.19 26.83 14.14
CA TYR PA 64 19.02 26.38 14.88
C TYR PA 64 19.20 24.90 15.19
N SER PA 65 19.87 24.61 16.31
CA SER PA 65 20.01 23.25 16.80
C SER PA 65 18.92 22.98 17.82
N VAL PA 66 19.01 21.85 18.53
CA VAL PA 66 18.03 21.52 19.57
C VAL PA 66 18.18 22.44 20.78
N PHE PA 67 19.40 22.88 21.08
CA PHE PA 67 19.61 23.81 22.18
C PHE PA 67 19.14 25.21 21.85
N ASN PA 68 19.02 25.55 20.56
CA ASN PA 68 18.30 26.75 20.16
C ASN PA 68 16.79 26.49 20.09
N ALA PA 69 16.39 25.24 19.87
CA ALA PA 69 14.98 24.89 19.78
C ALA PA 69 14.32 24.75 21.15
N ILE PA 70 15.10 24.69 22.22
CA ILE PA 70 14.52 24.68 23.56
C ILE PA 70 13.87 26.02 23.89
N PHE PA 71 14.58 27.12 23.60
CA PHE PA 71 14.10 28.45 23.95
C PHE PA 71 13.19 29.02 22.87
N ASP PA 72 13.67 29.11 21.63
CA ASP PA 72 12.95 29.78 20.56
C ASP PA 72 11.99 28.80 19.91
N LYS PA 73 10.69 28.96 20.18
CA LYS PA 73 9.67 28.16 19.54
C LYS PA 73 9.42 28.64 18.12
N THR PA 74 8.77 27.79 17.32
CA THR PA 74 8.58 28.08 15.90
C THR PA 74 7.12 28.10 15.46
N SER PA 75 6.18 27.64 16.26
CA SER PA 75 4.77 27.72 15.89
C SER PA 75 4.10 28.98 16.41
N LYS PA 76 4.84 29.84 17.09
CA LYS PA 76 4.28 31.07 17.64
C LYS PA 76 4.21 32.20 16.62
N ARG PA 77 4.80 32.02 15.44
CA ARG PA 77 4.86 33.06 14.42
C ARG PA 77 4.15 32.65 13.13
N PHE PA 78 3.20 31.72 13.21
CA PHE PA 78 2.50 31.23 12.04
C PHE PA 78 1.09 31.80 11.99
N ASP PA 79 0.64 32.13 10.79
CA ASP PA 79 -0.68 32.72 10.59
C ASP PA 79 -1.19 32.26 9.22
N GLU PA 80 -2.20 32.97 8.71
CA GLU PA 80 -2.82 32.58 7.44
C GLU PA 80 -1.93 32.86 6.23
N ASN PA 81 -0.95 33.75 6.36
CA ASN PA 81 -0.04 34.09 5.27
C ASN PA 81 1.29 33.36 5.38
N SER PA 82 1.27 32.11 5.84
CA SER PA 82 2.46 31.29 5.99
C SER PA 82 2.44 30.09 5.06
N LYS PA 83 2.01 30.30 3.82
CA LYS PA 83 1.88 29.24 2.84
C LYS PA 83 2.99 29.33 1.80
N VAL PA 84 3.28 28.20 1.16
CA VAL PA 84 4.26 28.13 0.08
C VAL PA 84 3.49 28.03 -1.23
N ILE PA 85 3.62 29.05 -2.08
CA ILE PA 85 2.88 29.14 -3.33
C ILE PA 85 3.87 29.03 -4.48
N CYS PA 86 3.63 28.05 -5.37
CA CYS PA 86 4.45 27.86 -6.57
C CYS PA 86 3.65 28.29 -7.78
N VAL PA 87 4.19 29.24 -8.54
CA VAL PA 87 3.52 29.75 -9.74
C VAL PA 87 4.17 29.09 -10.94
N GLU PA 88 3.59 28.01 -11.43
CA GLU PA 88 4.14 27.23 -12.53
C GLU PA 88 3.47 27.66 -13.83
N GLY PA 89 4.09 27.31 -14.95
CA GLY PA 89 3.55 27.63 -16.24
C GLY PA 89 4.56 27.36 -17.35
N PRO PA 90 4.17 27.64 -18.59
CA PRO PA 90 5.13 27.49 -19.70
C PRO PA 90 6.22 28.54 -19.67
N ILE PA 91 7.15 28.41 -20.62
CA ILE PA 91 8.43 29.09 -20.52
C ILE PA 91 8.30 30.54 -20.97
N ALA PA 92 7.17 30.91 -21.60
CA ALA PA 92 7.03 32.27 -22.10
C ALA PA 92 5.97 33.04 -21.34
N ALA PA 93 5.26 32.37 -20.43
CA ALA PA 93 4.26 33.04 -19.62
C ALA PA 93 4.92 33.98 -18.62
N GLY PA 94 4.29 35.12 -18.38
CA GLY PA 94 4.79 36.06 -17.39
C GLY PA 94 4.60 35.53 -15.98
N LYS PA 95 5.69 35.07 -15.38
CA LYS PA 95 5.64 34.54 -14.02
C LYS PA 95 6.48 35.32 -13.03
N SER PA 96 7.56 35.99 -13.47
CA SER PA 96 8.33 36.83 -12.55
C SER PA 96 7.55 38.07 -12.15
N LYS PA 97 6.91 38.74 -13.13
CA LYS PA 97 6.09 39.92 -12.83
C LYS PA 97 4.87 39.55 -12.00
N PHE PA 98 4.22 38.43 -12.32
CA PHE PA 98 3.05 38.00 -11.58
C PHE PA 98 3.41 37.55 -10.17
N ALA PA 99 4.55 36.86 -10.01
CA ALA PA 99 4.98 36.47 -8.68
C ALA PA 99 5.45 37.67 -7.87
N LYS PA 100 6.02 38.68 -8.52
CA LYS PA 100 6.41 39.91 -7.84
C LYS PA 100 5.20 40.67 -7.32
N GLU PA 101 4.16 40.81 -8.16
CA GLU PA 101 2.97 41.53 -7.71
C GLU PA 101 2.14 40.69 -6.73
N LEU PA 102 2.25 39.36 -6.79
CA LEU PA 102 1.60 38.53 -5.79
C LEU PA 102 2.34 38.60 -4.45
N ALA PA 103 3.67 38.71 -4.48
CA ALA PA 103 4.43 38.86 -3.25
C ALA PA 103 4.22 40.23 -2.63
N GLU PA 104 4.14 41.27 -3.45
CA GLU PA 104 3.89 42.61 -2.93
C GLU PA 104 2.41 42.84 -2.61
N GLU PA 105 1.51 41.98 -3.06
CA GLU PA 105 0.09 42.12 -2.76
C GLU PA 105 -0.31 41.27 -1.56
N LEU PA 106 0.21 40.04 -1.45
CA LEU PA 106 -0.14 39.17 -0.34
C LEU PA 106 0.84 39.27 0.82
N ASP PA 107 1.80 40.19 0.76
CA ASP PA 107 2.85 40.43 1.75
C ASP PA 107 3.68 39.18 2.03
N MET PA 108 4.35 38.72 0.97
CA MET PA 108 5.23 37.56 1.02
C MET PA 108 6.55 37.93 0.35
N GLU PA 109 7.49 37.00 0.35
CA GLU PA 109 8.80 37.22 -0.26
C GLU PA 109 8.87 36.50 -1.60
N TYR PA 110 9.29 37.22 -2.64
CA TYR PA 110 9.42 36.65 -3.98
C TYR PA 110 10.78 35.99 -4.12
N TYR PA 111 10.77 34.68 -4.41
CA TYR PA 111 12.01 33.98 -4.74
C TYR PA 111 12.12 33.83 -6.24
N PRO PA 112 13.17 34.38 -6.86
CA PRO PA 112 13.26 34.38 -8.33
C PRO PA 112 13.58 33.00 -8.90
N ALA PA 113 13.44 32.86 -10.21
CA ALA PA 113 13.80 31.62 -10.87
C ALA PA 113 15.31 31.43 -10.88
N VAL PA 114 15.73 30.19 -10.79
CA VAL PA 114 17.15 29.87 -10.75
C VAL PA 114 17.72 29.86 -12.16
N ASP PA 115 18.94 30.36 -12.27
CA ASP PA 115 19.72 30.31 -13.49
C ASP PA 115 21.16 29.95 -13.13
N LEU PA 116 21.91 29.46 -14.11
CA LEU PA 116 23.25 28.94 -13.84
C LEU PA 116 24.31 30.02 -13.67
N ASP PA 117 23.92 31.28 -13.47
CA ASP PA 117 24.88 32.31 -13.06
C ASP PA 117 25.26 32.15 -11.59
N LEU PA 118 24.48 31.39 -10.82
CA LEU PA 118 24.76 31.23 -9.40
C LEU PA 118 25.98 30.34 -9.16
N ILE PA 119 26.25 29.41 -10.07
CA ILE PA 119 27.50 28.65 -9.97
C ILE PA 119 28.64 29.39 -10.65
N TYR PA 120 28.41 29.87 -11.87
CA TYR PA 120 29.47 30.41 -12.70
C TYR PA 120 29.94 31.80 -12.27
N ILE PA 121 29.21 32.46 -11.39
CA ILE PA 121 29.66 33.68 -10.72
C ILE PA 121 29.74 33.38 -9.23
N ASN PA 122 30.90 33.63 -8.64
CA ASN PA 122 31.13 33.29 -7.24
C ASN PA 122 30.61 34.41 -6.34
N SER PA 123 30.98 34.36 -5.06
CA SER PA 123 30.54 35.38 -4.12
C SER PA 123 31.25 36.71 -4.34
N TYR PA 124 32.45 36.69 -4.92
CA TYR PA 124 33.20 37.91 -5.17
C TYR PA 124 32.85 38.56 -6.50
N GLY PA 125 31.96 37.97 -7.30
CA GLY PA 125 31.51 38.55 -8.54
C GLY PA 125 32.29 38.15 -9.77
N TYR PA 126 33.34 37.35 -9.63
CA TYR PA 126 34.13 36.93 -10.78
C TYR PA 126 33.38 35.87 -11.58
N ASP PA 127 33.39 36.01 -12.90
CA ASP PA 127 32.69 35.09 -13.79
C ASP PA 127 33.64 33.96 -14.16
N MET PA 128 33.19 32.72 -13.96
CA MET PA 128 33.97 31.53 -14.32
C MET PA 128 33.73 31.07 -15.74
N ARG PA 129 33.02 31.84 -16.56
CA ARG PA 129 32.96 31.56 -17.99
C ARG PA 129 34.19 32.05 -18.73
N LYS PA 130 35.04 32.86 -18.07
CA LYS PA 130 36.30 33.30 -18.66
C LYS PA 130 37.42 32.28 -18.48
N LEU PA 131 37.18 31.19 -17.75
CA LEU PA 131 38.13 30.10 -17.62
C LEU PA 131 37.90 29.01 -18.66
N ASP PA 132 37.01 29.24 -19.61
CA ASP PA 132 36.72 28.24 -20.64
C ASP PA 132 37.88 27.85 -21.56
N PRO PA 133 38.78 28.74 -22.03
CA PRO PA 133 39.97 28.22 -22.75
C PRO PA 133 40.92 27.41 -21.89
N GLN PA 134 40.99 27.67 -20.58
CA GLN PA 134 41.86 26.87 -19.72
C GLN PA 134 41.26 25.51 -19.41
N LEU PA 135 39.93 25.42 -19.35
CA LEU PA 135 39.28 24.16 -19.04
C LEU PA 135 39.29 23.24 -20.27
N PRO PA 136 39.25 21.91 -20.04
CA PRO PA 136 39.09 21.00 -21.17
C PRO PA 136 37.70 21.12 -21.77
N PRO PA 137 37.53 20.77 -23.06
CA PRO PA 137 36.22 20.96 -23.70
C PRO PA 137 35.11 20.06 -23.17
N SER PA 138 35.44 18.96 -22.48
CA SER PA 138 34.43 18.14 -21.85
C SER PA 138 33.99 18.67 -20.48
N CYS PA 139 34.66 19.70 -19.96
CA CYS PA 139 34.36 20.24 -18.64
C CYS PA 139 34.21 21.76 -18.68
N ARG PA 140 33.77 22.30 -19.82
CA ARG PA 140 33.63 23.74 -19.96
C ARG PA 140 32.27 24.20 -19.44
N SER PA 141 32.01 25.50 -19.55
CA SER PA 141 30.78 26.08 -19.04
C SER PA 141 29.61 25.73 -19.95
N TYR PA 142 28.44 25.53 -19.35
CA TYR PA 142 27.23 25.19 -20.11
C TYR PA 142 26.05 25.85 -19.40
N ASP PA 143 25.70 27.04 -19.86
CA ASP PA 143 24.58 27.81 -19.34
C ASP PA 143 23.38 27.49 -20.26
N VAL PA 144 22.22 28.10 -20.01
CA VAL PA 144 21.05 27.86 -20.84
C VAL PA 144 21.19 28.50 -22.22
N ARG PA 145 22.11 29.46 -22.38
CA ARG PA 145 22.44 30.02 -23.70
C ARG PA 145 23.11 28.98 -24.58
N ASN PA 146 24.05 28.20 -24.01
CA ASN PA 146 24.69 27.11 -24.73
C ASN PA 146 23.70 25.98 -25.02
N PHE PA 147 22.68 25.81 -24.17
CA PHE PA 147 21.61 24.88 -24.48
C PHE PA 147 20.74 25.39 -25.61
N CYS PA 148 20.50 26.70 -25.66
CA CYS PA 148 19.65 27.28 -26.69
C CYS PA 148 20.28 27.17 -28.07
N LEU PA 149 21.60 27.37 -28.17
CA LEU PA 149 22.21 27.14 -29.48
C LEU PA 149 22.52 25.66 -29.73
N ASP PA 150 23.04 24.96 -28.72
CA ASP PA 150 23.51 23.58 -28.89
C ASP PA 150 22.81 22.69 -27.87
N PRO PA 151 21.60 22.21 -28.19
CA PRO PA 151 20.88 21.34 -27.24
C PRO PA 151 21.36 19.90 -27.26
N SER PA 152 22.10 19.47 -28.28
CA SER PA 152 22.51 18.09 -28.42
C SER PA 152 23.88 17.81 -27.81
N HIS PA 153 24.44 18.76 -27.07
CA HIS PA 153 25.74 18.58 -26.43
C HIS PA 153 25.65 17.58 -25.28
N ASP PA 154 26.79 16.97 -24.95
CA ASP PA 154 26.85 15.97 -23.90
C ASP PA 154 26.72 16.57 -22.51
N LEU PA 155 26.98 17.86 -22.35
CA LEU PA 155 26.88 18.50 -21.04
C LEU PA 155 25.43 18.79 -20.65
N ALA PA 156 24.49 18.71 -21.60
CA ALA PA 156 23.09 19.04 -21.34
C ALA PA 156 22.46 18.07 -20.35
N ALA PA 157 22.84 16.79 -20.41
CA ALA PA 157 22.40 15.82 -19.43
C ALA PA 157 22.95 16.13 -18.04
N GLN PA 158 24.10 16.78 -17.96
CA GLN PA 158 24.55 17.33 -16.69
C GLN PA 158 23.72 18.55 -16.31
N PHE PA 159 23.40 19.39 -17.31
CA PHE PA 159 22.88 20.74 -17.12
C PHE PA 159 21.54 20.73 -16.39
N GLN PA 160 20.63 19.86 -16.84
CA GLN PA 160 19.32 19.71 -16.21
C GLN PA 160 19.45 19.26 -14.76
N ILE PA 161 20.41 18.36 -14.48
CA ILE PA 161 20.67 17.92 -13.12
C ILE PA 161 21.16 19.09 -12.28
N ARG PA 162 22.01 19.94 -12.88
CA ARG PA 162 22.47 21.16 -12.21
C ARG PA 162 21.30 22.08 -11.91
N MET PA 163 20.34 22.15 -12.83
CA MET PA 163 19.14 22.95 -12.61
C MET PA 163 18.33 22.41 -11.43
N TYR PA 164 18.26 21.08 -11.31
CA TYR PA 164 17.60 20.47 -10.16
C TYR PA 164 18.34 20.80 -8.88
N MET PA 165 19.68 20.82 -8.94
CA MET PA 165 20.49 21.17 -7.79
C MET PA 165 20.40 22.66 -7.45
N LEU PA 166 19.83 23.48 -8.32
CA LEU PA 166 19.50 24.84 -7.93
C LEU PA 166 18.05 25.02 -7.52
N ARG PA 167 17.15 24.11 -7.92
CA ARG PA 167 15.80 24.22 -7.42
C ARG PA 167 15.69 23.64 -6.02
N TYR PA 168 16.32 22.48 -5.80
CA TYR PA 168 16.37 21.83 -4.50
C TYR PA 168 17.07 22.70 -3.47
N SER PA 169 18.13 23.40 -3.88
CA SER PA 169 18.79 24.33 -2.98
C SER PA 169 17.99 25.61 -2.75
N GLN PA 170 17.02 25.92 -3.62
CA GLN PA 170 16.25 27.13 -3.41
C GLN PA 170 15.06 26.88 -2.49
N TYR PA 171 14.37 25.75 -2.68
CA TYR PA 171 13.15 25.44 -1.93
C TYR PA 171 13.42 25.31 -0.44
N ILE PA 172 14.53 24.66 -0.08
CA ILE PA 172 14.95 24.60 1.31
C ILE PA 172 15.25 26.00 1.83
N ASP PA 173 15.90 26.83 0.99
CA ASP PA 173 16.07 28.25 1.29
C ASP PA 173 14.73 28.99 1.33
N ALA PA 174 13.72 28.48 0.63
CA ALA PA 174 12.36 28.96 0.84
C ALA PA 174 11.80 28.48 2.17
N LEU PA 175 12.05 27.20 2.50
CA LEU PA 175 11.46 26.59 3.70
C LEU PA 175 12.05 27.20 4.96
N GLN PA 176 13.34 27.56 4.92
CA GLN PA 176 13.97 28.28 6.02
C GLN PA 176 13.36 29.66 6.22
N HIS PA 177 12.76 30.25 5.18
CA HIS PA 177 12.03 31.48 5.39
C HIS PA 177 10.64 31.25 5.95
N VAL PA 178 10.07 30.06 5.78
CA VAL PA 178 8.72 29.82 6.25
C VAL PA 178 8.72 29.44 7.73
N LEU PA 179 9.61 28.52 8.10
CA LEU PA 179 9.62 27.98 9.45
C LEU PA 179 10.26 28.93 10.45
N SER PA 180 11.23 29.73 10.03
CA SER PA 180 11.99 30.54 10.98
C SER PA 180 11.48 31.97 11.11
N THR PA 181 10.85 32.52 10.07
CA THR PA 181 10.32 33.89 10.15
C THR PA 181 8.81 33.95 10.11
N GLY PA 182 8.13 32.91 9.64
CA GLY PA 182 6.69 32.89 9.56
C GLY PA 182 6.11 33.48 8.29
N GLN PA 183 6.92 34.22 7.53
CA GLN PA 183 6.45 34.79 6.27
C GLN PA 183 6.39 33.71 5.20
N GLY PA 184 5.30 33.70 4.44
CA GLY PA 184 5.18 32.78 3.34
C GLY PA 184 6.08 33.16 2.18
N VAL PA 185 6.32 32.18 1.30
CA VAL PA 185 7.18 32.38 0.15
C VAL PA 185 6.40 32.07 -1.13
N VAL PA 186 6.87 32.64 -2.22
CA VAL PA 186 6.32 32.38 -3.55
C VAL PA 186 7.48 32.11 -4.51
N LEU PA 187 7.35 31.04 -5.29
CA LEU PA 187 8.44 30.55 -6.12
C LEU PA 187 8.01 30.51 -7.57
N GLU PA 188 8.85 31.07 -8.45
CA GLU PA 188 8.61 30.98 -9.89
C GLU PA 188 8.78 29.54 -10.38
N ARG PA 189 9.79 28.83 -9.87
CA ARG PA 189 10.01 27.44 -10.25
C ARG PA 189 10.16 26.60 -8.99
N SER PA 190 9.77 25.33 -9.09
CA SER PA 190 9.84 24.39 -8.00
C SER PA 190 10.55 23.12 -8.44
N PRO PA 191 11.23 22.42 -7.52
CA PRO PA 191 11.87 21.14 -7.89
C PRO PA 191 10.88 20.01 -8.16
N TYR PA 192 9.62 20.16 -7.77
CA TYR PA 192 8.60 19.16 -8.11
C TYR PA 192 8.28 19.16 -9.60
N SER PA 193 8.47 20.29 -10.27
CA SER PA 193 8.12 20.45 -11.67
C SER PA 193 9.31 20.36 -12.61
N ASP PA 194 10.49 20.00 -12.10
CA ASP PA 194 11.69 20.02 -12.92
C ASP PA 194 11.83 18.76 -13.78
N PHE PA 195 11.08 17.70 -13.46
CA PHE PA 195 11.15 16.46 -14.25
C PHE PA 195 10.44 16.62 -15.59
N VAL PA 196 9.53 17.61 -15.68
CA VAL PA 196 8.82 17.89 -16.92
C VAL PA 196 9.80 18.33 -18.01
N PHE PA 197 10.75 19.20 -17.64
CA PHE PA 197 11.79 19.59 -18.58
C PHE PA 197 12.72 18.42 -18.91
N MET PA 198 12.92 17.51 -17.96
CA MET PA 198 13.77 16.34 -18.20
C MET PA 198 13.18 15.42 -19.26
N GLU PA 199 11.90 15.08 -19.13
CA GLU PA 199 11.26 14.28 -20.17
C GLU PA 199 11.05 15.09 -21.46
N ALA PA 200 10.99 16.42 -21.35
CA ALA PA 200 10.85 17.24 -22.56
C ALA PA 200 12.11 17.22 -23.41
N MET PA 201 13.29 17.28 -22.77
CA MET PA 201 14.54 17.08 -23.51
C MET PA 201 14.74 15.62 -23.89
N PHE PA 202 14.11 14.69 -23.17
CA PHE PA 202 14.23 13.28 -23.57
C PHE PA 202 13.42 12.99 -24.83
N ARG PA 203 12.22 13.55 -24.94
CA ARG PA 203 11.33 13.22 -26.06
C ARG PA 203 11.84 13.82 -27.36
N GLN PA 204 12.53 14.97 -27.28
CA GLN PA 204 13.11 15.57 -28.47
C GLN PA 204 14.41 14.88 -28.87
N GLY PA 205 14.96 14.08 -27.96
CA GLY PA 205 16.17 13.32 -28.24
C GLY PA 205 17.45 13.88 -27.66
N TYR PA 206 17.37 14.90 -26.80
CA TYR PA 206 18.57 15.51 -26.25
C TYR PA 206 19.17 14.72 -25.10
N LEU PA 207 18.44 13.74 -24.55
CA LEU PA 207 18.93 12.92 -23.45
C LEU PA 207 18.89 11.46 -23.84
N SER PA 208 19.82 10.70 -23.28
CA SER PA 208 19.84 9.26 -23.45
C SER PA 208 18.93 8.62 -22.40
N ARG PA 209 18.84 7.28 -22.44
CA ARG PA 209 18.07 6.57 -21.44
C ARG PA 209 18.80 6.54 -20.10
N GLY PA 210 20.13 6.54 -20.13
CA GLY PA 210 20.91 6.60 -18.90
C GLY PA 210 20.79 7.91 -18.17
N ALA PA 211 20.66 9.02 -18.90
CA ALA PA 211 20.40 10.31 -18.27
C ALA PA 211 19.05 10.35 -17.57
N ARG PA 212 18.03 9.75 -18.19
CA ARG PA 212 16.74 9.59 -17.55
C ARG PA 212 16.83 8.72 -16.30
N SER PA 213 17.63 7.65 -16.36
CA SER PA 213 17.79 6.74 -15.23
C SER PA 213 18.50 7.43 -14.07
N VAL PA 214 19.55 8.22 -14.35
CA VAL PA 214 20.28 8.87 -13.26
C VAL PA 214 19.49 10.05 -12.69
N TYR PA 215 18.69 10.75 -13.53
CA TYR PA 215 17.83 11.80 -12.99
C TYR PA 215 16.68 11.22 -12.17
N ASN PA 216 16.14 10.07 -12.59
CA ASN PA 216 15.09 9.41 -11.82
C ASN PA 216 15.64 8.87 -10.50
N GLU PA 217 16.88 8.38 -10.51
CA GLU PA 217 17.51 7.94 -9.27
C GLU PA 217 17.77 9.09 -8.32
N LEU PA 218 18.22 10.24 -8.86
CA LEU PA 218 18.42 11.43 -8.03
C LEU PA 218 17.10 11.96 -7.47
N ARG PA 219 16.03 11.92 -8.28
CA ARG PA 219 14.73 12.38 -7.83
C ARG PA 219 14.15 11.44 -6.77
N GLN PA 220 14.27 10.12 -6.98
CA GLN PA 220 13.79 9.16 -5.99
C GLN PA 220 14.64 9.20 -4.72
N ASN PA 221 15.89 9.62 -4.84
CA ASN PA 221 16.73 9.80 -3.66
C ASN PA 221 16.39 11.08 -2.89
N THR PA 222 15.94 12.14 -3.57
CA THR PA 222 15.89 13.45 -2.92
C THR PA 222 14.49 14.03 -2.72
N ILE PA 223 13.48 13.67 -3.52
CA ILE PA 223 12.25 14.48 -3.55
C ILE PA 223 11.37 14.18 -2.32
N GLY PA 224 11.64 13.10 -1.60
CA GLY PA 224 10.88 12.76 -0.43
C GLY PA 224 11.30 13.44 0.85
N GLU PA 225 12.24 14.39 0.79
CA GLU PA 225 12.79 15.02 1.98
C GLU PA 225 12.34 16.46 2.17
N LEU PA 226 11.59 17.03 1.22
CA LEU PA 226 11.16 18.41 1.32
C LEU PA 226 9.63 18.48 1.24
N LEU PA 227 9.07 19.45 1.95
CA LEU PA 227 7.62 19.55 2.09
C LEU PA 227 6.98 20.06 0.81
N LYS PA 228 5.84 19.46 0.45
CA LYS PA 228 5.10 19.86 -0.73
C LYS PA 228 4.44 21.23 -0.50
N PRO PA 229 4.24 22.02 -1.55
CA PRO PA 229 3.68 23.37 -1.36
C PRO PA 229 2.20 23.34 -1.02
N HIS PA 230 1.74 24.46 -0.46
CA HIS PA 230 0.33 24.61 -0.13
C HIS PA 230 -0.52 24.87 -1.37
N LEU PA 231 -0.03 25.72 -2.28
CA LEU PA 231 -0.85 26.20 -3.38
C LEU PA 231 -0.02 26.28 -4.65
N VAL PA 232 -0.64 25.88 -5.77
CA VAL PA 232 0.02 25.83 -7.07
C VAL PA 232 -0.84 26.59 -8.07
N ILE PA 233 -0.26 27.58 -8.75
CA ILE PA 233 -0.92 28.35 -9.78
C ILE PA 233 -0.31 27.96 -11.12
N TYR PA 234 -1.15 27.51 -12.05
CA TYR PA 234 -0.72 27.19 -13.41
C TYR PA 234 -1.27 28.25 -14.35
N LEU PA 235 -0.37 29.04 -14.94
CA LEU PA 235 -0.76 30.09 -15.87
C LEU PA 235 -0.86 29.47 -17.26
N ASP PA 236 -2.08 29.10 -17.65
CA ASP PA 236 -2.30 28.31 -18.86
C ASP PA 236 -2.07 29.15 -20.12
N LEU PA 237 -1.31 28.58 -21.06
CA LEU PA 237 -1.02 29.21 -22.34
C LEU PA 237 -1.10 28.14 -23.43
N PRO PA 238 -1.63 28.48 -24.61
CA PRO PA 238 -1.53 27.55 -25.74
C PRO PA 238 -0.12 27.56 -26.32
N VAL PA 239 0.12 26.59 -27.20
CA VAL PA 239 1.46 26.37 -27.74
C VAL PA 239 1.87 27.47 -28.71
N ASP PA 240 0.92 28.06 -29.44
CA ASP PA 240 1.25 29.14 -30.36
C ASP PA 240 1.50 30.48 -29.67
N ALA PA 241 0.78 30.75 -28.57
CA ALA PA 241 0.99 32.00 -27.84
C ALA PA 241 2.32 32.01 -27.09
N VAL PA 242 2.82 30.83 -26.73
CA VAL PA 242 4.16 30.71 -26.14
C VAL PA 242 5.22 31.13 -27.16
N LYS PA 243 5.07 30.66 -28.41
CA LYS PA 243 5.98 31.08 -29.48
C LYS PA 243 5.84 32.57 -29.79
N LYS PA 244 4.61 33.09 -29.72
CA LYS PA 244 4.38 34.53 -29.93
C LYS PA 244 5.06 35.37 -28.86
N GLN PA 245 4.95 34.96 -27.58
CA GLN PA 245 5.63 35.68 -26.51
C GLN PA 245 7.15 35.51 -26.58
N ILE PA 246 7.62 34.38 -27.10
CA ILE PA 246 9.06 34.16 -27.26
C ILE PA 246 9.63 35.11 -28.32
N LYS PA 247 8.93 35.24 -29.46
CA LYS PA 247 9.42 36.20 -30.46
C LYS PA 247 9.15 37.64 -30.05
N ALA PA 248 8.19 37.88 -29.15
CA ALA PA 248 7.96 39.23 -28.65
C ALA PA 248 9.01 39.64 -27.63
N ARG PA 249 9.57 38.70 -26.87
CA ARG PA 249 10.59 39.04 -25.88
C ARG PA 249 11.90 39.44 -26.54
N ASN PA 250 12.22 38.83 -27.70
CA ASN PA 250 13.39 39.15 -28.55
C ASN PA 250 14.71 38.98 -27.80
N VAL PA 251 14.79 37.96 -26.95
CA VAL PA 251 16.05 37.59 -26.32
C VAL PA 251 16.89 36.84 -27.35
N ASP PA 252 18.18 37.20 -27.45
CA ASP PA 252 19.01 36.86 -28.59
C ASP PA 252 19.32 35.36 -28.70
N TYR PA 253 19.14 34.58 -27.64
CA TYR PA 253 19.31 33.13 -27.76
C TYR PA 253 18.01 32.36 -27.83
N GLU PA 254 16.89 32.96 -27.43
CA GLU PA 254 15.59 32.32 -27.66
C GLU PA 254 15.21 32.37 -29.14
N VAL PA 255 15.45 33.52 -29.79
CA VAL PA 255 15.33 33.61 -31.23
C VAL PA 255 16.49 32.87 -31.86
N GLN PA 256 16.31 32.41 -33.13
CA GLN PA 256 17.26 31.63 -33.94
C GLN PA 256 17.76 30.38 -33.22
N SER PA 257 16.88 29.76 -32.45
CA SER PA 257 17.15 28.50 -31.76
C SER PA 257 16.12 27.47 -32.22
N LYS PA 258 16.58 26.26 -32.49
CA LYS PA 258 15.70 25.18 -32.93
C LYS PA 258 15.12 24.37 -31.78
N VAL PA 259 15.41 24.76 -30.53
CA VAL PA 259 14.91 24.03 -29.38
C VAL PA 259 13.41 24.24 -29.21
N PHE PA 260 12.95 25.47 -29.33
CA PHE PA 260 11.54 25.80 -29.09
C PHE PA 260 10.74 25.61 -30.39
N SER PA 261 10.57 24.35 -30.75
CA SER PA 261 9.80 23.98 -31.92
C SER PA 261 8.34 23.78 -31.52
N ASP PA 262 7.54 23.22 -32.42
CA ASP PA 262 6.14 22.96 -32.14
C ASP PA 262 5.92 21.65 -31.37
N ALA PA 263 6.98 20.85 -31.19
CA ALA PA 263 6.89 19.59 -30.46
C ALA PA 263 7.39 19.69 -29.03
N TYR PA 264 8.42 20.50 -28.79
CA TYR PA 264 8.99 20.62 -27.45
C TYR PA 264 8.06 21.38 -26.51
N LEU PA 265 7.51 22.50 -26.98
CA LEU PA 265 6.57 23.29 -26.19
C LEU PA 265 5.27 22.54 -25.95
N SER PA 266 4.78 21.84 -26.98
CA SER PA 266 3.56 21.04 -26.83
C SER PA 266 3.79 19.88 -25.89
N ASP PA 267 4.97 19.26 -25.94
CA ASP PA 267 5.34 18.19 -25.02
C ASP PA 267 5.37 18.68 -23.57
N LEU PA 268 5.94 19.87 -23.33
CA LEU PA 268 6.01 20.34 -21.94
C LEU PA 268 4.64 20.81 -21.42
N GLU PA 269 3.80 21.44 -22.27
CA GLU PA 269 2.50 21.88 -21.76
C GLU PA 269 1.54 20.71 -21.57
N GLN PA 270 1.66 19.67 -22.41
CA GLN PA 270 0.93 18.43 -22.16
C GLN PA 270 1.43 17.75 -20.90
N LEU PA 271 2.76 17.75 -20.70
CA LEU PA 271 3.37 16.96 -19.65
C LEU PA 271 3.14 17.57 -18.28
N TYR PA 272 3.10 18.92 -18.20
CA TYR PA 272 2.61 19.65 -17.02
C TYR PA 272 1.24 19.14 -16.58
N LYS PA 273 0.24 19.32 -17.44
CA LYS PA 273 -1.15 19.10 -17.06
C LYS PA 273 -1.52 17.63 -16.90
N GLN PA 274 -0.73 16.70 -17.44
CA GLN PA 274 -1.05 15.30 -17.21
C GLN PA 274 -0.03 14.51 -16.40
N GLN PA 275 1.08 15.11 -15.95
CA GLN PA 275 1.89 14.46 -14.93
C GLN PA 275 2.06 15.32 -13.68
N TYR PA 276 2.55 16.56 -13.82
CA TYR PA 276 2.96 17.31 -12.65
C TYR PA 276 1.76 17.87 -11.90
N LEU PA 277 0.76 18.37 -12.63
CA LEU PA 277 -0.45 18.89 -12.02
C LEU PA 277 -1.25 17.76 -11.36
N LYS PA 278 -1.32 16.60 -12.02
CA LYS PA 278 -2.02 15.45 -11.45
C LYS PA 278 -1.29 14.89 -10.23
N ASP PA 279 0.04 15.03 -10.19
CA ASP PA 279 0.78 14.61 -8.99
C ASP PA 279 0.58 15.60 -7.85
N ILE PA 280 0.59 16.91 -8.15
CA ILE PA 280 0.61 17.90 -7.08
C ILE PA 280 -0.79 18.24 -6.59
N SER PA 281 -1.84 17.85 -7.33
CA SER PA 281 -3.20 18.14 -6.90
C SER PA 281 -3.65 17.28 -5.72
N THR PA 282 -2.93 16.20 -5.41
CA THR PA 282 -3.27 15.40 -4.24
C THR PA 282 -2.91 16.12 -2.95
N HIS PA 283 -1.87 16.96 -2.97
CA HIS PA 283 -1.47 17.75 -1.81
C HIS PA 283 -1.83 19.22 -1.97
N ALA PA 284 -1.35 19.86 -3.04
CA ALA PA 284 -1.49 21.30 -3.21
C ALA PA 284 -2.77 21.65 -3.94
N GLU PA 285 -3.33 22.80 -3.59
CA GLU PA 285 -4.45 23.36 -4.33
C GLU PA 285 -3.97 23.85 -5.69
N LEU PA 286 -4.78 23.63 -6.71
CA LEU PA 286 -4.39 23.82 -8.10
C LEU PA 286 -5.32 24.84 -8.73
N LEU PA 287 -4.76 25.91 -9.27
CA LEU PA 287 -5.52 27.00 -9.85
C LEU PA 287 -5.14 27.18 -11.31
N ILE PA 288 -6.06 26.86 -12.22
CA ILE PA 288 -5.85 27.02 -13.65
C ILE PA 288 -6.35 28.40 -14.06
N TYR PA 289 -5.46 29.20 -14.62
CA TYR PA 289 -5.76 30.57 -15.05
C TYR PA 289 -5.46 30.71 -16.53
N ASP PA 290 -6.45 31.16 -17.29
CA ASP PA 290 -6.29 31.35 -18.73
C ASP PA 290 -5.47 32.60 -18.96
N TRP PA 291 -4.17 32.43 -19.17
CA TRP PA 291 -3.22 33.52 -19.31
C TRP PA 291 -2.95 33.89 -20.76
N THR PA 292 -3.88 33.59 -21.67
CA THR PA 292 -3.70 33.94 -23.07
C THR PA 292 -3.88 35.44 -23.31
N ALA PA 293 -4.55 36.14 -22.39
CA ALA PA 293 -4.63 37.58 -22.41
C ALA PA 293 -3.48 38.15 -21.59
N GLY PA 294 -3.56 39.44 -21.25
CA GLY PA 294 -2.55 40.04 -20.39
C GLY PA 294 -2.63 39.55 -18.96
N GLY PA 295 -3.80 39.10 -18.52
CA GLY PA 295 -3.96 38.57 -17.18
C GLY PA 295 -4.21 39.63 -16.14
N GLU PA 296 -5.19 39.40 -15.26
CA GLU PA 296 -5.52 40.33 -14.19
C GLU PA 296 -5.09 39.75 -12.86
N THR PA 297 -4.70 40.63 -11.94
CA THR PA 297 -4.13 40.23 -10.66
C THR PA 297 -5.16 40.19 -9.55
N GLU PA 298 -6.14 41.11 -9.58
CA GLU PA 298 -7.12 41.18 -8.49
C GLU PA 298 -8.09 40.01 -8.50
N VAL PA 299 -8.38 39.45 -9.68
CA VAL PA 299 -9.31 38.31 -9.75
C VAL PA 299 -8.67 37.05 -9.17
N VAL PA 300 -7.36 36.87 -9.35
CA VAL PA 300 -6.75 35.66 -8.80
C VAL PA 300 -6.45 35.82 -7.31
N VAL PA 301 -6.29 37.05 -6.82
CA VAL PA 301 -6.21 37.29 -5.39
C VAL PA 301 -7.56 37.03 -4.74
N GLU PA 302 -8.64 37.42 -5.43
CA GLU PA 302 -9.99 37.08 -4.99
C GLU PA 302 -10.22 35.57 -4.98
N ASP PA 303 -9.72 34.87 -6.00
CA ASP PA 303 -9.86 33.42 -6.06
C ASP PA 303 -9.05 32.70 -4.99
N ILE PA 304 -7.90 33.27 -4.62
CA ILE PA 304 -7.11 32.72 -3.52
C ILE PA 304 -7.81 32.95 -2.19
N GLU PA 305 -8.42 34.13 -2.01
CA GLU PA 305 -8.95 34.52 -0.70
C GLU PA 305 -10.22 33.75 -0.32
N ARG PA 306 -10.98 33.25 -1.29
CA ARG PA 306 -12.15 32.44 -0.95
C ARG PA 306 -11.81 31.00 -0.62
N ILE PA 307 -10.56 30.58 -0.78
CA ILE PA 307 -10.16 29.21 -0.44
C ILE PA 307 -10.03 29.11 1.07
N ASP PA 308 -10.80 28.22 1.68
CA ASP PA 308 -10.73 28.00 3.12
C ASP PA 308 -9.64 26.99 3.41
N PHE PA 309 -8.65 27.40 4.20
CA PHE PA 309 -7.47 26.60 4.47
C PHE PA 309 -7.62 25.73 5.72
N ASN PA 310 -8.69 25.91 6.50
CA ASN PA 310 -8.88 25.19 7.74
C ASN PA 310 -9.70 23.91 7.57
N GLN PA 311 -10.33 23.70 6.42
CA GLN PA 311 -11.15 22.52 6.23
C GLN PA 311 -10.32 21.27 5.98
N PHE PA 312 -9.05 21.42 5.58
CA PHE PA 312 -8.19 20.27 5.37
C PHE PA 312 -7.54 19.78 6.65
N GLU PA 313 -7.56 20.58 7.71
CA GLU PA 313 -7.00 20.19 9.00
C GLU PA 313 -8.01 19.46 9.88
N ALA PA 314 -9.26 19.34 9.43
CA ALA PA 314 -10.25 18.58 10.18
C ALA PA 314 -9.96 17.09 10.11
N ASP PA 315 -9.66 16.58 8.92
CA ASP PA 315 -9.28 15.18 8.74
C ASP PA 315 -7.78 15.05 8.96
N ILE PA 316 -7.39 14.18 9.89
CA ILE PA 316 -5.98 13.98 10.20
C ILE PA 316 -5.28 13.25 9.05
N HIS PA 317 -5.91 12.22 8.51
CA HIS PA 317 -5.34 11.41 7.44
C HIS PA 317 -5.71 11.93 6.05
N ASN PA 318 -5.99 13.21 5.91
CA ASN PA 318 -6.30 13.79 4.61
C ASN PA 318 -5.04 13.88 3.76
N LYS PA 319 -5.21 13.66 2.45
CA LYS PA 319 -4.06 13.72 1.55
C LYS PA 319 -3.61 15.15 1.30
N LYS PA 320 -4.55 16.10 1.26
CA LYS PA 320 -4.20 17.50 1.08
C LYS PA 320 -3.62 18.07 2.36
N MET PA 321 -2.52 18.82 2.21
CA MET PA 321 -1.75 19.47 3.28
C MET PA 321 -1.32 18.47 4.36
N LEU PA 322 -0.89 17.29 3.92
CA LEU PA 322 -0.41 16.27 4.85
C LEU PA 322 0.99 16.58 5.35
N ASP PA 323 1.84 17.17 4.52
CA ASP PA 323 3.22 17.43 4.89
C ASP PA 323 3.36 18.56 5.89
N TRP PA 324 2.38 19.45 5.99
CA TRP PA 324 2.40 20.55 6.93
C TRP PA 324 1.53 20.31 8.14
N ARG PA 325 1.06 19.08 8.36
CA ARG PA 325 0.20 18.76 9.49
C ARG PA 325 1.07 18.23 10.62
N PHE PA 326 1.58 19.16 11.43
CA PHE PA 326 2.40 18.80 12.60
C PHE PA 326 1.57 19.01 13.86
N PRO PA 327 1.18 17.94 14.56
CA PRO PA 327 0.28 18.11 15.71
C PRO PA 327 0.95 18.64 16.97
N LEU PA 328 2.27 18.58 17.08
CA LEU PA 328 2.98 19.00 18.27
C LEU PA 328 4.02 20.06 17.94
N GLU PA 329 4.43 20.79 18.98
CA GLU PA 329 5.49 21.78 18.83
C GLU PA 329 6.85 21.13 18.59
N ALA PA 330 7.05 19.93 19.14
CA ALA PA 330 8.30 19.20 18.94
C ALA PA 330 8.48 18.77 17.49
N GLU PA 331 7.38 18.38 16.83
CA GLU PA 331 7.45 18.04 15.42
C GLU PA 331 7.70 19.27 14.56
N TRP PA 332 7.15 20.43 14.97
CA TRP PA 332 7.42 21.69 14.28
C TRP PA 332 8.89 22.08 14.41
N CYS PA 333 9.47 21.91 15.60
CA CYS PA 333 10.88 22.23 15.80
C CYS PA 333 11.79 21.22 15.09
N GLU PA 334 11.37 19.95 15.00
CA GLU PA 334 12.10 18.96 14.23
C GLU PA 334 12.08 19.29 12.74
N ALA PA 335 10.93 19.77 12.24
CA ALA PA 335 10.84 20.20 10.85
C ALA PA 335 11.68 21.44 10.58
N ARG PA 336 11.80 22.35 11.55
CA ARG PA 336 12.66 23.52 11.36
C ARG PA 336 14.14 23.12 11.43
N ILE PA 337 14.48 22.14 12.27
CA ILE PA 337 15.85 21.65 12.38
C ILE PA 337 16.27 20.93 11.10
N LYS PA 338 15.32 20.23 10.46
CA LYS PA 338 15.61 19.44 9.26
C LYS PA 338 16.02 20.31 8.07
N TYR PA 339 15.59 21.57 8.02
CA TYR PA 339 15.96 22.44 6.90
C TYR PA 339 16.88 23.57 7.28
N CYS PA 340 16.89 24.01 8.53
CA CYS PA 340 17.79 25.08 8.96
C CYS PA 340 19.13 24.56 9.50
N HIS PA 341 19.24 23.26 9.75
CA HIS PA 341 20.46 22.72 10.35
C HIS PA 341 20.92 21.48 9.60
N GLU PA 342 20.00 20.76 8.95
CA GLU PA 342 20.33 19.54 8.23
C GLU PA 342 20.27 19.74 6.72
N LYS PA 343 20.42 20.97 6.24
CA LYS PA 343 20.60 21.21 4.82
C LYS PA 343 21.88 20.60 4.21
N PRO PA 344 23.04 20.51 4.90
CA PRO PA 344 24.13 19.68 4.34
C PRO PA 344 23.79 18.21 4.16
N ASP PA 345 22.89 17.64 4.98
CA ASP PA 345 22.46 16.26 4.76
C ASP PA 345 21.67 16.13 3.46
N LEU PA 346 20.72 17.05 3.22
CA LEU PA 346 19.92 17.02 2.01
C LEU PA 346 20.73 17.39 0.77
N MET PA 347 21.82 18.15 0.94
CA MET PA 347 22.72 18.41 -0.18
C MET PA 347 23.73 17.29 -0.40
N ASN PA 348 24.02 16.50 0.63
CA ASN PA 348 24.85 15.31 0.50
C ASN PA 348 24.05 14.09 0.07
N TYR PA 349 22.72 14.22 -0.03
CA TYR PA 349 21.89 13.17 -0.62
C TYR PA 349 21.99 13.09 -2.13
N PHE PA 350 22.69 14.03 -2.78
CA PHE PA 350 22.97 14.00 -4.22
C PHE PA 350 24.23 13.18 -4.55
N ASN PA 351 24.63 12.25 -3.68
CA ASN PA 351 25.90 11.55 -3.85
C ASN PA 351 25.72 10.18 -4.48
N VAL PA 352 24.76 10.01 -5.40
CA VAL PA 352 24.52 8.72 -6.04
C VAL PA 352 25.66 8.38 -7.00
N PRO PA 353 26.25 7.18 -6.90
CA PRO PA 353 27.21 6.75 -7.90
C PRO PA 353 26.54 6.03 -9.06
N ARG PA 354 26.71 6.55 -10.26
CA ARG PA 354 26.23 5.88 -11.47
C ARG PA 354 27.25 6.14 -12.57
N PHE PA 355 28.18 5.21 -12.75
CA PHE PA 355 29.30 5.39 -13.67
C PHE PA 355 29.05 4.76 -15.04
N ASP PA 356 27.87 4.19 -15.28
CA ASP PA 356 27.61 3.51 -16.53
C ASP PA 356 27.31 4.46 -17.68
N VAL PA 357 27.11 5.75 -17.41
CA VAL PA 357 26.88 6.74 -18.45
C VAL PA 357 28.21 7.40 -18.83
N PRO PA 358 28.50 7.56 -20.12
CA PRO PA 358 29.78 8.17 -20.51
C PRO PA 358 29.73 9.68 -20.55
N GLU PA 359 28.54 10.26 -20.63
CA GLU PA 359 28.39 11.70 -20.77
C GLU PA 359 28.18 12.42 -19.43
N LEU PA 360 28.23 11.69 -18.31
CA LEU PA 360 28.19 12.31 -16.99
C LEU PA 360 29.41 11.95 -16.14
N VAL PA 361 30.40 11.27 -16.71
CA VAL PA 361 31.59 10.90 -15.98
C VAL PA 361 32.72 11.80 -16.45
N ARG PA 362 33.24 12.60 -15.54
CA ARG PA 362 34.37 13.47 -15.82
C ARG PA 362 35.66 12.66 -15.69
N SER PA 363 36.47 12.65 -16.74
CA SER PA 363 37.69 11.87 -16.74
C SER PA 363 38.72 12.48 -15.79
N ALA PA 364 39.68 11.64 -15.37
CA ALA PA 364 40.50 11.96 -14.21
C ALA PA 364 41.56 13.01 -14.51
N ASP PA 365 42.11 12.99 -15.72
CA ASP PA 365 43.03 14.07 -16.11
C ASP PA 365 42.28 15.38 -16.32
N ASP PA 366 41.09 15.30 -16.93
CA ASP PA 366 40.25 16.47 -17.09
C ASP PA 366 39.76 16.98 -15.74
N GLY PA 367 39.45 16.07 -14.80
CA GLY PA 367 39.08 16.49 -13.46
C GLY PA 367 40.23 17.14 -12.71
N LYS PA 368 41.46 16.64 -12.93
CA LYS PA 368 42.64 17.23 -12.30
C LYS PA 368 42.92 18.63 -12.82
N VAL PA 369 42.86 18.83 -14.14
CA VAL PA 369 43.11 20.17 -14.67
C VAL PA 369 41.92 21.09 -14.40
N TRP PA 370 40.71 20.52 -14.24
CA TRP PA 370 39.56 21.31 -13.82
C TRP PA 370 39.71 21.79 -12.39
N ARG PA 371 40.23 20.95 -11.49
CA ARG PA 371 40.51 21.38 -10.13
C ARG PA 371 41.62 22.45 -10.11
N ASP PA 372 42.67 22.24 -10.90
CA ASP PA 372 43.79 23.18 -10.95
C ASP PA 372 43.41 24.53 -11.58
N VAL PA 373 42.37 24.57 -12.40
CA VAL PA 373 41.90 25.83 -12.96
C VAL PA 373 40.84 26.48 -12.07
N TRP PA 374 39.86 25.70 -11.62
CA TRP PA 374 38.71 26.23 -10.89
C TRP PA 374 39.09 26.65 -9.48
N PHE PA 375 39.91 25.86 -8.80
CA PHE PA 375 40.24 26.15 -7.41
C PHE PA 375 41.49 27.00 -7.25
N ASN PA 376 42.12 27.41 -8.36
CA ASN PA 376 43.15 28.43 -8.34
C ASN PA 376 42.66 29.74 -8.93
N ALA PA 377 41.33 29.89 -9.05
CA ALA PA 377 40.73 31.13 -9.49
C ALA PA 377 40.87 32.20 -8.40
N PRO PA 378 40.80 33.48 -8.76
CA PRO PA 378 40.76 34.53 -7.74
C PRO PA 378 39.57 34.45 -6.79
N GLY PA 379 38.42 33.99 -7.27
CA GLY PA 379 37.25 33.87 -6.42
C GLY PA 379 37.28 32.70 -5.46
N MET PA 380 37.69 31.52 -5.92
CA MET PA 380 37.58 30.29 -5.14
C MET PA 380 38.93 29.66 -4.83
N LYS PA 381 39.93 30.47 -4.45
CA LYS PA 381 41.16 29.88 -3.93
C LYS PA 381 40.96 29.32 -2.54
N TYR PA 382 40.16 29.99 -1.73
CA TYR PA 382 39.78 29.55 -0.39
C TYR PA 382 38.26 29.53 -0.29
N ARG PA 383 37.78 29.36 0.93
CA ARG PA 383 36.35 29.45 1.18
C ARG PA 383 35.91 30.92 1.09
N PRO PA 384 34.63 31.19 0.81
CA PRO PA 384 34.16 32.58 0.77
C PRO PA 384 34.27 33.29 2.12
N GLY PA 385 34.69 34.54 2.06
CA GLY PA 385 34.96 35.32 3.25
C GLY PA 385 36.37 35.22 3.78
N TYR PA 386 37.22 34.37 3.18
CA TYR PA 386 38.57 34.16 3.67
C TYR PA 386 39.61 34.26 2.56
N ASN PA 387 39.26 34.89 1.43
CA ASN PA 387 40.16 35.04 0.30
C ASN PA 387 40.77 36.44 0.35
N ALA PA 388 42.06 36.52 0.69
CA ALA PA 388 42.73 37.80 0.83
C ALA PA 388 43.15 38.41 -0.50
N ASP PA 389 43.08 37.65 -1.59
CA ASP PA 389 43.47 38.18 -2.89
C ASP PA 389 42.44 39.12 -3.48
N MET PA 390 41.17 39.00 -3.07
CA MET PA 390 40.08 39.80 -3.60
C MET PA 390 39.54 40.78 -2.58
N GLY PA 391 40.42 41.38 -1.77
CA GLY PA 391 40.04 42.45 -0.88
C GLY PA 391 39.34 42.00 0.38
N ASP PA 392 40.02 41.23 1.22
CA ASP PA 392 39.52 40.86 2.54
C ASP PA 392 40.59 41.15 3.56
N GLU PA 393 40.18 41.71 4.70
CA GLU PA 393 41.11 42.14 5.74
C GLU PA 393 40.70 41.55 7.08
N GLY PA 394 41.65 41.57 8.02
CA GLY PA 394 41.40 41.03 9.34
C GLY PA 394 41.34 39.53 9.41
N LEU PA 395 42.08 38.84 8.55
CA LEU PA 395 42.05 37.38 8.52
C LEU PA 395 42.86 36.74 9.64
N LEU PA 396 43.72 37.50 10.32
CA LEU PA 396 44.54 36.94 11.37
C LEU PA 396 43.75 36.66 12.65
N THR PA 397 42.59 37.28 12.82
CA THR PA 397 41.75 37.07 13.99
C THR PA 397 40.31 36.77 13.60
N LYS PA 398 40.11 36.08 12.48
CA LYS PA 398 38.79 35.76 11.97
C LYS PA 398 38.57 34.27 11.99
N THR PA 399 37.62 33.81 12.80
CA THR PA 399 37.28 32.39 12.92
C THR PA 399 35.77 32.21 12.84
N LYS PA 400 35.12 32.94 11.91
CA LYS PA 400 33.68 32.85 11.70
C LYS PA 400 33.46 32.15 10.36
N ILE PA 401 32.91 30.93 10.41
CA ILE PA 401 32.75 30.14 9.20
C ILE PA 401 31.52 30.59 8.42
N GLY PA 402 30.36 30.60 9.07
CA GLY PA 402 29.12 30.89 8.38
C GLY PA 402 28.16 29.71 8.43
N ILE PA 403 26.93 29.98 8.04
CA ILE PA 403 25.83 29.01 8.14
C ILE PA 403 25.41 28.61 6.73
N ASN PA 404 25.45 27.29 6.47
CA ASN PA 404 25.01 26.67 5.21
C ASN PA 404 25.75 27.24 3.99
N GLN PA 405 27.05 27.42 4.13
CA GLN PA 405 27.87 28.03 3.09
C GLN PA 405 28.54 26.94 2.26
N GLY PA 406 28.44 27.06 0.93
CA GLY PA 406 29.14 26.16 0.04
C GLY PA 406 30.64 26.38 0.07
N ILE PA 407 31.39 25.30 0.24
CA ILE PA 407 32.83 25.39 0.44
C ILE PA 407 33.56 25.37 -0.90
N SER QA 71 13.49 -10.00 -21.05
CA SER QA 71 13.77 -10.35 -22.45
C SER QA 71 12.49 -10.34 -23.28
N LEU QA 72 12.65 -10.22 -24.59
CA LEU QA 72 11.50 -10.19 -25.49
C LEU QA 72 10.88 -11.57 -25.66
N LYS QA 73 11.72 -12.62 -25.65
CA LYS QA 73 11.22 -13.98 -25.83
C LYS QA 73 10.44 -14.46 -24.60
N LEU QA 74 10.85 -14.02 -23.40
CA LEU QA 74 10.16 -14.42 -22.18
C LEU QA 74 8.74 -13.85 -22.11
N ILE QA 75 8.61 -12.54 -22.40
CA ILE QA 75 7.28 -11.94 -22.43
C ILE QA 75 6.48 -12.38 -23.65
N ASN QA 76 7.15 -12.78 -24.73
CA ASN QA 76 6.48 -13.33 -25.90
C ASN QA 76 5.83 -14.66 -25.56
N GLU QA 77 6.58 -15.54 -24.88
CA GLU QA 77 6.06 -16.82 -24.42
C GLU QA 77 4.98 -16.64 -23.36
N ARG QA 78 5.13 -15.61 -22.51
CA ARG QA 78 4.13 -15.29 -21.50
C ARG QA 78 2.81 -14.85 -22.13
N VAL QA 79 2.88 -13.99 -23.15
CA VAL QA 79 1.68 -13.53 -23.84
C VAL QA 79 1.00 -14.66 -24.58
N LEU QA 80 1.77 -15.51 -25.28
CA LEU QA 80 1.15 -16.64 -25.98
C LEU QA 80 0.61 -17.70 -25.03
N LEU QA 81 1.20 -17.79 -23.84
CA LEU QA 81 0.69 -18.74 -22.83
C LEU QA 81 -0.68 -18.24 -22.40
N VAL QA 82 -0.79 -16.96 -22.09
CA VAL QA 82 -2.04 -16.38 -21.59
C VAL QA 82 -3.13 -16.41 -22.68
N LEU QA 83 -2.75 -16.20 -23.95
CA LEU QA 83 -3.72 -16.37 -25.03
C LEU QA 83 -4.16 -17.81 -25.23
N LYS QA 84 -3.29 -18.80 -25.01
CA LYS QA 84 -3.79 -20.18 -25.08
C LYS QA 84 -4.50 -20.61 -23.81
N LEU QA 85 -4.44 -19.81 -22.73
CA LEU QA 85 -5.29 -20.07 -21.57
C LEU QA 85 -6.76 -19.75 -21.82
N TYR QA 86 -7.08 -18.96 -22.85
CA TYR QA 86 -8.46 -18.56 -23.09
C TYR QA 86 -9.29 -19.72 -23.63
N ASP QA 87 -10.55 -19.78 -23.19
CA ASP QA 87 -11.41 -20.92 -23.51
C ASP QA 87 -11.91 -20.88 -24.96
N LYS QA 88 -12.34 -19.71 -25.43
CA LYS QA 88 -12.97 -19.60 -26.74
C LYS QA 88 -11.96 -19.71 -27.88
N ILE QA 89 -10.71 -19.37 -27.64
CA ILE QA 89 -9.70 -19.39 -28.69
C ILE QA 89 -9.25 -20.83 -28.92
N ASP QA 90 -9.36 -21.28 -30.17
CA ASP QA 90 -8.92 -22.61 -30.55
C ASP QA 90 -7.40 -22.75 -30.45
N PRO QA 91 -6.89 -23.97 -30.19
CA PRO QA 91 -5.43 -24.15 -30.05
C PRO QA 91 -4.64 -23.95 -31.33
N SER QA 92 -5.27 -23.97 -32.51
CA SER QA 92 -4.60 -23.59 -33.73
C SER QA 92 -4.70 -22.07 -33.91
N LYS QA 93 -4.03 -21.57 -34.97
CA LYS QA 93 -3.97 -20.16 -35.38
C LYS QA 93 -3.45 -19.27 -34.25
N LEU QA 94 -2.40 -19.70 -33.56
CA LEU QA 94 -1.71 -18.84 -32.61
C LEU QA 94 -0.46 -18.26 -33.27
N ASN QA 95 -0.49 -16.96 -33.52
CA ASN QA 95 0.60 -16.30 -34.22
C ASN QA 95 0.69 -14.86 -33.76
N VAL QA 96 1.87 -14.26 -34.00
CA VAL QA 96 2.13 -12.89 -33.56
C VAL QA 96 1.38 -11.89 -34.43
N GLU QA 97 1.23 -12.18 -35.72
CA GLU QA 97 0.78 -11.17 -36.67
C GLU QA 97 -0.74 -11.00 -36.69
N SER QA 98 -1.48 -12.10 -36.61
CA SER QA 98 -2.92 -12.07 -36.89
C SER QA 98 -3.70 -11.45 -35.73
N HIS QA 99 -4.69 -10.63 -36.07
CA HIS QA 99 -5.52 -9.93 -35.10
C HIS QA 99 -6.67 -10.81 -34.62
N PHE QA 100 -7.41 -10.30 -33.65
CA PHE QA 100 -8.49 -11.07 -33.02
C PHE QA 100 -9.88 -10.69 -33.52
N ILE QA 101 -10.01 -9.56 -34.22
CA ILE QA 101 -11.33 -9.02 -34.51
C ILE QA 101 -11.97 -9.76 -35.68
N ASN QA 102 -11.32 -9.73 -36.85
CA ASN QA 102 -11.90 -10.27 -38.08
C ASN QA 102 -11.39 -11.64 -38.44
N ASP QA 103 -10.09 -11.92 -38.26
CA ASP QA 103 -9.56 -13.23 -38.59
C ASP QA 103 -10.00 -14.25 -37.56
N LEU QA 104 -9.91 -13.90 -36.27
CA LEU QA 104 -10.36 -14.78 -35.21
C LEU QA 104 -11.79 -14.41 -34.81
N GLY QA 105 -12.45 -15.35 -34.14
CA GLY QA 105 -13.84 -15.20 -33.76
C GLY QA 105 -14.10 -14.42 -32.49
N LEU QA 106 -13.11 -13.70 -31.97
CA LEU QA 106 -13.30 -12.94 -30.75
C LEU QA 106 -14.15 -11.69 -30.99
N ASP QA 107 -15.11 -11.47 -30.11
CA ASP QA 107 -15.94 -10.28 -30.12
C ASP QA 107 -15.16 -9.19 -29.36
N SER QA 108 -15.63 -7.95 -29.41
CA SER QA 108 -14.99 -6.86 -28.66
C SER QA 108 -15.14 -7.01 -27.16
N LEU QA 109 -16.14 -7.78 -26.70
CA LEU QA 109 -16.23 -8.15 -25.30
C LEU QA 109 -15.21 -9.21 -24.92
N ASP QA 110 -14.63 -9.91 -25.88
CA ASP QA 110 -13.59 -10.88 -25.62
C ASP QA 110 -12.19 -10.30 -25.68
N HIS QA 111 -11.98 -9.27 -26.51
CA HIS QA 111 -10.67 -8.60 -26.57
C HIS QA 111 -10.37 -7.87 -25.28
N VAL QA 112 -11.38 -7.25 -24.67
CA VAL QA 112 -11.20 -6.63 -23.36
C VAL QA 112 -10.99 -7.71 -22.29
N GLU QA 113 -11.51 -8.92 -22.50
CA GLU QA 113 -11.21 -10.03 -21.60
C GLU QA 113 -9.76 -10.47 -21.73
N VAL QA 114 -9.20 -10.39 -22.95
CA VAL QA 114 -7.77 -10.65 -23.15
C VAL QA 114 -6.92 -9.58 -22.48
N ILE QA 115 -7.36 -8.31 -22.53
CA ILE QA 115 -6.62 -7.23 -21.87
C ILE QA 115 -6.69 -7.36 -20.34
N MET QA 116 -7.85 -7.79 -19.82
CA MET QA 116 -7.94 -8.07 -18.39
C MET QA 116 -7.16 -9.32 -18.00
N ALA QA 117 -6.97 -10.27 -18.92
CA ALA QA 117 -6.06 -11.38 -18.66
C ALA QA 117 -4.61 -10.92 -18.61
N MET QA 118 -4.24 -9.95 -19.45
CA MET QA 118 -2.92 -9.31 -19.37
C MET QA 118 -2.73 -8.62 -18.02
N GLU QA 119 -3.74 -7.90 -17.56
CA GLU QA 119 -3.65 -7.21 -16.27
C GLU QA 119 -3.64 -8.18 -15.10
N ASP QA 120 -4.31 -9.34 -15.25
CA ASP QA 120 -4.30 -10.34 -14.19
C ASP QA 120 -2.95 -11.03 -14.10
N GLU QA 121 -2.36 -11.41 -15.24
CA GLU QA 121 -1.10 -12.15 -15.20
C GLU QA 121 0.08 -11.24 -14.91
N PHE QA 122 0.15 -10.07 -15.57
CA PHE QA 122 1.31 -9.20 -15.38
C PHE QA 122 1.23 -8.41 -14.07
N GLY QA 123 0.01 -8.09 -13.62
CA GLY QA 123 -0.15 -7.43 -12.34
C GLY QA 123 -0.19 -5.92 -12.38
N PHE QA 124 -0.39 -5.32 -13.56
CA PHE QA 124 -0.48 -3.87 -13.68
C PHE QA 124 -1.56 -3.52 -14.69
N GLU QA 125 -2.19 -2.36 -14.47
CA GLU QA 125 -3.37 -1.97 -15.22
C GLU QA 125 -2.98 -1.26 -16.51
N ILE QA 126 -3.71 -1.57 -17.57
CA ILE QA 126 -3.52 -0.98 -18.90
C ILE QA 126 -4.50 0.17 -19.05
N PRO QA 127 -4.06 1.36 -19.45
CA PRO QA 127 -5.01 2.43 -19.76
C PRO QA 127 -5.83 2.10 -21.01
N ASP QA 128 -7.07 2.58 -21.02
CA ASP QA 128 -8.00 2.28 -22.15
C ASP QA 128 -7.51 2.95 -23.43
N SER QA 129 -7.02 4.18 -23.31
CA SER QA 129 -6.53 4.88 -24.51
C SER QA 129 -5.38 4.15 -25.17
N ASP QA 130 -4.57 3.42 -24.39
CA ASP QA 130 -3.60 2.48 -24.96
C ASP QA 130 -4.28 1.20 -25.42
N ALA QA 131 -5.37 0.80 -24.76
CA ALA QA 131 -5.99 -0.49 -25.03
C ALA QA 131 -6.80 -0.50 -26.33
N GLU QA 132 -7.36 0.64 -26.73
CA GLU QA 132 -8.18 0.67 -27.94
C GLU QA 132 -7.34 0.63 -29.21
N LYS QA 133 -6.05 0.91 -29.12
CA LYS QA 133 -5.15 0.87 -30.28
C LYS QA 133 -4.78 -0.56 -30.65
N LEU QA 134 -4.93 -1.51 -29.74
CA LEU QA 134 -4.35 -2.83 -29.90
C LEU QA 134 -5.19 -3.69 -30.85
N LEU QA 135 -4.51 -4.33 -31.80
CA LEU QA 135 -5.14 -5.28 -32.73
C LEU QA 135 -4.54 -6.67 -32.65
N LYS QA 136 -3.21 -6.76 -32.66
CA LYS QA 136 -2.48 -8.01 -32.83
C LYS QA 136 -1.59 -8.26 -31.61
N PRO QA 137 -1.14 -9.51 -31.40
CA PRO QA 137 -0.12 -9.76 -30.35
C PRO QA 137 1.21 -9.05 -30.58
N ALA QA 138 1.55 -8.68 -31.82
CA ALA QA 138 2.74 -7.88 -32.07
C ALA QA 138 2.67 -6.54 -31.37
N ASP QA 139 1.49 -5.89 -31.41
CA ASP QA 139 1.29 -4.65 -30.67
C ASP QA 139 1.30 -4.89 -29.17
N ILE QA 140 0.90 -6.09 -28.73
CA ILE QA 140 0.92 -6.42 -27.31
C ILE QA 140 2.35 -6.46 -26.79
N ILE QA 141 3.25 -7.16 -27.51
CA ILE QA 141 4.67 -7.16 -27.16
C ILE QA 141 5.26 -5.76 -27.32
N LYS QA 142 4.79 -5.00 -28.32
CA LYS QA 142 5.30 -3.67 -28.58
C LYS QA 142 4.99 -2.69 -27.45
N TYR QA 143 3.88 -2.87 -26.72
CA TYR QA 143 3.74 -1.95 -25.61
C TYR QA 143 4.24 -2.55 -24.29
N VAL QA 144 4.24 -3.87 -24.11
CA VAL QA 144 4.65 -4.39 -22.81
C VAL QA 144 6.17 -4.40 -22.71
N ALA QA 145 6.88 -4.35 -23.84
CA ALA QA 145 8.33 -4.22 -23.81
C ALA QA 145 8.77 -2.86 -23.27
N ASP QA 146 7.94 -1.83 -23.45
CA ASP QA 146 8.22 -0.54 -22.83
C ASP QA 146 7.89 -0.56 -21.34
N LYS QA 147 6.84 -1.29 -20.95
CA LYS QA 147 6.43 -1.34 -19.55
C LYS QA 147 7.35 -2.21 -18.71
N GLU QA 148 7.83 -3.33 -19.27
CA GLU QA 148 8.68 -4.24 -18.53
C GLU QA 148 10.14 -3.78 -18.45
N ASP QA 149 10.50 -2.76 -19.25
CA ASP QA 149 11.85 -2.18 -19.33
C ASP QA 149 12.89 -3.23 -19.70
N VAL QA 150 12.74 -3.79 -20.90
CA VAL QA 150 13.71 -4.76 -21.40
C VAL QA 150 14.84 -4.09 -22.17
N TYR QA 151 14.67 -2.84 -22.57
CA TYR QA 151 15.70 -2.12 -23.31
C TYR QA 151 16.05 -0.80 -22.62
C1 CDL RA . -53.31 6.70 49.56
O1 CDL RA . -54.23 7.43 50.38
CA2 CDL RA . -53.96 5.44 49.04
OA2 CDL RA . -55.27 5.78 48.51
PA1 CDL RA . -56.58 5.37 49.33
OA3 CDL RA . -57.22 6.60 49.84
OA4 CDL RA . -57.36 4.44 48.49
OA5 CDL RA . -55.99 4.54 50.55
CA3 CDL RA . -56.65 3.34 50.99
CA4 CDL RA . -55.70 2.18 50.86
OA6 CDL RA . -54.44 2.61 51.46
CA5 CDL RA . -53.68 1.68 52.07
OA7 CDL RA . -53.95 0.51 52.10
C11 CDL RA . -52.46 2.29 52.69
C12 CDL RA . -51.35 1.30 52.98
C13 CDL RA . -50.12 1.98 53.57
C14 CDL RA . -48.98 1.05 53.95
C15 CDL RA . -47.81 1.79 54.56
C16 CDL RA . -46.65 0.93 55.01
C17 CDL RA . -45.52 1.73 55.64
C18 CDL RA . -44.33 0.91 56.10
C19 CDL RA . -43.21 1.76 56.70
C20 CDL RA . -42.69 2.83 55.75
C21 CDL RA . -41.60 3.70 56.34
CA6 CDL RA . -55.43 1.83 49.43
OA8 CDL RA . -55.13 0.42 49.35
CA7 CDL RA . -54.57 -0.03 48.21
OA9 CDL RA . -54.24 0.70 47.31
C31 CDL RA . -54.41 -1.52 48.23
C32 CDL RA . -53.47 -2.02 49.30
C33 CDL RA . -53.38 -3.54 49.35
C34 CDL RA . -52.40 -4.08 50.37
C35 CDL RA . -52.35 -5.60 50.43
C36 CDL RA . -51.29 -6.16 51.36
C37 CDL RA . -51.44 -5.73 52.81
C38 CDL RA . -50.37 -6.31 53.74
C39 CDL RA . -50.53 -5.89 55.19
CB2 CDL RA . -52.05 6.42 50.34
OB2 CDL RA . -51.60 7.66 50.94
PB2 CDL RA . -50.34 7.66 51.93
OB3 CDL RA . -50.21 9.02 52.48
OB4 CDL RA . -49.19 7.04 51.23
OB5 CDL RA . -50.80 6.72 53.14
CB3 CDL RA . -50.19 6.85 54.44
CB4 CDL RA . -49.45 5.59 54.77
OB6 CDL RA . -49.09 5.63 56.19
CB5 CDL RA . -49.37 4.55 56.93
OB7 CDL RA . -49.95 3.58 56.51
C51 CDL RA . -48.87 4.71 58.34
C52 CDL RA . -48.82 3.40 59.11
C53 CDL RA . -47.69 2.47 58.66
C54 CDL RA . -47.79 1.07 59.23
C55 CDL RA . -47.91 1.01 60.74
C56 CDL RA . -48.08 -0.40 61.30
C57 CDL RA . -48.25 -0.45 62.81
CB6 CDL RA . -48.14 5.48 54.02
OB8 CDL RA . -47.29 6.56 54.47
CB7 CDL RA . -46.13 6.23 55.04
OB9 CDL RA . -45.78 5.08 55.21
C71 CDL RA . -45.34 7.43 55.43
C72 CDL RA . -45.19 7.63 56.94
C73 CDL RA . -44.14 6.72 57.56
C74 CDL RA . -43.83 7.05 59.02
C75 CDL RA . -44.98 6.83 59.98
C76 CDL RA . -44.76 7.44 61.36
C77 CDL RA . -43.47 6.98 62.03
C78 CDL RA . -43.22 7.64 63.38
ZN ZN SA . -89.04 6.41 3.59
FE1 SF4 TA . -81.11 13.59 -11.55
FE2 SF4 TA . -81.11 13.41 -8.84
FE3 SF4 TA . -83.41 13.99 -10.15
FE4 SF4 TA . -82.23 11.48 -10.34
S1 SF4 TA . -83.17 12.44 -8.47
S2 SF4 TA . -83.18 12.71 -12.03
S3 SF4 TA . -80.01 12.01 -10.30
S4 SF4 TA . -81.51 15.30 -10.08
FE1 SF4 UA . -87.80 15.10 -20.75
FE2 SF4 UA . -89.54 14.27 -18.83
FE3 SF4 UA . -89.50 13.05 -21.26
FE4 SF4 UA . -87.43 12.71 -19.51
S1 SF4 UA . -89.60 12.00 -19.21
S2 SF4 UA . -87.26 13.11 -21.76
S3 SF4 UA . -87.32 14.79 -18.52
S4 SF4 UA . -90.10 15.24 -20.84
FE1 FES VA . -84.37 24.20 -23.61
FE2 FES VA . -82.61 25.35 -25.29
S1 FES VA . -84.27 26.32 -24.23
S2 FES VA . -82.60 23.30 -24.49
FE1 FES WA . -115.30 36.34 -12.76
FE2 FES WA . -114.29 37.37 -15.02
S1 FES WA . -116.09 36.11 -14.81
S2 FES WA . -113.36 37.33 -13.04
FE1 SF4 XA . -50.17 2.81 10.94
FE2 SF4 XA . -50.05 2.94 8.22
FE3 SF4 XA . -52.19 3.92 9.54
FE4 SF4 XA . -49.70 5.13 9.75
S1 SF4 XA . -51.03 4.98 7.87
S2 SF4 XA . -51.22 4.81 11.43
S3 SF4 XA . -48.31 3.31 9.69
S4 SF4 XA . -51.56 1.72 9.46
C1 CDL YA . -58.78 -22.18 40.57
O1 CDL YA . -59.86 -22.63 39.74
CA2 CDL YA . -58.51 -20.72 40.28
OA2 CDL YA . -57.55 -20.22 41.23
PA1 CDL YA . -58.04 -19.44 42.52
OA3 CDL YA . -58.95 -18.35 42.12
OA4 CDL YA . -58.53 -20.46 43.48
OA5 CDL YA . -56.71 -18.82 43.13
CA3 CDL YA . -55.48 -19.58 43.11
CA4 CDL YA . -54.73 -19.34 44.39
OA6 CDL YA . -55.60 -19.67 45.50
CA5 CDL YA . -55.05 -20.26 46.57
OA7 CDL YA . -53.89 -20.52 46.65
C11 CDL YA . -56.08 -20.56 47.62
C12 CDL YA . -56.35 -19.38 48.55
C13 CDL YA . -55.11 -18.94 49.32
C14 CDL YA . -55.37 -17.80 50.30
C15 CDL YA . -54.12 -17.28 50.99
C16 CDL YA . -54.37 -16.13 51.94
C17 CDL YA . -53.11 -15.59 52.60
C18 CDL YA . -53.35 -14.42 53.55
CA6 CDL YA . -54.34 -17.89 44.54
OA8 CDL YA . -53.33 -17.58 43.54
CA7 CDL YA . -52.05 -17.68 43.93
OA9 CDL YA . -51.71 -18.02 45.02
C31 CDL YA . -51.12 -17.34 42.80
C32 CDL YA . -49.67 -17.18 43.25
C33 CDL YA . -49.40 -15.90 44.00
C34 CDL YA . -48.02 -15.83 44.63
C35 CDL YA . -47.73 -14.52 45.34
C36 CDL YA . -46.44 -14.52 46.14
C37 CDL YA . -45.20 -14.86 45.33
C38 CDL YA . -43.92 -14.90 46.14
C39 CDL YA . -42.68 -15.25 45.35
C40 CDL YA . -41.41 -15.28 46.17
CB2 CDL YA . -57.58 -23.06 40.36
OB2 CDL YA . -57.22 -23.05 38.96
PB2 CDL YA . -56.80 -24.42 38.24
OB3 CDL YA . -57.18 -24.29 36.81
OB4 CDL YA . -57.33 -25.55 39.02
OB5 CDL YA . -55.22 -24.42 38.31
CB3 CDL YA . -54.44 -25.16 37.35
CB4 CDL YA . -53.01 -25.24 37.81
OB6 CDL YA . -53.04 -25.08 39.25
CB5 CDL YA . -53.11 -26.20 40.00
OB7 CDL YA . -53.17 -27.30 39.55
C51 CDL YA . -53.09 -25.86 41.47
C52 CDL YA . -52.48 -26.97 42.32
C53 CDL YA . -50.99 -27.16 42.07
C54 CDL YA . -50.12 -25.96 42.43
C55 CDL YA . -49.21 -26.17 43.62
C56 CDL YA . -49.94 -26.39 44.95
C57 CDL YA . -49.02 -26.72 46.11
C58 CDL YA . -48.04 -25.62 46.47
C59 CDL YA . -48.69 -24.33 46.96
C60 CDL YA . -47.72 -23.28 47.44
C61 CDL YA . -46.83 -23.74 48.59
C62 CDL YA . -45.83 -22.69 49.04
CB6 CDL YA . -52.19 -24.13 37.24
OB8 CDL YA . -50.97 -24.02 38.00
CB7 CDL YA . -49.93 -23.43 37.41
OB9 CDL YA . -49.95 -23.02 36.27
C71 CDL YA . -48.77 -23.28 38.35
C72 CDL YA . -48.34 -24.60 38.99
C73 CDL YA . -47.59 -25.50 38.03
C74 CDL YA . -47.05 -26.77 38.68
C75 CDL YA . -46.11 -27.57 37.79
C76 CDL YA . -45.51 -28.79 38.45
C77 CDL YA . -46.54 -29.83 38.87
C78 CDL YA . -45.94 -31.08 39.48
C79 CDL YA . -44.97 -31.82 38.56
O12 PC1 ZA . -51.59 -16.57 35.95
P PC1 ZA . -51.16 -15.49 36.86
O14 PC1 ZA . -49.86 -14.82 36.62
O13 PC1 ZA . -52.31 -14.39 36.85
C11 PC1 ZA . -52.33 -13.27 37.76
C12 PC1 ZA . -53.79 -12.97 37.92
N PC1 ZA . -54.32 -11.74 37.21
C13 PC1 ZA . -53.78 -10.52 37.89
C14 PC1 ZA . -53.92 -11.72 35.76
C15 PC1 ZA . -55.80 -11.73 37.30
O11 PC1 ZA . -51.19 -16.06 38.35
C1 PC1 ZA . -51.81 -17.33 38.65
C2 PC1 ZA . -50.75 -18.39 38.84
O21 PC1 ZA . -51.21 -19.24 39.93
C21 PC1 ZA . -51.93 -20.33 39.63
O22 PC1 ZA . -52.29 -20.59 38.52
C22 PC1 ZA . -52.17 -21.17 40.84
C23 PC1 ZA . -50.95 -21.21 41.75
C24 PC1 ZA . -51.07 -22.18 42.90
C25 PC1 ZA . -49.85 -22.16 43.81
C26 PC1 ZA . -48.55 -22.41 43.07
C27 PC1 ZA . -47.31 -22.14 43.90
C28 PC1 ZA . -47.20 -20.71 44.40
C29 PC1 ZA . -45.92 -20.42 45.20
C3 PC1 ZA . -49.44 -17.78 39.27
O31 PC1 ZA . -48.69 -18.65 40.16
C31 PC1 ZA . -47.78 -19.45 39.61
O32 PC1 ZA . -47.68 -19.65 38.43
C32 PC1 ZA . -46.89 -20.05 40.66
C33 PC1 ZA . -46.09 -21.25 40.17
C34 PC1 ZA . -44.90 -21.58 41.07
C35 PC1 ZA . -44.21 -22.90 40.76
C36 PC1 ZA . -45.02 -24.13 41.16
C37 PC1 ZA . -44.32 -25.44 40.86
C38 PC1 ZA . -42.98 -25.62 41.56
C39 PC1 ZA . -42.31 -26.96 41.25
O12 PC1 AB . -42.03 -31.13 20.13
P PC1 AB . -40.97 -32.12 20.40
O14 PC1 AB . -41.10 -33.50 19.86
O13 PC1 AB . -39.60 -31.50 19.88
C11 PC1 AB . -39.14 -31.66 18.51
C12 PC1 AB . -38.50 -30.34 18.14
N PC1 AB . -39.44 -29.20 17.69
C13 PC1 AB . -38.70 -28.36 16.72
C14 PC1 AB . -39.81 -28.37 18.87
C15 PC1 AB . -40.69 -29.71 17.04
O11 PC1 AB . -40.77 -32.19 21.97
C1 PC1 AB . -39.43 -32.28 22.51
C2 PC1 AB . -39.32 -31.38 23.71
O21 PC1 AB . -40.05 -32.01 24.82
C21 PC1 AB . -39.36 -32.82 25.64
O22 PC1 AB . -38.19 -33.10 25.48
C22 PC1 AB . -40.21 -33.32 26.77
C23 PC1 AB . -39.57 -33.07 28.12
C24 PC1 AB . -40.39 -33.62 29.29
C25 PC1 AB . -39.77 -33.30 30.64
C26 PC1 AB . -39.64 -31.81 30.89
C27 PC1 AB . -38.72 -31.43 32.06
C28 PC1 AB . -39.18 -31.96 33.42
C29 PC1 AB . -38.31 -31.48 34.57
C2A PC1 AB . -38.25 -29.96 34.72
C3 PC1 AB . -39.95 -30.04 23.45
O31 PC1 AB . -39.92 -29.27 24.68
C31 PC1 AB . -40.07 -27.94 24.56
O32 PC1 AB . -40.20 -27.37 23.51
C32 PC1 AB . -40.07 -27.28 25.91
C33 PC1 AB . -38.68 -27.23 26.53
C34 PC1 AB . -38.73 -27.08 28.04
C35 PC1 AB . -39.47 -28.22 28.73
C36 PC1 AB . -39.45 -28.14 30.24
C37 PC1 AB . -40.18 -26.95 30.82
C38 PC1 AB . -40.02 -26.81 32.32
C39 PC1 AB . -40.82 -25.67 32.93
C3A PC1 AB . -40.51 -25.36 34.38
C3B PC1 AB . -39.11 -24.83 34.63
C3C PC1 AB . -38.75 -23.62 33.79
C3D PC1 AB . -37.59 -22.80 34.33
C3E PC1 AB . -36.33 -23.59 34.60
C3F PC1 AB . -35.18 -22.74 35.13
C3G PC1 AB . -35.53 -21.95 36.38
C3H PC1 AB . -34.42 -21.06 36.89
C3I PC1 AB . -34.80 -20.27 38.12
FE1 SF4 BB . -62.44 5.70 5.54
FE2 SF4 BB . -62.70 3.05 6.41
FE3 SF4 BB . -64.85 4.47 5.70
FE4 SF4 BB . -63.07 3.74 3.78
S1 SF4 BB . -64.37 2.32 5.02
S2 SF4 BB . -64.11 5.78 3.96
S3 SF4 BB . -61.12 3.92 4.97
S4 SF4 BB . -63.45 4.96 7.46
FE1 SF4 CB . -74.72 4.68 0.17
FE2 SF4 CB . -74.22 4.60 2.78
FE3 SF4 CB . -74.82 2.29 1.46
FE4 SF4 CB . -72.44 3.49 1.07
S1 SF4 CB . -73.18 2.57 3.04
S2 SF4 CB . -73.84 2.69 -0.58
S3 SF4 CB . -72.96 5.72 1.21
S4 SF4 CB . -76.23 4.08 1.80
O12 PC1 DB . -15.83 20.57 36.01
P PC1 DB . -16.82 19.52 35.65
O14 PC1 DB . -18.25 19.78 35.89
O13 PC1 DB . -16.60 19.18 34.11
C11 PC1 DB . -17.60 19.48 33.11
C12 PC1 DB . -17.26 20.85 32.59
N PC1 DB . -16.13 20.95 31.55
C13 PC1 DB . -14.85 21.30 32.24
C14 PC1 DB . -15.93 19.69 30.78
C15 PC1 DB . -16.48 22.05 30.60
O11 PC1 DB . -16.39 18.19 36.42
C1 PC1 DB . -17.01 16.93 36.09
C2 PC1 DB . -17.94 16.53 37.21
O21 PC1 DB . -17.50 16.97 38.54
C21 PC1 DB . -16.36 16.52 39.13
O22 PC1 DB . -15.64 15.66 38.69
C22 PC1 DB . -16.10 17.25 40.42
C23 PC1 DB . -14.91 16.68 41.18
C24 PC1 DB . -15.31 15.70 42.27
C25 PC1 DB . -16.11 16.32 43.40
C26 PC1 DB . -15.42 17.51 44.06
C27 PC1 DB . -14.24 17.17 44.95
C28 PC1 DB . -13.34 18.37 45.22
C29 PC1 DB . -12.45 18.24 46.44
C2A PC1 DB . -13.16 18.41 47.77
C2B PC1 DB . -13.44 19.86 48.16
C2C PC1 DB . -12.19 20.74 48.13
C2D PC1 DB . -12.24 21.95 49.05
C2E PC1 DB . -13.31 22.97 48.71
C2F PC1 DB . -13.36 24.15 49.66
C2G PC1 DB . -12.07 24.97 49.70
C2H PC1 DB . -11.75 25.67 48.38
C2I PC1 DB . -10.52 26.53 48.46
C3 PC1 DB . -18.37 15.08 37.13
O31 PC1 DB . -19.80 14.95 37.34
C31 PC1 DB . -20.28 13.71 37.37
O32 PC1 DB . -19.58 12.72 37.34
C32 PC1 DB . -21.78 13.70 37.41
C33 PC1 DB . -22.37 12.32 37.65
C34 PC1 DB . -22.28 11.88 39.10
C35 PC1 DB . -23.07 10.63 39.44
C36 PC1 DB . -23.24 10.42 40.94
C37 PC1 DB . -23.76 11.67 41.65
C38 PC1 DB . -23.80 11.56 43.16
C39 PC1 DB . -24.84 10.59 43.69
C3A PC1 DB . -24.99 10.62 45.19
C3B PC1 DB . -26.21 9.87 45.70
C3C PC1 DB . -27.51 10.35 45.07
C3D PC1 DB . -28.48 11.02 46.03
C3E PC1 DB . -27.95 12.30 46.68
C3F PC1 DB . -28.97 12.98 47.58
C3G PC1 DB . -29.47 12.12 48.72
C3H PC1 DB . -28.39 11.71 49.71
C3I PC1 DB . -28.90 10.83 50.82
O12 PC1 EB . 92.91 7.38 3.45
P PC1 EB . 93.43 7.02 2.12
O14 PC1 EB . 94.15 8.04 1.33
O13 PC1 EB . 94.37 5.76 2.32
C11 PC1 EB . 94.33 4.91 3.50
C12 PC1 EB . 93.10 4.07 3.32
N PC1 EB . 93.31 2.63 2.89
C13 PC1 EB . 91.99 2.01 2.57
C14 PC1 EB . 94.18 2.56 1.67
C15 PC1 EB . 93.95 1.86 3.99
O11 PC1 EB . 92.19 6.50 1.26
C1 PC1 EB . 91.03 7.35 1.12
C2 PC1 EB . 90.82 7.70 -0.33
O21 PC1 EB . 91.98 8.43 -0.85
C21 PC1 EB . 92.89 7.74 -1.54
O22 PC1 EB . 92.91 6.54 -1.63
C22 PC1 EB . 93.87 8.67 -2.20
C23 PC1 EB . 94.14 8.31 -3.66
C24 PC1 EB . 92.88 8.25 -4.50
C25 PC1 EB . 93.07 7.59 -5.86
C26 PC1 EB . 93.09 8.55 -7.04
C27 PC1 EB . 91.74 9.19 -7.33
C28 PC1 EB . 91.71 10.08 -8.56
C29 PC1 EB . 92.65 11.28 -8.46
C3 PC1 EB . 89.66 8.62 -0.52
O31 PC1 EB . 88.45 8.04 0.02
C31 PC1 EB . 87.35 8.14 -0.74
O32 PC1 EB . 87.34 8.62 -1.83
C32 PC1 EB . 86.14 7.61 -0.01
C33 PC1 EB . 84.96 8.56 0.04
C34 PC1 EB . 84.11 8.56 -1.22
C35 PC1 EB . 82.77 9.25 -1.06
C36 PC1 EB . 81.96 9.34 -2.34
C37 PC1 EB . 80.50 9.69 -2.12
C38 PC1 EB . 79.74 8.66 -1.31
C39 PC1 EB . 78.26 8.94 -1.18
C3A PC1 EB . 77.49 7.85 -0.44
C3B PC1 EB . 77.60 6.48 -1.09
C3C PC1 EB . 76.85 5.38 -0.36
O12 PC1 FB . 49.74 28.40 0.94
P PC1 FB . 49.11 28.57 2.27
O14 PC1 FB . 48.64 29.92 2.67
O13 PC1 FB . 47.89 27.55 2.34
C11 PC1 FB . 47.68 26.51 1.35
C12 PC1 FB . 46.27 26.73 0.85
N PC1 FB . 45.18 25.85 1.42
C13 PC1 FB . 45.59 24.41 1.38
C14 PC1 FB . 44.88 26.23 2.84
C15 PC1 FB . 43.94 26.02 0.60
O11 PC1 FB . 50.15 28.03 3.36
C1 PC1 FB . 51.06 26.98 2.99
C2 PC1 FB . 52.10 26.80 4.06
O21 PC1 FB . 51.43 26.50 5.32
C21 PC1 FB . 51.98 25.57 6.11
O22 PC1 FB . 52.99 24.98 5.82
C22 PC1 FB . 51.20 25.37 7.37
C23 PC1 FB . 51.40 24.00 8.00
C24 PC1 FB . 52.64 23.90 8.89
C25 PC1 FB . 53.25 22.52 8.89
C26 PC1 FB . 54.48 22.35 9.78
C27 PC1 FB . 55.31 21.09 9.52
C28 PC1 FB . 54.73 19.78 10.02
C29 PC1 FB . 53.98 18.94 8.99
C2A PC1 FB . 53.89 17.46 9.32
C2B PC1 FB . 53.31 16.62 8.20
C2C PC1 FB . 53.41 15.12 8.43
C3 PC1 FB . 52.95 28.02 4.26
O31 PC1 FB . 54.08 27.64 5.07
C31 PC1 FB . 55.27 28.12 4.74
O32 PC1 FB . 55.45 28.95 3.88
C32 PC1 FB . 56.37 27.46 5.53
C33 PC1 FB . 55.93 27.07 6.94
C34 PC1 FB . 56.20 28.15 7.97
C35 PC1 FB . 55.50 27.93 9.30
C36 PC1 FB . 55.77 26.58 9.96
C37 PC1 FB . 57.20 26.36 10.39
C38 PC1 FB . 57.40 25.08 11.19
C39 PC1 FB . 58.83 24.78 11.60
C3A PC1 FB . 58.98 23.56 12.49
C3B PC1 FB . 58.37 22.29 11.90
C3C PC1 FB . 58.42 21.10 12.83
C3D PC1 FB . 57.77 19.84 12.26
C3E PC1 FB . 57.75 18.66 13.20
P 3PE GB . 68.92 -34.03 13.01
N 3PE GB . 69.82 -38.88 13.88
O11 3PE GB . 67.94 -33.29 11.99
O12 3PE GB . 70.30 -33.54 12.71
O13 3PE GB . 68.87 -35.56 12.57
O14 3PE GB . 68.40 -33.89 14.38
C11 3PE GB . 68.82 -36.65 13.52
C12 3PE GB . 69.90 -37.61 13.11
C1 3PE GB . 67.32 -34.01 10.92
C2 3PE GB . 66.10 -33.26 10.46
C3 3PE GB . 66.42 -31.87 10.01
O31 3PE GB . 65.25 -31.38 9.33
O32 3PE GB . 66.13 -29.33 9.17
C31 3PE GB . 65.24 -30.10 8.94
C32 3PE GB . 63.97 -29.77 8.22
C33 3PE GB . 63.54 -28.32 8.34
C34 3PE GB . 62.06 -28.15 8.03
C35 3PE GB . 61.56 -26.71 7.97
C36 3PE GB . 61.82 -26.02 6.64
C37 3PE GB . 61.01 -24.75 6.45
C38 3PE GB . 61.08 -24.17 5.05
C39 3PE GB . 60.12 -23.01 4.81
C3A 3PE GB . 60.19 -22.44 3.42
C3B 3PE GB . 59.21 -21.29 3.16
O21 3PE GB . 65.55 -33.95 9.29
O22 3PE GB . 63.65 -34.38 10.41
C21 3PE GB . 64.29 -34.41 9.40
C22 3PE GB . 63.78 -34.93 8.09
C23 3PE GB . 62.65 -34.08 7.54
C24 3PE GB . 61.83 -34.77 6.47
C25 3PE GB . 60.71 -33.92 5.90
C26 3PE GB . 59.83 -34.64 4.90
C27 3PE GB . 58.79 -33.75 4.24
C28 3PE GB . 57.93 -34.45 3.21
C29 3PE GB . 56.94 -33.55 2.50
P 3PE HB . 46.25 21.77 -1.31
N 3PE HB . 42.13 23.90 -3.33
O11 3PE HB . 47.48 22.46 -0.56
O12 3PE HB . 46.79 21.13 -2.53
O13 3PE HB . 45.34 22.99 -1.80
O14 3PE HB . 45.48 20.95 -0.35
C11 3PE HB . 44.27 22.84 -2.75
C12 3PE HB . 43.43 24.08 -2.64
C1 3PE HB . 48.73 21.78 -0.39
C2 3PE HB . 48.63 20.84 0.79
C3 3PE HB . 49.87 19.99 0.99
O31 3PE HB . 49.48 18.84 1.77
O32 3PE HB . 51.60 18.17 1.91
C31 3PE HB . 50.44 17.99 2.14
C32 3PE HB . 49.89 16.79 2.84
C33 3PE HB . 49.80 16.91 4.34
C34 3PE HB . 49.46 15.58 4.99
C35 3PE HB . 49.67 15.52 6.50
C36 3PE HB . 49.76 14.09 7.02
C37 3PE HB . 50.82 13.26 6.35
C38 3PE HB . 50.97 11.84 6.87
C39 3PE HB . 51.51 11.75 8.29
O21 3PE HB . 48.12 21.47 2.02
O22 3PE HB . 49.86 22.86 2.41
C21 3PE HB . 48.78 22.42 2.71
C22 3PE HB . 47.97 22.89 3.89
C23 3PE HB . 47.74 21.81 4.93
C24 3PE HB . 48.96 21.49 5.76
C25 3PE HB . 48.71 20.58 6.95
C26 3PE HB . 49.86 20.58 7.93
C27 3PE HB . 49.66 19.78 9.21
C28 3PE HB . 50.70 20.16 10.25
C29 3PE HB . 50.79 19.25 11.47
C2A 3PE HB . 51.89 19.67 12.43
C2B 3PE HB . 52.07 18.77 13.64
C2C 3PE HB . 52.46 17.34 13.30
C2D 3PE HB . 52.42 16.41 14.50
C2E 3PE HB . 53.34 16.83 15.64
C2F 3PE HB . 53.14 16.03 16.92
P 3PE IB . 44.97 -9.74 -5.60
N 3PE IB . 42.50 -12.72 -7.68
O11 3PE IB . 45.45 -10.54 -4.31
O12 3PE IB . 44.13 -8.62 -5.12
O13 3PE IB . 44.00 -10.73 -6.39
O14 3PE IB . 46.15 -9.45 -6.45
C11 3PE IB . 43.63 -10.52 -7.78
C12 3PE IB . 42.35 -11.28 -8.01
C1 3PE IB . 45.40 -9.88 -3.02
C2 3PE IB . 45.68 -10.88 -1.93
C3 3PE IB . 47.14 -11.18 -1.79
O31 3PE IB . 47.32 -11.94 -0.58
O32 3PE IB . 49.54 -11.75 -0.71
C31 3PE IB . 48.57 -12.12 -0.13
C32 3PE IB . 48.56 -12.83 1.19
C33 3PE IB . 49.93 -13.32 1.62
C34 3PE IB . 50.24 -14.73 1.14
C35 3PE IB . 51.55 -15.27 1.68
C36 3PE IB . 51.85 -16.71 1.30
C37 3PE IB . 53.15 -17.25 1.87
C38 3PE IB . 53.45 -18.70 1.51
O21 3PE IB . 45.21 -10.27 -0.69
O22 3PE IB . 44.04 -12.11 -0.17
C21 3PE IB . 44.40 -11.00 0.09
C22 3PE IB . 43.99 -10.23 1.31
C23 3PE IB . 43.80 -11.10 2.54
C24 3PE IB . 45.09 -11.73 3.04
C25 3PE IB . 44.91 -12.56 4.29
C26 3PE IB . 46.20 -13.12 4.85
C27 3PE IB . 46.02 -14.01 6.07
C28 3PE IB . 45.19 -15.26 5.81
C29 3PE IB . 45.04 -16.18 7.01
P 3PE JB . 117.79 1.28 -8.91
N 3PE JB . 119.36 2.26 -6.01
O11 3PE JB . 116.60 0.92 -9.91
O12 3PE JB . 119.07 1.05 -9.63
O13 3PE JB . 117.70 0.17 -7.76
O14 3PE JB . 117.53 2.61 -8.31
C11 3PE JB . 117.69 0.48 -6.35
C12 3PE JB . 119.10 0.79 -5.97
C1 3PE JB . 115.25 1.14 -9.49
C2 3PE JB . 114.36 1.31 -10.69
C3 3PE JB . 112.93 1.53 -10.29
O31 3PE JB . 112.17 2.05 -11.40
O32 3PE JB . 110.59 0.48 -11.08
C31 3PE JB . 110.98 1.47 -11.65
C32 3PE JB . 110.23 2.22 -12.70
C33 3PE JB . 108.80 1.75 -12.88
C34 3PE JB . 107.98 2.68 -13.75
C35 3PE JB . 106.59 2.18 -14.10
C36 3PE JB . 106.58 0.90 -14.92
C37 3PE JB . 105.20 0.45 -15.32
O21 3PE JB . 114.84 2.51 -11.38
O22 3PE JB . 114.93 1.41 -13.33
C21 3PE JB . 115.11 2.41 -12.68
C22 3PE JB . 115.70 3.68 -13.22
C23 3PE JB . 116.45 3.50 -14.54
C24 3PE JB . 115.54 3.55 -15.75
C25 3PE JB . 116.24 3.32 -17.08
C26 3PE JB . 115.32 3.43 -18.28
C27 3PE JB . 114.67 4.80 -18.42
C28 3PE JB . 113.69 4.93 -19.58
C29 3PE JB . 113.09 6.31 -19.73
C2A 3PE JB . 112.35 6.80 -18.50
C2B 3PE JB . 111.79 8.21 -18.62
P 3PE KB . 91.64 -31.61 -52.47
N 3PE KB . 89.81 -29.88 -50.15
O11 3PE KB . 91.56 -32.45 -51.11
O12 3PE KB . 93.00 -31.78 -53.02
O13 3PE KB . 91.51 -30.10 -51.98
O14 3PE KB . 90.47 -31.95 -53.32
C11 3PE KB . 90.46 -29.20 -52.44
C12 3PE KB . 89.32 -29.36 -51.46
C1 3PE KB . 92.62 -32.35 -50.14
C2 3PE KB . 91.99 -32.23 -48.78
C3 3PE KB . 90.98 -33.31 -48.55
O31 3PE KB . 91.60 -34.45 -47.90
O32 3PE KB . 89.65 -34.94 -46.91
C31 3PE KB . 90.82 -35.16 -47.09
C32 3PE KB . 91.59 -36.27 -46.43
C33 3PE KB . 91.18 -36.46 -44.97
C34 3PE KB . 92.04 -37.48 -44.25
C35 3PE KB . 93.53 -37.24 -44.39
C36 3PE KB . 94.35 -37.77 -43.23
C37 3PE KB . 93.90 -37.22 -41.89
C38 3PE KB . 94.71 -37.68 -40.70
C39 3PE KB . 94.07 -37.29 -39.38
C3A 3PE KB . 92.71 -37.93 -39.16
C3B 3PE KB . 91.90 -37.30 -38.04
C3C 3PE KB . 90.68 -38.11 -37.62
C3D 3PE KB . 89.88 -37.49 -36.49
C3E 3PE KB . 90.70 -37.18 -35.24
C3F 3PE KB . 91.32 -38.40 -34.58
C3G 3PE KB . 92.52 -38.07 -33.71
C3H 3PE KB . 93.28 -39.30 -33.23
C3I 3PE KB . 94.57 -38.95 -32.54
O21 3PE KB . 93.05 -32.35 -47.76
O22 3PE KB . 93.27 -30.13 -47.68
C21 3PE KB . 93.61 -31.21 -47.32
C22 3PE KB . 94.71 -31.50 -46.34
C23 3PE KB . 94.78 -32.94 -45.87
C24 3PE KB . 96.05 -33.26 -45.10
C25 3PE KB . 96.22 -34.72 -44.76
C26 3PE KB . 97.64 -35.15 -44.38
C27 3PE KB . 98.18 -34.46 -43.13
C28 3PE KB . 99.57 -33.88 -43.31
C29 3PE KB . 100.66 -34.89 -43.59
C2A 3PE KB . 102.00 -34.27 -44.00
C2B 3PE KB . 102.54 -33.26 -43.01
C2C 3PE KB . 102.98 -33.84 -41.68
C2D 3PE KB . 104.17 -34.77 -41.76
C2E 3PE KB . 104.72 -35.19 -40.40
C2F 3PE KB . 105.87 -36.18 -40.47
C2G 3PE KB . 106.43 -36.56 -39.12
C2H 3PE KB . 105.41 -37.16 -38.16
C2I 3PE KB . 106.00 -37.52 -36.82
C1 CDL LB . 83.40 9.45 -27.83
O1 CDL LB . 83.82 8.12 -27.54
CA2 CDL LB . 84.02 10.39 -26.83
OA2 CDL LB . 83.69 9.93 -25.50
PA1 CDL LB . 83.98 10.87 -24.25
OA3 CDL LB . 84.76 12.05 -24.68
OA4 CDL LB . 82.68 11.07 -23.56
OA5 CDL LB . 84.88 9.94 -23.31
CA3 CDL LB . 84.28 9.26 -22.19
CA4 CDL LB . 84.56 10.03 -20.93
OA6 CDL LB . 85.98 9.88 -20.64
CA5 CDL LB . 86.65 10.96 -20.20
OA7 CDL LB . 86.14 12.04 -20.03
C11 CDL LB . 88.10 10.65 -19.98
C12 CDL LB . 88.32 9.36 -19.20
C13 CDL LB . 87.74 9.41 -17.80
C14 CDL LB . 88.35 10.47 -16.90
C15 CDL LB . 89.83 10.31 -16.65
CA6 CDL LB . 83.79 9.49 -19.76
OA8 CDL LB . 83.97 10.39 -18.64
CA7 CDL LB . 83.11 10.28 -17.63
OA9 CDL LB . 82.21 9.47 -17.59
C31 CDL LB . 83.39 11.30 -16.56
C32 CDL LB . 84.44 10.83 -15.55
C33 CDL LB . 83.97 9.64 -14.72
C34 CDL LB . 85.00 9.13 -13.74
C35 CDL LB . 86.26 8.58 -14.39
CB2 CDL LB . 81.88 9.50 -27.79
OB2 CDL LB . 81.36 8.50 -28.69
PB2 CDL LB . 79.84 8.07 -28.59
OB3 CDL LB . 79.38 7.74 -29.95
OB4 CDL LB . 79.10 9.08 -27.80
OB5 CDL LB . 79.90 6.70 -27.75
CB3 CDL LB . 79.82 6.74 -26.32
CB4 CDL LB . 80.01 5.34 -25.77
OB6 CDL LB . 81.43 5.01 -25.89
CB5 CDL LB . 82.22 5.34 -24.86
OB7 CDL LB . 81.83 5.83 -23.83
C51 CDL LB . 83.66 5.01 -25.17
C52 CDL LB . 84.39 4.31 -24.02
C53 CDL LB . 84.93 5.27 -22.97
C54 CDL LB . 85.31 4.61 -21.67
C55 CDL LB . 85.61 5.57 -20.53
C56 CDL LB . 85.61 4.91 -19.16
C57 CDL LB . 85.91 5.83 -18.01
C58 CDL LB . 85.76 5.18 -16.64
C59 CDL LB . 86.57 3.91 -16.49
C60 CDL LB . 86.38 3.22 -15.13
C61 CDL LB . 87.18 1.95 -14.97
CB6 CDL LB . 79.25 4.33 -26.59
OB8 CDL LB . 79.17 3.07 -25.90
CB7 CDL LB . 80.06 2.13 -26.22
OB9 CDL LB . 80.97 2.30 -26.97
C71 CDL LB . 79.76 0.83 -25.52
C72 CDL LB . 80.57 0.62 -24.25
C73 CDL LB . 80.16 1.56 -23.13
C74 CDL LB . 80.91 1.37 -21.82
C75 CDL LB . 82.41 1.53 -21.92
C76 CDL LB . 83.11 1.73 -20.59
C77 CDL LB . 83.28 0.50 -19.72
C78 CDL LB . 84.29 0.70 -18.60
C79 CDL LB . 84.55 -0.51 -17.72
C80 CDL LB . 85.24 -1.65 -18.43
C81 CDL LB . 85.85 -2.67 -17.49
C82 CDL LB . 86.93 -2.10 -16.59
C83 CDL LB . 88.14 -1.55 -17.33
C84 CDL LB . 89.21 -0.96 -16.42
C85 CDL LB . 89.79 -1.94 -15.43
P 3PE MB . 123.42 -12.20 -34.31
N 3PE MB . 127.09 -13.07 -33.20
O11 3PE MB . 122.75 -10.76 -34.11
O12 3PE MB . 122.75 -13.13 -33.37
O13 3PE MB . 124.91 -11.98 -33.77
O14 3PE MB . 123.46 -12.52 -35.75
C11 3PE MB . 125.95 -11.37 -34.58
C12 3PE MB . 127.16 -12.26 -34.43
C1 3PE MB . 122.81 -10.10 -32.83
C2 3PE MB . 122.04 -8.81 -32.90
C3 3PE MB . 120.58 -9.00 -33.28
O31 3PE MB . 120.11 -7.79 -33.90
O32 3PE MB . 119.22 -7.11 -31.97
C31 3PE MB . 119.44 -6.93 -33.13
C32 3PE MB . 119.02 -5.71 -33.91
C33 3PE MB . 118.52 -4.59 -33.02
O21 3PE MB . 122.22 -7.92 -31.73
O22 3PE MB . 121.30 -9.25 -30.16
C21 3PE MB . 121.81 -8.21 -30.48
C22 3PE MB . 122.09 -7.07 -29.54
C23 3PE MB . 121.22 -7.07 -28.30
C24 3PE MB . 119.76 -6.79 -28.58
C25 3PE MB . 119.45 -5.38 -29.08
C26 3PE MB . 119.81 -4.26 -28.12
C27 3PE MB . 119.08 -2.96 -28.42
C28 3PE MB . 119.60 -1.75 -27.65
C29 3PE MB . 118.71 -0.53 -27.78
C2A 3PE MB . 119.38 0.77 -27.35
C2B 3PE MB . 120.03 0.73 -25.99
C2C 3PE MB . 120.66 2.04 -25.57
C2D 3PE MB . 121.44 1.98 -24.27
C2E 3PE MB . 121.99 3.32 -23.82
C2F 3PE MB . 122.92 4.00 -24.81
C2G 3PE MB . 124.20 3.24 -25.09
C2H 3PE MB . 125.12 3.94 -26.08
C2I 3PE MB . 126.39 3.16 -26.35
P 3PE NB . 74.68 -18.28 -30.84
N 3PE NB . 71.51 -18.89 -31.95
O11 3PE NB . 74.29 -17.15 -29.78
O12 3PE NB . 76.16 -18.26 -30.99
O13 3PE NB . 74.08 -17.82 -32.24
O14 3PE NB . 74.02 -19.55 -30.46
C11 3PE NB . 73.61 -18.75 -33.23
C12 3PE NB . 72.12 -18.55 -33.26
C1 3PE NB . 75.18 -16.82 -28.70
C2 3PE NB . 75.29 -17.99 -27.77
C3 3PE NB . 76.61 -17.99 -27.05
O31 3PE NB . 77.04 -19.31 -26.67
O32 3PE NB . 75.93 -19.22 -24.73
C31 3PE NB . 76.74 -19.76 -25.45
C32 3PE NB . 77.54 -20.96 -25.07
C33 3PE NB . 78.76 -20.61 -24.23
C34 3PE NB . 79.59 -21.83 -23.84
C35 3PE NB . 78.85 -22.77 -22.91
C36 3PE NB . 79.68 -23.92 -22.37
C37 3PE NB . 80.26 -24.83 -23.42
C38 3PE NB . 80.93 -26.07 -22.86
C39 3PE NB . 81.39 -27.08 -23.90
C3A 3PE NB . 81.85 -28.41 -23.30
C3B 3PE NB . 82.24 -29.45 -24.33
C3C 3PE NB . 82.57 -30.80 -23.72
O21 3PE NB . 74.30 -17.87 -26.70
O22 3PE NB . 72.68 -18.79 -27.95
C21 3PE NB . 73.08 -18.39 -26.89
C22 3PE NB . 72.31 -18.47 -25.60
C23 3PE NB . 72.53 -17.25 -24.70
C24 3PE NB . 72.26 -17.58 -23.25
C25 3PE NB . 73.16 -18.68 -22.71
C26 3PE NB . 72.93 -19.05 -21.26
C27 3PE NB . 74.04 -19.92 -20.68
C28 3PE NB . 74.13 -21.31 -21.26
C29 3PE NB . 75.49 -21.95 -21.07
C2A 3PE NB . 75.55 -23.44 -21.37
C2B 3PE NB . 75.11 -24.36 -20.23
C2C 3PE NB . 76.24 -24.94 -19.39
C2D 3PE NB . 76.81 -24.01 -18.34
C2E 3PE NB . 78.02 -24.56 -17.60
C2F 3PE NB . 78.59 -23.60 -16.56
C2G 3PE NB . 79.84 -24.10 -15.87
C2H 3PE NB . 80.42 -23.12 -14.86
C2I 3PE NB . 81.69 -23.62 -14.22
P 3PE OB . 95.62 -37.31 -0.97
N 3PE OB . 98.67 -36.24 -2.21
O11 3PE OB . 94.75 -37.15 -2.30
O12 3PE OB . 94.70 -37.25 0.18
O13 3PE OB . 96.48 -35.95 -0.97
O14 3PE OB . 96.53 -38.47 -1.12
C11 3PE OB . 96.52 -35.04 -2.09
C12 3PE OB . 97.95 -34.97 -2.53
C1 3PE OB . 93.36 -37.53 -2.32
C2 3PE OB . 92.53 -36.31 -2.61
C3 3PE OB . 92.33 -35.46 -1.40
O31 3PE OB . 91.15 -35.87 -0.68
O32 3PE OB . 91.64 -34.48 0.99
C31 3PE OB . 90.89 -35.27 0.48
C32 3PE OB . 89.58 -35.70 1.05
C33 3PE OB . 88.61 -34.54 1.24
C34 3PE OB . 87.43 -34.59 0.28
C35 3PE OB . 87.80 -34.70 -1.19
C36 3PE OB . 86.61 -34.68 -2.13
C37 3PE OB . 85.91 -33.34 -2.24
C38 3PE OB . 86.77 -32.25 -2.85
C39 3PE OB . 87.30 -32.58 -4.24
C3A 3PE OB . 86.25 -32.57 -5.34
C3B 3PE OB . 85.82 -31.18 -5.79
C3C 3PE OB . 84.87 -31.20 -6.98
C3D 3PE OB . 84.55 -29.84 -7.58
C3E 3PE OB . 83.64 -29.92 -8.79
C3F 3PE OB . 83.35 -28.59 -9.46
C3G 3PE OB . 84.58 -27.85 -9.97
C3H 3PE OB . 84.27 -26.74 -10.97
C3I 3PE OB . 83.27 -25.74 -10.45
O21 3PE OB . 93.30 -35.49 -3.54
O22 3PE OB . 92.31 -36.46 -5.31
C21 3PE OB . 93.06 -35.64 -4.85
C22 3PE OB . 93.84 -34.65 -5.67
C23 3PE OB . 92.98 -33.93 -6.69
C24 3PE OB . 91.79 -33.22 -6.07
C25 3PE OB . 90.83 -32.60 -7.08
C26 3PE OB . 91.45 -31.51 -7.92
C27 3PE OB . 90.60 -31.07 -9.10
C28 3PE OB . 89.23 -30.54 -8.72
C29 3PE OB . 88.47 -29.91 -9.87
C2A 3PE OB . 88.13 -30.87 -10.99
C2B 3PE OB . 87.42 -30.23 -12.18
C2C 3PE OB . 88.27 -29.25 -12.96
C2D 3PE OB . 89.52 -29.86 -13.57
C2E 3PE OB . 90.10 -29.08 -14.73
C2F 3PE OB . 89.13 -28.97 -15.91
C2G 3PE OB . 88.78 -30.31 -16.53
C2H 3PE OB . 87.50 -30.28 -17.36
C2I 3PE OB . 87.52 -29.26 -18.46
C1 CDL PB . 37.33 -28.19 -1.60
O1 CDL PB . 36.22 -27.30 -1.77
CA2 CDL PB . 38.08 -27.82 -0.34
OA2 CDL PB . 37.25 -28.10 0.80
PA1 CDL PB . 37.09 -27.01 1.96
OA3 CDL PB . 38.38 -26.29 2.11
OA4 CDL PB . 35.87 -26.25 1.67
OA5 CDL PB . 36.82 -27.90 3.26
CA3 CDL PB . 37.28 -27.48 4.56
CA4 CDL PB . 36.59 -26.19 4.93
OA6 CDL PB . 37.10 -25.70 6.21
CA5 CDL PB . 38.15 -24.87 6.18
OA7 CDL PB . 38.80 -24.64 5.21
C11 CDL PB . 38.40 -24.26 7.54
C12 CDL PB . 38.84 -22.80 7.42
C13 CDL PB . 38.67 -22.02 8.71
C14 CDL PB . 38.98 -20.54 8.58
C15 CDL PB . 40.46 -20.19 8.50
C16 CDL PB . 40.73 -18.71 8.32
C17 CDL PB . 42.17 -18.29 8.55
C18 CDL PB . 42.64 -18.48 9.98
C19 CDL PB . 44.08 -18.02 10.24
CA6 CDL PB . 35.11 -26.38 5.06
OA8 CDL PB . 34.52 -25.07 5.32
CA7 CDL PB . 33.84 -24.52 4.32
OA9 CDL PB . 33.64 -25.04 3.26
C31 CDL PB . 33.35 -23.15 4.70
C32 CDL PB . 32.92 -23.08 6.16
C33 CDL PB . 32.64 -21.66 6.63
C34 CDL PB . 33.85 -20.75 6.56
C35 CDL PB . 33.66 -19.43 7.27
C36 CDL PB . 33.44 -19.56 8.77
C37 CDL PB . 34.57 -20.24 9.52
C38 CDL PB . 34.39 -20.25 11.03
C39 CDL PB . 35.59 -20.75 11.80
C40 CDL PB . 35.61 -22.25 12.03
C41 CDL PB . 36.88 -22.75 12.72
C42 CDL PB . 37.36 -21.88 13.86
C43 CDL PB . 38.53 -22.45 14.66
C44 CDL PB . 38.11 -23.45 15.72
C45 CDL PB . 37.15 -22.88 16.75
C46 CDL PB . 36.87 -23.80 17.92
C47 CDL PB . 38.09 -24.12 18.75
CB2 CDL PB . 38.21 -28.16 -2.82
OB2 CDL PB . 38.81 -26.86 -2.94
PB2 CDL PB . 40.30 -26.73 -3.51
OB3 CDL PB . 40.43 -25.36 -4.06
OB4 CDL PB . 40.59 -27.89 -4.38
OB5 CDL PB . 41.21 -26.81 -2.21
CB3 CDL PB . 42.38 -25.96 -2.10
CB4 CDL PB . 43.20 -26.37 -0.91
OB6 CDL PB . 42.47 -25.96 0.29
CB5 CDL PB . 42.60 -26.71 1.40
OB7 CDL PB . 43.35 -27.65 1.49
C51 CDL PB . 41.71 -26.21 2.50
C52 CDL PB . 42.38 -26.18 3.86
C53 CDL PB . 42.74 -24.78 4.33
C54 CDL PB . 43.77 -24.06 3.46
C55 CDL PB . 44.06 -22.63 3.89
C56 CDL PB . 42.85 -21.72 3.83
C57 CDL PB . 43.13 -20.30 4.26
C58 CDL PB . 41.92 -19.37 4.21
CB6 CDL PB . 44.56 -25.73 -0.92
OB8 CDL PB . 44.47 -24.35 -0.51
CB7 CDL PB . 45.63 -23.70 -0.36
OB9 CDL PB . 46.69 -24.19 -0.61
C71 CDL PB . 45.42 -22.31 0.13
C72 CDL PB . 46.72 -21.67 0.59
C73 CDL PB . 46.53 -20.27 1.13
C74 CDL PB . 47.81 -19.60 1.60
C75 CDL PB . 48.54 -20.35 2.70
C76 CDL PB . 49.78 -19.65 3.21
C77 CDL PB . 49.52 -18.28 3.81
C78 CDL PB . 48.66 -18.30 5.06
C79 CDL PB . 49.27 -19.06 6.22
P 3PE QB . 45.24 -32.68 24.49
N 3PE QB . 41.81 -31.07 27.93
O11 3PE QB . 44.48 -33.27 23.22
O12 3PE QB . 45.48 -33.81 25.42
O13 3PE QB . 44.16 -31.73 25.18
O14 3PE QB . 46.39 -31.87 24.03
C11 3PE QB . 43.50 -32.05 26.42
C12 3PE QB . 42.81 -30.79 26.87
C1 3PE QB . 43.90 -32.38 22.24
C2 3PE QB . 44.50 -32.70 20.89
C3 3PE QB . 44.46 -34.17 20.62
O31 3PE QB . 45.26 -34.46 19.45
O32 3PE QB . 47.05 -34.84 20.71
C31 3PE QB . 46.54 -34.78 19.63
C32 3PE QB . 47.22 -35.09 18.34
C33 3PE QB . 47.93 -33.91 17.71
C34 3PE QB . 46.98 -32.91 17.07
C35 3PE QB . 46.32 -33.42 15.80
C36 3PE QB . 47.22 -33.40 14.57
C37 3PE QB . 46.60 -34.06 13.35
C38 3PE QB . 45.23 -33.52 12.97
C39 3PE QB . 44.48 -34.37 11.97
C3A 3PE QB . 43.06 -33.88 11.68
C3B 3PE QB . 42.19 -33.78 12.91
C3C 3PE QB . 41.90 -35.10 13.60
C3D 3PE QB . 41.26 -34.95 14.95
C3E 3PE QB . 42.12 -34.22 15.96
C3F 3PE QB . 41.48 -34.05 17.32
O21 3PE QB . 43.69 -32.04 19.86
O22 3PE QB . 45.38 -30.66 19.34
C21 3PE QB . 44.26 -31.06 19.16
C22 3PE QB . 43.32 -30.50 18.13
C23 3PE QB . 43.68 -30.88 16.71
C24 3PE QB . 44.78 -30.02 16.11
C25 3PE QB . 44.34 -28.61 15.76
C26 3PE QB . 43.24 -28.54 14.71
C27 3PE QB . 43.62 -29.15 13.37
C28 3PE QB . 44.77 -28.46 12.67
C29 3PE QB . 44.50 -27.00 12.33
O12 PC1 RB . 46.08 -26.53 26.75
P PC1 RB . 46.91 -27.21 25.75
O14 PC1 RB . 48.20 -26.60 25.36
O13 PC1 RB . 47.16 -28.70 26.26
C11 PC1 RB . 47.46 -28.99 27.64
C12 PC1 RB . 46.63 -30.22 27.92
N PC1 RB . 46.70 -30.76 29.33
C13 PC1 RB . 46.20 -29.75 30.30
C14 PC1 RB . 45.86 -32.00 29.44
C15 PC1 RB . 48.11 -31.11 29.67
O11 PC1 RB . 46.02 -27.40 24.44
C1 PC1 RB . 44.59 -27.30 24.52
C2 PC1 RB . 44.00 -28.00 23.33
O21 PC1 RB . 44.39 -27.26 22.13
C21 PC1 RB . 45.36 -27.80 21.36
O22 PC1 RB . 45.91 -28.83 21.61
C22 PC1 RB . 45.64 -26.94 20.17
C23 PC1 RB . 46.71 -27.55 19.26
C24 PC1 RB . 46.96 -26.76 18.00
C25 PC1 RB . 47.96 -27.44 17.07
C26 PC1 RB . 48.17 -26.73 15.74
C27 PC1 RB . 48.83 -25.37 15.84
C28 PC1 RB . 49.26 -24.80 14.50
C29 PC1 RB . 48.13 -24.66 13.49
C2A PC1 RB . 48.58 -24.15 12.13
C2B PC1 RB . 47.46 -24.02 11.11
C3 PC1 RB . 42.48 -28.02 23.36
O31 PC1 RB . 42.04 -28.78 22.20
C31 PC1 RB . 40.93 -28.36 21.60
O32 PC1 RB . 40.27 -27.43 21.97
C32 PC1 RB . 40.63 -29.19 20.39
C33 PC1 RB . 39.81 -28.45 19.33
C34 PC1 RB . 39.79 -29.19 18.01
C35 PC1 RB . 38.93 -28.55 16.93
C36 PC1 RB . 39.13 -29.14 15.55
C37 PC1 RB . 39.00 -30.65 15.49
C38 PC1 RB . 39.18 -31.25 14.12
P 3PE SB . 63.44 -33.28 14.46
N 3PE SB . 65.41 -37.44 12.23
O11 3PE SB . 62.36 -32.27 13.84
O12 3PE SB . 64.74 -32.58 14.39
O13 3PE SB . 63.53 -34.51 13.45
O14 3PE SB . 62.96 -33.76 15.77
C11 3PE SB . 64.70 -35.38 13.39
C12 3PE SB . 64.25 -36.67 12.76
C1 3PE SB . 61.36 -32.72 12.90
C2 3PE SB . 61.58 -32.02 11.58
C3 3PE SB . 60.78 -32.62 10.47
O31 3PE SB . 59.52 -31.91 10.36
O32 3PE SB . 60.01 -31.37 8.25
C31 3PE SB . 59.27 -31.33 9.19
C32 3PE SB . 57.95 -30.62 9.20
C33 3PE SB . 58.07 -29.10 9.14
C34 3PE SB . 57.66 -28.52 7.79
C35 3PE SB . 58.62 -28.83 6.65
C36 3PE SB . 58.23 -28.20 5.33
C37 3PE SB . 56.94 -28.73 4.72
C38 3PE SB . 56.99 -30.21 4.37
O21 3PE SB . 61.15 -30.62 11.68
O22 3PE SB . 63.21 -29.96 12.29
C21 3PE SB . 62.08 -29.70 11.96
C22 3PE SB . 61.55 -28.31 11.74
C23 3PE SB . 60.30 -27.99 12.55
C24 3PE SB . 59.46 -26.91 11.89
C25 3PE SB . 58.36 -26.33 12.76
C26 3PE SB . 57.31 -25.54 12.00
C27 3PE SB . 57.87 -24.53 11.02
C28 3PE SB . 56.81 -23.71 10.31
C29 3PE SB . 56.05 -22.75 11.23
C2A 3PE SB . 54.92 -22.00 10.55
C2B 3PE SB . 53.75 -22.87 10.13
C2C 3PE SB . 52.59 -22.12 9.52
C2D 3PE SB . 52.94 -21.37 8.24
P 3PE TB . 37.96 -32.30 26.89
N 3PE TB . 35.28 -35.07 30.27
O11 3PE TB . 37.50 -31.94 25.41
O12 3PE TB . 39.22 -33.06 26.79
O13 3PE TB . 36.84 -33.31 27.43
O14 3PE TB . 37.93 -31.07 27.71
C11 3PE TB . 36.72 -33.68 28.82
C12 3PE TB . 35.72 -34.79 28.87
C1 3PE TB . 36.54 -32.76 24.71
C2 3PE TB . 35.20 -32.09 24.77
C3 3PE TB . 35.25 -30.68 24.22
O31 3PE TB . 35.47 -30.72 22.80
O32 3PE TB . 36.43 -28.70 22.87
C31 3PE TB . 36.05 -29.65 22.24
C32 3PE TB . 36.16 -29.81 20.76
C33 3PE TB . 36.01 -28.50 19.99
C34 3PE TB . 34.64 -27.85 20.20
C35 3PE TB . 34.43 -26.57 19.40
C36 3PE TB . 33.14 -25.83 19.75
C37 3PE TB . 32.92 -24.57 18.93
C38 3PE TB . 31.75 -23.72 19.40
C39 3PE TB . 30.41 -24.43 19.40
O21 3PE TB . 34.26 -32.84 23.93
O22 3PE TB . 33.62 -34.10 25.67
C21 3PE TB . 33.53 -33.79 24.51
C22 3PE TB . 32.58 -34.42 23.53
C23 3PE TB . 32.19 -35.85 23.89
C24 3PE TB . 31.19 -36.45 22.92
C25 3PE TB . 29.87 -35.69 22.85
C26 3PE TB . 28.90 -36.21 21.80
C27 3PE TB . 28.50 -37.67 21.99
C28 3PE TB . 27.54 -38.19 20.93
O12 PC1 UB . 39.70 1.24 38.72
P PC1 UB . 40.66 0.21 38.28
O14 PC1 UB . 41.71 -0.24 39.22
O13 PC1 UB . 39.81 -1.05 37.78
C11 PC1 UB . 38.70 -1.60 38.52
C12 PC1 UB . 39.31 -2.76 39.28
N PC1 UB . 38.35 -3.68 39.99
C13 PC1 UB . 37.52 -2.91 40.98
C14 PC1 UB . 37.44 -4.33 39.00
C15 PC1 UB . 39.11 -4.74 40.71
O11 PC1 UB . 41.36 0.74 36.95
C1 PC1 UB . 41.78 2.12 36.82
C2 PC1 UB . 40.89 2.77 35.81
O21 PC1 UB . 41.68 3.60 34.89
C21 PC1 UB . 42.20 3.02 33.79
O22 PC1 UB . 42.19 1.84 33.60
C22 PC1 UB . 42.77 4.04 32.86
C23 PC1 UB . 41.85 4.29 31.67
C24 PC1 UB . 42.29 5.48 30.83
C25 PC1 UB . 41.34 5.82 29.69
C26 PC1 UB . 41.69 7.12 28.98
C27 PC1 UB . 43.09 7.13 28.38
C28 PC1 UB . 43.55 8.47 27.84
C3 PC1 UB . 39.89 3.68 36.46
O31 PC1 UB . 38.93 4.12 35.48
C31 PC1 UB . 38.34 5.30 35.69
O32 PC1 UB . 38.60 6.02 36.63
C32 PC1 UB . 37.32 5.61 34.64
C33 PC1 UB . 37.73 5.14 33.25
C34 PC1 UB . 36.67 5.38 32.20
C35 PC1 UB . 37.04 6.40 31.13
C36 PC1 UB . 37.25 7.82 31.65
C37 PC1 UB . 37.57 8.83 30.55
O12 PC1 VB . 100.21 6.90 0.74
P PC1 VB . 98.97 7.15 -0.03
O14 PC1 VB . 97.81 6.25 0.17
O13 PC1 VB . 98.53 8.65 0.27
C11 PC1 VB . 97.33 8.94 1.04
C12 PC1 VB . 97.88 9.48 2.33
N PC1 VB . 96.87 9.77 3.42
C13 PC1 VB . 95.75 10.61 2.86
C14 PC1 VB . 96.31 8.49 3.94
C15 PC1 VB . 97.52 10.50 4.53
O11 PC1 VB . 99.36 7.18 -1.57
C1 PC1 VB . 98.67 6.31 -2.48
C2 PC1 VB . 97.70 7.11 -3.30
O21 PC1 VB . 96.76 6.27 -4.09
C21 PC1 VB . 97.13 5.47 -5.12
O22 PC1 VB . 98.27 5.31 -5.49
C22 PC1 VB . 95.93 4.82 -5.74
C23 PC1 VB . 96.27 3.49 -6.40
C24 PC1 VB . 95.05 2.76 -6.90
C25 PC1 VB . 95.34 1.40 -7.49
C26 PC1 VB . 94.09 0.57 -7.74
C27 PC1 VB . 93.20 0.46 -6.51
C28 PC1 VB . 92.02 -0.47 -6.67
C29 PC1 VB . 92.37 -1.95 -6.73
C2A PC1 VB . 91.21 -2.86 -6.39
C2B PC1 VB . 91.59 -4.34 -6.28
C2C PC1 VB . 90.52 -5.21 -5.67
C2D PC1 VB . 89.19 -5.21 -6.42
C2E PC1 VB . 88.10 -6.01 -5.72
C3 PC1 VB . 98.34 8.20 -4.13
O31 PC1 VB . 97.27 8.92 -4.78
C31 PC1 VB . 97.61 9.80 -5.72
O32 PC1 VB . 98.74 10.07 -6.00
C32 PC1 VB . 96.39 10.36 -6.39
C33 PC1 VB . 95.94 11.69 -5.80
C34 PC1 VB . 96.89 12.83 -6.10
C35 PC1 VB . 97.13 13.06 -7.58
P 3PE WB . 115.80 3.33 -2.86
N 3PE WB . 113.20 0.20 -0.97
O11 3PE WB . 114.72 3.74 -3.97
O12 3PE WB . 117.11 3.84 -3.31
O13 3PE WB . 115.85 1.74 -2.93
O14 3PE WB . 115.29 3.75 -1.53
C11 3PE WB . 115.38 0.88 -1.86
C12 3PE WB . 113.96 0.54 -2.19
C1 3PE WB . 115.16 4.14 -5.28
C2 3PE WB . 114.08 4.98 -5.92
C3 3PE WB . 114.50 5.58 -7.26
O31 3PE WB . 113.79 5.08 -8.41
O32 3PE WB . 112.36 6.79 -8.33
C31 3PE WB . 112.75 5.78 -8.86
C32 3PE WB . 112.15 5.16 -10.07
C33 3PE WB . 111.54 6.16 -11.05
C34 3PE WB . 110.08 6.50 -10.74
C35 3PE WB . 109.19 5.28 -10.62
C36 3PE WB . 107.71 5.57 -10.70
C37 3PE WB . 107.22 6.01 -12.07
C38 3PE WB . 105.71 6.05 -12.22
C39 3PE WB . 105.04 7.07 -11.34
C3A 3PE WB . 103.53 6.91 -11.23
C3B 3PE WB . 102.80 6.97 -12.55
O21 3PE WB . 112.72 4.43 -5.84
O22 3PE WB . 113.07 2.59 -7.11
C21 3PE WB . 112.35 3.26 -6.41
C22 3PE WB . 110.93 2.92 -6.06
C23 3PE WB . 110.56 1.45 -6.25
C24 3PE WB . 110.23 1.08 -7.68
C25 3PE WB . 109.10 1.88 -8.30
C26 3PE WB . 107.75 1.71 -7.63
C27 3PE WB . 106.62 2.37 -8.38
C28 3PE WB . 106.50 1.90 -9.82
C29 3PE WB . 105.34 2.51 -10.60
C2A 3PE WB . 103.98 2.30 -9.98
C2B 3PE WB . 102.82 2.61 -10.93
C2C 3PE WB . 101.52 2.93 -10.23
C2D 3PE WB . 101.60 4.21 -9.41
C2E 3PE WB . 100.33 4.58 -8.69
C2F 3PE WB . 100.43 5.89 -7.94
C2G 3PE WB . 100.64 7.10 -8.83
C2H 3PE WB . 100.82 8.41 -8.07
C2I 3PE WB . 102.06 8.42 -7.20
C1 CDL XB . 95.12 19.35 -22.59
O1 CDL XB . 94.37 20.54 -22.77
CA2 CDL XB . 94.25 18.17 -22.93
OA2 CDL XB . 93.74 18.36 -24.27
PA1 CDL XB . 93.66 17.12 -25.27
OA3 CDL XB . 92.54 17.35 -26.21
OA4 CDL XB . 95.02 16.90 -25.81
OA5 CDL XB . 93.28 15.91 -24.30
CA3 CDL XB . 93.87 14.61 -24.48
CA4 CDL XB . 93.84 13.86 -23.17
OA6 CDL XB . 94.50 14.69 -22.17
CA5 CDL XB . 93.99 14.70 -20.93
OA7 CDL XB . 93.03 14.06 -20.60
C11 CDL XB . 94.78 15.61 -20.03
C12 CDL XB . 94.84 15.11 -18.59
C13 CDL XB . 95.58 13.79 -18.45
C14 CDL XB . 95.66 13.27 -17.02
C15 CDL XB . 96.38 14.21 -16.06
CA6 CDL XB . 94.57 12.55 -23.24
OA8 CDL XB . 95.90 12.78 -22.70
CA7 CDL XB . 96.36 11.86 -21.85
OA9 CDL XB . 95.79 10.83 -21.60
C31 CDL XB . 97.67 12.28 -21.25
C32 CDL XB . 98.78 11.25 -21.43
C33 CDL XB . 100.13 11.80 -21.01
C34 CDL XB . 100.22 12.15 -19.53
C35 CDL XB . 100.25 10.95 -18.61
C36 CDL XB . 100.36 11.29 -17.13
C37 CDL XB . 100.91 10.15 -16.29
C38 CDL XB . 102.30 9.69 -16.74
C39 CDL XB . 102.85 8.53 -15.94
C40 CDL XB . 104.24 8.09 -16.37
CB2 CDL XB . 95.64 19.29 -21.17
OB2 CDL XB . 96.96 19.86 -21.11
PB2 CDL XB . 97.21 21.41 -21.42
OB3 CDL XB . 96.01 22.15 -20.97
OB4 CDL XB . 97.66 21.55 -22.83
OB5 CDL XB . 98.40 21.80 -20.43
CB3 CDL XB . 98.19 22.82 -19.43
CB4 CDL XB . 99.04 22.50 -18.21
OB6 CDL XB . 99.52 23.71 -17.50
CB5 CDL XB . 100.39 24.60 -18.02
OB7 CDL XB . 100.87 24.53 -19.13
C51 CDL XB . 100.68 25.71 -17.05
C52 CDL XB . 99.46 26.09 -16.21
CB6 CDL XB . 100.12 21.48 -18.48
OB8 CDL XB . 100.59 20.97 -17.21
CB7 CDL XB . 101.82 21.31 -16.83
OB9 CDL XB . 102.53 22.05 -17.46
C71 CDL XB . 102.19 20.67 -15.53
C72 CDL XB . 102.41 21.67 -14.40
C73 CDL XB . 101.14 22.43 -14.05
C74 CDL XB . 100.00 21.56 -13.57
O12 PC1 YB . 66.78 -33.97 6.35
P PC1 YB . 67.36 -34.50 5.10
O14 PC1 YB . 68.74 -34.10 4.74
O13 PC1 YB . 67.29 -36.09 5.18
C11 PC1 YB . 68.23 -36.87 5.95
C12 PC1 YB . 67.79 -38.28 5.71
N PC1 YB . 68.60 -39.37 6.39
C13 PC1 YB . 68.58 -39.17 7.87
C14 PC1 YB . 68.04 -40.72 6.07
C15 PC1 YB . 70.03 -39.31 5.92
O11 PC1 YB . 66.38 -34.12 3.90
C1 PC1 YB . 66.07 -32.74 3.63
C2 PC1 YB . 64.71 -32.42 4.20
O21 PC1 YB . 63.70 -32.55 3.14
C21 PC1 YB . 63.10 -33.74 2.98
O22 PC1 YB . 63.44 -34.74 3.55
C22 PC1 YB . 61.96 -33.63 2.01
C23 PC1 YB . 62.23 -32.64 0.89
C24 PC1 YB . 60.97 -32.16 0.19
C25 PC1 YB . 60.03 -33.26 -0.27
C26 PC1 YB . 58.86 -32.74 -1.10
C27 PC1 YB . 58.11 -31.57 -0.46
C28 PC1 YB . 57.00 -31.00 -1.32
C29 PC1 YB . 56.31 -29.80 -0.71
C3 PC1 YB . 64.63 -30.99 4.66
O31 PC1 YB . 64.76 -30.13 3.51
C31 PC1 YB . 63.71 -29.36 3.20
O32 PC1 YB . 62.71 -29.32 3.85
C32 PC1 YB . 63.98 -28.56 1.96
C33 PC1 YB . 63.15 -29.02 0.77
C34 PC1 YB . 61.74 -28.47 0.77
C35 PC1 YB . 61.67 -26.96 0.70
C36 PC1 YB . 60.27 -26.40 0.55
C37 PC1 YB . 59.60 -26.77 -0.76
C1 CDL ZB . 102.84 14.09 4.46
O1 CDL ZB . 102.48 13.99 5.83
CA2 CDL ZB . 102.32 12.87 3.72
OA2 CDL ZB . 100.90 13.04 3.45
PA1 CDL ZB . 100.42 13.53 2.00
OA3 CDL ZB . 101.22 14.70 1.58
OA4 CDL ZB . 98.94 13.67 2.08
OA5 CDL ZB . 100.70 12.32 1.01
CA3 CDL ZB . 101.82 12.37 0.10
CA4 CDL ZB . 101.36 12.64 -1.30
OA6 CDL ZB . 100.26 11.73 -1.59
CA5 CDL ZB . 99.02 12.25 -1.63
OA7 CDL ZB . 98.79 13.41 -1.43
C11 CDL ZB . 97.99 11.21 -1.95
C12 CDL ZB . 96.57 11.75 -2.07
C13 CDL ZB . 95.92 12.05 -0.74
C14 CDL ZB . 94.51 12.62 -0.84
C15 CDL ZB . 94.40 13.82 -1.77
C16 CDL ZB . 93.07 14.55 -1.67
C17 CDL ZB . 91.85 13.67 -1.88
C18 CDL ZB . 91.72 13.10 -3.29
C19 CDL ZB . 90.49 12.22 -3.49
C20 CDL ZB . 90.33 11.67 -4.89
CA6 CDL ZB . 102.46 12.38 -2.29
OA8 CDL ZB . 101.95 12.29 -3.63
CA7 CDL ZB . 102.67 12.86 -4.59
OA9 CDL ZB . 103.64 13.54 -4.39
C31 CDL ZB . 102.12 12.53 -5.95
C32 CDL ZB . 100.64 12.85 -6.10
C33 CDL ZB . 100.35 14.35 -6.13
C34 CDL ZB . 100.89 15.07 -7.36
C35 CDL ZB . 100.51 16.54 -7.42
C36 CDL ZB . 101.04 17.27 -8.65
C37 CDL ZB . 102.55 17.25 -8.78
CB2 CDL ZB . 104.34 14.22 4.33
OB2 CDL ZB . 104.68 14.30 2.93
PB2 CDL ZB . 105.44 15.59 2.37
OB3 CDL ZB . 106.52 15.11 1.49
OB4 CDL ZB . 105.77 16.49 3.51
OB5 CDL ZB . 104.36 16.31 1.44
CB3 CDL ZB . 104.67 16.55 0.05
CB4 CDL ZB . 103.63 17.45 -0.55
OB6 CDL ZB . 102.90 16.65 -1.54
CB5 CDL ZB . 101.61 16.92 -1.73
OB7 CDL ZB . 101.00 17.74 -1.10
C51 CDL ZB . 101.03 16.08 -2.83
C52 CDL ZB . 99.53 16.20 -3.00
C53 CDL ZB . 99.10 17.42 -3.78
C54 CDL ZB . 97.60 17.55 -3.96
C55 CDL ZB . 97.00 16.64 -5.01
C56 CDL ZB . 95.50 16.81 -5.19
C57 CDL ZB . 94.91 16.03 -6.35
C58 CDL ZB . 95.45 16.41 -7.71
CB6 CDL ZB . 104.25 18.59 -1.31
OB8 CDL ZB . 105.17 18.05 -2.28
CB7 CDL ZB . 104.81 18.13 -3.56
OB9 CDL ZB . 103.78 18.65 -3.94
C71 CDL ZB . 105.82 17.48 -4.47
C72 CDL ZB . 105.35 17.39 -5.91
C73 CDL ZB . 106.26 16.53 -6.77
C74 CDL ZB . 107.53 17.19 -7.28
C75 CDL ZB . 107.30 18.13 -8.47
C76 CDL ZB . 108.60 18.58 -9.12
C77 CDL ZB . 109.56 19.25 -8.16
C78 CDL ZB . 110.91 19.63 -8.74
C79 CDL ZB . 110.87 20.62 -9.90
C80 CDL ZB . 112.17 21.39 -10.06
C81 CDL ZB . 112.27 22.24 -11.32
C82 CDL ZB . 113.44 23.22 -11.30
C83 CDL ZB . 114.75 22.60 -10.83
C84 CDL ZB . 115.92 23.57 -10.75
C85 CDL ZB . 117.13 23.02 -10.04
C86 CDL ZB . 117.64 21.70 -10.62
C87 CDL ZB . 118.82 21.14 -9.87
O7 ZMP AC . 62.02 -27.33 -68.02
P1 ZMP AC . 61.88 -26.13 -67.12
O6 ZMP AC . 60.56 -25.42 -67.27
O5 ZMP AC . 61.89 -26.72 -65.61
C21 ZMP AC . 60.74 -27.49 -65.16
C18 ZMP AC . 61.16 -28.95 -65.04
C19 ZMP AC . 60.86 -29.44 -63.62
C20 ZMP AC . 62.66 -29.08 -65.29
C17 ZMP AC . 60.39 -29.81 -66.03
O4 ZMP AC . 60.16 -29.07 -67.21
C16 ZMP AC . 59.06 -30.26 -65.44
O3 ZMP AC . 58.13 -29.47 -65.37
N2 ZMP AC . 58.98 -31.52 -65.04
C15 ZMP AC . 59.37 -32.64 -65.90
C14 ZMP AC . 60.33 -33.58 -65.19
C13 ZMP AC . 61.32 -32.82 -64.33
O2 ZMP AC . 62.31 -32.28 -64.81
N1 ZMP AC . 61.06 -32.77 -63.02
C12 ZMP AC . 62.05 -33.11 -62.00
C11 ZMP AC . 62.89 -31.92 -61.64
S1 ZMP AC . 64.66 -32.23 -61.92
C10 ZMP AC . 65.11 -33.00 -60.41
O1 ZMP AC . 64.31 -33.34 -59.57
C9 ZMP AC . 66.59 -33.18 -60.25
C8 ZMP AC . 67.30 -33.37 -61.54
C7 ZMP AC . 68.52 -34.29 -61.43
C6 ZMP AC . 69.26 -34.16 -60.13
C5 ZMP AC . 70.35 -33.13 -60.14
C4 ZMP AC . 70.31 -32.18 -58.96
C3 ZMP AC . 69.80 -32.80 -57.69
C2 ZMP AC . 70.56 -32.40 -56.46
C1 ZMP AC . 71.86 -31.69 -56.74
C22 ZMP AC . 72.89 -31.83 -55.65
C23 ZMP AC . 74.16 -31.07 -55.90
O12 PC1 BC . 63.78 12.58 27.32
P PC1 BC . 63.31 11.17 27.38
O14 PC1 BC . 64.27 10.09 27.10
O13 PC1 BC . 62.63 10.94 28.80
C11 PC1 BC . 61.23 10.61 28.88
C12 PC1 BC . 60.67 11.66 29.81
N PC1 BC . 59.20 12.00 29.63
C13 PC1 BC . 58.38 10.79 29.28
C14 PC1 BC . 58.66 12.58 30.90
C15 PC1 BC . 59.06 13.00 28.54
O11 PC1 BC . 62.06 11.04 26.39
C1 PC1 BC . 61.94 11.92 25.26
C2 PC1 BC . 62.03 11.11 24.00
O21 PC1 BC . 62.43 12.02 22.92
C21 PC1 BC . 63.68 11.88 22.43
O22 PC1 BC . 64.47 11.08 22.86
C22 PC1 BC . 63.93 12.82 21.30
C23 PC1 BC . 63.18 12.40 20.04
C24 PC1 BC . 63.48 13.29 18.84
C25 PC1 BC . 62.58 13.02 17.66
C26 PC1 BC . 62.65 11.60 17.12
C27 PC1 BC . 61.45 11.22 16.26
C28 PC1 BC . 61.16 12.22 15.16
C29 PC1 BC . 59.67 12.33 14.81
C2A PC1 BC . 59.10 11.15 14.06
C2B PC1 BC . 59.53 11.08 12.61
C2C PC1 BC . 58.84 9.98 11.81
C3 PC1 BC . 60.72 10.50 23.61
O31 PC1 BC . 60.87 9.99 22.27
C31 PC1 BC . 59.79 10.02 21.48
O32 PC1 BC . 58.70 10.34 21.85
C32 PC1 BC . 60.13 9.60 20.08
C33 PC1 BC . 58.92 9.46 19.17
C34 PC1 BC . 58.16 8.17 19.36
C35 PC1 BC . 56.88 8.07 18.54
C36 PC1 BC . 57.09 8.29 17.05
C37 PC1 BC . 55.79 8.33 16.25
C38 PC1 BC . 55.97 8.66 14.78
C39 PC1 BC . 56.80 7.64 14.01
PA NDP CC . -39.59 -35.44 8.18
O1A NDP CC . -39.42 -36.37 9.32
O2A NDP CC . -38.74 -34.19 8.42
O5B NDP CC . -41.11 -34.97 7.94
C5B NDP CC . -42.18 -35.90 8.23
C4B NDP CC . -43.45 -35.12 8.43
O4B NDP CC . -44.50 -36.01 8.86
C3B NDP CC . -43.37 -34.01 9.49
O3B NDP CC . -44.22 -32.92 9.14
C2B NDP CC . -43.89 -34.71 10.74
O2B NDP CC . -44.47 -33.75 11.65
C1B NDP CC . -44.95 -35.64 10.16
N9A NDP CC . -45.14 -36.86 10.94
C8A NDP CC . -44.16 -37.70 11.42
N7A NDP CC . -44.62 -38.70 12.12
C5A NDP CC . -46.00 -38.52 12.09
C6A NDP CC . -47.05 -39.27 12.66
N6A NDP CC . -46.89 -40.37 13.37
N1A NDP CC . -48.31 -38.81 12.45
C2A NDP CC . -48.49 -37.70 11.72
N3A NDP CC . -47.56 -36.93 11.15
C4A NDP CC . -46.32 -37.40 11.37
O3 NDP CC . -39.10 -36.12 6.84
PN NDP CC . -39.14 -35.64 5.32
O1N NDP CC . -40.03 -34.47 5.19
O2N NDP CC . -37.71 -35.25 4.93
O5D NDP CC . -39.58 -36.88 4.42
C5D NDP CC . -40.83 -36.98 3.73
C4D NDP CC . -40.99 -38.38 3.18
O4D NDP CC . -39.86 -38.71 2.35
C3D NDP CC . -41.12 -39.50 4.21
O3D NDP CC . -42.18 -40.39 3.87
C2D NDP CC . -39.76 -40.19 4.16
O2D NDP CC . -39.86 -41.57 4.45
C1D NDP CC . -39.37 -39.99 2.69
N1N NDP CC . -37.94 -40.02 2.44
C2N NDP CC . -37.12 -39.02 2.90
C3N NDP CC . -35.80 -38.99 2.69
C7N NDP CC . -35.03 -37.86 3.24
O7N NDP CC . -35.61 -36.79 3.47
N7N NDP CC . -33.73 -38.03 3.48
C4N NDP CC . -35.12 -40.09 1.94
C5N NDP CC . -36.09 -41.13 1.49
C6N NDP CC . -37.39 -41.06 1.75
P2B NDP CC . -43.66 -33.01 12.83
O1X NDP CC . -43.49 -31.57 12.53
O2X NDP CC . -44.46 -33.26 14.11
O3X NDP CC . -42.33 -33.74 12.95
C1 CDL DC . -16.14 -29.05 18.45
O1 CDL DC . -15.10 -28.05 18.36
CA2 CDL DC . -17.40 -28.42 18.98
OA2 CDL DC . -17.92 -27.47 18.01
PA1 CDL DC . -19.27 -26.69 18.34
OA3 CDL DC . -18.94 -25.28 18.65
OA4 CDL DC . -20.25 -26.97 17.26
OA5 CDL DC . -19.76 -27.46 19.66
CA3 CDL DC . -21.12 -27.41 20.09
CA4 CDL DC . -21.14 -27.51 21.59
OA6 CDL DC . -20.88 -28.89 21.97
CA5 CDL DC . -19.93 -29.11 22.90
OA7 CDL DC . -19.25 -28.24 23.38
C11 CDL DC . -19.83 -30.56 23.25
C12 CDL DC . -19.43 -30.80 24.70
CA6 CDL DC . -22.47 -27.14 22.20
OA8 CDL DC . -22.26 -27.11 23.62
CA7 CDL DC . -23.32 -27.27 24.41
OA9 CDL DC . -24.45 -27.44 24.00
C31 CDL DC . -22.93 -27.24 25.86
C32 CDL DC . -23.73 -26.24 26.68
C33 CDL DC . -22.88 -25.51 27.72
C34 CDL DC . -22.16 -26.42 28.68
C35 CDL DC . -21.35 -25.69 29.74
C36 CDL DC . -20.26 -24.79 29.19
C37 CDL DC . -19.17 -25.53 28.44
CB2 CDL DC . -15.67 -30.17 19.35
OB2 CDL DC . -14.40 -30.65 18.89
PB2 CDL DC . -14.29 -31.98 18.02
OB3 CDL DC . -13.02 -32.64 18.38
OB4 CDL DC . -14.54 -31.65 16.60
OB5 CDL DC . -15.48 -32.90 18.56
CB3 CDL DC . -15.78 -34.13 17.88
CB4 CDL DC . -16.63 -35.00 18.78
OB6 CDL DC . -16.92 -34.23 19.99
CB5 CDL DC . -18.10 -34.42 20.57
OB7 CDL DC . -18.95 -35.17 20.16
C51 CDL DC . -18.24 -33.58 21.81
C52 CDL DC . -19.06 -34.23 22.91
C53 CDL DC . -18.41 -35.50 23.46
CB6 CDL DC . -15.90 -36.24 19.21
OB8 CDL DC . -16.85 -37.21 19.68
CB7 CDL DC . -16.58 -37.81 20.84
OB9 CDL DC . -15.65 -37.51 21.55
C71 CDL DC . -17.57 -38.89 21.15
C72 CDL DC . -17.04 -40.27 20.82
C73 CDL DC . -16.12 -40.83 21.89
C74 CDL DC . -16.85 -41.25 23.16
C75 CDL DC . -17.93 -42.29 22.92
C76 CDL DC . -18.61 -42.79 24.18
C77 CDL DC . -19.64 -43.88 23.93
C78 CDL DC . -20.29 -44.42 25.19
C79 CDL DC . -19.32 -45.05 26.17
C80 CDL DC . -19.98 -45.59 27.43
C1 CDL EC . -32.22 -32.14 18.94
O1 CDL EC . -31.52 -31.64 20.09
CA2 CDL EC . -31.56 -31.60 17.69
OA2 CDL EC . -31.04 -30.29 17.96
PA1 CDL EC . -29.47 -30.03 17.89
OA3 CDL EC . -28.92 -30.77 16.72
OA4 CDL EC . -29.25 -28.58 17.99
OA5 CDL EC . -28.92 -30.70 19.22
CA3 CDL EC . -28.42 -29.88 20.30
CA4 CDL EC . -27.33 -30.63 21.00
OA6 CDL EC . -26.98 -29.91 22.23
CA5 CDL EC . -27.61 -30.27 23.35
OA7 CDL EC . -28.45 -31.14 23.40
C11 CDL EC . -27.13 -29.47 24.52
C12 CDL EC . -26.73 -30.35 25.71
CA6 CDL EC . -26.08 -30.72 20.15
OA8 CDL EC . -25.27 -31.81 20.64
CA7 CDL EC . -23.95 -31.61 20.70
OA9 CDL EC . -23.42 -30.57 20.43
C31 CDL EC . -23.22 -32.85 21.12
C32 CDL EC . -22.76 -32.84 22.57
C33 CDL EC . -23.64 -33.67 23.50
C34 CDL EC . -25.03 -33.11 23.73
CB2 CDL EC . -33.68 -31.76 19.07
OB2 CDL EC . -34.22 -32.43 20.22
PB2 CDL EC . -35.53 -31.87 20.95
OB3 CDL EC . -36.54 -32.94 20.92
OB4 CDL EC . -35.86 -30.54 20.39
OB5 CDL EC . -35.05 -31.70 22.46
CB3 CDL EC . -33.69 -31.96 22.81
CB4 CDL EC . -33.53 -31.87 24.32
OB6 CDL EC . -32.18 -32.24 24.81
CB5 CDL EC . -31.68 -33.49 24.74
OB7 CDL EC . -32.23 -34.43 24.23
C51 CDL EC . -30.32 -33.55 25.38
C52 CDL EC . -30.13 -34.78 26.26
C53 CDL EC . -31.14 -34.85 27.40
C54 CDL EC . -30.98 -36.06 28.29
C55 CDL EC . -32.00 -36.14 29.42
CB6 CDL EC . -34.66 -32.52 25.08
OB8 CDL EC . -34.64 -32.03 26.43
CB7 CDL EC . -35.60 -31.16 26.78
OB9 CDL EC . -36.45 -30.77 26.04
C71 CDL EC . -35.45 -30.74 28.21
C72 CDL EC . -36.32 -31.55 29.17
C73 CDL EC . -35.51 -32.43 30.11
C74 CDL EC . -34.71 -33.52 29.42
N1 FMN FC . -105.62 39.49 -26.60
C2 FMN FC . -106.97 39.47 -26.75
O2 FMN FC . -107.53 40.18 -27.59
N3 FMN FC . -107.74 38.63 -25.98
C4 FMN FC . -107.26 37.75 -25.02
O4 FMN FC . -108.05 37.05 -24.39
C4A FMN FC . -105.84 37.77 -24.86
N5 FMN FC . -105.30 36.97 -23.99
C5A FMN FC . -103.93 36.98 -23.84
C6 FMN FC . -103.34 36.11 -22.92
C7 FMN FC . -101.97 36.08 -22.73
C7M FMN FC . -101.37 35.09 -21.77
C8 FMN FC . -101.15 36.95 -23.48
C8M FMN FC . -99.66 36.96 -23.28
C9 FMN FC . -101.72 37.82 -24.41
C9A FMN FC . -103.10 37.83 -24.60
N10 FMN FC . -103.72 38.67 -25.54
C10 FMN FC . -105.08 38.68 -25.70
C1' FMN FC . -102.88 39.53 -26.42
C2' FMN FC . -102.52 38.85 -27.75
O2' FMN FC . -101.32 38.11 -27.60
C3' FMN FC . -102.34 39.87 -28.87
O3' FMN FC . -101.31 40.77 -28.48
C4' FMN FC . -103.60 40.68 -29.20
O4' FMN FC . -104.77 39.88 -29.06
C5' FMN FC . -103.55 41.25 -30.61
O5' FMN FC . -102.88 42.53 -30.58
P FMN FC . -103.53 43.83 -31.20
O1P FMN FC . -104.53 44.41 -30.27
O2P FMN FC . -102.37 44.76 -31.51
O3P FMN FC . -104.14 43.40 -32.53
FE1 SF4 GC . -94.50 29.96 -21.40
FE2 SF4 GC . -96.04 30.00 -19.45
FE3 SF4 GC . -96.84 31.25 -21.77
FE4 SF4 GC . -97.19 28.65 -21.58
S1 SF4 GC . -98.20 30.20 -20.24
S2 SF4 GC . -95.93 29.68 -23.17
S3 SF4 GC . -95.35 28.04 -20.42
S4 SF4 GC . -95.15 31.92 -20.39
P 3PE HC . 36.03 -27.84 32.19
N 3PE HC . 38.24 -25.19 32.04
O11 3PE HC . 34.72 -27.28 31.48
O12 3PE HC . 35.72 -29.21 32.66
O13 3PE HC . 36.21 -26.93 33.49
O14 3PE HC . 37.19 -27.64 31.28
C11 3PE HC . 36.24 -25.48 33.45
C12 3PE HC . 37.68 -25.08 33.41
C1 3PE HC . 34.81 -26.63 30.20
C2 3PE HC . 34.30 -27.57 29.13
C3 3PE HC . 32.92 -28.11 29.43
O31 3PE HC . 32.48 -28.95 28.34
O32 3PE HC . 32.37 -30.72 29.69
C31 3PE HC . 32.20 -30.22 28.62
C32 3PE HC . 31.66 -30.93 27.41
C33 3PE HC . 30.92 -29.99 26.46
C34 3PE HC . 30.40 -30.67 25.21
C35 3PE HC . 29.24 -31.64 25.45
C36 3PE HC . 28.62 -32.15 24.17
C37 3PE HC . 27.38 -33.00 24.39
C38 3PE HC . 26.68 -33.42 23.10
C39 3PE HC . 25.39 -34.19 23.32
C3A 3PE HC . 24.34 -33.45 24.13
O21 3PE HC . 34.45 -27.02 27.77
O22 3PE HC . 32.99 -25.29 27.93
C21 3PE HC . 33.80 -25.92 27.31
C22 3PE HC . 34.23 -25.58 25.91
C23 3PE HC . 33.30 -26.08 24.83
C24 3PE HC . 33.20 -27.59 24.76
C25 3PE HC . 32.58 -28.15 23.49
C26 3PE HC . 31.25 -27.56 23.11
C27 3PE HC . 30.42 -28.44 22.19
C28 3PE HC . 29.24 -27.75 21.55
C29 3PE HC . 28.20 -28.71 20.98
C2A 3PE HC . 27.37 -28.11 19.85
C2B 3PE HC . 26.73 -26.78 20.16
C2C 3PE HC . 26.30 -26.01 18.91
C2D 3PE HC . 25.58 -24.71 19.19
C2E 3PE HC . 24.24 -24.89 19.87
O12 PC1 IC . 57.31 -18.87 27.21
P PC1 IC . 57.79 -20.19 26.74
O14 PC1 IC . 59.25 -20.41 26.63
O13 PC1 IC . 57.17 -21.28 27.72
C11 PC1 IC . 56.67 -20.96 29.04
C12 PC1 IC . 55.97 -22.22 29.48
N PC1 IC . 54.46 -22.16 29.52
C13 PC1 IC . 53.90 -21.84 28.17
C14 PC1 IC . 53.91 -23.48 29.97
C15 PC1 IC . 54.02 -21.11 30.49
O11 PC1 IC . 57.10 -20.48 25.34
C1 PC1 IC . 57.43 -21.68 24.61
C2 PC1 IC . 56.99 -21.54 23.18
O21 PC1 IC . 57.60 -20.32 22.68
C21 PC1 IC . 58.78 -20.42 22.07
O22 PC1 IC . 59.34 -21.46 21.88
C22 PC1 IC . 59.31 -19.08 21.67
C23 PC1 IC . 58.47 -18.38 20.61
C24 PC1 IC . 57.50 -17.36 21.18
C25 PC1 IC . 56.58 -16.77 20.13
C26 PC1 IC . 55.67 -17.79 19.47
C27 PC1 IC . 54.93 -17.26 18.26
C28 PC1 IC . 54.01 -18.27 17.60
C29 PC1 IC . 53.89 -18.12 16.09
C2A PC1 IC . 54.95 -18.86 15.29
C2B PC1 IC . 54.99 -18.47 13.82
C2C PC1 IC . 56.20 -19.00 13.07
C2D PC1 IC . 56.22 -18.63 11.60
C2E PC1 IC . 56.14 -17.14 11.32
C2F PC1 IC . 56.10 -16.78 9.84
C2G PC1 IC . 54.93 -17.39 9.09
C2H PC1 IC . 53.57 -16.94 9.61
C2I PC1 IC . 52.42 -17.66 8.95
C3 PC1 IC . 55.50 -21.40 23.07
O31 PC1 IC . 55.14 -21.25 21.68
C31 PC1 IC . 53.83 -21.31 21.38
O32 PC1 IC . 52.98 -21.49 22.21
C32 PC1 IC . 53.58 -21.13 19.91
C33 PC1 IC . 52.92 -22.35 19.28
C34 PC1 IC . 51.92 -22.02 18.17
C35 PC1 IC . 52.52 -21.58 16.85
C36 PC1 IC . 51.47 -21.43 15.76
C37 PC1 IC . 51.97 -20.88 14.43
C38 PC1 IC . 53.05 -21.72 13.79
O12 PC1 JC . 46.07 6.60 38.31
P PC1 JC . 44.89 6.59 37.42
O14 PC1 JC . 44.26 5.30 37.08
O13 PC1 JC . 43.80 7.55 38.09
C11 PC1 JC . 42.74 7.05 38.95
C12 PC1 JC . 42.55 8.12 40.00
N PC1 JC . 41.78 9.38 39.61
C13 PC1 JC . 42.76 10.47 39.26
C14 PC1 JC . 40.85 9.16 38.45
C15 PC1 JC . 40.99 9.82 40.79
O11 PC1 JC . 45.28 7.37 36.09
C1 PC1 JC . 45.16 6.73 34.80
C2 PC1 JC . 44.39 7.61 33.87
O21 PC1 JC . 45.26 8.64 33.30
C21 PC1 JC . 45.23 8.79 31.97
O22 PC1 JC . 44.60 8.09 31.23
C22 PC1 JC . 46.05 9.98 31.54
C23 PC1 JC . 46.50 9.88 30.08
C24 PC1 JC . 46.78 11.22 29.44
C25 PC1 JC . 45.58 12.14 29.37
C26 PC1 JC . 45.72 13.32 28.42
C27 PC1 JC . 45.68 12.96 26.95
C28 PC1 JC . 45.56 14.17 26.03
C29 PC1 JC . 46.74 15.13 26.15
C2A PC1 JC . 46.58 16.44 25.39
C2B PC1 JC . 46.18 16.26 23.93
C2C PC1 JC . 46.37 17.51 23.09
C2D PC1 JC . 45.80 18.77 23.70
C2E PC1 JC . 45.89 19.99 22.80
C2F PC1 JC . 44.88 20.00 21.67
C2G PC1 JC . 43.44 20.11 22.13
C2H PC1 JC . 42.43 20.23 21.01
C2I PC1 JC . 41.00 20.36 21.51
C3 PC1 JC . 43.25 8.30 34.56
O31 PC1 JC . 42.57 9.15 33.60
C31 PC1 JC . 41.50 8.66 33.00
O32 PC1 JC . 41.00 7.60 33.29
C32 PC1 JC . 41.00 9.57 31.92
C33 PC1 JC . 41.48 11.01 32.07
C34 PC1 JC . 41.19 11.86 30.83
C35 PC1 JC . 41.91 11.36 29.59
C36 PC1 JC . 41.65 12.18 28.33
C37 PC1 JC . 40.20 12.14 27.85
C38 PC1 JC . 39.97 12.88 26.54
C39 PC1 JC . 38.54 12.82 26.04
O12 PC1 KC . -5.25 -13.11 51.05
P PC1 KC . -5.59 -14.54 50.94
O14 PC1 KC . -4.50 -15.54 51.07
O13 PC1 KC . -6.69 -14.85 52.05
C11 PC1 KC . -6.41 -15.70 53.18
C12 PC1 KC . -7.27 -16.92 52.96
N PC1 KC . -8.49 -17.05 53.83
C13 PC1 KC . -9.13 -18.39 53.63
C14 PC1 KC . -8.11 -16.90 55.27
C15 PC1 KC . -9.48 -15.98 53.48
O11 PC1 KC . -6.34 -14.75 49.56
C1 PC1 KC . -6.16 -15.98 48.81
C2 PC1 KC . -6.52 -15.71 47.38
O21 PC1 KC . -6.76 -16.97 46.66
C21 PC1 KC . -7.84 -17.01 45.86
O22 PC1 KC . -8.61 -16.11 45.73
C22 PC1 KC . -7.93 -18.34 45.16
C23 PC1 KC . -8.55 -18.23 43.78
C24 PC1 KC . -8.91 -19.60 43.20
C25 PC1 KC . -9.40 -19.56 41.75
C26 PC1 KC . -9.88 -20.91 41.25
C27 PC1 KC . -10.19 -20.95 39.77
C28 PC1 KC . -8.98 -20.77 38.87
C3 PC1 KC . -5.44 -14.98 46.64
O31 PC1 KC . -6.08 -14.27 45.55
C31 PC1 KC . -5.38 -14.04 44.45
O32 PC1 KC . -4.26 -14.45 44.27
C32 PC1 KC . -6.15 -13.21 43.47
C33 PC1 KC . -7.58 -12.94 43.91
C34 PC1 KC . -8.59 -13.87 43.28
C35 PC1 KC . -8.91 -13.55 41.83
C36 PC1 KC . -9.75 -14.61 41.12
C37 PC1 KC . -10.11 -14.23 39.71
C38 PC1 KC . -10.80 -15.32 38.91
C39 PC1 KC . -9.95 -16.57 38.70
C3A PC1 KC . -10.52 -17.55 37.70
O12 PC1 LC . -4.73 -22.75 18.36
P PC1 LC . -5.95 -23.53 18.02
O14 PC1 LC . -6.84 -23.02 16.95
O13 PC1 LC . -5.50 -25.01 17.68
C11 PC1 LC . -4.13 -25.36 17.35
C12 PC1 LC . -3.81 -26.57 18.20
N PC1 LC . -4.32 -27.93 17.73
C13 PC1 LC . -4.53 -27.99 16.24
C14 PC1 LC . -3.30 -28.96 18.10
C15 PC1 LC . -5.61 -28.25 18.41
O11 PC1 LC . -6.79 -23.71 19.37
C1 PC1 LC . -6.54 -24.88 20.18
C2 PC1 LC . -7.67 -25.11 21.14
O21 PC1 LC . -7.57 -24.07 22.16
C21 PC1 LC . -8.65 -23.34 22.42
O22 PC1 LC . -9.69 -23.43 21.81
C22 PC1 LC . -8.43 -22.41 23.58
C23 PC1 LC . -9.64 -22.28 24.49
C24 PC1 LC . -9.32 -21.54 25.78
C25 PC1 LC . -8.26 -22.21 26.63
C26 PC1 LC . -8.01 -21.52 27.96
C3 PC1 LC . -7.51 -26.42 21.85
O31 PC1 LC . -8.35 -26.43 23.02
C31 PC1 LC . -7.75 -26.64 24.19
O32 PC1 LC . -6.58 -26.82 24.32
C32 PC1 LC . -8.74 -26.61 25.33
C33 PC1 LC . -8.18 -27.21 26.61
C34 PC1 LC . -9.16 -27.17 27.77
C35 PC1 LC . -8.64 -27.79 29.05
PG DGT MC . 8.78 34.85 -16.70
O1G DGT MC . 7.84 36.01 -16.90
O2G DGT MC . 10.01 35.22 -15.91
O3G DGT MC . 8.09 33.63 -16.17
O3B DGT MC . 9.29 34.42 -18.14
PB DGT MC . 10.62 33.62 -18.54
O1B DGT MC . 10.67 33.51 -20.03
O2B DGT MC . 11.77 34.20 -17.80
O3A DGT MC . 10.31 32.18 -17.95
PA DGT MC . 11.34 30.98 -17.72
O1A DGT MC . 10.59 29.78 -17.23
O2A DGT MC . 12.48 31.49 -16.91
O5' DGT MC . 11.84 30.71 -19.21
C5' DGT MC . 12.24 29.36 -19.51
C4' DGT MC . 13.48 29.38 -20.38
O4' DGT MC . 14.56 28.75 -19.68
C3' DGT MC . 13.35 28.60 -21.68
O3' DGT MC . 14.34 29.03 -22.60
C2' DGT MC . 13.63 27.17 -21.19
C1' DGT MC . 14.70 27.41 -20.12
N9 DGT MC . 14.59 26.52 -18.96
C8 DGT MC . 13.96 26.76 -17.77
N7 DGT MC . 14.05 25.75 -16.93
C5 DGT MC . 14.78 24.80 -17.63
C6 DGT MC . 15.19 23.50 -17.23
O6 DGT MC . 14.99 22.93 -16.15
N1 DGT MC . 15.91 22.88 -18.24
C2 DGT MC . 16.20 23.41 -19.47
N2 DGT MC . 16.92 22.64 -20.31
N3 DGT MC . 15.82 24.63 -19.85
C4 DGT MC . 15.12 25.26 -18.88
O7 ZMP NC . -18.61 -5.29 -29.80
P1 ZMP NC . -17.67 -4.16 -29.13
O6 ZMP NC . -16.89 -3.47 -30.18
O5 ZMP NC . -18.72 -3.14 -28.49
C21 ZMP NC . -19.04 -3.22 -27.09
C18 ZMP NC . -20.41 -3.87 -26.94
C19 ZMP NC . -20.90 -4.36 -25.57
C20 ZMP NC . -21.31 -4.09 -28.15
C17 ZMP NC . -20.82 -2.32 -26.70
O4 ZMP NC . -20.74 -1.86 -25.31
C16 ZMP NC . -22.02 -1.58 -27.47
O3 ZMP NC . -21.73 -0.88 -28.43
N2 ZMP NC . -23.31 -1.61 -27.03
C15 ZMP NC . -23.90 -2.33 -25.89
C14 ZMP NC . -24.52 -1.33 -24.92
C13 ZMP NC . -24.53 -1.90 -23.50
O2 ZMP NC . -24.54 -3.11 -23.32
N1 ZMP NC . -24.53 -0.99 -22.53
C12 ZMP NC . -24.53 -1.38 -21.11
C11 ZMP NC . -25.98 -1.65 -20.67
S1 ZMP NC . -26.14 -3.16 -19.66
C10 ZMP NC . -25.87 -2.49 -18.08
O1 ZMP NC . -25.00 -1.66 -17.83
C9 ZMP NC . -26.79 -3.03 -16.99
C8 ZMP NC . -26.43 -4.47 -16.65
C7 ZMP NC . -25.00 -4.51 -16.10
C6 ZMP NC . -24.98 -5.29 -14.79
C5 ZMP NC . -25.22 -6.77 -15.08
C4 ZMP NC . -25.06 -7.55 -13.77
C3 ZMP NC . -24.94 -9.05 -14.09
C2 ZMP NC . -24.78 -9.84 -12.79
C1 ZMP NC . -23.48 -9.43 -12.10
C22 ZMP NC . -23.36 -10.15 -10.76
C23 ZMP NC . -24.59 -10.03 -9.86
#